data_9DJW
#
_entry.id   9DJW
#
_cell.length_a   112.320
_cell.length_b   218.127
_cell.length_c   236.485
_cell.angle_alpha   90.00
_cell.angle_beta   96.28
_cell.angle_gamma   90.00
#
_symmetry.space_group_name_H-M   'P 1 21 1'
#
loop_
_entity.id
_entity.type
_entity.pdbx_description
1 polymer 'Antigen receptor'
2 polymer 'Tumor necrosis factor'
3 non-polymer GLYCEROL
4 non-polymer 'SULFATE ION'
5 non-polymer 'CHLORIDE ION'
6 water water
#
loop_
_entity_poly.entity_id
_entity_poly.type
_entity_poly.pdbx_seq_one_letter_code
_entity_poly.pdbx_strand_id
1 'polypeptide(L)'
;TARVDQTPQTITKETGESLTINCVLRDSHCATSSTYWYRKKSGSTNEESISKGGRYVETVNSGSKSFSLRINDLTVEDSG
TYRCASECQYGLAEYDVYGGGTVVTVNAAAHHHHHHGAAESKLISEEDL
;
0,1,5,6,7,D,E,F,J,K,L,P,Q,R,V,W,X,b,c,d,h,i,j,n,o,p,t,u,v,z
2 'polypeptide(L)'
;RSSSRTPSDKPVAHVVANPQAEGQLQWLNRRANALLANGVELRDNQLVVPSEGLYLIYSQVLFKGQGCPSTHVLLTHTIS
RIAVSYQTKVNLLSAIKSPCQRETPEGAEAKPWYEPIYLGGVFQLEKGDRLSAEINRPDYLDFAESGQVYFGIIAL
;
2,3,4,A,B,C,G,H,I,M,N,O,S,T,U,Y,Z,a,e,f,g,k,l,m,q,r,s,w,x,y
#
# COMPACT_ATOMS: atom_id res chain seq x y z
N ALA A 2 -77.48 -6.86 18.90
CA ALA A 2 -78.23 -7.41 17.78
C ALA A 2 -78.92 -8.70 18.19
N ARG A 3 -80.00 -9.05 17.49
CA ARG A 3 -80.76 -10.25 17.78
C ARG A 3 -81.15 -10.94 16.48
N VAL A 4 -80.99 -12.26 16.47
CA VAL A 4 -81.57 -13.15 15.47
C VAL A 4 -82.66 -13.96 16.15
N ASP A 5 -83.77 -14.18 15.45
CA ASP A 5 -84.99 -14.75 16.03
C ASP A 5 -85.29 -16.13 15.47
N GLN A 6 -85.07 -17.15 16.29
CA GLN A 6 -85.46 -18.52 15.98
C GLN A 6 -86.95 -18.68 16.22
N THR A 7 -87.68 -19.17 15.23
CA THR A 7 -89.13 -19.27 15.39
C THR A 7 -89.47 -20.57 16.12
N PRO A 8 -89.07 -21.77 15.64
CA PRO A 8 -89.41 -22.99 16.39
C PRO A 8 -88.53 -23.17 17.61
N GLN A 9 -89.00 -22.70 18.77
CA GLN A 9 -88.19 -22.73 19.98
C GLN A 9 -88.05 -24.15 20.51
N THR A 10 -89.16 -24.75 20.93
CA THR A 10 -89.21 -26.14 21.40
C THR A 10 -90.17 -26.94 20.52
N ILE A 11 -89.65 -27.95 19.82
CA ILE A 11 -90.46 -28.82 18.97
C ILE A 11 -90.24 -30.28 19.32
N THR A 12 -91.21 -31.11 18.94
CA THR A 12 -91.13 -32.56 19.06
C THR A 12 -91.59 -33.22 17.77
N LYS A 13 -90.94 -34.32 17.41
CA LYS A 13 -91.24 -35.10 16.20
C LYS A 13 -90.82 -36.55 16.44
N GLU A 14 -91.18 -37.40 15.50
CA GLU A 14 -90.89 -38.83 15.57
C GLU A 14 -89.67 -39.18 14.74
N THR A 15 -88.96 -40.24 15.15
CA THR A 15 -87.82 -40.71 14.40
C THR A 15 -88.27 -41.07 12.99
N GLY A 16 -87.65 -40.47 12.00
CA GLY A 16 -88.04 -40.64 10.62
C GLY A 16 -88.73 -39.42 10.02
N GLU A 17 -88.55 -38.23 10.60
CA GLU A 17 -89.23 -37.02 10.21
C GLU A 17 -88.23 -36.04 9.57
N SER A 18 -88.61 -34.76 9.55
CA SER A 18 -87.81 -33.70 8.96
C SER A 18 -88.23 -32.42 9.65
N LEU A 19 -87.32 -31.81 10.39
CA LEU A 19 -87.61 -30.55 11.07
C LEU A 19 -86.93 -29.40 10.35
N THR A 20 -87.67 -28.32 10.14
CA THR A 20 -87.11 -27.09 9.59
C THR A 20 -87.16 -26.03 10.68
N ILE A 21 -86.00 -25.46 10.99
CA ILE A 21 -85.89 -24.38 11.98
C ILE A 21 -85.49 -23.12 11.23
N ASN A 22 -86.26 -22.05 11.42
CA ASN A 22 -86.05 -20.79 10.73
C ASN A 22 -85.47 -19.75 11.69
N CYS A 23 -84.54 -18.95 11.17
CA CYS A 23 -83.97 -17.83 11.90
C CYS A 23 -84.12 -16.59 11.04
N VAL A 24 -84.57 -15.50 11.65
CA VAL A 24 -84.83 -14.26 10.95
C VAL A 24 -83.92 -13.20 11.56
N LEU A 25 -83.18 -12.49 10.71
CA LEU A 25 -82.21 -11.49 11.13
C LEU A 25 -82.90 -10.16 11.41
N ARG A 26 -82.56 -9.53 12.53
CA ARG A 26 -83.15 -8.24 12.88
C ARG A 26 -82.19 -7.06 12.79
N ASP A 27 -80.89 -7.29 12.79
CA ASP A 27 -79.92 -6.21 12.61
C ASP A 27 -79.64 -6.09 11.13
N SER A 28 -79.90 -4.91 10.57
CA SER A 28 -79.75 -4.71 9.13
C SER A 28 -78.30 -4.70 8.68
N HIS A 29 -77.37 -5.02 9.56
CA HIS A 29 -75.95 -5.13 9.21
C HIS A 29 -75.56 -6.57 8.90
N CYS A 30 -76.35 -7.54 9.35
CA CYS A 30 -76.10 -8.95 9.12
C CYS A 30 -76.65 -9.42 7.79
N ALA A 31 -75.93 -10.35 7.16
CA ALA A 31 -76.25 -10.87 5.83
C ALA A 31 -76.68 -12.33 5.91
N THR A 32 -77.68 -12.68 5.12
CA THR A 32 -78.13 -14.06 4.98
C THR A 32 -77.20 -14.88 4.08
N SER A 33 -76.09 -14.30 3.63
CA SER A 33 -75.16 -15.01 2.76
C SER A 33 -74.18 -15.88 3.54
N SER A 34 -73.72 -15.38 4.70
CA SER A 34 -72.78 -16.10 5.55
C SER A 34 -73.52 -16.70 6.76
N THR A 35 -74.27 -17.76 6.49
CA THR A 35 -75.07 -18.41 7.52
C THR A 35 -74.36 -19.67 8.02
N TYR A 36 -74.47 -19.91 9.33
CA TYR A 36 -73.82 -21.04 9.98
C TYR A 36 -74.77 -21.62 11.01
N TRP A 37 -74.62 -22.91 11.29
CA TRP A 37 -75.44 -23.59 12.27
C TRP A 37 -74.57 -24.41 13.19
N TYR A 38 -74.90 -24.40 14.48
CA TYR A 38 -74.14 -25.09 15.51
C TYR A 38 -75.15 -25.82 16.38
N ARG A 39 -74.88 -27.09 16.68
CA ARG A 39 -75.76 -27.91 17.50
C ARG A 39 -75.01 -28.33 18.76
N LYS A 40 -75.75 -28.52 19.86
CA LYS A 40 -75.18 -28.99 21.11
C LYS A 40 -76.01 -30.21 21.50
N LYS A 41 -75.40 -31.38 21.35
CA LYS A 41 -76.12 -32.63 21.58
C LYS A 41 -76.60 -32.71 23.03
N SER A 42 -77.88 -33.06 23.19
CA SER A 42 -78.48 -33.18 24.51
C SER A 42 -77.55 -33.96 25.43
N GLY A 43 -77.16 -33.35 26.55
CA GLY A 43 -76.23 -33.99 27.45
C GLY A 43 -74.80 -33.51 27.34
N SER A 44 -74.50 -32.66 26.37
CA SER A 44 -73.15 -32.16 26.17
C SER A 44 -72.97 -30.74 26.72
N THR A 45 -71.72 -30.44 27.07
CA THR A 45 -71.32 -29.13 27.53
C THR A 45 -70.50 -28.39 26.47
N ASN A 46 -70.63 -28.79 25.21
CA ASN A 46 -69.93 -28.16 24.08
C ASN A 46 -70.78 -28.30 22.84
N GLU A 47 -70.85 -27.24 22.04
CA GLU A 47 -71.53 -27.29 20.75
C GLU A 47 -70.62 -27.74 19.61
N GLU A 48 -71.14 -28.64 18.76
CA GLU A 48 -70.47 -29.14 17.57
C GLU A 48 -70.88 -28.32 16.35
N SER A 49 -70.11 -28.45 15.28
CA SER A 49 -70.32 -27.71 14.04
C SER A 49 -71.08 -28.57 13.03
N ILE A 50 -72.27 -28.09 12.65
CA ILE A 50 -73.14 -28.76 11.68
C ILE A 50 -72.62 -28.53 10.27
N SER A 51 -72.71 -29.56 9.42
CA SER A 51 -72.23 -29.46 8.06
C SER A 51 -73.37 -28.99 7.15
N LYS A 52 -73.00 -28.29 6.09
CA LYS A 52 -73.95 -27.58 5.26
C LYS A 52 -74.52 -28.38 4.10
N GLY A 53 -74.14 -29.65 3.94
CA GLY A 53 -74.63 -30.43 2.81
C GLY A 53 -75.06 -31.82 3.20
N GLY A 54 -75.79 -32.44 2.27
CA GLY A 54 -76.28 -33.81 2.38
C GLY A 54 -77.59 -33.97 3.13
N ARG A 55 -77.52 -34.52 4.34
CA ARG A 55 -78.74 -34.69 5.14
C ARG A 55 -79.18 -33.39 5.79
N TYR A 56 -78.27 -32.44 5.95
CA TYR A 56 -78.56 -31.15 6.56
C TYR A 56 -78.65 -30.16 5.42
N VAL A 57 -79.87 -29.83 5.02
CA VAL A 57 -80.07 -28.90 3.91
C VAL A 57 -80.52 -27.57 4.49
N GLU A 58 -79.96 -26.50 3.97
CA GLU A 58 -80.23 -25.16 4.46
C GLU A 58 -80.94 -24.38 3.35
N THR A 59 -82.09 -23.81 3.67
CA THR A 59 -82.87 -23.03 2.73
C THR A 59 -82.67 -21.57 3.13
N VAL A 60 -82.21 -20.77 2.18
CA VAL A 60 -81.81 -19.39 2.44
C VAL A 60 -82.68 -18.46 1.61
N ASN A 61 -83.14 -17.38 2.24
CA ASN A 61 -83.89 -16.33 1.56
C ASN A 61 -83.27 -15.00 1.99
N SER A 62 -82.56 -14.36 1.06
CA SER A 62 -81.87 -13.12 1.39
C SER A 62 -82.82 -11.94 1.52
N GLY A 63 -83.98 -11.99 0.85
CA GLY A 63 -84.90 -10.87 0.91
C GLY A 63 -85.49 -10.67 2.30
N SER A 64 -86.01 -11.74 2.88
CA SER A 64 -86.59 -11.70 4.21
C SER A 64 -85.61 -12.05 5.31
N LYS A 65 -84.34 -12.31 4.97
CA LYS A 65 -83.33 -12.65 5.97
C LYS A 65 -83.77 -13.85 6.80
N SER A 66 -84.27 -14.89 6.13
CA SER A 66 -84.81 -16.06 6.80
C SER A 66 -84.09 -17.31 6.27
N PHE A 67 -83.02 -17.69 6.93
CA PHE A 67 -82.38 -18.95 6.60
C PHE A 67 -82.95 -20.04 7.51
N SER A 68 -83.03 -21.25 6.97
CA SER A 68 -83.64 -22.36 7.66
C SER A 68 -82.73 -23.57 7.56
N LEU A 69 -83.02 -24.58 8.35
CA LEU A 69 -82.24 -25.82 8.35
C LEU A 69 -83.20 -27.00 8.38
N ARG A 70 -83.45 -27.59 7.22
CA ARG A 70 -84.25 -28.80 7.15
C ARG A 70 -83.36 -29.99 7.49
N ILE A 71 -83.79 -30.78 8.48
CA ILE A 71 -83.04 -31.96 8.86
C ILE A 71 -83.91 -33.17 8.55
N ASN A 72 -83.83 -33.66 7.32
CA ASN A 72 -84.60 -34.83 6.95
C ASN A 72 -83.97 -36.05 7.61
N ASP A 73 -84.36 -37.24 7.12
CA ASP A 73 -83.99 -38.52 7.71
C ASP A 73 -83.73 -38.39 9.20
N LEU A 74 -84.77 -38.10 9.99
CA LEU A 74 -84.59 -37.81 11.40
C LEU A 74 -84.40 -39.09 12.20
N THR A 75 -83.42 -39.09 13.10
CA THR A 75 -83.19 -40.19 14.01
C THR A 75 -83.47 -39.82 15.47
N VAL A 76 -83.05 -40.71 16.40
CA VAL A 76 -83.15 -40.44 17.83
C VAL A 76 -81.86 -39.87 18.37
N GLU A 77 -80.78 -39.88 17.60
CA GLU A 77 -79.54 -39.27 18.05
C GLU A 77 -79.48 -37.80 17.72
N ASP A 78 -80.53 -37.27 17.11
CA ASP A 78 -80.58 -35.86 16.71
C ASP A 78 -81.30 -35.01 17.74
N SER A 79 -81.07 -35.34 19.01
CA SER A 79 -81.69 -34.63 20.14
C SER A 79 -80.67 -33.68 20.72
N GLY A 80 -80.95 -32.39 20.63
CA GLY A 80 -80.04 -31.38 21.14
C GLY A 80 -80.59 -29.99 20.87
N THR A 81 -79.82 -29.01 21.32
CA THR A 81 -80.16 -27.60 21.15
C THR A 81 -79.45 -27.11 19.89
N TYR A 82 -80.24 -26.65 18.92
CA TYR A 82 -79.72 -26.17 17.65
C TYR A 82 -79.71 -24.65 17.64
N ARG A 83 -78.58 -24.08 17.25
CA ARG A 83 -78.35 -22.65 17.24
C ARG A 83 -78.00 -22.19 15.84
N CYS A 84 -78.44 -20.99 15.46
CA CYS A 84 -78.09 -20.40 14.19
C CYS A 84 -77.16 -19.20 14.39
N ALA A 85 -76.43 -18.85 13.33
CA ALA A 85 -75.45 -17.77 13.41
C ALA A 85 -75.34 -17.08 12.05
N SER A 86 -74.87 -15.83 12.10
CA SER A 86 -74.63 -15.03 10.91
C SER A 86 -73.51 -14.05 11.21
N GLU A 87 -72.75 -13.71 10.17
CA GLU A 87 -71.61 -12.81 10.30
C GLU A 87 -72.00 -11.44 9.74
N CYS A 88 -71.96 -10.42 10.60
CA CYS A 88 -72.39 -9.08 10.28
C CYS A 88 -71.18 -8.14 10.14
N GLN A 89 -71.35 -7.11 9.30
CA GLN A 89 -70.29 -6.13 9.08
C GLN A 89 -70.90 -4.82 8.60
N TYR A 90 -70.63 -3.74 9.35
CA TYR A 90 -71.01 -2.40 8.95
C TYR A 90 -69.73 -1.60 8.75
N GLY A 91 -69.55 -0.52 9.50
CA GLY A 91 -68.35 0.28 9.38
C GLY A 91 -67.05 -0.41 9.75
N LEU A 92 -66.51 -0.05 10.92
CA LEU A 92 -65.30 -0.67 11.48
C LEU A 92 -65.57 -1.90 12.34
N ALA A 93 -66.84 -2.29 12.47
CA ALA A 93 -67.22 -3.37 13.36
C ALA A 93 -67.56 -4.60 12.53
N GLU A 94 -67.11 -5.76 13.02
CA GLU A 94 -67.44 -7.04 12.40
C GLU A 94 -67.69 -8.01 13.54
N TYR A 95 -68.87 -8.62 13.54
CA TYR A 95 -69.31 -9.47 14.64
C TYR A 95 -70.19 -10.58 14.11
N ASP A 96 -70.65 -11.43 15.01
CA ASP A 96 -71.54 -12.53 14.70
C ASP A 96 -72.65 -12.58 15.74
N VAL A 97 -73.72 -13.29 15.41
CA VAL A 97 -74.94 -13.23 16.21
C VAL A 97 -75.44 -14.65 16.46
N TYR A 98 -76.16 -14.85 17.55
CA TYR A 98 -76.56 -16.20 17.92
C TYR A 98 -78.00 -16.23 18.40
N GLY A 99 -78.53 -17.44 18.53
CA GLY A 99 -79.90 -17.64 18.97
C GLY A 99 -80.13 -18.76 19.97
N GLY A 100 -81.17 -19.57 19.73
CA GLY A 100 -81.46 -20.73 20.56
C GLY A 100 -82.75 -21.46 20.23
N GLY A 101 -82.74 -22.79 20.30
CA GLY A 101 -83.91 -23.60 20.02
C GLY A 101 -83.64 -25.09 20.13
N THR A 102 -84.48 -25.80 20.88
CA THR A 102 -84.22 -27.17 21.29
C THR A 102 -85.17 -28.14 20.59
N VAL A 103 -84.65 -29.33 20.29
CA VAL A 103 -85.42 -30.40 19.67
C VAL A 103 -85.29 -31.65 20.53
N VAL A 104 -86.41 -32.34 20.78
CA VAL A 104 -86.40 -33.65 21.40
C VAL A 104 -87.33 -34.53 20.55
N THR A 105 -86.81 -35.66 20.10
CA THR A 105 -87.49 -36.56 19.17
C THR A 105 -87.71 -37.92 19.82
N VAL A 106 -88.94 -38.42 19.74
CA VAL A 106 -89.30 -39.71 20.31
C VAL A 106 -89.25 -40.77 19.23
N ASN A 107 -89.06 -42.02 19.66
CA ASN A 107 -88.91 -43.16 18.77
C ASN A 107 -89.97 -44.21 19.08
N ALA A 108 -90.40 -44.91 18.05
CA ALA A 108 -91.44 -45.93 18.20
C ALA A 108 -90.88 -47.17 18.86
N ARG B 3 -72.90 33.89 39.88
CA ARG B 3 -72.79 34.85 38.80
C ARG B 3 -73.62 36.10 39.06
N VAL B 4 -74.81 36.16 38.44
CA VAL B 4 -75.75 37.27 38.58
C VAL B 4 -75.92 37.62 40.06
N ASP B 5 -75.87 38.90 40.40
CA ASP B 5 -75.93 39.35 41.78
C ASP B 5 -77.10 40.31 41.98
N GLN B 6 -78.16 39.82 42.63
CA GLN B 6 -79.29 40.67 42.99
C GLN B 6 -78.96 41.50 44.22
N THR B 7 -79.23 42.81 44.12
CA THR B 7 -78.81 43.77 45.14
C THR B 7 -79.80 43.79 46.30
N PRO B 8 -81.11 44.08 46.10
CA PRO B 8 -82.02 44.06 47.24
C PRO B 8 -82.45 42.66 47.65
N GLN B 9 -81.70 42.08 48.59
CA GLN B 9 -81.96 40.71 49.03
C GLN B 9 -83.22 40.64 49.89
N THR B 10 -83.29 41.43 50.95
CA THR B 10 -84.45 41.50 51.83
C THR B 10 -85.09 42.87 51.69
N ILE B 11 -86.36 42.89 51.29
CA ILE B 11 -87.11 44.12 51.10
C ILE B 11 -88.37 44.11 51.97
N THR B 12 -88.69 45.26 52.55
CA THR B 12 -89.94 45.46 53.29
C THR B 12 -90.44 46.84 52.93
N LYS B 13 -91.44 46.92 52.06
CA LYS B 13 -91.97 48.20 51.61
C LYS B 13 -93.44 48.35 51.96
N GLU B 14 -93.93 49.57 51.85
CA GLU B 14 -95.31 49.94 52.12
C GLU B 14 -96.14 50.05 50.86
N THR B 15 -97.45 49.87 51.03
CA THR B 15 -98.41 49.99 49.95
C THR B 15 -98.30 51.36 49.30
N GLY B 16 -98.61 51.40 48.00
CA GLY B 16 -98.52 52.64 47.29
C GLY B 16 -97.11 53.18 47.09
N GLU B 17 -96.08 52.34 47.23
CA GLU B 17 -94.73 52.84 47.05
C GLU B 17 -94.09 52.18 45.84
N SER B 18 -92.76 52.18 45.82
CA SER B 18 -92.00 51.77 44.65
C SER B 18 -90.65 51.21 45.07
N LEU B 19 -90.40 49.96 44.73
CA LEU B 19 -89.12 49.31 44.96
C LEU B 19 -88.35 49.21 43.65
N THR B 20 -87.06 49.50 43.71
CA THR B 20 -86.16 49.30 42.59
C THR B 20 -85.25 48.14 42.96
N ILE B 21 -85.21 47.14 42.09
CA ILE B 21 -84.37 45.96 42.29
C ILE B 21 -83.24 46.02 41.28
N ASN B 22 -82.01 45.92 41.76
CA ASN B 22 -80.83 46.04 40.94
C ASN B 22 -80.20 44.66 40.79
N CYS B 23 -79.73 44.38 39.57
CA CYS B 23 -79.07 43.13 39.23
C CYS B 23 -77.72 43.49 38.63
N VAL B 24 -76.66 42.82 39.08
CA VAL B 24 -75.31 43.11 38.62
C VAL B 24 -74.74 41.86 37.96
N LEU B 25 -74.24 42.02 36.72
CA LEU B 25 -73.67 40.91 35.97
C LEU B 25 -72.20 40.70 36.34
N ARG B 26 -71.84 39.44 36.63
CA ARG B 26 -70.45 39.09 36.88
C ARG B 26 -69.80 38.24 35.80
N ASP B 27 -70.59 37.55 34.99
CA ASP B 27 -70.06 36.77 33.88
C ASP B 27 -70.00 37.66 32.64
N SER B 28 -68.79 37.85 32.11
CA SER B 28 -68.67 38.73 30.95
C SER B 28 -69.19 38.12 29.69
N HIS B 29 -69.81 36.95 29.79
CA HIS B 29 -70.49 36.35 28.64
C HIS B 29 -71.97 36.63 28.63
N CYS B 30 -72.55 36.99 29.77
CA CYS B 30 -73.97 37.32 29.81
C CYS B 30 -74.12 38.78 29.39
N ALA B 31 -75.17 39.08 28.65
CA ALA B 31 -75.34 40.41 28.09
C ALA B 31 -76.49 41.15 28.75
N THR B 32 -76.27 42.43 29.03
CA THR B 32 -77.31 43.32 29.52
C THR B 32 -78.19 43.80 28.35
N SER B 33 -78.79 42.84 27.65
CA SER B 33 -79.64 43.14 26.51
C SER B 33 -80.57 41.97 26.19
N SER B 34 -80.58 40.97 27.08
CA SER B 34 -81.46 39.83 26.98
C SER B 34 -81.76 39.41 28.42
N THR B 35 -82.40 40.31 29.17
CA THR B 35 -82.67 40.10 30.58
C THR B 35 -84.15 39.78 30.78
N TYR B 36 -84.43 38.93 31.76
CA TYR B 36 -85.80 38.52 32.03
C TYR B 36 -86.01 38.49 33.53
N TRP B 37 -87.26 38.67 33.95
CA TRP B 37 -87.61 38.77 35.36
C TRP B 37 -88.73 37.81 35.72
N TYR B 38 -88.63 37.22 36.91
CA TYR B 38 -89.61 36.26 37.40
C TYR B 38 -89.92 36.56 38.86
N ARG B 39 -91.21 36.59 39.21
CA ARG B 39 -91.65 36.71 40.59
C ARG B 39 -92.46 35.49 40.96
N LYS B 40 -92.50 35.17 42.24
CA LYS B 40 -93.30 34.06 42.74
C LYS B 40 -94.26 34.61 43.77
N LYS B 41 -95.32 33.87 44.05
CA LYS B 41 -96.31 34.35 44.99
C LYS B 41 -95.99 33.80 46.38
N SER B 42 -95.82 34.70 47.34
CA SER B 42 -95.53 34.33 48.72
C SER B 42 -96.55 33.34 49.25
N GLY B 43 -96.08 32.15 49.65
CA GLY B 43 -96.95 31.15 50.20
C GLY B 43 -97.38 30.08 49.22
N SER B 44 -97.12 30.27 47.93
CA SER B 44 -97.47 29.33 46.88
C SER B 44 -96.22 28.58 46.41
N THR B 45 -96.27 28.02 45.20
CA THR B 45 -95.17 27.25 44.63
C THR B 45 -95.13 27.39 43.11
N ASN B 46 -95.66 28.49 42.59
CA ASN B 46 -95.72 28.79 41.16
C ASN B 46 -94.86 29.99 40.81
N GLU B 47 -94.00 29.81 39.80
CA GLU B 47 -93.14 30.87 39.27
C GLU B 47 -93.87 31.67 38.19
N GLU B 48 -94.01 32.98 38.41
CA GLU B 48 -94.63 33.88 37.45
C GLU B 48 -93.58 34.56 36.59
N SER B 49 -93.99 34.96 35.39
CA SER B 49 -93.11 35.61 34.41
C SER B 49 -93.44 37.11 34.36
N ILE B 50 -92.57 37.92 34.97
CA ILE B 50 -92.83 39.36 34.99
C ILE B 50 -92.51 39.94 33.63
N SER B 51 -93.44 40.70 33.08
CA SER B 51 -93.33 41.32 31.78
C SER B 51 -92.97 42.80 31.89
N LYS B 52 -92.25 43.29 30.89
CA LYS B 52 -91.79 44.68 30.83
C LYS B 52 -92.82 45.53 30.12
N GLY B 53 -93.60 46.29 30.89
CA GLY B 53 -94.59 47.18 30.36
C GLY B 53 -95.57 47.73 31.39
N GLY B 54 -95.78 49.04 31.35
CA GLY B 54 -96.71 49.74 32.21
C GLY B 54 -96.12 50.11 33.56
N ARG B 55 -96.53 49.39 34.60
CA ARG B 55 -96.00 49.64 35.92
C ARG B 55 -94.61 49.03 36.10
N TYR B 56 -94.22 48.10 35.23
CA TYR B 56 -92.91 47.45 35.26
C TYR B 56 -92.04 48.02 34.14
N VAL B 57 -91.16 48.96 34.50
CA VAL B 57 -90.24 49.60 33.56
C VAL B 57 -88.82 49.13 33.85
N GLU B 58 -88.03 48.92 32.80
CA GLU B 58 -86.69 48.35 32.90
C GLU B 58 -85.63 49.35 32.46
N THR B 59 -84.65 49.61 33.32
CA THR B 59 -83.48 50.40 32.99
C THR B 59 -82.24 49.52 33.00
N VAL B 60 -81.18 49.96 32.33
CA VAL B 60 -79.97 49.15 32.19
C VAL B 60 -78.83 50.06 31.75
N ASN B 61 -77.63 49.79 32.28
CA ASN B 61 -76.41 50.46 31.83
C ASN B 61 -75.36 49.40 31.53
N SER B 62 -75.01 49.25 30.24
CA SER B 62 -74.05 48.24 29.84
C SER B 62 -72.63 48.59 30.31
N GLY B 63 -72.37 49.86 30.59
CA GLY B 63 -71.04 50.24 31.05
C GLY B 63 -70.69 49.61 32.38
N SER B 64 -71.61 49.66 33.33
CA SER B 64 -71.42 49.04 34.64
C SER B 64 -71.93 47.61 34.67
N LYS B 65 -72.41 47.10 33.53
CA LYS B 65 -72.93 45.73 33.41
C LYS B 65 -73.99 45.43 34.45
N SER B 66 -74.91 46.37 34.66
CA SER B 66 -75.99 46.24 35.61
C SER B 66 -77.32 46.61 34.96
N PHE B 67 -78.37 45.90 35.32
CA PHE B 67 -79.72 46.27 34.92
C PHE B 67 -80.61 46.24 36.14
N SER B 68 -81.65 47.06 36.11
CA SER B 68 -82.54 47.26 37.23
C SER B 68 -83.99 47.19 36.74
N LEU B 69 -84.91 47.12 37.70
CA LEU B 69 -86.34 46.94 37.43
C LEU B 69 -87.09 47.97 38.26
N ARG B 70 -87.52 49.03 37.59
CA ARG B 70 -88.30 50.08 38.24
C ARG B 70 -89.74 49.58 38.29
N ILE B 71 -90.29 49.50 39.50
CA ILE B 71 -91.67 49.10 39.75
C ILE B 71 -92.37 50.29 40.37
N ASN B 72 -93.50 50.70 39.80
CA ASN B 72 -94.18 51.88 40.31
C ASN B 72 -95.15 51.48 41.43
N ASP B 73 -96.02 52.41 41.81
CA ASP B 73 -96.94 52.27 42.94
C ASP B 73 -97.74 50.97 42.97
N LEU B 74 -97.23 49.99 43.71
CA LEU B 74 -97.82 48.67 43.87
C LEU B 74 -98.78 48.60 45.06
N THR B 75 -99.46 47.44 45.16
CA THR B 75 -100.32 47.02 46.26
C THR B 75 -99.65 45.87 47.04
N VAL B 76 -100.45 45.15 47.84
CA VAL B 76 -99.94 44.04 48.66
C VAL B 76 -99.93 42.73 47.91
N GLU B 77 -100.47 42.70 46.69
CA GLU B 77 -100.48 41.48 45.90
C GLU B 77 -99.17 41.29 45.15
N ASP B 78 -98.21 42.17 45.35
CA ASP B 78 -96.90 42.09 44.72
C ASP B 78 -95.85 41.49 45.64
N SER B 79 -96.25 41.06 46.85
CA SER B 79 -95.33 40.50 47.82
C SER B 79 -94.90 39.11 47.39
N GLY B 80 -93.61 38.95 47.12
CA GLY B 80 -93.11 37.67 46.64
C GLY B 80 -91.63 37.73 46.40
N THR B 81 -91.09 36.62 45.91
CA THR B 81 -89.66 36.53 45.63
C THR B 81 -89.42 36.91 44.18
N TYR B 82 -88.67 37.99 43.97
CA TYR B 82 -88.35 38.51 42.65
C TYR B 82 -86.92 38.14 42.25
N ARG B 83 -86.78 37.60 41.03
CA ARG B 83 -85.51 37.19 40.46
C ARG B 83 -85.27 37.86 39.11
N CYS B 84 -83.99 38.11 38.81
CA CYS B 84 -83.53 38.58 37.51
C CYS B 84 -82.80 37.45 36.79
N ALA B 85 -82.72 37.56 35.47
CA ALA B 85 -82.17 36.51 34.62
C ALA B 85 -81.50 37.14 33.41
N SER B 86 -80.57 36.38 32.82
CA SER B 86 -79.87 36.84 31.63
C SER B 86 -79.45 35.65 30.78
N GLU B 87 -79.33 35.90 29.47
CA GLU B 87 -78.94 34.88 28.51
C GLU B 87 -77.47 35.11 28.14
N CYS B 88 -76.64 34.12 28.43
CA CYS B 88 -75.21 34.18 28.19
C CYS B 88 -74.88 33.28 27.00
N GLN B 89 -73.88 33.67 26.23
CA GLN B 89 -73.53 32.86 25.06
C GLN B 89 -72.09 33.15 24.66
N TYR B 90 -71.25 32.11 24.75
CA TYR B 90 -69.86 32.16 24.32
C TYR B 90 -69.53 30.85 23.60
N GLY B 91 -68.92 30.95 22.43
CA GLY B 91 -68.57 29.83 21.57
C GLY B 91 -69.62 28.76 21.37
N LEU B 92 -69.39 27.55 21.89
CA LEU B 92 -70.38 26.47 21.79
C LEU B 92 -71.33 26.43 22.98
N ALA B 93 -71.23 27.35 23.92
CA ALA B 93 -72.03 27.32 25.14
C ALA B 93 -73.13 28.35 25.09
N GLU B 94 -74.32 27.96 25.52
CA GLU B 94 -75.45 28.88 25.66
C GLU B 94 -76.21 28.49 26.91
N TYR B 95 -76.32 29.42 27.86
CA TYR B 95 -76.93 29.13 29.16
C TYR B 95 -77.57 30.40 29.70
N ASP B 96 -78.20 30.28 30.87
CA ASP B 96 -78.82 31.43 31.52
C ASP B 96 -78.50 31.39 33.02
N VAL B 97 -78.74 32.53 33.68
CA VAL B 97 -78.31 32.75 35.06
C VAL B 97 -79.47 33.35 35.86
N TYR B 98 -79.45 33.13 37.17
CA TYR B 98 -80.55 33.55 38.02
C TYR B 98 -80.00 34.15 39.32
N GLY B 99 -80.91 34.70 40.13
CA GLY B 99 -80.52 35.27 41.41
C GLY B 99 -81.45 34.86 42.54
N GLY B 100 -81.81 35.85 43.37
CA GLY B 100 -82.76 35.65 44.45
C GLY B 100 -82.93 36.85 45.36
N GLY B 101 -84.16 37.14 45.79
CA GLY B 101 -84.45 38.27 46.65
C GLY B 101 -85.94 38.44 46.91
N THR B 102 -86.32 38.65 48.16
CA THR B 102 -87.70 38.58 48.60
C THR B 102 -88.27 39.97 48.88
N VAL B 103 -89.57 40.11 48.65
CA VAL B 103 -90.29 41.36 48.83
C VAL B 103 -91.43 41.14 49.82
N VAL B 104 -91.62 42.10 50.73
CA VAL B 104 -92.72 42.09 51.68
C VAL B 104 -93.40 43.44 51.60
N THR B 105 -94.71 43.44 51.36
CA THR B 105 -95.49 44.67 51.21
C THR B 105 -96.58 44.71 52.27
N VAL B 106 -96.66 45.83 52.99
CA VAL B 106 -97.72 45.99 53.99
C VAL B 106 -99.02 46.31 53.26
N SER C 3 -7.98 -53.28 29.94
CA SER C 3 -7.19 -52.45 29.02
C SER C 3 -7.69 -52.58 27.59
N SER C 4 -8.05 -51.45 27.00
CA SER C 4 -8.49 -51.36 25.60
C SER C 4 -7.27 -51.26 24.72
N ARG C 5 -6.69 -52.40 24.37
CA ARG C 5 -5.41 -52.40 23.67
C ARG C 5 -5.53 -52.00 22.21
N THR C 6 -6.73 -52.00 21.65
CA THR C 6 -6.91 -51.79 20.22
C THR C 6 -7.34 -50.36 19.96
N PRO C 7 -6.51 -49.52 19.32
CA PRO C 7 -6.98 -48.18 18.96
C PRO C 7 -7.72 -48.24 17.63
N SER C 8 -8.89 -47.61 17.57
CA SER C 8 -9.69 -47.63 16.36
C SER C 8 -10.63 -46.43 16.37
N ASP C 9 -11.07 -46.04 15.17
CA ASP C 9 -11.86 -44.82 14.99
C ASP C 9 -12.95 -45.10 13.95
N LYS C 10 -13.54 -44.02 13.43
CA LYS C 10 -14.71 -43.97 12.57
C LYS C 10 -15.96 -44.21 13.41
N PRO C 11 -16.85 -43.23 13.47
CA PRO C 11 -18.10 -43.39 14.24
C PRO C 11 -18.86 -44.65 13.81
N VAL C 12 -19.24 -45.45 14.81
CA VAL C 12 -19.87 -46.74 14.59
C VAL C 12 -20.89 -46.96 15.69
N ALA C 13 -21.89 -47.79 15.37
CA ALA C 13 -22.94 -48.16 16.30
C ALA C 13 -23.60 -49.44 15.83
N HIS C 14 -23.86 -50.34 16.77
CA HIS C 14 -24.64 -51.55 16.52
C HIS C 14 -25.40 -51.78 17.81
N VAL C 15 -26.66 -51.34 17.86
CA VAL C 15 -27.47 -51.39 19.06
C VAL C 15 -28.51 -52.49 18.91
N VAL C 16 -28.89 -53.07 20.04
CA VAL C 16 -29.79 -54.22 20.11
C VAL C 16 -30.97 -53.85 20.99
N ALA C 17 -32.12 -54.47 20.71
CA ALA C 17 -33.31 -54.16 21.49
C ALA C 17 -33.13 -54.61 22.93
N ASN C 18 -33.82 -53.95 23.83
CA ASN C 18 -33.78 -54.34 25.23
C ASN C 18 -34.65 -55.57 25.42
N PRO C 19 -34.09 -56.70 25.85
CA PRO C 19 -34.92 -57.90 26.06
C PRO C 19 -35.89 -57.76 27.20
N GLN C 20 -35.50 -57.04 28.26
CA GLN C 20 -36.37 -56.84 29.42
C GLN C 20 -37.24 -55.59 29.30
N ALA C 21 -37.61 -55.19 28.07
CA ALA C 21 -38.48 -54.03 27.94
C ALA C 21 -39.86 -54.36 27.40
N GLU C 22 -40.69 -55.04 28.20
CA GLU C 22 -42.03 -55.52 27.80
C GLU C 22 -42.29 -55.55 26.29
N GLY C 23 -43.15 -54.65 25.81
CA GLY C 23 -43.48 -54.53 24.40
C GLY C 23 -43.12 -53.16 23.83
N GLN C 24 -41.82 -52.86 23.82
CA GLN C 24 -41.32 -51.59 23.30
C GLN C 24 -39.92 -51.82 22.76
N LEU C 25 -39.49 -50.94 21.85
CA LEU C 25 -38.19 -51.07 21.19
C LEU C 25 -37.24 -50.05 21.79
N GLN C 26 -36.57 -50.43 22.87
CA GLN C 26 -35.54 -49.61 23.50
C GLN C 26 -34.17 -50.14 23.11
N TRP C 27 -33.35 -49.26 22.52
CA TRP C 27 -32.04 -49.63 22.02
C TRP C 27 -31.00 -49.60 23.14
N LEU C 28 -30.14 -50.62 23.14
CA LEU C 28 -29.10 -50.76 24.14
C LEU C 28 -27.73 -50.80 23.48
N ASN C 29 -26.72 -50.30 24.22
CA ASN C 29 -25.33 -50.40 23.80
C ASN C 29 -24.45 -51.09 24.82
N ARG C 30 -24.88 -51.15 26.08
CA ARG C 30 -24.10 -51.75 27.16
C ARG C 30 -24.45 -53.23 27.31
N ARG C 31 -24.33 -53.94 26.21
CA ARG C 31 -24.60 -55.37 26.16
C ARG C 31 -23.59 -56.04 25.23
N ALA C 32 -23.33 -57.32 25.51
CA ALA C 32 -22.38 -58.20 24.83
C ALA C 32 -21.67 -57.63 23.60
N ASN C 33 -22.10 -58.04 22.42
CA ASN C 33 -21.45 -57.65 21.16
C ASN C 33 -22.15 -56.48 20.49
N ALA C 34 -22.42 -55.43 21.24
CA ALA C 34 -23.05 -54.22 20.71
C ALA C 34 -22.16 -53.02 20.98
N LEU C 35 -22.24 -52.03 20.09
CA LEU C 35 -21.30 -50.92 20.08
C LEU C 35 -22.05 -49.59 19.96
N LEU C 36 -21.44 -48.54 20.54
CA LEU C 36 -21.93 -47.16 20.36
C LEU C 36 -20.78 -46.25 20.78
N ALA C 37 -19.99 -45.81 19.81
CA ALA C 37 -18.75 -45.12 20.14
C ALA C 37 -18.41 -44.09 19.08
N ASN C 38 -17.38 -43.29 19.40
CA ASN C 38 -16.80 -42.28 18.52
C ASN C 38 -17.80 -41.19 18.13
N GLY C 39 -18.72 -40.86 19.02
CA GLY C 39 -19.56 -39.69 18.86
C GLY C 39 -21.03 -39.93 18.61
N VAL C 40 -21.43 -41.12 18.12
CA VAL C 40 -22.84 -41.37 17.88
C VAL C 40 -23.59 -41.35 19.20
N GLU C 41 -24.64 -40.53 19.27
CA GLU C 41 -25.46 -40.39 20.45
C GLU C 41 -26.81 -41.07 20.23
N LEU C 42 -27.33 -41.67 21.30
CA LEU C 42 -28.67 -42.26 21.29
C LEU C 42 -29.53 -41.36 22.18
N ARG C 43 -30.38 -40.54 21.56
CA ARG C 43 -31.19 -39.63 22.37
C ARG C 43 -32.49 -40.33 22.78
N ASP C 44 -33.43 -40.47 21.87
CA ASP C 44 -34.74 -41.06 22.17
C ASP C 44 -35.03 -42.13 21.12
N ASN C 45 -34.31 -43.25 21.23
CA ASN C 45 -34.30 -44.30 20.24
C ASN C 45 -33.94 -43.72 18.88
N GLN C 46 -33.10 -42.68 18.89
CA GLN C 46 -32.68 -41.99 17.68
C GLN C 46 -31.19 -41.81 17.77
N LEU C 47 -30.50 -42.06 16.65
CA LEU C 47 -29.06 -41.90 16.56
C LEU C 47 -28.74 -40.53 15.99
N VAL C 48 -27.81 -39.83 16.62
CA VAL C 48 -27.43 -38.48 16.20
C VAL C 48 -26.07 -38.58 15.53
N VAL C 49 -26.01 -38.19 14.26
CA VAL C 49 -24.77 -38.29 13.50
C VAL C 49 -23.77 -37.29 14.09
N PRO C 50 -22.54 -37.71 14.42
CA PRO C 50 -21.62 -36.79 15.09
C PRO C 50 -20.78 -35.97 14.12
N SER C 51 -20.71 -36.38 12.86
CA SER C 51 -19.89 -35.68 11.89
C SER C 51 -20.44 -35.94 10.50
N GLU C 52 -20.23 -34.98 9.61
CA GLU C 52 -20.71 -35.10 8.24
C GLU C 52 -19.85 -36.09 7.46
N GLY C 53 -20.50 -36.91 6.65
CA GLY C 53 -19.78 -37.88 5.85
C GLY C 53 -20.72 -38.93 5.29
N LEU C 54 -20.11 -39.98 4.73
CA LEU C 54 -20.84 -41.10 4.14
C LEU C 54 -20.96 -42.23 5.15
N TYR C 55 -22.19 -42.70 5.37
CA TYR C 55 -22.44 -43.77 6.34
C TYR C 55 -23.13 -44.95 5.67
N LEU C 56 -22.96 -46.13 6.27
CA LEU C 56 -23.72 -47.33 5.93
C LEU C 56 -24.71 -47.59 7.04
N ILE C 57 -25.99 -47.65 6.68
CA ILE C 57 -27.08 -47.78 7.65
C ILE C 57 -27.72 -49.14 7.46
N TYR C 58 -27.93 -49.87 8.56
CA TYR C 58 -28.59 -51.16 8.49
C TYR C 58 -29.40 -51.41 9.76
N SER C 59 -30.44 -52.24 9.63
CA SER C 59 -31.26 -52.63 10.76
C SER C 59 -32.12 -53.83 10.36
N GLN C 60 -32.37 -54.73 11.32
CA GLN C 60 -33.26 -55.86 11.16
C GLN C 60 -34.25 -55.92 12.31
N VAL C 61 -35.49 -56.33 12.01
CA VAL C 61 -36.51 -56.57 13.01
C VAL C 61 -37.13 -57.93 12.73
N LEU C 62 -37.35 -58.70 13.78
CA LEU C 62 -37.96 -60.03 13.67
C LEU C 62 -39.29 -59.98 14.41
N PHE C 63 -40.36 -60.33 13.71
CA PHE C 63 -41.71 -60.29 14.26
C PHE C 63 -42.21 -61.69 14.58
N LYS C 64 -42.80 -61.85 15.76
CA LYS C 64 -43.40 -63.12 16.15
C LYS C 64 -44.73 -62.86 16.82
N GLY C 65 -45.73 -63.66 16.45
CA GLY C 65 -47.04 -63.61 17.07
C GLY C 65 -47.52 -65.02 17.32
N GLN C 66 -48.46 -65.14 18.27
CA GLN C 66 -48.91 -66.47 18.65
C GLN C 66 -50.24 -66.82 18.00
N GLY C 67 -50.38 -66.51 16.71
CA GLY C 67 -51.59 -66.82 15.99
C GLY C 67 -52.08 -65.60 15.24
N CYS C 68 -52.83 -65.77 14.16
CA CYS C 68 -53.38 -64.60 13.46
C CYS C 68 -54.87 -64.54 13.73
N PRO C 69 -55.33 -63.68 14.62
CA PRO C 69 -56.77 -63.62 14.87
C PRO C 69 -57.49 -62.87 13.76
N SER C 70 -57.07 -61.63 13.53
CA SER C 70 -57.61 -60.80 12.47
C SER C 70 -56.67 -60.81 11.27
N THR C 71 -57.21 -60.41 10.12
CA THR C 71 -56.40 -60.26 8.92
C THR C 71 -55.97 -58.81 8.71
N HIS C 72 -56.18 -57.94 9.71
CA HIS C 72 -55.82 -56.55 9.60
C HIS C 72 -54.51 -56.35 10.37
N VAL C 73 -53.41 -56.74 9.73
CA VAL C 73 -52.06 -56.57 10.24
C VAL C 73 -51.11 -56.38 9.06
N LEU C 74 -50.37 -55.28 9.08
CA LEU C 74 -49.36 -54.94 8.09
C LEU C 74 -48.06 -54.67 8.83
N LEU C 75 -46.99 -55.40 8.50
CA LEU C 75 -45.72 -55.24 9.20
C LEU C 75 -44.78 -54.31 8.43
N THR C 76 -44.28 -53.30 9.12
CA THR C 76 -43.39 -52.31 8.54
C THR C 76 -42.09 -52.23 9.33
N HIS C 77 -41.06 -51.75 8.65
CA HIS C 77 -39.75 -51.51 9.23
C HIS C 77 -39.15 -50.38 8.41
N THR C 78 -38.87 -49.25 9.06
CA THR C 78 -38.48 -48.05 8.33
C THR C 78 -37.37 -47.33 9.06
N ILE C 79 -36.42 -46.79 8.31
CA ILE C 79 -35.39 -45.91 8.83
C ILE C 79 -35.69 -44.51 8.32
N SER C 80 -35.87 -43.56 9.25
CA SER C 80 -36.24 -42.22 8.87
C SER C 80 -35.12 -41.27 9.22
N ARG C 81 -35.14 -40.09 8.59
CA ARG C 81 -34.10 -39.09 8.77
C ARG C 81 -34.69 -37.69 8.85
N ILE C 82 -34.32 -36.98 9.91
CA ILE C 82 -34.60 -35.55 10.06
C ILE C 82 -33.29 -34.79 9.93
N ALA C 83 -33.20 -33.96 8.90
CA ALA C 83 -31.98 -33.25 8.55
C ALA C 83 -32.10 -31.78 8.94
N VAL C 84 -30.94 -31.14 9.12
CA VAL C 84 -30.90 -29.72 9.41
C VAL C 84 -31.29 -28.90 8.17
N SER C 85 -30.99 -29.40 6.99
CA SER C 85 -31.30 -28.66 5.76
C SER C 85 -32.79 -28.76 5.41
N TYR C 86 -33.41 -29.90 5.69
CA TYR C 86 -34.83 -30.12 5.37
C TYR C 86 -35.46 -30.77 6.60
N GLN C 87 -36.18 -29.99 7.38
CA GLN C 87 -36.63 -30.37 8.71
C GLN C 87 -37.90 -31.22 8.70
N THR C 88 -37.99 -32.21 7.82
CA THR C 88 -39.12 -33.13 7.80
C THR C 88 -38.60 -34.56 7.77
N LYS C 89 -39.26 -35.44 8.53
CA LYS C 89 -38.87 -36.84 8.57
C LYS C 89 -39.19 -37.53 7.24
N VAL C 90 -38.15 -38.02 6.57
CA VAL C 90 -38.29 -38.72 5.30
C VAL C 90 -37.70 -40.12 5.45
N ASN C 91 -38.30 -41.09 4.76
CA ASN C 91 -37.83 -42.46 4.85
C ASN C 91 -36.65 -42.68 3.93
N LEU C 92 -35.57 -43.24 4.47
CA LEU C 92 -34.38 -43.61 3.71
C LEU C 92 -34.49 -45.04 3.19
N LEU C 93 -34.90 -45.97 4.04
CA LEU C 93 -35.13 -47.35 3.69
C LEU C 93 -36.46 -47.75 4.30
N SER C 94 -37.24 -48.53 3.56
CA SER C 94 -38.54 -48.96 4.04
C SER C 94 -38.82 -50.35 3.49
N ALA C 95 -39.61 -51.11 4.23
CA ALA C 95 -40.02 -52.44 3.81
C ALA C 95 -41.33 -52.77 4.49
N ILE C 96 -42.17 -53.53 3.78
CA ILE C 96 -43.46 -53.96 4.27
C ILE C 96 -43.55 -55.46 4.05
N LYS C 97 -44.23 -56.15 4.96
CA LYS C 97 -44.36 -57.59 4.83
C LYS C 97 -45.68 -58.04 5.41
N SER C 98 -46.37 -58.89 4.67
CA SER C 98 -47.64 -59.46 5.10
C SER C 98 -47.36 -60.53 6.14
N PRO C 99 -47.80 -60.36 7.38
CA PRO C 99 -47.35 -61.26 8.44
C PRO C 99 -48.05 -62.60 8.41
N CYS C 100 -49.32 -62.60 8.01
CA CYS C 100 -50.13 -63.81 7.96
C CYS C 100 -50.62 -63.92 6.52
N GLN C 101 -50.08 -64.88 5.78
CA GLN C 101 -50.49 -65.07 4.39
C GLN C 101 -52.00 -65.23 4.26
N ARG C 102 -52.58 -66.15 5.02
CA ARG C 102 -54.00 -66.46 4.87
C ARG C 102 -54.47 -67.37 6.01
N GLU C 103 -55.40 -68.27 5.70
CA GLU C 103 -56.04 -69.27 6.56
C GLU C 103 -56.44 -68.85 7.96
N THR C 104 -56.26 -67.55 8.30
CA THR C 104 -56.51 -66.91 9.59
C THR C 104 -56.94 -67.94 10.62
N PRO C 105 -56.05 -68.34 11.55
CA PRO C 105 -56.32 -69.53 12.38
C PRO C 105 -57.66 -69.52 13.08
N GLU C 106 -58.57 -70.36 12.56
CA GLU C 106 -59.95 -70.40 13.01
C GLU C 106 -60.08 -71.20 14.30
N GLY C 107 -59.58 -72.44 14.32
CA GLY C 107 -59.66 -73.28 15.49
C GLY C 107 -58.34 -73.98 15.73
N ALA C 108 -58.07 -74.25 17.01
CA ALA C 108 -56.81 -74.85 17.45
C ALA C 108 -55.63 -74.09 16.86
N GLU C 109 -55.61 -72.77 17.08
CA GLU C 109 -54.63 -71.88 16.49
C GLU C 109 -53.22 -72.32 16.83
N ALA C 110 -52.78 -72.08 18.08
CA ALA C 110 -51.49 -72.52 18.61
C ALA C 110 -50.42 -72.61 17.54
N LYS C 111 -50.14 -71.48 16.89
CA LYS C 111 -49.21 -71.42 15.77
C LYS C 111 -48.34 -70.17 15.88
N PRO C 112 -47.17 -70.27 16.49
CA PRO C 112 -46.29 -69.10 16.54
C PRO C 112 -45.71 -68.85 15.15
N TRP C 113 -45.92 -67.65 14.61
CA TRP C 113 -45.38 -67.30 13.29
C TRP C 113 -44.20 -66.35 13.45
N TYR C 114 -43.21 -66.50 12.56
CA TYR C 114 -41.99 -65.69 12.55
C TYR C 114 -41.76 -65.09 11.16
N GLU C 115 -41.51 -63.78 11.12
CA GLU C 115 -41.17 -63.09 9.87
C GLU C 115 -40.10 -62.04 10.08
N PRO C 116 -38.94 -62.16 9.44
CA PRO C 116 -37.89 -61.15 9.55
C PRO C 116 -37.91 -60.13 8.41
N ILE C 117 -37.31 -58.97 8.69
CA ILE C 117 -37.17 -57.89 7.73
C ILE C 117 -35.80 -57.23 7.93
N TYR C 118 -35.04 -57.05 6.85
CA TYR C 118 -33.71 -56.45 6.91
C TYR C 118 -33.61 -55.28 5.94
N LEU C 119 -32.93 -54.22 6.37
CA LEU C 119 -32.75 -53.00 5.58
C LEU C 119 -31.29 -52.58 5.66
N GLY C 120 -30.76 -52.11 4.53
CA GLY C 120 -29.39 -51.63 4.49
C GLY C 120 -29.10 -50.80 3.26
N GLY C 121 -28.29 -49.76 3.41
CA GLY C 121 -27.94 -48.92 2.28
C GLY C 121 -26.93 -47.88 2.68
N VAL C 122 -26.38 -47.21 1.68
CA VAL C 122 -25.37 -46.19 1.86
C VAL C 122 -26.01 -44.82 1.63
N PHE C 123 -25.71 -43.88 2.53
CA PHE C 123 -26.30 -42.54 2.48
C PHE C 123 -25.28 -41.52 2.96
N GLN C 124 -25.51 -40.28 2.54
CA GLN C 124 -24.74 -39.13 3.00
C GLN C 124 -25.48 -38.43 4.13
N LEU C 125 -24.85 -38.36 5.30
CA LEU C 125 -25.43 -37.68 6.46
C LEU C 125 -24.59 -36.48 6.83
N GLU C 126 -25.24 -35.47 7.41
CA GLU C 126 -24.64 -34.21 7.82
C GLU C 126 -24.58 -34.12 9.34
N LYS C 127 -23.97 -33.05 9.82
CA LYS C 127 -23.88 -32.79 11.24
C LYS C 127 -25.28 -32.66 11.84
N GLY C 128 -25.52 -33.38 12.93
CA GLY C 128 -26.78 -33.26 13.64
C GLY C 128 -27.93 -34.07 13.09
N ASP C 129 -27.73 -34.85 12.02
CA ASP C 129 -28.83 -35.64 11.49
C ASP C 129 -29.26 -36.70 12.51
N ARG C 130 -30.57 -36.89 12.64
CA ARG C 130 -31.15 -37.79 13.63
C ARG C 130 -31.87 -38.93 12.90
N LEU C 131 -31.29 -40.11 12.96
CA LEU C 131 -31.90 -41.29 12.35
C LEU C 131 -32.65 -42.10 13.40
N SER C 132 -33.75 -42.72 12.99
CA SER C 132 -34.56 -43.53 13.89
C SER C 132 -35.09 -44.73 13.15
N ALA C 133 -34.94 -45.91 13.76
CA ALA C 133 -35.49 -47.14 13.21
C ALA C 133 -36.80 -47.41 13.91
N GLU C 134 -37.84 -47.65 13.13
CA GLU C 134 -39.18 -47.70 13.67
C GLU C 134 -39.92 -48.88 13.06
N ILE C 135 -40.91 -49.35 13.82
CA ILE C 135 -41.77 -50.45 13.46
C ILE C 135 -43.20 -50.06 13.77
N ASN C 136 -44.14 -50.76 13.15
CA ASN C 136 -45.54 -50.39 13.27
C ASN C 136 -46.20 -50.93 14.54
N ARG C 137 -45.95 -52.21 14.85
CA ARG C 137 -46.56 -52.92 15.98
C ARG C 137 -45.47 -53.45 16.88
N PRO C 138 -45.02 -52.68 17.87
CA PRO C 138 -43.94 -53.15 18.76
C PRO C 138 -44.39 -54.23 19.73
N ASP C 139 -45.60 -54.74 19.51
CA ASP C 139 -46.12 -55.87 20.27
C ASP C 139 -45.77 -57.20 19.63
N TYR C 140 -45.20 -57.18 18.43
CA TYR C 140 -44.74 -58.39 17.75
C TYR C 140 -43.22 -58.51 17.79
N LEU C 141 -42.53 -57.70 18.58
CA LEU C 141 -41.08 -57.77 18.66
C LEU C 141 -40.66 -59.07 19.34
N ASP C 142 -39.70 -59.77 18.72
CA ASP C 142 -39.11 -60.96 19.33
C ASP C 142 -37.64 -60.65 19.61
N PHE C 143 -37.38 -60.00 20.75
CA PHE C 143 -36.02 -59.80 21.22
C PHE C 143 -35.64 -60.83 22.27
N ALA C 144 -36.25 -62.00 22.23
CA ALA C 144 -36.01 -63.04 23.23
C ALA C 144 -34.67 -63.73 23.04
N GLU C 145 -34.21 -63.91 21.80
CA GLU C 145 -32.96 -64.64 21.58
C GLU C 145 -31.73 -63.73 21.67
N SER C 146 -31.15 -63.37 20.53
CA SER C 146 -29.87 -62.67 20.54
C SER C 146 -29.78 -61.50 19.59
N GLY C 147 -29.40 -61.77 18.35
CA GLY C 147 -29.29 -60.75 17.32
C GLY C 147 -30.44 -60.82 16.34
N GLN C 148 -31.66 -60.91 16.84
CA GLN C 148 -32.82 -60.98 15.95
C GLN C 148 -33.34 -59.59 15.61
N VAL C 149 -33.09 -58.61 16.45
CA VAL C 149 -33.44 -57.22 16.18
C VAL C 149 -32.22 -56.36 16.52
N TYR C 150 -31.83 -55.50 15.58
CA TYR C 150 -30.66 -54.67 15.76
C TYR C 150 -30.74 -53.50 14.78
N PHE C 151 -29.83 -52.56 14.94
CA PHE C 151 -29.84 -51.32 14.17
C PHE C 151 -28.51 -50.60 14.36
N GLY C 152 -27.90 -50.14 13.28
CA GLY C 152 -26.59 -49.55 13.40
C GLY C 152 -26.18 -48.71 12.21
N ILE C 153 -25.15 -47.88 12.44
CA ILE C 153 -24.53 -47.10 11.40
C ILE C 153 -23.02 -47.27 11.53
N ILE C 154 -22.32 -47.04 10.43
CA ILE C 154 -20.86 -47.15 10.42
C ILE C 154 -20.31 -46.12 9.45
N ALA C 155 -19.33 -45.34 9.93
CA ALA C 155 -18.69 -44.32 9.12
C ALA C 155 -17.70 -45.01 8.19
N LEU C 156 -18.01 -45.00 6.90
CA LEU C 156 -17.16 -45.61 5.91
C LEU C 156 -16.06 -44.66 5.47
N ARG D 5 -19.58 -27.81 3.40
CA ARG D 5 -18.48 -28.75 3.58
C ARG D 5 -18.58 -29.91 2.60
N PRO D 7 -15.50 -32.38 2.53
CA PRO D 7 -14.71 -33.15 1.56
C PRO D 7 -15.49 -34.25 0.84
N SER D 8 -14.76 -35.22 0.27
CA SER D 8 -15.37 -36.33 -0.44
C SER D 8 -14.84 -37.64 0.15
N ASP D 9 -15.02 -38.76 -0.56
CA ASP D 9 -14.65 -40.05 -0.02
C ASP D 9 -14.02 -40.91 -1.11
N LYS D 10 -14.84 -41.67 -1.83
CA LYS D 10 -14.36 -42.63 -2.82
C LYS D 10 -15.52 -43.12 -3.68
N PRO D 11 -15.30 -43.96 -4.70
CA PRO D 11 -16.43 -44.43 -5.52
C PRO D 11 -17.58 -44.98 -4.68
N VAL D 12 -18.77 -44.43 -4.92
CA VAL D 12 -19.97 -44.74 -4.16
C VAL D 12 -21.18 -44.58 -5.08
N ALA D 13 -22.26 -45.30 -4.76
CA ALA D 13 -23.51 -45.19 -5.50
C ALA D 13 -24.67 -45.74 -4.67
N HIS D 14 -25.79 -45.02 -4.67
CA HIS D 14 -27.04 -45.50 -4.09
C HIS D 14 -28.18 -44.94 -4.95
N VAL D 15 -28.65 -45.73 -5.91
CA VAL D 15 -29.68 -45.30 -6.83
C VAL D 15 -30.98 -46.00 -6.47
N VAL D 16 -32.08 -45.30 -6.72
CA VAL D 16 -33.42 -45.76 -6.33
C VAL D 16 -34.27 -45.77 -7.58
N ALA D 17 -35.28 -46.65 -7.59
CA ALA D 17 -36.13 -46.75 -8.77
C ALA D 17 -36.93 -45.47 -8.96
N ASN D 18 -37.24 -45.17 -10.21
CA ASN D 18 -38.05 -44.01 -10.54
C ASN D 18 -39.52 -44.27 -10.22
N PRO D 19 -40.13 -43.48 -9.34
CA PRO D 19 -41.55 -43.69 -9.06
C PRO D 19 -42.45 -43.33 -10.23
N GLN D 20 -42.07 -42.35 -11.06
CA GLN D 20 -42.94 -41.98 -12.16
C GLN D 20 -42.68 -42.81 -13.42
N ALA D 21 -42.14 -44.01 -13.27
CA ALA D 21 -41.99 -44.98 -14.35
C ALA D 21 -42.87 -46.17 -13.97
N GLU D 22 -44.18 -46.02 -14.20
CA GLU D 22 -45.16 -47.00 -13.75
C GLU D 22 -45.02 -48.30 -14.54
N GLY D 23 -44.65 -49.37 -13.83
CA GLY D 23 -44.51 -50.68 -14.42
C GLY D 23 -43.16 -50.96 -15.05
N GLN D 24 -42.11 -50.33 -14.56
CA GLN D 24 -40.76 -50.54 -15.09
C GLN D 24 -39.76 -50.27 -13.98
N LEU D 25 -38.57 -50.85 -14.13
CA LEU D 25 -37.46 -50.62 -13.22
C LEU D 25 -36.44 -49.74 -13.92
N GLN D 26 -36.22 -48.55 -13.37
CA GLN D 26 -35.23 -47.63 -13.91
C GLN D 26 -34.52 -46.97 -12.75
N TRP D 27 -33.19 -47.08 -12.72
CA TRP D 27 -32.43 -46.52 -11.61
C TRP D 27 -32.16 -45.05 -11.89
N LEU D 28 -32.36 -44.21 -10.88
CA LEU D 28 -32.11 -42.78 -10.99
C LEU D 28 -31.07 -42.38 -9.97
N ASN D 29 -30.33 -41.31 -10.29
CA ASN D 29 -29.29 -40.78 -9.43
C ASN D 29 -29.53 -39.36 -8.98
N ARG D 30 -30.32 -38.59 -9.71
CA ARG D 30 -30.62 -37.20 -9.37
C ARG D 30 -31.92 -37.13 -8.58
N ARG D 31 -31.96 -37.83 -7.45
CA ARG D 31 -33.15 -37.80 -6.62
C ARG D 31 -32.79 -37.85 -5.14
N ALA D 32 -33.64 -37.19 -4.34
CA ALA D 32 -33.53 -37.06 -2.89
C ALA D 32 -32.90 -38.28 -2.22
N ASN D 33 -31.82 -38.05 -1.46
CA ASN D 33 -31.07 -39.09 -0.74
C ASN D 33 -30.61 -40.22 -1.65
N ALA D 34 -30.10 -39.88 -2.83
CA ALA D 34 -29.51 -40.87 -3.73
C ALA D 34 -28.14 -40.37 -4.14
N LEU D 35 -27.23 -41.30 -4.40
CA LEU D 35 -25.85 -40.95 -4.72
C LEU D 35 -25.37 -41.67 -5.96
N LEU D 36 -24.47 -40.99 -6.69
CA LEU D 36 -23.73 -41.56 -7.80
C LEU D 36 -22.54 -40.63 -8.08
N ALA D 37 -21.39 -40.90 -7.48
CA ALA D 37 -20.29 -39.94 -7.54
C ALA D 37 -18.96 -40.66 -7.49
N ASN D 38 -17.90 -39.89 -7.74
CA ASN D 38 -16.52 -40.37 -7.69
C ASN D 38 -16.26 -41.46 -8.73
N GLY D 39 -16.93 -41.38 -9.88
CA GLY D 39 -16.59 -42.19 -11.03
C GLY D 39 -17.62 -43.24 -11.45
N VAL D 40 -18.51 -43.68 -10.56
CA VAL D 40 -19.50 -44.68 -10.93
C VAL D 40 -20.44 -44.10 -11.98
N GLU D 41 -20.64 -44.84 -13.07
CA GLU D 41 -21.48 -44.42 -14.18
C GLU D 41 -22.80 -45.18 -14.15
N LEU D 42 -23.88 -44.50 -14.53
CA LEU D 42 -25.20 -45.10 -14.70
C LEU D 42 -25.47 -45.16 -16.21
N ARG D 43 -25.32 -46.35 -16.78
CA ARG D 43 -25.55 -46.54 -18.21
C ARG D 43 -27.02 -46.88 -18.42
N ASP D 44 -27.25 -48.00 -19.09
CA ASP D 44 -28.60 -48.47 -19.41
C ASP D 44 -29.06 -49.37 -18.27
N ASN D 45 -29.37 -48.73 -17.14
CA ASN D 45 -29.66 -49.43 -15.88
C ASN D 45 -28.50 -50.33 -15.45
N GLN D 46 -27.27 -49.87 -15.70
CA GLN D 46 -26.08 -50.60 -15.32
C GLN D 46 -25.10 -49.64 -14.67
N LEU D 47 -24.46 -50.09 -13.60
CA LEU D 47 -23.43 -49.32 -12.91
C LEU D 47 -22.07 -49.76 -13.44
N VAL D 48 -21.24 -48.79 -13.80
CA VAL D 48 -19.93 -49.07 -14.36
C VAL D 48 -18.89 -48.80 -13.29
N VAL D 49 -18.18 -49.85 -12.88
CA VAL D 49 -17.18 -49.74 -11.82
C VAL D 49 -16.02 -48.92 -12.35
N PRO D 50 -15.62 -47.84 -11.69
CA PRO D 50 -14.56 -46.97 -12.21
C PRO D 50 -13.16 -47.37 -11.79
N SER D 51 -13.02 -48.32 -10.86
CA SER D 51 -11.71 -48.69 -10.37
C SER D 51 -11.72 -50.15 -9.91
N GLU D 52 -10.56 -50.79 -10.03
CA GLU D 52 -10.38 -52.16 -9.57
C GLU D 52 -10.25 -52.16 -8.05
N GLY D 53 -10.95 -53.07 -7.39
CA GLY D 53 -10.87 -53.13 -5.96
C GLY D 53 -12.01 -53.92 -5.35
N LEU D 54 -12.14 -53.78 -4.03
CA LEU D 54 -13.19 -54.44 -3.25
C LEU D 54 -14.39 -53.52 -3.13
N TYR D 55 -15.55 -54.01 -3.54
CA TYR D 55 -16.78 -53.23 -3.51
C TYR D 55 -17.85 -53.98 -2.72
N LEU D 56 -18.79 -53.21 -2.17
CA LEU D 56 -19.99 -53.76 -1.53
C LEU D 56 -21.19 -53.49 -2.43
N ILE D 57 -21.87 -54.56 -2.84
CA ILE D 57 -23.00 -54.48 -3.74
C ILE D 57 -24.24 -54.90 -2.97
N TYR D 58 -25.30 -54.10 -3.06
CA TYR D 58 -26.54 -54.41 -2.37
C TYR D 58 -27.72 -53.88 -3.17
N SER D 59 -28.89 -54.48 -2.93
CA SER D 59 -30.12 -54.05 -3.56
C SER D 59 -31.29 -54.67 -2.81
N GLN D 60 -32.39 -53.92 -2.74
CA GLN D 60 -33.65 -54.39 -2.18
C GLN D 60 -34.77 -54.13 -3.16
N VAL D 61 -35.71 -55.06 -3.23
CA VAL D 61 -36.92 -54.89 -4.03
C VAL D 61 -38.11 -55.30 -3.18
N LEU D 62 -39.18 -54.54 -3.28
CA LEU D 62 -40.44 -54.85 -2.60
C LEU D 62 -41.47 -55.17 -3.65
N PHE D 63 -42.04 -56.35 -3.57
CA PHE D 63 -43.06 -56.79 -4.51
C PHE D 63 -44.41 -56.70 -3.83
N LYS D 64 -45.38 -56.12 -4.53
CA LYS D 64 -46.72 -55.98 -4.00
C LYS D 64 -47.73 -56.36 -5.05
N GLY D 65 -48.74 -57.12 -4.63
CA GLY D 65 -49.85 -57.44 -5.50
C GLY D 65 -51.16 -57.34 -4.76
N GLN D 66 -52.22 -57.12 -5.52
CA GLN D 66 -53.56 -57.00 -4.98
C GLN D 66 -54.38 -58.28 -5.17
N GLY D 67 -53.73 -59.35 -5.63
CA GLY D 67 -54.38 -60.63 -5.83
C GLY D 67 -53.39 -61.77 -6.01
N CYS D 68 -53.81 -62.99 -5.66
CA CYS D 68 -52.98 -64.19 -5.77
C CYS D 68 -53.44 -65.07 -6.93
N PRO D 69 -52.65 -65.20 -7.99
CA PRO D 69 -53.02 -66.12 -9.06
C PRO D 69 -52.67 -67.56 -8.66
N SER D 70 -53.18 -68.52 -9.44
CA SER D 70 -52.96 -69.93 -9.19
C SER D 70 -51.84 -70.51 -10.05
N THR D 71 -50.80 -69.73 -10.33
CA THR D 71 -49.69 -70.19 -11.15
C THR D 71 -48.42 -70.43 -10.34
N HIS D 72 -48.52 -70.40 -9.00
CA HIS D 72 -47.36 -70.45 -8.13
C HIS D 72 -46.36 -69.42 -8.64
N VAL D 73 -46.61 -68.15 -8.27
CA VAL D 73 -45.76 -67.06 -8.70
C VAL D 73 -44.35 -67.20 -8.15
N LEU D 74 -43.36 -66.96 -9.01
CA LEU D 74 -41.96 -67.00 -8.64
C LEU D 74 -41.40 -65.60 -8.84
N LEU D 75 -40.92 -65.01 -7.74
CA LEU D 75 -40.35 -63.68 -7.76
C LEU D 75 -38.84 -63.85 -7.68
N THR D 76 -38.12 -63.28 -8.64
CA THR D 76 -36.67 -63.42 -8.64
C THR D 76 -36.03 -62.03 -8.63
N HIS D 77 -34.80 -62.00 -8.12
CA HIS D 77 -34.03 -60.77 -8.00
C HIS D 77 -32.56 -61.15 -8.08
N THR D 78 -31.86 -60.59 -9.04
CA THR D 78 -30.48 -60.96 -9.28
C THR D 78 -29.65 -59.72 -9.57
N ILE D 79 -28.44 -59.69 -9.02
CA ILE D 79 -27.45 -58.69 -9.33
C ILE D 79 -26.40 -59.37 -10.19
N SER D 80 -26.19 -58.84 -11.39
CA SER D 80 -25.34 -59.48 -12.38
C SER D 80 -24.09 -58.65 -12.63
N ARG D 81 -23.08 -59.31 -13.19
CA ARG D 81 -21.79 -58.68 -13.48
C ARG D 81 -21.26 -59.18 -14.82
N ILE D 82 -20.95 -58.25 -15.71
CA ILE D 82 -20.23 -58.54 -16.95
C ILE D 82 -18.85 -57.89 -16.88
N ALA D 83 -17.81 -58.70 -16.98
CA ALA D 83 -16.44 -58.24 -16.82
C ALA D 83 -15.75 -58.13 -18.19
N VAL D 84 -14.69 -57.32 -18.22
CA VAL D 84 -13.89 -57.20 -19.43
C VAL D 84 -13.14 -58.51 -19.69
N SER D 85 -12.82 -59.24 -18.63
CA SER D 85 -12.11 -60.51 -18.74
C SER D 85 -13.03 -61.63 -19.22
N TYR D 86 -14.30 -61.59 -18.84
CA TYR D 86 -15.26 -62.63 -19.19
C TYR D 86 -16.56 -61.96 -19.62
N GLN D 87 -16.81 -61.93 -20.92
CA GLN D 87 -17.87 -61.12 -21.52
C GLN D 87 -19.25 -61.78 -21.44
N THR D 88 -19.61 -62.37 -20.30
CA THR D 88 -20.91 -63.01 -20.12
C THR D 88 -21.58 -62.57 -18.82
N LYS D 89 -22.90 -62.41 -18.88
CA LYS D 89 -23.70 -62.06 -17.72
C LYS D 89 -23.75 -63.22 -16.73
N VAL D 90 -23.21 -63.01 -15.53
CA VAL D 90 -23.20 -64.01 -14.47
C VAL D 90 -23.83 -63.41 -13.22
N ASN D 91 -24.55 -64.24 -12.46
CA ASN D 91 -25.19 -63.78 -11.23
C ASN D 91 -24.19 -63.77 -10.09
N LEU D 92 -24.09 -62.64 -9.38
CA LEU D 92 -23.28 -62.60 -8.16
C LEU D 92 -24.13 -62.87 -6.94
N LEU D 93 -25.31 -62.25 -6.87
CA LEU D 93 -26.25 -62.45 -5.78
C LEU D 93 -27.64 -62.66 -6.37
N SER D 94 -28.37 -63.64 -5.84
CA SER D 94 -29.70 -63.93 -6.36
C SER D 94 -30.54 -64.59 -5.26
N ALA D 95 -31.85 -64.43 -5.38
CA ALA D 95 -32.79 -65.04 -4.45
C ALA D 95 -34.13 -65.20 -5.15
N ILE D 96 -34.86 -66.25 -4.75
CA ILE D 96 -36.19 -66.56 -5.29
C ILE D 96 -37.15 -66.71 -4.12
N LYS D 97 -38.41 -66.29 -4.34
CA LYS D 97 -39.44 -66.34 -3.30
C LYS D 97 -40.82 -66.55 -3.91
N SER D 98 -41.59 -67.45 -3.30
CA SER D 98 -42.98 -67.69 -3.69
C SER D 98 -43.92 -67.01 -2.70
N PRO D 99 -44.64 -65.96 -3.08
CA PRO D 99 -45.43 -65.19 -2.11
C PRO D 99 -46.82 -65.74 -1.80
N CYS D 100 -47.45 -66.48 -2.73
CA CYS D 100 -48.85 -66.89 -2.58
C CYS D 100 -48.91 -68.41 -2.44
N GLN D 101 -49.33 -68.88 -1.26
CA GLN D 101 -49.43 -70.30 -0.95
C GLN D 101 -50.80 -70.92 -1.25
N ARG D 102 -51.90 -70.22 -0.95
CA ARG D 102 -53.20 -70.86 -1.08
C ARG D 102 -53.64 -70.87 -2.55
N GLU D 103 -54.93 -71.16 -2.77
CA GLU D 103 -55.50 -71.26 -4.12
C GLU D 103 -56.28 -70.00 -4.47
N THR D 104 -55.56 -68.87 -4.53
CA THR D 104 -56.10 -67.54 -4.85
C THR D 104 -57.13 -67.07 -3.82
N PRO D 105 -57.33 -65.76 -3.66
CA PRO D 105 -58.29 -65.30 -2.64
C PRO D 105 -59.69 -65.83 -2.88
N GLU D 106 -60.22 -65.68 -4.10
CA GLU D 106 -61.48 -66.25 -4.56
C GLU D 106 -62.65 -65.95 -3.62
N GLY D 107 -62.88 -66.83 -2.65
CA GLY D 107 -64.03 -66.66 -1.76
C GLY D 107 -64.06 -65.30 -1.09
N ALA D 108 -62.91 -64.82 -0.64
CA ALA D 108 -62.77 -63.48 -0.08
C ALA D 108 -61.73 -62.75 -0.92
N GLU D 109 -62.18 -62.17 -2.03
CA GLU D 109 -61.30 -61.52 -3.01
C GLU D 109 -60.65 -60.29 -2.42
N ALA D 110 -59.53 -60.49 -1.73
CA ALA D 110 -58.72 -59.42 -1.16
C ALA D 110 -57.37 -59.98 -0.74
N LYS D 111 -56.33 -59.66 -1.49
CA LYS D 111 -54.98 -60.16 -1.22
C LYS D 111 -53.92 -59.06 -1.31
N PRO D 112 -54.01 -58.02 -0.46
CA PRO D 112 -52.96 -56.99 -0.48
C PRO D 112 -51.68 -57.52 0.14
N TRP D 113 -50.83 -58.17 -0.63
CA TRP D 113 -49.61 -58.77 -0.10
C TRP D 113 -48.38 -57.96 -0.50
N TYR D 114 -47.40 -57.93 0.41
CA TYR D 114 -46.12 -57.27 0.20
C TYR D 114 -45.02 -58.26 0.57
N GLU D 115 -44.03 -58.43 -0.31
CA GLU D 115 -42.90 -59.28 0.05
C GLU D 115 -41.58 -58.66 -0.42
N PRO D 116 -40.68 -58.32 0.53
CA PRO D 116 -39.37 -57.75 0.14
C PRO D 116 -38.25 -58.79 0.05
N ILE D 117 -37.20 -58.43 -0.69
CA ILE D 117 -36.01 -59.25 -0.86
C ILE D 117 -34.79 -58.34 -0.87
N TYR D 118 -33.77 -58.70 -0.09
CA TYR D 118 -32.55 -57.91 0.05
C TYR D 118 -31.35 -58.79 -0.28
N LEU D 119 -30.34 -58.18 -0.92
CA LEU D 119 -29.14 -58.87 -1.34
C LEU D 119 -27.92 -58.04 -0.94
N GLY D 120 -26.84 -58.71 -0.54
CA GLY D 120 -25.62 -57.98 -0.20
C GLY D 120 -24.37 -58.84 -0.16
N GLY D 121 -23.24 -58.28 -0.59
CA GLY D 121 -21.99 -59.02 -0.59
C GLY D 121 -20.83 -58.16 -1.03
N VAL D 122 -19.63 -58.67 -0.79
CA VAL D 122 -18.38 -58.00 -1.12
C VAL D 122 -17.75 -58.73 -2.31
N PHE D 123 -17.24 -57.97 -3.26
CA PHE D 123 -16.67 -58.54 -4.46
C PHE D 123 -15.48 -57.73 -4.92
N GLN D 124 -14.60 -58.36 -5.69
CA GLN D 124 -13.51 -57.67 -6.37
C GLN D 124 -13.96 -57.40 -7.80
N LEU D 125 -14.09 -56.12 -8.15
CA LEU D 125 -14.53 -55.70 -9.47
C LEU D 125 -13.42 -54.92 -10.15
N GLU D 126 -13.41 -54.97 -11.48
CA GLU D 126 -12.39 -54.31 -12.30
C GLU D 126 -12.97 -53.13 -13.07
N LYS D 127 -12.07 -52.38 -13.70
CA LYS D 127 -12.46 -51.23 -14.51
C LYS D 127 -13.35 -51.66 -15.67
N GLY D 128 -14.46 -50.94 -15.84
CA GLY D 128 -15.37 -51.19 -16.93
C GLY D 128 -16.37 -52.29 -16.68
N ASP D 129 -16.34 -52.95 -15.54
CA ASP D 129 -17.36 -53.95 -15.26
C ASP D 129 -18.72 -53.28 -15.12
N ARG D 130 -19.74 -53.89 -15.71
CA ARG D 130 -21.10 -53.33 -15.66
C ARG D 130 -21.98 -54.25 -14.83
N LEU D 131 -22.41 -53.73 -13.69
CA LEU D 131 -23.27 -54.41 -12.74
C LEU D 131 -24.72 -54.00 -13.00
N SER D 132 -25.64 -54.95 -12.82
CA SER D 132 -27.06 -54.67 -13.06
C SER D 132 -27.91 -55.42 -12.06
N ALA D 133 -28.82 -54.70 -11.40
CA ALA D 133 -29.81 -55.31 -10.51
C ALA D 133 -31.13 -55.40 -11.26
N GLU D 134 -31.69 -56.60 -11.32
CA GLU D 134 -32.86 -56.87 -12.14
C GLU D 134 -33.80 -57.83 -11.43
N ILE D 135 -35.05 -57.82 -11.87
CA ILE D 135 -36.11 -58.66 -11.34
C ILE D 135 -36.86 -59.28 -12.51
N ASN D 136 -37.48 -60.44 -12.28
CA ASN D 136 -38.08 -61.16 -13.40
C ASN D 136 -39.48 -60.66 -13.72
N ARG D 137 -40.22 -60.21 -12.71
CA ARG D 137 -41.59 -59.71 -12.87
C ARG D 137 -41.63 -58.26 -12.43
N PRO D 138 -41.29 -57.32 -13.32
CA PRO D 138 -41.37 -55.89 -12.97
C PRO D 138 -42.78 -55.32 -12.95
N ASP D 139 -43.82 -56.14 -12.98
CA ASP D 139 -45.19 -55.66 -12.89
C ASP D 139 -45.73 -55.59 -11.47
N TYR D 140 -45.02 -56.16 -10.50
CA TYR D 140 -45.43 -56.09 -9.10
C TYR D 140 -44.55 -55.15 -8.28
N LEU D 141 -43.70 -54.36 -8.95
CA LEU D 141 -42.81 -53.45 -8.24
C LEU D 141 -43.61 -52.35 -7.56
N ASP D 142 -43.29 -52.10 -6.28
CA ASP D 142 -43.92 -51.04 -5.49
C ASP D 142 -42.92 -49.95 -5.14
N PHE D 143 -42.81 -48.97 -6.03
CA PHE D 143 -42.05 -47.75 -5.75
C PHE D 143 -42.98 -46.64 -5.27
N ALA D 144 -44.06 -47.02 -4.57
CA ALA D 144 -45.04 -46.04 -4.13
C ALA D 144 -44.47 -45.14 -3.05
N GLU D 145 -43.78 -45.70 -2.07
CA GLU D 145 -43.20 -44.82 -1.06
C GLU D 145 -41.73 -44.56 -1.34
N SER D 146 -40.95 -44.27 -0.30
CA SER D 146 -39.59 -43.81 -0.49
C SER D 146 -38.58 -44.85 -0.01
N GLY D 147 -37.55 -45.05 -0.82
CA GLY D 147 -36.49 -45.99 -0.50
C GLY D 147 -36.98 -47.37 -0.17
N GLN D 148 -37.99 -47.86 -0.90
CA GLN D 148 -38.43 -49.23 -0.77
C GLN D 148 -37.82 -50.14 -1.81
N VAL D 149 -37.35 -49.56 -2.93
CA VAL D 149 -36.61 -50.26 -3.96
C VAL D 149 -35.36 -49.45 -4.24
N TYR D 150 -34.20 -50.12 -4.21
CA TYR D 150 -32.94 -49.42 -4.39
C TYR D 150 -31.87 -50.43 -4.76
N PHE D 151 -30.69 -49.90 -5.08
CA PHE D 151 -29.55 -50.64 -5.60
C PHE D 151 -28.32 -49.74 -5.52
N GLY D 152 -27.22 -50.24 -4.98
CA GLY D 152 -26.07 -49.39 -4.80
C GLY D 152 -24.80 -50.18 -4.59
N ILE D 153 -23.68 -49.50 -4.79
CA ILE D 153 -22.36 -50.06 -4.55
C ILE D 153 -21.53 -49.03 -3.78
N ILE D 154 -20.54 -49.54 -3.05
CA ILE D 154 -19.62 -48.70 -2.29
C ILE D 154 -18.26 -49.37 -2.24
N ALA D 155 -17.20 -48.60 -2.54
CA ALA D 155 -15.84 -49.10 -2.55
C ALA D 155 -15.34 -49.22 -1.11
N LEU D 156 -15.10 -50.45 -0.67
CA LEU D 156 -14.57 -50.71 0.67
C LEU D 156 -13.05 -50.59 0.67
N SER E 2 -2.34 -64.17 -14.75
CA SER E 2 -2.72 -62.81 -15.09
C SER E 2 -2.16 -61.80 -14.08
N SER E 3 -1.59 -60.72 -14.60
CA SER E 3 -0.99 -59.70 -13.74
C SER E 3 -2.07 -58.73 -13.27
N SER E 4 -2.05 -58.41 -11.98
CA SER E 4 -3.01 -57.51 -11.36
C SER E 4 -2.32 -56.19 -11.03
N ARG E 5 -3.09 -55.10 -11.14
CA ARG E 5 -2.55 -53.76 -10.96
C ARG E 5 -3.08 -53.07 -9.70
N THR E 6 -3.65 -53.83 -8.77
CA THR E 6 -4.22 -53.27 -7.56
C THR E 6 -3.74 -54.05 -6.33
N PRO E 7 -2.72 -53.56 -5.63
CA PRO E 7 -2.33 -54.18 -4.36
C PRO E 7 -3.33 -53.88 -3.26
N SER E 8 -4.37 -54.70 -3.15
CA SER E 8 -5.42 -54.49 -2.16
C SER E 8 -5.17 -55.31 -0.90
N ASP E 9 -5.76 -54.86 0.19
CA ASP E 9 -5.58 -55.55 1.46
C ASP E 9 -6.94 -55.50 2.15
N LYS E 10 -6.98 -55.15 3.44
CA LYS E 10 -8.18 -55.25 4.26
C LYS E 10 -8.61 -56.71 4.25
N PRO E 11 -8.39 -57.46 5.33
CA PRO E 11 -8.78 -58.88 5.34
C PRO E 11 -10.23 -59.06 4.92
N VAL E 12 -10.43 -59.97 3.96
CA VAL E 12 -11.72 -60.16 3.32
C VAL E 12 -11.93 -61.65 3.02
N ALA E 13 -13.21 -62.01 2.92
CA ALA E 13 -13.63 -63.36 2.59
C ALA E 13 -15.07 -63.29 2.11
N HIS E 14 -15.36 -64.00 1.03
CA HIS E 14 -16.73 -64.16 0.54
C HIS E 14 -16.81 -65.57 -0.03
N VAL E 15 -17.34 -66.48 0.75
CA VAL E 15 -17.43 -67.89 0.38
C VAL E 15 -18.87 -68.19 0.04
N VAL E 16 -19.05 -69.12 -0.91
CA VAL E 16 -20.37 -69.51 -1.39
C VAL E 16 -20.47 -71.01 -1.21
N ALA E 17 -21.69 -71.51 -1.00
CA ALA E 17 -21.90 -72.92 -0.71
C ALA E 17 -21.55 -73.81 -1.91
N ASN E 18 -21.12 -75.02 -1.60
CA ASN E 18 -20.80 -76.03 -2.60
C ASN E 18 -22.07 -76.70 -3.12
N PRO E 19 -22.38 -76.59 -4.42
CA PRO E 19 -23.55 -77.29 -4.95
C PRO E 19 -23.33 -78.79 -5.05
N GLN E 20 -22.10 -79.23 -5.33
CA GLN E 20 -21.84 -80.65 -5.49
C GLN E 20 -22.03 -81.37 -4.17
N ALA E 21 -21.82 -80.67 -3.06
CA ALA E 21 -22.09 -81.25 -1.76
C ALA E 21 -23.58 -81.55 -1.63
N GLU E 22 -23.88 -82.45 -0.70
CA GLU E 22 -25.22 -82.98 -0.52
C GLU E 22 -25.69 -82.75 0.91
N GLY E 23 -26.83 -82.07 1.05
CA GLY E 23 -27.45 -81.82 2.34
C GLY E 23 -26.53 -81.23 3.39
N GLN E 24 -25.56 -80.43 2.96
CA GLN E 24 -24.60 -79.82 3.88
C GLN E 24 -24.21 -78.46 3.33
N LEU E 25 -23.73 -77.60 4.22
CA LEU E 25 -23.36 -76.23 3.86
C LEU E 25 -21.83 -76.08 3.82
N GLN E 26 -21.24 -76.93 2.99
CA GLN E 26 -19.80 -76.94 2.80
C GLN E 26 -19.37 -75.72 2.00
N TRP E 27 -18.50 -74.91 2.59
CA TRP E 27 -18.05 -73.64 2.06
C TRP E 27 -16.81 -73.80 1.18
N LEU E 28 -16.81 -73.11 0.04
CA LEU E 28 -15.69 -73.12 -0.90
C LEU E 28 -15.16 -71.71 -1.15
N ASN E 29 -13.88 -71.64 -1.52
CA ASN E 29 -13.21 -70.39 -1.87
C ASN E 29 -12.66 -70.36 -3.29
N ARG E 30 -12.44 -71.51 -3.91
CA ARG E 30 -11.92 -71.58 -5.27
C ARG E 30 -13.04 -71.77 -6.29
N ARG E 31 -14.02 -70.85 -6.27
CA ARG E 31 -15.12 -70.89 -7.27
C ARG E 31 -15.50 -69.49 -7.70
N ALA E 32 -15.12 -69.13 -8.91
CA ALA E 32 -15.58 -67.92 -9.62
C ALA E 32 -15.48 -66.66 -8.75
N ASN E 33 -16.58 -66.03 -8.38
CA ASN E 33 -16.63 -64.75 -7.67
C ASN E 33 -16.59 -64.94 -6.15
N ALA E 34 -15.57 -65.67 -5.69
CA ALA E 34 -15.38 -65.89 -4.27
C ALA E 34 -13.98 -65.45 -3.84
N LEU E 35 -13.86 -65.03 -2.60
CA LEU E 35 -12.61 -64.49 -2.06
C LEU E 35 -12.31 -65.11 -0.70
N LEU E 36 -11.01 -65.22 -0.40
CA LEU E 36 -10.55 -65.65 0.92
C LEU E 36 -9.06 -65.28 0.98
N ALA E 37 -8.76 -64.09 1.51
CA ALA E 37 -7.41 -63.57 1.39
C ALA E 37 -7.08 -62.65 2.56
N ASN E 38 -5.81 -62.24 2.59
CA ASN E 38 -5.29 -61.27 3.55
C ASN E 38 -5.36 -61.79 4.98
N GLY E 39 -5.26 -63.11 5.15
CA GLY E 39 -5.10 -63.72 6.45
C GLY E 39 -6.28 -64.56 6.90
N VAL E 40 -7.48 -64.32 6.38
CA VAL E 40 -8.63 -65.14 6.77
C VAL E 40 -8.45 -66.55 6.23
N GLU E 41 -8.52 -67.53 7.12
CA GLU E 41 -8.49 -68.93 6.74
C GLU E 41 -9.86 -69.55 7.01
N LEU E 42 -10.22 -70.52 6.18
CA LEU E 42 -11.44 -71.29 6.35
C LEU E 42 -11.03 -72.62 6.96
N ARG E 43 -11.26 -72.76 8.26
CA ARG E 43 -10.94 -73.99 8.97
C ARG E 43 -12.14 -74.91 8.87
N ASP E 44 -12.84 -75.11 10.00
CA ASP E 44 -13.92 -76.08 10.07
C ASP E 44 -15.25 -75.41 9.67
N ASN E 45 -15.34 -75.07 8.38
CA ASN E 45 -16.48 -74.30 7.88
C ASN E 45 -16.69 -73.04 8.71
N GLN E 46 -15.57 -72.48 9.20
CA GLN E 46 -15.56 -71.34 10.09
C GLN E 46 -14.51 -70.37 9.59
N LEU E 47 -14.81 -69.08 9.65
CA LEU E 47 -13.86 -68.06 9.26
C LEU E 47 -13.09 -67.62 10.49
N VAL E 48 -11.77 -67.58 10.37
CA VAL E 48 -10.88 -67.24 11.47
C VAL E 48 -10.36 -65.84 11.22
N VAL E 49 -10.69 -64.92 12.11
CA VAL E 49 -10.33 -63.50 11.94
C VAL E 49 -8.83 -63.34 12.11
N PRO E 50 -8.14 -62.68 11.18
CA PRO E 50 -6.68 -62.59 11.25
C PRO E 50 -6.17 -61.38 12.01
N SER E 51 -7.03 -60.39 12.24
CA SER E 51 -6.60 -59.16 12.88
C SER E 51 -7.77 -58.47 13.59
N GLU E 52 -7.46 -57.74 14.65
CA GLU E 52 -8.45 -57.01 15.42
C GLU E 52 -8.94 -55.79 14.64
N GLY E 53 -10.20 -55.46 14.87
CA GLY E 53 -10.77 -54.30 14.26
C GLY E 53 -12.26 -54.47 14.14
N LEU E 54 -12.85 -53.56 13.37
CA LEU E 54 -14.26 -53.63 13.05
C LEU E 54 -14.44 -54.36 11.72
N TYR E 55 -15.30 -55.38 11.72
CA TYR E 55 -15.60 -56.15 10.53
C TYR E 55 -17.07 -56.06 10.21
N LEU E 56 -17.39 -56.26 8.93
CA LEU E 56 -18.76 -56.38 8.46
C LEU E 56 -19.03 -57.85 8.16
N ILE E 57 -20.02 -58.42 8.84
CA ILE E 57 -20.35 -59.83 8.72
C ILE E 57 -21.68 -59.93 7.99
N TYR E 58 -21.75 -60.80 6.99
CA TYR E 58 -22.99 -61.00 6.26
C TYR E 58 -23.05 -62.45 5.78
N SER E 59 -24.26 -62.92 5.54
CA SER E 59 -24.48 -64.25 5.03
C SER E 59 -25.90 -64.33 4.50
N GLN E 60 -26.09 -65.11 3.45
CA GLN E 60 -27.40 -65.34 2.88
C GLN E 60 -27.65 -66.84 2.76
N VAL E 61 -28.90 -67.24 2.98
CA VAL E 61 -29.33 -68.62 2.82
C VAL E 61 -30.62 -68.63 2.01
N LEU E 62 -30.73 -69.60 1.11
CA LEU E 62 -31.95 -69.81 0.34
C LEU E 62 -32.53 -71.17 0.75
N PHE E 63 -33.75 -71.15 1.26
CA PHE E 63 -34.45 -72.37 1.62
C PHE E 63 -35.55 -72.64 0.59
N LYS E 64 -35.59 -73.87 0.11
CA LYS E 64 -36.63 -74.31 -0.81
C LYS E 64 -37.05 -75.71 -0.39
N GLY E 65 -38.35 -75.94 -0.34
CA GLY E 65 -38.87 -77.26 -0.03
C GLY E 65 -40.04 -77.59 -0.93
N GLN E 66 -40.95 -78.42 -0.43
CA GLN E 66 -42.10 -78.85 -1.23
C GLN E 66 -43.05 -79.66 -0.36
N GLY E 67 -44.20 -79.07 -0.06
CA GLY E 67 -45.20 -79.67 0.80
C GLY E 67 -44.79 -79.54 2.26
N CYS E 68 -45.77 -79.49 3.16
CA CYS E 68 -45.53 -79.31 4.59
C CYS E 68 -45.87 -80.57 5.35
N PRO E 69 -44.89 -81.37 5.77
CA PRO E 69 -45.22 -82.61 6.48
C PRO E 69 -45.63 -82.37 7.93
N SER E 70 -44.88 -81.55 8.66
CA SER E 70 -45.17 -81.27 10.06
C SER E 70 -46.01 -80.01 10.25
N THR E 71 -46.30 -79.28 9.18
CA THR E 71 -47.17 -78.09 9.19
C THR E 71 -46.59 -76.91 9.97
N HIS E 72 -45.69 -77.15 10.94
CA HIS E 72 -45.10 -76.06 11.74
C HIS E 72 -43.59 -76.27 11.75
N VAL E 73 -42.93 -75.82 10.69
CA VAL E 73 -41.49 -75.88 10.55
C VAL E 73 -40.90 -74.50 10.81
N LEU E 74 -39.79 -74.46 11.56
CA LEU E 74 -39.10 -73.22 11.85
C LEU E 74 -37.71 -73.28 11.23
N LEU E 75 -37.41 -72.32 10.35
CA LEU E 75 -36.12 -72.24 9.68
C LEU E 75 -35.26 -71.20 10.38
N THR E 76 -34.03 -71.60 10.72
CA THR E 76 -33.12 -70.74 11.46
C THR E 76 -31.84 -70.53 10.65
N HIS E 77 -31.23 -69.37 10.89
CA HIS E 77 -29.98 -68.98 10.24
C HIS E 77 -29.29 -68.01 11.18
N THR E 78 -28.12 -68.38 11.66
CA THR E 78 -27.40 -67.59 12.66
C THR E 78 -25.93 -67.57 12.31
N ILE E 79 -25.30 -66.43 12.56
CA ILE E 79 -23.85 -66.29 12.49
C ILE E 79 -23.33 -66.21 13.91
N SER E 80 -22.44 -67.12 14.27
CA SER E 80 -21.95 -67.21 15.64
C SER E 80 -20.48 -66.86 15.68
N ARG E 81 -20.01 -66.52 16.88
CA ARG E 81 -18.62 -66.18 17.12
C ARG E 81 -18.20 -66.84 18.42
N ILE E 82 -17.16 -67.66 18.36
CA ILE E 82 -16.48 -68.17 19.54
C ILE E 82 -15.12 -67.49 19.57
N ALA E 83 -14.90 -66.67 20.58
CA ALA E 83 -13.74 -65.80 20.66
C ALA E 83 -12.70 -66.37 21.63
N VAL E 84 -11.46 -65.89 21.46
CA VAL E 84 -10.40 -66.27 22.38
C VAL E 84 -10.66 -65.67 23.75
N SER E 85 -11.35 -64.53 23.82
CA SER E 85 -11.62 -63.88 25.09
C SER E 85 -12.75 -64.57 25.86
N TYR E 86 -13.76 -65.09 25.16
CA TYR E 86 -14.86 -65.82 25.79
C TYR E 86 -15.17 -67.02 24.92
N GLN E 87 -14.71 -68.20 25.35
CA GLN E 87 -14.71 -69.40 24.51
C GLN E 87 -16.04 -70.14 24.47
N THR E 88 -17.14 -69.43 24.29
CA THR E 88 -18.44 -70.07 24.11
C THR E 88 -19.07 -69.50 22.84
N LYS E 89 -19.68 -70.37 22.06
CA LYS E 89 -20.30 -69.98 20.80
C LYS E 89 -21.55 -69.16 21.09
N VAL E 90 -21.54 -67.89 20.65
CA VAL E 90 -22.65 -66.97 20.87
C VAL E 90 -23.16 -66.46 19.52
N ASN E 91 -24.46 -66.20 19.49
CA ASN E 91 -25.11 -65.74 18.26
C ASN E 91 -24.86 -64.25 18.09
N LEU E 92 -24.37 -63.85 16.91
CA LEU E 92 -24.22 -62.44 16.59
C LEU E 92 -25.43 -61.90 15.83
N LEU E 93 -25.87 -62.65 14.82
CA LEU E 93 -27.04 -62.34 14.02
C LEU E 93 -27.86 -63.61 13.89
N SER E 94 -29.18 -63.48 14.01
CA SER E 94 -30.03 -64.66 13.97
C SER E 94 -31.38 -64.28 13.39
N ALA E 95 -32.05 -65.25 12.80
CA ALA E 95 -33.37 -65.04 12.23
C ALA E 95 -34.13 -66.35 12.23
N ILE E 96 -35.45 -66.24 12.37
CA ILE E 96 -36.35 -67.38 12.36
C ILE E 96 -37.41 -67.09 11.32
N LYS E 97 -37.87 -68.13 10.63
CA LYS E 97 -38.90 -67.94 9.61
C LYS E 97 -39.75 -69.19 9.52
N SER E 98 -41.07 -68.99 9.46
CA SER E 98 -41.98 -70.11 9.30
C SER E 98 -42.40 -70.16 7.84
N PRO E 99 -41.97 -71.18 7.08
CA PRO E 99 -42.21 -71.14 5.63
C PRO E 99 -43.61 -71.59 5.27
N CYS E 100 -44.19 -72.47 6.10
CA CYS E 100 -45.49 -73.06 5.84
C CYS E 100 -46.40 -72.68 7.01
N GLN E 101 -47.41 -71.86 6.73
CA GLN E 101 -48.32 -71.38 7.75
C GLN E 101 -49.55 -72.29 7.83
N ARG E 102 -49.45 -73.28 8.73
CA ARG E 102 -50.42 -74.35 9.02
C ARG E 102 -50.82 -75.21 7.83
N GLU E 103 -51.85 -74.78 7.10
CA GLU E 103 -52.43 -75.49 5.96
C GLU E 103 -51.40 -76.23 5.12
N THR E 104 -51.54 -77.55 5.10
CA THR E 104 -50.68 -78.46 4.34
C THR E 104 -51.53 -79.18 3.31
N PRO E 105 -51.34 -78.93 2.02
CA PRO E 105 -52.22 -79.51 1.00
C PRO E 105 -52.33 -81.03 1.10
N GLU E 106 -53.46 -81.52 1.60
CA GLU E 106 -53.64 -82.95 1.87
C GLU E 106 -54.31 -83.59 0.67
N GLY E 107 -53.50 -84.13 -0.24
CA GLY E 107 -54.01 -84.90 -1.36
C GLY E 107 -53.52 -84.47 -2.73
N ALA E 108 -53.21 -83.18 -2.88
CA ALA E 108 -52.74 -82.68 -4.16
C ALA E 108 -51.21 -82.67 -4.18
N GLU E 109 -50.65 -82.24 -5.31
CA GLU E 109 -49.21 -82.37 -5.49
C GLU E 109 -48.61 -81.10 -6.07
N ALA E 110 -47.27 -81.05 -6.03
CA ALA E 110 -46.45 -79.97 -6.57
C ALA E 110 -46.76 -78.61 -5.95
N LYS E 111 -45.87 -78.12 -5.08
CA LYS E 111 -45.97 -76.86 -4.37
C LYS E 111 -44.62 -76.55 -3.76
N PRO E 112 -43.60 -76.29 -4.57
CA PRO E 112 -42.28 -75.95 -4.01
C PRO E 112 -42.30 -74.55 -3.41
N TRP E 113 -41.92 -74.44 -2.15
CA TRP E 113 -41.92 -73.14 -1.51
C TRP E 113 -40.49 -72.59 -1.45
N TYR E 114 -40.38 -71.27 -1.55
CA TYR E 114 -39.08 -70.60 -1.47
C TYR E 114 -39.15 -69.54 -0.39
N GLU E 115 -38.19 -69.58 0.53
CA GLU E 115 -38.06 -68.58 1.57
C GLU E 115 -36.58 -68.28 1.80
N PRO E 116 -36.11 -67.06 1.50
CA PRO E 116 -34.70 -66.72 1.78
C PRO E 116 -34.52 -65.98 3.10
N ILE E 117 -33.29 -65.96 3.61
CA ILE E 117 -32.97 -65.25 4.84
C ILE E 117 -31.62 -64.58 4.65
N TYR E 118 -31.54 -63.29 5.01
CA TYR E 118 -30.33 -62.51 4.88
C TYR E 118 -29.97 -61.89 6.22
N LEU E 119 -28.67 -61.86 6.51
CA LEU E 119 -28.14 -61.35 7.76
C LEU E 119 -26.94 -60.45 7.49
N GLY E 120 -26.81 -59.38 8.26
CA GLY E 120 -25.69 -58.48 8.12
C GLY E 120 -25.51 -57.55 9.30
N GLY E 121 -24.25 -57.24 9.65
CA GLY E 121 -24.02 -56.33 10.75
C GLY E 121 -22.54 -56.07 10.92
N VAL E 122 -22.24 -55.05 11.72
CA VAL E 122 -20.87 -54.65 12.02
C VAL E 122 -20.54 -55.05 13.45
N PHE E 123 -19.35 -55.62 13.66
CA PHE E 123 -18.95 -56.09 14.97
C PHE E 123 -17.46 -55.89 15.18
N GLN E 124 -17.07 -55.90 16.45
CA GLN E 124 -15.67 -55.88 16.84
C GLN E 124 -15.20 -57.32 17.02
N LEU E 125 -14.25 -57.74 16.20
CA LEU E 125 -13.69 -59.07 16.26
C LEU E 125 -12.21 -58.96 16.62
N GLU E 126 -11.72 -59.99 17.28
CA GLU E 126 -10.33 -60.07 17.69
C GLU E 126 -9.60 -61.13 16.90
N LYS E 127 -8.28 -61.14 17.05
CA LYS E 127 -7.45 -62.14 16.41
C LYS E 127 -7.82 -63.53 16.94
N GLY E 128 -8.01 -64.48 16.02
CA GLY E 128 -8.32 -65.83 16.40
C GLY E 128 -9.77 -66.13 16.66
N ASP E 129 -10.66 -65.14 16.54
CA ASP E 129 -12.09 -65.41 16.71
C ASP E 129 -12.58 -66.31 15.58
N ARG E 130 -13.49 -67.21 15.93
CA ARG E 130 -14.02 -68.19 14.99
C ARG E 130 -15.48 -67.87 14.71
N LEU E 131 -15.76 -67.38 13.51
CA LEU E 131 -17.11 -67.08 13.07
C LEU E 131 -17.66 -68.24 12.26
N SER E 132 -18.98 -68.46 12.39
CA SER E 132 -19.63 -69.61 11.78
C SER E 132 -21.01 -69.23 11.25
N ALA E 133 -21.29 -69.61 10.00
CA ALA E 133 -22.61 -69.45 9.40
C ALA E 133 -23.32 -70.78 9.51
N GLU E 134 -24.54 -70.78 10.04
CA GLU E 134 -25.21 -72.02 10.41
C GLU E 134 -26.69 -71.98 10.04
N ILE E 135 -27.25 -73.18 9.82
CA ILE E 135 -28.66 -73.37 9.55
C ILE E 135 -29.12 -74.63 10.29
N ASN E 136 -30.42 -74.70 10.55
CA ASN E 136 -30.99 -75.81 11.30
C ASN E 136 -31.35 -77.01 10.45
N ARG E 137 -31.79 -76.79 9.21
CA ARG E 137 -32.25 -77.84 8.30
C ARG E 137 -31.41 -77.85 7.03
N PRO E 138 -30.29 -78.57 6.99
CA PRO E 138 -29.49 -78.60 5.75
C PRO E 138 -30.10 -79.45 4.64
N ASP E 139 -31.32 -79.95 4.81
CA ASP E 139 -32.02 -80.70 3.78
C ASP E 139 -32.91 -79.82 2.91
N TYR E 140 -33.11 -78.56 3.29
CA TYR E 140 -33.89 -77.61 2.51
C TYR E 140 -33.00 -76.59 1.79
N LEU E 141 -31.69 -76.80 1.78
CA LEU E 141 -30.81 -75.84 1.12
C LEU E 141 -30.98 -75.86 -0.39
N ASP E 142 -31.05 -74.66 -0.97
CA ASP E 142 -31.08 -74.47 -2.41
C ASP E 142 -29.77 -73.79 -2.82
N PHE E 143 -28.73 -74.58 -3.06
CA PHE E 143 -27.50 -74.06 -3.62
C PHE E 143 -27.43 -74.24 -5.13
N ALA E 144 -28.60 -74.30 -5.77
CA ALA E 144 -28.65 -74.34 -7.23
C ALA E 144 -28.32 -72.96 -7.76
N GLU E 145 -27.95 -72.89 -9.04
CA GLU E 145 -27.57 -71.61 -9.66
C GLU E 145 -26.39 -71.06 -8.86
N SER E 146 -26.21 -69.74 -8.79
CA SER E 146 -25.09 -69.17 -8.06
C SER E 146 -25.58 -68.09 -7.10
N GLY E 147 -24.69 -67.70 -6.20
CA GLY E 147 -24.93 -66.70 -5.17
C GLY E 147 -26.30 -66.68 -4.51
N GLN E 148 -26.87 -67.85 -4.20
CA GLN E 148 -28.11 -67.91 -3.43
C GLN E 148 -27.86 -68.14 -1.95
N VAL E 149 -26.75 -68.79 -1.61
CA VAL E 149 -26.32 -68.96 -0.24
C VAL E 149 -24.82 -68.65 -0.19
N TYR E 150 -24.43 -67.78 0.73
CA TYR E 150 -23.05 -67.33 0.82
C TYR E 150 -22.81 -66.78 2.21
N PHE E 151 -21.55 -66.42 2.48
CA PHE E 151 -21.16 -66.03 3.83
C PHE E 151 -19.81 -65.34 3.72
N GLY E 152 -19.68 -64.18 4.35
CA GLY E 152 -18.44 -63.44 4.20
C GLY E 152 -18.25 -62.40 5.28
N ILE E 153 -17.00 -61.96 5.41
CA ILE E 153 -16.59 -60.89 6.30
C ILE E 153 -15.66 -59.97 5.55
N ILE E 154 -15.60 -58.71 5.99
CA ILE E 154 -14.73 -57.71 5.38
C ILE E 154 -14.25 -56.74 6.46
N ALA E 155 -12.95 -56.46 6.46
CA ALA E 155 -12.36 -55.53 7.41
C ALA E 155 -12.68 -54.12 6.94
N LEU E 156 -13.52 -53.42 7.70
CA LEU E 156 -13.86 -52.04 7.39
C LEU E 156 -12.82 -51.08 7.95
N ALA F 2 -23.03 -66.89 29.44
CA ALA F 2 -22.49 -66.97 30.79
C ALA F 2 -21.68 -65.72 31.14
N ARG F 3 -20.36 -65.81 30.97
CA ARG F 3 -19.40 -64.75 31.25
C ARG F 3 -19.22 -64.53 32.77
N VAL F 4 -20.20 -64.96 33.57
CA VAL F 4 -20.09 -64.97 35.03
C VAL F 4 -20.83 -66.19 35.57
N ASP F 5 -20.21 -66.88 36.53
CA ASP F 5 -20.77 -68.08 37.15
C ASP F 5 -20.86 -67.92 38.66
N GLN F 6 -22.08 -67.74 39.16
CA GLN F 6 -22.33 -67.77 40.59
C GLN F 6 -22.29 -69.22 41.06
N THR F 7 -21.51 -69.50 42.09
CA THR F 7 -21.26 -70.90 42.40
C THR F 7 -22.42 -71.48 43.22
N PRO F 8 -22.72 -70.97 44.43
CA PRO F 8 -23.82 -71.55 45.19
C PRO F 8 -25.18 -71.04 44.74
N GLN F 9 -25.87 -71.76 43.83
CA GLN F 9 -27.14 -71.24 43.35
C GLN F 9 -28.21 -71.33 44.44
N THR F 10 -28.16 -72.38 45.26
CA THR F 10 -29.06 -72.51 46.42
C THR F 10 -28.24 -72.59 47.69
N ILE F 11 -28.45 -71.65 48.62
CA ILE F 11 -27.83 -71.70 49.93
C ILE F 11 -28.94 -71.66 50.97
N THR F 12 -28.76 -72.42 52.05
CA THR F 12 -29.72 -72.47 53.17
C THR F 12 -28.94 -72.43 54.48
N LYS F 13 -28.93 -71.29 55.14
CA LYS F 13 -28.18 -71.15 56.38
C LYS F 13 -29.10 -70.81 57.54
N GLU F 14 -28.55 -70.91 58.74
CA GLU F 14 -29.25 -70.71 60.00
C GLU F 14 -28.97 -69.31 60.54
N THR F 15 -29.90 -68.78 61.34
CA THR F 15 -29.72 -67.45 61.92
C THR F 15 -28.44 -67.41 62.75
N GLY F 16 -27.55 -66.48 62.42
CA GLY F 16 -26.28 -66.36 63.11
C GLY F 16 -25.10 -66.92 62.35
N GLU F 17 -25.21 -67.10 61.04
CA GLU F 17 -24.22 -67.82 60.26
C GLU F 17 -23.52 -66.90 59.26
N SER F 18 -22.98 -67.49 58.19
CA SER F 18 -22.17 -66.76 57.22
C SER F 18 -22.26 -67.46 55.87
N LEU F 19 -22.76 -66.74 54.86
CA LEU F 19 -22.84 -67.25 53.50
C LEU F 19 -21.78 -66.62 52.60
N THR F 20 -21.12 -67.44 51.79
CA THR F 20 -20.21 -66.96 50.75
C THR F 20 -20.77 -67.26 49.36
N ILE F 21 -20.85 -66.22 48.52
CA ILE F 21 -21.28 -66.36 47.14
C ILE F 21 -20.07 -66.06 46.28
N ASN F 22 -19.71 -66.98 45.39
CA ASN F 22 -18.52 -66.82 44.55
C ASN F 22 -18.93 -66.62 43.10
N CYS F 23 -18.25 -65.71 42.42
CA CYS F 23 -18.48 -65.46 41.00
C CYS F 23 -17.14 -65.52 40.29
N VAL F 24 -17.10 -66.21 39.15
CA VAL F 24 -15.89 -66.35 38.35
C VAL F 24 -16.16 -65.75 36.98
N LEU F 25 -15.27 -64.87 36.54
CA LEU F 25 -15.41 -64.24 35.24
C LEU F 25 -14.87 -65.17 34.17
N ARG F 26 -15.64 -65.37 33.11
CA ARG F 26 -15.19 -66.16 31.99
C ARG F 26 -14.90 -65.31 30.77
N ASP F 27 -15.38 -64.08 30.76
CA ASP F 27 -15.05 -63.10 29.73
C ASP F 27 -13.81 -62.34 30.19
N SER F 28 -12.72 -62.45 29.43
CA SER F 28 -11.46 -61.82 29.83
C SER F 28 -11.44 -60.30 29.65
N HIS F 29 -12.54 -59.65 29.28
CA HIS F 29 -12.60 -58.19 29.17
C HIS F 29 -13.18 -57.53 30.41
N CYS F 30 -13.85 -58.28 31.27
CA CYS F 30 -14.44 -57.71 32.47
C CYS F 30 -13.37 -57.55 33.54
N ALA F 31 -13.54 -56.53 34.36
CA ALA F 31 -12.53 -56.20 35.36
C ALA F 31 -13.03 -56.64 36.72
N THR F 32 -12.17 -57.31 37.47
CA THR F 32 -12.47 -57.69 38.84
C THR F 32 -12.35 -56.52 39.79
N SER F 33 -12.06 -55.33 39.22
CA SER F 33 -11.93 -54.10 39.97
C SER F 33 -13.29 -53.44 40.17
N SER F 34 -14.17 -53.58 39.18
CA SER F 34 -15.52 -53.02 39.22
C SER F 34 -16.51 -54.14 39.52
N THR F 35 -16.54 -54.58 40.78
CA THR F 35 -17.43 -55.64 41.21
C THR F 35 -18.64 -55.00 41.86
N TYR F 36 -19.82 -55.60 41.66
CA TYR F 36 -21.07 -55.06 42.19
C TYR F 36 -21.89 -56.21 42.73
N TRP F 37 -22.66 -55.94 43.78
CA TRP F 37 -23.50 -56.94 44.41
C TRP F 37 -24.88 -56.33 44.62
N TYR F 38 -25.91 -57.12 44.36
CA TYR F 38 -27.30 -56.70 44.41
C TYR F 38 -28.13 -57.74 45.14
N ARG F 39 -28.99 -57.27 46.04
CA ARG F 39 -29.91 -58.13 46.77
C ARG F 39 -31.34 -57.72 46.46
N LYS F 40 -32.21 -58.71 46.31
CA LYS F 40 -33.64 -58.50 46.09
C LYS F 40 -34.33 -59.39 47.12
N LYS F 41 -34.83 -58.79 48.18
CA LYS F 41 -35.48 -59.55 49.24
C LYS F 41 -36.73 -60.26 48.73
N SER F 42 -36.84 -61.53 49.09
CA SER F 42 -37.97 -62.36 48.69
C SER F 42 -39.27 -61.60 48.86
N GLY F 43 -40.00 -61.43 47.78
CA GLY F 43 -41.27 -60.72 47.83
C GLY F 43 -41.20 -59.27 47.40
N SER F 44 -40.00 -58.73 47.22
CA SER F 44 -39.83 -57.34 46.83
C SER F 44 -39.47 -57.25 45.35
N THR F 45 -39.82 -56.12 44.75
CA THR F 45 -39.57 -55.87 43.33
C THR F 45 -38.46 -54.85 43.12
N ASN F 46 -37.62 -54.65 44.12
CA ASN F 46 -36.51 -53.72 44.07
C ASN F 46 -35.19 -54.47 44.21
N GLU F 47 -34.29 -54.27 43.27
CA GLU F 47 -32.92 -54.76 43.42
C GLU F 47 -32.13 -53.67 44.12
N GLU F 48 -31.68 -53.96 45.34
CA GLU F 48 -30.86 -53.01 46.08
C GLU F 48 -29.39 -53.34 45.89
N SER F 49 -28.55 -52.33 46.13
CA SER F 49 -27.11 -52.44 45.94
C SER F 49 -26.45 -52.71 47.29
N ILE F 50 -25.79 -53.86 47.39
CA ILE F 50 -25.11 -54.23 48.64
C ILE F 50 -23.84 -53.39 48.72
N SER F 51 -23.63 -52.76 49.88
CA SER F 51 -22.49 -51.87 50.08
C SER F 51 -21.37 -52.59 50.81
N LYS F 52 -20.29 -52.86 50.10
CA LYS F 52 -19.12 -53.56 50.64
C LYS F 52 -18.57 -52.83 51.86
N GLY F 53 -18.83 -53.38 53.05
CA GLY F 53 -18.35 -52.82 54.30
C GLY F 53 -19.07 -53.38 55.52
N GLY F 54 -18.28 -53.77 56.54
CA GLY F 54 -18.84 -54.27 57.78
C GLY F 54 -19.14 -55.77 57.73
N ARG F 55 -20.43 -56.08 57.57
CA ARG F 55 -20.88 -57.46 57.47
C ARG F 55 -20.57 -58.07 56.10
N TYR F 56 -20.34 -57.23 55.10
CA TYR F 56 -20.07 -57.64 53.72
C TYR F 56 -18.59 -57.50 53.43
N VAL F 57 -17.87 -58.63 53.41
CA VAL F 57 -16.46 -58.67 53.08
C VAL F 57 -16.33 -59.24 51.67
N GLU F 58 -15.49 -58.60 50.85
CA GLU F 58 -15.32 -58.99 49.46
C GLU F 58 -13.87 -59.39 49.20
N THR F 59 -13.69 -60.60 48.66
CA THR F 59 -12.38 -61.11 48.28
C THR F 59 -12.26 -61.25 46.77
N VAL F 60 -11.23 -60.63 46.18
CA VAL F 60 -11.03 -60.61 44.73
C VAL F 60 -9.61 -61.06 44.35
N ASN F 61 -9.49 -61.77 43.23
CA ASN F 61 -8.23 -62.18 42.61
C ASN F 61 -8.23 -61.79 41.14
N SER F 62 -7.32 -60.89 40.75
CA SER F 62 -7.28 -60.42 39.37
C SER F 62 -6.75 -61.49 38.40
N GLY F 63 -5.91 -62.40 38.89
CA GLY F 63 -5.34 -63.40 37.99
C GLY F 63 -6.35 -64.40 37.47
N SER F 64 -7.14 -64.99 38.36
CA SER F 64 -8.14 -65.97 37.98
C SER F 64 -9.49 -65.34 37.68
N LYS F 65 -9.58 -64.02 37.73
CA LYS F 65 -10.81 -63.28 37.44
C LYS F 65 -11.96 -63.77 38.32
N SER F 66 -11.67 -63.94 39.62
CA SER F 66 -12.67 -64.45 40.55
C SER F 66 -12.81 -63.53 41.75
N PHE F 67 -14.05 -63.32 42.18
CA PHE F 67 -14.38 -62.57 43.38
C PHE F 67 -15.48 -63.30 44.16
N SER F 68 -15.51 -63.07 45.47
CA SER F 68 -16.46 -63.69 46.37
C SER F 68 -17.11 -62.62 47.25
N LEU F 69 -18.21 -63.00 47.91
CA LEU F 69 -18.95 -62.09 48.79
C LEU F 69 -19.37 -62.86 50.04
N ARG F 70 -18.60 -62.71 51.11
CA ARG F 70 -18.93 -63.30 52.40
C ARG F 70 -19.79 -62.35 53.24
N ILE F 71 -20.90 -62.85 53.76
CA ILE F 71 -21.83 -62.12 54.61
C ILE F 71 -21.80 -62.74 55.99
N ASN F 72 -21.55 -61.94 57.03
CA ASN F 72 -21.57 -62.47 58.39
C ASN F 72 -22.91 -62.11 59.04
N ASP F 73 -22.98 -62.29 60.37
CA ASP F 73 -24.18 -62.11 61.19
C ASP F 73 -25.48 -62.19 60.40
N LEU F 74 -25.85 -63.40 59.97
CA LEU F 74 -27.04 -63.55 59.13
C LEU F 74 -28.30 -63.47 59.99
N THR F 75 -29.26 -62.67 59.53
CA THR F 75 -30.59 -62.62 60.10
C THR F 75 -31.56 -63.28 59.13
N VAL F 76 -32.85 -63.13 59.39
CA VAL F 76 -33.86 -63.67 58.48
C VAL F 76 -34.25 -62.64 57.45
N GLU F 77 -33.77 -61.41 57.58
CA GLU F 77 -33.99 -60.34 56.64
C GLU F 77 -32.93 -60.33 55.54
N ASP F 78 -31.97 -61.25 55.59
CA ASP F 78 -30.95 -61.37 54.57
C ASP F 78 -31.22 -62.53 53.60
N SER F 79 -32.50 -62.86 53.40
CA SER F 79 -32.91 -63.94 52.52
C SER F 79 -33.49 -63.36 51.24
N GLY F 80 -32.86 -63.66 50.12
CA GLY F 80 -33.30 -63.10 48.85
C GLY F 80 -32.41 -63.59 47.73
N THR F 81 -32.66 -63.07 46.54
CA THR F 81 -31.87 -63.42 45.37
C THR F 81 -30.71 -62.44 45.24
N TYR F 82 -29.48 -62.96 45.33
CA TYR F 82 -28.27 -62.16 45.25
C TYR F 82 -27.62 -62.31 43.88
N ARG F 83 -27.27 -61.18 43.27
CA ARG F 83 -26.56 -61.19 41.99
C ARG F 83 -25.25 -60.42 42.10
N CYS F 84 -24.26 -60.86 41.33
CA CYS F 84 -22.99 -60.18 41.18
C CYS F 84 -22.92 -59.54 39.80
N ALA F 85 -22.03 -58.55 39.66
CA ALA F 85 -21.95 -57.79 38.44
C ALA F 85 -20.51 -57.36 38.20
N SER F 86 -20.20 -57.06 36.95
CA SER F 86 -18.86 -56.61 36.59
C SER F 86 -18.96 -55.70 35.37
N GLU F 87 -18.03 -54.77 35.28
CA GLU F 87 -17.97 -53.83 34.16
C GLU F 87 -16.89 -54.30 33.20
N CYS F 88 -17.30 -54.63 31.98
CA CYS F 88 -16.40 -55.12 30.96
C CYS F 88 -16.20 -54.03 29.91
N GLN F 89 -14.99 -53.98 29.37
CA GLN F 89 -14.64 -52.97 28.38
C GLN F 89 -13.38 -53.41 27.65
N TYR F 90 -13.46 -53.49 26.33
CA TYR F 90 -12.29 -53.81 25.51
C TYR F 90 -11.95 -52.58 24.69
N GLY F 91 -11.71 -52.68 23.38
CA GLY F 91 -11.39 -51.55 22.55
C GLY F 91 -12.49 -50.51 22.53
N LEU F 92 -13.36 -50.56 21.52
CA LEU F 92 -14.53 -49.68 21.44
C LEU F 92 -15.77 -50.22 22.17
N ALA F 93 -15.69 -51.38 22.81
CA ALA F 93 -16.87 -52.02 23.39
C ALA F 93 -16.84 -51.91 24.92
N GLU F 94 -17.99 -51.60 25.51
CA GLU F 94 -18.13 -51.59 26.96
C GLU F 94 -19.52 -52.09 27.32
N TYR F 95 -19.58 -53.10 28.19
CA TYR F 95 -20.81 -53.77 28.57
C TYR F 95 -20.69 -54.21 30.02
N ASP F 96 -21.75 -54.83 30.54
CA ASP F 96 -21.73 -55.34 31.90
C ASP F 96 -22.35 -56.74 31.94
N VAL F 97 -22.06 -57.47 33.01
CA VAL F 97 -22.40 -58.88 33.11
C VAL F 97 -22.95 -59.17 34.50
N TYR F 98 -23.77 -60.22 34.59
CA TYR F 98 -24.45 -60.60 35.82
C TYR F 98 -24.46 -62.11 36.00
N GLY F 99 -25.00 -62.55 37.14
CA GLY F 99 -25.19 -63.95 37.45
C GLY F 99 -26.55 -64.23 38.05
N GLY F 100 -26.57 -65.06 39.09
CA GLY F 100 -27.79 -65.33 39.84
C GLY F 100 -27.62 -66.44 40.84
N GLY F 101 -28.21 -66.30 42.03
CA GLY F 101 -28.02 -67.28 43.08
C GLY F 101 -28.76 -66.92 44.36
N THR F 102 -29.50 -67.89 44.92
CA THR F 102 -30.55 -67.65 45.89
C THR F 102 -30.13 -68.03 47.31
N VAL F 103 -30.58 -67.22 48.29
CA VAL F 103 -30.30 -67.41 49.70
C VAL F 103 -31.61 -67.44 50.47
N VAL F 104 -31.75 -68.39 51.40
CA VAL F 104 -32.89 -68.48 52.31
C VAL F 104 -32.34 -68.75 53.72
N THR F 105 -32.77 -67.94 54.69
CA THR F 105 -32.31 -68.06 56.07
C THR F 105 -33.48 -68.35 56.99
N VAL F 106 -33.35 -69.41 57.80
CA VAL F 106 -34.34 -69.79 58.79
C VAL F 106 -33.87 -69.38 60.18
N ASN F 107 -34.82 -69.21 61.09
CA ASN F 107 -34.55 -68.74 62.45
C ASN F 107 -34.14 -69.89 63.36
N ALA F 108 -33.57 -69.55 64.51
CA ALA F 108 -33.16 -70.53 65.50
C ALA F 108 -34.24 -70.86 66.51
N ALA F 109 -35.19 -69.96 66.74
CA ALA F 109 -36.33 -70.18 67.64
C ALA F 109 -35.88 -70.60 69.03
N ALA G 2 -19.45 -70.88 -21.42
CA ALA G 2 -18.93 -70.55 -20.10
C ALA G 2 -17.46 -70.17 -20.18
N ARG G 3 -16.83 -70.05 -19.00
CA ARG G 3 -15.43 -69.63 -18.94
C ARG G 3 -14.49 -70.62 -19.62
N VAL G 4 -14.89 -71.87 -19.76
CA VAL G 4 -14.11 -72.86 -20.49
C VAL G 4 -15.08 -73.54 -21.44
N ASP G 5 -14.68 -73.73 -22.69
CA ASP G 5 -15.57 -74.29 -23.70
C ASP G 5 -14.99 -75.62 -24.15
N GLN G 6 -15.52 -76.71 -23.61
CA GLN G 6 -15.15 -78.03 -24.09
C GLN G 6 -15.95 -78.25 -25.36
N THR G 7 -15.26 -78.38 -26.48
CA THR G 7 -15.95 -78.32 -27.76
C THR G 7 -16.54 -79.66 -28.20
N PRO G 8 -15.75 -80.75 -28.31
CA PRO G 8 -16.36 -82.00 -28.81
C PRO G 8 -17.20 -82.71 -27.76
N GLN G 9 -18.47 -82.33 -27.70
CA GLN G 9 -19.46 -82.91 -26.80
C GLN G 9 -20.07 -84.17 -27.41
N THR G 10 -20.47 -85.09 -26.53
CA THR G 10 -21.14 -86.36 -26.84
C THR G 10 -20.71 -86.96 -28.17
N ILE G 11 -19.45 -87.34 -28.28
CA ILE G 11 -18.92 -88.00 -29.47
C ILE G 11 -19.13 -89.50 -29.30
N THR G 12 -19.41 -90.17 -30.40
CA THR G 12 -19.57 -91.64 -30.40
C THR G 12 -18.78 -92.18 -31.59
N LYS G 13 -17.63 -92.76 -31.31
CA LYS G 13 -16.78 -93.31 -32.36
C LYS G 13 -16.55 -94.81 -32.17
N GLU G 14 -15.58 -95.31 -32.90
CA GLU G 14 -15.17 -96.70 -32.93
C GLU G 14 -13.97 -96.91 -32.03
N THR G 15 -13.77 -98.17 -31.63
CA THR G 15 -12.59 -98.59 -30.87
C THR G 15 -11.32 -98.31 -31.67
N GLY G 16 -11.13 -97.06 -32.07
CA GLY G 16 -10.00 -96.66 -32.88
C GLY G 16 -9.02 -95.78 -32.16
N GLU G 17 -9.18 -94.46 -32.28
CA GLU G 17 -8.24 -93.49 -31.71
C GLU G 17 -8.61 -92.05 -32.03
N SER G 18 -7.60 -91.18 -31.95
CA SER G 18 -7.70 -89.75 -32.22
C SER G 18 -8.95 -89.13 -31.59
N LEU G 19 -9.22 -89.50 -30.34
CA LEU G 19 -10.32 -88.91 -29.57
C LEU G 19 -9.86 -87.58 -29.00
N THR G 20 -9.67 -86.62 -29.90
CA THR G 20 -9.29 -85.28 -29.49
C THR G 20 -10.49 -84.51 -28.96
N ILE G 21 -10.35 -84.02 -27.73
CA ILE G 21 -11.31 -83.12 -27.11
C ILE G 21 -10.58 -81.80 -26.89
N ASN G 22 -11.13 -80.72 -27.43
CA ASN G 22 -10.53 -79.40 -27.34
C ASN G 22 -11.32 -78.53 -26.38
N CYS G 23 -10.62 -77.72 -25.60
CA CYS G 23 -11.23 -76.78 -24.68
C CYS G 23 -10.67 -75.39 -24.96
N VAL G 24 -11.54 -74.39 -24.94
CA VAL G 24 -11.18 -73.01 -25.25
C VAL G 24 -11.36 -72.17 -24.00
N LEU G 25 -10.30 -71.47 -23.59
CA LEU G 25 -10.38 -70.60 -22.43
C LEU G 25 -10.95 -69.25 -22.81
N ARG G 26 -11.94 -68.78 -22.05
CA ARG G 26 -12.53 -67.48 -22.27
C ARG G 26 -12.24 -66.46 -21.18
N ASP G 27 -11.87 -66.89 -19.98
CA ASP G 27 -11.56 -65.96 -18.91
C ASP G 27 -10.08 -65.62 -18.96
N SER G 28 -9.78 -64.33 -19.17
CA SER G 28 -8.39 -63.88 -19.32
C SER G 28 -7.62 -63.91 -18.02
N HIS G 29 -8.18 -64.45 -16.93
CA HIS G 29 -7.43 -64.65 -15.70
C HIS G 29 -6.87 -66.06 -15.59
N CYS G 30 -7.43 -67.00 -16.35
CA CYS G 30 -6.97 -68.38 -16.35
C CYS G 30 -5.80 -68.55 -17.31
N ALA G 31 -4.87 -69.42 -16.94
CA ALA G 31 -3.66 -69.67 -17.72
C ALA G 31 -3.70 -71.09 -18.28
N THR G 32 -3.25 -71.24 -19.52
CA THR G 32 -3.13 -72.56 -20.16
C THR G 32 -1.92 -73.36 -19.68
N SER G 33 -1.19 -72.86 -18.69
CA SER G 33 -0.02 -73.60 -18.20
C SER G 33 -0.42 -74.63 -17.15
N SER G 34 -1.40 -74.30 -16.31
CA SER G 34 -1.87 -75.19 -15.25
C SER G 34 -3.19 -75.82 -15.68
N THR G 35 -3.08 -76.77 -16.60
CA THR G 35 -4.25 -77.46 -17.17
C THR G 35 -4.42 -78.82 -16.52
N TYR G 36 -5.69 -79.24 -16.35
CA TYR G 36 -5.99 -80.51 -15.72
C TYR G 36 -7.15 -81.19 -16.45
N TRP G 37 -7.16 -82.53 -16.41
CA TRP G 37 -8.20 -83.34 -17.04
C TRP G 37 -8.70 -84.41 -16.08
N TYR G 38 -10.01 -84.64 -16.07
CA TYR G 38 -10.65 -85.59 -15.17
C TYR G 38 -11.67 -86.42 -15.94
N ARG G 39 -11.67 -87.74 -15.76
CA ARG G 39 -12.66 -88.59 -16.40
C ARG G 39 -13.48 -89.37 -15.37
N LYS G 40 -14.75 -89.62 -15.72
CA LYS G 40 -15.71 -90.37 -14.90
C LYS G 40 -16.43 -91.38 -15.78
N LYS G 41 -16.15 -92.68 -15.56
CA LYS G 41 -16.74 -93.72 -16.39
C LYS G 41 -18.26 -93.78 -16.29
N SER G 42 -18.85 -94.66 -17.12
CA SER G 42 -20.30 -94.79 -17.24
C SER G 42 -20.84 -95.69 -16.14
N GLY G 43 -21.74 -95.15 -15.33
CA GLY G 43 -22.34 -95.94 -14.28
C GLY G 43 -21.70 -95.77 -12.93
N SER G 44 -20.57 -95.08 -12.86
CA SER G 44 -19.80 -94.94 -11.63
C SER G 44 -20.05 -93.61 -10.95
N THR G 45 -19.82 -93.61 -9.64
CA THR G 45 -20.02 -92.46 -8.77
C THR G 45 -18.70 -91.83 -8.32
N ASN G 46 -17.60 -92.04 -9.05
CA ASN G 46 -16.31 -91.48 -8.65
C ASN G 46 -15.59 -90.83 -9.82
N GLU G 47 -15.17 -89.58 -9.64
CA GLU G 47 -14.32 -88.88 -10.61
C GLU G 47 -12.84 -89.13 -10.34
N GLU G 48 -12.15 -89.73 -11.32
CA GLU G 48 -10.71 -89.94 -11.22
C GLU G 48 -9.95 -88.84 -11.96
N SER G 49 -8.66 -88.75 -11.67
CA SER G 49 -7.79 -87.73 -12.24
C SER G 49 -7.06 -88.33 -13.45
N ILE G 50 -7.27 -87.74 -14.63
CA ILE G 50 -6.59 -88.26 -15.82
C ILE G 50 -5.14 -87.85 -15.76
N SER G 51 -4.25 -88.83 -15.97
CA SER G 51 -2.83 -88.58 -16.01
C SER G 51 -2.41 -88.49 -17.47
N LYS G 52 -1.44 -87.64 -17.74
CA LYS G 52 -1.01 -87.45 -19.10
C LYS G 52 0.14 -88.39 -19.42
N GLY G 53 0.24 -88.75 -20.68
CA GLY G 53 1.30 -89.64 -21.14
C GLY G 53 0.72 -90.94 -21.64
N GLY G 54 1.19 -91.36 -22.82
CA GLY G 54 0.76 -92.61 -23.40
C GLY G 54 -0.53 -92.53 -24.18
N ARG G 55 -1.61 -93.02 -23.59
CA ARG G 55 -2.93 -92.97 -24.23
C ARG G 55 -3.54 -91.58 -24.17
N TYR G 56 -3.19 -90.80 -23.15
CA TYR G 56 -3.71 -89.45 -22.94
C TYR G 56 -2.62 -88.43 -23.24
N VAL G 57 -2.62 -87.87 -24.44
CA VAL G 57 -1.64 -86.86 -24.83
C VAL G 57 -2.34 -85.51 -24.95
N GLU G 58 -1.69 -84.46 -24.43
CA GLU G 58 -2.23 -83.12 -24.43
C GLU G 58 -1.35 -82.19 -25.26
N THR G 59 -1.97 -81.47 -26.18
CA THR G 59 -1.30 -80.46 -26.99
C THR G 59 -1.75 -79.10 -26.48
N VAL G 60 -0.81 -78.24 -26.16
CA VAL G 60 -1.12 -76.95 -25.58
C VAL G 60 -0.92 -75.90 -26.67
N ASN G 61 -1.82 -74.94 -26.74
CA ASN G 61 -1.69 -73.80 -27.63
C ASN G 61 -1.75 -72.60 -26.71
N SER G 62 -0.57 -72.03 -26.43
CA SER G 62 -0.54 -70.88 -25.55
C SER G 62 -1.05 -69.64 -26.26
N GLY G 63 -0.87 -69.60 -27.58
CA GLY G 63 -1.38 -68.49 -28.36
C GLY G 63 -2.89 -68.44 -28.43
N SER G 64 -3.52 -69.59 -28.68
CA SER G 64 -4.95 -69.64 -28.89
C SER G 64 -5.75 -69.82 -27.61
N LYS G 65 -5.08 -69.92 -26.46
CA LYS G 65 -5.72 -70.18 -25.17
C LYS G 65 -6.65 -71.39 -25.27
N SER G 66 -6.20 -72.39 -25.99
CA SER G 66 -6.93 -73.63 -26.20
C SER G 66 -5.97 -74.79 -25.96
N PHE G 67 -6.47 -75.85 -25.34
CA PHE G 67 -5.71 -77.08 -25.20
C PHE G 67 -6.60 -78.25 -25.60
N SER G 68 -5.96 -79.34 -26.03
CA SER G 68 -6.67 -80.51 -26.51
C SER G 68 -6.16 -81.75 -25.77
N LEU G 69 -6.94 -82.82 -25.85
CA LEU G 69 -6.59 -84.08 -25.21
C LEU G 69 -6.94 -85.20 -26.18
N ARG G 70 -5.95 -85.69 -26.91
CA ARG G 70 -6.13 -86.81 -27.82
C ARG G 70 -6.00 -88.13 -27.08
N ILE G 71 -6.98 -89.01 -27.28
CA ILE G 71 -6.97 -90.34 -26.69
C ILE G 71 -6.79 -91.30 -27.84
N ASN G 72 -5.72 -92.10 -27.79
CA ASN G 72 -5.45 -93.02 -28.88
C ASN G 72 -5.92 -94.42 -28.47
N ASP G 73 -5.50 -95.42 -29.25
CA ASP G 73 -5.87 -96.83 -29.08
C ASP G 73 -7.12 -96.94 -28.20
N LEU G 74 -8.26 -96.52 -28.72
CA LEU G 74 -9.44 -96.40 -27.88
C LEU G 74 -9.94 -97.77 -27.49
N THR G 75 -10.20 -97.96 -26.20
CA THR G 75 -10.75 -99.20 -25.70
C THR G 75 -12.22 -99.01 -25.33
N VAL G 76 -12.81 -100.06 -24.75
CA VAL G 76 -14.22 -100.03 -24.37
C VAL G 76 -14.43 -99.64 -22.92
N GLU G 77 -13.37 -99.60 -22.12
CA GLU G 77 -13.45 -99.15 -20.74
C GLU G 77 -13.23 -97.65 -20.61
N ASP G 78 -13.07 -96.96 -21.74
CA ASP G 78 -12.89 -95.52 -21.81
C ASP G 78 -14.19 -94.82 -22.17
N SER G 79 -15.31 -95.31 -21.66
CA SER G 79 -16.62 -94.73 -21.92
C SER G 79 -17.03 -93.92 -20.69
N GLY G 80 -17.13 -92.60 -20.86
CA GLY G 80 -17.42 -91.76 -19.71
C GLY G 80 -17.45 -90.30 -20.08
N THR G 81 -17.65 -89.48 -19.04
CA THR G 81 -17.66 -88.03 -19.17
C THR G 81 -16.25 -87.51 -18.87
N TYR G 82 -15.65 -86.84 -19.86
CA TYR G 82 -14.31 -86.28 -19.73
C TYR G 82 -14.46 -84.78 -19.51
N ARG G 83 -13.78 -84.24 -18.50
CA ARG G 83 -13.81 -82.81 -18.23
C ARG G 83 -12.42 -82.21 -18.28
N CYS G 84 -12.33 -80.95 -18.70
CA CYS G 84 -11.11 -80.18 -18.66
C CYS G 84 -11.18 -79.12 -17.57
N ALA G 85 -10.00 -78.67 -17.12
CA ALA G 85 -9.92 -77.75 -16.00
C ALA G 85 -8.68 -76.86 -16.15
N SER G 86 -8.74 -75.71 -15.49
CA SER G 86 -7.64 -74.75 -15.49
C SER G 86 -7.68 -73.96 -14.20
N GLU G 87 -6.51 -73.49 -13.75
CA GLU G 87 -6.40 -72.72 -12.51
C GLU G 87 -6.22 -71.25 -12.84
N CYS G 88 -7.15 -70.42 -12.38
CA CYS G 88 -7.19 -69.00 -12.64
C CYS G 88 -6.77 -68.20 -11.41
N GLN G 89 -6.17 -67.05 -11.65
CA GLN G 89 -5.63 -66.19 -10.58
C GLN G 89 -5.48 -64.77 -11.08
N TYR G 90 -6.11 -63.82 -10.38
CA TYR G 90 -5.98 -62.41 -10.72
C TYR G 90 -5.32 -61.73 -9.52
N GLY G 91 -5.95 -60.71 -8.95
CA GLY G 91 -5.43 -60.03 -7.77
C GLY G 91 -5.36 -60.90 -6.54
N LEU G 92 -6.31 -60.69 -5.62
CA LEU G 92 -6.51 -61.52 -4.43
C LEU G 92 -7.42 -62.73 -4.66
N ALA G 93 -7.83 -62.99 -5.90
CA ALA G 93 -8.76 -64.07 -6.20
C ALA G 93 -8.01 -65.24 -6.83
N GLU G 94 -8.36 -66.46 -6.42
CA GLU G 94 -7.81 -67.68 -7.00
C GLU G 94 -8.92 -68.72 -7.08
N TYR G 95 -9.15 -69.24 -8.29
CA TYR G 95 -10.22 -70.20 -8.51
C TYR G 95 -9.81 -71.13 -9.64
N ASP G 96 -10.69 -72.08 -9.96
CA ASP G 96 -10.46 -73.01 -11.05
C ASP G 96 -11.76 -73.15 -11.84
N VAL G 97 -11.66 -73.68 -13.07
CA VAL G 97 -12.76 -73.65 -14.01
C VAL G 97 -12.93 -75.02 -14.66
N TYR G 98 -14.16 -75.32 -15.10
CA TYR G 98 -14.50 -76.63 -15.64
C TYR G 98 -15.39 -76.48 -16.88
N GLY G 99 -15.64 -77.63 -17.53
CA GLY G 99 -16.46 -77.73 -18.72
C GLY G 99 -17.44 -78.89 -18.75
N GLY G 100 -17.44 -79.65 -19.85
CA GLY G 100 -18.25 -80.85 -20.00
C GLY G 100 -18.18 -81.48 -21.37
N GLY G 101 -18.15 -82.82 -21.44
CA GLY G 101 -18.07 -83.53 -22.69
C GLY G 101 -17.99 -85.04 -22.55
N THR G 102 -18.84 -85.77 -23.27
CA THR G 102 -19.06 -87.20 -23.09
C THR G 102 -18.56 -87.99 -24.30
N VAL G 103 -18.02 -89.19 -24.05
CA VAL G 103 -17.56 -90.09 -25.11
C VAL G 103 -18.19 -91.47 -24.90
N VAL G 104 -18.59 -92.10 -26.00
CA VAL G 104 -19.10 -93.47 -26.02
C VAL G 104 -18.33 -94.23 -27.09
N THR G 105 -17.81 -95.40 -26.73
CA THR G 105 -16.99 -96.20 -27.63
C THR G 105 -17.70 -97.50 -28.00
N VAL G 106 -17.83 -97.76 -29.30
CA VAL G 106 -18.41 -98.98 -29.82
C VAL G 106 -17.28 -99.88 -30.28
N ASN G 107 -17.52 -101.19 -30.25
CA ASN G 107 -16.50 -102.17 -30.58
C ASN G 107 -16.91 -102.95 -31.82
N ALA G 108 -15.92 -103.54 -32.48
CA ALA G 108 -16.11 -104.24 -33.75
C ALA G 108 -17.06 -105.44 -33.60
N ALA H 2 -42.21 -29.98 2.02
CA ALA H 2 -42.29 -30.84 0.85
C ALA H 2 -41.13 -30.57 -0.10
N ARG H 3 -40.12 -29.85 0.42
CA ARG H 3 -38.93 -29.42 -0.31
C ARG H 3 -39.23 -28.27 -1.28
N VAL H 4 -40.40 -28.28 -1.92
CA VAL H 4 -40.81 -27.17 -2.76
C VAL H 4 -42.30 -26.99 -2.55
N ASP H 5 -42.74 -25.74 -2.38
CA ASP H 5 -44.14 -25.45 -2.03
C ASP H 5 -44.77 -24.54 -3.08
N GLN H 6 -45.59 -25.07 -3.98
CA GLN H 6 -46.33 -24.19 -4.87
C GLN H 6 -47.58 -23.70 -4.13
N THR H 7 -47.74 -22.39 -4.03
CA THR H 7 -48.88 -21.87 -3.26
C THR H 7 -50.09 -21.77 -4.20
N PRO H 8 -50.00 -21.05 -5.33
CA PRO H 8 -51.14 -20.96 -6.26
C PRO H 8 -51.28 -22.21 -7.11
N GLN H 9 -52.31 -23.01 -6.82
CA GLN H 9 -52.55 -24.28 -7.50
C GLN H 9 -53.86 -24.28 -8.29
N THR H 10 -54.70 -25.32 -8.15
CA THR H 10 -55.96 -25.44 -8.89
C THR H 10 -56.72 -24.12 -8.97
N ILE H 11 -56.95 -23.66 -10.20
CA ILE H 11 -57.65 -22.41 -10.45
C ILE H 11 -58.21 -22.49 -11.86
N THR H 12 -59.28 -21.72 -12.11
CA THR H 12 -59.87 -21.63 -13.44
C THR H 12 -59.94 -20.15 -13.78
N LYS H 13 -59.00 -19.70 -14.60
CA LYS H 13 -58.87 -18.30 -15.02
C LYS H 13 -59.10 -18.24 -16.51
N GLU H 14 -60.26 -17.69 -16.91
CA GLU H 14 -60.56 -17.56 -18.32
C GLU H 14 -59.44 -16.76 -18.98
N THR H 15 -59.26 -16.97 -20.28
CA THR H 15 -58.14 -16.38 -20.99
C THR H 15 -58.09 -14.87 -20.79
N GLY H 16 -56.94 -14.40 -20.30
CA GLY H 16 -56.73 -13.01 -19.95
C GLY H 16 -56.70 -12.80 -18.46
N GLU H 17 -55.49 -12.74 -17.89
CA GLU H 17 -55.28 -12.61 -16.45
C GLU H 17 -53.78 -12.41 -16.22
N SER H 18 -53.45 -12.06 -14.98
CA SER H 18 -52.06 -11.82 -14.59
C SER H 18 -51.97 -12.04 -13.08
N LEU H 19 -51.24 -13.07 -12.68
CA LEU H 19 -50.98 -13.38 -11.28
C LEU H 19 -49.81 -14.34 -11.20
N THR H 20 -48.92 -14.07 -10.26
CA THR H 20 -47.73 -14.86 -10.02
C THR H 20 -48.01 -16.14 -9.23
N ILE H 21 -47.36 -17.23 -9.67
CA ILE H 21 -47.40 -18.51 -8.99
C ILE H 21 -46.09 -18.65 -8.25
N ASN H 22 -46.15 -18.87 -6.94
CA ASN H 22 -44.98 -18.83 -6.10
C ASN H 22 -44.55 -20.23 -5.66
N CYS H 23 -43.24 -20.44 -5.67
CA CYS H 23 -42.63 -21.68 -5.20
C CYS H 23 -41.59 -21.30 -4.16
N VAL H 24 -41.60 -21.97 -3.03
CA VAL H 24 -40.71 -21.65 -1.92
C VAL H 24 -39.84 -22.87 -1.66
N LEU H 25 -38.52 -22.67 -1.59
CA LEU H 25 -37.60 -23.76 -1.34
C LEU H 25 -37.50 -24.03 0.15
N ARG H 26 -37.63 -25.30 0.51
CA ARG H 26 -37.52 -25.80 1.87
C ARG H 26 -36.24 -26.55 2.14
N ASP H 27 -35.57 -27.03 1.10
CA ASP H 27 -34.27 -27.67 1.23
C ASP H 27 -33.19 -26.60 1.03
N SER H 28 -32.38 -26.39 2.06
CA SER H 28 -31.36 -25.32 2.02
C SER H 28 -30.18 -25.66 1.12
N HIS H 29 -30.22 -26.77 0.39
CA HIS H 29 -29.19 -27.11 -0.57
C HIS H 29 -29.55 -26.70 -1.99
N CYS H 30 -30.83 -26.40 -2.22
CA CYS H 30 -31.28 -25.97 -3.54
C CYS H 30 -30.97 -24.50 -3.73
N ALA H 31 -30.68 -24.13 -4.97
CA ALA H 31 -30.24 -22.80 -5.33
C ALA H 31 -31.36 -22.07 -6.05
N THR H 32 -31.44 -20.75 -5.82
CA THR H 32 -32.44 -19.98 -6.53
C THR H 32 -32.08 -19.82 -8.00
N SER H 33 -30.84 -20.15 -8.37
CA SER H 33 -30.38 -20.14 -9.75
C SER H 33 -30.55 -21.55 -10.33
N SER H 34 -30.20 -21.68 -11.61
CA SER H 34 -30.28 -22.95 -12.34
C SER H 34 -31.67 -23.59 -12.20
N THR H 35 -32.70 -22.75 -12.23
CA THR H 35 -34.09 -23.16 -12.09
C THR H 35 -34.79 -23.16 -13.45
N TYR H 36 -35.75 -24.08 -13.59
CA TYR H 36 -36.50 -24.23 -14.83
C TYR H 36 -37.97 -24.46 -14.49
N TRP H 37 -38.83 -24.12 -15.45
CA TRP H 37 -40.29 -24.16 -15.31
C TRP H 37 -40.93 -24.99 -16.41
N TYR H 38 -41.99 -25.70 -16.04
CA TYR H 38 -42.73 -26.59 -16.93
C TYR H 38 -44.23 -26.40 -16.74
N ARG H 39 -44.99 -26.34 -17.83
CA ARG H 39 -46.45 -26.35 -17.74
C ARG H 39 -46.98 -27.54 -18.54
N LYS H 40 -48.12 -28.08 -18.11
CA LYS H 40 -48.75 -29.19 -18.80
C LYS H 40 -49.33 -28.78 -20.14
N LYS H 41 -49.93 -29.77 -20.80
CA LYS H 41 -50.50 -29.68 -22.13
C LYS H 41 -51.97 -30.08 -22.05
N SER H 42 -52.80 -29.16 -21.57
CA SER H 42 -54.23 -29.39 -21.36
C SER H 42 -54.50 -30.56 -20.41
N GLY H 43 -53.47 -30.98 -19.65
CA GLY H 43 -53.63 -32.09 -18.74
C GLY H 43 -53.96 -33.40 -19.41
N SER H 44 -53.63 -33.55 -20.68
CA SER H 44 -53.89 -34.78 -21.42
C SER H 44 -52.65 -35.62 -21.71
N THR H 45 -51.61 -35.03 -22.28
CA THR H 45 -50.44 -35.80 -22.72
C THR H 45 -49.22 -35.67 -21.82
N ASN H 46 -48.27 -34.82 -22.21
CA ASN H 46 -47.05 -34.60 -21.44
C ASN H 46 -46.93 -33.15 -20.97
N GLU H 47 -45.92 -32.90 -20.13
CA GLU H 47 -45.61 -31.55 -19.69
C GLU H 47 -44.65 -30.91 -20.69
N GLU H 48 -44.79 -29.61 -20.90
CA GLU H 48 -43.94 -28.88 -21.82
C GLU H 48 -42.77 -28.26 -21.07
N SER H 49 -41.70 -27.98 -21.78
CA SER H 49 -40.55 -27.31 -21.18
C SER H 49 -40.66 -25.85 -21.58
N ILE H 50 -40.92 -25.01 -20.58
CA ILE H 50 -41.05 -23.57 -20.83
C ILE H 50 -39.68 -22.96 -21.06
N SER H 51 -39.59 -22.07 -22.03
CA SER H 51 -38.32 -21.49 -22.42
C SER H 51 -38.06 -20.23 -21.60
N LYS H 52 -37.08 -19.45 -22.01
CA LYS H 52 -36.62 -18.30 -21.23
C LYS H 52 -37.43 -17.06 -21.60
N GLY H 53 -37.92 -16.36 -20.58
CA GLY H 53 -38.67 -15.14 -20.83
C GLY H 53 -39.88 -15.41 -21.69
N GLY H 54 -40.14 -14.49 -22.62
CA GLY H 54 -41.23 -14.66 -23.55
C GLY H 54 -42.56 -14.24 -22.96
N ARG H 55 -43.57 -15.07 -23.15
CA ARG H 55 -44.90 -14.85 -22.61
C ARG H 55 -44.99 -15.22 -21.13
N TYR H 56 -43.91 -15.76 -20.57
CA TYR H 56 -43.81 -16.21 -19.19
C TYR H 56 -42.97 -15.24 -18.37
N VAL H 57 -43.36 -14.99 -17.12
CA VAL H 57 -42.62 -14.13 -16.21
C VAL H 57 -42.02 -14.95 -15.07
N GLU H 58 -40.74 -14.70 -14.74
CA GLU H 58 -40.08 -15.37 -13.63
C GLU H 58 -39.52 -14.34 -12.66
N THR H 59 -39.86 -14.46 -11.38
CA THR H 59 -39.34 -13.60 -10.32
C THR H 59 -38.40 -14.39 -9.42
N VAL H 60 -37.16 -13.94 -9.25
CA VAL H 60 -36.18 -14.65 -8.44
C VAL H 60 -35.63 -13.73 -7.36
N ASN H 61 -35.53 -14.23 -6.13
CA ASN H 61 -34.85 -13.52 -5.05
C ASN H 61 -34.15 -14.54 -4.16
N SER H 62 -32.81 -14.50 -4.14
CA SER H 62 -32.05 -15.47 -3.36
C SER H 62 -32.19 -15.25 -1.86
N GLY H 63 -32.53 -14.03 -1.44
CA GLY H 63 -32.70 -13.77 -0.02
C GLY H 63 -33.87 -14.56 0.56
N SER H 64 -34.99 -14.58 -0.14
CA SER H 64 -36.19 -15.30 0.28
C SER H 64 -36.23 -16.74 -0.24
N LYS H 65 -35.22 -17.18 -0.99
CA LYS H 65 -35.17 -18.55 -1.51
C LYS H 65 -36.44 -18.91 -2.26
N SER H 66 -37.01 -17.96 -3.00
CA SER H 66 -38.27 -18.19 -3.70
C SER H 66 -38.21 -17.67 -5.13
N PHE H 67 -38.89 -18.38 -6.02
CA PHE H 67 -39.09 -17.94 -7.39
C PHE H 67 -40.56 -18.07 -7.77
N SER H 68 -41.00 -17.19 -8.67
CA SER H 68 -42.41 -17.05 -9.02
C SER H 68 -42.60 -17.02 -10.54
N LEU H 69 -43.87 -17.17 -10.95
CA LEU H 69 -44.25 -17.19 -12.38
C LEU H 69 -45.51 -16.37 -12.58
N ARG H 70 -45.38 -15.13 -13.04
CA ARG H 70 -46.54 -14.31 -13.37
C ARG H 70 -47.04 -14.66 -14.77
N ILE H 71 -48.33 -14.97 -14.85
CA ILE H 71 -48.97 -15.34 -16.10
C ILE H 71 -49.26 -14.08 -16.92
N ASN H 72 -48.33 -13.66 -17.75
CA ASN H 72 -48.62 -12.49 -18.56
C ASN H 72 -49.07 -12.93 -19.94
N ASP H 73 -49.36 -11.92 -20.77
CA ASP H 73 -49.96 -12.11 -22.08
C ASP H 73 -50.75 -13.42 -22.13
N LEU H 74 -51.87 -13.48 -21.40
CA LEU H 74 -52.64 -14.72 -21.27
C LEU H 74 -53.52 -14.96 -22.48
N THR H 75 -53.09 -15.87 -23.34
CA THR H 75 -53.90 -16.43 -24.41
C THR H 75 -54.21 -17.87 -24.06
N VAL H 76 -54.75 -18.61 -25.02
CA VAL H 76 -55.08 -20.03 -24.80
C VAL H 76 -53.91 -20.87 -25.31
N GLU H 77 -52.93 -21.10 -24.44
CA GLU H 77 -51.87 -22.02 -24.83
C GLU H 77 -52.22 -23.48 -24.49
N ASP H 78 -52.68 -23.72 -23.27
CA ASP H 78 -53.05 -25.05 -22.79
C ASP H 78 -53.41 -24.95 -21.31
N SER H 79 -54.03 -26.02 -20.80
CA SER H 79 -54.43 -26.20 -19.41
C SER H 79 -53.44 -27.18 -18.76
N GLY H 80 -53.77 -27.66 -17.56
CA GLY H 80 -52.93 -28.64 -16.91
C GLY H 80 -52.22 -28.15 -15.66
N THR H 81 -51.39 -29.04 -15.12
CA THR H 81 -50.61 -28.82 -13.90
C THR H 81 -49.25 -28.26 -14.28
N TYR H 82 -48.95 -27.09 -13.75
CA TYR H 82 -47.72 -26.36 -14.02
C TYR H 82 -46.76 -26.63 -12.86
N ARG H 83 -45.53 -27.02 -13.17
CA ARG H 83 -44.56 -27.33 -12.13
C ARG H 83 -43.35 -26.42 -12.20
N CYS H 84 -42.79 -26.15 -11.03
CA CYS H 84 -41.51 -25.45 -10.89
C CYS H 84 -40.47 -26.45 -10.42
N ALA H 85 -39.21 -26.17 -10.68
CA ALA H 85 -38.14 -27.09 -10.35
C ALA H 85 -36.85 -26.34 -10.04
N SER H 86 -35.95 -27.03 -9.34
CA SER H 86 -34.67 -26.44 -8.95
C SER H 86 -33.61 -27.53 -8.86
N GLU H 87 -32.36 -27.13 -9.05
CA GLU H 87 -31.22 -28.03 -9.01
C GLU H 87 -30.52 -27.88 -7.67
N CYS H 88 -30.53 -28.94 -6.88
CA CYS H 88 -29.92 -28.95 -5.55
C CYS H 88 -28.68 -29.82 -5.54
N GLN H 89 -27.68 -29.43 -4.76
CA GLN H 89 -26.46 -30.23 -4.69
C GLN H 89 -25.61 -29.88 -3.47
N TYR H 90 -25.42 -30.83 -2.54
CA TYR H 90 -24.56 -30.65 -1.38
C TYR H 90 -23.47 -31.71 -1.39
N GLY H 91 -22.22 -31.28 -1.32
CA GLY H 91 -21.06 -32.15 -1.29
C GLY H 91 -21.01 -33.26 -2.33
N LEU H 92 -21.25 -34.50 -1.89
CA LEU H 92 -21.28 -35.65 -2.78
C LEU H 92 -22.67 -35.96 -3.33
N ALA H 93 -23.67 -35.15 -3.03
CA ALA H 93 -25.04 -35.40 -3.43
C ALA H 93 -25.45 -34.43 -4.54
N GLU H 94 -26.20 -34.92 -5.51
CA GLU H 94 -26.75 -34.06 -6.56
C GLU H 94 -28.17 -34.55 -6.84
N TYR H 95 -29.15 -33.68 -6.64
CA TYR H 95 -30.56 -34.05 -6.80
C TYR H 95 -31.35 -32.84 -7.24
N ASP H 96 -32.65 -33.03 -7.47
CA ASP H 96 -33.52 -31.94 -7.90
C ASP H 96 -34.88 -32.06 -7.21
N VAL H 97 -35.67 -31.00 -7.34
CA VAL H 97 -36.94 -30.85 -6.64
C VAL H 97 -37.97 -30.39 -7.66
N TYR H 98 -39.24 -30.67 -7.38
CA TYR H 98 -40.33 -30.40 -8.32
C TYR H 98 -41.50 -29.74 -7.61
N GLY H 99 -42.49 -29.33 -8.42
CA GLY H 99 -43.70 -28.73 -7.87
C GLY H 99 -45.02 -29.22 -8.45
N GLY H 100 -45.97 -28.32 -8.70
CA GLY H 100 -47.23 -28.70 -9.30
C GLY H 100 -48.34 -27.71 -8.98
N GLY H 101 -49.24 -27.44 -9.93
CA GLY H 101 -50.33 -26.49 -9.71
C GLY H 101 -51.20 -26.32 -10.94
N THR H 102 -52.52 -26.36 -10.80
CA THR H 102 -53.39 -26.52 -11.94
C THR H 102 -54.05 -25.20 -12.33
N VAL H 103 -54.13 -24.96 -13.64
CA VAL H 103 -54.78 -23.80 -14.22
C VAL H 103 -55.72 -24.32 -15.29
N VAL H 104 -56.91 -23.74 -15.38
CA VAL H 104 -57.90 -24.11 -16.40
C VAL H 104 -58.35 -22.83 -17.08
N THR H 105 -58.27 -22.80 -18.40
CA THR H 105 -58.61 -21.60 -19.18
C THR H 105 -59.80 -21.84 -20.07
N VAL H 106 -60.81 -20.99 -19.94
CA VAL H 106 -61.98 -20.98 -20.81
C VAL H 106 -61.76 -19.79 -21.74
N ASN H 107 -62.70 -19.51 -22.62
CA ASN H 107 -62.63 -18.33 -23.48
C ASN H 107 -63.93 -17.53 -23.32
N ALA H 108 -63.98 -16.37 -23.97
CA ALA H 108 -65.13 -15.49 -23.90
C ALA H 108 -66.40 -16.16 -24.42
N ARG I 1 -31.57 -37.68 29.82
CA ARG I 1 -32.39 -36.51 30.07
C ARG I 1 -33.74 -36.94 30.62
N SER I 2 -34.26 -36.17 31.58
CA SER I 2 -35.53 -36.49 32.21
C SER I 2 -36.29 -35.19 32.45
N SER I 3 -37.44 -35.31 33.10
CA SER I 3 -38.30 -34.18 33.41
C SER I 3 -38.78 -34.27 34.85
N SER I 4 -39.21 -33.13 35.38
CA SER I 4 -39.79 -33.10 36.71
C SER I 4 -41.13 -33.83 36.73
N ARG I 5 -41.48 -34.39 37.89
CA ARG I 5 -42.68 -35.21 37.99
C ARG I 5 -43.32 -35.09 39.38
N THR I 6 -43.39 -33.86 39.91
CA THR I 6 -44.22 -33.61 41.09
C THR I 6 -44.40 -32.11 41.28
N PRO I 7 -45.61 -31.65 41.58
CA PRO I 7 -45.80 -30.24 41.95
C PRO I 7 -45.95 -30.09 43.46
N SER I 8 -45.36 -29.05 44.04
CA SER I 8 -45.45 -28.83 45.48
C SER I 8 -45.10 -27.39 45.79
N ASP I 9 -45.55 -26.93 46.95
CA ASP I 9 -45.40 -25.53 47.34
C ASP I 9 -45.10 -25.50 48.84
N LYS I 10 -45.15 -24.28 49.40
CA LYS I 10 -44.77 -23.89 50.76
C LYS I 10 -43.25 -23.81 50.83
N PRO I 11 -42.73 -22.62 51.13
CA PRO I 11 -41.27 -22.44 51.24
C PRO I 11 -40.64 -23.46 52.18
N VAL I 12 -39.57 -24.09 51.71
CA VAL I 12 -38.91 -25.16 52.43
C VAL I 12 -37.41 -25.01 52.24
N ALA I 13 -36.66 -25.49 53.21
CA ALA I 13 -35.21 -25.45 53.16
C ALA I 13 -34.67 -26.49 54.11
N HIS I 14 -33.70 -27.24 53.64
CA HIS I 14 -32.95 -28.18 54.48
C HIS I 14 -31.53 -28.15 53.92
N VAL I 15 -30.68 -27.34 54.53
CA VAL I 15 -29.33 -27.15 54.03
C VAL I 15 -28.38 -27.90 54.94
N VAL I 16 -27.30 -28.42 54.35
CA VAL I 16 -26.37 -29.28 55.07
C VAL I 16 -24.97 -28.68 54.90
N ALA I 17 -24.10 -28.94 55.87
CA ALA I 17 -22.77 -28.35 55.84
C ALA I 17 -21.96 -28.88 54.67
N ASN I 18 -21.04 -28.04 54.20
CA ASN I 18 -20.13 -28.43 53.14
C ASN I 18 -19.01 -29.29 53.71
N PRO I 19 -18.83 -30.53 53.25
CA PRO I 19 -17.72 -31.34 53.78
C PRO I 19 -16.36 -30.80 53.37
N GLN I 20 -16.27 -30.17 52.20
CA GLN I 20 -15.03 -29.58 51.70
C GLN I 20 -14.84 -28.14 52.16
N ALA I 21 -15.26 -27.85 53.39
CA ALA I 21 -15.10 -26.53 53.97
C ALA I 21 -14.04 -26.45 55.07
N GLU I 22 -13.52 -27.60 55.53
CA GLU I 22 -12.48 -27.68 56.55
C GLU I 22 -12.90 -27.22 57.94
N GLY I 23 -12.69 -25.93 58.24
CA GLY I 23 -13.00 -25.37 59.55
C GLY I 23 -14.08 -24.30 59.59
N GLN I 24 -15.08 -24.41 58.72
CA GLN I 24 -16.14 -23.43 58.67
C GLN I 24 -17.44 -24.12 58.28
N LEU I 25 -18.56 -23.48 58.64
CA LEU I 25 -19.89 -24.00 58.40
C LEU I 25 -20.56 -23.22 57.27
N GLN I 26 -20.34 -23.69 56.05
CA GLN I 26 -20.97 -23.12 54.86
C GLN I 26 -22.14 -24.00 54.46
N TRP I 27 -23.31 -23.39 54.33
CA TRP I 27 -24.52 -24.15 54.04
C TRP I 27 -24.66 -24.40 52.55
N LEU I 28 -25.03 -25.63 52.20
CA LEU I 28 -25.19 -26.04 50.80
C LEU I 28 -26.60 -26.51 50.52
N ASN I 29 -27.03 -26.33 49.28
CA ASN I 29 -28.32 -26.84 48.82
C ASN I 29 -28.19 -27.74 47.60
N ARG I 30 -27.06 -27.66 46.89
CA ARG I 30 -26.84 -28.43 45.67
C ARG I 30 -26.22 -29.78 45.99
N ARG I 31 -26.88 -30.53 46.87
CA ARG I 31 -26.43 -31.86 47.26
C ARG I 31 -27.65 -32.76 47.40
N ALA I 32 -27.45 -34.05 47.17
CA ALA I 32 -28.47 -35.09 47.08
C ALA I 32 -29.78 -34.81 47.81
N ASN I 33 -29.83 -35.05 49.12
CA ASN I 33 -31.07 -34.96 49.89
C ASN I 33 -31.19 -33.63 50.64
N ALA I 34 -30.97 -32.53 49.93
CA ALA I 34 -31.11 -31.20 50.51
C ALA I 34 -32.07 -30.37 49.67
N LEU I 35 -32.75 -29.43 50.30
CA LEU I 35 -33.76 -28.62 49.63
C LEU I 35 -33.56 -27.15 49.90
N LEU I 36 -33.90 -26.35 48.89
CA LEU I 36 -33.93 -24.89 49.00
C LEU I 36 -34.72 -24.42 47.78
N ALA I 37 -36.01 -24.24 47.96
CA ALA I 37 -36.91 -23.96 46.85
C ALA I 37 -38.07 -23.14 47.36
N ASN I 38 -38.89 -22.69 46.41
CA ASN I 38 -40.14 -21.97 46.69
C ASN I 38 -39.92 -20.64 47.40
N GLY I 39 -38.81 -19.96 47.11
CA GLY I 39 -38.62 -18.58 47.50
C GLY I 39 -37.58 -18.32 48.57
N VAL I 40 -37.22 -19.33 49.36
CA VAL I 40 -36.23 -19.11 50.41
C VAL I 40 -34.86 -18.82 49.77
N GLU I 41 -34.26 -17.71 50.14
CA GLU I 41 -32.92 -17.36 49.67
C GLU I 41 -31.93 -17.49 50.82
N LEU I 42 -30.73 -17.98 50.49
CA LEU I 42 -29.62 -18.10 51.44
C LEU I 42 -28.54 -17.10 51.05
N ARG I 43 -28.40 -16.04 51.83
CA ARG I 43 -27.39 -15.04 51.57
C ARG I 43 -26.10 -15.40 52.30
N ASP I 44 -25.75 -14.65 53.35
CA ASP I 44 -24.46 -14.82 54.02
C ASP I 44 -24.57 -15.90 55.09
N ASN I 45 -24.69 -17.14 54.62
CA ASN I 45 -24.96 -18.28 55.49
C ASN I 45 -26.18 -17.99 56.38
N GLN I 46 -27.14 -17.25 55.82
CA GLN I 46 -28.35 -16.84 56.51
C GLN I 46 -29.53 -17.11 55.62
N LEU I 47 -30.62 -17.57 56.22
CA LEU I 47 -31.85 -17.81 55.47
C LEU I 47 -32.72 -16.57 55.57
N VAL I 48 -33.23 -16.12 54.42
CA VAL I 48 -34.07 -14.93 54.36
C VAL I 48 -35.49 -15.43 54.12
N VAL I 49 -36.37 -15.18 55.08
CA VAL I 49 -37.75 -15.66 54.97
C VAL I 49 -38.47 -14.87 53.89
N PRO I 50 -39.11 -15.53 52.92
CA PRO I 50 -39.70 -14.80 51.78
C PRO I 50 -41.12 -14.32 51.99
N SER I 51 -41.83 -14.86 52.98
CA SER I 51 -43.22 -14.49 53.19
C SER I 51 -43.56 -14.69 54.65
N GLU I 52 -44.49 -13.87 55.14
CA GLU I 52 -44.89 -13.92 56.54
C GLU I 52 -45.79 -15.13 56.80
N GLY I 53 -45.56 -15.77 57.95
CA GLY I 53 -46.35 -16.91 58.34
C GLY I 53 -45.68 -17.67 59.46
N LEU I 54 -46.23 -18.85 59.76
CA LEU I 54 -45.70 -19.72 60.80
C LEU I 54 -44.76 -20.77 60.20
N TYR I 55 -43.56 -20.86 60.75
CA TYR I 55 -42.56 -21.79 60.26
C TYR I 55 -42.13 -22.75 61.36
N LEU I 56 -41.63 -23.91 60.94
CA LEU I 56 -40.96 -24.85 61.82
C LEU I 56 -39.47 -24.77 61.52
N ILE I 57 -38.69 -24.41 62.53
CA ILE I 57 -37.25 -24.17 62.38
C ILE I 57 -36.52 -25.27 63.14
N TYR I 58 -35.52 -25.87 62.49
CA TYR I 58 -34.74 -26.92 63.12
C TYR I 58 -33.31 -26.86 62.60
N SER I 59 -32.39 -27.39 63.41
CA SER I 59 -31.00 -27.52 63.02
C SER I 59 -30.33 -28.46 63.99
N GLN I 60 -29.41 -29.28 63.48
CA GLN I 60 -28.58 -30.15 64.28
C GLN I 60 -27.13 -29.93 63.88
N VAL I 61 -26.23 -30.01 64.87
CA VAL I 61 -24.80 -29.91 64.65
C VAL I 61 -24.13 -31.06 65.41
N LEU I 62 -23.09 -31.62 64.81
CA LEU I 62 -22.30 -32.67 65.45
C LEU I 62 -20.92 -32.10 65.77
N PHE I 63 -20.54 -32.16 67.04
CA PHE I 63 -19.23 -31.72 67.47
C PHE I 63 -18.36 -32.94 67.74
N LYS I 64 -17.14 -32.92 67.23
CA LYS I 64 -16.16 -33.97 67.44
C LYS I 64 -14.81 -33.36 67.71
N GLY I 65 -14.13 -33.88 68.72
CA GLY I 65 -12.75 -33.49 68.98
C GLY I 65 -11.93 -34.70 69.36
N GLN I 66 -10.64 -34.63 69.08
CA GLN I 66 -9.77 -35.75 69.42
C GLN I 66 -8.93 -35.41 70.64
N GLY I 67 -9.57 -34.88 71.68
CA GLY I 67 -8.89 -34.50 72.90
C GLY I 67 -9.36 -33.14 73.37
N CYS I 68 -9.26 -32.90 74.67
CA CYS I 68 -9.69 -31.63 75.24
C CYS I 68 -8.48 -30.79 75.57
N PRO I 69 -8.25 -29.66 74.90
CA PRO I 69 -7.07 -28.84 75.25
C PRO I 69 -7.26 -28.05 76.54
N SER I 70 -8.43 -28.18 77.18
CA SER I 70 -8.74 -27.50 78.43
C SER I 70 -9.97 -28.16 79.04
N THR I 71 -10.09 -28.04 80.36
CA THR I 71 -11.26 -28.55 81.06
C THR I 71 -12.42 -27.56 81.05
N HIS I 72 -12.26 -26.42 80.37
CA HIS I 72 -13.27 -25.36 80.35
C HIS I 72 -13.62 -24.99 78.91
N VAL I 73 -14.03 -25.98 78.11
CA VAL I 73 -14.46 -25.75 76.74
C VAL I 73 -15.99 -25.78 76.71
N LEU I 74 -16.59 -24.79 76.03
CA LEU I 74 -18.04 -24.66 75.95
C LEU I 74 -18.53 -24.72 74.50
N LEU I 75 -19.43 -25.64 74.20
CA LEU I 75 -20.01 -25.80 72.87
C LEU I 75 -21.44 -25.24 72.84
N THR I 76 -21.72 -24.35 71.91
CA THR I 76 -23.03 -23.73 71.79
C THR I 76 -23.59 -23.85 70.38
N HIS I 77 -24.91 -23.74 70.26
CA HIS I 77 -25.60 -23.84 68.98
C HIS I 77 -26.87 -23.01 69.09
N THR I 78 -27.02 -22.00 68.22
CA THR I 78 -28.13 -21.06 68.30
C THR I 78 -28.68 -20.72 66.93
N ILE I 79 -30.00 -20.59 66.85
CA ILE I 79 -30.68 -20.05 65.66
C ILE I 79 -31.24 -18.69 66.05
N SER I 80 -30.82 -17.66 65.34
CA SER I 80 -31.14 -16.27 65.66
C SER I 80 -32.01 -15.65 64.57
N ARG I 81 -32.64 -14.54 64.92
CA ARG I 81 -33.50 -13.79 63.99
C ARG I 81 -33.24 -12.30 64.15
N ILE I 82 -32.92 -11.65 63.05
CA ILE I 82 -32.90 -10.21 62.96
C ILE I 82 -34.08 -9.83 62.07
N ALA I 83 -35.03 -9.10 62.64
CA ALA I 83 -36.28 -8.84 61.96
C ALA I 83 -36.32 -7.44 61.40
N VAL I 84 -37.18 -7.26 60.40
CA VAL I 84 -37.41 -5.93 59.84
C VAL I 84 -38.13 -5.05 60.84
N SER I 85 -38.92 -5.67 61.74
CA SER I 85 -39.65 -4.89 62.73
C SER I 85 -38.74 -4.44 63.86
N TYR I 86 -37.77 -5.29 64.24
CA TYR I 86 -36.82 -4.99 65.30
C TYR I 86 -35.46 -5.52 64.85
N GLN I 87 -34.60 -4.62 64.36
CA GLN I 87 -33.36 -5.03 63.71
C GLN I 87 -32.23 -5.34 64.69
N THR I 88 -32.51 -6.18 65.67
CA THR I 88 -31.50 -6.65 66.61
C THR I 88 -31.49 -8.18 66.59
N LYS I 89 -30.30 -8.75 66.63
CA LYS I 89 -30.16 -10.19 66.68
C LYS I 89 -30.67 -10.71 68.01
N VAL I 90 -31.73 -11.52 67.96
CA VAL I 90 -32.28 -12.16 69.14
C VAL I 90 -32.28 -13.66 68.91
N ASN I 91 -32.02 -14.41 69.98
CA ASN I 91 -31.96 -15.86 69.91
C ASN I 91 -33.37 -16.43 70.00
N LEU I 92 -33.71 -17.31 69.05
CA LEU I 92 -34.99 -18.01 69.07
C LEU I 92 -34.88 -19.36 69.78
N LEU I 93 -33.86 -20.15 69.44
CA LEU I 93 -33.59 -21.42 70.07
C LEU I 93 -32.10 -21.47 70.36
N SER I 94 -31.73 -21.95 71.55
CA SER I 94 -30.34 -21.98 71.94
C SER I 94 -30.09 -23.15 72.89
N ALA I 95 -28.85 -23.64 72.87
CA ALA I 95 -28.43 -24.73 73.74
C ALA I 95 -26.94 -24.67 73.97
N ILE I 96 -26.52 -25.14 75.16
CA ILE I 96 -25.13 -25.17 75.57
C ILE I 96 -24.80 -26.59 76.03
N LYS I 97 -23.55 -27.00 75.82
CA LYS I 97 -23.13 -28.34 76.20
C LYS I 97 -21.67 -28.32 76.62
N SER I 98 -21.37 -29.01 77.73
CA SER I 98 -20.01 -29.11 78.23
C SER I 98 -19.42 -30.46 77.85
N PRO I 99 -18.41 -30.51 76.94
CA PRO I 99 -17.94 -31.80 76.41
C PRO I 99 -16.94 -32.58 77.24
N CYS I 100 -16.11 -31.92 78.06
CA CYS I 100 -14.99 -32.59 78.72
C CYS I 100 -15.19 -32.57 80.22
N GLN I 101 -15.38 -33.77 80.80
CA GLN I 101 -15.61 -33.98 82.23
C GLN I 101 -14.32 -34.21 83.00
N ARG I 102 -13.74 -33.11 83.51
CA ARG I 102 -12.53 -33.14 84.34
C ARG I 102 -11.39 -33.95 83.72
N GLU I 103 -11.07 -33.66 82.47
CA GLU I 103 -9.99 -34.47 81.90
C GLU I 103 -8.84 -33.69 81.29
N THR I 104 -9.07 -33.01 80.17
CA THR I 104 -8.01 -32.36 79.42
C THR I 104 -6.93 -33.42 79.18
N PRO I 105 -7.33 -34.59 78.59
CA PRO I 105 -6.49 -35.80 78.58
C PRO I 105 -5.06 -35.66 79.07
N GLU I 106 -4.88 -35.81 80.38
CA GLU I 106 -3.61 -35.57 81.06
C GLU I 106 -2.86 -36.86 81.34
N GLY I 107 -3.48 -37.80 82.04
CA GLY I 107 -2.84 -39.05 82.38
C GLY I 107 -2.84 -40.09 81.28
N ALA I 108 -3.60 -39.87 80.22
CA ALA I 108 -3.66 -40.75 79.08
C ALA I 108 -3.54 -39.92 77.80
N GLU I 109 -3.58 -40.60 76.67
CA GLU I 109 -3.40 -39.95 75.38
C GLU I 109 -4.73 -39.34 74.92
N ALA I 110 -4.76 -38.83 73.69
CA ALA I 110 -5.97 -38.27 73.11
C ALA I 110 -7.06 -39.34 73.00
N LYS I 111 -8.30 -38.89 72.88
CA LYS I 111 -9.48 -39.76 72.84
C LYS I 111 -10.59 -39.09 72.05
N PRO I 112 -11.05 -39.68 70.93
CA PRO I 112 -12.07 -39.02 70.11
C PRO I 112 -13.44 -39.00 70.78
N TRP I 113 -13.99 -37.80 70.98
CA TRP I 113 -15.32 -37.62 71.53
C TRP I 113 -16.29 -37.10 70.47
N TYR I 114 -17.55 -37.49 70.59
CA TYR I 114 -18.63 -37.01 69.73
C TYR I 114 -19.77 -36.49 70.60
N GLU I 115 -20.23 -35.27 70.33
CA GLU I 115 -21.39 -34.71 71.04
C GLU I 115 -22.30 -33.90 70.10
N PRO I 116 -23.57 -34.34 69.91
CA PRO I 116 -24.51 -33.57 69.09
C PRO I 116 -25.43 -32.65 69.90
N ILE I 117 -26.00 -31.65 69.22
CA ILE I 117 -26.95 -30.72 69.80
C ILE I 117 -28.03 -30.45 68.75
N TYR I 118 -29.31 -30.53 69.16
CA TYR I 118 -30.44 -30.38 68.26
C TYR I 118 -31.36 -29.27 68.75
N LEU I 119 -31.93 -28.52 67.80
CA LEU I 119 -32.80 -27.40 68.11
C LEU I 119 -34.03 -27.46 67.21
N GLY I 120 -35.20 -27.15 67.77
CA GLY I 120 -36.42 -27.10 66.98
C GLY I 120 -37.56 -26.39 67.67
N GLY I 121 -38.37 -25.66 66.90
CA GLY I 121 -39.51 -24.94 67.47
C GLY I 121 -40.29 -24.25 66.38
N VAL I 122 -41.48 -23.77 66.76
CA VAL I 122 -42.41 -23.08 65.86
C VAL I 122 -42.41 -21.59 66.23
N PHE I 123 -42.36 -20.74 65.20
CA PHE I 123 -42.31 -19.30 65.37
C PHE I 123 -43.09 -18.63 64.25
N GLN I 124 -43.52 -17.39 64.49
CA GLN I 124 -44.09 -16.53 63.47
C GLN I 124 -43.01 -15.62 62.92
N LEU I 125 -42.76 -15.71 61.62
CA LEU I 125 -41.73 -14.89 60.96
C LEU I 125 -42.38 -13.97 59.92
N GLU I 126 -41.73 -12.84 59.68
CA GLU I 126 -42.19 -11.85 58.71
C GLU I 126 -41.26 -11.84 57.51
N LYS I 127 -41.69 -11.15 56.45
CA LYS I 127 -40.92 -11.05 55.21
C LYS I 127 -39.63 -10.26 55.45
N GLY I 128 -38.52 -10.78 54.94
CA GLY I 128 -37.22 -10.15 55.04
C GLY I 128 -36.46 -10.45 56.31
N ASP I 129 -37.03 -11.24 57.22
CA ASP I 129 -36.30 -11.63 58.42
C ASP I 129 -35.12 -12.51 58.04
N ARG I 130 -33.99 -12.30 58.70
CA ARG I 130 -32.79 -13.06 58.41
C ARG I 130 -32.50 -13.97 59.59
N LEU I 131 -32.71 -15.25 59.39
CA LEU I 131 -32.39 -16.26 60.40
C LEU I 131 -31.01 -16.82 60.12
N SER I 132 -30.31 -17.14 61.18
CA SER I 132 -28.94 -17.63 61.07
C SER I 132 -28.75 -18.73 62.08
N ALA I 133 -28.21 -19.86 61.61
CA ALA I 133 -27.83 -20.96 62.48
C ALA I 133 -26.34 -20.79 62.71
N GLU I 134 -25.95 -20.74 63.97
CA GLU I 134 -24.60 -20.34 64.32
C GLU I 134 -24.08 -21.22 65.43
N ILE I 135 -22.76 -21.38 65.45
CA ILE I 135 -22.06 -22.10 66.50
C ILE I 135 -20.82 -21.28 66.82
N ASN I 136 -20.35 -21.43 68.05
CA ASN I 136 -19.21 -20.65 68.50
C ASN I 136 -17.90 -21.32 68.14
N ARG I 137 -17.89 -22.66 68.04
CA ARG I 137 -16.68 -23.43 67.76
C ARG I 137 -16.80 -24.19 66.45
N PRO I 138 -16.46 -23.55 65.31
CA PRO I 138 -16.55 -24.24 64.02
C PRO I 138 -15.40 -25.16 63.68
N ASP I 139 -14.45 -25.38 64.60
CA ASP I 139 -13.34 -26.29 64.34
C ASP I 139 -13.60 -27.71 64.84
N TYR I 140 -14.70 -27.92 65.56
CA TYR I 140 -15.06 -29.24 66.04
C TYR I 140 -16.18 -29.85 65.22
N LEU I 141 -16.54 -29.22 64.11
CA LEU I 141 -17.61 -29.73 63.27
C LEU I 141 -17.18 -31.01 62.57
N ASP I 142 -18.04 -32.02 62.59
CA ASP I 142 -17.79 -33.26 61.87
C ASP I 142 -18.83 -33.35 60.75
N PHE I 143 -18.54 -32.68 59.63
CA PHE I 143 -19.36 -32.82 58.43
C PHE I 143 -18.75 -33.80 57.44
N ALA I 144 -18.02 -34.79 57.93
CA ALA I 144 -17.36 -35.78 57.09
C ALA I 144 -18.42 -36.69 56.47
N GLU I 145 -19.00 -37.55 57.30
CA GLU I 145 -20.05 -38.50 56.94
C GLU I 145 -21.27 -37.83 56.32
N SER I 146 -22.44 -38.43 56.56
CA SER I 146 -23.68 -37.99 55.92
C SER I 146 -24.32 -36.82 56.65
N GLY I 147 -25.65 -36.77 56.67
CA GLY I 147 -26.44 -35.71 57.29
C GLY I 147 -26.28 -35.57 58.79
N GLN I 148 -25.06 -35.26 59.24
CA GLN I 148 -24.76 -35.11 60.66
C GLN I 148 -24.94 -33.69 61.15
N VAL I 149 -24.81 -32.71 60.27
CA VAL I 149 -25.06 -31.31 60.63
C VAL I 149 -25.93 -30.70 59.54
N TYR I 150 -26.99 -30.04 59.95
CA TYR I 150 -27.95 -29.50 58.99
C TYR I 150 -28.74 -28.39 59.66
N PHE I 151 -29.59 -27.75 58.86
CA PHE I 151 -30.32 -26.55 59.26
C PHE I 151 -31.41 -26.26 58.25
N GLY I 152 -32.63 -26.07 58.71
CA GLY I 152 -33.73 -25.88 57.78
C GLY I 152 -34.97 -25.29 58.40
N ILE I 153 -35.82 -24.73 57.54
CA ILE I 153 -37.12 -24.21 57.92
C ILE I 153 -38.14 -24.65 56.88
N ILE I 154 -39.40 -24.70 57.31
CA ILE I 154 -40.51 -25.08 56.44
C ILE I 154 -41.76 -24.31 56.86
N ALA I 155 -42.42 -23.70 55.88
CA ALA I 155 -43.63 -22.91 56.09
C ALA I 155 -44.83 -23.82 56.29
N LEU I 156 -45.41 -23.79 57.50
CA LEU I 156 -46.59 -24.58 57.80
C LEU I 156 -47.86 -23.85 57.33
N SER J 4 -50.51 -4.92 62.48
CA SER J 4 -51.23 -6.09 61.98
C SER J 4 -51.50 -5.95 60.48
N ARG J 5 -51.13 -6.97 59.70
CA ARG J 5 -51.21 -6.87 58.25
C ARG J 5 -51.64 -8.16 57.53
N THR J 6 -51.52 -9.34 58.14
CA THR J 6 -51.58 -10.59 57.40
C THR J 6 -52.52 -11.59 58.06
N PRO J 7 -52.99 -12.61 57.31
CA PRO J 7 -53.99 -13.55 57.84
C PRO J 7 -53.53 -14.46 58.99
N SER J 8 -54.45 -15.34 59.39
CA SER J 8 -54.32 -16.30 60.48
C SER J 8 -54.29 -17.73 59.94
N ASP J 9 -54.02 -18.69 60.83
CA ASP J 9 -53.82 -20.06 60.39
C ASP J 9 -54.58 -21.13 61.17
N LYS J 10 -54.04 -21.61 62.27
CA LYS J 10 -54.57 -22.80 62.93
C LYS J 10 -54.06 -22.86 64.37
N PRO J 11 -54.69 -23.64 65.24
CA PRO J 11 -54.22 -23.74 66.64
C PRO J 11 -52.73 -24.03 66.72
N VAL J 12 -52.04 -23.19 67.48
CA VAL J 12 -50.59 -23.22 67.63
C VAL J 12 -50.25 -22.74 69.03
N ALA J 13 -49.08 -23.15 69.54
CA ALA J 13 -48.61 -22.71 70.84
C ALA J 13 -47.10 -22.90 70.92
N HIS J 14 -46.42 -21.87 71.44
CA HIS J 14 -45.00 -21.94 71.75
C HIS J 14 -44.79 -21.06 72.98
N VAL J 15 -44.71 -21.69 74.14
CA VAL J 15 -44.60 -20.99 75.41
C VAL J 15 -43.17 -21.12 75.91
N VAL J 16 -42.71 -20.11 76.65
CA VAL J 16 -41.34 -20.04 77.13
C VAL J 16 -41.38 -19.89 78.63
N ALA J 17 -40.35 -20.41 79.30
CA ALA J 17 -40.30 -20.32 80.74
C ALA J 17 -40.13 -18.87 81.18
N ASN J 18 -40.65 -18.56 82.37
CA ASN J 18 -40.50 -17.24 82.95
C ASN J 18 -39.09 -17.09 83.52
N PRO J 19 -38.31 -16.11 83.08
CA PRO J 19 -36.94 -15.97 83.63
C PRO J 19 -36.90 -15.53 85.07
N GLN J 20 -37.82 -14.67 85.53
CA GLN J 20 -37.82 -14.25 86.92
C GLN J 20 -38.71 -15.13 87.81
N ALA J 21 -38.86 -16.40 87.48
CA ALA J 21 -39.60 -17.37 88.31
C ALA J 21 -38.63 -18.41 88.82
N GLU J 22 -37.97 -18.12 89.95
CA GLU J 22 -36.95 -19.01 90.47
C GLU J 22 -37.52 -20.37 90.87
N GLY J 23 -36.82 -21.43 90.47
CA GLY J 23 -37.25 -22.78 90.82
C GLY J 23 -38.63 -23.13 90.30
N GLN J 24 -39.01 -22.60 89.13
CA GLN J 24 -40.33 -22.85 88.58
C GLN J 24 -40.22 -22.90 87.06
N LEU J 25 -41.11 -23.68 86.45
CA LEU J 25 -41.16 -23.83 85.00
C LEU J 25 -42.42 -23.14 84.50
N GLN J 26 -42.64 -21.92 84.98
CA GLN J 26 -43.84 -21.18 84.62
C GLN J 26 -43.81 -20.79 83.15
N TRP J 27 -44.83 -21.25 82.42
CA TRP J 27 -44.91 -21.01 80.99
C TRP J 27 -45.62 -19.68 80.75
N LEU J 28 -45.07 -18.88 79.85
CA LEU J 28 -45.62 -17.58 79.52
C LEU J 28 -45.91 -17.52 78.02
N ASN J 29 -46.92 -16.71 77.67
CA ASN J 29 -47.23 -16.49 76.26
C ASN J 29 -47.18 -15.02 75.86
N ARG J 30 -47.27 -14.08 76.81
CA ARG J 30 -47.23 -12.66 76.45
C ARG J 30 -45.78 -12.17 76.50
N ARG J 31 -44.94 -12.84 75.72
CA ARG J 31 -43.51 -12.50 75.66
C ARG J 31 -43.00 -12.64 74.24
N ALA J 32 -42.02 -11.80 73.90
CA ALA J 32 -41.44 -11.73 72.55
C ALA J 32 -41.10 -13.11 71.99
N ASN J 33 -41.43 -13.30 70.70
CA ASN J 33 -41.25 -14.55 69.95
C ASN J 33 -41.88 -15.74 70.65
N ALA J 34 -43.05 -15.54 71.26
CA ALA J 34 -43.81 -16.63 71.85
C ALA J 34 -45.25 -16.51 71.35
N LEU J 35 -45.90 -17.66 71.19
CA LEU J 35 -47.24 -17.69 70.61
C LEU J 35 -48.16 -18.59 71.41
N LEU J 36 -49.44 -18.22 71.39
CA LEU J 36 -50.51 -19.02 71.97
C LEU J 36 -51.81 -18.48 71.37
N ALA J 37 -52.29 -19.12 70.31
CA ALA J 37 -53.39 -18.52 69.56
C ALA J 37 -54.28 -19.60 68.95
N ASN J 38 -55.41 -19.14 68.41
CA ASN J 38 -56.38 -19.97 67.70
C ASN J 38 -56.97 -21.07 68.57
N GLY J 39 -57.13 -20.80 69.86
CA GLY J 39 -57.88 -21.66 70.75
C GLY J 39 -57.03 -22.40 71.77
N VAL J 40 -55.74 -22.56 71.50
CA VAL J 40 -54.89 -23.26 72.47
C VAL J 40 -54.83 -22.40 73.72
N GLU J 41 -55.21 -22.97 74.86
CA GLU J 41 -55.18 -22.26 76.12
C GLU J 41 -54.11 -22.78 77.05
N LEU J 42 -53.49 -21.86 77.78
CA LEU J 42 -52.54 -22.16 78.84
C LEU J 42 -53.22 -21.86 80.16
N ARG J 43 -53.71 -22.90 80.80
CA ARG J 43 -54.33 -22.79 82.11
C ARG J 43 -53.24 -23.04 83.16
N ASP J 44 -53.28 -24.19 83.79
CA ASP J 44 -52.39 -24.53 84.90
C ASP J 44 -51.10 -25.16 84.37
N ASN J 45 -50.28 -24.33 83.72
CA ASN J 45 -49.07 -24.78 83.03
C ASN J 45 -49.36 -25.95 82.09
N GLN J 46 -50.54 -25.96 81.50
CA GLN J 46 -50.93 -27.04 80.61
C GLN J 46 -51.60 -26.44 79.39
N LEU J 47 -51.32 -27.03 78.23
CA LEU J 47 -51.93 -26.59 76.99
C LEU J 47 -53.21 -27.38 76.76
N VAL J 48 -54.29 -26.67 76.46
CA VAL J 48 -55.60 -27.27 76.30
C VAL J 48 -55.92 -27.30 74.81
N VAL J 49 -56.08 -28.50 74.28
CA VAL J 49 -56.32 -28.68 72.84
C VAL J 49 -57.72 -28.19 72.49
N PRO J 50 -57.87 -27.33 71.47
CA PRO J 50 -59.19 -26.76 71.16
C PRO J 50 -59.98 -27.59 70.16
N SER J 51 -59.32 -28.49 69.45
CA SER J 51 -59.99 -29.29 68.43
C SER J 51 -59.24 -30.60 68.25
N GLU J 52 -59.99 -31.65 67.93
CA GLU J 52 -59.39 -32.97 67.75
C GLU J 52 -58.64 -33.01 66.43
N GLY J 53 -57.47 -33.61 66.46
CA GLY J 53 -56.64 -33.68 65.26
C GLY J 53 -55.23 -34.07 65.60
N LEU J 54 -54.36 -33.93 64.60
CA LEU J 54 -52.96 -34.29 64.73
C LEU J 54 -52.11 -33.09 65.12
N TYR J 55 -51.34 -33.24 66.20
CA TYR J 55 -50.48 -32.18 66.70
C TYR J 55 -49.04 -32.65 66.76
N LEU J 56 -48.13 -31.69 66.67
CA LEU J 56 -46.70 -31.90 66.87
C LEU J 56 -46.35 -31.30 68.22
N ILE J 57 -45.83 -32.14 69.11
CA ILE J 57 -45.52 -31.75 70.47
C ILE J 57 -44.00 -31.74 70.58
N TYR J 58 -43.45 -30.65 71.11
CA TYR J 58 -42.02 -30.52 71.25
C TYR J 58 -41.74 -29.69 72.49
N SER J 59 -40.54 -29.89 73.05
CA SER J 59 -40.11 -29.13 74.20
C SER J 59 -38.61 -29.33 74.36
N GLN J 60 -37.94 -28.29 74.82
CA GLN J 60 -36.52 -28.36 75.17
C GLN J 60 -36.32 -27.80 76.57
N VAL J 61 -35.40 -28.42 77.30
CA VAL J 61 -34.98 -27.96 78.61
C VAL J 61 -33.46 -27.93 78.63
N LEU J 62 -32.91 -26.91 79.28
CA LEU J 62 -31.47 -26.77 79.46
C LEU J 62 -31.17 -26.90 80.95
N PHE J 63 -30.31 -27.86 81.30
CA PHE J 63 -29.89 -28.07 82.67
C PHE J 63 -28.48 -27.53 82.84
N LYS J 64 -28.28 -26.74 83.90
CA LYS J 64 -26.98 -26.18 84.22
C LYS J 64 -26.72 -26.28 85.71
N GLY J 65 -25.51 -26.66 86.07
CA GLY J 65 -25.10 -26.64 87.46
C GLY J 65 -23.70 -26.11 87.57
N GLN J 66 -23.39 -25.50 88.72
CA GLN J 66 -22.09 -24.90 88.96
C GLN J 66 -21.22 -25.78 89.85
N GLY J 67 -21.09 -27.02 89.44
CA GLY J 67 -20.31 -28.04 90.10
C GLY J 67 -20.95 -29.41 89.99
N CYS J 68 -20.08 -30.44 89.95
CA CYS J 68 -20.51 -31.81 89.76
C CYS J 68 -20.29 -32.69 90.98
N PRO J 69 -21.21 -32.75 91.93
CA PRO J 69 -21.03 -33.67 93.05
C PRO J 69 -21.40 -35.09 92.63
N SER J 70 -21.05 -36.06 93.47
CA SER J 70 -21.29 -37.45 93.12
C SER J 70 -22.63 -37.94 93.62
N THR J 71 -23.53 -37.01 93.92
CA THR J 71 -24.93 -37.24 94.26
C THR J 71 -25.52 -38.32 93.36
N HIS J 72 -25.08 -38.32 92.09
CA HIS J 72 -25.59 -39.17 91.04
C HIS J 72 -27.04 -38.78 90.82
N VAL J 73 -27.24 -37.72 90.06
CA VAL J 73 -28.57 -37.18 89.76
C VAL J 73 -28.99 -37.65 88.39
N LEU J 74 -30.27 -37.98 88.26
CA LEU J 74 -30.84 -38.41 86.99
C LEU J 74 -31.82 -37.33 86.57
N LEU J 75 -31.60 -36.78 85.38
CA LEU J 75 -32.42 -35.71 84.85
C LEU J 75 -33.43 -36.30 83.88
N THR J 76 -34.70 -36.01 84.12
CA THR J 76 -35.75 -36.51 83.26
C THR J 76 -36.55 -35.32 82.74
N HIS J 77 -37.17 -35.54 81.60
CA HIS J 77 -37.96 -34.50 80.92
C HIS J 77 -39.04 -35.25 80.17
N THR J 78 -40.29 -34.97 80.51
CA THR J 78 -41.39 -35.72 79.95
C THR J 78 -42.53 -34.78 79.62
N ILE J 79 -43.20 -35.07 78.51
CA ILE J 79 -44.42 -34.39 78.12
C ILE J 79 -45.57 -35.38 78.37
N SER J 80 -46.52 -34.97 79.19
CA SER J 80 -47.57 -35.85 79.67
C SER J 80 -48.91 -35.45 79.06
N ARG J 81 -49.86 -36.38 79.10
CA ARG J 81 -51.16 -36.13 78.51
C ARG J 81 -52.25 -36.68 79.43
N ILE J 82 -53.19 -35.82 79.80
CA ILE J 82 -54.42 -36.24 80.46
C ILE J 82 -55.55 -36.00 79.46
N ALA J 83 -56.18 -37.07 79.02
CA ALA J 83 -57.19 -37.00 77.97
C ALA J 83 -58.59 -37.13 78.56
N VAL J 84 -59.58 -36.66 77.79
CA VAL J 84 -60.97 -36.81 78.23
C VAL J 84 -61.40 -38.26 78.21
N SER J 85 -60.81 -39.07 77.32
CA SER J 85 -61.18 -40.48 77.21
C SER J 85 -60.56 -41.33 78.32
N TYR J 86 -59.33 -41.01 78.73
CA TYR J 86 -58.62 -41.78 79.75
C TYR J 86 -57.98 -40.76 80.69
N GLN J 87 -58.59 -40.57 81.85
CA GLN J 87 -58.22 -39.48 82.76
C GLN J 87 -57.02 -39.84 83.63
N THR J 88 -55.99 -40.44 83.04
CA THR J 88 -54.77 -40.75 83.74
C THR J 88 -53.59 -40.17 82.97
N LYS J 89 -52.65 -39.58 83.70
CA LYS J 89 -51.51 -38.95 83.07
C LYS J 89 -50.56 -40.01 82.52
N VAL J 90 -50.36 -39.99 81.20
CA VAL J 90 -49.43 -40.90 80.52
C VAL J 90 -48.42 -40.05 79.77
N ASN J 91 -47.18 -40.52 79.73
CA ASN J 91 -46.11 -39.80 79.06
C ASN J 91 -46.14 -40.06 77.57
N LEU J 92 -46.07 -38.99 76.78
CA LEU J 92 -45.97 -39.07 75.33
C LEU J 92 -44.53 -39.09 74.84
N LEU J 93 -43.69 -38.21 75.38
CA LEU J 93 -42.28 -38.12 75.03
C LEU J 93 -41.46 -38.06 76.30
N SER J 94 -40.33 -38.78 76.34
CA SER J 94 -39.53 -38.83 77.55
C SER J 94 -38.07 -39.05 77.22
N ALA J 95 -37.19 -38.58 78.10
CA ALA J 95 -35.75 -38.76 77.99
C ALA J 95 -35.13 -38.66 79.38
N ILE J 96 -34.03 -39.40 79.58
CA ILE J 96 -33.28 -39.39 80.84
C ILE J 96 -31.83 -39.12 80.52
N LYS J 97 -31.15 -38.40 81.42
CA LYS J 97 -29.74 -38.07 81.20
C LYS J 97 -29.04 -37.91 82.54
N SER J 98 -27.84 -38.50 82.65
CA SER J 98 -27.04 -38.37 83.86
C SER J 98 -25.96 -37.32 83.61
N PRO J 99 -26.02 -36.16 84.28
CA PRO J 99 -25.13 -35.07 83.89
C PRO J 99 -23.72 -35.13 84.46
N CYS J 100 -23.55 -35.69 85.66
CA CYS J 100 -22.24 -35.69 86.31
C CYS J 100 -21.82 -37.14 86.57
N GLN J 101 -20.90 -37.65 85.76
CA GLN J 101 -20.31 -38.98 85.99
C GLN J 101 -18.95 -38.89 86.67
N ARG J 102 -18.92 -38.25 87.83
CA ARG J 102 -17.67 -38.04 88.55
C ARG J 102 -17.90 -38.37 90.02
N GLU J 103 -16.84 -38.18 90.82
CA GLU J 103 -16.88 -38.47 92.26
C GLU J 103 -16.47 -37.22 93.02
N THR J 104 -17.27 -36.15 92.90
CA THR J 104 -17.03 -34.84 93.51
C THR J 104 -15.62 -34.35 93.21
N PRO J 105 -15.40 -33.68 92.08
CA PRO J 105 -14.03 -33.26 91.72
C PRO J 105 -13.42 -32.38 92.79
N GLU J 106 -12.24 -32.79 93.26
CA GLU J 106 -11.67 -32.16 94.45
C GLU J 106 -10.87 -30.92 94.11
N GLY J 107 -9.94 -31.03 93.16
CA GLY J 107 -9.03 -29.94 92.86
C GLY J 107 -9.67 -28.74 92.20
N ALA J 108 -10.27 -28.93 91.03
CA ALA J 108 -10.83 -27.82 90.28
C ALA J 108 -12.20 -27.45 90.83
N GLU J 109 -12.43 -26.16 91.00
CA GLU J 109 -13.67 -25.64 91.55
C GLU J 109 -14.61 -25.20 90.44
N ALA J 110 -15.88 -25.02 90.81
CA ALA J 110 -16.96 -24.64 89.90
C ALA J 110 -17.15 -25.68 88.80
N LYS J 111 -16.52 -25.46 87.65
CA LYS J 111 -16.64 -26.29 86.46
C LYS J 111 -18.11 -26.47 86.13
N PRO J 112 -18.71 -25.50 85.44
CA PRO J 112 -20.15 -25.55 85.13
C PRO J 112 -20.45 -26.57 84.03
N TRP J 113 -21.42 -27.43 84.29
CA TRP J 113 -21.86 -28.41 83.32
C TRP J 113 -23.18 -27.95 82.71
N TYR J 114 -23.35 -28.25 81.41
CA TYR J 114 -24.56 -27.91 80.68
C TYR J 114 -25.06 -29.15 79.95
N GLU J 115 -26.35 -29.44 80.08
CA GLU J 115 -26.93 -30.55 79.34
C GLU J 115 -28.30 -30.20 78.78
N PRO J 116 -28.47 -30.18 77.46
CA PRO J 116 -29.80 -29.94 76.90
C PRO J 116 -30.53 -31.24 76.59
N ILE J 117 -31.86 -31.18 76.51
CA ILE J 117 -32.69 -32.34 76.20
C ILE J 117 -33.83 -31.87 75.31
N TYR J 118 -34.06 -32.59 74.20
CA TYR J 118 -35.10 -32.23 73.25
C TYR J 118 -36.04 -33.40 73.06
N LEU J 119 -37.33 -33.10 72.97
CA LEU J 119 -38.37 -34.11 72.76
C LEU J 119 -39.29 -33.60 71.67
N GLY J 120 -39.71 -34.50 70.78
CA GLY J 120 -40.64 -34.12 69.73
C GLY J 120 -41.29 -35.32 69.06
N GLY J 121 -42.56 -35.17 68.72
CA GLY J 121 -43.28 -36.23 68.04
C GLY J 121 -44.67 -35.77 67.68
N VAL J 122 -45.31 -36.57 66.81
CA VAL J 122 -46.66 -36.28 66.34
C VAL J 122 -47.63 -37.27 66.98
N PHE J 123 -48.77 -36.75 67.42
CA PHE J 123 -49.76 -37.57 68.11
C PHE J 123 -51.15 -37.10 67.70
N GLN J 124 -52.14 -37.96 67.88
CA GLN J 124 -53.53 -37.60 67.68
C GLN J 124 -54.12 -37.22 69.04
N LEU J 125 -54.59 -35.98 69.15
CA LEU J 125 -55.18 -35.45 70.36
C LEU J 125 -56.65 -35.13 70.14
N GLU J 126 -57.42 -35.18 71.21
CA GLU J 126 -58.84 -34.89 71.18
C GLU J 126 -59.12 -33.58 71.91
N LYS J 127 -60.37 -33.13 71.77
CA LYS J 127 -60.80 -31.90 72.41
C LYS J 127 -60.70 -32.05 73.93
N GLY J 128 -60.13 -31.05 74.59
CA GLY J 128 -60.02 -31.06 76.03
C GLY J 128 -58.81 -31.78 76.58
N ASP J 129 -57.95 -32.37 75.74
CA ASP J 129 -56.72 -32.98 76.25
C ASP J 129 -55.80 -31.88 76.79
N ARG J 130 -55.17 -32.15 77.92
CA ARG J 130 -54.26 -31.20 78.56
C ARG J 130 -52.86 -31.80 78.56
N LEU J 131 -51.96 -31.20 77.78
CA LEU J 131 -50.57 -31.63 77.69
C LEU J 131 -49.73 -30.79 78.64
N SER J 132 -48.70 -31.41 79.20
CA SER J 132 -47.86 -30.74 80.20
C SER J 132 -46.40 -31.11 80.00
N ALA J 133 -45.54 -30.10 79.96
CA ALA J 133 -44.10 -30.30 79.91
C ALA J 133 -43.55 -30.13 81.32
N GLU J 134 -42.81 -31.13 81.78
CA GLU J 134 -42.37 -31.15 83.16
C GLU J 134 -40.94 -31.69 83.22
N ILE J 135 -40.27 -31.37 84.31
CA ILE J 135 -38.90 -31.78 84.58
C ILE J 135 -38.84 -32.30 86.00
N ASN J 136 -37.89 -33.19 86.27
CA ASN J 136 -37.89 -33.80 87.60
C ASN J 136 -37.16 -32.95 88.62
N ARG J 137 -36.09 -32.26 88.19
CA ARG J 137 -35.25 -31.44 89.05
C ARG J 137 -35.25 -30.01 88.52
N PRO J 138 -36.26 -29.20 88.88
CA PRO J 138 -36.27 -27.79 88.47
C PRO J 138 -35.30 -26.93 89.27
N ASP J 139 -34.41 -27.54 90.04
CA ASP J 139 -33.39 -26.85 90.79
C ASP J 139 -32.09 -26.70 90.02
N TYR J 140 -31.93 -27.39 88.89
CA TYR J 140 -30.80 -27.24 88.00
C TYR J 140 -31.17 -26.54 86.69
N LEU J 141 -32.39 -26.02 86.58
CA LEU J 141 -32.86 -25.44 85.32
C LEU J 141 -32.13 -24.15 84.99
N ASP J 142 -31.74 -24.02 83.73
CA ASP J 142 -31.10 -22.80 83.22
C ASP J 142 -32.10 -22.13 82.26
N PHE J 143 -33.00 -21.35 82.86
CA PHE J 143 -33.97 -20.51 82.17
C PHE J 143 -33.50 -19.06 82.08
N ALA J 144 -32.18 -18.87 82.05
CA ALA J 144 -31.55 -17.57 82.02
C ALA J 144 -31.77 -16.88 80.68
N GLU J 145 -31.12 -17.38 79.63
CA GLU J 145 -31.14 -16.69 78.35
C GLU J 145 -32.23 -17.21 77.43
N SER J 146 -32.42 -16.47 76.33
CA SER J 146 -33.53 -16.67 75.41
C SER J 146 -33.54 -18.08 74.82
N GLY J 147 -34.74 -18.52 74.47
CA GLY J 147 -35.03 -19.81 73.87
C GLY J 147 -34.18 -20.99 74.30
N GLN J 148 -33.85 -21.08 75.58
CA GLN J 148 -33.15 -22.23 76.12
C GLN J 148 -34.12 -23.24 76.72
N VAL J 149 -35.30 -22.78 77.12
CA VAL J 149 -36.39 -23.64 77.59
C VAL J 149 -37.66 -23.22 76.88
N TYR J 150 -38.38 -24.20 76.33
CA TYR J 150 -39.60 -23.94 75.59
C TYR J 150 -40.40 -25.23 75.50
N PHE J 151 -41.62 -25.09 74.97
CA PHE J 151 -42.62 -26.15 74.94
C PHE J 151 -43.72 -25.70 74.01
N GLY J 152 -44.13 -26.54 73.06
CA GLY J 152 -45.09 -26.07 72.08
C GLY J 152 -45.79 -27.18 71.34
N ILE J 153 -46.91 -26.80 70.72
CA ILE J 153 -47.69 -27.67 69.84
C ILE J 153 -48.05 -26.87 68.59
N ILE J 154 -48.32 -27.58 67.51
CA ILE J 154 -48.75 -26.97 66.25
C ILE J 154 -49.68 -27.95 65.55
N ALA J 155 -50.82 -27.46 65.05
CA ALA J 155 -51.78 -28.33 64.39
C ALA J 155 -51.27 -28.67 62.99
N LEU J 156 -50.83 -29.90 62.82
CA LEU J 156 -50.42 -30.41 61.51
C LEU J 156 -51.59 -31.04 60.77
N SER K 4 -66.89 -42.71 66.52
CA SER K 4 -65.62 -42.02 66.26
C SER K 4 -65.84 -40.54 65.92
N ARG K 5 -64.79 -39.88 65.44
CA ARG K 5 -64.82 -38.42 65.31
C ARG K 5 -64.18 -37.95 64.00
N THR K 6 -63.18 -37.09 64.11
CA THR K 6 -62.73 -36.31 62.95
C THR K 6 -62.09 -37.21 61.90
N PRO K 7 -62.38 -36.99 60.61
CA PRO K 7 -61.79 -37.81 59.55
C PRO K 7 -60.27 -37.83 59.59
N SER K 8 -59.67 -36.71 59.22
CA SER K 8 -58.23 -36.48 59.18
C SER K 8 -57.54 -37.38 58.15
N ASP K 9 -56.45 -36.87 57.59
CA ASP K 9 -55.69 -37.58 56.56
C ASP K 9 -54.21 -37.25 56.78
N LYS K 10 -53.50 -36.91 55.71
CA LYS K 10 -52.06 -36.70 55.72
C LYS K 10 -51.36 -37.96 56.22
N PRO K 11 -50.61 -38.65 55.38
CA PRO K 11 -49.90 -39.85 55.84
C PRO K 11 -49.07 -39.56 57.07
N VAL K 12 -49.25 -40.39 58.11
CA VAL K 12 -48.61 -40.20 59.40
C VAL K 12 -48.22 -41.54 59.98
N ALA K 13 -47.22 -41.51 60.84
CA ALA K 13 -46.73 -42.69 61.54
C ALA K 13 -45.93 -42.23 62.75
N HIS K 14 -46.16 -42.87 63.88
CA HIS K 14 -45.37 -42.68 65.10
C HIS K 14 -45.33 -44.04 65.75
N VAL K 15 -44.25 -44.77 65.54
CA VAL K 15 -44.12 -46.14 66.03
C VAL K 15 -43.18 -46.15 67.21
N VAL K 16 -43.42 -47.08 68.13
CA VAL K 16 -42.71 -47.15 69.39
C VAL K 16 -42.06 -48.52 69.52
N ALA K 17 -40.98 -48.57 70.29
CA ALA K 17 -40.22 -49.80 70.43
C ALA K 17 -41.01 -50.87 71.17
N ASN K 18 -40.70 -52.12 70.84
CA ASN K 18 -41.27 -53.27 71.53
C ASN K 18 -40.56 -53.47 72.85
N PRO K 19 -41.26 -53.45 73.99
CA PRO K 19 -40.56 -53.66 75.27
C PRO K 19 -40.01 -55.07 75.43
N GLN K 20 -40.67 -56.07 74.85
CA GLN K 20 -40.20 -57.46 74.92
C GLN K 20 -39.25 -57.82 73.79
N ALA K 21 -38.47 -56.86 73.29
CA ALA K 21 -37.55 -57.08 72.18
C ALA K 21 -36.10 -57.04 72.66
N GLU K 22 -35.60 -58.17 73.12
CA GLU K 22 -34.24 -58.22 73.65
C GLU K 22 -33.24 -57.91 72.54
N GLY K 23 -32.13 -57.29 72.91
CA GLY K 23 -31.10 -56.90 71.96
C GLY K 23 -31.52 -56.52 70.55
N GLN K 24 -32.72 -55.97 70.35
CA GLN K 24 -33.18 -55.61 69.02
C GLN K 24 -34.14 -54.44 69.12
N LEU K 25 -34.25 -53.71 68.01
CA LEU K 25 -35.14 -52.55 67.88
C LEU K 25 -36.28 -52.92 66.94
N GLN K 26 -37.36 -53.48 67.49
CA GLN K 26 -38.53 -53.83 66.69
C GLN K 26 -39.60 -52.75 66.87
N TRP K 27 -40.05 -52.17 65.77
CA TRP K 27 -41.02 -51.08 65.81
C TRP K 27 -42.44 -51.63 65.86
N LEU K 28 -43.26 -51.05 66.73
CA LEU K 28 -44.65 -51.46 66.91
C LEU K 28 -45.57 -50.28 66.62
N ASN K 29 -46.78 -50.60 66.17
CA ASN K 29 -47.75 -49.56 65.86
C ASN K 29 -49.07 -49.67 66.61
N ARG K 30 -49.43 -50.86 67.10
CA ARG K 30 -50.72 -51.01 67.79
C ARG K 30 -50.55 -50.93 69.31
N ARG K 31 -50.04 -49.79 69.78
CA ARG K 31 -49.87 -49.55 71.22
C ARG K 31 -50.25 -48.12 71.55
N ALA K 32 -51.37 -47.94 72.26
CA ALA K 32 -51.87 -46.65 72.73
C ALA K 32 -51.63 -45.50 71.76
N ASN K 33 -51.12 -44.37 72.29
CA ASN K 33 -50.81 -43.12 71.60
C ASN K 33 -49.75 -43.23 70.50
N ALA K 34 -49.88 -44.24 69.65
CA ALA K 34 -49.01 -44.45 68.51
C ALA K 34 -49.89 -44.56 67.27
N LEU K 35 -49.35 -44.12 66.14
CA LEU K 35 -50.13 -44.04 64.91
C LEU K 35 -49.38 -44.66 63.75
N LEU K 36 -50.15 -45.25 62.83
CA LEU K 36 -49.67 -45.74 61.54
C LEU K 36 -50.85 -45.95 60.60
N ALA K 37 -51.19 -44.92 59.82
CA ALA K 37 -52.42 -44.92 59.02
C ALA K 37 -52.23 -44.05 57.80
N ASN K 38 -53.25 -44.07 56.92
CA ASN K 38 -53.29 -43.19 55.75
C ASN K 38 -52.18 -43.51 54.75
N GLY K 39 -51.80 -44.78 54.66
CA GLY K 39 -50.98 -45.30 53.58
C GLY K 39 -49.57 -45.70 53.99
N VAL K 40 -49.04 -45.13 55.08
CA VAL K 40 -47.71 -45.55 55.50
C VAL K 40 -47.84 -46.97 56.02
N GLU K 41 -47.11 -47.89 55.40
CA GLU K 41 -47.12 -49.29 55.80
C GLU K 41 -45.77 -49.61 56.43
N LEU K 42 -45.77 -50.53 57.39
CA LEU K 42 -44.56 -50.95 58.10
C LEU K 42 -44.13 -52.31 57.57
N ARG K 43 -43.07 -52.32 56.77
CA ARG K 43 -42.56 -53.55 56.18
C ARG K 43 -41.54 -54.20 57.12
N ASP K 44 -40.28 -54.33 56.68
CA ASP K 44 -39.26 -55.05 57.45
C ASP K 44 -38.57 -54.09 58.41
N ASN K 45 -39.29 -53.73 59.48
CA ASN K 45 -38.85 -52.71 60.43
C ASN K 45 -38.56 -51.41 59.70
N GLN K 46 -39.34 -51.14 58.64
CA GLN K 46 -39.16 -50.00 57.76
C GLN K 46 -40.51 -49.38 57.45
N LEU K 47 -40.55 -48.05 57.36
CA LEU K 47 -41.76 -47.36 56.94
C LEU K 47 -41.71 -47.16 55.42
N VAL K 48 -42.80 -47.49 54.74
CA VAL K 48 -42.89 -47.38 53.29
C VAL K 48 -43.78 -46.19 52.97
N VAL K 49 -43.21 -45.19 52.31
CA VAL K 49 -43.91 -43.94 51.99
C VAL K 49 -44.96 -44.24 50.91
N PRO K 50 -46.21 -43.83 51.10
CA PRO K 50 -47.26 -44.19 50.14
C PRO K 50 -47.44 -43.20 49.00
N SER K 51 -46.94 -41.98 49.16
CA SER K 51 -47.17 -40.97 48.13
C SER K 51 -46.06 -39.93 48.20
N GLU K 52 -45.77 -39.32 47.04
CA GLU K 52 -44.70 -38.34 46.95
C GLU K 52 -45.11 -37.01 47.57
N GLY K 53 -44.17 -36.37 48.27
CA GLY K 53 -44.40 -35.09 48.87
C GLY K 53 -43.32 -34.77 49.88
N LEU K 54 -43.56 -33.70 50.64
CA LEU K 54 -42.64 -33.27 51.69
C LEU K 54 -43.08 -33.87 53.03
N TYR K 55 -42.15 -34.56 53.70
CA TYR K 55 -42.44 -35.20 54.96
C TYR K 55 -41.52 -34.66 56.04
N LEU K 56 -41.99 -34.78 57.28
CA LEU K 56 -41.19 -34.48 58.47
C LEU K 56 -40.80 -35.80 59.12
N ILE K 57 -39.50 -36.03 59.23
CA ILE K 57 -38.93 -37.28 59.71
C ILE K 57 -38.29 -37.01 61.06
N TYR K 58 -38.55 -37.88 62.02
CA TYR K 58 -37.98 -37.74 63.35
C TYR K 58 -37.79 -39.11 63.96
N SER K 59 -36.86 -39.17 64.91
CA SER K 59 -36.65 -40.38 65.69
C SER K 59 -35.80 -40.01 66.90
N GLN K 60 -36.12 -40.62 68.03
CA GLN K 60 -35.32 -40.50 69.23
C GLN K 60 -35.05 -41.89 69.76
N VAL K 61 -33.84 -42.10 70.27
CA VAL K 61 -33.45 -43.34 70.91
C VAL K 61 -32.77 -43.00 72.22
N LEU K 62 -33.05 -43.76 73.27
CA LEU K 62 -32.42 -43.58 74.55
C LEU K 62 -31.52 -44.78 74.81
N PHE K 63 -30.25 -44.51 75.05
CA PHE K 63 -29.28 -45.54 75.35
C PHE K 63 -29.02 -45.52 76.85
N LYS K 64 -29.05 -46.70 77.46
CA LYS K 64 -28.83 -46.83 78.89
C LYS K 64 -27.89 -48.00 79.13
N GLY K 65 -26.88 -47.79 79.97
CA GLY K 65 -25.96 -48.84 80.32
C GLY K 65 -25.60 -48.79 81.79
N GLN K 66 -25.13 -49.93 82.30
CA GLN K 66 -24.77 -50.07 83.69
C GLN K 66 -23.27 -49.98 83.95
N GLY K 67 -22.44 -50.30 82.95
CA GLY K 67 -21.01 -50.23 83.08
C GLY K 67 -20.39 -49.18 82.20
N CYS K 68 -19.07 -49.29 82.00
CA CYS K 68 -18.33 -48.35 81.17
C CYS K 68 -17.07 -48.99 80.61
N PRO K 69 -17.18 -50.14 79.89
CA PRO K 69 -15.97 -50.78 79.37
C PRO K 69 -15.47 -50.14 78.07
N SER K 70 -14.59 -50.88 77.39
CA SER K 70 -13.99 -50.52 76.11
C SER K 70 -13.73 -49.03 75.92
N THR K 71 -12.80 -48.48 76.70
CA THR K 71 -12.35 -47.09 76.64
C THR K 71 -13.39 -46.11 76.10
N HIS K 72 -13.40 -45.94 74.77
CA HIS K 72 -14.28 -45.00 74.08
C HIS K 72 -15.18 -45.79 73.13
N VAL K 73 -16.42 -46.00 73.54
CA VAL K 73 -17.45 -46.68 72.74
C VAL K 73 -18.28 -45.60 72.06
N LEU K 74 -18.65 -45.86 70.80
CA LEU K 74 -19.35 -44.90 69.98
C LEU K 74 -20.76 -45.41 69.68
N LEU K 75 -21.76 -44.62 70.05
CA LEU K 75 -23.16 -44.93 69.83
C LEU K 75 -23.70 -44.14 68.66
N THR K 76 -24.34 -44.82 67.71
CA THR K 76 -24.83 -44.17 66.51
C THR K 76 -26.34 -44.38 66.35
N HIS K 77 -26.95 -43.45 65.63
CA HIS K 77 -28.38 -43.46 65.35
C HIS K 77 -28.58 -42.73 64.05
N THR K 78 -29.10 -43.43 63.04
CA THR K 78 -29.22 -42.88 61.70
C THR K 78 -30.56 -43.27 61.10
N ILE K 79 -31.13 -42.33 60.36
CA ILE K 79 -32.33 -42.57 59.56
C ILE K 79 -31.90 -42.68 58.10
N SER K 80 -32.21 -43.80 57.47
CA SER K 80 -31.75 -44.09 56.13
C SER K 80 -32.92 -44.06 55.15
N ARG K 81 -32.59 -43.91 53.87
CA ARG K 81 -33.63 -43.87 52.84
C ARG K 81 -33.12 -44.64 51.64
N ILE K 82 -33.88 -45.65 51.23
CA ILE K 82 -33.65 -46.34 49.97
C ILE K 82 -34.82 -45.98 49.08
N ALA K 83 -34.53 -45.28 47.99
CA ALA K 83 -35.57 -44.77 47.12
C ALA K 83 -35.67 -45.63 45.87
N VAL K 84 -36.83 -45.56 45.23
CA VAL K 84 -37.01 -46.28 43.98
C VAL K 84 -36.13 -45.66 42.89
N SER K 85 -35.82 -44.37 43.00
CA SER K 85 -35.02 -43.71 41.98
C SER K 85 -33.54 -44.12 42.07
N TYR K 86 -33.04 -44.30 43.29
CA TYR K 86 -31.65 -44.66 43.56
C TYR K 86 -31.64 -45.70 44.66
N GLN K 87 -31.43 -46.96 44.29
CA GLN K 87 -31.66 -48.10 45.16
C GLN K 87 -30.50 -48.39 46.11
N THR K 88 -29.98 -47.36 46.77
CA THR K 88 -28.92 -47.55 47.75
C THR K 88 -29.30 -46.89 49.06
N LYS K 89 -29.01 -47.58 50.17
CA LYS K 89 -29.31 -47.05 51.49
C LYS K 89 -28.39 -45.87 51.80
N VAL K 90 -28.95 -44.67 51.95
CA VAL K 90 -28.20 -43.48 52.29
C VAL K 90 -28.81 -42.84 53.53
N ASN K 91 -27.94 -42.26 54.35
CA ASN K 91 -28.37 -41.64 55.61
C ASN K 91 -28.90 -40.24 55.33
N LEU K 92 -30.10 -39.93 55.82
CA LEU K 92 -30.61 -38.57 55.74
C LEU K 92 -30.24 -37.75 56.98
N LEU K 93 -30.40 -38.35 58.15
CA LEU K 93 -30.04 -37.74 59.42
C LEU K 93 -29.24 -38.75 60.21
N SER K 94 -28.16 -38.28 60.85
CA SER K 94 -27.30 -39.18 61.60
C SER K 94 -26.65 -38.39 62.73
N ALA K 95 -26.31 -39.11 63.79
CA ALA K 95 -25.62 -38.52 64.94
C ALA K 95 -24.83 -39.61 65.65
N ILE K 96 -23.72 -39.20 66.25
CA ILE K 96 -22.82 -40.10 66.97
C ILE K 96 -22.61 -39.51 68.36
N LYS K 97 -22.42 -40.39 69.34
CA LYS K 97 -22.24 -39.92 70.71
C LYS K 97 -21.33 -40.87 71.47
N SER K 98 -20.38 -40.32 72.22
CA SER K 98 -19.50 -41.13 73.04
C SER K 98 -19.98 -41.10 74.48
N PRO K 99 -20.54 -42.20 75.01
CA PRO K 99 -21.15 -42.14 76.34
C PRO K 99 -20.17 -42.29 77.49
N CYS K 100 -19.08 -43.01 77.26
CA CYS K 100 -18.14 -43.33 78.33
C CYS K 100 -16.96 -42.39 78.19
N GLN K 101 -16.88 -41.44 79.11
CA GLN K 101 -15.78 -40.50 79.17
C GLN K 101 -14.50 -41.24 79.48
N ARG K 102 -13.37 -40.64 79.06
CA ARG K 102 -12.04 -41.26 79.12
C ARG K 102 -11.92 -42.22 80.30
N GLU K 103 -11.92 -41.65 81.50
CA GLU K 103 -11.82 -42.36 82.77
C GLU K 103 -12.66 -43.62 82.82
N THR K 104 -12.04 -44.77 82.57
CA THR K 104 -12.74 -46.04 82.66
C THR K 104 -12.77 -46.48 84.11
N PRO K 105 -13.94 -46.59 84.73
CA PRO K 105 -14.00 -46.83 86.18
C PRO K 105 -13.17 -48.02 86.63
N GLU K 106 -12.40 -47.81 87.70
CA GLU K 106 -11.53 -48.83 88.28
C GLU K 106 -11.82 -48.91 89.77
N GLY K 107 -12.48 -49.98 90.19
CA GLY K 107 -12.73 -50.17 91.62
C GLY K 107 -14.08 -50.75 91.95
N ALA K 108 -15.13 -50.33 91.24
CA ALA K 108 -16.48 -50.78 91.54
C ALA K 108 -17.13 -51.44 90.33
N GLU K 109 -18.47 -51.46 90.31
CA GLU K 109 -19.16 -52.13 89.21
C GLU K 109 -20.61 -51.67 89.03
N ALA K 110 -21.03 -50.49 89.50
CA ALA K 110 -22.45 -50.14 89.46
C ALA K 110 -22.59 -48.61 89.39
N LYS K 111 -23.05 -48.11 88.24
CA LYS K 111 -23.27 -46.70 87.99
C LYS K 111 -23.86 -46.50 86.59
N PRO K 112 -25.18 -46.46 86.52
CA PRO K 112 -25.90 -46.34 85.24
C PRO K 112 -25.79 -44.97 84.60
N TRP K 113 -25.44 -44.96 83.31
CA TRP K 113 -25.37 -43.76 82.49
C TRP K 113 -26.56 -43.72 81.53
N TYR K 114 -27.02 -42.51 81.21
CA TYR K 114 -28.10 -42.32 80.26
C TYR K 114 -27.67 -41.33 79.17
N GLU K 115 -27.90 -41.68 77.91
CA GLU K 115 -27.66 -40.78 76.80
C GLU K 115 -28.77 -40.89 75.76
N PRO K 116 -29.56 -39.82 75.55
CA PRO K 116 -30.56 -39.84 74.48
C PRO K 116 -30.04 -39.17 73.22
N ILE K 117 -30.63 -39.51 72.07
CA ILE K 117 -30.26 -38.91 70.79
C ILE K 117 -31.53 -38.68 69.98
N TYR K 118 -31.71 -37.47 69.45
CA TYR K 118 -32.89 -37.10 68.69
C TYR K 118 -32.48 -36.53 67.34
N LEU K 119 -33.24 -36.88 66.30
CA LEU K 119 -33.00 -36.45 64.93
C LEU K 119 -34.33 -36.01 64.34
N GLY K 120 -34.30 -34.96 63.52
CA GLY K 120 -35.48 -34.48 62.86
C GLY K 120 -35.11 -33.61 61.67
N GLY K 121 -35.91 -33.70 60.62
CA GLY K 121 -35.67 -32.90 59.44
C GLY K 121 -36.78 -33.10 58.42
N VAL K 122 -36.77 -32.23 57.42
CA VAL K 122 -37.74 -32.25 56.33
C VAL K 122 -37.05 -32.80 55.09
N PHE K 123 -37.72 -33.71 54.40
CA PHE K 123 -37.17 -34.33 53.20
C PHE K 123 -38.26 -34.59 52.18
N GLN K 124 -37.84 -34.67 50.93
CA GLN K 124 -38.71 -35.03 49.83
C GLN K 124 -38.62 -36.54 49.60
N LEU K 125 -39.74 -37.21 49.79
CA LEU K 125 -39.80 -38.65 49.57
C LEU K 125 -40.75 -38.91 48.40
N GLU K 126 -40.48 -39.98 47.67
CA GLU K 126 -41.25 -40.39 46.51
C GLU K 126 -42.00 -41.68 46.82
N LYS K 127 -42.81 -42.09 45.86
CA LYS K 127 -43.56 -43.34 45.97
C LYS K 127 -42.61 -44.50 46.18
N GLY K 128 -42.90 -45.33 47.19
CA GLY K 128 -42.13 -46.53 47.41
C GLY K 128 -40.84 -46.36 48.20
N ASP K 129 -40.49 -45.16 48.64
CA ASP K 129 -39.28 -45.01 49.44
C ASP K 129 -39.43 -45.73 50.77
N ARG K 130 -38.38 -46.43 51.18
CA ARG K 130 -38.37 -47.18 52.42
C ARG K 130 -37.36 -46.56 53.36
N LEU K 131 -37.85 -45.95 54.43
CA LEU K 131 -37.03 -45.35 55.47
C LEU K 131 -36.84 -46.35 56.61
N SER K 132 -35.65 -46.30 57.20
CA SER K 132 -35.29 -47.21 58.27
C SER K 132 -34.46 -46.45 59.30
N ALA K 133 -34.88 -46.52 60.55
CA ALA K 133 -34.14 -45.94 61.66
C ALA K 133 -33.41 -47.06 62.39
N GLU K 134 -32.11 -46.91 62.56
CA GLU K 134 -31.30 -48.00 63.08
C GLU K 134 -30.23 -47.44 64.01
N ILE K 135 -29.73 -48.31 64.87
CA ILE K 135 -28.65 -48.00 65.80
C ILE K 135 -27.68 -49.16 65.74
N ASN K 136 -26.43 -48.88 66.14
CA ASN K 136 -25.36 -49.85 66.02
C ASN K 136 -25.32 -50.83 67.19
N ARG K 137 -25.73 -50.40 68.38
CA ARG K 137 -25.66 -51.22 69.59
C ARG K 137 -27.04 -51.49 70.16
N PRO K 138 -27.74 -52.56 69.71
CA PRO K 138 -29.08 -52.82 70.24
C PRO K 138 -29.05 -53.46 71.63
N ASP K 139 -27.87 -53.54 72.23
CA ASP K 139 -27.73 -54.06 73.58
C ASP K 139 -27.81 -52.99 74.65
N TYR K 140 -27.81 -51.71 74.27
CA TYR K 140 -27.94 -50.58 75.18
C TYR K 140 -29.32 -49.91 75.10
N LEU K 141 -30.27 -50.52 74.40
CA LEU K 141 -31.59 -49.93 74.26
C LEU K 141 -32.37 -49.87 75.56
N ASP K 142 -33.04 -48.75 75.77
CA ASP K 142 -33.97 -48.54 76.88
C ASP K 142 -35.35 -48.50 76.24
N PHE K 143 -35.92 -49.67 76.03
CA PHE K 143 -37.28 -49.75 75.51
C PHE K 143 -38.28 -49.91 76.62
N ALA K 144 -37.85 -49.71 77.86
CA ALA K 144 -38.71 -49.65 79.02
C ALA K 144 -39.34 -48.26 79.08
N GLU K 145 -40.15 -48.03 80.11
CA GLU K 145 -40.78 -46.73 80.35
C GLU K 145 -41.72 -46.29 79.23
N SER K 146 -41.76 -44.98 78.98
CA SER K 146 -42.79 -44.39 78.12
C SER K 146 -42.25 -44.09 76.73
N GLY K 147 -42.62 -42.92 76.19
CA GLY K 147 -42.18 -42.46 74.89
C GLY K 147 -40.72 -42.09 74.83
N GLN K 148 -39.83 -42.99 75.27
CA GLN K 148 -38.41 -42.68 75.30
C GLN K 148 -37.67 -43.09 74.03
N VAL K 149 -38.19 -44.05 73.27
CA VAL K 149 -37.63 -44.41 71.96
C VAL K 149 -38.77 -44.51 70.96
N TYR K 150 -38.63 -43.82 69.83
CA TYR K 150 -39.70 -43.73 68.84
C TYR K 150 -39.11 -43.28 67.51
N PHE K 151 -39.98 -43.29 66.49
CA PHE K 151 -39.59 -43.00 65.11
C PHE K 151 -40.84 -42.81 64.26
N GLY K 152 -40.91 -41.71 63.50
CA GLY K 152 -42.12 -41.44 62.75
C GLY K 152 -41.93 -40.42 61.66
N ILE K 153 -42.90 -40.38 60.73
CA ILE K 153 -42.94 -39.38 59.67
C ILE K 153 -44.38 -38.85 59.56
N ILE K 154 -44.48 -37.62 59.04
CA ILE K 154 -45.78 -36.97 58.78
C ILE K 154 -45.62 -36.05 57.58
N ALA K 155 -46.57 -36.13 56.64
CA ALA K 155 -46.53 -35.34 55.42
C ALA K 155 -46.90 -33.89 55.72
N LEU K 156 -45.94 -32.97 55.61
CA LEU K 156 -46.22 -31.55 55.77
C LEU K 156 -46.68 -30.96 54.43
N ALA L 2 -22.63 -45.72 43.14
CA ALA L 2 -23.41 -44.90 44.07
C ALA L 2 -23.66 -43.52 43.48
N ARG L 3 -24.67 -43.42 42.61
CA ARG L 3 -24.85 -42.25 41.76
C ARG L 3 -23.59 -42.01 40.94
N VAL L 4 -23.61 -42.52 39.72
CA VAL L 4 -22.54 -42.45 38.71
C VAL L 4 -21.45 -43.43 39.12
N ASP L 5 -21.05 -44.29 38.19
CA ASP L 5 -20.01 -45.29 38.41
C ASP L 5 -18.99 -45.09 37.29
N GLN L 6 -17.88 -44.44 37.60
CA GLN L 6 -16.82 -44.32 36.61
C GLN L 6 -16.04 -45.63 36.60
N THR L 7 -15.99 -46.31 35.46
CA THR L 7 -15.51 -47.68 35.48
C THR L 7 -13.98 -47.75 35.38
N PRO L 8 -13.31 -47.12 34.38
CA PRO L 8 -11.84 -47.24 34.37
C PRO L 8 -11.25 -46.32 35.43
N GLN L 9 -11.04 -46.86 36.63
CA GLN L 9 -10.54 -46.04 37.73
C GLN L 9 -9.06 -45.73 37.60
N THR L 10 -8.29 -46.58 36.92
CA THR L 10 -6.86 -46.34 36.71
C THR L 10 -6.45 -46.83 35.34
N ILE L 11 -5.91 -45.94 34.50
CA ILE L 11 -5.38 -46.32 33.20
C ILE L 11 -3.94 -45.85 33.09
N THR L 12 -3.11 -46.65 32.40
CA THR L 12 -1.72 -46.30 32.10
C THR L 12 -1.48 -46.60 30.63
N LYS L 13 -1.43 -45.56 29.82
CA LYS L 13 -1.25 -45.72 28.38
C LYS L 13 0.04 -45.04 27.96
N GLU L 14 0.48 -45.34 26.74
CA GLU L 14 1.71 -44.77 26.22
C GLU L 14 1.40 -43.62 25.26
N THR L 15 2.38 -42.73 25.09
CA THR L 15 2.21 -41.55 24.26
C THR L 15 1.77 -41.92 22.85
N GLY L 16 0.67 -41.30 22.41
CA GLY L 16 0.08 -41.54 21.10
C GLY L 16 -1.23 -42.30 21.13
N GLU L 17 -1.43 -43.15 22.14
CA GLU L 17 -2.63 -43.99 22.20
C GLU L 17 -3.90 -43.20 22.55
N SER L 18 -4.92 -43.89 23.06
CA SER L 18 -6.23 -43.28 23.28
C SER L 18 -6.97 -44.02 24.40
N LEU L 19 -7.36 -43.28 25.44
CA LEU L 19 -8.10 -43.80 26.57
C LEU L 19 -9.57 -43.43 26.51
N THR L 20 -10.43 -44.39 26.83
CA THR L 20 -11.86 -44.17 26.98
C THR L 20 -12.31 -44.36 28.44
N ILE L 21 -13.02 -43.36 28.95
CA ILE L 21 -13.57 -43.33 30.31
C ILE L 21 -15.08 -43.41 30.23
N ASN L 22 -15.69 -44.38 30.91
CA ASN L 22 -17.14 -44.56 30.88
C ASN L 22 -17.75 -44.26 32.23
N CYS L 23 -18.90 -43.57 32.23
CA CYS L 23 -19.66 -43.27 33.44
C CYS L 23 -21.09 -43.71 33.24
N VAL L 24 -21.67 -44.37 34.24
CA VAL L 24 -23.03 -44.87 34.15
C VAL L 24 -23.85 -44.23 35.26
N LEU L 25 -25.01 -43.67 34.91
CA LEU L 25 -25.88 -43.04 35.89
C LEU L 25 -26.71 -44.12 36.58
N ARG L 26 -26.76 -44.07 37.90
CA ARG L 26 -27.58 -44.99 38.68
C ARG L 26 -28.81 -44.32 39.29
N ASP L 27 -28.81 -42.99 39.37
CA ASP L 27 -29.97 -42.21 39.80
C ASP L 27 -30.76 -41.77 38.57
N SER L 28 -32.03 -42.19 38.49
CA SER L 28 -32.88 -41.84 37.35
C SER L 28 -33.36 -40.39 37.37
N HIS L 29 -32.89 -39.56 38.29
CA HIS L 29 -33.25 -38.15 38.28
C HIS L 29 -32.22 -37.25 37.60
N CYS L 30 -30.99 -37.71 37.47
CA CYS L 30 -29.99 -36.92 36.78
C CYS L 30 -30.14 -37.12 35.28
N ALA L 31 -29.88 -36.06 34.52
CA ALA L 31 -30.16 -36.06 33.10
C ALA L 31 -28.85 -36.18 32.30
N THR L 32 -28.90 -36.96 31.23
CA THR L 32 -27.76 -37.09 30.33
C THR L 32 -27.60 -35.88 29.42
N SER L 33 -28.47 -34.88 29.55
CA SER L 33 -28.39 -33.68 28.73
C SER L 33 -27.45 -32.64 29.31
N SER L 34 -26.99 -32.82 30.54
CA SER L 34 -26.05 -31.90 31.18
C SER L 34 -24.93 -32.74 31.80
N THR L 35 -24.07 -33.27 30.93
CA THR L 35 -22.93 -34.07 31.35
C THR L 35 -21.71 -33.16 31.27
N TYR L 36 -20.78 -33.33 32.22
CA TYR L 36 -19.64 -32.44 32.33
C TYR L 36 -18.40 -33.29 32.55
N TRP L 37 -17.25 -32.78 32.10
CA TRP L 37 -16.00 -33.50 32.26
C TRP L 37 -14.95 -32.57 32.83
N TYR L 38 -14.14 -33.10 33.74
CA TYR L 38 -13.13 -32.30 34.42
C TYR L 38 -11.82 -33.05 34.52
N ARG L 39 -10.70 -32.39 34.21
CA ARG L 39 -9.39 -32.97 34.44
C ARG L 39 -8.59 -32.07 35.37
N LYS L 40 -7.72 -32.70 36.16
CA LYS L 40 -6.81 -31.98 37.06
C LYS L 40 -5.43 -32.57 36.80
N LYS L 41 -4.63 -31.83 36.05
CA LYS L 41 -3.29 -32.25 35.66
C LYS L 41 -2.38 -32.39 36.86
N SER L 42 -1.71 -33.54 36.96
CA SER L 42 -0.76 -33.78 38.04
C SER L 42 0.18 -32.59 38.18
N GLY L 43 0.19 -31.97 39.35
CA GLY L 43 1.02 -30.81 39.60
C GLY L 43 0.30 -29.49 39.55
N SER L 44 -0.94 -29.45 39.07
CA SER L 44 -1.73 -28.22 39.05
C SER L 44 -2.82 -28.30 40.12
N THR L 45 -3.25 -27.12 40.56
CA THR L 45 -4.31 -26.98 41.56
C THR L 45 -5.62 -26.53 40.94
N ASN L 46 -5.80 -26.77 39.64
CA ASN L 46 -6.97 -26.35 38.89
C ASN L 46 -7.74 -27.55 38.37
N GLU L 47 -9.04 -27.60 38.66
CA GLU L 47 -9.91 -28.53 37.96
C GLU L 47 -10.33 -27.81 36.68
N GLU L 48 -9.88 -28.29 35.53
CA GLU L 48 -10.27 -27.70 34.27
C GLU L 48 -11.43 -28.49 33.72
N SER L 49 -12.23 -27.83 32.90
CA SER L 49 -13.39 -28.44 32.28
C SER L 49 -13.03 -28.80 30.84
N ILE L 50 -13.22 -30.05 30.49
CA ILE L 50 -12.95 -30.48 29.12
C ILE L 50 -14.03 -29.92 28.21
N SER L 51 -13.65 -29.41 27.06
CA SER L 51 -14.65 -28.88 26.15
C SER L 51 -15.03 -30.04 25.24
N LYS L 52 -16.32 -30.12 24.89
CA LYS L 52 -16.77 -31.30 24.17
C LYS L 52 -16.54 -31.02 22.70
N GLY L 53 -15.42 -31.52 22.17
CA GLY L 53 -15.10 -31.29 20.79
C GLY L 53 -13.65 -31.53 20.41
N GLY L 54 -13.45 -32.21 19.29
CA GLY L 54 -12.11 -32.45 18.76
C GLY L 54 -11.40 -33.68 19.30
N ARG L 55 -10.43 -33.46 20.18
CA ARG L 55 -9.69 -34.59 20.75
C ARG L 55 -10.54 -35.30 21.79
N TYR L 56 -11.54 -34.61 22.32
CA TYR L 56 -12.45 -35.07 23.35
C TYR L 56 -13.81 -35.36 22.71
N VAL L 57 -14.13 -36.62 22.48
CA VAL L 57 -15.42 -37.00 21.91
C VAL L 57 -16.27 -37.65 23.01
N GLU L 58 -17.54 -37.25 23.08
CA GLU L 58 -18.46 -37.76 24.08
C GLU L 58 -19.62 -38.50 23.42
N THR L 59 -19.85 -39.74 23.85
CA THR L 59 -20.94 -40.57 23.38
C THR L 59 -21.94 -40.81 24.51
N VAL L 60 -23.21 -40.50 24.28
CA VAL L 60 -24.24 -40.63 25.31
C VAL L 60 -25.37 -41.54 24.82
N ASN L 61 -25.90 -42.35 25.73
CA ASN L 61 -27.11 -43.15 25.51
C ASN L 61 -28.03 -42.90 26.70
N SER L 62 -29.12 -42.15 26.49
CA SER L 62 -30.01 -41.83 27.59
C SER L 62 -30.83 -43.03 28.02
N GLY L 63 -31.02 -44.00 27.13
CA GLY L 63 -31.76 -45.20 27.50
C GLY L 63 -31.07 -45.94 28.62
N SER L 64 -29.75 -46.09 28.52
CA SER L 64 -28.95 -46.71 29.56
C SER L 64 -28.43 -45.71 30.58
N LYS L 65 -28.76 -44.42 30.41
CA LYS L 65 -28.27 -43.37 31.31
C LYS L 65 -26.75 -43.45 31.43
N SER L 66 -26.08 -43.66 30.30
CA SER L 66 -24.63 -43.83 30.28
C SER L 66 -23.99 -42.91 29.26
N PHE L 67 -22.83 -42.36 29.62
CA PHE L 67 -22.04 -41.51 28.72
C PHE L 67 -20.56 -41.88 28.81
N SER L 68 -19.84 -41.60 27.72
CA SER L 68 -18.42 -41.93 27.62
C SER L 68 -17.61 -40.73 27.13
N LEU L 69 -16.29 -40.81 27.32
CA LEU L 69 -15.34 -39.78 26.89
C LEU L 69 -14.06 -40.41 26.34
N ARG L 70 -13.94 -40.51 25.02
CA ARG L 70 -12.73 -40.99 24.38
C ARG L 70 -11.76 -39.83 24.08
N ILE L 71 -10.51 -39.98 24.50
CA ILE L 71 -9.45 -38.99 24.26
C ILE L 71 -8.40 -39.61 23.33
N ASN L 72 -8.17 -38.97 22.19
CA ASN L 72 -7.18 -39.42 21.22
C ASN L 72 -5.94 -38.52 21.27
N ASP L 73 -4.92 -38.91 20.50
CA ASP L 73 -3.61 -38.24 20.48
C ASP L 73 -3.14 -37.87 21.89
N LEU L 74 -2.77 -38.92 22.63
CA LEU L 74 -2.37 -38.76 24.02
C LEU L 74 -0.93 -38.28 24.15
N THR L 75 -0.72 -37.26 24.97
CA THR L 75 0.63 -36.84 25.33
C THR L 75 0.87 -37.18 26.80
N VAL L 76 2.00 -36.71 27.34
CA VAL L 76 2.30 -36.90 28.75
C VAL L 76 1.74 -35.72 29.52
N GLU L 77 1.21 -34.73 28.80
CA GLU L 77 0.54 -33.59 29.38
C GLU L 77 -0.91 -33.91 29.69
N ASP L 78 -1.34 -35.13 29.34
CA ASP L 78 -2.68 -35.63 29.63
C ASP L 78 -2.68 -36.61 30.80
N SER L 79 -1.77 -36.42 31.77
CA SER L 79 -1.70 -37.29 32.94
C SER L 79 -2.30 -36.54 34.11
N GLY L 80 -3.41 -37.04 34.62
CA GLY L 80 -4.11 -36.38 35.71
C GLY L 80 -5.36 -37.17 36.05
N THR L 81 -6.10 -36.64 37.03
CA THR L 81 -7.32 -37.26 37.52
C THR L 81 -8.53 -36.67 36.81
N TYR L 82 -9.28 -37.54 36.13
CA TYR L 82 -10.48 -37.18 35.35
C TYR L 82 -11.77 -37.57 36.09
N ARG L 83 -12.72 -36.64 36.16
CA ARG L 83 -14.04 -36.87 36.73
C ARG L 83 -15.14 -36.51 35.74
N CYS L 84 -16.28 -37.18 35.85
CA CYS L 84 -17.51 -36.89 35.12
C CYS L 84 -18.54 -36.28 36.07
N ALA L 85 -19.53 -35.59 35.49
CA ALA L 85 -20.51 -34.85 36.27
C ALA L 85 -21.85 -34.84 35.56
N SER L 86 -22.93 -34.64 36.35
CA SER L 86 -24.27 -34.57 35.81
C SER L 86 -25.18 -33.72 36.70
N GLU L 87 -26.20 -33.13 36.08
CA GLU L 87 -27.19 -32.27 36.73
C GLU L 87 -28.50 -33.01 36.97
N CYS L 88 -28.93 -33.07 38.22
CA CYS L 88 -30.14 -33.76 38.61
C CYS L 88 -31.24 -32.78 39.04
N GLN L 89 -32.49 -33.13 38.76
CA GLN L 89 -33.63 -32.32 39.16
C GLN L 89 -34.89 -33.17 39.13
N TYR L 90 -35.55 -33.31 40.27
CA TYR L 90 -36.82 -34.00 40.33
C TYR L 90 -37.84 -32.99 40.77
N GLY L 91 -38.46 -33.20 41.92
CA GLY L 91 -39.41 -32.25 42.42
C GLY L 91 -38.86 -30.86 42.72
N LEU L 92 -38.70 -30.57 44.01
CA LEU L 92 -38.08 -29.34 44.51
C LEU L 92 -36.58 -29.46 44.70
N ALA L 93 -35.99 -30.58 44.27
CA ALA L 93 -34.61 -30.92 44.53
C ALA L 93 -33.74 -30.68 43.30
N GLU L 94 -32.54 -30.16 43.55
CA GLU L 94 -31.54 -29.90 42.53
C GLU L 94 -30.17 -30.25 43.10
N TYR L 95 -29.43 -31.17 42.46
CA TYR L 95 -28.14 -31.60 42.97
C TYR L 95 -27.26 -32.04 41.80
N ASP L 96 -26.02 -32.44 42.11
CA ASP L 96 -25.04 -32.86 41.12
C ASP L 96 -24.33 -34.12 41.60
N VAL L 97 -23.65 -34.80 40.67
CA VAL L 97 -23.06 -36.10 40.97
C VAL L 97 -21.65 -36.16 40.38
N TYR L 98 -20.79 -36.94 41.03
CA TYR L 98 -19.40 -37.07 40.59
C TYR L 98 -18.91 -38.51 40.77
N GLY L 99 -17.70 -38.75 40.26
CA GLY L 99 -17.03 -40.05 40.32
C GLY L 99 -15.55 -39.99 40.68
N GLY L 100 -14.72 -40.73 39.96
CA GLY L 100 -13.28 -40.68 40.17
C GLY L 100 -12.48 -41.66 39.34
N GLY L 101 -11.31 -41.23 38.86
CA GLY L 101 -10.45 -42.07 38.03
C GLY L 101 -9.20 -41.38 37.47
N THR L 102 -8.04 -42.02 37.60
CA THR L 102 -6.74 -41.40 37.36
C THR L 102 -6.10 -41.95 36.08
N VAL L 103 -5.38 -41.07 35.39
CA VAL L 103 -4.71 -41.39 34.12
C VAL L 103 -3.23 -41.04 34.21
N VAL L 104 -2.38 -41.94 33.70
CA VAL L 104 -0.94 -41.70 33.56
C VAL L 104 -0.48 -42.16 32.19
N THR L 105 0.24 -41.31 31.46
CA THR L 105 0.77 -41.64 30.14
C THR L 105 2.30 -41.61 30.20
N VAL L 106 2.92 -42.70 29.76
CA VAL L 106 4.38 -42.82 29.70
C VAL L 106 4.84 -42.57 28.27
N ASN L 107 6.00 -41.96 28.12
CA ASN L 107 6.47 -41.52 26.81
C ASN L 107 7.33 -42.59 26.15
N ALA M 2 -56.81 -48.43 84.85
CA ALA M 2 -55.84 -47.96 83.87
C ALA M 2 -56.06 -48.63 82.51
N ARG M 3 -54.99 -49.08 81.86
CA ARG M 3 -55.09 -49.87 80.64
C ARG M 3 -55.58 -51.26 81.04
N VAL M 4 -56.91 -51.39 81.13
CA VAL M 4 -57.60 -52.60 81.57
C VAL M 4 -57.37 -52.82 83.06
N ASP M 5 -58.42 -53.25 83.78
CA ASP M 5 -58.35 -53.44 85.24
C ASP M 5 -58.50 -54.91 85.55
N GLN M 6 -57.37 -55.55 85.84
CA GLN M 6 -57.37 -56.95 86.29
C GLN M 6 -57.69 -57.03 87.77
N THR M 7 -58.74 -57.76 88.12
CA THR M 7 -59.14 -57.83 89.53
C THR M 7 -58.43 -59.00 90.22
N PRO M 8 -58.57 -60.27 89.75
CA PRO M 8 -57.88 -61.39 90.40
C PRO M 8 -56.41 -61.50 90.04
N GLN M 9 -55.54 -60.99 90.90
CA GLN M 9 -54.11 -60.96 90.56
C GLN M 9 -53.50 -62.36 90.57
N THR M 10 -53.42 -62.99 91.73
CA THR M 10 -52.91 -64.36 91.85
C THR M 10 -54.00 -65.29 92.36
N ILE M 11 -54.33 -66.31 91.58
CA ILE M 11 -55.34 -67.29 91.95
C ILE M 11 -54.69 -68.42 92.73
N THR M 12 -55.41 -68.94 93.73
CA THR M 12 -54.98 -70.13 94.47
C THR M 12 -56.22 -71.02 94.58
N LYS M 13 -56.33 -72.02 93.71
CA LYS M 13 -57.48 -72.92 93.73
C LYS M 13 -57.10 -74.28 93.14
N GLU M 14 -57.99 -75.24 93.39
CA GLU M 14 -57.87 -76.64 93.02
C GLU M 14 -58.83 -76.98 91.87
N THR M 15 -58.52 -78.08 91.18
CA THR M 15 -59.40 -78.62 90.15
C THR M 15 -60.77 -78.91 90.73
N GLY M 16 -61.81 -78.37 90.07
CA GLY M 16 -63.19 -78.53 90.48
C GLY M 16 -63.81 -77.30 91.09
N GLU M 17 -63.17 -76.15 90.94
CA GLU M 17 -63.63 -74.87 91.44
C GLU M 17 -63.79 -73.97 90.23
N SER M 18 -63.78 -72.66 90.42
CA SER M 18 -64.01 -71.77 89.29
C SER M 18 -63.35 -70.44 89.57
N LEU M 19 -62.43 -70.06 88.70
CA LEU M 19 -61.83 -68.74 88.78
C LEU M 19 -62.53 -67.88 87.75
N THR M 20 -62.95 -66.70 88.18
CA THR M 20 -63.48 -65.70 87.26
C THR M 20 -62.45 -64.59 87.23
N ILE M 21 -61.97 -64.27 86.04
CA ILE M 21 -60.99 -63.21 85.89
C ILE M 21 -61.70 -62.05 85.20
N ASN M 22 -61.71 -60.90 85.85
CA ASN M 22 -62.47 -59.76 85.37
C ASN M 22 -61.53 -58.66 84.89
N CYS M 23 -61.90 -58.05 83.76
CA CYS M 23 -61.19 -56.92 83.20
C CYS M 23 -62.19 -55.81 82.92
N VAL M 24 -61.83 -54.59 83.32
CA VAL M 24 -62.69 -53.43 83.16
C VAL M 24 -61.95 -52.44 82.26
N LEU M 25 -62.64 -51.96 81.24
CA LEU M 25 -62.04 -50.99 80.32
C LEU M 25 -62.16 -49.61 80.97
N ARG M 26 -61.05 -48.88 80.99
CA ARG M 26 -61.04 -47.54 81.59
C ARG M 26 -60.90 -46.44 80.55
N ASP M 27 -60.41 -46.78 79.36
CA ASP M 27 -60.35 -45.87 78.22
C ASP M 27 -61.61 -46.02 77.39
N SER M 28 -62.32 -44.92 77.18
CA SER M 28 -63.57 -45.02 76.43
C SER M 28 -63.37 -45.33 74.97
N HIS M 29 -62.15 -45.63 74.51
CA HIS M 29 -61.94 -46.02 73.13
C HIS M 29 -61.90 -47.53 72.94
N CYS M 30 -61.66 -48.28 74.01
CA CYS M 30 -61.68 -49.74 73.94
C CYS M 30 -63.10 -50.25 74.12
N ALA M 31 -63.43 -51.30 73.37
CA ALA M 31 -64.77 -51.88 73.34
C ALA M 31 -64.76 -53.27 73.94
N THR M 32 -65.82 -53.61 74.63
CA THR M 32 -65.97 -54.98 75.14
C THR M 32 -66.35 -55.97 74.02
N SER M 33 -66.38 -55.51 72.76
CA SER M 33 -66.83 -56.37 71.66
C SER M 33 -65.71 -57.23 71.10
N SER M 34 -64.50 -56.67 70.94
CA SER M 34 -63.35 -57.45 70.46
C SER M 34 -62.43 -57.76 71.63
N THR M 35 -62.90 -58.70 72.44
CA THR M 35 -62.19 -59.15 73.62
C THR M 35 -61.48 -60.46 73.33
N TYR M 36 -60.30 -60.62 73.91
CA TYR M 36 -59.49 -61.80 73.69
C TYR M 36 -58.84 -62.19 75.00
N TRP M 37 -58.55 -63.48 75.13
CA TRP M 37 -57.87 -64.00 76.30
C TRP M 37 -56.73 -64.86 75.79
N TYR M 38 -55.58 -64.73 76.45
CA TYR M 38 -54.35 -65.38 76.05
C TYR M 38 -53.77 -66.03 77.29
N ARG M 39 -53.28 -67.26 77.13
CA ARG M 39 -52.72 -68.01 78.24
C ARG M 39 -51.23 -68.19 78.06
N LYS M 40 -50.52 -68.19 79.18
CA LYS M 40 -49.07 -68.32 79.19
C LYS M 40 -48.76 -69.42 80.19
N LYS M 41 -48.37 -70.60 79.71
CA LYS M 41 -48.10 -71.67 80.66
C LYS M 41 -46.93 -71.31 81.56
N SER M 42 -47.15 -71.41 82.87
CA SER M 42 -46.17 -71.04 83.87
C SER M 42 -44.79 -71.62 83.61
N GLY M 43 -43.80 -70.74 83.51
CA GLY M 43 -42.42 -71.12 83.33
C GLY M 43 -41.91 -71.07 81.90
N SER M 44 -42.80 -70.98 80.92
CA SER M 44 -42.40 -70.85 79.54
C SER M 44 -42.69 -69.43 79.08
N THR M 45 -41.90 -68.99 78.11
CA THR M 45 -42.02 -67.64 77.54
C THR M 45 -42.67 -67.70 76.16
N ASN M 46 -43.57 -68.66 75.96
CA ASN M 46 -44.32 -68.82 74.71
C ASN M 46 -45.74 -68.37 75.05
N GLU M 47 -46.01 -67.09 74.80
CA GLU M 47 -47.34 -66.59 75.15
C GLU M 47 -48.31 -67.09 74.08
N GLU M 48 -49.17 -68.04 74.46
CA GLU M 48 -50.13 -68.67 73.57
C GLU M 48 -51.53 -68.09 73.69
N SER M 49 -52.34 -68.37 72.66
CA SER M 49 -53.72 -67.92 72.55
C SER M 49 -54.66 -69.04 72.96
N ILE M 50 -55.56 -68.75 73.91
CA ILE M 50 -56.54 -69.75 74.34
C ILE M 50 -57.58 -69.87 73.22
N SER M 51 -58.81 -70.19 73.60
CA SER M 51 -59.90 -70.36 72.65
C SER M 51 -61.16 -69.86 73.34
N LYS M 52 -62.32 -70.03 72.69
CA LYS M 52 -63.58 -69.54 73.22
C LYS M 52 -64.58 -70.66 73.03
N GLY M 53 -64.76 -71.49 74.07
CA GLY M 53 -65.71 -72.58 74.00
C GLY M 53 -65.50 -73.68 75.02
N GLY M 54 -66.57 -74.08 75.71
CA GLY M 54 -66.50 -75.18 76.64
C GLY M 54 -65.97 -74.80 78.00
N ARG M 55 -64.71 -75.13 78.25
CA ARG M 55 -64.05 -74.78 79.51
C ARG M 55 -63.71 -73.31 79.59
N TYR M 56 -63.57 -72.64 78.45
CA TYR M 56 -63.23 -71.23 78.40
C TYR M 56 -64.47 -70.43 78.01
N VAL M 57 -65.17 -69.88 79.00
CA VAL M 57 -66.37 -69.09 78.79
C VAL M 57 -66.14 -67.64 79.20
N GLU M 58 -66.63 -66.71 78.40
CA GLU M 58 -66.47 -65.27 78.64
C GLU M 58 -67.82 -64.59 78.81
N THR M 59 -67.96 -63.81 79.89
CA THR M 59 -69.15 -63.03 80.17
C THR M 59 -68.83 -61.55 79.96
N VAL M 60 -69.61 -60.87 79.11
CA VAL M 60 -69.37 -59.49 78.77
C VAL M 60 -70.59 -58.64 79.13
N ASN M 61 -70.35 -57.47 79.70
CA ASN M 61 -71.39 -56.48 80.01
C ASN M 61 -70.94 -55.11 79.51
N SER M 62 -71.63 -54.60 78.50
CA SER M 62 -71.26 -53.31 77.89
C SER M 62 -71.59 -52.11 78.76
N GLY M 63 -72.53 -52.24 79.70
CA GLY M 63 -72.93 -51.09 80.48
C GLY M 63 -71.81 -50.52 81.34
N SER M 64 -71.13 -51.39 82.09
CA SER M 64 -70.03 -50.98 82.95
C SER M 64 -68.65 -51.14 82.29
N LYS M 65 -68.60 -51.47 81.00
CA LYS M 65 -67.32 -51.71 80.30
C LYS M 65 -66.52 -52.83 80.96
N SER M 66 -67.19 -53.97 81.18
CA SER M 66 -66.58 -55.10 81.86
C SER M 66 -66.72 -56.40 81.08
N PHE M 67 -65.66 -57.22 81.08
CA PHE M 67 -65.75 -58.59 80.59
C PHE M 67 -65.01 -59.49 81.57
N SER M 68 -65.43 -60.76 81.64
CA SER M 68 -64.82 -61.73 82.54
C SER M 68 -64.57 -63.04 81.81
N LEU M 69 -63.71 -63.88 82.40
CA LEU M 69 -63.39 -65.20 81.86
C LEU M 69 -63.33 -66.19 83.01
N ARG M 70 -64.44 -66.87 83.26
CA ARG M 70 -64.44 -67.94 84.22
C ARG M 70 -64.13 -69.28 83.56
N ILE M 71 -63.57 -70.20 84.33
CA ILE M 71 -63.30 -71.56 83.89
C ILE M 71 -64.20 -72.46 84.73
N ASN M 72 -65.08 -73.22 84.08
CA ASN M 72 -66.01 -74.06 84.82
C ASN M 72 -65.35 -75.42 85.02
N ASP M 73 -65.07 -75.74 86.27
CA ASP M 73 -64.22 -76.86 86.65
C ASP M 73 -62.81 -76.59 86.13
N LEU M 74 -61.83 -76.93 86.94
CA LEU M 74 -60.45 -76.65 86.61
C LEU M 74 -59.76 -77.96 86.28
N THR M 75 -58.64 -77.88 85.57
CA THR M 75 -57.70 -78.99 85.51
C THR M 75 -56.44 -78.57 86.26
N VAL M 76 -55.61 -79.54 86.64
CA VAL M 76 -54.40 -79.20 87.36
C VAL M 76 -53.26 -78.92 86.40
N GLU M 77 -53.47 -79.20 85.10
CA GLU M 77 -52.52 -78.91 84.04
C GLU M 77 -52.75 -77.56 83.37
N ASP M 78 -53.77 -76.79 83.78
CA ASP M 78 -54.05 -75.50 83.18
C ASP M 78 -53.53 -74.35 84.03
N SER M 79 -52.33 -74.50 84.58
CA SER M 79 -51.73 -73.51 85.47
C SER M 79 -50.78 -72.61 84.69
N GLY M 80 -51.05 -71.32 84.70
CA GLY M 80 -50.23 -70.38 83.94
C GLY M 80 -50.71 -68.96 84.18
N THR M 81 -50.03 -68.03 83.53
CA THR M 81 -50.33 -66.61 83.67
C THR M 81 -51.36 -66.20 82.63
N TYR M 82 -52.50 -65.74 83.09
CA TYR M 82 -53.61 -65.34 82.22
C TYR M 82 -53.68 -63.82 82.09
N ARG M 83 -53.73 -63.35 80.86
CA ARG M 83 -53.90 -61.93 80.54
C ARG M 83 -55.13 -61.76 79.66
N CYS M 84 -55.80 -60.62 79.79
CA CYS M 84 -56.91 -60.27 78.93
C CYS M 84 -56.46 -59.18 77.97
N ALA M 85 -57.19 -59.05 76.87
CA ALA M 85 -56.82 -58.10 75.84
C ALA M 85 -58.08 -57.59 75.18
N SER M 86 -57.98 -56.39 74.61
CA SER M 86 -59.11 -55.78 73.93
C SER M 86 -58.56 -54.89 72.83
N GLU M 87 -59.33 -54.75 71.76
CA GLU M 87 -58.91 -53.95 70.61
C GLU M 87 -59.60 -52.61 70.64
N CYS M 88 -58.81 -51.55 70.75
CA CYS M 88 -59.28 -50.19 70.82
C CYS M 88 -58.97 -49.49 69.51
N GLN M 89 -59.86 -48.58 69.11
CA GLN M 89 -59.71 -47.84 67.86
C GLN M 89 -60.59 -46.59 67.92
N TYR M 90 -59.97 -45.41 67.78
CA TYR M 90 -60.74 -44.18 67.80
C TYR M 90 -60.67 -43.44 66.47
N GLY M 91 -59.59 -42.70 66.23
CA GLY M 91 -59.49 -41.96 64.98
C GLY M 91 -58.63 -42.66 63.95
N LEU M 92 -57.42 -42.14 63.74
CA LEU M 92 -56.46 -42.80 62.86
C LEU M 92 -55.62 -43.82 63.61
N ALA M 93 -55.93 -44.03 64.89
CA ALA M 93 -55.17 -44.90 65.76
C ALA M 93 -55.96 -46.18 66.02
N GLU M 94 -55.26 -47.31 66.02
CA GLU M 94 -55.84 -48.58 66.40
C GLU M 94 -54.79 -49.29 67.23
N TYR M 95 -55.17 -49.70 68.43
CA TYR M 95 -54.23 -50.27 69.38
C TYR M 95 -54.94 -51.34 70.19
N ASP M 96 -54.20 -52.01 71.05
CA ASP M 96 -54.74 -53.03 71.93
C ASP M 96 -54.15 -52.84 73.31
N VAL M 97 -54.78 -53.48 74.29
CA VAL M 97 -54.44 -53.31 75.69
C VAL M 97 -54.37 -54.69 76.31
N TYR M 98 -53.60 -54.81 77.40
CA TYR M 98 -53.34 -56.07 78.04
C TYR M 98 -53.50 -55.90 79.55
N GLY M 99 -53.38 -57.00 80.27
CA GLY M 99 -53.45 -56.95 81.71
C GLY M 99 -52.34 -57.75 82.33
N GLY M 100 -52.67 -58.53 83.35
CA GLY M 100 -51.73 -59.45 83.95
C GLY M 100 -52.30 -60.12 85.18
N GLY M 101 -52.05 -61.41 85.33
CA GLY M 101 -52.59 -62.16 86.46
C GLY M 101 -52.25 -63.63 86.36
N THR M 102 -51.77 -64.23 87.45
CA THR M 102 -51.20 -65.57 87.42
C THR M 102 -52.14 -66.56 88.08
N VAL M 103 -52.15 -67.78 87.53
CA VAL M 103 -53.00 -68.87 88.03
C VAL M 103 -52.13 -70.07 88.36
N VAL M 104 -52.39 -70.69 89.50
CA VAL M 104 -51.76 -71.93 89.91
C VAL M 104 -52.87 -72.85 90.42
N THR M 105 -52.90 -74.08 89.93
CA THR M 105 -53.92 -75.04 90.35
C THR M 105 -53.26 -76.17 91.12
N VAL M 106 -53.66 -76.34 92.38
CA VAL M 106 -53.12 -77.38 93.25
C VAL M 106 -54.14 -78.51 93.49
N ASN M 107 -54.25 -79.44 92.56
CA ASN M 107 -55.17 -80.55 92.81
C ASN M 107 -54.47 -81.90 92.73
N ALA M 108 -54.20 -82.37 91.51
CA ALA M 108 -53.55 -83.66 91.29
C ALA M 108 -54.27 -84.75 92.06
N ALA M 109 -53.50 -85.70 92.62
CA ALA M 109 -54.02 -86.74 93.49
C ALA M 109 -55.18 -87.51 92.89
N ALA N 2 -34.19 -4.39 75.05
CA ALA N 2 -33.82 -3.24 74.23
C ALA N 2 -34.92 -2.93 73.21
N ARG N 3 -36.15 -3.37 73.51
CA ARG N 3 -37.28 -3.04 72.64
C ARG N 3 -37.92 -1.71 73.03
N VAL N 4 -38.01 -1.42 74.33
CA VAL N 4 -38.34 -0.09 74.83
C VAL N 4 -37.18 0.38 75.70
N ASP N 5 -36.76 1.63 75.49
CA ASP N 5 -35.58 2.20 76.15
C ASP N 5 -35.94 3.47 76.93
N GLN N 6 -35.88 3.34 78.25
CA GLN N 6 -36.09 4.44 79.18
C GLN N 6 -34.84 5.32 79.27
N THR N 7 -35.01 6.63 79.08
CA THR N 7 -33.85 7.53 79.01
C THR N 7 -33.42 8.00 80.40
N PRO N 8 -34.31 8.63 81.23
CA PRO N 8 -33.84 9.10 82.55
C PRO N 8 -33.67 7.94 83.52
N GLN N 9 -32.47 7.36 83.55
CA GLN N 9 -32.23 6.16 84.33
C GLN N 9 -32.03 6.43 85.82
N THR N 10 -30.98 7.18 86.17
CA THR N 10 -30.65 7.48 87.56
C THR N 10 -31.27 8.80 87.97
N ILE N 11 -32.13 8.75 88.99
CA ILE N 11 -32.90 9.91 89.45
C ILE N 11 -32.69 10.16 90.94
N THR N 12 -32.58 11.43 91.33
CA THR N 12 -32.58 11.86 92.72
C THR N 12 -33.31 13.21 92.78
N LYS N 13 -34.58 13.21 93.17
CA LYS N 13 -35.38 14.42 93.12
C LYS N 13 -35.97 14.83 94.47
N GLU N 14 -36.49 16.07 94.49
CA GLU N 14 -37.22 16.59 95.65
C GLU N 14 -38.37 17.50 95.22
N THR N 15 -38.83 17.37 93.96
CA THR N 15 -39.86 18.21 93.34
C THR N 15 -39.35 19.63 93.25
N GLY N 16 -39.30 20.16 92.03
CA GLY N 16 -38.77 21.48 91.78
C GLY N 16 -38.08 21.54 90.44
N GLU N 17 -37.75 20.38 89.87
CA GLU N 17 -37.06 20.32 88.59
C GLU N 17 -37.93 19.68 87.53
N SER N 18 -39.21 19.43 87.85
CA SER N 18 -40.19 18.80 86.98
C SER N 18 -39.57 17.72 86.10
N LEU N 19 -39.18 16.60 86.71
CA LEU N 19 -38.60 15.53 85.92
C LEU N 19 -39.64 14.93 84.99
N THR N 20 -39.24 14.73 83.74
CA THR N 20 -40.04 14.02 82.76
C THR N 20 -39.32 12.71 82.46
N ILE N 21 -40.04 11.59 82.57
CA ILE N 21 -39.46 10.28 82.32
C ILE N 21 -40.01 9.82 80.98
N ASN N 22 -39.12 9.61 80.01
CA ASN N 22 -39.52 9.31 78.65
C ASN N 22 -39.12 7.90 78.24
N CYS N 23 -39.99 7.24 77.52
CA CYS N 23 -39.72 5.92 76.96
C CYS N 23 -40.09 5.96 75.48
N VAL N 24 -39.23 5.40 74.62
CA VAL N 24 -39.46 5.42 73.19
C VAL N 24 -39.55 3.98 72.70
N LEU N 25 -40.62 3.66 71.96
CA LEU N 25 -40.82 2.32 71.43
C LEU N 25 -40.06 2.14 70.13
N ARG N 26 -39.30 1.05 70.02
CA ARG N 26 -38.59 0.72 68.79
C ARG N 26 -39.14 -0.51 68.07
N ASP N 27 -39.94 -1.34 68.73
CA ASP N 27 -40.50 -2.51 68.10
C ASP N 27 -41.79 -2.07 67.42
N SER N 28 -41.85 -2.22 66.08
CA SER N 28 -42.94 -1.67 65.27
C SER N 28 -44.26 -2.37 65.46
N HIS N 29 -44.30 -3.31 66.39
CA HIS N 29 -45.55 -3.97 66.75
C HIS N 29 -46.17 -3.35 67.99
N CYS N 30 -45.38 -2.67 68.80
CA CYS N 30 -45.89 -2.03 70.00
C CYS N 30 -46.47 -0.65 69.69
N ALA N 31 -47.58 -0.33 70.34
CA ALA N 31 -48.25 0.93 70.17
C ALA N 31 -48.16 1.71 71.47
N THR N 32 -47.91 3.01 71.37
CA THR N 32 -47.94 3.88 72.55
C THR N 32 -49.37 4.20 72.98
N SER N 33 -50.37 3.59 72.34
CA SER N 33 -51.76 3.87 72.69
C SER N 33 -52.20 3.05 73.90
N SER N 34 -51.76 1.79 73.99
CA SER N 34 -52.08 0.93 75.13
C SER N 34 -50.82 0.85 75.99
N THR N 35 -50.54 1.97 76.65
CA THR N 35 -49.35 2.17 77.45
C THR N 35 -49.64 2.04 78.94
N TYR N 36 -48.65 1.54 79.67
CA TYR N 36 -48.76 1.30 81.10
C TYR N 36 -47.46 1.70 81.79
N TRP N 37 -47.56 2.08 83.06
CA TRP N 37 -46.42 2.41 83.90
C TRP N 37 -46.54 1.68 85.23
N TYR N 38 -45.41 1.21 85.75
CA TYR N 38 -45.39 0.44 86.99
C TYR N 38 -44.27 0.93 87.91
N ARG N 39 -44.59 1.13 89.19
CA ARG N 39 -43.61 1.50 90.20
C ARG N 39 -43.61 0.44 91.31
N LYS N 40 -42.46 0.29 91.97
CA LYS N 40 -42.36 -0.58 93.14
C LYS N 40 -41.59 0.17 94.23
N LYS N 41 -42.26 0.64 95.28
CA LYS N 41 -41.54 1.36 96.32
C LYS N 41 -40.47 0.46 96.93
N SER N 42 -39.22 0.95 96.92
CA SER N 42 -38.09 0.19 97.44
C SER N 42 -38.37 -0.37 98.82
N GLY N 43 -38.30 -1.70 98.93
CA GLY N 43 -38.54 -2.43 100.15
C GLY N 43 -39.93 -3.03 100.25
N SER N 44 -40.86 -2.58 99.44
CA SER N 44 -42.20 -3.15 99.32
C SER N 44 -42.20 -3.82 97.95
N THR N 45 -41.98 -5.13 97.93
CA THR N 45 -41.80 -5.86 96.66
C THR N 45 -43.15 -6.24 96.06
N ASN N 46 -43.88 -5.22 95.64
CA ASN N 46 -45.15 -5.40 94.96
C ASN N 46 -45.04 -4.80 93.56
N GLU N 47 -46.10 -4.18 93.04
CA GLU N 47 -46.04 -3.50 91.75
C GLU N 47 -47.21 -2.54 91.68
N GLU N 48 -46.91 -1.25 91.51
CA GLU N 48 -47.89 -0.18 91.50
C GLU N 48 -48.36 0.06 90.06
N SER N 49 -49.66 -0.12 89.82
CA SER N 49 -50.19 0.05 88.47
C SER N 49 -50.24 1.52 88.08
N ILE N 50 -50.51 2.41 89.04
CA ILE N 50 -50.60 3.87 88.92
C ILE N 50 -51.54 4.36 87.83
N SER N 51 -52.39 5.31 88.21
CA SER N 51 -53.41 5.93 87.38
C SER N 51 -53.01 7.34 86.93
N LYS N 52 -53.61 7.77 85.81
CA LYS N 52 -53.32 9.06 85.20
C LYS N 52 -54.23 10.12 85.79
N GLY N 53 -53.66 10.98 86.64
CA GLY N 53 -54.38 12.05 87.31
C GLY N 53 -53.58 12.73 88.41
N GLY N 54 -53.64 14.06 88.45
CA GLY N 54 -52.94 14.85 89.46
C GLY N 54 -51.52 15.21 89.07
N ARG N 55 -50.64 14.21 88.94
CA ARG N 55 -49.27 14.44 88.51
C ARG N 55 -48.81 13.41 87.51
N TYR N 56 -49.68 12.52 87.05
CA TYR N 56 -49.34 11.46 86.09
C TYR N 56 -49.83 11.92 84.72
N VAL N 57 -48.89 12.34 83.89
CA VAL N 57 -49.14 12.89 82.56
C VAL N 57 -48.83 11.85 81.50
N GLU N 58 -49.62 11.86 80.44
CA GLU N 58 -49.44 10.93 79.33
C GLU N 58 -49.01 11.73 78.11
N THR N 59 -47.88 11.33 77.53
CA THR N 59 -47.35 11.97 76.33
C THR N 59 -47.48 11.00 75.16
N VAL N 60 -48.10 11.44 74.08
CA VAL N 60 -48.24 10.57 72.92
C VAL N 60 -48.22 11.43 71.67
N ASN N 61 -47.48 10.97 70.67
CA ASN N 61 -47.48 11.57 69.34
C ASN N 61 -46.99 10.48 68.41
N SER N 62 -47.75 10.20 67.37
CA SER N 62 -47.54 8.99 66.58
C SER N 62 -46.19 8.95 65.87
N GLY N 63 -45.53 10.08 65.65
CA GLY N 63 -44.28 10.02 64.92
C GLY N 63 -43.17 9.21 65.55
N SER N 64 -42.81 9.50 66.81
CA SER N 64 -41.79 8.73 67.52
C SER N 64 -42.37 7.70 68.49
N LYS N 65 -43.69 7.62 68.63
CA LYS N 65 -44.34 6.73 69.59
C LYS N 65 -43.74 6.90 70.99
N SER N 66 -43.49 8.15 71.38
CA SER N 66 -42.86 8.41 72.66
C SER N 66 -43.91 8.68 73.72
N PHE N 67 -43.68 8.16 74.92
CA PHE N 67 -44.55 8.42 76.05
C PHE N 67 -43.75 8.82 77.28
N SER N 68 -44.36 9.69 78.08
CA SER N 68 -43.75 10.27 79.26
C SER N 68 -44.73 10.20 80.43
N LEU N 69 -44.25 10.53 81.61
CA LEU N 69 -45.12 10.47 82.79
C LEU N 69 -45.03 11.74 83.63
N ARG N 70 -43.82 12.29 83.85
CA ARG N 70 -43.67 13.60 84.47
C ARG N 70 -44.31 13.66 85.86
N ILE N 71 -43.61 13.17 86.89
CA ILE N 71 -44.16 13.08 88.23
C ILE N 71 -43.44 14.02 89.20
N ASN N 72 -44.22 14.83 89.90
CA ASN N 72 -43.73 15.74 90.94
C ASN N 72 -44.60 15.64 92.20
N ASP N 73 -44.47 16.64 93.08
CA ASP N 73 -45.20 16.70 94.35
C ASP N 73 -44.69 15.61 95.29
N LEU N 74 -43.45 15.75 95.75
CA LEU N 74 -42.77 14.76 96.57
C LEU N 74 -41.39 15.27 96.97
N THR N 75 -41.01 15.17 98.23
CA THR N 75 -39.64 15.48 98.62
C THR N 75 -38.84 14.25 99.02
N VAL N 76 -39.43 13.35 99.82
CA VAL N 76 -38.77 12.12 100.22
C VAL N 76 -39.71 10.93 99.98
N GLU N 77 -40.95 11.24 99.61
CA GLU N 77 -42.00 10.24 99.38
C GLU N 77 -42.04 9.73 97.93
N ASP N 78 -40.96 9.10 97.44
CA ASP N 78 -41.01 8.57 96.08
C ASP N 78 -39.83 7.75 95.56
N SER N 79 -39.32 6.79 96.33
CA SER N 79 -38.25 5.92 95.85
C SER N 79 -38.87 4.59 95.44
N GLY N 80 -38.80 4.24 94.15
CA GLY N 80 -39.47 3.02 93.76
C GLY N 80 -39.30 2.49 92.35
N THR N 81 -38.19 2.86 91.72
CA THR N 81 -37.80 2.36 90.40
C THR N 81 -38.94 2.21 89.40
N TYR N 82 -39.26 3.30 88.70
CA TYR N 82 -40.33 3.29 87.70
C TYR N 82 -40.00 2.44 86.47
N ARG N 83 -41.01 1.69 86.03
CA ARG N 83 -40.97 0.84 84.85
C ARG N 83 -42.01 1.28 83.82
N CYS N 84 -41.69 1.04 82.55
CA CYS N 84 -42.62 1.28 81.45
C CYS N 84 -43.10 -0.04 80.87
N ALA N 85 -44.24 0.00 80.20
CA ALA N 85 -44.82 -1.19 79.62
C ALA N 85 -45.65 -0.82 78.39
N SER N 86 -45.77 -1.77 77.47
CA SER N 86 -46.60 -1.61 76.28
C SER N 86 -47.04 -2.97 75.77
N GLU N 87 -48.21 -3.00 75.15
CA GLU N 87 -48.77 -4.23 74.59
C GLU N 87 -48.62 -4.23 73.08
N CYS N 88 -47.87 -5.19 72.55
CA CYS N 88 -47.57 -5.28 71.12
C CYS N 88 -48.32 -6.45 70.51
N GLN N 89 -48.74 -6.29 69.26
CA GLN N 89 -49.52 -7.33 68.59
C GLN N 89 -49.38 -7.15 67.09
N TYR N 90 -48.88 -8.18 66.40
CA TYR N 90 -48.77 -8.15 64.95
C TYR N 90 -49.64 -9.21 64.28
N GLY N 91 -49.37 -10.48 64.51
CA GLY N 91 -50.16 -11.52 63.88
C GLY N 91 -50.88 -12.41 64.88
N LEU N 92 -50.42 -13.64 65.06
CA LEU N 92 -50.96 -14.53 66.07
C LEU N 92 -50.27 -14.35 67.39
N ALA N 93 -49.38 -13.37 67.47
CA ALA N 93 -48.54 -13.14 68.64
C ALA N 93 -49.06 -11.95 69.42
N GLU N 94 -49.01 -12.07 70.74
CA GLU N 94 -49.36 -10.98 71.64
C GLU N 94 -48.32 -11.01 72.76
N TYR N 95 -47.66 -9.89 72.96
CA TYR N 95 -46.59 -9.86 73.96
C TYR N 95 -46.56 -8.48 74.59
N ASP N 96 -45.69 -8.33 75.58
CA ASP N 96 -45.52 -7.07 76.28
C ASP N 96 -44.03 -6.80 76.39
N VAL N 97 -43.70 -5.54 76.62
CA VAL N 97 -42.32 -5.10 76.64
C VAL N 97 -42.16 -4.18 77.84
N TYR N 98 -40.99 -4.23 78.48
CA TYR N 98 -40.76 -3.50 79.70
C TYR N 98 -39.37 -2.89 79.64
N GLY N 99 -39.08 -2.05 80.63
CA GLY N 99 -37.80 -1.37 80.70
C GLY N 99 -37.15 -1.38 82.06
N GLY N 100 -36.71 -0.19 82.49
CA GLY N 100 -36.09 -0.02 83.78
C GLY N 100 -35.62 1.41 84.01
N GLY N 101 -35.74 1.89 85.24
CA GLY N 101 -35.35 3.25 85.57
C GLY N 101 -35.60 3.51 87.04
N THR N 102 -34.61 4.07 87.72
CA THR N 102 -34.59 4.16 89.18
C THR N 102 -34.85 5.58 89.63
N VAL N 103 -35.58 5.72 90.74
CA VAL N 103 -35.89 7.01 91.33
C VAL N 103 -35.45 7.01 92.79
N VAL N 104 -34.82 8.11 93.20
CA VAL N 104 -34.39 8.35 94.57
C VAL N 104 -34.87 9.73 94.98
N THR N 105 -35.19 9.90 96.26
CA THR N 105 -35.68 11.19 96.75
C THR N 105 -34.71 11.77 97.77
N VAL N 106 -34.27 13.01 97.50
CA VAL N 106 -33.40 13.77 98.41
C VAL N 106 -34.25 14.82 99.11
N ASN N 107 -33.87 15.14 100.35
CA ASN N 107 -34.58 16.08 101.24
C ASN N 107 -36.08 16.24 100.95
N SER O 4 -38.08 36.17 47.85
CA SER O 4 -36.97 36.80 48.56
C SER O 4 -37.26 36.85 50.06
N ARG O 5 -36.99 35.74 50.75
CA ARG O 5 -37.45 35.55 52.12
C ARG O 5 -36.31 35.74 53.13
N THR O 6 -35.69 36.92 53.11
CA THR O 6 -34.68 37.31 54.09
C THR O 6 -34.41 38.80 54.02
N PRO O 7 -34.54 39.53 55.13
CA PRO O 7 -34.34 40.99 55.10
C PRO O 7 -32.90 41.40 54.76
N SER O 8 -32.09 41.57 55.81
CA SER O 8 -30.68 41.96 55.77
C SER O 8 -30.49 43.37 55.25
N ASP O 9 -29.43 44.03 55.69
CA ASP O 9 -29.18 45.41 55.27
C ASP O 9 -27.68 45.67 55.15
N LYS O 10 -27.21 46.83 55.62
CA LYS O 10 -25.84 47.32 55.45
C LYS O 10 -25.37 47.29 53.99
N PRO O 11 -24.97 48.44 53.44
CA PRO O 11 -24.46 48.45 52.07
C PRO O 11 -23.34 47.45 51.88
N VAL O 12 -23.46 46.62 50.83
CA VAL O 12 -22.50 45.57 50.56
C VAL O 12 -22.36 45.43 49.05
N ALA O 13 -21.18 44.95 48.64
CA ALA O 13 -20.87 44.70 47.24
C ALA O 13 -19.69 43.74 47.17
N HIS O 14 -19.81 42.75 46.29
CA HIS O 14 -18.73 41.81 45.98
C HIS O 14 -18.87 41.49 44.50
N VAL O 15 -18.09 42.17 43.68
CA VAL O 15 -18.19 42.04 42.23
C VAL O 15 -17.00 41.26 41.70
N VAL O 16 -17.24 40.53 40.62
CA VAL O 16 -16.24 39.64 40.03
C VAL O 16 -16.08 40.06 38.57
N ALA O 17 -14.89 39.85 38.02
CA ALA O 17 -14.60 40.29 36.66
C ALA O 17 -15.42 39.49 35.65
N ASN O 18 -15.71 40.15 34.51
CA ASN O 18 -16.42 39.50 33.41
C ASN O 18 -15.45 38.62 32.64
N PRO O 19 -15.70 37.31 32.54
CA PRO O 19 -14.76 36.44 31.81
C PRO O 19 -14.69 36.69 30.31
N GLN O 20 -15.78 37.12 29.69
CA GLN O 20 -15.83 37.39 28.25
C GLN O 20 -15.36 38.79 27.90
N ALA O 21 -14.35 39.27 28.63
CA ALA O 21 -13.81 40.61 28.42
C ALA O 21 -12.46 40.64 27.72
N GLU O 22 -11.84 39.50 27.43
CA GLU O 22 -10.54 39.47 26.76
C GLU O 22 -9.43 40.16 27.54
N GLY O 23 -9.15 41.42 27.17
CA GLY O 23 -8.13 42.26 27.78
C GLY O 23 -8.60 43.41 28.65
N GLN O 24 -9.70 43.26 29.40
CA GLN O 24 -10.18 44.36 30.22
C GLN O 24 -10.83 43.83 31.48
N LEU O 25 -10.86 44.68 32.51
CA LEU O 25 -11.39 44.36 33.83
C LEU O 25 -12.74 45.05 34.04
N GLN O 26 -13.81 44.36 33.65
CA GLN O 26 -15.17 44.85 33.84
C GLN O 26 -15.78 44.14 35.04
N TRP O 27 -16.23 44.92 36.02
CA TRP O 27 -16.77 44.33 37.23
C TRP O 27 -18.24 44.00 37.02
N LEU O 28 -18.64 42.79 37.40
CA LEU O 28 -20.02 42.33 37.26
C LEU O 28 -20.58 41.92 38.60
N ASN O 29 -21.89 42.05 38.73
CA ASN O 29 -22.63 41.68 39.92
C ASN O 29 -23.71 40.64 39.69
N ARG O 30 -24.13 40.43 38.44
CA ARG O 30 -25.23 39.52 38.14
C ARG O 30 -24.73 38.09 37.90
N ARG O 31 -24.04 37.57 38.91
CA ARG O 31 -23.57 36.19 38.89
C ARG O 31 -23.68 35.58 40.27
N ALA O 32 -23.91 34.27 40.30
CA ALA O 32 -24.02 33.54 41.56
C ALA O 32 -22.87 33.89 42.48
N ASN O 33 -23.20 34.11 43.76
CA ASN O 33 -22.28 34.45 44.83
C ASN O 33 -21.62 35.81 44.62
N ALA O 34 -22.36 36.76 44.08
CA ALA O 34 -21.90 38.13 43.91
C ALA O 34 -22.97 39.06 44.44
N LEU O 35 -22.55 40.21 44.98
CA LEU O 35 -23.51 41.10 45.62
C LEU O 35 -23.27 42.53 45.15
N LEU O 36 -24.37 43.28 45.09
CA LEU O 36 -24.33 44.71 44.85
C LEU O 36 -25.73 45.21 45.25
N ALA O 37 -25.87 45.63 46.50
CA ALA O 37 -27.19 45.94 47.02
C ALA O 37 -27.10 46.98 48.12
N ASN O 38 -28.29 47.45 48.54
CA ASN O 38 -28.44 48.40 49.63
C ASN O 38 -27.77 49.74 49.35
N GLY O 39 -27.78 50.20 48.10
CA GLY O 39 -27.39 51.55 47.77
C GLY O 39 -26.10 51.67 46.99
N VAL O 40 -25.24 50.65 47.02
CA VAL O 40 -23.98 50.74 46.29
C VAL O 40 -24.26 50.84 44.79
N GLU O 41 -23.72 51.87 44.16
CA GLU O 41 -23.86 52.07 42.73
C GLU O 41 -22.52 51.76 42.08
N LEU O 42 -22.57 51.10 40.93
CA LEU O 42 -21.37 50.79 40.15
C LEU O 42 -21.43 51.60 38.86
N ARG O 43 -20.62 52.65 38.76
CA ARG O 43 -20.63 53.42 37.53
C ARG O 43 -19.67 52.78 36.53
N ASP O 44 -18.72 53.53 36.00
CA ASP O 44 -17.86 53.02 34.94
C ASP O 44 -16.68 52.27 35.55
N ASN O 45 -16.95 51.02 35.96
CA ASN O 45 -16.02 50.16 36.67
C ASN O 45 -15.56 50.77 38.00
N GLN O 46 -16.46 51.49 38.66
CA GLN O 46 -16.18 52.20 39.90
C GLN O 46 -17.32 51.98 40.87
N LEU O 47 -16.98 51.80 42.15
CA LEU O 47 -17.96 51.68 43.22
C LEU O 47 -18.18 53.06 43.85
N VAL O 48 -19.44 53.44 43.97
CA VAL O 48 -19.85 54.74 44.49
C VAL O 48 -20.48 54.49 45.86
N VAL O 49 -19.85 55.04 46.90
CA VAL O 49 -20.30 54.82 48.28
C VAL O 49 -21.60 55.56 48.53
N PRO O 50 -22.63 54.91 49.08
CA PRO O 50 -23.94 55.56 49.24
C PRO O 50 -24.11 56.29 50.57
N SER O 51 -23.25 56.01 51.54
CA SER O 51 -23.40 56.59 52.86
C SER O 51 -22.05 56.69 53.57
N GLU O 52 -21.94 57.71 54.42
CA GLU O 52 -20.75 57.91 55.23
C GLU O 52 -20.70 56.88 56.35
N GLY O 53 -19.51 56.34 56.58
CA GLY O 53 -19.34 55.36 57.64
C GLY O 53 -18.03 54.62 57.47
N LEU O 54 -17.91 53.55 58.24
CA LEU O 54 -16.75 52.67 58.18
C LEU O 54 -17.04 51.54 57.21
N TYR O 55 -16.17 51.36 56.22
CA TYR O 55 -16.29 50.30 55.25
C TYR O 55 -15.06 49.41 55.30
N LEU O 56 -15.24 48.17 54.86
CA LEU O 56 -14.15 47.22 54.68
C LEU O 56 -13.95 47.04 53.18
N ILE O 57 -12.74 47.32 52.69
CA ILE O 57 -12.42 47.27 51.27
C ILE O 57 -11.46 46.11 51.04
N TYR O 58 -11.73 45.30 50.01
CA TYR O 58 -10.88 44.18 49.67
C TYR O 58 -10.91 43.96 48.17
N SER O 59 -9.84 43.34 47.65
CA SER O 59 -9.77 42.98 46.24
C SER O 59 -8.64 41.98 46.03
N GLN O 60 -8.85 41.07 45.08
CA GLN O 60 -7.84 40.13 44.62
C GLN O 60 -7.76 40.14 43.10
N VAL O 61 -6.54 39.98 42.57
CA VAL O 61 -6.29 39.82 41.15
C VAL O 61 -5.34 38.65 40.96
N LEU O 62 -5.58 37.83 39.94
CA LEU O 62 -4.66 36.74 39.62
C LEU O 62 -4.07 37.02 38.24
N PHE O 63 -2.74 37.07 38.18
CA PHE O 63 -1.99 37.32 36.95
C PHE O 63 -1.42 36.00 36.43
N LYS O 64 -1.55 35.79 35.13
CA LYS O 64 -1.02 34.59 34.49
C LYS O 64 -0.31 34.97 33.20
N GLY O 65 0.86 34.38 32.99
CA GLY O 65 1.62 34.60 31.78
C GLY O 65 2.20 33.30 31.27
N GLN O 66 2.50 33.29 29.97
CA GLN O 66 3.00 32.10 29.30
C GLN O 66 4.50 32.14 29.09
N GLY O 67 5.08 33.33 29.09
CA GLY O 67 6.52 33.51 28.93
C GLY O 67 6.92 34.90 29.34
N CYS O 68 8.17 35.04 29.73
CA CYS O 68 8.68 36.33 30.22
C CYS O 68 9.57 36.97 29.18
N PRO O 69 9.09 37.97 28.44
CA PRO O 69 9.93 38.59 27.40
C PRO O 69 10.94 39.59 27.93
N SER O 70 10.79 40.10 29.15
CA SER O 70 11.68 41.13 29.65
C SER O 70 11.71 41.13 31.17
N THR O 71 12.92 41.11 31.73
CA THR O 71 13.14 41.26 33.16
C THR O 71 12.23 42.34 33.73
N HIS O 72 12.12 43.44 33.01
CA HIS O 72 11.35 44.61 33.42
C HIS O 72 9.85 44.36 33.43
N VAL O 73 9.37 43.34 34.15
CA VAL O 73 7.95 43.09 34.29
C VAL O 73 7.50 43.59 35.66
N LEU O 74 6.52 44.48 35.68
CA LEU O 74 5.97 45.02 36.92
C LEU O 74 4.47 44.79 36.94
N LEU O 75 4.00 44.04 37.94
CA LEU O 75 2.59 43.80 38.13
C LEU O 75 2.11 44.64 39.31
N THR O 76 1.07 45.46 39.07
CA THR O 76 0.56 46.35 40.10
C THR O 76 -0.94 46.14 40.29
N HIS O 77 -1.39 46.48 41.49
CA HIS O 77 -2.79 46.36 41.90
C HIS O 77 -3.06 47.40 42.98
N THR O 78 -4.01 48.30 42.72
CA THR O 78 -4.28 49.40 43.65
C THR O 78 -5.77 49.61 43.77
N ILE O 79 -6.23 49.88 44.99
CA ILE O 79 -7.58 50.35 45.24
C ILE O 79 -7.46 51.83 45.56
N SER O 80 -8.07 52.66 44.74
CA SER O 80 -7.91 54.10 44.88
C SER O 80 -9.23 54.73 45.29
N ARG O 81 -9.14 55.95 45.80
CA ARG O 81 -10.32 56.68 46.27
C ARG O 81 -10.24 58.13 45.84
N ILE O 82 -11.28 58.58 45.15
CA ILE O 82 -11.51 59.99 44.87
C ILE O 82 -12.71 60.41 45.70
N ALA O 83 -12.46 61.34 46.63
CA ALA O 83 -13.45 61.75 47.62
C ALA O 83 -14.04 63.11 47.24
N VAL O 84 -15.21 63.39 47.83
CA VAL O 84 -15.85 64.68 47.61
C VAL O 84 -15.05 65.80 48.28
N SER O 85 -14.35 65.51 49.37
CA SER O 85 -13.61 66.55 50.08
C SER O 85 -12.29 66.92 49.43
N TYR O 86 -11.62 65.96 48.81
CA TYR O 86 -10.32 66.19 48.17
C TYR O 86 -10.38 65.51 46.81
N GLN O 87 -10.52 66.33 45.77
CA GLN O 87 -10.88 65.84 44.44
C GLN O 87 -9.68 65.29 43.68
N THR O 88 -8.86 64.50 44.36
CA THR O 88 -7.74 63.80 43.76
C THR O 88 -7.77 62.32 44.13
N LYS O 89 -7.43 61.47 43.17
CA LYS O 89 -7.36 60.03 43.38
C LYS O 89 -6.18 59.71 44.29
N VAL O 90 -6.45 59.09 45.44
CA VAL O 90 -5.41 58.68 46.37
C VAL O 90 -5.50 57.18 46.58
N ASN O 91 -4.34 56.54 46.74
CA ASN O 91 -4.32 55.09 46.93
C ASN O 91 -4.61 54.75 48.39
N LEU O 92 -5.57 53.85 48.61
CA LEU O 92 -5.87 53.31 49.93
C LEU O 92 -5.09 52.03 50.19
N LEU O 93 -5.06 51.13 49.21
CA LEU O 93 -4.31 49.89 49.29
C LEU O 93 -3.57 49.71 47.97
N SER O 94 -2.32 49.25 48.05
CA SER O 94 -1.52 49.07 46.86
C SER O 94 -0.55 47.93 47.09
N ALA O 95 -0.17 47.26 46.01
CA ALA O 95 0.80 46.18 46.08
C ALA O 95 1.48 46.04 44.73
N ILE O 96 2.75 45.66 44.78
CA ILE O 96 3.56 45.49 43.58
C ILE O 96 4.19 44.11 43.63
N LYS O 97 4.33 43.49 42.46
CA LYS O 97 4.95 42.18 42.40
C LYS O 97 5.63 42.05 41.05
N SER O 98 6.89 41.62 41.05
CA SER O 98 7.59 41.38 39.81
C SER O 98 7.57 39.88 39.56
N PRO O 99 6.89 39.39 38.52
CA PRO O 99 6.66 37.95 38.45
C PRO O 99 7.88 37.18 37.99
N CYS O 100 8.74 37.83 37.20
CA CYS O 100 9.90 37.18 36.60
C CYS O 100 11.16 37.89 37.05
N GLN O 101 11.98 37.20 37.85
CA GLN O 101 13.28 37.73 38.25
C GLN O 101 14.26 37.34 37.17
N ARG O 102 14.26 38.15 36.11
CA ARG O 102 15.04 37.93 34.90
C ARG O 102 14.53 36.65 34.25
N GLU O 103 15.34 35.59 34.31
CA GLU O 103 15.07 34.25 33.79
C GLU O 103 14.10 34.25 32.61
N THR O 104 14.45 34.99 31.56
CA THR O 104 13.68 35.07 30.33
C THR O 104 13.65 33.67 29.75
N PRO O 105 12.49 33.01 29.75
CA PRO O 105 12.44 31.58 29.40
C PRO O 105 13.09 31.28 28.05
N GLU O 106 14.02 30.34 28.06
CA GLU O 106 14.83 30.03 26.90
C GLU O 106 14.32 28.77 26.22
N GLY O 107 14.44 28.75 24.89
CA GLY O 107 13.99 27.63 24.10
C GLY O 107 12.53 27.75 23.72
N ALA O 108 11.81 26.63 23.80
CA ALA O 108 10.38 26.60 23.49
C ALA O 108 9.56 26.08 24.67
N GLU O 109 10.12 26.12 25.87
CA GLU O 109 9.45 25.59 27.04
C GLU O 109 8.30 26.51 27.43
N ALA O 110 7.07 25.98 27.45
CA ALA O 110 5.91 26.76 27.86
C ALA O 110 5.60 26.42 29.31
N LYS O 111 5.99 27.31 30.20
CA LYS O 111 5.82 27.14 31.63
C LYS O 111 5.02 28.32 32.16
N PRO O 112 3.70 28.19 32.26
CA PRO O 112 2.86 29.32 32.69
C PRO O 112 3.12 29.69 34.14
N TRP O 113 3.34 30.97 34.39
CA TRP O 113 3.54 31.47 35.74
C TRP O 113 2.24 32.13 36.22
N TYR O 114 1.95 31.97 37.51
CA TYR O 114 0.76 32.51 38.14
C TYR O 114 1.18 33.30 39.38
N GLU O 115 0.65 34.52 39.52
CA GLU O 115 0.91 35.38 40.67
C GLU O 115 -0.35 36.07 41.17
N PRO O 116 -0.76 35.81 42.41
CA PRO O 116 -1.91 36.52 42.97
C PRO O 116 -1.50 37.73 43.80
N ILE O 117 -2.42 38.69 43.96
CA ILE O 117 -2.18 39.88 44.76
C ILE O 117 -3.48 40.22 45.50
N TYR O 118 -3.40 40.42 46.81
CA TYR O 118 -4.56 40.67 47.64
C TYR O 118 -4.37 41.92 48.48
N LEU O 119 -5.44 42.71 48.63
CA LEU O 119 -5.43 43.96 49.38
C LEU O 119 -6.68 44.01 50.27
N GLY O 120 -6.53 44.54 51.48
CA GLY O 120 -7.67 44.68 52.38
C GLY O 120 -7.44 45.66 53.51
N GLY O 121 -8.47 46.42 53.89
CA GLY O 121 -8.34 47.39 54.96
C GLY O 121 -9.66 48.06 55.30
N VAL O 122 -9.65 48.79 56.41
CA VAL O 122 -10.82 49.52 56.91
C VAL O 122 -10.61 51.01 56.67
N PHE O 123 -11.65 51.69 56.21
CA PHE O 123 -11.55 53.12 55.90
C PHE O 123 -12.86 53.82 56.23
N GLN O 124 -12.75 55.12 56.47
CA GLN O 124 -13.92 56.00 56.62
C GLN O 124 -14.19 56.66 55.28
N LEU O 125 -15.36 56.38 54.72
CA LEU O 125 -15.76 56.95 53.44
C LEU O 125 -16.98 57.83 53.65
N GLU O 126 -17.12 58.81 52.77
CA GLU O 126 -18.22 59.75 52.82
C GLU O 126 -19.15 59.49 51.63
N LYS O 127 -20.31 60.12 51.66
CA LYS O 127 -21.31 59.93 50.61
C LYS O 127 -20.76 60.44 49.28
N GLY O 128 -20.92 59.63 48.24
CA GLY O 128 -20.50 60.00 46.90
C GLY O 128 -19.06 59.72 46.58
N ASP O 129 -18.27 59.22 47.53
CA ASP O 129 -16.88 58.88 47.26
C ASP O 129 -16.82 57.72 46.28
N ARG O 130 -15.87 57.79 45.35
CA ARG O 130 -15.76 56.76 44.32
C ARG O 130 -14.50 55.95 44.54
N LEU O 131 -14.66 54.70 44.90
CA LEU O 131 -13.53 53.78 44.99
C LEU O 131 -13.44 53.04 43.68
N SER O 132 -12.21 52.78 43.26
CA SER O 132 -11.99 52.11 41.99
C SER O 132 -10.80 51.17 42.13
N ALA O 133 -11.00 49.92 41.76
CA ALA O 133 -9.93 48.92 41.73
C ALA O 133 -9.47 48.74 40.29
N GLU O 134 -8.17 48.90 40.07
CA GLU O 134 -7.61 48.87 38.73
C GLU O 134 -6.26 48.19 38.78
N ILE O 135 -5.84 47.69 37.62
CA ILE O 135 -4.53 47.09 37.46
C ILE O 135 -3.92 47.67 36.20
N ASN O 136 -2.60 47.66 36.14
CA ASN O 136 -1.91 48.34 35.04
C ASN O 136 -1.84 47.46 33.80
N ARG O 137 -1.76 46.15 33.98
CA ARG O 137 -1.60 45.21 32.88
C ARG O 137 -2.80 44.28 32.88
N PRO O 138 -3.92 44.70 32.27
CA PRO O 138 -5.11 43.83 32.24
C PRO O 138 -4.96 42.73 31.20
N ASP O 139 -3.76 42.61 30.67
CA ASP O 139 -3.45 41.58 29.69
C ASP O 139 -2.94 40.29 30.35
N TYR O 140 -2.70 40.29 31.66
CA TYR O 140 -2.30 39.08 32.37
C TYR O 140 -3.42 38.52 33.26
N LEU O 141 -4.63 39.03 33.19
CA LEU O 141 -5.69 38.54 34.06
C LEU O 141 -6.10 37.13 33.68
N ASP O 142 -6.25 36.27 34.70
CA ASP O 142 -6.75 34.91 34.53
C ASP O 142 -8.13 34.84 35.21
N PHE O 143 -9.16 35.26 34.46
CA PHE O 143 -10.54 35.10 34.90
C PHE O 143 -11.20 33.89 34.27
N ALA O 144 -10.40 32.87 33.95
CA ALA O 144 -10.90 31.66 33.31
C ALA O 144 -11.73 30.82 34.28
N GLU O 145 -11.06 30.19 35.27
CA GLU O 145 -11.74 29.33 36.23
C GLU O 145 -12.93 29.99 36.93
N SER O 146 -12.70 30.84 37.94
CA SER O 146 -13.81 31.35 38.74
C SER O 146 -13.49 32.59 39.58
N GLY O 147 -13.79 32.51 40.89
CA GLY O 147 -13.54 33.55 41.87
C GLY O 147 -12.09 33.86 42.13
N GLN O 148 -11.32 34.04 41.06
CA GLN O 148 -9.91 34.35 41.16
C GLN O 148 -9.62 35.85 41.14
N VAL O 149 -10.53 36.65 40.59
CA VAL O 149 -10.39 38.10 40.59
C VAL O 149 -11.70 38.70 41.06
N TYR O 150 -11.63 39.60 42.03
CA TYR O 150 -12.83 40.20 42.59
C TYR O 150 -12.47 41.50 43.29
N PHE O 151 -13.50 42.19 43.75
CA PHE O 151 -13.38 43.52 44.34
C PHE O 151 -14.68 43.83 45.06
N GLY O 152 -14.58 44.25 46.31
CA GLY O 152 -15.79 44.42 47.09
C GLY O 152 -15.61 45.28 48.32
N ILE O 153 -16.75 45.77 48.82
CA ILE O 153 -16.80 46.52 50.06
C ILE O 153 -18.00 46.02 50.87
N ILE O 154 -17.91 46.25 52.18
CA ILE O 154 -18.99 45.91 53.12
C ILE O 154 -19.00 46.95 54.21
N ALA O 155 -20.18 47.52 54.47
CA ALA O 155 -20.33 48.54 55.50
C ALA O 155 -20.32 47.86 56.86
N LEU O 156 -19.26 48.11 57.63
CA LEU O 156 -19.17 47.55 58.97
C LEU O 156 -19.86 48.48 59.95
N ARG P 5 -22.97 65.15 59.50
CA ARG P 5 -21.56 65.35 59.19
C ARG P 5 -20.68 64.75 60.27
N THR P 6 -21.31 64.13 61.27
CA THR P 6 -20.58 63.50 62.38
C THR P 6 -21.42 62.38 62.98
N PRO P 7 -21.38 61.21 62.36
CA PRO P 7 -21.84 60.01 63.07
C PRO P 7 -20.72 59.46 63.95
N SER P 8 -20.92 58.29 64.54
CA SER P 8 -19.92 57.71 65.43
C SER P 8 -20.08 56.20 65.44
N ASP P 9 -19.02 55.51 65.86
CA ASP P 9 -19.03 54.06 65.78
C ASP P 9 -18.38 53.37 66.98
N LYS P 10 -17.53 52.40 66.67
CA LYS P 10 -16.93 51.44 67.59
C LYS P 10 -15.41 51.43 67.39
N PRO P 11 -14.66 50.84 68.33
CA PRO P 11 -13.20 50.80 68.19
C PRO P 11 -12.73 50.34 66.82
N VAL P 12 -11.85 51.14 66.22
CA VAL P 12 -11.33 50.91 64.88
C VAL P 12 -9.89 51.41 64.85
N ALA P 13 -9.09 50.85 63.95
CA ALA P 13 -7.71 51.28 63.79
C ALA P 13 -7.21 50.84 62.43
N HIS P 14 -6.55 51.75 61.73
CA HIS P 14 -5.85 51.45 60.47
C HIS P 14 -4.66 52.39 60.40
N VAL P 15 -3.49 51.90 60.80
CA VAL P 15 -2.29 52.73 60.88
C VAL P 15 -1.36 52.37 59.72
N VAL P 16 -0.60 53.37 59.29
CA VAL P 16 0.26 53.26 58.11
C VAL P 16 1.69 53.57 58.52
N ALA P 17 2.64 53.01 57.78
CA ALA P 17 4.04 53.18 58.13
C ALA P 17 4.50 54.63 57.94
N ASN P 18 5.48 55.01 58.73
CA ASN P 18 6.11 56.32 58.60
C ASN P 18 7.08 56.26 57.41
N PRO P 19 6.89 57.08 56.38
CA PRO P 19 7.83 57.03 55.25
C PRO P 19 9.21 57.51 55.61
N GLN P 20 9.32 58.46 56.53
CA GLN P 20 10.62 59.04 56.91
C GLN P 20 11.28 58.28 58.06
N ALA P 21 11.02 56.98 58.20
CA ALA P 21 11.66 56.16 59.22
C ALA P 21 12.60 55.11 58.64
N GLU P 22 13.33 55.45 57.56
CA GLU P 22 14.18 54.50 56.83
C GLU P 22 14.95 53.57 57.75
N GLY P 23 14.57 52.30 57.75
CA GLY P 23 15.17 51.26 58.56
C GLY P 23 14.44 50.95 59.84
N GLN P 24 13.19 51.37 59.94
CA GLN P 24 12.34 51.12 61.10
C GLN P 24 10.91 51.09 60.61
N LEU P 25 10.07 50.33 61.30
CA LEU P 25 8.65 50.22 60.98
C LEU P 25 7.87 50.94 62.09
N GLN P 26 7.69 52.24 61.92
CA GLN P 26 6.94 53.05 62.88
C GLN P 26 5.55 53.33 62.35
N TRP P 27 4.54 52.96 63.15
CA TRP P 27 3.15 53.12 62.77
C TRP P 27 2.68 54.52 63.11
N LEU P 28 1.96 55.15 62.19
CA LEU P 28 1.45 56.51 62.37
C LEU P 28 -0.07 56.48 62.27
N ASN P 29 -0.71 57.43 62.96
CA ASN P 29 -2.17 57.56 62.96
C ASN P 29 -2.66 58.89 62.45
N ARG P 30 -1.83 59.92 62.46
CA ARG P 30 -2.19 61.26 62.01
C ARG P 30 -1.83 61.46 60.53
N ARG P 31 -2.43 60.61 59.70
CA ARG P 31 -2.23 60.68 58.25
C ARG P 31 -3.55 60.44 57.53
N ALA P 32 -3.67 61.04 56.35
CA ALA P 32 -4.89 60.93 55.57
C ALA P 32 -5.22 59.47 55.26
N ASN P 33 -6.51 59.17 55.25
CA ASN P 33 -7.04 57.81 55.07
C ASN P 33 -6.42 56.85 56.07
N ALA P 34 -6.24 57.32 57.30
CA ALA P 34 -5.78 56.48 58.40
C ALA P 34 -6.71 56.71 59.58
N LEU P 35 -6.91 55.67 60.37
CA LEU P 35 -7.83 55.77 61.49
C LEU P 35 -7.22 55.18 62.75
N LEU P 36 -7.58 55.80 63.89
CA LEU P 36 -7.26 55.29 65.21
C LEU P 36 -8.16 56.04 66.19
N ALA P 37 -9.32 55.47 66.50
CA ALA P 37 -10.31 56.21 67.25
C ALA P 37 -11.16 55.25 68.08
N ASN P 38 -12.00 55.84 68.94
CA ASN P 38 -12.94 55.12 69.78
C ASN P 38 -12.26 54.18 70.76
N GLY P 39 -11.08 54.57 71.24
CA GLY P 39 -10.41 53.91 72.34
C GLY P 39 -9.16 53.15 71.98
N VAL P 40 -9.00 52.72 70.73
CA VAL P 40 -7.78 52.01 70.37
C VAL P 40 -6.64 53.04 70.42
N GLU P 41 -5.62 52.75 71.23
CA GLU P 41 -4.48 53.63 71.39
C GLU P 41 -3.23 53.01 70.78
N LEU P 42 -2.36 53.86 70.23
CA LEU P 42 -1.06 53.45 69.72
C LEU P 42 0.03 53.96 70.67
N ARG P 43 0.49 53.08 71.56
CA ARG P 43 1.57 53.41 72.50
C ARG P 43 2.94 53.00 71.99
N ASP P 44 3.32 51.75 72.24
CA ASP P 44 4.66 51.22 71.98
C ASP P 44 4.80 50.71 70.56
N ASN P 45 4.37 51.49 69.58
CA ASN P 45 4.24 51.00 68.21
C ASN P 45 3.39 49.74 68.18
N GLN P 46 2.43 49.68 69.10
CA GLN P 46 1.55 48.53 69.31
C GLN P 46 0.14 49.05 69.52
N LEU P 47 -0.84 48.31 69.01
CA LEU P 47 -2.24 48.69 69.15
C LEU P 47 -2.82 48.06 70.42
N VAL P 48 -3.48 48.88 71.22
CA VAL P 48 -4.00 48.46 72.53
C VAL P 48 -5.52 48.35 72.44
N VAL P 49 -6.03 47.16 72.69
CA VAL P 49 -7.46 46.87 72.61
C VAL P 49 -8.19 47.56 73.76
N PRO P 50 -9.25 48.34 73.49
CA PRO P 50 -9.92 49.09 74.56
C PRO P 50 -11.05 48.34 75.25
N SER P 51 -11.56 47.28 74.62
CA SER P 51 -12.69 46.53 75.17
C SER P 51 -12.63 45.10 74.66
N GLU P 52 -13.13 44.18 75.47
CA GLU P 52 -13.09 42.78 75.10
C GLU P 52 -14.13 42.48 74.02
N GLY P 53 -13.75 41.68 73.05
CA GLY P 53 -14.68 41.34 72.00
C GLY P 53 -13.96 40.71 70.82
N LEU P 54 -14.70 40.60 69.73
CA LEU P 54 -14.24 40.01 68.49
C LEU P 54 -13.69 41.09 67.57
N TYR P 55 -12.45 40.93 67.13
CA TYR P 55 -11.81 41.91 66.26
C TYR P 55 -11.35 41.24 64.97
N LEU P 56 -11.24 42.06 63.93
CA LEU P 56 -10.63 41.66 62.67
C LEU P 56 -9.25 42.31 62.59
N ILE P 57 -8.22 41.49 62.47
CA ILE P 57 -6.84 41.96 62.43
C ILE P 57 -6.32 41.72 61.02
N TYR P 58 -5.68 42.74 60.46
CA TYR P 58 -5.13 42.64 59.12
C TYR P 58 -3.88 43.49 59.04
N SER P 59 -2.98 43.13 58.13
CA SER P 59 -1.78 43.92 57.90
C SER P 59 -1.16 43.48 56.59
N GLN P 60 -0.58 44.45 55.87
CA GLN P 60 0.19 44.18 54.67
C GLN P 60 1.53 44.91 54.76
N VAL P 61 2.58 44.26 54.27
CA VAL P 61 3.90 44.85 54.16
C VAL P 61 4.41 44.58 52.76
N LEU P 62 5.12 45.55 52.19
CA LEU P 62 5.70 45.45 50.86
C LEU P 62 7.22 45.41 50.96
N PHE P 63 7.83 44.39 50.38
CA PHE P 63 9.27 44.24 50.33
C PHE P 63 9.74 44.60 48.92
N LYS P 64 10.75 45.43 48.83
CA LYS P 64 11.36 45.79 47.56
C LYS P 64 12.87 45.78 47.72
N GLY P 65 13.55 45.20 46.76
CA GLY P 65 15.01 45.20 46.75
C GLY P 65 15.56 45.43 45.36
N GLN P 66 16.79 45.93 45.33
CA GLN P 66 17.52 46.23 44.09
C GLN P 66 18.56 45.16 43.77
N GLY P 67 18.15 43.89 43.75
CA GLY P 67 19.04 42.78 43.45
C GLY P 67 18.78 41.55 44.32
N CYS P 68 19.15 40.38 43.79
CA CYS P 68 18.91 39.10 44.44
C CYS P 68 20.19 38.49 44.98
N PRO P 69 20.45 38.57 46.29
CA PRO P 69 21.63 37.91 46.84
C PRO P 69 21.36 36.44 47.10
N SER P 70 22.45 35.68 47.26
CA SER P 70 22.39 34.25 47.54
C SER P 70 22.51 33.94 49.03
N THR P 71 22.19 34.89 49.89
CA THR P 71 22.27 34.73 51.32
C THR P 71 21.07 34.00 51.93
N HIS P 72 20.26 33.32 51.11
CA HIS P 72 19.03 32.70 51.59
C HIS P 72 18.26 33.70 52.44
N VAL P 73 17.50 34.57 51.81
CA VAL P 73 16.72 35.55 52.53
C VAL P 73 15.31 35.04 52.69
N LEU P 74 14.79 35.15 53.91
CA LEU P 74 13.43 34.77 54.22
C LEU P 74 12.73 36.03 54.71
N LEU P 75 11.66 36.41 54.04
CA LEU P 75 10.91 37.58 54.45
C LEU P 75 9.72 37.06 55.23
N THR P 76 9.60 37.49 56.48
CA THR P 76 8.54 37.01 57.34
C THR P 76 7.75 38.19 57.85
N HIS P 77 6.51 37.91 58.21
CA HIS P 77 5.58 38.95 58.65
C HIS P 77 4.59 38.29 59.59
N THR P 78 4.55 38.75 60.84
CA THR P 78 3.72 38.12 61.86
C THR P 78 3.05 39.20 62.70
N ILE P 79 1.79 38.94 63.05
CA ILE P 79 1.05 39.77 64.00
C ILE P 79 0.91 38.99 65.30
N SER P 80 1.38 39.57 66.39
CA SER P 80 1.43 38.92 67.68
C SER P 80 0.49 39.60 68.67
N ARG P 81 0.19 38.89 69.75
CA ARG P 81 -0.71 39.35 70.80
C ARG P 81 -0.13 38.99 72.15
N ILE P 82 0.00 39.98 73.02
CA ILE P 82 0.33 39.74 74.42
C ILE P 82 -0.93 40.04 75.23
N ALA P 83 -1.47 39.00 75.85
CA ALA P 83 -2.72 39.08 76.58
C ALA P 83 -2.44 39.09 78.07
N VAL P 84 -3.41 39.63 78.82
CA VAL P 84 -3.31 39.65 80.27
C VAL P 84 -3.45 38.24 80.84
N SER P 85 -4.15 37.35 80.15
CA SER P 85 -4.35 36.01 80.68
C SER P 85 -3.07 35.19 80.57
N TYR P 86 -2.31 35.40 79.49
CA TYR P 86 -1.04 34.71 79.28
C TYR P 86 -0.08 35.76 78.73
N GLN P 87 0.79 36.29 79.59
CA GLN P 87 1.61 37.45 79.24
C GLN P 87 2.85 37.08 78.45
N THR P 88 2.71 36.22 77.43
CA THR P 88 3.81 35.86 76.56
C THR P 88 3.39 36.09 75.11
N LYS P 89 4.31 36.64 74.32
CA LYS P 89 4.04 36.96 72.93
C LYS P 89 3.93 35.70 72.08
N VAL P 90 2.74 35.48 71.49
CA VAL P 90 2.45 34.34 70.63
C VAL P 90 1.91 34.85 69.29
N ASN P 91 2.21 34.11 68.21
CA ASN P 91 1.79 34.51 66.87
C ASN P 91 0.34 34.14 66.59
N LEU P 92 -0.43 35.12 66.11
CA LEU P 92 -1.78 34.91 65.62
C LEU P 92 -1.80 34.64 64.12
N LEU P 93 -1.05 35.42 63.37
CA LEU P 93 -0.95 35.33 61.93
C LEU P 93 0.51 35.42 61.56
N SER P 94 0.91 34.61 60.58
CA SER P 94 2.29 34.57 60.14
C SER P 94 2.33 34.21 58.68
N ALA P 95 3.39 34.68 58.02
CA ALA P 95 3.59 34.34 56.62
C ALA P 95 5.08 34.44 56.34
N ILE P 96 5.56 33.56 55.46
CA ILE P 96 6.95 33.51 55.06
C ILE P 96 6.99 33.52 53.54
N LYS P 97 8.01 34.17 52.99
CA LYS P 97 8.16 34.25 51.55
C LYS P 97 9.64 34.31 51.20
N SER P 98 10.01 33.52 50.21
CA SER P 98 11.35 33.53 49.68
C SER P 98 11.32 34.41 48.44
N PRO P 99 12.00 35.54 48.45
CA PRO P 99 11.78 36.53 47.39
C PRO P 99 12.45 36.14 46.09
N CYS P 100 13.54 35.38 46.17
CA CYS P 100 14.30 35.09 44.97
C CYS P 100 15.12 33.83 45.24
N GLN P 101 14.72 32.72 44.62
CA GLN P 101 15.53 31.51 44.77
C GLN P 101 16.68 31.55 43.80
N ARG P 102 16.52 32.34 42.74
CA ARG P 102 17.59 32.54 41.77
C ARG P 102 18.66 33.40 42.41
N GLU P 103 19.90 33.14 42.02
CA GLU P 103 21.03 33.85 42.62
C GLU P 103 21.93 34.40 41.52
N THR P 104 23.15 34.74 41.91
CA THR P 104 24.25 35.27 41.11
C THR P 104 23.82 36.25 40.01
N PRO P 105 23.31 37.44 40.37
CA PRO P 105 22.84 38.36 39.35
C PRO P 105 23.98 39.17 38.75
N GLU P 106 25.16 38.55 38.65
CA GLU P 106 26.36 39.27 38.26
C GLU P 106 26.22 39.88 36.87
N GLY P 107 25.58 39.15 35.95
CA GLY P 107 25.38 39.65 34.60
C GLY P 107 24.30 40.70 34.51
N ALA P 108 23.04 40.28 34.61
CA ALA P 108 21.91 41.20 34.60
C ALA P 108 21.62 41.58 36.05
N GLU P 109 22.10 42.77 36.45
CA GLU P 109 22.07 43.15 37.86
C GLU P 109 20.70 43.68 38.29
N ALA P 110 20.34 44.88 37.81
CA ALA P 110 19.15 45.65 38.19
C ALA P 110 18.13 44.86 39.00
N LYS P 111 17.20 44.20 38.30
CA LYS P 111 16.13 43.40 38.89
C LYS P 111 15.52 43.93 40.18
N PRO P 112 14.87 45.11 40.15
CA PRO P 112 14.19 45.55 41.37
C PRO P 112 12.99 44.64 41.57
N TRP P 113 12.97 43.93 42.69
CA TRP P 113 11.94 42.96 42.99
C TRP P 113 10.98 43.48 44.04
N TYR P 114 9.71 43.10 43.91
CA TYR P 114 8.68 43.46 44.86
C TYR P 114 7.96 42.20 45.29
N GLU P 115 7.81 42.00 46.61
CA GLU P 115 7.05 40.87 47.11
C GLU P 115 6.19 41.35 48.25
N PRO P 116 4.86 41.31 48.12
CA PRO P 116 3.99 41.75 49.21
C PRO P 116 3.54 40.58 50.08
N ILE P 117 3.12 40.88 51.30
CA ILE P 117 2.59 39.86 52.21
C ILE P 117 1.39 40.45 52.92
N TYR P 118 0.28 39.72 52.93
CA TYR P 118 -0.94 40.15 53.57
C TYR P 118 -1.37 39.10 54.58
N LEU P 119 -1.90 39.57 55.69
CA LEU P 119 -2.35 38.72 56.78
C LEU P 119 -3.70 39.22 57.24
N GLY P 120 -4.60 38.29 57.54
CA GLY P 120 -5.90 38.71 58.04
C GLY P 120 -6.70 37.60 58.70
N GLY P 121 -7.41 37.96 59.77
CA GLY P 121 -8.22 36.99 60.47
C GLY P 121 -8.98 37.66 61.60
N VAL P 122 -9.94 36.93 62.14
CA VAL P 122 -10.78 37.40 63.24
C VAL P 122 -10.36 36.67 64.51
N PHE P 123 -10.30 37.41 65.62
CA PHE P 123 -9.84 36.86 66.88
C PHE P 123 -10.64 37.47 68.03
N GLN P 124 -10.64 36.76 69.15
CA GLN P 124 -11.21 37.24 70.41
C GLN P 124 -10.10 37.82 71.26
N LEU P 125 -10.20 39.11 71.59
CA LEU P 125 -9.21 39.81 72.37
C LEU P 125 -9.79 40.29 73.69
N GLU P 126 -8.93 40.47 74.68
CA GLU P 126 -9.35 40.97 76.00
C GLU P 126 -8.87 42.40 76.16
N LYS P 127 -9.39 43.06 77.20
CA LYS P 127 -8.99 44.43 77.48
C LYS P 127 -7.52 44.53 77.83
N GLY P 128 -6.85 45.51 77.25
CA GLY P 128 -5.46 45.78 77.56
C GLY P 128 -4.47 44.95 76.77
N ASP P 129 -4.95 44.06 75.91
CA ASP P 129 -4.06 43.29 75.05
C ASP P 129 -3.38 44.22 74.03
N ARG P 130 -2.11 43.97 73.79
CA ARG P 130 -1.32 44.79 72.87
C ARG P 130 -0.92 43.95 71.67
N LEU P 131 -1.44 44.32 70.50
CA LEU P 131 -1.15 43.67 69.23
C LEU P 131 0.00 44.39 68.53
N SER P 132 0.82 43.61 67.83
CA SER P 132 2.00 44.14 67.16
C SER P 132 2.23 43.43 65.83
N ALA P 133 2.36 44.21 64.77
CA ALA P 133 2.71 43.74 63.44
C ALA P 133 4.17 44.09 63.14
N GLU P 134 4.95 43.08 62.76
CA GLU P 134 6.39 43.26 62.58
C GLU P 134 6.88 42.41 61.42
N ILE P 135 8.05 42.78 60.92
CA ILE P 135 8.75 42.06 59.88
C ILE P 135 10.20 41.92 60.32
N ASN P 136 10.88 40.91 59.75
CA ASN P 136 12.23 40.61 60.23
C ASN P 136 13.29 41.49 59.58
N ARG P 137 13.08 41.96 58.36
CA ARG P 137 14.09 42.76 57.64
C ARG P 137 13.53 44.14 57.31
N PRO P 138 13.67 45.11 58.21
CA PRO P 138 13.16 46.47 57.96
C PRO P 138 14.01 47.27 56.99
N ASP P 139 14.96 46.60 56.34
CA ASP P 139 15.80 47.23 55.33
C ASP P 139 15.22 47.09 53.92
N TYR P 140 14.22 46.26 53.73
CA TYR P 140 13.55 46.08 52.44
C TYR P 140 12.19 46.76 52.40
N LEU P 141 11.85 47.55 53.41
CA LEU P 141 10.54 48.16 53.46
C LEU P 141 10.40 49.21 52.36
N ASP P 142 9.30 49.13 51.62
CA ASP P 142 8.96 50.09 50.59
C ASP P 142 7.72 50.83 51.09
N PHE P 143 7.95 51.81 51.95
CA PHE P 143 6.90 52.70 52.43
C PHE P 143 6.87 54.00 51.66
N ALA P 144 7.17 53.94 50.36
CA ALA P 144 7.19 55.13 49.52
C ALA P 144 5.76 55.64 49.35
N GLU P 145 4.96 54.99 48.50
CA GLU P 145 3.58 55.43 48.31
C GLU P 145 2.75 55.07 49.54
N SER P 146 1.43 55.11 49.39
CA SER P 146 0.52 54.87 50.48
C SER P 146 -0.22 53.56 50.26
N GLY P 147 -0.78 53.02 51.33
CA GLY P 147 -1.49 51.76 51.22
C GLY P 147 -0.62 50.58 50.88
N GLN P 148 0.70 50.74 50.92
CA GLN P 148 1.61 49.64 50.67
C GLN P 148 2.07 48.94 51.95
N VAL P 149 2.09 49.65 53.08
CA VAL P 149 2.34 49.06 54.39
C VAL P 149 1.30 49.61 55.35
N TYR P 150 0.60 48.72 56.05
CA TYR P 150 -0.45 49.13 56.98
C TYR P 150 -0.72 47.98 57.94
N PHE P 151 -1.54 48.28 58.94
CA PHE P 151 -1.83 47.38 60.05
C PHE P 151 -3.01 47.95 60.80
N GLY P 152 -4.03 47.15 61.05
CA GLY P 152 -5.24 47.70 61.65
C GLY P 152 -6.13 46.63 62.23
N ILE P 153 -7.04 47.09 63.09
CA ILE P 153 -8.06 46.25 63.70
C ILE P 153 -9.38 46.99 63.60
N ILE P 154 -10.47 46.23 63.65
CA ILE P 154 -11.82 46.78 63.65
C ILE P 154 -12.67 45.89 64.53
N ALA P 155 -13.42 46.51 65.45
CA ALA P 155 -14.25 45.75 66.36
C ALA P 155 -15.51 45.32 65.62
N LEU P 156 -15.62 44.03 65.32
CA LEU P 156 -16.82 43.49 64.71
C LEU P 156 -17.81 43.12 65.81
N ARG Q 5 -16.12 36.57 80.48
CA ARG Q 5 -16.58 37.58 81.41
C ARG Q 5 -17.62 38.50 80.76
N THR Q 6 -17.48 38.73 79.46
CA THR Q 6 -18.45 39.48 78.67
C THR Q 6 -19.12 38.56 77.66
N PRO Q 7 -20.40 38.81 77.32
CA PRO Q 7 -21.17 37.84 76.51
C PRO Q 7 -20.62 37.55 75.11
N SER Q 8 -20.71 38.54 74.22
CA SER Q 8 -20.31 38.47 72.81
C SER Q 8 -21.27 37.58 72.03
N ASP Q 9 -21.41 37.81 70.72
CA ASP Q 9 -22.37 37.04 69.93
C ASP Q 9 -21.87 36.97 68.49
N LYS Q 10 -22.77 36.54 67.60
CA LYS Q 10 -22.69 36.27 66.16
C LYS Q 10 -21.91 35.01 65.83
N PRO Q 11 -22.29 34.31 64.76
CA PRO Q 11 -21.52 33.15 64.32
C PRO Q 11 -20.08 33.51 63.99
N VAL Q 12 -19.14 32.75 64.54
CA VAL Q 12 -17.72 33.02 64.31
C VAL Q 12 -17.00 31.68 64.26
N ALA Q 13 -15.89 31.66 63.51
CA ALA Q 13 -15.04 30.49 63.41
C ALA Q 13 -13.68 30.95 62.91
N HIS Q 14 -12.63 30.42 63.54
CA HIS Q 14 -11.26 30.61 63.09
C HIS Q 14 -10.52 29.32 63.44
N VAL Q 15 -10.42 28.44 62.45
CA VAL Q 15 -9.82 27.12 62.65
C VAL Q 15 -8.44 27.12 62.03
N VAL Q 16 -7.53 26.37 62.65
CA VAL Q 16 -6.14 26.33 62.27
C VAL Q 16 -5.79 24.87 62.01
N ALA Q 17 -4.83 24.64 61.13
CA ALA Q 17 -4.44 23.29 60.77
C ALA Q 17 -3.82 22.56 61.96
N ASN Q 18 -3.97 21.24 61.96
CA ASN Q 18 -3.35 20.39 62.97
C ASN Q 18 -1.88 20.22 62.62
N PRO Q 19 -0.94 20.64 63.48
CA PRO Q 19 0.48 20.48 63.14
C PRO Q 19 0.94 19.03 63.12
N GLN Q 20 0.39 18.19 63.99
CA GLN Q 20 0.75 16.78 64.07
C GLN Q 20 -0.15 15.91 63.19
N ALA Q 21 -0.58 16.44 62.06
CA ALA Q 21 -1.40 15.78 61.04
C ALA Q 21 -0.50 15.52 59.84
N GLU Q 22 0.08 14.31 59.80
CA GLU Q 22 1.11 13.98 58.83
C GLU Q 22 0.66 14.09 57.38
N GLY Q 23 1.20 15.09 56.68
CA GLY Q 23 0.92 15.30 55.27
C GLY Q 23 -0.52 15.57 54.90
N GLN Q 24 -1.29 16.20 55.78
CA GLN Q 24 -2.69 16.47 55.49
C GLN Q 24 -3.15 17.75 56.18
N LEU Q 25 -4.23 18.32 55.65
CA LEU Q 25 -4.83 19.56 56.15
C LEU Q 25 -6.11 19.24 56.92
N GLN Q 26 -5.96 18.97 58.22
CA GLN Q 26 -7.08 18.72 59.11
C GLN Q 26 -7.26 19.92 60.04
N TRP Q 27 -8.47 20.49 60.05
CA TRP Q 27 -8.79 21.71 60.76
C TRP Q 27 -9.15 21.45 62.22
N LEU Q 28 -8.62 22.29 63.11
CA LEU Q 28 -8.86 22.16 64.55
C LEU Q 28 -9.47 23.45 65.11
N ASN Q 29 -10.27 23.29 66.17
CA ASN Q 29 -10.85 24.42 66.88
C ASN Q 29 -10.50 24.48 68.36
N ARG Q 30 -10.09 23.36 68.96
CA ARG Q 30 -9.79 23.35 70.40
C ARG Q 30 -8.31 23.63 70.63
N ARG Q 31 -7.85 24.78 70.16
CA ARG Q 31 -6.46 25.17 70.34
C ARG Q 31 -6.36 26.65 70.66
N ALA Q 32 -5.30 26.99 71.40
CA ALA Q 32 -4.96 28.31 71.96
C ALA Q 32 -5.81 29.48 71.49
N ASN Q 33 -5.59 29.97 70.26
CA ASN Q 33 -6.26 31.15 69.76
C ASN Q 33 -7.19 30.81 68.59
N ALA Q 34 -8.04 29.80 68.77
CA ALA Q 34 -8.98 29.39 67.75
C ALA Q 34 -10.40 29.44 68.30
N LEU Q 35 -11.36 29.68 67.41
CA LEU Q 35 -12.75 29.88 67.81
C LEU Q 35 -13.66 29.03 66.92
N LEU Q 36 -14.74 28.56 67.53
CA LEU Q 36 -15.82 27.88 66.79
C LEU Q 36 -17.02 27.86 67.74
N ALA Q 37 -17.86 28.88 67.63
CA ALA Q 37 -18.92 29.09 68.62
C ALA Q 37 -20.09 29.80 67.95
N ASN Q 38 -21.19 29.92 68.71
CA ASN Q 38 -22.40 30.61 68.26
C ASN Q 38 -23.02 29.95 67.03
N GLY Q 39 -22.90 28.62 66.94
CA GLY Q 39 -23.67 27.84 65.99
C GLY Q 39 -22.88 27.23 64.85
N VAL Q 40 -21.71 27.77 64.51
CA VAL Q 40 -20.92 27.22 63.42
C VAL Q 40 -20.42 25.83 63.81
N GLU Q 41 -20.68 24.84 62.96
CA GLU Q 41 -20.26 23.46 63.19
C GLU Q 41 -19.11 23.09 62.26
N LEU Q 42 -18.19 22.27 62.74
CA LEU Q 42 -17.11 21.72 61.91
C LEU Q 42 -17.39 20.22 61.75
N ARG Q 43 -17.91 19.83 60.58
CA ARG Q 43 -18.25 18.44 60.27
C ARG Q 43 -17.10 17.67 59.62
N ASP Q 44 -17.28 17.27 58.36
CA ASP Q 44 -16.31 16.42 57.68
C ASP Q 44 -15.26 17.32 57.04
N ASN Q 45 -14.40 17.87 57.90
CA ASN Q 45 -13.40 18.87 57.51
C ASN Q 45 -14.06 20.06 56.82
N GLN Q 46 -15.29 20.40 57.26
CA GLN Q 46 -16.13 21.41 56.63
C GLN Q 46 -16.79 22.27 57.71
N LEU Q 47 -16.92 23.57 57.44
CA LEU Q 47 -17.65 24.47 58.33
C LEU Q 47 -19.10 24.58 57.89
N VAL Q 48 -20.02 24.46 58.84
CA VAL Q 48 -21.46 24.47 58.59
C VAL Q 48 -22.03 25.80 59.08
N VAL Q 49 -22.62 26.55 58.16
CA VAL Q 49 -23.20 27.86 58.47
C VAL Q 49 -24.47 27.65 59.28
N PRO Q 50 -24.66 28.34 60.43
CA PRO Q 50 -25.84 28.08 61.26
C PRO Q 50 -27.06 28.93 60.93
N SER Q 51 -26.88 30.04 60.22
CA SER Q 51 -27.99 30.94 59.93
C SER Q 51 -27.68 31.75 58.68
N GLU Q 52 -28.75 32.14 57.98
CA GLU Q 52 -28.60 32.92 56.76
C GLU Q 52 -28.18 34.35 57.08
N GLY Q 53 -27.28 34.89 56.25
CA GLY Q 53 -26.80 36.24 56.43
C GLY Q 53 -25.54 36.47 55.63
N LEU Q 54 -24.90 37.60 55.91
CA LEU Q 54 -23.64 37.95 55.26
C LEU Q 54 -22.46 37.48 56.10
N TYR Q 55 -21.53 36.76 55.49
CA TYR Q 55 -20.35 36.31 56.21
C TYR Q 55 -19.10 36.86 55.56
N LEU Q 56 -18.05 36.96 56.37
CA LEU Q 56 -16.71 37.28 55.89
C LEU Q 56 -15.88 36.01 55.97
N ILE Q 57 -15.39 35.56 54.82
CA ILE Q 57 -14.70 34.28 54.69
C ILE Q 57 -13.24 34.54 54.36
N TYR Q 58 -12.34 33.86 55.06
CA TYR Q 58 -10.92 34.03 54.81
C TYR Q 58 -10.20 32.71 55.07
N SER Q 59 -9.03 32.57 54.46
CA SER Q 59 -8.17 31.43 54.69
C SER Q 59 -6.79 31.75 54.18
N GLN Q 60 -5.76 31.25 54.87
CA GLN Q 60 -4.40 31.36 54.41
C GLN Q 60 -3.75 29.98 54.47
N VAL Q 61 -2.91 29.71 53.48
CA VAL Q 61 -2.15 28.48 53.41
C VAL Q 61 -0.70 28.85 53.16
N LEU Q 62 0.23 28.18 53.82
CA LEU Q 62 1.64 28.45 53.62
C LEU Q 62 2.26 27.20 53.00
N PHE Q 63 2.89 27.37 51.84
CA PHE Q 63 3.54 26.28 51.14
C PHE Q 63 5.04 26.36 51.36
N LYS Q 64 5.66 25.23 51.67
CA LYS Q 64 7.09 25.14 51.83
C LYS Q 64 7.58 23.90 51.12
N GLY Q 65 8.65 24.04 50.36
CA GLY Q 65 9.29 22.92 49.72
C GLY Q 65 10.79 23.03 49.87
N GLN Q 66 11.45 21.88 49.86
CA GLN Q 66 12.89 21.82 50.07
C GLN Q 66 13.63 21.56 48.76
N GLY Q 67 13.30 22.35 47.75
CA GLY Q 67 13.89 22.18 46.43
C GLY Q 67 12.85 22.34 45.34
N CYS Q 68 13.33 22.61 44.13
CA CYS Q 68 12.47 22.81 42.98
C CYS Q 68 12.46 21.49 42.22
N PRO Q 69 11.39 20.72 42.30
CA PRO Q 69 11.38 19.39 41.65
C PRO Q 69 11.20 19.49 40.14
N SER Q 70 11.20 18.33 39.49
CA SER Q 70 11.08 18.26 38.03
C SER Q 70 9.82 18.97 37.55
N THR Q 71 9.88 19.45 36.30
CA THR Q 71 8.76 20.13 35.66
C THR Q 71 8.22 21.27 36.53
N HIS Q 72 7.00 21.70 36.28
CA HIS Q 72 6.40 22.81 37.00
C HIS Q 72 5.26 22.28 37.86
N VAL Q 73 5.30 22.59 39.14
CA VAL Q 73 4.24 22.23 40.07
C VAL Q 73 3.36 23.46 40.26
N LEU Q 74 2.06 23.22 40.31
CA LEU Q 74 1.09 24.30 40.45
C LEU Q 74 0.39 24.17 41.79
N LEU Q 75 0.47 25.23 42.58
CA LEU Q 75 -0.13 25.28 43.90
C LEU Q 75 -1.44 26.04 43.82
N THR Q 76 -2.53 25.41 44.24
CA THR Q 76 -3.84 26.03 44.20
C THR Q 76 -4.45 25.99 45.59
N HIS Q 77 -5.36 26.92 45.83
CA HIS Q 77 -6.00 27.08 47.12
C HIS Q 77 -7.38 27.67 46.88
N THR Q 78 -8.42 26.97 47.29
CA THR Q 78 -9.78 27.39 47.00
C THR Q 78 -10.65 27.19 48.22
N ILE Q 79 -11.55 28.14 48.45
CA ILE Q 79 -12.62 27.99 49.43
C ILE Q 79 -13.89 27.75 48.65
N SER Q 80 -14.54 26.63 48.93
CA SER Q 80 -15.69 26.20 48.16
C SER Q 80 -16.94 26.29 49.02
N ARG Q 81 -18.09 26.30 48.35
CA ARG Q 81 -19.37 26.40 49.01
C ARG Q 81 -20.32 25.44 48.32
N ILE Q 82 -20.87 24.49 49.08
CA ILE Q 82 -21.97 23.65 48.60
C ILE Q 82 -23.19 24.00 49.45
N ALA Q 83 -24.22 24.56 48.81
CA ALA Q 83 -25.38 25.11 49.48
C ALA Q 83 -26.59 24.18 49.40
N VAL Q 84 -27.53 24.42 50.31
CA VAL Q 84 -28.79 23.68 50.30
C VAL Q 84 -29.62 24.05 49.09
N SER Q 85 -29.46 25.27 48.56
CA SER Q 85 -30.25 25.66 47.39
C SER Q 85 -29.72 25.02 46.12
N TYR Q 86 -28.40 24.85 46.02
CA TYR Q 86 -27.74 24.27 44.85
C TYR Q 86 -26.66 23.32 45.35
N GLN Q 87 -26.94 22.02 45.29
CA GLN Q 87 -26.11 21.02 45.97
C GLN Q 87 -24.88 20.61 45.17
N THR Q 88 -24.14 21.58 44.64
CA THR Q 88 -22.91 21.31 43.94
C THR Q 88 -21.80 22.20 44.49
N LYS Q 89 -20.59 21.65 44.61
CA LYS Q 89 -19.45 22.42 45.09
C LYS Q 89 -19.04 23.48 44.08
N VAL Q 90 -19.10 24.74 44.49
CA VAL Q 90 -18.67 25.87 43.68
C VAL Q 90 -17.63 26.69 44.43
N ASN Q 91 -16.69 27.26 43.69
CA ASN Q 91 -15.64 28.08 44.28
C ASN Q 91 -16.14 29.50 44.53
N LEU Q 92 -15.94 29.98 45.76
CA LEU Q 92 -16.17 31.37 46.07
C LEU Q 92 -14.89 32.18 45.91
N LEU Q 93 -13.77 31.64 46.38
CA LEU Q 93 -12.45 32.24 46.29
C LEU Q 93 -11.48 31.17 45.84
N SER Q 94 -10.57 31.55 44.93
CA SER Q 94 -9.59 30.61 44.40
C SER Q 94 -8.33 31.37 44.04
N ALA Q 95 -7.20 30.67 44.08
CA ALA Q 95 -5.92 31.27 43.70
C ALA Q 95 -4.95 30.18 43.27
N ILE Q 96 -4.06 30.56 42.35
CA ILE Q 96 -3.00 29.69 41.84
C ILE Q 96 -1.68 30.44 42.01
N LYS Q 97 -0.62 29.69 42.26
CA LYS Q 97 0.69 30.27 42.43
C LYS Q 97 1.72 29.28 41.90
N SER Q 98 2.66 29.81 41.12
CA SER Q 98 3.71 28.99 40.55
C SER Q 98 4.98 29.10 41.38
N PRO Q 99 5.36 28.07 42.13
CA PRO Q 99 6.49 28.20 43.04
C PRO Q 99 7.82 27.96 42.33
N CYS Q 100 7.81 27.16 41.27
CA CYS Q 100 9.03 26.74 40.59
C CYS Q 100 9.01 27.28 39.16
N GLN Q 101 9.84 28.27 38.92
CA GLN Q 101 10.00 28.89 37.61
C GLN Q 101 11.16 28.24 36.87
N ARG Q 102 10.93 27.01 36.41
CA ARG Q 102 11.97 26.17 35.77
C ARG Q 102 13.12 26.05 36.78
N GLU Q 103 14.38 26.20 36.36
CA GLU Q 103 15.56 26.07 37.21
C GLU Q 103 15.88 24.61 37.50
N THR Q 104 15.10 24.01 38.41
CA THR Q 104 15.24 22.64 38.91
C THR Q 104 16.71 22.38 39.21
N PRO Q 105 17.12 22.51 40.48
CA PRO Q 105 18.55 22.44 40.81
C PRO Q 105 19.24 21.15 40.40
N GLU Q 106 20.11 21.23 39.41
CA GLU Q 106 20.97 20.13 38.99
C GLU Q 106 22.38 20.46 39.47
N GLY Q 107 22.85 19.73 40.45
CA GLY Q 107 24.15 20.02 41.07
C GLY Q 107 24.05 20.96 42.25
N ALA Q 108 23.37 22.09 42.07
CA ALA Q 108 23.12 22.99 43.18
C ALA Q 108 22.18 22.32 44.18
N GLU Q 109 22.48 22.49 45.46
CA GLU Q 109 21.76 21.78 46.51
C GLU Q 109 20.32 22.29 46.62
N ALA Q 110 19.60 21.74 47.59
CA ALA Q 110 18.22 22.12 47.86
C ALA Q 110 18.11 23.63 48.04
N LYS Q 111 16.94 24.19 47.72
CA LYS Q 111 16.72 25.64 47.80
C LYS Q 111 15.34 25.83 48.38
N PRO Q 112 15.24 25.97 49.70
CA PRO Q 112 13.89 26.01 50.31
C PRO Q 112 13.14 27.28 49.93
N TRP Q 113 11.98 27.08 49.32
CA TRP Q 113 11.07 28.13 48.90
C TRP Q 113 9.83 28.15 49.79
N TYR Q 114 9.31 29.36 50.01
CA TYR Q 114 8.09 29.59 50.77
C TYR Q 114 7.12 30.41 49.94
N GLU Q 115 5.88 29.94 49.87
CA GLU Q 115 4.84 30.67 49.15
C GLU Q 115 3.54 30.67 49.95
N PRO Q 116 3.07 31.85 50.39
CA PRO Q 116 1.79 31.91 51.08
C PRO Q 116 0.67 32.27 50.10
N ILE Q 117 -0.59 31.98 50.47
CA ILE Q 117 -1.75 32.32 49.65
C ILE Q 117 -2.83 32.79 50.61
N TYR Q 118 -3.43 33.95 50.30
CA TYR Q 118 -4.49 34.48 51.14
C TYR Q 118 -5.72 34.77 50.28
N LEU Q 119 -6.87 34.47 50.85
CA LEU Q 119 -8.19 34.65 50.24
C LEU Q 119 -9.11 35.29 51.27
N GLY Q 120 -9.97 36.19 50.82
CA GLY Q 120 -10.94 36.82 51.69
C GLY Q 120 -12.05 37.47 50.89
N GLY Q 121 -13.27 37.43 51.41
CA GLY Q 121 -14.38 38.04 50.72
C GLY Q 121 -15.65 37.92 51.52
N VAL Q 122 -16.67 38.65 51.07
CA VAL Q 122 -17.98 38.66 51.69
C VAL Q 122 -18.95 37.90 50.79
N PHE Q 123 -19.77 37.06 51.39
CA PHE Q 123 -20.73 36.27 50.64
C PHE Q 123 -22.00 36.12 51.47
N GLN Q 124 -23.12 35.88 50.80
CA GLN Q 124 -24.37 35.57 51.48
C GLN Q 124 -24.55 34.05 51.51
N LEU Q 125 -24.64 33.52 52.73
CA LEU Q 125 -24.79 32.08 52.96
C LEU Q 125 -26.13 31.80 53.62
N GLU Q 126 -26.63 30.59 53.41
CA GLU Q 126 -27.89 30.12 53.97
C GLU Q 126 -27.63 29.08 55.06
N LYS Q 127 -28.67 28.76 55.81
CA LYS Q 127 -28.56 27.73 56.83
C LYS Q 127 -28.25 26.38 56.18
N GLY Q 128 -27.30 25.66 56.76
CA GLY Q 128 -26.94 24.35 56.26
C GLY Q 128 -25.92 24.34 55.15
N ASP Q 129 -25.44 25.51 54.72
CA ASP Q 129 -24.37 25.56 53.74
C ASP Q 129 -23.07 25.02 54.32
N ARG Q 130 -22.32 24.31 53.48
CA ARG Q 130 -21.08 23.64 53.86
C ARG Q 130 -19.92 24.35 53.15
N LEU Q 131 -19.10 25.06 53.93
CA LEU Q 131 -17.90 25.70 53.40
C LEU Q 131 -16.68 24.82 53.66
N SER Q 132 -15.75 24.81 52.71
CA SER Q 132 -14.56 23.98 52.82
C SER Q 132 -13.37 24.71 52.21
N ALA Q 133 -12.28 24.80 52.95
CA ALA Q 133 -11.02 25.36 52.47
C ALA Q 133 -10.08 24.22 52.12
N GLU Q 134 -9.53 24.25 50.90
CA GLU Q 134 -8.79 23.09 50.39
C GLU Q 134 -7.60 23.53 49.57
N ILE Q 135 -6.62 22.61 49.47
CA ILE Q 135 -5.42 22.79 48.63
C ILE Q 135 -5.16 21.47 47.91
N ASN Q 136 -4.46 21.54 46.77
CA ASN Q 136 -4.24 20.36 45.92
C ASN Q 136 -3.04 19.52 46.35
N ARG Q 137 -2.01 20.15 46.90
CA ARG Q 137 -0.78 19.45 47.31
C ARG Q 137 -0.63 19.56 48.81
N PRO Q 138 -1.22 18.65 49.57
CA PRO Q 138 -1.09 18.67 51.04
C PRO Q 138 0.26 18.20 51.56
N ASP Q 139 1.23 17.96 50.69
CA ASP Q 139 2.56 17.55 51.09
C ASP Q 139 3.51 18.73 51.24
N TYR Q 140 3.09 19.92 50.82
CA TYR Q 140 3.89 21.13 50.96
C TYR Q 140 3.37 22.03 52.07
N LEU Q 141 2.43 21.55 52.89
CA LEU Q 141 1.92 22.36 53.97
C LEU Q 141 3.01 22.61 55.00
N ASP Q 142 3.15 23.86 55.41
CA ASP Q 142 4.10 24.24 56.44
C ASP Q 142 3.27 24.66 57.65
N PHE Q 143 2.83 23.68 58.43
CA PHE Q 143 2.15 23.96 59.69
C PHE Q 143 3.07 23.84 60.90
N ALA Q 144 4.37 24.04 60.70
CA ALA Q 144 5.25 24.31 61.81
C ALA Q 144 5.01 25.75 62.27
N GLU Q 145 5.18 25.99 63.57
CA GLU Q 145 4.89 27.30 64.16
C GLU Q 145 3.41 27.64 63.97
N SER Q 146 2.96 28.79 64.45
CA SER Q 146 1.53 29.05 64.46
C SER Q 146 1.14 30.10 63.42
N GLY Q 147 -0.18 30.30 63.33
CA GLY Q 147 -0.83 31.20 62.40
C GLY Q 147 -0.26 31.22 61.00
N GLN Q 148 0.19 30.07 60.50
CA GLN Q 148 0.67 29.99 59.13
C GLN Q 148 -0.38 29.47 58.15
N VAL Q 149 -1.29 28.62 58.61
CA VAL Q 149 -2.39 28.15 57.78
C VAL Q 149 -3.66 28.17 58.63
N TYR Q 150 -4.73 28.76 58.11
CA TYR Q 150 -5.96 28.93 58.86
C TYR Q 150 -7.10 29.16 57.88
N PHE Q 151 -8.31 29.23 58.43
CA PHE Q 151 -9.56 29.33 57.69
C PHE Q 151 -10.65 29.74 58.66
N GLY Q 152 -11.44 30.74 58.31
CA GLY Q 152 -12.43 31.24 59.26
C GLY Q 152 -13.54 32.02 58.60
N ILE Q 153 -14.65 32.13 59.34
CA ILE Q 153 -15.80 32.92 58.94
C ILE Q 153 -16.32 33.71 60.13
N ILE Q 154 -17.01 34.82 59.84
CA ILE Q 154 -17.69 35.63 60.84
C ILE Q 154 -18.93 36.26 60.19
N ALA Q 155 -20.07 36.15 60.86
CA ALA Q 155 -21.32 36.71 60.37
C ALA Q 155 -21.30 38.21 60.64
N LEU Q 156 -21.26 39.00 59.57
CA LEU Q 156 -21.29 40.45 59.67
C LEU Q 156 -22.72 40.95 59.75
N ALA R 2 -24.68 21.59 37.44
CA ALA R 2 -24.85 22.87 36.77
C ALA R 2 -26.26 23.43 36.96
N ARG R 3 -26.35 24.55 37.66
CA ARG R 3 -27.61 25.28 37.80
C ARG R 3 -28.24 25.48 36.43
N VAL R 4 -29.46 24.94 36.29
CA VAL R 4 -30.17 24.76 35.02
C VAL R 4 -29.40 23.76 34.16
N ASP R 5 -30.08 22.72 33.67
CA ASP R 5 -29.49 21.66 32.87
C ASP R 5 -30.24 21.56 31.55
N GLN R 6 -29.64 22.03 30.46
CA GLN R 6 -30.25 21.84 29.16
C GLN R 6 -29.97 20.42 28.71
N THR R 7 -31.05 19.66 28.42
CA THR R 7 -30.94 18.21 28.24
C THR R 7 -30.57 17.80 26.82
N PRO R 8 -31.31 18.18 25.76
CA PRO R 8 -30.91 17.74 24.42
C PRO R 8 -29.73 18.54 23.91
N GLN R 9 -28.53 18.02 24.15
CA GLN R 9 -27.30 18.72 23.79
C GLN R 9 -27.05 18.72 22.29
N THR R 10 -27.11 17.57 21.63
CA THR R 10 -26.96 17.48 20.18
C THR R 10 -28.24 16.97 19.51
N ILE R 11 -28.79 17.77 18.57
CA ILE R 11 -29.98 17.38 17.82
C ILE R 11 -29.71 17.43 16.32
N THR R 12 -30.29 16.48 15.58
CA THR R 12 -30.26 16.51 14.11
C THR R 12 -31.64 16.06 13.60
N LYS R 13 -32.45 17.02 13.17
CA LYS R 13 -33.77 16.76 12.62
C LYS R 13 -33.84 17.24 11.17
N GLU R 14 -34.91 16.85 10.48
CA GLU R 14 -35.08 17.14 9.07
C GLU R 14 -36.02 18.33 8.86
N THR R 15 -35.95 18.94 7.67
CA THR R 15 -36.83 20.05 7.35
C THR R 15 -38.29 19.65 7.47
N GLY R 16 -39.04 20.36 8.29
CA GLY R 16 -40.45 20.06 8.46
C GLY R 16 -40.77 19.32 9.74
N GLU R 17 -39.86 19.35 10.72
CA GLU R 17 -39.98 18.55 11.91
C GLU R 17 -40.25 19.45 13.11
N SER R 18 -39.96 18.95 14.30
CA SER R 18 -40.21 19.69 15.53
C SER R 18 -39.28 19.17 16.60
N LEU R 19 -38.41 20.04 17.10
CA LEU R 19 -37.49 19.69 18.17
C LEU R 19 -37.96 20.26 19.50
N THR R 20 -37.86 19.45 20.54
CA THR R 20 -38.16 19.88 21.90
C THR R 20 -36.86 19.97 22.68
N ILE R 21 -36.60 21.14 23.26
CA ILE R 21 -35.44 21.41 24.09
C ILE R 21 -35.94 21.65 25.51
N ASN R 22 -35.44 20.87 26.46
CA ASN R 22 -35.86 20.94 27.85
C ASN R 22 -34.74 21.40 28.77
N CYS R 23 -35.11 22.22 29.75
CA CYS R 23 -34.19 22.69 30.79
C CYS R 23 -34.79 22.45 32.16
N VAL R 24 -33.97 21.96 33.10
CA VAL R 24 -34.39 21.67 34.46
C VAL R 24 -33.55 22.53 35.40
N LEU R 25 -34.21 23.24 36.32
CA LEU R 25 -33.50 24.08 37.26
C LEU R 25 -32.98 23.24 38.42
N ARG R 26 -31.70 23.43 38.74
CA ARG R 26 -31.06 22.77 39.86
C ARG R 26 -30.80 23.73 41.02
N ASP R 27 -30.85 25.04 40.76
CA ASP R 27 -30.79 26.06 41.79
C ASP R 27 -32.21 26.37 42.23
N SER R 28 -32.52 26.12 43.51
CA SER R 28 -33.89 26.35 43.98
C SER R 28 -34.26 27.83 44.12
N HIS R 29 -33.40 28.77 43.72
CA HIS R 29 -33.73 30.20 43.76
C HIS R 29 -34.19 30.77 42.43
N CYS R 30 -33.97 30.06 41.32
CA CYS R 30 -34.40 30.55 40.02
C CYS R 30 -35.89 30.25 39.80
N ALA R 31 -36.57 31.15 39.09
CA ALA R 31 -38.02 31.08 38.91
C ALA R 31 -38.39 30.69 37.50
N THR R 32 -39.41 29.84 37.37
CA THR R 32 -39.95 29.47 36.06
C THR R 32 -40.83 30.57 35.46
N SER R 33 -40.97 31.70 36.14
CA SER R 33 -41.78 32.79 35.61
C SER R 33 -40.96 33.68 34.68
N SER R 34 -39.69 33.90 35.00
CA SER R 34 -38.77 34.70 34.20
C SER R 34 -37.80 33.78 33.47
N THR R 35 -38.32 33.08 32.46
CA THR R 35 -37.55 32.16 31.62
C THR R 35 -37.26 32.85 30.30
N TYR R 36 -36.12 32.52 29.70
CA TYR R 36 -35.70 33.18 28.47
C TYR R 36 -35.13 32.17 27.49
N TRP R 37 -35.25 32.48 26.20
CA TRP R 37 -34.74 31.60 25.16
C TRP R 37 -33.93 32.40 24.16
N TYR R 38 -32.82 31.81 23.73
CA TYR R 38 -31.87 32.46 22.83
C TYR R 38 -31.44 31.50 21.73
N ARG R 39 -31.41 31.98 20.49
CA ARG R 39 -30.90 31.18 19.38
C ARG R 39 -29.70 31.89 18.76
N LYS R 40 -28.70 31.13 18.32
CA LYS R 40 -27.51 31.71 17.68
C LYS R 40 -27.14 30.90 16.44
N LYS R 41 -27.45 31.43 15.27
CA LYS R 41 -27.18 30.74 14.02
C LYS R 41 -25.69 30.59 13.75
N SER R 42 -25.29 29.36 13.42
CA SER R 42 -23.91 29.03 13.08
C SER R 42 -23.36 30.02 12.06
N GLY R 43 -22.26 30.67 12.41
CA GLY R 43 -21.64 31.63 11.53
C GLY R 43 -22.00 33.06 11.86
N SER R 44 -22.98 33.26 12.72
CA SER R 44 -23.36 34.58 13.15
C SER R 44 -22.80 34.85 14.54
N THR R 45 -22.54 36.13 14.83
CA THR R 45 -22.02 36.51 16.12
C THR R 45 -23.08 37.20 16.95
N ASN R 46 -24.34 37.03 16.58
CA ASN R 46 -25.46 37.65 17.25
C ASN R 46 -26.24 36.55 17.95
N GLU R 47 -26.41 36.69 19.25
CA GLU R 47 -27.31 35.80 19.96
C GLU R 47 -28.68 36.46 19.90
N GLU R 48 -29.63 35.79 19.26
CA GLU R 48 -30.96 36.34 19.12
C GLU R 48 -31.88 35.85 20.23
N SER R 49 -32.92 36.63 20.49
CA SER R 49 -33.90 36.31 21.53
C SER R 49 -35.14 35.74 20.87
N ILE R 50 -35.46 34.50 21.21
CA ILE R 50 -36.64 33.83 20.66
C ILE R 50 -37.88 34.39 21.35
N SER R 51 -38.91 34.69 20.56
CA SER R 51 -40.14 35.24 21.11
C SER R 51 -41.12 34.10 21.31
N LYS R 52 -41.95 34.21 22.36
CA LYS R 52 -42.83 33.12 22.74
C LYS R 52 -44.18 33.29 22.04
N GLY R 53 -44.37 32.53 20.96
CA GLY R 53 -45.61 32.57 20.22
C GLY R 53 -45.52 31.99 18.82
N GLY R 54 -46.51 31.17 18.47
CA GLY R 54 -46.56 30.59 17.13
C GLY R 54 -45.75 29.31 17.01
N ARG R 55 -44.58 29.41 16.37
CA ARG R 55 -43.72 28.24 16.20
C ARG R 55 -43.02 27.87 17.50
N TYR R 56 -42.95 28.80 18.44
CA TYR R 56 -42.26 28.64 19.71
C TYR R 56 -43.27 28.42 20.84
N VAL R 57 -43.43 27.17 21.27
CA VAL R 57 -44.32 26.81 22.36
C VAL R 57 -43.49 26.43 23.57
N GLU R 58 -43.87 26.93 24.75
CA GLU R 58 -43.13 26.72 25.99
C GLU R 58 -43.99 26.03 27.05
N THR R 59 -43.47 24.95 27.64
CA THR R 59 -44.13 24.21 28.72
C THR R 59 -43.38 24.41 30.03
N VAL R 60 -44.09 24.86 31.08
CA VAL R 60 -43.48 25.15 32.38
C VAL R 60 -44.18 24.36 33.49
N ASN R 61 -43.40 23.89 34.46
CA ASN R 61 -43.90 23.26 35.68
C ASN R 61 -43.18 23.90 36.86
N SER R 62 -43.91 24.70 37.65
CA SER R 62 -43.28 25.37 38.78
C SER R 62 -42.94 24.41 39.90
N GLY R 63 -43.67 23.29 39.99
CA GLY R 63 -43.37 22.31 41.02
C GLY R 63 -42.01 21.66 40.81
N SER R 64 -41.72 21.25 39.57
CA SER R 64 -40.46 20.62 39.23
C SER R 64 -39.40 21.62 38.77
N LYS R 65 -39.74 22.91 38.69
CA LYS R 65 -38.82 23.95 38.24
C LYS R 65 -38.18 23.58 36.91
N SER R 66 -39.01 23.08 35.99
CA SER R 66 -38.54 22.65 34.69
C SER R 66 -39.38 23.30 33.61
N PHE R 67 -38.73 23.74 32.53
CA PHE R 67 -39.44 24.27 31.38
C PHE R 67 -38.83 23.73 30.09
N SER R 68 -39.66 23.70 29.04
CA SER R 68 -39.28 23.18 27.73
C SER R 68 -39.67 24.18 26.64
N LEU R 69 -39.09 23.97 25.45
CA LEU R 69 -39.38 24.81 24.27
C LEU R 69 -39.47 23.93 23.03
N ARG R 70 -40.69 23.62 22.61
CA ARG R 70 -40.93 22.91 21.37
C ARG R 70 -40.98 23.90 20.22
N ILE R 71 -40.18 23.64 19.17
CA ILE R 71 -40.11 24.48 17.98
C ILE R 71 -40.64 23.66 16.80
N ASN R 72 -41.64 24.19 16.12
CA ASN R 72 -42.25 23.54 14.98
C ASN R 72 -41.71 24.13 13.68
N ASP R 73 -42.42 23.84 12.58
CA ASP R 73 -42.06 24.22 11.21
C ASP R 73 -40.59 24.56 11.04
N LEU R 74 -39.73 23.55 11.10
CA LEU R 74 -38.29 23.76 11.03
C LEU R 74 -37.86 23.98 9.59
N THR R 75 -37.06 25.00 9.37
CA THR R 75 -36.43 25.21 8.07
C THR R 75 -34.96 24.84 8.18
N VAL R 76 -34.20 25.12 7.11
CA VAL R 76 -32.78 24.83 7.15
C VAL R 76 -31.99 26.05 7.59
N GLU R 77 -32.63 27.20 7.69
CA GLU R 77 -32.00 28.40 8.21
C GLU R 77 -32.13 28.50 9.73
N ASP R 78 -32.77 27.52 10.36
CA ASP R 78 -32.91 27.50 11.81
C ASP R 78 -31.88 26.57 12.47
N SER R 79 -30.67 26.51 11.92
CA SER R 79 -29.63 25.64 12.46
C SER R 79 -28.65 26.50 13.27
N GLY R 80 -28.55 26.23 14.56
CA GLY R 80 -27.73 27.04 15.44
C GLY R 80 -27.78 26.53 16.86
N THR R 81 -27.09 27.27 17.74
CA THR R 81 -27.00 26.93 19.16
C THR R 81 -28.09 27.65 19.95
N TYR R 82 -28.96 26.87 20.60
CA TYR R 82 -30.07 27.40 21.39
C TYR R 82 -29.73 27.29 22.88
N ARG R 83 -29.93 28.38 23.62
CA ARG R 83 -29.72 28.37 25.07
C ARG R 83 -30.97 28.83 25.81
N CYS R 84 -31.17 28.31 27.02
CA CYS R 84 -32.26 28.71 27.92
C CYS R 84 -31.69 29.53 29.07
N ALA R 85 -32.55 30.32 29.72
CA ALA R 85 -32.12 31.20 30.79
C ALA R 85 -33.21 31.39 31.83
N SER R 86 -32.78 31.75 33.05
CA SER R 86 -33.70 32.02 34.15
C SER R 86 -33.03 33.00 35.12
N GLU R 87 -33.85 33.81 35.78
CA GLU R 87 -33.36 34.81 36.74
C GLU R 87 -33.67 34.37 38.17
N CYS R 88 -32.63 34.27 38.99
CA CYS R 88 -32.69 33.79 40.36
C CYS R 88 -32.51 34.95 41.35
N GLN R 89 -33.17 34.84 42.51
CA GLN R 89 -33.08 35.86 43.56
C GLN R 89 -33.50 35.26 44.90
N TYR R 90 -32.62 35.33 45.90
CA TYR R 90 -32.93 34.88 47.24
C TYR R 90 -32.92 36.03 48.24
N GLY R 91 -31.76 36.51 48.67
CA GLY R 91 -31.72 37.60 49.62
C GLY R 91 -31.37 38.90 48.94
N LEU R 92 -30.14 39.34 49.09
CA LEU R 92 -29.61 40.48 48.38
C LEU R 92 -29.05 40.06 47.04
N ALA R 93 -29.41 38.87 46.59
CA ALA R 93 -28.83 38.26 45.41
C ALA R 93 -29.77 38.36 44.21
N GLU R 94 -29.19 38.70 43.06
CA GLU R 94 -29.89 38.67 41.78
C GLU R 94 -28.92 38.25 40.70
N TYR R 95 -29.24 37.18 39.98
CA TYR R 95 -28.38 36.64 38.93
C TYR R 95 -29.24 35.93 37.90
N ASP R 96 -28.60 35.42 36.85
CA ASP R 96 -29.27 34.64 35.81
C ASP R 96 -28.41 33.43 35.47
N VAL R 97 -29.05 32.44 34.81
CA VAL R 97 -28.43 31.15 34.57
C VAL R 97 -28.68 30.74 33.12
N TYR R 98 -27.79 29.90 32.59
CA TYR R 98 -27.84 29.52 31.19
C TYR R 98 -27.54 28.03 31.05
N GLY R 99 -27.62 27.55 29.81
CA GLY R 99 -27.33 26.16 29.50
C GLY R 99 -26.45 25.96 28.28
N GLY R 100 -26.82 25.02 27.41
CA GLY R 100 -26.12 24.82 26.15
C GLY R 100 -26.60 23.61 25.36
N GLY R 101 -26.74 23.77 24.05
CA GLY R 101 -27.26 22.71 23.19
C GLY R 101 -27.46 23.13 21.75
N THR R 102 -26.99 22.31 20.81
CA THR R 102 -26.85 22.66 19.40
C THR R 102 -27.86 21.93 18.52
N VAL R 103 -28.29 22.61 17.45
CA VAL R 103 -29.25 22.10 16.49
C VAL R 103 -28.69 22.19 15.07
N VAL R 104 -28.88 21.12 14.30
CA VAL R 104 -28.54 21.08 12.88
C VAL R 104 -29.70 20.46 12.12
N THR R 105 -30.18 21.14 11.08
CA THR R 105 -31.28 20.66 10.24
C THR R 105 -30.78 20.50 8.81
N VAL R 106 -31.06 19.34 8.21
CA VAL R 106 -30.66 19.05 6.84
C VAL R 106 -31.82 19.29 5.90
N ASN R 107 -31.51 19.74 4.68
CA ASN R 107 -32.51 20.13 3.68
C ASN R 107 -33.18 18.91 3.04
N ALA R 108 -33.84 19.11 1.91
CA ALA R 108 -34.52 18.02 1.22
C ALA R 108 -34.63 18.39 -0.26
N ALA R 109 -33.93 17.61 -1.09
CA ALA R 109 -33.95 17.79 -2.55
C ALA R 109 -33.55 19.21 -2.96
N ALA S 2 5.68 28.05 77.79
CA ALA S 2 4.32 27.99 77.25
C ALA S 2 3.30 27.98 78.37
N ARG S 3 2.04 27.78 78.01
CA ARG S 3 1.02 27.50 78.99
C ARG S 3 1.24 26.11 79.57
N VAL S 4 0.92 25.94 80.86
CA VAL S 4 1.09 24.68 81.57
C VAL S 4 2.56 24.29 81.56
N ASP S 5 3.30 24.72 82.59
CA ASP S 5 4.73 24.45 82.69
C ASP S 5 4.92 23.13 83.43
N GLN S 6 5.28 22.08 82.69
CA GLN S 6 5.65 20.83 83.32
C GLN S 6 7.07 20.99 83.84
N THR S 7 7.25 20.85 85.15
CA THR S 7 8.51 21.25 85.76
C THR S 7 9.56 20.15 85.62
N PRO S 8 9.30 18.88 85.98
CA PRO S 8 10.34 17.86 85.81
C PRO S 8 10.50 17.49 84.35
N GLN S 9 11.45 18.12 83.65
CA GLN S 9 11.60 17.86 82.22
C GLN S 9 12.15 16.46 81.99
N THR S 10 13.37 16.20 82.46
CA THR S 10 14.01 14.89 82.38
C THR S 10 14.29 14.36 83.78
N ILE S 11 13.76 13.18 84.09
CA ILE S 11 13.98 12.50 85.36
C ILE S 11 14.56 11.12 85.07
N THR S 12 15.40 10.63 85.99
CA THR S 12 15.98 9.30 85.86
C THR S 12 15.88 8.55 87.20
N LYS S 13 14.95 7.60 87.28
CA LYS S 13 14.75 6.79 88.47
C LYS S 13 14.98 5.31 88.14
N GLU S 14 15.13 4.52 89.19
CA GLU S 14 15.34 3.08 89.13
C GLU S 14 14.06 2.33 89.46
N THR S 15 13.95 1.09 88.95
CA THR S 15 12.78 0.28 89.25
C THR S 15 12.68 0.12 90.76
N GLY S 16 11.54 0.53 91.31
CA GLY S 16 11.32 0.51 92.74
C GLY S 16 11.33 1.86 93.42
N GLU S 17 11.23 2.96 92.66
CA GLU S 17 11.22 4.30 93.21
C GLU S 17 9.91 4.98 92.87
N SER S 18 9.92 6.31 92.85
CA SER S 18 8.69 7.07 92.64
C SER S 18 9.02 8.40 91.98
N LEU S 19 8.10 8.86 91.15
CA LEU S 19 8.23 10.13 90.46
C LEU S 19 6.94 10.93 90.56
N THR S 20 7.06 12.20 90.90
CA THR S 20 5.95 13.14 90.85
C THR S 20 6.28 14.18 89.78
N ILE S 21 5.37 14.38 88.84
CA ILE S 21 5.52 15.39 87.80
C ILE S 21 4.48 16.48 88.04
N ASN S 22 4.94 17.73 88.15
CA ASN S 22 4.06 18.85 88.42
C ASN S 22 3.94 19.73 87.18
N CYS S 23 2.73 20.24 86.96
CA CYS S 23 2.45 21.16 85.87
C CYS S 23 1.78 22.38 86.48
N VAL S 24 2.22 23.58 86.08
CA VAL S 24 1.72 24.83 86.62
C VAL S 24 1.06 25.59 85.47
N LEU S 25 -0.15 26.08 85.69
CA LEU S 25 -0.90 26.74 84.65
C LEU S 25 -0.42 28.18 84.50
N ARG S 26 -0.15 28.59 83.25
CA ARG S 26 0.22 29.97 82.96
C ARG S 26 -0.89 30.77 82.27
N ASP S 27 -1.87 30.11 81.68
CA ASP S 27 -3.01 30.79 81.11
C ASP S 27 -4.09 30.85 82.19
N SER S 28 -4.48 32.08 82.57
CA SER S 28 -5.45 32.24 83.66
C SER S 28 -6.87 31.86 83.26
N HIS S 29 -7.05 31.31 82.06
CA HIS S 29 -8.34 30.82 81.61
C HIS S 29 -8.49 29.32 81.79
N CYS S 30 -7.39 28.60 81.97
CA CYS S 30 -7.42 27.16 82.18
C CYS S 30 -7.71 26.85 83.64
N ALA S 31 -8.47 25.78 83.86
CA ALA S 31 -8.94 25.38 85.18
C ALA S 31 -8.24 24.11 85.63
N THR S 32 -7.90 24.04 86.92
CA THR S 32 -7.33 22.85 87.50
C THR S 32 -8.36 21.75 87.74
N SER S 33 -9.61 21.96 87.31
CA SER S 33 -10.69 21.00 87.53
C SER S 33 -10.76 19.91 86.46
N SER S 34 -10.55 20.25 85.19
CA SER S 34 -10.60 19.27 84.11
C SER S 34 -9.18 18.95 83.63
N THR S 35 -8.46 18.22 84.47
CA THR S 35 -7.07 17.87 84.21
C THR S 35 -6.98 16.45 83.69
N TYR S 36 -6.04 16.22 82.77
CA TYR S 36 -5.87 14.94 82.14
C TYR S 36 -4.39 14.66 81.97
N TRP S 37 -4.03 13.38 81.92
CA TRP S 37 -2.64 12.97 81.77
C TRP S 37 -2.52 11.97 80.64
N TYR S 38 -1.46 12.10 79.85
CA TYR S 38 -1.24 11.25 78.69
C TYR S 38 0.23 10.85 78.65
N ARG S 39 0.51 9.56 78.46
CA ARG S 39 1.89 9.10 78.31
C ARG S 39 2.04 8.40 76.96
N LYS S 40 3.28 8.39 76.47
CA LYS S 40 3.63 7.65 75.26
C LYS S 40 4.77 6.72 75.64
N LYS S 41 4.47 5.43 75.75
CA LYS S 41 5.47 4.45 76.14
C LYS S 41 6.60 4.43 75.12
N SER S 42 7.83 4.54 75.61
CA SER S 42 9.02 4.52 74.76
C SER S 42 8.96 3.38 73.74
N GLY S 43 9.21 3.73 72.48
CA GLY S 43 9.19 2.77 71.40
C GLY S 43 8.06 2.90 70.40
N SER S 44 6.82 3.08 70.85
CA SER S 44 5.72 3.29 69.93
C SER S 44 5.28 4.75 69.97
N THR S 45 4.72 5.23 68.85
CA THR S 45 4.24 6.61 68.76
C THR S 45 2.72 6.64 68.81
N ASN S 46 2.20 6.17 69.94
CA ASN S 46 0.77 6.17 70.24
C ASN S 46 0.59 6.77 71.63
N GLU S 47 -0.27 7.78 71.74
CA GLU S 47 -0.56 8.38 73.03
C GLU S 47 -1.65 7.61 73.77
N GLU S 48 -1.31 7.06 74.92
CA GLU S 48 -2.25 6.38 75.80
C GLU S 48 -2.75 7.38 76.83
N SER S 49 -3.91 7.07 77.40
CA SER S 49 -4.54 7.94 78.40
C SER S 49 -4.23 7.39 79.79
N ILE S 50 -3.54 8.19 80.59
CA ILE S 50 -3.21 7.78 81.95
C ILE S 50 -4.47 7.82 82.79
N SER S 51 -4.65 6.80 83.62
CA SER S 51 -5.83 6.74 84.45
C SER S 51 -5.52 7.41 85.77
N LYS S 52 -6.52 8.05 86.35
CA LYS S 52 -6.36 8.84 87.55
C LYS S 52 -6.60 8.01 88.80
N GLY S 53 -6.47 6.68 88.68
CA GLY S 53 -6.65 5.80 89.81
C GLY S 53 -5.62 4.68 89.79
N GLY S 54 -5.50 4.03 90.93
CA GLY S 54 -4.62 2.90 91.12
C GLY S 54 -3.20 3.30 91.48
N ARG S 55 -2.27 3.12 90.54
CA ARG S 55 -0.88 3.53 90.80
C ARG S 55 -0.71 5.03 90.59
N TYR S 56 -1.21 5.52 89.46
CA TYR S 56 -1.11 6.91 89.04
C TYR S 56 -2.06 7.73 89.90
N VAL S 57 -1.52 8.44 90.89
CA VAL S 57 -2.34 9.25 91.78
C VAL S 57 -2.16 10.70 91.37
N GLU S 58 -3.27 11.45 91.38
CA GLU S 58 -3.26 12.82 90.89
C GLU S 58 -3.52 13.74 92.06
N THR S 59 -2.60 14.68 92.29
CA THR S 59 -2.70 15.70 93.32
C THR S 59 -2.92 17.06 92.67
N VAL S 60 -3.94 17.76 93.09
CA VAL S 60 -4.26 19.07 92.53
C VAL S 60 -4.20 20.09 93.65
N ASN S 61 -3.62 21.23 93.36
CA ASN S 61 -3.62 22.36 94.28
C ASN S 61 -4.08 23.52 93.43
N SER S 62 -5.35 23.90 93.59
CA SER S 62 -5.94 24.95 92.77
C SER S 62 -5.45 26.33 93.18
N GLY S 63 -5.00 26.47 94.42
CA GLY S 63 -4.49 27.76 94.88
C GLY S 63 -3.26 28.17 94.09
N SER S 64 -2.33 27.24 93.90
CA SER S 64 -1.12 27.47 93.12
C SER S 64 -1.32 27.12 91.65
N LYS S 65 -2.55 26.73 91.26
CA LYS S 65 -2.89 26.41 89.89
C LYS S 65 -1.98 25.32 89.31
N SER S 66 -1.73 24.29 90.12
CA SER S 66 -0.85 23.19 89.73
C SER S 66 -1.49 21.83 90.02
N PHE S 67 -1.20 20.86 89.14
CA PHE S 67 -1.59 19.47 89.34
C PHE S 67 -0.40 18.56 89.08
N SER S 68 -0.36 17.42 89.77
CA SER S 68 0.74 16.48 89.71
C SER S 68 0.26 15.05 89.51
N LEU S 69 1.21 14.18 89.16
CA LEU S 69 0.95 12.75 88.94
C LEU S 69 2.09 11.95 89.54
N ARG S 70 1.90 11.46 90.76
CA ARG S 70 2.84 10.59 91.44
C ARG S 70 2.62 9.12 91.06
N ILE S 71 3.72 8.43 90.74
CA ILE S 71 3.69 7.00 90.43
C ILE S 71 4.42 6.30 91.57
N ASN S 72 3.72 5.36 92.21
CA ASN S 72 4.26 4.65 93.38
C ASN S 72 5.35 3.63 93.03
N ASP S 73 4.97 2.52 92.41
CA ASP S 73 5.91 1.44 92.12
C ASP S 73 6.34 1.53 90.66
N LEU S 74 7.54 2.06 90.43
CA LEU S 74 8.05 2.22 89.08
C LEU S 74 8.60 0.89 88.59
N THR S 75 8.22 0.49 87.38
CA THR S 75 8.81 -0.67 86.75
C THR S 75 9.77 -0.22 85.65
N VAL S 76 10.23 -1.17 84.84
CA VAL S 76 11.24 -0.84 83.84
C VAL S 76 10.65 -0.47 82.48
N GLU S 77 9.44 -0.91 82.17
CA GLU S 77 8.81 -0.54 80.90
C GLU S 77 7.99 0.74 81.01
N ASP S 78 7.96 1.39 82.17
CA ASP S 78 7.21 2.63 82.34
C ASP S 78 8.10 3.83 82.11
N SER S 79 8.98 3.68 81.13
CA SER S 79 9.91 4.71 80.71
C SER S 79 9.35 5.32 79.42
N GLY S 80 9.07 6.61 79.45
CA GLY S 80 8.47 7.26 78.30
C GLY S 80 8.24 8.74 78.54
N THR S 81 7.66 9.39 77.54
CA THR S 81 7.39 10.82 77.60
C THR S 81 5.97 11.00 78.14
N TYR S 82 5.87 11.65 79.29
CA TYR S 82 4.58 11.92 79.94
C TYR S 82 4.23 13.38 79.73
N ARG S 83 3.01 13.65 79.27
CA ARG S 83 2.53 15.02 79.14
C ARG S 83 1.26 15.21 79.96
N CYS S 84 1.07 16.43 80.44
CA CYS S 84 -0.12 16.86 81.16
C CYS S 84 -0.97 17.76 80.30
N ALA S 85 -2.24 17.88 80.67
CA ALA S 85 -3.19 18.65 79.89
C ALA S 85 -4.24 19.25 80.81
N SER S 86 -4.86 20.32 80.35
CA SER S 86 -5.92 21.01 81.07
C SER S 86 -6.84 21.68 80.07
N GLU S 87 -8.11 21.82 80.46
CA GLU S 87 -9.14 22.39 79.58
C GLU S 87 -9.44 23.83 79.99
N CYS S 88 -9.25 24.75 79.04
CA CYS S 88 -9.44 26.18 79.23
C CYS S 88 -10.70 26.66 78.53
N GLN S 89 -11.34 27.68 79.09
CA GLN S 89 -12.55 28.24 78.51
C GLN S 89 -12.74 29.65 79.04
N TYR S 90 -12.76 30.63 78.13
CA TYR S 90 -12.98 32.03 78.47
C TYR S 90 -14.29 32.47 77.78
N GLY S 91 -14.21 33.42 76.84
CA GLY S 91 -15.37 33.86 76.11
C GLY S 91 -16.03 32.81 75.22
N LEU S 92 -15.87 32.92 73.90
CA LEU S 92 -16.37 31.94 72.94
C LEU S 92 -15.35 30.86 72.60
N ALA S 93 -14.19 30.88 73.26
CA ALA S 93 -13.10 29.97 72.96
C ALA S 93 -13.01 28.91 74.04
N GLU S 94 -12.81 27.66 73.62
CA GLU S 94 -12.59 26.55 74.52
C GLU S 94 -11.56 25.64 73.86
N TYR S 95 -10.46 25.37 74.56
CA TYR S 95 -9.31 24.67 73.98
C TYR S 95 -8.63 23.86 75.07
N ASP S 96 -7.54 23.17 74.68
CA ASP S 96 -6.72 22.40 75.61
C ASP S 96 -5.26 22.70 75.37
N VAL S 97 -4.43 22.38 76.36
CA VAL S 97 -3.03 22.78 76.40
C VAL S 97 -2.18 21.60 76.86
N TYR S 98 -0.89 21.64 76.52
CA TYR S 98 -0.02 20.49 76.78
C TYR S 98 1.32 20.95 77.35
N GLY S 99 2.12 19.95 77.74
CA GLY S 99 3.45 20.19 78.28
C GLY S 99 4.53 19.26 77.74
N GLY S 100 5.34 18.70 78.62
CA GLY S 100 6.35 17.71 78.26
C GLY S 100 7.24 17.31 79.42
N GLY S 101 7.58 16.03 79.52
CA GLY S 101 8.44 15.53 80.58
C GLY S 101 8.65 14.03 80.51
N THR S 102 9.91 13.61 80.51
CA THR S 102 10.33 12.25 80.18
C THR S 102 10.86 11.53 81.42
N VAL S 103 10.63 10.22 81.47
CA VAL S 103 11.09 9.36 82.55
C VAL S 103 11.94 8.25 81.95
N VAL S 104 13.04 7.92 82.64
CA VAL S 104 13.91 6.81 82.25
C VAL S 104 14.12 5.94 83.48
N THR S 105 13.79 4.65 83.36
CA THR S 105 13.93 3.73 84.47
C THR S 105 14.89 2.60 84.12
N VAL S 106 15.94 2.45 84.93
CA VAL S 106 16.88 1.34 84.81
C VAL S 106 16.59 0.37 85.94
N ASN S 107 17.42 -0.65 86.11
CA ASN S 107 17.23 -1.60 87.21
C ASN S 107 18.40 -1.55 88.18
N ALA T 2 -0.84 65.66 51.04
CA ALA T 2 -0.49 66.16 49.72
C ALA T 2 -1.58 67.06 49.18
N ARG T 3 -2.30 67.72 50.10
CA ARG T 3 -3.53 68.42 49.77
C ARG T 3 -3.43 69.94 49.92
N VAL T 4 -2.24 70.46 50.19
CA VAL T 4 -2.02 71.89 50.38
C VAL T 4 -1.14 72.41 49.25
N ASP T 5 -1.46 73.60 48.76
CA ASP T 5 -0.83 74.21 47.59
C ASP T 5 -0.10 75.47 48.05
N GLN T 6 1.22 75.40 48.13
CA GLN T 6 2.03 76.52 48.58
C GLN T 6 2.20 77.56 47.47
N THR T 7 2.96 78.59 47.81
CA THR T 7 3.20 79.77 47.00
C THR T 7 4.34 79.43 46.04
N PRO T 8 4.77 80.38 45.16
CA PRO T 8 5.98 80.14 44.37
C PRO T 8 7.08 79.41 45.14
N GLN T 9 7.17 78.10 44.91
CA GLN T 9 8.10 77.22 45.64
C GLN T 9 9.46 77.86 45.83
N THR T 10 10.09 78.30 44.74
CA THR T 10 11.42 78.88 44.81
C THR T 10 11.34 80.41 44.71
N ILE T 11 11.80 81.07 45.77
CA ILE T 11 11.91 82.51 45.83
C ILE T 11 13.38 82.80 46.14
N THR T 12 13.92 83.85 45.52
CA THR T 12 15.31 84.25 45.74
C THR T 12 15.31 85.77 45.94
N LYS T 13 15.46 86.18 47.19
CA LYS T 13 15.42 87.59 47.54
C LYS T 13 16.76 88.02 48.14
N GLU T 14 16.89 89.32 48.30
CA GLU T 14 18.09 89.97 48.81
C GLU T 14 17.91 90.24 50.30
N THR T 15 19.03 90.36 51.01
CA THR T 15 18.93 90.65 52.43
C THR T 15 18.16 91.96 52.61
N GLY T 16 17.05 91.91 53.32
CA GLY T 16 16.21 93.08 53.51
C GLY T 16 14.95 93.12 52.68
N GLU T 17 14.48 91.97 52.19
CA GLU T 17 13.37 91.94 51.24
C GLU T 17 12.14 91.32 51.90
N SER T 18 11.03 91.37 51.17
CA SER T 18 9.75 90.88 51.69
C SER T 18 9.22 89.78 50.79
N LEU T 19 9.19 88.56 51.31
CA LEU T 19 8.58 87.41 50.65
C LEU T 19 7.37 86.97 51.45
N THR T 20 6.28 86.67 50.75
CA THR T 20 5.10 86.07 51.36
C THR T 20 4.99 84.62 50.92
N ILE T 21 4.83 83.73 51.88
CA ILE T 21 4.65 82.32 51.58
C ILE T 21 3.18 82.01 51.89
N ASN T 22 2.45 81.63 50.86
CA ASN T 22 1.03 81.38 50.97
C ASN T 22 0.75 79.90 50.73
N CYS T 23 -0.16 79.32 51.52
CA CYS T 23 -0.60 77.95 51.32
C CYS T 23 -2.11 77.92 51.26
N VAL T 24 -2.61 77.14 50.30
CA VAL T 24 -4.04 77.03 50.02
C VAL T 24 -4.45 75.59 50.28
N LEU T 25 -5.52 75.43 51.07
CA LEU T 25 -6.04 74.12 51.42
C LEU T 25 -6.95 73.59 50.32
N ARG T 26 -6.76 72.33 49.94
CA ARG T 26 -7.63 71.66 48.99
C ARG T 26 -8.49 70.58 49.62
N ASP T 27 -8.15 70.11 50.82
CA ASP T 27 -8.98 69.17 51.55
C ASP T 27 -9.95 69.96 52.42
N SER T 28 -11.26 69.79 52.16
CA SER T 28 -12.27 70.55 52.88
C SER T 28 -12.47 70.09 54.32
N HIS T 29 -11.68 69.13 54.80
CA HIS T 29 -11.73 68.72 56.19
C HIS T 29 -10.68 69.40 57.04
N CYS T 30 -9.66 69.98 56.41
CA CYS T 30 -8.64 70.71 57.14
C CYS T 30 -9.14 72.12 57.44
N ALA T 31 -8.69 72.65 58.57
CA ALA T 31 -9.19 73.92 59.05
C ALA T 31 -8.15 75.00 58.80
N THR T 32 -8.61 76.17 58.35
CA THR T 32 -7.73 77.30 58.16
C THR T 32 -7.37 77.99 59.46
N SER T 33 -7.90 77.51 60.59
CA SER T 33 -7.63 78.10 61.90
C SER T 33 -6.44 77.47 62.61
N SER T 34 -6.24 76.15 62.48
CA SER T 34 -5.15 75.47 63.18
C SER T 34 -4.02 75.19 62.20
N THR T 35 -3.34 76.27 61.83
CA THR T 35 -2.23 76.26 60.89
C THR T 35 -0.92 76.40 61.64
N TYR T 36 0.11 75.75 61.11
CA TYR T 36 1.44 75.75 61.72
C TYR T 36 2.48 75.86 60.60
N TRP T 37 3.65 76.40 60.95
CA TRP T 37 4.74 76.60 60.00
C TRP T 37 6.03 76.01 60.56
N TYR T 38 6.81 75.38 59.67
CA TYR T 38 8.03 74.68 60.01
C TYR T 38 9.13 75.04 59.01
N ARG T 39 10.33 75.34 59.51
CA ARG T 39 11.49 75.65 58.67
C ARG T 39 12.64 74.69 58.93
N LYS T 40 13.49 74.50 57.91
CA LYS T 40 14.67 73.65 57.97
C LYS T 40 15.89 74.42 57.50
N LYS T 41 16.84 74.73 58.40
CA LYS T 41 18.01 75.50 58.02
C LYS T 41 18.84 74.78 56.97
N SER T 42 19.17 75.51 55.89
CA SER T 42 19.98 74.98 54.80
C SER T 42 21.26 74.32 55.33
N GLY T 43 21.45 73.05 55.00
CA GLY T 43 22.63 72.34 55.44
C GLY T 43 22.34 71.50 56.66
N SER T 44 21.78 72.14 57.68
CA SER T 44 21.39 71.42 58.89
C SER T 44 20.22 70.51 58.57
N THR T 45 20.30 69.27 59.03
CA THR T 45 19.25 68.29 58.71
C THR T 45 18.32 68.05 59.91
N ASN T 46 17.77 69.15 60.46
CA ASN T 46 16.82 69.04 61.57
C ASN T 46 15.46 69.56 61.11
N GLU T 47 14.66 70.04 62.05
CA GLU T 47 13.37 70.67 61.78
C GLU T 47 13.00 71.66 62.89
N GLU T 48 12.77 72.91 62.50
CA GLU T 48 12.42 74.00 63.40
C GLU T 48 10.91 74.22 63.45
N SER T 49 10.46 74.82 64.55
CA SER T 49 9.08 75.18 64.80
C SER T 49 8.96 76.71 64.69
N ILE T 50 8.63 77.20 63.49
CA ILE T 50 8.56 78.63 63.29
C ILE T 50 7.35 79.17 64.03
N SER T 51 7.55 80.25 64.77
CA SER T 51 6.49 80.84 65.57
C SER T 51 5.92 82.05 64.83
N LYS T 52 5.26 82.95 65.56
CA LYS T 52 4.54 84.08 64.98
C LYS T 52 4.87 85.35 65.78
N GLY T 53 5.76 86.16 65.22
CA GLY T 53 6.16 87.41 65.85
C GLY T 53 7.40 88.01 65.23
N GLY T 54 7.34 89.30 64.93
CA GLY T 54 8.46 90.00 64.35
C GLY T 54 8.49 89.84 62.84
N ARG T 55 9.38 88.98 62.35
CA ARG T 55 9.41 88.72 60.91
C ARG T 55 8.28 87.80 60.48
N TYR T 56 7.67 87.07 61.40
CA TYR T 56 6.61 86.12 61.06
C TYR T 56 5.25 86.69 61.45
N VAL T 57 4.56 87.28 60.49
CA VAL T 57 3.17 87.68 60.67
C VAL T 57 2.35 86.76 59.76
N GLU T 58 1.24 86.25 60.29
CA GLU T 58 0.44 85.29 59.54
C GLU T 58 -0.92 85.93 59.27
N THR T 59 -1.31 85.96 57.99
CA THR T 59 -2.59 86.51 57.57
C THR T 59 -3.47 85.36 57.13
N VAL T 60 -4.68 85.28 57.67
CA VAL T 60 -5.59 84.17 57.39
C VAL T 60 -6.87 84.73 56.78
N ASN T 61 -7.35 84.05 55.74
CA ASN T 61 -8.65 84.33 55.14
C ASN T 61 -9.36 82.99 54.99
N SER T 62 -10.41 82.79 55.79
CA SER T 62 -11.11 81.52 55.78
C SER T 62 -11.94 81.32 54.52
N GLY T 63 -12.28 82.39 53.80
CA GLY T 63 -13.13 82.24 52.62
C GLY T 63 -12.49 81.41 51.53
N SER T 64 -11.25 81.70 51.18
CA SER T 64 -10.51 80.96 50.17
C SER T 64 -9.73 79.79 50.75
N LYS T 65 -9.86 79.56 52.06
CA LYS T 65 -9.14 78.50 52.76
C LYS T 65 -7.64 78.62 52.51
N SER T 66 -7.15 79.84 52.61
CA SER T 66 -5.75 80.14 52.37
C SER T 66 -5.20 80.90 53.56
N PHE T 67 -3.97 80.57 53.92
CA PHE T 67 -3.24 81.29 54.97
C PHE T 67 -1.87 81.60 54.42
N SER T 68 -1.32 82.74 54.85
CA SER T 68 -0.04 83.17 54.34
C SER T 68 0.87 83.54 55.50
N LEU T 69 2.13 83.70 55.19
CA LEU T 69 3.15 84.04 56.18
C LEU T 69 3.99 85.15 55.57
N ARG T 70 3.69 86.39 55.95
CA ARG T 70 4.46 87.51 55.47
C ARG T 70 5.75 87.61 56.27
N ILE T 71 6.87 87.47 55.58
CA ILE T 71 8.19 87.59 56.20
C ILE T 71 8.91 88.73 55.53
N ASN T 72 9.24 89.75 56.29
CA ASN T 72 10.01 90.87 55.78
C ASN T 72 11.43 90.74 56.29
N ASP T 73 12.16 91.84 56.21
CA ASP T 73 13.56 91.94 56.61
C ASP T 73 14.30 90.61 56.57
N LEU T 74 14.59 90.12 55.37
CA LEU T 74 15.25 88.82 55.22
C LEU T 74 16.74 88.94 55.52
N THR T 75 17.26 88.05 56.33
CA THR T 75 18.69 88.01 56.54
C THR T 75 19.27 86.77 55.85
N VAL T 76 20.56 86.49 56.10
CA VAL T 76 21.21 85.34 55.48
C VAL T 76 21.14 84.11 56.36
N GLU T 77 20.69 84.25 57.60
CA GLU T 77 20.52 83.13 58.49
C GLU T 77 19.14 82.50 58.31
N ASP T 78 18.33 83.10 57.45
CA ASP T 78 16.95 82.69 57.20
C ASP T 78 16.85 81.91 55.89
N SER T 79 17.88 81.12 55.58
CA SER T 79 17.93 80.36 54.35
C SER T 79 17.52 78.92 54.67
N GLY T 80 16.39 78.50 54.12
CA GLY T 80 15.90 77.17 54.42
C GLY T 80 14.60 76.90 53.71
N THR T 81 14.09 75.69 53.94
CA THR T 81 12.85 75.21 53.33
C THR T 81 11.67 75.46 54.26
N TYR T 82 10.68 76.19 53.77
CA TYR T 82 9.46 76.45 54.53
C TYR T 82 8.36 75.51 54.07
N ARG T 83 7.76 74.82 55.04
CA ARG T 83 6.62 73.95 54.82
C ARG T 83 5.48 74.47 55.68
N CYS T 84 4.26 74.30 55.19
CA CYS T 84 3.06 74.67 55.92
C CYS T 84 2.32 73.42 56.37
N ALA T 85 1.46 73.62 57.36
CA ALA T 85 0.76 72.51 57.99
C ALA T 85 -0.62 72.96 58.42
N SER T 86 -1.52 71.99 58.57
CA SER T 86 -2.89 72.24 58.98
C SER T 86 -3.40 71.03 59.73
N GLU T 87 -4.34 71.27 60.65
CA GLU T 87 -4.94 70.18 61.39
C GLU T 87 -6.30 69.91 60.77
N CYS T 88 -6.46 68.71 60.24
CA CYS T 88 -7.70 68.29 59.60
C CYS T 88 -8.37 67.33 60.56
N GLN T 89 -9.69 67.35 60.59
CA GLN T 89 -10.39 66.48 61.53
C GLN T 89 -11.80 66.27 61.02
N TYR T 90 -12.14 65.02 60.71
CA TYR T 90 -13.49 64.71 60.32
C TYR T 90 -14.04 63.74 61.35
N GLY T 91 -14.77 62.73 60.92
CA GLY T 91 -15.41 61.79 61.83
C GLY T 91 -14.46 61.07 62.75
N LEU T 92 -14.04 59.88 62.37
CA LEU T 92 -13.05 59.17 63.14
C LEU T 92 -11.62 59.49 62.74
N ALA T 93 -11.41 60.39 61.78
CA ALA T 93 -10.08 60.69 61.28
C ALA T 93 -9.63 62.06 61.76
N GLU T 94 -8.39 62.15 62.19
CA GLU T 94 -7.73 63.40 62.53
C GLU T 94 -6.31 63.25 62.03
N TYR T 95 -5.90 64.16 61.16
CA TYR T 95 -4.61 64.03 60.50
C TYR T 95 -4.04 65.42 60.25
N ASP T 96 -2.83 65.46 59.72
CA ASP T 96 -2.19 66.72 59.38
C ASP T 96 -1.50 66.58 58.03
N VAL T 97 -1.23 67.72 57.39
CA VAL T 97 -0.79 67.77 56.01
C VAL T 97 0.34 68.78 55.87
N TYR T 98 1.16 68.60 54.83
CA TYR T 98 2.32 69.47 54.64
C TYR T 98 2.43 69.87 53.18
N GLY T 99 3.33 70.82 52.91
CA GLY T 99 3.58 71.31 51.57
C GLY T 99 5.06 71.40 51.27
N GLY T 100 5.48 72.50 50.65
CA GLY T 100 6.91 72.69 50.42
C GLY T 100 7.34 73.84 49.53
N GLY T 101 8.44 74.51 49.89
CA GLY T 101 8.98 75.61 49.10
C GLY T 101 10.21 76.26 49.71
N THR T 102 11.27 76.39 48.93
CA THR T 102 12.59 76.77 49.44
C THR T 102 12.98 78.17 48.96
N VAL T 103 13.67 78.91 49.84
CA VAL T 103 14.12 80.27 49.60
C VAL T 103 15.61 80.40 49.90
N VAL T 104 16.29 81.25 49.12
CA VAL T 104 17.70 81.57 49.35
C VAL T 104 17.85 83.09 49.42
N THR T 105 18.90 83.53 50.13
CA THR T 105 19.14 84.95 50.40
C THR T 105 20.46 85.43 49.79
N VAL T 106 20.39 86.53 49.03
CA VAL T 106 21.57 87.18 48.43
C VAL T 106 21.95 88.43 49.23
N ASN T 107 22.94 89.19 48.72
CA ASN T 107 23.42 90.48 49.21
C ASN T 107 24.43 90.33 50.35
N ALA T 108 25.53 91.09 50.29
CA ALA T 108 26.67 90.90 51.18
C ALA T 108 27.01 92.13 52.02
N ALA T 109 27.83 93.02 51.47
CA ALA T 109 28.30 94.19 52.22
C ALA T 109 28.82 95.23 51.24
N ALA T 110 29.21 96.39 51.77
CA ALA T 110 29.73 97.50 50.97
C ALA T 110 30.42 98.49 51.89
N HIS T 111 30.92 99.57 51.29
CA HIS T 111 31.54 100.67 52.02
C HIS T 111 30.71 101.93 51.82
N HIS T 112 30.88 102.89 52.75
CA HIS T 112 30.00 104.05 52.79
C HIS T 112 30.16 104.91 51.55
N HIS T 113 31.38 105.27 51.20
CA HIS T 113 31.62 106.13 50.04
C HIS T 113 32.06 105.30 48.84
N SER U 4 -6.99 -26.58 -80.10
CA SER U 4 -6.81 -26.78 -78.67
C SER U 4 -5.65 -25.94 -78.17
N ARG U 5 -5.53 -25.77 -76.85
CA ARG U 5 -4.56 -24.83 -76.33
C ARG U 5 -3.70 -25.39 -75.20
N THR U 6 -4.32 -25.99 -74.18
CA THR U 6 -3.62 -26.34 -72.95
C THR U 6 -4.06 -27.72 -72.47
N PRO U 7 -3.11 -28.57 -71.99
CA PRO U 7 -3.46 -29.95 -71.57
C PRO U 7 -4.76 -30.09 -70.80
N SER U 8 -4.77 -29.75 -69.51
CA SER U 8 -5.97 -29.84 -68.67
C SER U 8 -6.51 -31.27 -68.58
N ASP U 9 -5.96 -32.06 -67.65
CA ASP U 9 -6.39 -33.46 -67.54
C ASP U 9 -7.48 -33.55 -66.49
N LYS U 10 -7.43 -34.59 -65.64
CA LYS U 10 -8.44 -34.95 -64.65
C LYS U 10 -9.81 -35.15 -65.25
N PRO U 11 -10.43 -36.33 -65.06
CA PRO U 11 -11.79 -36.54 -65.56
C PRO U 11 -12.75 -35.50 -65.01
N VAL U 12 -13.51 -34.88 -65.91
CA VAL U 12 -14.41 -33.79 -65.56
C VAL U 12 -15.66 -33.90 -66.41
N ALA U 13 -16.75 -33.37 -65.88
CA ALA U 13 -18.03 -33.37 -66.57
C ALA U 13 -18.90 -32.30 -65.92
N HIS U 14 -19.58 -31.53 -66.76
CA HIS U 14 -20.57 -30.54 -66.34
C HIS U 14 -21.64 -30.55 -67.42
N VAL U 15 -22.71 -31.26 -67.18
CA VAL U 15 -23.77 -31.44 -68.17
C VAL U 15 -24.96 -30.57 -67.78
N VAL U 16 -25.68 -30.10 -68.80
CA VAL U 16 -26.77 -29.15 -68.62
C VAL U 16 -28.03 -29.72 -69.25
N ALA U 17 -29.18 -29.28 -68.74
CA ALA U 17 -30.47 -29.79 -69.21
C ALA U 17 -30.70 -29.38 -70.66
N ASN U 18 -31.46 -30.22 -71.37
CA ASN U 18 -31.82 -29.96 -72.74
C ASN U 18 -32.97 -28.95 -72.80
N PRO U 19 -32.81 -27.82 -73.46
CA PRO U 19 -33.91 -26.84 -73.52
C PRO U 19 -35.10 -27.31 -74.35
N GLN U 20 -34.86 -28.07 -75.42
CA GLN U 20 -35.94 -28.53 -76.30
C GLN U 20 -36.51 -29.89 -75.87
N ALA U 21 -36.48 -30.21 -74.58
CA ALA U 21 -37.06 -31.44 -74.01
C ALA U 21 -38.23 -31.02 -73.12
N GLU U 22 -39.43 -31.01 -73.69
CA GLU U 22 -40.57 -30.39 -73.01
C GLU U 22 -40.78 -30.89 -71.58
N GLY U 23 -40.76 -32.19 -71.36
CA GLY U 23 -41.04 -32.63 -70.01
C GLY U 23 -40.08 -33.60 -69.36
N GLN U 24 -38.79 -33.50 -69.67
CA GLN U 24 -37.82 -34.46 -69.15
C GLN U 24 -36.48 -33.77 -68.94
N LEU U 25 -35.64 -34.43 -68.15
CA LEU U 25 -34.30 -33.96 -67.81
C LEU U 25 -33.29 -34.78 -68.61
N GLN U 26 -33.00 -34.32 -69.82
CA GLN U 26 -31.98 -34.95 -70.65
C GLN U 26 -30.72 -34.12 -70.57
N TRP U 27 -29.61 -34.74 -70.16
CA TRP U 27 -28.36 -34.05 -69.95
C TRP U 27 -27.57 -33.94 -71.26
N LEU U 28 -27.05 -32.76 -71.53
CA LEU U 28 -26.25 -32.50 -72.72
C LEU U 28 -24.87 -31.96 -72.36
N ASN U 29 -23.92 -32.20 -73.26
CA ASN U 29 -22.55 -31.69 -73.15
C ASN U 29 -22.18 -30.83 -74.34
N ARG U 30 -22.97 -30.88 -75.42
CA ARG U 30 -22.65 -30.19 -76.68
C ARG U 30 -23.23 -28.77 -76.66
N ARG U 31 -22.81 -28.02 -75.65
CA ARG U 31 -23.21 -26.62 -75.50
C ARG U 31 -22.05 -25.79 -74.96
N ALA U 32 -22.04 -24.52 -75.38
CA ALA U 32 -20.99 -23.55 -75.08
C ALA U 32 -20.27 -23.77 -73.75
N ASN U 33 -21.01 -23.74 -72.64
CA ASN U 33 -20.42 -23.78 -71.30
C ASN U 33 -20.70 -25.09 -70.57
N ALA U 34 -20.54 -26.21 -71.27
CA ALA U 34 -20.68 -27.54 -70.70
C ALA U 34 -19.45 -28.38 -71.07
N LEU U 35 -19.12 -29.34 -70.22
CA LEU U 35 -17.93 -30.15 -70.41
C LEU U 35 -18.23 -31.64 -70.22
N LEU U 36 -17.45 -32.46 -70.92
CA LEU U 36 -17.50 -33.92 -70.77
C LEU U 36 -16.22 -34.49 -71.40
N ALA U 37 -15.21 -34.73 -70.58
CA ALA U 37 -13.90 -35.08 -71.14
C ALA U 37 -13.12 -35.98 -70.20
N ASN U 38 -12.01 -36.50 -70.72
CA ASN U 38 -11.04 -37.29 -69.96
C ASN U 38 -11.63 -38.60 -69.43
N GLY U 39 -12.54 -39.20 -70.20
CA GLY U 39 -12.98 -40.55 -69.97
C GLY U 39 -14.39 -40.68 -69.44
N VAL U 40 -14.93 -39.63 -68.83
CA VAL U 40 -16.29 -39.71 -68.27
C VAL U 40 -17.28 -39.93 -69.40
N GLU U 41 -18.11 -40.95 -69.26
CA GLU U 41 -19.10 -41.29 -70.26
C GLU U 41 -20.48 -40.91 -69.74
N LEU U 42 -21.33 -40.42 -70.63
CA LEU U 42 -22.74 -40.14 -70.31
C LEU U 42 -23.55 -41.21 -71.02
N ARG U 43 -23.98 -42.23 -70.27
CA ARG U 43 -24.74 -43.29 -70.91
C ARG U 43 -26.22 -42.92 -70.87
N ASP U 44 -27.03 -43.69 -70.15
CA ASP U 44 -28.48 -43.47 -70.17
C ASP U 44 -28.85 -42.44 -69.13
N ASN U 45 -28.52 -41.18 -69.44
CA ASN U 45 -28.69 -40.03 -68.53
C ASN U 45 -27.97 -40.26 -67.21
N GLN U 46 -26.87 -41.00 -67.25
CA GLN U 46 -26.07 -41.29 -66.07
C GLN U 46 -24.59 -41.20 -66.43
N LEU U 47 -23.80 -40.68 -65.49
CA LEU U 47 -22.36 -40.54 -65.68
C LEU U 47 -21.61 -41.77 -65.18
N VAL U 48 -20.66 -42.23 -65.99
CA VAL U 48 -19.88 -43.43 -65.71
C VAL U 48 -18.47 -43.01 -65.34
N VAL U 49 -18.07 -43.35 -64.13
CA VAL U 49 -16.75 -42.99 -63.60
C VAL U 49 -15.67 -43.78 -64.33
N PRO U 50 -14.61 -43.11 -64.86
CA PRO U 50 -13.59 -43.82 -65.66
C PRO U 50 -12.42 -44.35 -64.85
N SER U 51 -12.20 -43.82 -63.65
CA SER U 51 -11.06 -44.22 -62.83
C SER U 51 -11.40 -43.97 -61.36
N GLU U 52 -10.84 -44.82 -60.51
CA GLU U 52 -11.12 -44.73 -59.08
C GLU U 52 -10.36 -43.59 -58.43
N GLY U 53 -11.04 -42.89 -57.52
CA GLY U 53 -10.44 -41.77 -56.83
C GLY U 53 -11.51 -40.94 -56.14
N LEU U 54 -11.10 -39.76 -55.68
CA LEU U 54 -12.02 -38.83 -55.00
C LEU U 54 -12.59 -37.86 -56.01
N TYR U 55 -13.91 -37.77 -56.04
CA TYR U 55 -14.63 -36.88 -56.95
C TYR U 55 -15.48 -35.90 -56.15
N LEU U 56 -15.75 -34.75 -56.77
CA LEU U 56 -16.70 -33.78 -56.25
C LEU U 56 -17.95 -33.83 -57.11
N ILE U 57 -19.09 -34.13 -56.50
CA ILE U 57 -20.35 -34.32 -57.20
C ILE U 57 -21.29 -33.16 -56.84
N TYR U 58 -21.93 -32.58 -57.85
CA TYR U 58 -22.85 -31.48 -57.61
C TYR U 58 -23.95 -31.50 -58.67
N SER U 59 -25.08 -30.89 -58.34
CA SER U 59 -26.17 -30.73 -59.27
C SER U 59 -27.14 -29.69 -58.73
N GLN U 60 -27.71 -28.89 -59.64
CA GLN U 60 -28.76 -27.94 -59.29
C GLN U 60 -29.92 -28.14 -60.25
N VAL U 61 -31.13 -27.99 -59.70
CA VAL U 61 -32.37 -28.06 -60.47
C VAL U 61 -33.20 -26.84 -60.09
N LEU U 62 -33.86 -26.24 -61.08
CA LEU U 62 -34.74 -25.11 -60.86
C LEU U 62 -36.16 -25.55 -61.19
N PHE U 63 -37.05 -25.43 -60.21
CA PHE U 63 -38.45 -25.79 -60.38
C PHE U 63 -39.30 -24.55 -60.49
N LYS U 64 -40.19 -24.51 -61.48
CA LYS U 64 -41.11 -23.40 -61.63
C LYS U 64 -42.50 -23.92 -61.99
N GLY U 65 -43.51 -23.36 -61.34
CA GLY U 65 -44.89 -23.62 -61.70
C GLY U 65 -45.64 -22.31 -61.62
N GLN U 66 -46.69 -22.20 -62.44
CA GLN U 66 -47.49 -20.97 -62.48
C GLN U 66 -48.78 -21.26 -61.72
N GLY U 67 -48.74 -21.03 -60.42
CA GLY U 67 -49.87 -21.31 -59.56
C GLY U 67 -49.74 -22.67 -58.89
N CYS U 68 -50.38 -22.78 -57.73
CA CYS U 68 -50.35 -24.00 -56.92
C CYS U 68 -51.67 -24.75 -57.01
N PRO U 69 -51.71 -25.91 -57.64
CA PRO U 69 -53.00 -26.63 -57.76
C PRO U 69 -53.44 -27.27 -56.45
N SER U 70 -52.63 -28.18 -55.91
CA SER U 70 -52.94 -28.88 -54.67
C SER U 70 -51.80 -28.69 -53.68
N THR U 71 -52.15 -28.31 -52.44
CA THR U 71 -51.19 -28.16 -51.36
C THR U 71 -50.13 -29.26 -51.38
N HIS U 72 -50.57 -30.51 -51.57
CA HIS U 72 -49.68 -31.67 -51.56
C HIS U 72 -48.77 -31.67 -52.78
N VAL U 73 -47.69 -30.89 -52.70
CA VAL U 73 -46.66 -30.90 -53.74
C VAL U 73 -45.32 -31.00 -53.03
N LEU U 74 -44.53 -31.99 -53.40
CA LEU U 74 -43.22 -32.21 -52.80
C LEU U 74 -42.17 -32.26 -53.90
N LEU U 75 -41.17 -31.38 -53.81
CA LEU U 75 -40.08 -31.33 -54.76
C LEU U 75 -38.85 -31.99 -54.17
N THR U 76 -38.29 -32.95 -54.90
CA THR U 76 -37.13 -33.71 -54.47
C THR U 76 -36.03 -33.60 -55.51
N HIS U 77 -34.79 -33.81 -55.06
CA HIS U 77 -33.63 -33.73 -55.93
C HIS U 77 -32.59 -34.67 -55.33
N THR U 78 -32.15 -35.66 -56.08
CA THR U 78 -31.26 -36.68 -55.53
C THR U 78 -30.17 -37.06 -56.51
N ILE U 79 -28.97 -37.28 -55.99
CA ILE U 79 -27.85 -37.83 -56.74
C ILE U 79 -27.62 -39.26 -56.24
N SER U 80 -27.65 -40.22 -57.15
CA SER U 80 -27.59 -41.64 -56.83
C SER U 80 -26.31 -42.27 -57.35
N ARG U 81 -25.97 -43.43 -56.80
CA ARG U 81 -24.79 -44.19 -57.19
C ARG U 81 -25.12 -45.68 -57.18
N ILE U 82 -24.91 -46.34 -58.31
CA ILE U 82 -24.94 -47.80 -58.40
C ILE U 82 -23.52 -48.27 -58.67
N ALA U 83 -22.94 -49.01 -57.73
CA ALA U 83 -21.55 -49.42 -57.78
C ALA U 83 -21.41 -50.87 -58.20
N VAL U 84 -20.23 -51.23 -58.67
CA VAL U 84 -19.95 -52.62 -59.05
C VAL U 84 -19.92 -53.51 -57.81
N SER U 85 -19.50 -52.97 -56.67
CA SER U 85 -19.43 -53.75 -55.45
C SER U 85 -20.79 -53.95 -54.79
N TYR U 86 -21.67 -52.96 -54.90
CA TYR U 86 -22.99 -53.03 -54.30
C TYR U 86 -23.99 -52.55 -55.34
N GLN U 87 -24.66 -53.51 -56.00
CA GLN U 87 -25.49 -53.25 -57.18
C GLN U 87 -26.89 -52.78 -56.85
N THR U 88 -27.04 -51.87 -55.88
CA THR U 88 -28.32 -51.26 -55.58
C THR U 88 -28.13 -49.76 -55.55
N LYS U 89 -29.09 -49.04 -56.14
CA LYS U 89 -28.99 -47.59 -56.20
C LYS U 89 -29.21 -46.99 -54.82
N VAL U 90 -28.20 -46.28 -54.32
CA VAL U 90 -28.26 -45.64 -53.02
C VAL U 90 -28.05 -44.14 -53.22
N ASN U 91 -28.76 -43.33 -52.44
CA ASN U 91 -28.67 -41.88 -52.59
C ASN U 91 -27.43 -41.34 -51.89
N LEU U 92 -26.67 -40.52 -52.59
CA LEU U 92 -25.54 -39.84 -51.97
C LEU U 92 -25.93 -38.47 -51.44
N LEU U 93 -26.69 -37.69 -52.22
CA LEU U 93 -27.15 -36.37 -51.83
C LEU U 93 -28.64 -36.23 -52.12
N SER U 94 -29.37 -35.60 -51.20
CA SER U 94 -30.82 -35.48 -51.33
C SER U 94 -31.31 -34.20 -50.67
N ALA U 95 -32.45 -33.71 -51.14
CA ALA U 95 -33.11 -32.54 -50.57
C ALA U 95 -34.59 -32.58 -50.90
N ILE U 96 -35.40 -32.01 -50.00
CA ILE U 96 -36.85 -31.94 -50.17
C ILE U 96 -37.27 -30.48 -49.98
N LYS U 97 -38.28 -30.06 -50.74
CA LYS U 97 -38.77 -28.69 -50.63
C LYS U 97 -40.24 -28.62 -51.01
N SER U 98 -41.03 -27.92 -50.20
CA SER U 98 -42.46 -27.72 -50.44
C SER U 98 -42.73 -26.32 -50.98
N PRO U 99 -43.18 -26.18 -52.24
CA PRO U 99 -43.34 -24.85 -52.84
C PRO U 99 -44.62 -24.13 -52.42
N CYS U 100 -45.63 -24.86 -51.94
CA CYS U 100 -46.97 -24.33 -51.69
C CYS U 100 -47.29 -24.35 -50.20
N GLN U 101 -47.40 -23.15 -49.60
CA GLN U 101 -47.76 -23.04 -48.18
C GLN U 101 -49.29 -22.87 -48.05
N ARG U 102 -50.00 -23.93 -48.43
CA ARG U 102 -51.46 -23.93 -48.48
C ARG U 102 -52.02 -22.83 -49.37
N GLU U 103 -51.23 -22.38 -50.35
CA GLU U 103 -51.66 -21.40 -51.33
C GLU U 103 -53.04 -21.72 -51.89
N THR U 104 -53.09 -22.66 -52.85
CA THR U 104 -54.27 -23.12 -53.57
C THR U 104 -55.25 -21.97 -53.75
N PRO U 105 -55.06 -21.15 -54.78
CA PRO U 105 -55.84 -19.90 -54.88
C PRO U 105 -57.34 -20.10 -54.84
N GLU U 106 -57.94 -19.70 -53.71
CA GLU U 106 -59.38 -19.84 -53.53
C GLU U 106 -60.14 -18.99 -54.53
N GLY U 107 -59.56 -17.88 -54.97
CA GLY U 107 -60.17 -17.03 -55.97
C GLY U 107 -59.14 -16.18 -56.71
N ALA U 108 -57.87 -16.47 -56.49
CA ALA U 108 -56.78 -15.72 -57.10
C ALA U 108 -56.34 -16.39 -58.40
N GLU U 109 -55.41 -15.74 -59.09
CA GLU U 109 -54.92 -16.21 -60.38
C GLU U 109 -53.51 -16.79 -60.23
N ALA U 110 -52.87 -17.03 -61.37
CA ALA U 110 -51.57 -17.69 -61.41
C ALA U 110 -50.47 -16.83 -60.79
N LYS U 111 -49.76 -17.39 -59.81
CA LYS U 111 -48.66 -16.73 -59.11
C LYS U 111 -47.44 -17.61 -59.36
N PRO U 112 -46.64 -17.32 -60.38
CA PRO U 112 -45.52 -18.23 -60.72
C PRO U 112 -44.46 -18.24 -59.64
N TRP U 113 -44.15 -19.45 -59.16
CA TRP U 113 -43.14 -19.68 -58.14
C TRP U 113 -41.88 -20.28 -58.76
N TYR U 114 -40.73 -19.91 -58.20
CA TYR U 114 -39.44 -20.44 -58.59
C TYR U 114 -38.75 -20.91 -57.32
N GLU U 115 -38.27 -22.15 -57.32
CA GLU U 115 -37.59 -22.70 -56.15
C GLU U 115 -36.37 -23.49 -56.57
N PRO U 116 -35.15 -23.07 -56.19
CA PRO U 116 -33.96 -23.87 -56.53
C PRO U 116 -33.49 -24.80 -55.43
N ILE U 117 -32.72 -25.82 -55.80
CA ILE U 117 -32.16 -26.79 -54.87
C ILE U 117 -30.75 -27.13 -55.34
N TYR U 118 -29.78 -27.11 -54.43
CA TYR U 118 -28.40 -27.42 -54.79
C TYR U 118 -27.89 -28.55 -53.90
N LEU U 119 -27.12 -29.44 -54.50
CA LEU U 119 -26.57 -30.59 -53.80
C LEU U 119 -25.10 -30.70 -54.16
N GLY U 120 -24.26 -31.05 -53.20
CA GLY U 120 -22.84 -31.19 -53.46
C GLY U 120 -22.09 -31.98 -52.40
N GLY U 121 -21.09 -32.73 -52.80
CA GLY U 121 -20.32 -33.49 -51.83
C GLY U 121 -19.14 -34.19 -52.47
N VAL U 122 -18.24 -34.67 -51.61
CA VAL U 122 -17.03 -35.37 -52.04
C VAL U 122 -17.19 -36.85 -51.70
N PHE U 123 -16.82 -37.72 -52.64
CA PHE U 123 -16.99 -39.15 -52.44
C PHE U 123 -15.84 -39.88 -53.12
N GLN U 124 -15.57 -41.09 -52.66
CA GLN U 124 -14.65 -41.99 -53.34
C GLN U 124 -15.46 -42.93 -54.23
N LEU U 125 -15.21 -42.88 -55.52
CA LEU U 125 -15.91 -43.70 -56.49
C LEU U 125 -14.95 -44.68 -57.14
N GLU U 126 -15.47 -45.81 -57.59
CA GLU U 126 -14.67 -46.84 -58.23
C GLU U 126 -14.98 -46.87 -59.71
N LYS U 127 -14.16 -47.61 -60.46
CA LYS U 127 -14.35 -47.69 -61.90
C LYS U 127 -15.68 -48.36 -62.25
N GLY U 128 -16.41 -47.77 -63.19
CA GLY U 128 -17.67 -48.30 -63.71
C GLY U 128 -18.91 -47.93 -62.93
N ASP U 129 -18.77 -47.19 -61.83
CA ASP U 129 -19.92 -46.72 -61.08
C ASP U 129 -20.71 -45.69 -61.89
N ARG U 130 -22.03 -45.75 -61.78
CA ARG U 130 -22.96 -44.88 -62.51
C ARG U 130 -23.69 -43.93 -61.58
N LEU U 131 -23.41 -42.65 -61.72
CA LEU U 131 -24.08 -41.61 -60.97
C LEU U 131 -25.25 -41.07 -61.78
N SER U 132 -26.33 -40.71 -61.08
CA SER U 132 -27.52 -40.22 -61.73
C SER U 132 -28.15 -39.12 -60.88
N ALA U 133 -28.42 -37.99 -61.52
CA ALA U 133 -29.16 -36.90 -60.90
C ALA U 133 -30.59 -36.95 -61.41
N GLU U 134 -31.54 -36.99 -60.49
CA GLU U 134 -32.93 -37.23 -60.83
C GLU U 134 -33.82 -36.32 -60.01
N ILE U 135 -35.02 -36.08 -60.53
CA ILE U 135 -36.06 -35.28 -59.90
C ILE U 135 -37.38 -36.00 -60.05
N ASN U 136 -38.31 -35.70 -59.15
CA ASN U 136 -39.58 -36.42 -59.14
C ASN U 136 -40.59 -35.84 -60.13
N ARG U 137 -40.55 -34.53 -60.36
CA ARG U 137 -41.47 -33.85 -61.28
C ARG U 137 -40.66 -33.19 -62.39
N PRO U 138 -40.35 -33.91 -63.47
CA PRO U 138 -39.60 -33.33 -64.58
C PRO U 138 -40.40 -32.37 -65.46
N ASP U 139 -41.64 -32.04 -65.07
CA ASP U 139 -42.50 -31.11 -65.76
C ASP U 139 -42.39 -29.69 -65.22
N TYR U 140 -41.71 -29.51 -64.11
CA TYR U 140 -41.49 -28.22 -63.50
C TYR U 140 -40.10 -27.69 -63.82
N LEU U 141 -39.38 -28.34 -64.72
CA LEU U 141 -38.04 -27.91 -65.06
C LEU U 141 -38.10 -26.56 -65.73
N ASP U 142 -37.29 -25.61 -65.27
CA ASP U 142 -37.21 -24.30 -65.89
C ASP U 142 -35.82 -24.18 -66.50
N PHE U 143 -35.65 -24.80 -67.67
CA PHE U 143 -34.43 -24.64 -68.46
C PHE U 143 -34.62 -23.68 -69.62
N ALA U 144 -35.68 -22.85 -69.58
CA ALA U 144 -35.94 -21.93 -70.67
C ALA U 144 -34.99 -20.75 -70.69
N GLU U 145 -34.02 -20.73 -69.79
CA GLU U 145 -33.05 -19.66 -69.66
C GLU U 145 -31.67 -20.28 -69.71
N SER U 146 -30.71 -19.72 -68.97
CA SER U 146 -29.32 -20.14 -69.08
C SER U 146 -28.97 -21.33 -68.20
N GLY U 147 -27.87 -21.21 -67.46
CA GLY U 147 -27.34 -22.20 -66.52
C GLY U 147 -28.17 -22.45 -65.29
N GLN U 148 -29.47 -22.73 -65.48
CA GLN U 148 -30.39 -22.94 -64.38
C GLN U 148 -30.48 -24.37 -63.88
N VAL U 149 -30.17 -25.36 -64.72
CA VAL U 149 -30.16 -26.76 -64.31
C VAL U 149 -28.86 -27.38 -64.82
N TYR U 150 -28.14 -28.09 -63.96
CA TYR U 150 -26.86 -28.66 -64.36
C TYR U 150 -26.49 -29.79 -63.41
N PHE U 151 -25.39 -30.47 -63.74
CA PHE U 151 -24.97 -31.67 -63.02
C PHE U 151 -23.53 -32.01 -63.42
N GLY U 152 -22.65 -32.25 -62.46
CA GLY U 152 -21.27 -32.50 -62.85
C GLY U 152 -20.45 -33.14 -61.75
N ILE U 153 -19.34 -33.74 -62.17
CA ILE U 153 -18.35 -34.28 -61.25
C ILE U 153 -16.96 -33.89 -61.74
N ILE U 154 -16.00 -33.84 -60.82
CA ILE U 154 -14.62 -33.45 -61.13
C ILE U 154 -13.67 -34.25 -60.25
N ALA U 155 -12.63 -34.81 -60.87
CA ALA U 155 -11.62 -35.59 -60.17
C ALA U 155 -10.67 -34.65 -59.45
N LEU U 156 -10.72 -34.67 -58.11
CA LEU U 156 -9.82 -33.88 -57.30
C LEU U 156 -8.51 -34.63 -57.08
N SER V 4 -6.19 -53.30 -54.95
CA SER V 4 -6.75 -52.00 -55.31
C SER V 4 -5.64 -50.97 -55.42
N ARG V 5 -6.01 -49.75 -55.83
CA ARG V 5 -5.07 -48.64 -55.92
C ARG V 5 -5.78 -47.38 -55.42
N THR V 6 -5.36 -46.89 -54.26
CA THR V 6 -5.88 -45.62 -53.71
C THR V 6 -4.72 -44.76 -53.22
N PRO V 7 -3.86 -44.23 -54.16
CA PRO V 7 -2.83 -43.25 -53.78
C PRO V 7 -3.36 -41.82 -53.71
N SER V 8 -4.44 -41.63 -52.94
CA SER V 8 -5.03 -40.30 -52.79
C SER V 8 -4.10 -39.38 -52.00
N ASP V 9 -3.77 -39.77 -50.77
CA ASP V 9 -2.92 -39.03 -49.86
C ASP V 9 -3.39 -37.59 -49.60
N LYS V 10 -4.69 -37.32 -49.67
CA LYS V 10 -4.92 -35.92 -49.40
C LYS V 10 -5.94 -35.78 -48.27
N PRO V 11 -5.80 -34.76 -47.42
CA PRO V 11 -6.77 -34.59 -46.33
C PRO V 11 -8.19 -34.51 -46.86
N VAL V 12 -9.07 -35.37 -46.34
CA VAL V 12 -10.43 -35.45 -46.83
C VAL V 12 -11.35 -35.85 -45.67
N ALA V 13 -12.60 -35.43 -45.76
CA ALA V 13 -13.62 -35.78 -44.77
C ALA V 13 -15.00 -35.54 -45.37
N HIS V 14 -15.90 -36.49 -45.16
CA HIS V 14 -17.30 -36.32 -45.55
C HIS V 14 -18.13 -37.10 -44.53
N VAL V 15 -18.68 -36.40 -43.54
CA VAL V 15 -19.39 -37.02 -42.42
C VAL V 15 -20.88 -36.81 -42.60
N VAL V 16 -21.66 -37.75 -42.06
CA VAL V 16 -23.11 -37.79 -42.23
C VAL V 16 -23.78 -37.78 -40.86
N ALA V 17 -24.99 -37.24 -40.82
CA ALA V 17 -25.74 -37.16 -39.57
C ALA V 17 -26.15 -38.54 -39.09
N ASN V 18 -26.30 -38.67 -37.77
CA ASN V 18 -26.74 -39.93 -37.19
C ASN V 18 -28.25 -40.08 -37.36
N PRO V 19 -28.72 -41.12 -38.06
CA PRO V 19 -30.17 -41.31 -38.18
C PRO V 19 -30.84 -41.72 -36.89
N GLN V 20 -30.14 -42.45 -36.01
CA GLN V 20 -30.74 -42.89 -34.76
C GLN V 20 -30.60 -41.89 -33.62
N ALA V 21 -29.63 -40.98 -33.69
CA ALA V 21 -29.53 -39.95 -32.67
C ALA V 21 -30.61 -38.91 -32.92
N GLU V 22 -31.50 -38.73 -31.95
CA GLU V 22 -32.66 -37.86 -32.10
C GLU V 22 -32.39 -36.47 -31.53
N GLY V 23 -33.12 -35.50 -32.08
CA GLY V 23 -33.04 -34.10 -31.73
C GLY V 23 -31.66 -33.51 -31.55
N GLN V 24 -30.67 -34.07 -32.24
CA GLN V 24 -29.30 -33.58 -32.13
C GLN V 24 -28.54 -33.91 -33.41
N LEU V 25 -27.48 -33.15 -33.66
CA LEU V 25 -26.62 -33.29 -34.83
C LEU V 25 -25.28 -33.89 -34.40
N GLN V 26 -25.23 -35.21 -34.34
CA GLN V 26 -23.99 -35.92 -34.03
C GLN V 26 -23.45 -36.54 -35.32
N TRP V 27 -22.21 -36.19 -35.65
CA TRP V 27 -21.62 -36.59 -36.93
C TRP V 27 -21.01 -37.98 -36.86
N LEU V 28 -21.25 -38.77 -37.91
CA LEU V 28 -20.75 -40.13 -38.00
C LEU V 28 -19.87 -40.25 -39.24
N ASN V 29 -18.86 -41.11 -39.19
CA ASN V 29 -18.04 -41.36 -40.36
C ASN V 29 -17.98 -42.81 -40.78
N ARG V 30 -18.33 -43.75 -39.90
CA ARG V 30 -18.32 -45.18 -40.25
C ARG V 30 -19.70 -45.60 -40.77
N ARG V 31 -20.05 -44.96 -41.88
CA ARG V 31 -21.26 -45.21 -42.65
C ARG V 31 -20.90 -45.26 -44.13
N ALA V 32 -21.65 -46.07 -44.86
CA ALA V 32 -21.39 -46.27 -46.29
C ALA V 32 -21.36 -44.93 -47.03
N ASN V 33 -20.41 -44.81 -47.95
CA ASN V 33 -20.15 -43.59 -48.72
C ASN V 33 -19.93 -42.36 -47.84
N ALA V 34 -19.25 -42.57 -46.71
CA ALA V 34 -18.76 -41.51 -45.85
C ALA V 34 -17.31 -41.84 -45.54
N LEU V 35 -16.46 -40.82 -45.45
CA LEU V 35 -15.03 -41.05 -45.26
C LEU V 35 -14.45 -40.08 -44.23
N LEU V 36 -13.34 -40.51 -43.63
CA LEU V 36 -12.58 -39.68 -42.70
C LEU V 36 -11.17 -40.27 -42.62
N ALA V 37 -10.27 -39.73 -43.44
CA ALA V 37 -8.96 -40.34 -43.61
C ALA V 37 -7.93 -39.28 -43.98
N ASN V 38 -6.67 -39.72 -44.02
CA ASN V 38 -5.53 -38.90 -44.44
C ASN V 38 -5.30 -37.70 -43.52
N GLY V 39 -5.55 -37.87 -42.23
CA GLY V 39 -5.18 -36.93 -41.21
C GLY V 39 -6.33 -36.20 -40.56
N VAL V 40 -7.47 -36.08 -41.24
CA VAL V 40 -8.60 -35.40 -40.63
C VAL V 40 -9.12 -36.26 -39.49
N GLU V 41 -9.15 -35.69 -38.29
CA GLU V 41 -9.69 -36.35 -37.11
C GLU V 41 -10.98 -35.65 -36.69
N LEU V 42 -11.95 -36.43 -36.22
CA LEU V 42 -13.24 -35.95 -35.71
C LEU V 42 -13.29 -36.07 -34.20
N ARG V 43 -13.16 -34.94 -33.52
CA ARG V 43 -13.28 -35.00 -32.07
C ARG V 43 -14.75 -34.85 -31.65
N ASP V 44 -15.07 -33.82 -30.87
CA ASP V 44 -16.41 -33.66 -30.30
C ASP V 44 -17.29 -32.83 -31.23
N ASN V 45 -17.78 -33.48 -32.28
CA ASN V 45 -18.53 -32.84 -33.37
C ASN V 45 -17.70 -31.74 -34.03
N GLN V 46 -16.39 -31.94 -34.09
CA GLN V 46 -15.52 -30.95 -34.69
C GLN V 46 -14.50 -31.66 -35.57
N LEU V 47 -14.24 -31.08 -36.73
CA LEU V 47 -13.24 -31.59 -37.65
C LEU V 47 -11.94 -30.83 -37.40
N VAL V 48 -10.84 -31.57 -37.24
CA VAL V 48 -9.54 -30.99 -36.92
C VAL V 48 -8.67 -31.05 -38.16
N VAL V 49 -8.26 -29.89 -38.66
CA VAL V 49 -7.47 -29.81 -39.89
C VAL V 49 -6.06 -30.33 -39.61
N PRO V 50 -5.56 -31.27 -40.43
CA PRO V 50 -4.24 -31.85 -40.16
C PRO V 50 -3.06 -31.13 -40.80
N SER V 51 -3.28 -30.26 -41.78
CA SER V 51 -2.18 -29.61 -42.48
C SER V 51 -2.63 -28.26 -43.02
N GLU V 52 -1.66 -27.35 -43.13
CA GLU V 52 -1.94 -26.02 -43.66
C GLU V 52 -2.15 -26.10 -45.16
N GLY V 53 -3.13 -25.34 -45.65
CA GLY V 53 -3.38 -25.35 -47.08
C GLY V 53 -4.74 -24.77 -47.40
N LEU V 54 -5.12 -24.98 -48.65
CA LEU V 54 -6.39 -24.51 -49.17
C LEU V 54 -7.42 -25.62 -49.01
N TYR V 55 -8.52 -25.33 -48.34
CA TYR V 55 -9.56 -26.32 -48.14
C TYR V 55 -10.90 -25.85 -48.69
N LEU V 56 -11.72 -26.82 -49.08
CA LEU V 56 -13.09 -26.60 -49.48
C LEU V 56 -13.99 -27.14 -48.37
N ILE V 57 -14.81 -26.26 -47.79
CA ILE V 57 -15.67 -26.59 -46.67
C ILE V 57 -17.10 -26.53 -47.16
N TYR V 58 -17.89 -27.56 -46.84
CA TYR V 58 -19.29 -27.60 -47.25
C TYR V 58 -20.11 -28.35 -46.22
N SER V 59 -21.42 -28.05 -46.21
CA SER V 59 -22.35 -28.72 -45.33
C SER V 59 -23.78 -28.45 -45.79
N GLN V 60 -24.65 -29.44 -45.62
CA GLN V 60 -26.08 -29.30 -45.88
C GLN V 60 -26.89 -29.82 -44.70
N VAL V 61 -28.00 -29.16 -44.42
CA VAL V 61 -28.98 -29.58 -43.42
C VAL V 61 -30.36 -29.49 -44.05
N LEU V 62 -31.22 -30.46 -43.73
CA LEU V 62 -32.61 -30.48 -44.16
C LEU V 62 -33.51 -30.39 -42.94
N PHE V 63 -34.38 -29.38 -42.92
CA PHE V 63 -35.32 -29.16 -41.83
C PHE V 63 -36.74 -29.57 -42.25
N LYS V 64 -37.42 -30.32 -41.40
CA LYS V 64 -38.82 -30.68 -41.65
C LYS V 64 -39.58 -30.54 -40.35
N GLY V 65 -40.74 -29.90 -40.43
CA GLY V 65 -41.62 -29.81 -39.28
C GLY V 65 -43.03 -30.09 -39.75
N GLN V 66 -43.84 -30.59 -38.83
CA GLN V 66 -45.19 -31.06 -39.19
C GLN V 66 -46.25 -30.03 -38.81
N GLY V 67 -46.04 -28.81 -39.28
CA GLY V 67 -46.94 -27.71 -39.02
C GLY V 67 -46.19 -26.43 -38.72
N CYS V 68 -46.86 -25.31 -38.94
CA CYS V 68 -46.27 -23.99 -38.71
C CYS V 68 -46.82 -23.39 -37.43
N PRO V 69 -46.04 -23.37 -36.37
CA PRO V 69 -46.49 -22.76 -35.12
C PRO V 69 -46.41 -21.25 -35.22
N SER V 70 -46.78 -20.58 -34.13
CA SER V 70 -46.81 -19.12 -34.08
C SER V 70 -45.55 -18.50 -33.47
N THR V 71 -44.50 -19.30 -33.27
CA THR V 71 -43.25 -18.80 -32.74
C THR V 71 -42.39 -18.09 -33.78
N HIS V 72 -42.73 -18.20 -35.07
CA HIS V 72 -41.91 -17.68 -36.16
C HIS V 72 -40.48 -18.19 -35.98
N VAL V 73 -40.25 -19.43 -36.41
CA VAL V 73 -38.93 -20.03 -36.31
C VAL V 73 -37.99 -19.42 -37.35
N LEU V 74 -36.76 -19.13 -36.93
CA LEU V 74 -35.73 -18.59 -37.81
C LEU V 74 -34.62 -19.63 -37.86
N LEU V 75 -34.74 -20.53 -38.83
CA LEU V 75 -33.77 -21.59 -39.02
C LEU V 75 -32.42 -21.03 -39.47
N THR V 76 -31.38 -21.36 -38.73
CA THR V 76 -30.04 -20.86 -39.03
C THR V 76 -29.10 -22.05 -39.23
N HIS V 77 -28.03 -21.81 -39.97
CA HIS V 77 -27.05 -22.85 -40.25
C HIS V 77 -25.70 -22.16 -40.49
N THR V 78 -24.72 -22.49 -39.66
CA THR V 78 -23.42 -21.82 -39.70
C THR V 78 -22.31 -22.83 -39.50
N ILE V 79 -21.22 -22.65 -40.25
CA ILE V 79 -19.99 -23.41 -40.06
C ILE V 79 -19.00 -22.48 -39.39
N SER V 80 -18.48 -22.90 -38.26
CA SER V 80 -17.62 -22.06 -37.45
C SER V 80 -16.20 -22.58 -37.50
N ARG V 81 -15.24 -21.69 -37.21
CA ARG V 81 -13.84 -22.07 -37.22
C ARG V 81 -13.19 -21.41 -36.02
N ILE V 82 -12.59 -22.24 -35.16
CA ILE V 82 -11.81 -21.79 -34.03
C ILE V 82 -10.35 -22.10 -34.34
N ALA V 83 -9.53 -21.07 -34.45
CA ALA V 83 -8.16 -21.22 -34.91
C ALA V 83 -7.19 -21.20 -33.74
N VAL V 84 -6.02 -21.79 -33.97
CA VAL V 84 -4.95 -21.77 -32.98
C VAL V 84 -4.37 -20.36 -32.86
N SER V 85 -4.39 -19.60 -33.95
CA SER V 85 -3.82 -18.25 -33.95
C SER V 85 -4.75 -17.26 -33.26
N TYR V 86 -6.06 -17.47 -33.36
CA TYR V 86 -7.07 -16.57 -32.80
C TYR V 86 -8.13 -17.46 -32.14
N GLN V 87 -8.07 -17.55 -30.81
CA GLN V 87 -8.84 -18.55 -30.05
C GLN V 87 -10.29 -18.14 -29.82
N THR V 88 -10.97 -17.58 -30.82
CA THR V 88 -12.38 -17.24 -30.71
C THR V 88 -13.12 -17.79 -31.92
N LYS V 89 -14.33 -18.29 -31.69
CA LYS V 89 -15.16 -18.83 -32.76
C LYS V 89 -15.63 -17.73 -33.70
N VAL V 90 -15.26 -17.85 -34.98
CA VAL V 90 -15.67 -16.92 -36.01
C VAL V 90 -16.41 -17.71 -37.10
N ASN V 91 -17.45 -17.12 -37.66
CA ASN V 91 -18.24 -17.80 -38.68
C ASN V 91 -17.60 -17.64 -40.05
N LEU V 92 -17.46 -18.76 -40.77
CA LEU V 92 -16.99 -18.73 -42.15
C LEU V 92 -18.15 -18.64 -43.14
N LEU V 93 -19.18 -19.47 -42.94
CA LEU V 93 -20.36 -19.49 -43.79
C LEU V 93 -21.61 -19.53 -42.92
N SER V 94 -22.63 -18.78 -43.31
CA SER V 94 -23.86 -18.73 -42.53
C SER V 94 -25.04 -18.49 -43.44
N ALA V 95 -26.22 -18.96 -43.01
CA ALA V 95 -27.45 -18.76 -43.75
C ALA V 95 -28.64 -18.82 -42.81
N ILE V 96 -29.67 -18.07 -43.17
CA ILE V 96 -30.90 -17.98 -42.39
C ILE V 96 -32.08 -18.24 -43.33
N LYS V 97 -33.13 -18.87 -42.79
CA LYS V 97 -34.31 -19.14 -43.59
C LYS V 97 -35.55 -19.14 -42.71
N SER V 98 -36.60 -18.45 -43.15
CA SER V 98 -37.86 -18.44 -42.44
C SER V 98 -38.85 -19.37 -43.13
N PRO V 99 -39.20 -20.51 -42.54
CA PRO V 99 -40.05 -21.48 -43.25
C PRO V 99 -41.53 -21.18 -43.15
N CYS V 100 -41.97 -20.49 -42.09
CA CYS V 100 -43.39 -20.35 -41.79
C CYS V 100 -43.78 -18.87 -41.83
N GLN V 101 -44.59 -18.53 -42.84
CA GLN V 101 -45.17 -17.20 -42.99
C GLN V 101 -46.70 -17.22 -42.84
N ARG V 102 -47.26 -18.26 -42.19
CA ARG V 102 -48.71 -18.35 -42.03
C ARG V 102 -49.08 -18.71 -40.60
N GLU V 103 -50.31 -18.32 -40.25
CA GLU V 103 -50.88 -18.59 -38.93
C GLU V 103 -51.12 -20.08 -38.74
N THR V 104 -50.87 -20.55 -37.51
CA THR V 104 -51.17 -21.90 -37.04
C THR V 104 -52.46 -22.40 -37.68
N PRO V 105 -52.40 -23.39 -38.57
CA PRO V 105 -53.60 -23.79 -39.31
C PRO V 105 -54.78 -24.13 -38.41
N GLU V 106 -55.84 -23.33 -38.53
CA GLU V 106 -56.95 -23.31 -37.58
C GLU V 106 -57.74 -24.60 -37.60
N GLY V 107 -58.44 -24.88 -38.70
CA GLY V 107 -59.16 -26.12 -38.84
C GLY V 107 -58.32 -27.18 -39.51
N ALA V 108 -57.57 -26.78 -40.52
CA ALA V 108 -56.64 -27.71 -41.18
C ALA V 108 -55.44 -27.96 -40.28
N GLU V 109 -54.73 -29.04 -40.60
CA GLU V 109 -53.48 -29.37 -39.90
C GLU V 109 -52.47 -29.99 -40.86
N ALA V 110 -51.57 -30.81 -40.33
CA ALA V 110 -50.58 -31.56 -41.10
C ALA V 110 -49.79 -30.56 -41.94
N LYS V 111 -49.58 -30.80 -43.23
CA LYS V 111 -48.84 -29.95 -44.16
C LYS V 111 -47.42 -29.73 -43.66
N PRO V 112 -46.58 -30.77 -43.70
CA PRO V 112 -45.20 -30.62 -43.22
C PRO V 112 -44.38 -29.78 -44.19
N TRP V 113 -43.60 -28.86 -43.63
CA TRP V 113 -42.74 -28.01 -44.43
C TRP V 113 -41.32 -28.55 -44.40
N TYR V 114 -40.61 -28.41 -45.53
CA TYR V 114 -39.25 -28.86 -45.69
C TYR V 114 -38.41 -27.68 -46.17
N GLU V 115 -37.29 -27.41 -45.50
CA GLU V 115 -36.41 -26.35 -45.98
C GLU V 115 -34.95 -26.77 -45.85
N PRO V 116 -34.23 -26.91 -46.96
CA PRO V 116 -32.80 -27.21 -46.90
C PRO V 116 -31.95 -25.96 -47.01
N ILE V 117 -30.70 -26.06 -46.54
CA ILE V 117 -29.74 -24.98 -46.60
C ILE V 117 -28.37 -25.57 -46.93
N TYR V 118 -27.68 -24.98 -47.91
CA TYR V 118 -26.38 -25.48 -48.34
C TYR V 118 -25.35 -24.36 -48.24
N LEU V 119 -24.15 -24.72 -47.84
CA LEU V 119 -23.05 -23.79 -47.64
C LEU V 119 -21.79 -24.39 -48.24
N GLY V 120 -20.96 -23.53 -48.86
CA GLY V 120 -19.72 -23.99 -49.45
C GLY V 120 -18.77 -22.84 -49.72
N GLY V 121 -17.47 -23.10 -49.55
CA GLY V 121 -16.47 -22.09 -49.81
C GLY V 121 -15.06 -22.63 -49.68
N VAL V 122 -14.12 -21.81 -50.16
CA VAL V 122 -12.69 -22.11 -50.11
C VAL V 122 -12.05 -21.21 -49.07
N PHE V 123 -11.17 -21.80 -48.25
CA PHE V 123 -10.52 -21.09 -47.16
C PHE V 123 -9.12 -21.61 -46.97
N GLN V 124 -8.28 -20.79 -46.35
CA GLN V 124 -6.96 -21.20 -45.89
C GLN V 124 -7.09 -21.58 -44.41
N LEU V 125 -6.82 -22.84 -44.10
CA LEU V 125 -6.89 -23.34 -42.73
C LEU V 125 -5.52 -23.78 -42.27
N GLU V 126 -5.31 -23.73 -40.95
CA GLU V 126 -4.05 -24.08 -40.33
C GLU V 126 -4.19 -25.40 -39.57
N LYS V 127 -3.04 -25.96 -39.18
CA LYS V 127 -3.06 -27.19 -38.40
C LYS V 127 -3.69 -26.96 -37.03
N GLY V 128 -4.58 -27.87 -36.63
CA GLY V 128 -5.21 -27.80 -35.34
C GLY V 128 -6.45 -26.92 -35.28
N ASP V 129 -6.80 -26.26 -36.38
CA ASP V 129 -8.03 -25.50 -36.41
C ASP V 129 -9.22 -26.46 -36.32
N ARG V 130 -10.23 -26.07 -35.55
CA ARG V 130 -11.39 -26.92 -35.34
C ARG V 130 -12.61 -26.29 -36.01
N LEU V 131 -13.09 -26.94 -37.07
CA LEU V 131 -14.26 -26.52 -37.82
C LEU V 131 -15.46 -27.28 -37.28
N SER V 132 -16.61 -26.61 -37.23
CA SER V 132 -17.81 -27.21 -36.66
C SER V 132 -19.06 -26.76 -37.42
N ALA V 133 -19.90 -27.73 -37.79
CA ALA V 133 -21.17 -27.44 -38.45
C ALA V 133 -22.31 -27.54 -37.45
N GLU V 134 -23.13 -26.50 -37.36
CA GLU V 134 -24.13 -26.41 -36.32
C GLU V 134 -25.39 -25.71 -36.84
N ILE V 135 -26.51 -26.00 -36.18
CA ILE V 135 -27.83 -25.45 -36.50
C ILE V 135 -28.53 -25.03 -35.22
N ASN V 136 -29.50 -24.11 -35.34
CA ASN V 136 -30.13 -23.54 -34.16
C ASN V 136 -31.27 -24.39 -33.61
N ARG V 137 -32.02 -25.08 -34.47
CA ARG V 137 -33.16 -25.91 -34.07
C ARG V 137 -32.89 -27.34 -34.50
N PRO V 138 -32.16 -28.12 -33.69
CA PRO V 138 -31.88 -29.51 -34.02
C PRO V 138 -33.05 -30.47 -33.81
N ASP V 139 -34.22 -29.93 -33.49
CA ASP V 139 -35.44 -30.70 -33.34
C ASP V 139 -36.23 -30.77 -34.64
N TYR V 140 -35.84 -29.99 -35.63
CA TYR V 140 -36.46 -30.03 -36.95
C TYR V 140 -35.59 -30.75 -37.96
N LEU V 141 -34.49 -31.35 -37.52
CA LEU V 141 -33.61 -32.03 -38.46
C LEU V 141 -34.30 -33.28 -39.00
N ASP V 142 -34.27 -33.45 -40.31
CA ASP V 142 -34.87 -34.60 -40.96
C ASP V 142 -33.76 -35.43 -41.59
N PHE V 143 -33.17 -36.31 -40.79
CA PHE V 143 -32.16 -37.26 -41.24
C PHE V 143 -32.77 -38.62 -41.58
N ALA V 144 -34.01 -38.62 -42.05
CA ALA V 144 -34.69 -39.88 -42.34
C ALA V 144 -34.09 -40.61 -43.52
N GLU V 145 -33.77 -39.89 -44.61
CA GLU V 145 -33.25 -40.61 -45.77
C GLU V 145 -31.72 -40.57 -45.79
N SER V 146 -31.13 -40.66 -46.98
CA SER V 146 -29.68 -40.80 -47.12
C SER V 146 -29.08 -39.52 -47.68
N GLY V 147 -28.05 -39.02 -47.03
CA GLY V 147 -27.38 -37.81 -47.46
C GLY V 147 -28.29 -36.60 -47.47
N GLN V 148 -29.14 -36.47 -46.45
CA GLN V 148 -29.95 -35.27 -46.34
C GLN V 148 -29.28 -34.24 -45.45
N VAL V 149 -28.40 -34.70 -44.55
CA VAL V 149 -27.60 -33.82 -43.71
C VAL V 149 -26.17 -34.35 -43.77
N TYR V 150 -25.22 -33.47 -44.08
CA TYR V 150 -23.83 -33.91 -44.19
C TYR V 150 -22.93 -32.69 -44.06
N PHE V 151 -21.63 -32.95 -43.98
CA PHE V 151 -20.62 -31.92 -43.72
C PHE V 151 -19.24 -32.48 -44.00
N GLY V 152 -18.43 -31.76 -44.77
CA GLY V 152 -17.13 -32.28 -45.14
C GLY V 152 -16.17 -31.23 -45.64
N ILE V 153 -14.89 -31.57 -45.64
CA ILE V 153 -13.84 -30.73 -46.20
C ILE V 153 -12.91 -31.61 -47.01
N ILE V 154 -12.21 -30.98 -47.95
CA ILE V 154 -11.25 -31.67 -48.81
C ILE V 154 -10.10 -30.71 -49.07
N ALA V 155 -8.88 -31.19 -48.90
CA ALA V 155 -7.69 -30.37 -49.10
C ALA V 155 -7.45 -30.21 -50.59
N LEU V 156 -7.63 -28.99 -51.08
CA LEU V 156 -7.39 -28.65 -52.48
C LEU V 156 -5.91 -28.35 -52.69
N SER W 4 5.35 -20.06 -42.60
CA SER W 4 4.33 -21.04 -42.95
C SER W 4 4.92 -22.17 -43.79
N ARG W 5 4.04 -23.05 -44.26
CA ARG W 5 4.44 -24.07 -45.21
C ARG W 5 4.44 -23.50 -46.63
N THR W 6 4.92 -24.29 -47.58
CA THR W 6 5.01 -23.87 -48.98
C THR W 6 3.63 -23.50 -49.49
N PRO W 7 3.39 -22.24 -49.81
CA PRO W 7 2.04 -21.80 -50.18
C PRO W 7 1.59 -22.45 -51.48
N SER W 8 0.31 -22.81 -51.52
CA SER W 8 -0.22 -23.37 -52.76
C SER W 8 -0.17 -22.33 -53.85
N ASP W 9 -0.18 -22.79 -55.10
CA ASP W 9 -0.02 -21.90 -56.23
C ASP W 9 -1.26 -21.80 -57.10
N LYS W 10 -2.27 -22.64 -56.90
CA LYS W 10 -3.42 -22.62 -57.78
C LYS W 10 -4.16 -21.32 -57.55
N PRO W 11 -4.48 -20.56 -58.61
CA PRO W 11 -5.18 -19.29 -58.42
C PRO W 11 -6.45 -19.46 -57.61
N VAL W 12 -6.61 -18.60 -56.61
CA VAL W 12 -7.72 -18.68 -55.67
C VAL W 12 -8.23 -17.28 -55.36
N ALA W 13 -9.51 -17.22 -55.02
CA ALA W 13 -10.15 -15.98 -54.62
C ALA W 13 -11.40 -16.35 -53.85
N HIS W 14 -11.62 -15.68 -52.73
CA HIS W 14 -12.86 -15.81 -51.97
C HIS W 14 -13.14 -14.45 -51.37
N VAL W 15 -14.02 -13.71 -52.03
CA VAL W 15 -14.32 -12.33 -51.65
C VAL W 15 -15.70 -12.28 -51.01
N VAL W 16 -15.85 -11.35 -50.07
CA VAL W 16 -17.07 -11.21 -49.28
C VAL W 16 -17.56 -9.78 -49.42
N ALA W 17 -18.87 -9.60 -49.32
CA ALA W 17 -19.47 -8.29 -49.50
C ALA W 17 -19.09 -7.33 -48.37
N ASN W 18 -19.05 -6.05 -48.71
CA ASN W 18 -18.76 -5.00 -47.74
C ASN W 18 -20.01 -4.68 -46.93
N PRO W 19 -20.00 -4.86 -45.62
CA PRO W 19 -21.19 -4.50 -44.81
C PRO W 19 -21.42 -3.02 -44.72
N GLN W 20 -20.35 -2.23 -44.84
CA GLN W 20 -20.36 -0.76 -44.71
C GLN W 20 -20.77 -0.05 -46.00
N ALA W 21 -21.68 -0.65 -46.78
CA ALA W 21 -22.16 -0.05 -48.02
C ALA W 21 -23.63 -0.38 -48.23
N GLU W 22 -24.50 0.60 -47.97
CA GLU W 22 -25.94 0.38 -48.09
C GLU W 22 -26.39 0.15 -49.52
N GLY W 23 -27.29 -0.83 -49.70
CA GLY W 23 -27.90 -1.15 -50.98
C GLY W 23 -26.97 -1.45 -52.13
N GLN W 24 -25.79 -2.02 -51.87
CA GLN W 24 -24.88 -2.29 -52.97
C GLN W 24 -24.02 -3.50 -52.65
N LEU W 25 -23.53 -4.15 -53.70
CA LEU W 25 -22.73 -5.37 -53.59
C LEU W 25 -21.27 -5.07 -53.95
N GLN W 26 -20.50 -4.67 -52.95
CA GLN W 26 -19.07 -4.40 -53.13
C GLN W 26 -18.25 -5.55 -52.57
N TRP W 27 -17.39 -6.14 -53.41
CA TRP W 27 -16.57 -7.28 -53.02
C TRP W 27 -15.25 -6.81 -52.42
N LEU W 28 -14.85 -7.45 -51.32
CA LEU W 28 -13.62 -7.10 -50.62
C LEU W 28 -12.69 -8.30 -50.54
N ASN W 29 -11.38 -8.01 -50.47
CA ASN W 29 -10.34 -9.02 -50.34
C ASN W 29 -9.47 -8.84 -49.11
N ARG W 30 -9.42 -7.66 -48.52
CA ARG W 30 -8.60 -7.41 -47.33
C ARG W 30 -9.42 -7.66 -46.05
N ARG W 31 -9.86 -8.90 -45.91
CA ARG W 31 -10.63 -9.31 -44.74
C ARG W 31 -10.13 -10.65 -44.25
N ALA W 32 -10.25 -10.85 -42.92
CA ALA W 32 -9.76 -12.01 -42.19
C ALA W 32 -9.73 -13.30 -43.01
N ASN W 33 -10.90 -13.89 -43.24
CA ASN W 33 -11.03 -15.17 -43.94
C ASN W 33 -11.39 -15.00 -45.41
N ALA W 34 -10.73 -14.07 -46.09
CA ALA W 34 -10.96 -13.81 -47.49
C ALA W 34 -9.64 -13.91 -48.25
N LEU W 35 -9.74 -14.30 -49.53
CA LEU W 35 -8.57 -14.57 -50.35
C LEU W 35 -8.69 -13.88 -51.71
N LEU W 36 -7.52 -13.52 -52.25
CA LEU W 36 -7.40 -13.01 -53.63
C LEU W 36 -5.92 -13.09 -54.00
N ALA W 37 -5.51 -14.19 -54.62
CA ALA W 37 -4.09 -14.42 -54.80
C ALA W 37 -3.82 -15.27 -56.04
N ASN W 38 -2.52 -15.38 -56.35
CA ASN W 38 -2.02 -16.25 -57.42
C ASN W 38 -2.54 -15.84 -58.80
N GLY W 39 -2.71 -14.54 -59.01
CA GLY W 39 -2.98 -13.99 -60.32
C GLY W 39 -4.39 -13.44 -60.49
N VAL W 40 -5.32 -13.89 -59.66
CA VAL W 40 -6.70 -13.40 -59.75
C VAL W 40 -6.70 -11.93 -59.38
N GLU W 41 -7.24 -11.11 -60.27
CA GLU W 41 -7.39 -9.68 -60.03
C GLU W 41 -8.86 -9.42 -59.79
N LEU W 42 -9.15 -8.52 -58.86
CA LEU W 42 -10.52 -8.09 -58.61
C LEU W 42 -10.58 -6.69 -59.19
N ARG W 43 -11.16 -6.58 -60.38
CA ARG W 43 -11.20 -5.27 -60.99
C ARG W 43 -12.46 -4.53 -60.53
N ASP W 44 -13.34 -4.17 -61.47
CA ASP W 44 -14.51 -3.37 -61.12
C ASP W 44 -15.67 -4.31 -60.77
N ASN W 45 -15.54 -4.91 -59.58
CA ASN W 45 -16.44 -5.94 -59.09
C ASN W 45 -16.53 -7.14 -60.05
N GLN W 46 -15.44 -7.44 -60.73
CA GLN W 46 -15.35 -8.59 -61.62
C GLN W 46 -14.00 -9.27 -61.39
N LEU W 47 -14.01 -10.60 -61.43
CA LEU W 47 -12.79 -11.37 -61.26
C LEU W 47 -12.18 -11.68 -62.64
N VAL W 48 -10.88 -11.46 -62.77
CA VAL W 48 -10.17 -11.67 -64.04
C VAL W 48 -9.35 -12.94 -63.90
N VAL W 49 -9.68 -13.94 -64.70
CA VAL W 49 -8.98 -15.24 -64.65
C VAL W 49 -7.58 -15.07 -65.23
N PRO W 50 -6.54 -15.53 -64.54
CA PRO W 50 -5.17 -15.28 -65.03
C PRO W 50 -4.63 -16.34 -65.98
N SER W 51 -5.26 -17.51 -66.04
CA SER W 51 -4.73 -18.59 -66.87
C SER W 51 -5.83 -19.56 -67.27
N GLU W 52 -5.62 -20.22 -68.40
CA GLU W 52 -6.55 -21.22 -68.89
C GLU W 52 -6.50 -22.47 -68.04
N GLY W 53 -7.68 -23.04 -67.77
CA GLY W 53 -7.76 -24.26 -67.00
C GLY W 53 -9.17 -24.49 -66.51
N LEU W 54 -9.29 -25.50 -65.63
CA LEU W 54 -10.57 -25.83 -65.01
C LEU W 54 -10.66 -25.14 -63.67
N TYR W 55 -11.74 -24.38 -63.48
CA TYR W 55 -11.95 -23.66 -62.23
C TYR W 55 -13.26 -24.10 -61.61
N LEU W 56 -13.35 -23.93 -60.30
CA LEU W 56 -14.59 -24.14 -59.57
C LEU W 56 -15.13 -22.76 -59.19
N ILE W 57 -16.33 -22.45 -59.67
CA ILE W 57 -16.95 -21.16 -59.44
C ILE W 57 -18.14 -21.39 -58.53
N TYR W 58 -18.25 -20.59 -57.48
CA TYR W 58 -19.35 -20.71 -56.53
C TYR W 58 -19.69 -19.34 -55.99
N SER W 59 -20.91 -19.19 -55.50
CA SER W 59 -21.34 -17.96 -54.86
C SER W 59 -22.62 -18.22 -54.10
N GLN W 60 -22.76 -17.54 -52.97
CA GLN W 60 -23.99 -17.56 -52.20
C GLN W 60 -24.41 -16.12 -51.90
N VAL W 61 -25.70 -15.86 -51.93
CA VAL W 61 -26.27 -14.55 -51.58
C VAL W 61 -27.43 -14.78 -50.63
N LEU W 62 -27.53 -13.94 -49.61
CA LEU W 62 -28.63 -14.02 -48.64
C LEU W 62 -29.47 -12.77 -48.78
N PHE W 63 -30.77 -12.96 -49.03
CA PHE W 63 -31.73 -11.89 -49.19
C PHE W 63 -32.61 -11.81 -47.94
N LYS W 64 -32.83 -10.61 -47.42
CA LYS W 64 -33.72 -10.45 -46.27
C LYS W 64 -34.61 -9.22 -46.47
N GLY W 65 -35.88 -9.40 -46.14
CA GLY W 65 -36.85 -8.31 -46.16
C GLY W 65 -37.74 -8.40 -44.94
N GLN W 66 -38.40 -7.29 -44.62
CA GLN W 66 -39.25 -7.29 -43.44
C GLN W 66 -40.70 -7.58 -43.81
N GLY W 67 -41.24 -6.81 -44.74
CA GLY W 67 -42.61 -6.96 -45.18
C GLY W 67 -42.69 -7.67 -46.51
N CYS W 68 -43.86 -8.23 -46.79
CA CYS W 68 -44.08 -8.85 -48.08
C CYS W 68 -44.78 -7.78 -48.91
N PRO W 69 -44.05 -7.16 -49.82
CA PRO W 69 -44.60 -6.02 -50.55
C PRO W 69 -45.54 -6.42 -51.66
N SER W 70 -45.43 -5.74 -52.81
CA SER W 70 -46.25 -6.04 -53.96
C SER W 70 -46.06 -7.50 -54.33
N THR W 71 -47.15 -8.26 -54.28
CA THR W 71 -47.14 -9.72 -54.38
C THR W 71 -46.09 -10.32 -55.30
N HIS W 72 -45.89 -9.71 -56.47
CA HIS W 72 -44.94 -10.22 -57.45
C HIS W 72 -43.58 -9.59 -57.21
N VAL W 73 -42.61 -10.41 -56.81
CA VAL W 73 -41.23 -9.99 -56.59
C VAL W 73 -40.30 -11.09 -57.11
N LEU W 74 -39.25 -10.70 -57.83
CA LEU W 74 -38.30 -11.64 -58.42
C LEU W 74 -36.90 -11.43 -57.82
N LEU W 75 -36.38 -12.48 -57.19
CA LEU W 75 -35.02 -12.49 -56.65
C LEU W 75 -34.16 -13.37 -57.55
N THR W 76 -33.10 -12.82 -58.10
CA THR W 76 -32.21 -13.60 -58.97
C THR W 76 -30.77 -13.46 -58.50
N HIS W 77 -29.97 -14.45 -58.88
CA HIS W 77 -28.55 -14.52 -58.55
C HIS W 77 -27.87 -15.27 -59.67
N THR W 78 -26.91 -14.62 -60.33
CA THR W 78 -26.30 -15.19 -61.53
C THR W 78 -24.81 -14.92 -61.52
N ILE W 79 -24.04 -15.91 -61.97
CA ILE W 79 -22.62 -15.77 -62.23
C ILE W 79 -22.44 -15.74 -63.73
N SER W 80 -21.88 -14.65 -64.25
CA SER W 80 -21.76 -14.44 -65.68
C SER W 80 -20.30 -14.48 -66.10
N ARG W 81 -20.08 -14.70 -67.39
CA ARG W 81 -18.73 -14.76 -67.94
C ARG W 81 -18.71 -14.05 -69.27
N ILE W 82 -17.83 -13.07 -69.41
CA ILE W 82 -17.54 -12.44 -70.69
C ILE W 82 -16.12 -12.83 -71.09
N ALA W 83 -16.00 -13.57 -72.19
CA ALA W 83 -14.73 -14.12 -72.62
C ALA W 83 -14.17 -13.33 -73.80
N VAL W 84 -12.85 -13.44 -73.99
CA VAL W 84 -12.19 -12.80 -75.12
C VAL W 84 -12.58 -13.46 -76.44
N SER W 85 -12.90 -14.75 -76.42
CA SER W 85 -13.27 -15.44 -77.66
C SER W 85 -14.67 -15.06 -78.10
N TYR W 86 -15.57 -14.83 -77.14
CA TYR W 86 -16.96 -14.45 -77.43
C TYR W 86 -17.30 -13.32 -76.48
N GLN W 87 -17.28 -12.09 -76.98
CA GLN W 87 -17.37 -10.88 -76.18
C GLN W 87 -18.81 -10.54 -75.81
N THR W 88 -19.58 -11.52 -75.35
CA THR W 88 -20.94 -11.29 -74.88
C THR W 88 -21.08 -11.89 -73.48
N LYS W 89 -21.73 -11.14 -72.58
CA LYS W 89 -21.92 -11.64 -71.22
C LYS W 89 -22.97 -12.75 -71.23
N VAL W 90 -22.56 -13.94 -70.84
CA VAL W 90 -23.44 -15.10 -70.78
C VAL W 90 -23.41 -15.67 -69.37
N ASN W 91 -24.55 -16.21 -68.96
CA ASN W 91 -24.70 -16.77 -67.62
C ASN W 91 -24.12 -18.18 -67.57
N LEU W 92 -23.28 -18.44 -66.56
CA LEU W 92 -22.81 -19.79 -66.30
C LEU W 92 -23.73 -20.50 -65.30
N LEU W 93 -24.09 -19.83 -64.21
CA LEU W 93 -25.00 -20.36 -63.21
C LEU W 93 -26.01 -19.28 -62.85
N SER W 94 -27.26 -19.67 -62.70
CA SER W 94 -28.33 -18.73 -62.40
C SER W 94 -29.40 -19.44 -61.58
N ALA W 95 -30.14 -18.65 -60.81
CA ALA W 95 -31.22 -19.19 -60.00
C ALA W 95 -32.25 -18.10 -59.77
N ILE W 96 -33.50 -18.51 -59.63
CA ILE W 96 -34.62 -17.61 -59.39
C ILE W 96 -35.36 -18.10 -58.16
N LYS W 97 -35.88 -17.15 -57.38
CA LYS W 97 -36.59 -17.52 -56.17
C LYS W 97 -37.67 -16.49 -55.86
N SER W 98 -38.85 -16.98 -55.48
CA SER W 98 -39.97 -16.12 -55.10
C SER W 98 -40.05 -16.07 -53.58
N PRO W 99 -39.76 -14.92 -52.94
CA PRO W 99 -39.64 -14.90 -51.47
C PRO W 99 -40.96 -14.79 -50.74
N CYS W 100 -41.91 -14.05 -51.31
CA CYS W 100 -43.23 -13.84 -50.71
C CYS W 100 -44.22 -14.38 -51.73
N GLN W 101 -44.88 -15.48 -51.35
CA GLN W 101 -45.82 -16.14 -52.24
C GLN W 101 -47.17 -15.50 -52.00
N ARG W 102 -47.36 -14.34 -52.63
CA ARG W 102 -48.57 -13.53 -52.46
C ARG W 102 -48.67 -12.98 -51.06
N GLU W 103 -49.48 -13.65 -50.22
CA GLU W 103 -49.72 -13.29 -48.83
C GLU W 103 -50.21 -11.86 -48.65
N THR W 104 -49.28 -10.97 -48.31
CA THR W 104 -49.50 -9.56 -47.98
C THR W 104 -50.62 -9.47 -46.95
N PRO W 105 -50.27 -9.44 -45.66
CA PRO W 105 -51.28 -9.50 -44.60
C PRO W 105 -52.25 -8.32 -44.67
N GLU W 106 -53.54 -8.65 -44.80
CA GLU W 106 -54.61 -7.65 -44.89
C GLU W 106 -54.74 -6.93 -43.55
N GLY W 107 -54.25 -5.69 -43.48
CA GLY W 107 -54.22 -4.92 -42.27
C GLY W 107 -53.28 -5.42 -41.19
N ALA W 108 -52.86 -6.70 -41.24
CA ALA W 108 -51.96 -7.27 -40.25
C ALA W 108 -50.51 -6.95 -40.57
N GLU W 109 -49.64 -7.21 -39.60
CA GLU W 109 -48.21 -6.97 -39.77
C GLU W 109 -47.55 -8.13 -40.49
N ALA W 110 -46.49 -7.81 -41.25
CA ALA W 110 -45.73 -8.80 -41.98
C ALA W 110 -44.44 -9.11 -41.22
N LYS W 111 -44.05 -10.36 -41.22
CA LYS W 111 -42.88 -10.71 -40.44
C LYS W 111 -41.67 -10.82 -41.35
N PRO W 112 -40.47 -10.61 -40.83
CA PRO W 112 -39.27 -10.61 -41.69
C PRO W 112 -38.94 -11.99 -42.24
N TRP W 113 -38.75 -12.04 -43.56
CA TRP W 113 -38.39 -13.26 -44.29
C TRP W 113 -36.91 -13.26 -44.67
N TYR W 114 -36.34 -14.46 -44.71
CA TYR W 114 -34.95 -14.70 -45.10
C TYR W 114 -34.91 -15.76 -46.19
N GLU W 115 -34.15 -15.51 -47.26
CA GLU W 115 -33.97 -16.50 -48.32
C GLU W 115 -32.52 -16.53 -48.80
N PRO W 116 -31.83 -17.68 -48.64
CA PRO W 116 -30.48 -17.80 -49.20
C PRO W 116 -30.51 -18.45 -50.58
N ILE W 117 -29.48 -18.23 -51.40
CA ILE W 117 -29.39 -18.82 -52.74
C ILE W 117 -27.92 -19.21 -52.96
N TYR W 118 -27.68 -20.44 -53.40
CA TYR W 118 -26.32 -20.91 -53.59
C TYR W 118 -26.12 -21.44 -55.01
N LEU W 119 -24.96 -21.16 -55.58
CA LEU W 119 -24.59 -21.58 -56.93
C LEU W 119 -23.17 -22.14 -56.89
N GLY W 120 -22.95 -23.21 -57.66
CA GLY W 120 -21.62 -23.78 -57.75
C GLY W 120 -21.48 -24.72 -58.93
N GLY W 121 -20.30 -24.72 -59.56
CA GLY W 121 -20.07 -25.59 -60.69
C GLY W 121 -18.63 -25.48 -61.17
N VAL W 122 -18.27 -26.42 -62.04
CA VAL W 122 -16.94 -26.47 -62.63
C VAL W 122 -17.06 -26.03 -64.08
N PHE W 123 -16.13 -25.18 -64.52
CA PHE W 123 -16.16 -24.62 -65.86
C PHE W 123 -14.73 -24.47 -66.37
N GLN W 124 -14.59 -24.41 -67.70
CA GLN W 124 -13.32 -24.10 -68.32
C GLN W 124 -13.30 -22.63 -68.69
N LEU W 125 -12.32 -21.90 -68.15
CA LEU W 125 -12.14 -20.49 -68.35
C LEU W 125 -10.82 -20.22 -69.07
N GLU W 126 -10.79 -19.10 -69.77
CA GLU W 126 -9.62 -18.68 -70.53
C GLU W 126 -8.99 -17.46 -69.87
N LYS W 127 -7.81 -17.10 -70.36
CA LYS W 127 -7.11 -15.93 -69.89
C LYS W 127 -7.92 -14.67 -70.18
N GLY W 128 -8.06 -13.81 -69.19
CA GLY W 128 -8.73 -12.54 -69.38
C GLY W 128 -10.24 -12.59 -69.27
N ASP W 129 -10.83 -13.76 -69.02
CA ASP W 129 -12.26 -13.83 -68.84
C ASP W 129 -12.68 -13.04 -67.61
N ARG W 130 -13.80 -12.34 -67.73
CA ARG W 130 -14.28 -11.45 -66.68
C ARG W 130 -15.55 -12.07 -66.14
N LEU W 131 -15.48 -12.60 -64.93
CA LEU W 131 -16.63 -13.20 -64.29
C LEU W 131 -17.29 -12.17 -63.40
N SER W 132 -18.62 -12.21 -63.34
CA SER W 132 -19.38 -11.26 -62.56
C SER W 132 -20.54 -11.99 -61.92
N ALA W 133 -20.56 -11.98 -60.59
CA ALA W 133 -21.66 -12.51 -59.82
C ALA W 133 -22.48 -11.31 -59.37
N GLU W 134 -23.75 -11.30 -59.72
CA GLU W 134 -24.60 -10.14 -59.53
C GLU W 134 -25.99 -10.59 -59.15
N ILE W 135 -26.74 -9.66 -58.57
CA ILE W 135 -28.11 -9.87 -58.18
C ILE W 135 -28.93 -8.70 -58.69
N ASN W 136 -30.23 -8.94 -58.88
CA ASN W 136 -31.08 -7.92 -59.49
C ASN W 136 -31.62 -6.93 -58.47
N ARG W 137 -31.78 -7.36 -57.21
CA ARG W 137 -32.38 -6.57 -56.15
C ARG W 137 -31.33 -6.33 -55.07
N PRO W 138 -30.47 -5.33 -55.23
CA PRO W 138 -29.44 -5.04 -54.22
C PRO W 138 -29.96 -4.29 -53.01
N ASP W 139 -31.27 -4.09 -52.89
CA ASP W 139 -31.87 -3.47 -51.73
C ASP W 139 -32.34 -4.49 -50.70
N TYR W 140 -32.31 -5.77 -51.04
CA TYR W 140 -32.69 -6.84 -50.11
C TYR W 140 -31.47 -7.59 -49.57
N LEU W 141 -30.26 -7.08 -49.80
CA LEU W 141 -29.05 -7.73 -49.31
C LEU W 141 -28.95 -7.71 -47.79
N ASP W 142 -28.53 -8.84 -47.22
CA ASP W 142 -28.25 -8.97 -45.79
C ASP W 142 -26.74 -9.15 -45.66
N PHE W 143 -26.02 -8.03 -45.58
CA PHE W 143 -24.59 -8.08 -45.35
C PHE W 143 -24.22 -7.90 -43.89
N ALA W 144 -25.17 -8.17 -43.00
CA ALA W 144 -24.95 -8.11 -41.56
C ALA W 144 -24.19 -9.36 -41.12
N GLU W 145 -23.84 -9.41 -39.83
CA GLU W 145 -23.12 -10.56 -39.29
C GLU W 145 -21.89 -10.88 -40.13
N SER W 146 -21.62 -12.17 -40.26
CA SER W 146 -20.45 -12.72 -40.90
C SER W 146 -20.84 -13.30 -42.25
N GLY W 147 -19.86 -13.84 -42.96
CA GLY W 147 -20.01 -14.53 -44.22
C GLY W 147 -21.36 -15.03 -44.72
N GLN W 148 -22.30 -14.13 -44.99
CA GLN W 148 -23.59 -14.52 -45.53
C GLN W 148 -23.69 -14.38 -47.04
N VAL W 149 -22.89 -13.52 -47.66
CA VAL W 149 -22.83 -13.37 -49.11
C VAL W 149 -21.37 -13.37 -49.53
N TYR W 150 -21.04 -14.20 -50.53
CA TYR W 150 -19.66 -14.37 -50.95
C TYR W 150 -19.64 -14.93 -52.37
N PHE W 151 -18.42 -15.02 -52.92
CA PHE W 151 -18.21 -15.37 -54.32
C PHE W 151 -16.74 -15.68 -54.50
N GLY W 152 -16.44 -16.81 -55.15
CA GLY W 152 -15.05 -17.22 -55.25
C GLY W 152 -14.79 -18.22 -56.35
N ILE W 153 -13.50 -18.30 -56.73
CA ILE W 153 -13.01 -19.28 -57.71
C ILE W 153 -11.70 -19.88 -57.23
N ILE W 154 -11.41 -21.08 -57.72
CA ILE W 154 -10.16 -21.77 -57.45
C ILE W 154 -9.81 -22.63 -58.67
N ALA W 155 -8.56 -22.54 -59.13
CA ALA W 155 -8.12 -23.35 -60.25
C ALA W 155 -7.89 -24.77 -59.73
N LEU W 156 -8.72 -25.71 -60.16
CA LEU W 156 -8.60 -27.10 -59.73
C LEU W 156 -7.59 -27.87 -60.57
N ALA X 2 -24.06 -13.18 -81.43
CA ALA X 2 -24.75 -14.08 -80.52
C ALA X 2 -24.20 -15.49 -80.65
N ARG X 3 -22.94 -15.60 -81.07
CA ARG X 3 -22.42 -16.83 -81.67
C ARG X 3 -23.28 -17.18 -82.87
N VAL X 4 -22.76 -16.89 -84.05
CA VAL X 4 -23.39 -17.09 -85.36
C VAL X 4 -24.50 -16.05 -85.46
N ASP X 5 -24.47 -15.23 -86.51
CA ASP X 5 -25.46 -14.20 -86.73
C ASP X 5 -26.04 -14.45 -88.12
N GLN X 6 -27.20 -15.06 -88.17
CA GLN X 6 -27.90 -15.23 -89.43
C GLN X 6 -28.58 -13.90 -89.75
N THR X 7 -28.18 -13.28 -90.86
CA THR X 7 -28.56 -11.89 -91.08
C THR X 7 -29.93 -11.75 -91.72
N PRO X 8 -30.25 -12.43 -92.85
CA PRO X 8 -31.60 -12.26 -93.41
C PRO X 8 -32.61 -12.99 -92.55
N GLN X 9 -33.24 -12.26 -91.63
CA GLN X 9 -34.14 -12.89 -90.66
C GLN X 9 -35.41 -13.39 -91.34
N THR X 10 -36.16 -12.48 -91.95
CA THR X 10 -37.36 -12.82 -92.69
C THR X 10 -37.15 -12.49 -94.17
N ILE X 11 -37.31 -13.49 -95.03
CA ILE X 11 -37.20 -13.29 -96.47
C ILE X 11 -38.53 -13.71 -97.11
N THR X 12 -38.96 -12.95 -98.12
CA THR X 12 -40.16 -13.28 -98.90
C THR X 12 -39.86 -13.03 -100.38
N LYS X 13 -39.61 -14.11 -101.12
CA LYS X 13 -39.36 -14.03 -102.56
C LYS X 13 -40.36 -14.88 -103.34
N GLU X 14 -40.37 -14.67 -104.65
CA GLU X 14 -41.23 -15.36 -105.60
C GLU X 14 -40.48 -16.50 -106.29
N THR X 15 -41.27 -17.41 -106.85
CA THR X 15 -40.76 -18.54 -107.63
C THR X 15 -39.88 -18.05 -108.77
N GLY X 16 -38.72 -18.69 -108.91
CA GLY X 16 -37.81 -18.36 -109.98
C GLY X 16 -36.71 -17.42 -109.56
N GLU X 17 -36.50 -17.26 -108.25
CA GLU X 17 -35.53 -16.29 -107.76
C GLU X 17 -34.43 -16.95 -106.95
N SER X 18 -33.78 -16.19 -106.08
CA SER X 18 -32.61 -16.67 -105.36
C SER X 18 -32.46 -15.95 -104.03
N LEU X 19 -32.48 -16.71 -102.93
CA LEU X 19 -32.23 -16.15 -101.61
C LEU X 19 -30.84 -16.54 -101.14
N THR X 20 -30.11 -15.56 -100.59
CA THR X 20 -28.83 -15.80 -99.95
C THR X 20 -28.92 -15.52 -98.45
N ILE X 21 -28.49 -16.49 -97.65
CA ILE X 21 -28.47 -16.39 -96.19
C ILE X 21 -27.01 -16.36 -95.74
N ASN X 22 -26.61 -15.32 -95.02
CA ASN X 22 -25.24 -15.24 -94.52
C ASN X 22 -25.21 -15.33 -93.00
N CYS X 23 -24.20 -16.01 -92.48
CA CYS X 23 -23.98 -16.17 -91.05
C CYS X 23 -22.56 -15.72 -90.72
N VAL X 24 -22.42 -14.96 -89.63
CA VAL X 24 -21.13 -14.43 -89.19
C VAL X 24 -20.83 -15.01 -87.82
N LEU X 25 -19.62 -15.55 -87.65
CA LEU X 25 -19.22 -16.19 -86.41
C LEU X 25 -18.76 -15.14 -85.40
N ARG X 26 -19.25 -15.25 -84.16
CA ARG X 26 -18.81 -14.36 -83.11
C ARG X 26 -17.94 -15.04 -82.07
N ASP X 27 -17.97 -16.37 -82.02
CA ASP X 27 -17.13 -17.16 -81.13
C ASP X 27 -15.84 -17.51 -81.86
N SER X 28 -14.71 -17.10 -81.30
CA SER X 28 -13.43 -17.38 -81.95
C SER X 28 -13.03 -18.84 -81.86
N HIS X 29 -13.89 -19.70 -81.31
CA HIS X 29 -13.65 -21.13 -81.23
C HIS X 29 -14.37 -21.94 -82.30
N CYS X 30 -15.38 -21.37 -82.95
CA CYS X 30 -16.11 -22.09 -83.98
C CYS X 30 -15.34 -22.01 -85.29
N ALA X 31 -15.45 -23.07 -86.09
CA ALA X 31 -14.65 -23.20 -87.30
C ALA X 31 -15.51 -23.00 -88.54
N THR X 32 -14.96 -22.26 -89.52
CA THR X 32 -15.60 -22.10 -90.81
C THR X 32 -15.45 -23.33 -91.70
N SER X 33 -14.76 -24.36 -91.19
CA SER X 33 -14.55 -25.62 -91.89
C SER X 33 -15.69 -26.59 -91.67
N SER X 34 -16.29 -26.57 -90.48
CA SER X 34 -17.40 -27.46 -90.15
C SER X 34 -18.71 -26.67 -90.20
N THR X 35 -19.12 -26.31 -91.40
CA THR X 35 -20.35 -25.53 -91.60
C THR X 35 -21.45 -26.44 -92.08
N TYR X 36 -22.68 -26.19 -91.59
CA TYR X 36 -23.83 -27.04 -91.86
C TYR X 36 -25.06 -26.17 -92.10
N TRP X 37 -26.01 -26.70 -92.87
CA TRP X 37 -27.25 -26.01 -93.17
C TRP X 37 -28.43 -26.95 -92.96
N TYR X 38 -29.51 -26.42 -92.39
CA TYR X 38 -30.69 -27.22 -92.07
C TYR X 38 -31.94 -26.45 -92.49
N ARG X 39 -32.86 -27.11 -93.19
CA ARG X 39 -34.12 -26.51 -93.58
C ARG X 39 -35.27 -27.31 -92.97
N LYS X 40 -36.35 -26.63 -92.60
CA LYS X 40 -37.53 -27.31 -92.06
C LYS X 40 -38.73 -26.78 -92.86
N LYS X 41 -39.21 -27.61 -93.77
CA LYS X 41 -40.29 -27.26 -94.68
C LYS X 41 -41.62 -27.03 -93.95
N SER X 42 -42.30 -25.94 -94.33
CA SER X 42 -43.59 -25.56 -93.77
C SER X 42 -44.52 -26.77 -93.65
N GLY X 43 -44.99 -27.03 -92.43
CA GLY X 43 -45.90 -28.14 -92.19
C GLY X 43 -45.19 -29.35 -91.62
N SER X 44 -44.12 -29.76 -92.28
CA SER X 44 -43.34 -30.90 -91.82
C SER X 44 -42.61 -30.58 -90.52
N THR X 45 -42.34 -31.63 -89.74
CA THR X 45 -41.63 -31.51 -88.47
C THR X 45 -40.23 -32.08 -88.54
N ASN X 46 -39.66 -32.21 -89.73
CA ASN X 46 -38.32 -32.76 -89.90
C ASN X 46 -37.39 -31.71 -90.51
N GLU X 47 -36.27 -31.44 -89.83
CA GLU X 47 -35.23 -30.58 -90.38
C GLU X 47 -34.28 -31.42 -91.22
N GLU X 48 -34.19 -31.10 -92.50
CA GLU X 48 -33.31 -31.79 -93.41
C GLU X 48 -32.00 -31.01 -93.45
N SER X 49 -30.92 -31.72 -93.73
CA SER X 49 -29.60 -31.09 -93.78
C SER X 49 -29.30 -30.81 -95.24
N ILE X 50 -29.17 -29.54 -95.58
CA ILE X 50 -28.97 -29.15 -96.97
C ILE X 50 -27.58 -29.56 -97.42
N SER X 51 -27.50 -30.14 -98.62
CA SER X 51 -26.27 -30.66 -99.16
C SER X 51 -25.58 -29.62 -100.01
N LYS X 52 -24.25 -29.68 -100.07
CA LYS X 52 -23.45 -28.68 -100.76
C LYS X 52 -23.37 -29.16 -102.20
N GLY X 53 -24.25 -28.63 -103.05
CA GLY X 53 -24.23 -29.03 -104.45
C GLY X 53 -25.46 -28.74 -105.27
N GLY X 54 -25.26 -28.17 -106.45
CA GLY X 54 -26.32 -27.88 -107.39
C GLY X 54 -27.00 -26.54 -107.16
N ARG X 55 -28.23 -26.57 -106.65
CA ARG X 55 -28.94 -25.34 -106.35
C ARG X 55 -28.45 -24.67 -105.08
N TYR X 56 -27.75 -25.42 -104.23
CA TYR X 56 -27.26 -24.98 -102.93
C TYR X 56 -25.76 -24.71 -103.05
N VAL X 57 -25.37 -23.43 -103.17
CA VAL X 57 -23.98 -23.03 -103.30
C VAL X 57 -23.54 -22.36 -102.01
N GLU X 58 -22.33 -22.70 -101.54
CA GLU X 58 -21.79 -22.16 -100.30
C GLU X 58 -20.51 -21.37 -100.54
N THR X 59 -20.49 -20.13 -100.05
CA THR X 59 -19.33 -19.25 -100.09
C THR X 59 -18.79 -19.04 -98.68
N VAL X 60 -17.51 -19.33 -98.47
CA VAL X 60 -16.89 -19.22 -97.15
C VAL X 60 -15.65 -18.32 -97.22
N ASN X 61 -15.46 -17.51 -96.18
CA ASN X 61 -14.25 -16.74 -95.98
C ASN X 61 -13.80 -17.00 -94.55
N SER X 62 -12.72 -17.78 -94.40
CA SER X 62 -12.25 -18.17 -93.07
C SER X 62 -11.57 -17.03 -92.33
N GLY X 63 -11.04 -16.05 -93.05
CA GLY X 63 -10.40 -14.92 -92.38
C GLY X 63 -11.39 -14.11 -91.56
N SER X 64 -12.53 -13.78 -92.17
CA SER X 64 -13.58 -13.04 -91.48
C SER X 64 -14.58 -13.96 -90.80
N LYS X 65 -14.37 -15.27 -90.86
CA LYS X 65 -15.22 -16.26 -90.20
C LYS X 65 -16.68 -16.11 -90.60
N SER X 66 -16.92 -15.98 -91.91
CA SER X 66 -18.26 -15.82 -92.43
C SER X 66 -18.52 -16.84 -93.54
N PHE X 67 -19.74 -17.38 -93.58
CA PHE X 67 -20.18 -18.28 -94.63
C PHE X 67 -21.57 -17.89 -95.13
N SER X 68 -21.85 -18.21 -96.39
CA SER X 68 -23.12 -17.88 -97.01
C SER X 68 -23.68 -19.11 -97.73
N LEU X 69 -24.98 -19.06 -98.03
CA LEU X 69 -25.67 -20.12 -98.76
C LEU X 69 -26.66 -19.51 -99.75
N ARG X 70 -26.26 -19.40 -101.01
CA ARG X 70 -27.16 -18.95 -102.06
C ARG X 70 -27.92 -20.13 -102.64
N ILE X 71 -29.25 -20.01 -102.70
CA ILE X 71 -30.14 -21.03 -103.26
C ILE X 71 -30.80 -20.46 -104.50
N ASN X 72 -30.64 -21.15 -105.63
CA ASN X 72 -31.21 -20.70 -106.89
C ASN X 72 -32.48 -21.49 -107.19
N ASP X 73 -32.94 -21.39 -108.44
CA ASP X 73 -34.21 -21.95 -108.93
C ASP X 73 -35.21 -22.21 -107.80
N LEU X 74 -35.73 -21.15 -107.22
CA LEU X 74 -36.60 -21.27 -106.05
C LEU X 74 -38.02 -21.65 -106.44
N THR X 75 -38.58 -22.65 -105.77
CA THR X 75 -39.98 -23.00 -105.90
C THR X 75 -40.71 -22.67 -104.59
N VAL X 76 -41.96 -23.13 -104.48
CA VAL X 76 -42.76 -22.89 -103.27
C VAL X 76 -42.59 -24.03 -102.28
N GLU X 77 -41.90 -25.11 -102.67
CA GLU X 77 -41.60 -26.18 -101.74
C GLU X 77 -40.34 -25.88 -100.94
N ASP X 78 -39.72 -24.73 -101.18
CA ASP X 78 -38.54 -24.27 -100.48
C ASP X 78 -38.90 -23.22 -99.42
N SER X 79 -40.09 -23.36 -98.82
CA SER X 79 -40.58 -22.44 -97.81
C SER X 79 -40.43 -23.10 -96.44
N GLY X 80 -39.61 -22.51 -95.59
CA GLY X 80 -39.37 -23.10 -94.28
C GLY X 80 -38.38 -22.27 -93.50
N THR X 81 -38.03 -22.79 -92.33
CA THR X 81 -37.08 -22.13 -91.45
C THR X 81 -35.70 -22.71 -91.77
N TYR X 82 -34.80 -21.86 -92.24
CA TYR X 82 -33.44 -22.25 -92.56
C TYR X 82 -32.50 -21.81 -91.46
N ARG X 83 -31.65 -22.73 -90.99
CA ARG X 83 -30.64 -22.39 -90.00
C ARG X 83 -29.26 -22.84 -90.46
N CYS X 84 -28.24 -22.12 -90.00
CA CYS X 84 -26.83 -22.47 -90.21
C CYS X 84 -26.24 -22.99 -88.91
N ALA X 85 -25.12 -23.71 -89.03
CA ALA X 85 -24.50 -24.34 -87.87
C ALA X 85 -22.99 -24.37 -88.07
N SER X 86 -22.28 -24.44 -86.95
CA SER X 86 -20.81 -24.47 -86.97
C SER X 86 -20.34 -25.24 -85.73
N GLU X 87 -19.17 -25.85 -85.85
CA GLU X 87 -18.61 -26.67 -84.78
C GLU X 87 -17.51 -25.91 -84.06
N CYS X 88 -17.69 -25.68 -82.77
CA CYS X 88 -16.73 -24.95 -81.96
C CYS X 88 -16.00 -25.92 -81.05
N GLN X 89 -14.71 -25.64 -80.81
CA GLN X 89 -13.85 -26.51 -80.01
C GLN X 89 -12.66 -25.70 -79.54
N TYR X 90 -12.46 -25.65 -78.23
CA TYR X 90 -11.27 -25.03 -77.69
C TYR X 90 -10.49 -26.11 -76.97
N GLY X 91 -10.39 -26.02 -75.66
CA GLY X 91 -9.73 -27.01 -74.84
C GLY X 91 -10.48 -28.33 -74.66
N LEU X 92 -11.04 -28.48 -73.47
CA LEU X 92 -11.88 -29.61 -73.10
C LEU X 92 -13.32 -29.40 -73.50
N ALA X 93 -13.60 -28.34 -74.24
CA ALA X 93 -14.96 -27.94 -74.58
C ALA X 93 -15.27 -28.31 -76.02
N GLU X 94 -16.48 -28.81 -76.24
CA GLU X 94 -17.00 -29.13 -77.57
C GLU X 94 -18.46 -28.72 -77.63
N TYR X 95 -18.79 -27.85 -78.58
CA TYR X 95 -20.15 -27.36 -78.72
C TYR X 95 -20.41 -27.02 -80.17
N ASP X 96 -21.66 -26.63 -80.45
CA ASP X 96 -22.10 -26.24 -81.77
C ASP X 96 -22.97 -25.00 -81.64
N VAL X 97 -23.21 -24.31 -82.76
CA VAL X 97 -23.87 -23.01 -82.73
C VAL X 97 -24.95 -22.95 -83.80
N TYR X 98 -25.96 -22.12 -83.56
CA TYR X 98 -27.11 -22.01 -84.45
C TYR X 98 -27.57 -20.57 -84.63
N GLY X 99 -28.53 -20.41 -85.54
CA GLY X 99 -29.16 -19.13 -85.80
C GLY X 99 -30.66 -19.22 -85.96
N GLY X 100 -31.19 -18.56 -86.98
CA GLY X 100 -32.61 -18.63 -87.29
C GLY X 100 -33.04 -17.68 -88.38
N GLY X 101 -33.92 -18.12 -89.27
CA GLY X 101 -34.38 -17.28 -90.37
C GLY X 101 -35.32 -18.00 -91.31
N THR X 102 -36.46 -17.38 -91.63
CA THR X 102 -37.58 -18.01 -92.31
C THR X 102 -37.72 -17.52 -93.74
N VAL X 103 -38.19 -18.41 -94.61
CA VAL X 103 -38.39 -18.14 -96.03
C VAL X 103 -39.85 -18.39 -96.37
N VAL X 104 -40.42 -17.48 -97.14
CA VAL X 104 -41.78 -17.60 -97.68
C VAL X 104 -41.68 -17.34 -99.17
N THR X 105 -42.16 -18.29 -99.97
CA THR X 105 -42.10 -18.17 -101.42
C THR X 105 -43.50 -18.13 -102.01
N VAL X 106 -43.78 -17.10 -102.80
CA VAL X 106 -45.05 -16.96 -103.51
C VAL X 106 -44.87 -17.40 -104.95
N ASN X 107 -45.94 -17.36 -105.73
CA ASN X 107 -45.91 -17.87 -107.10
C ASN X 107 -46.71 -16.92 -108.00
N ALA X 108 -46.46 -17.03 -109.30
CA ALA X 108 -47.12 -16.20 -110.29
C ALA X 108 -48.64 -16.35 -110.24
N ALA Y 2 -11.91 -10.67 -29.58
CA ALA Y 2 -11.95 -10.03 -30.90
C ALA Y 2 -10.58 -9.47 -31.24
N ARG Y 3 -10.11 -9.75 -32.46
CA ARG Y 3 -8.85 -9.20 -32.95
C ARG Y 3 -8.80 -7.71 -32.71
N VAL Y 4 -7.77 -7.29 -31.96
CA VAL Y 4 -7.44 -5.92 -31.59
C VAL Y 4 -8.46 -5.45 -30.56
N ASP Y 5 -7.98 -5.06 -29.38
CA ASP Y 5 -8.81 -4.61 -28.25
C ASP Y 5 -8.30 -3.25 -27.80
N GLN Y 6 -9.04 -2.19 -28.08
CA GLN Y 6 -8.66 -0.86 -27.58
C GLN Y 6 -9.02 -0.73 -26.11
N THR Y 7 -8.07 -0.28 -25.31
CA THR Y 7 -8.28 -0.21 -23.86
C THR Y 7 -9.02 1.08 -23.51
N PRO Y 8 -8.56 2.30 -23.91
CA PRO Y 8 -9.32 3.51 -23.54
C PRO Y 8 -10.54 3.73 -24.42
N GLN Y 9 -11.73 3.31 -23.95
CA GLN Y 9 -12.92 3.44 -24.79
C GLN Y 9 -13.36 4.90 -24.89
N THR Y 10 -13.76 5.49 -23.77
CA THR Y 10 -14.17 6.90 -23.69
C THR Y 10 -13.30 7.68 -22.72
N ILE Y 11 -12.67 8.75 -23.20
CA ILE Y 11 -11.87 9.63 -22.35
C ILE Y 11 -12.40 11.05 -22.45
N THR Y 12 -12.28 11.81 -21.33
CA THR Y 12 -12.70 13.22 -21.25
C THR Y 12 -11.61 14.07 -20.56
N LYS Y 13 -10.53 14.37 -21.28
CA LYS Y 13 -9.48 15.18 -20.72
C LYS Y 13 -9.72 16.65 -21.03
N GLU Y 14 -9.00 17.52 -20.32
CA GLU Y 14 -9.16 18.96 -20.44
C GLU Y 14 -8.04 19.54 -21.31
N THR Y 15 -8.33 20.71 -21.90
CA THR Y 15 -7.39 21.40 -22.78
C THR Y 15 -6.07 21.70 -22.06
N GLY Y 16 -4.97 21.27 -22.67
CA GLY Y 16 -3.65 21.46 -22.13
C GLY Y 16 -3.03 20.21 -21.53
N GLU Y 17 -3.54 19.04 -21.87
CA GLU Y 17 -3.13 17.78 -21.26
C GLU Y 17 -2.55 16.81 -22.28
N SER Y 18 -2.55 15.51 -21.97
CA SER Y 18 -1.94 14.51 -22.84
C SER Y 18 -2.56 13.14 -22.59
N LEU Y 19 -3.19 12.57 -23.62
CA LEU Y 19 -3.82 11.25 -23.56
C LEU Y 19 -3.06 10.19 -24.35
N THR Y 20 -2.95 8.98 -23.77
CA THR Y 20 -2.42 7.80 -24.44
C THR Y 20 -3.52 6.75 -24.65
N ILE Y 21 -3.66 6.26 -25.88
CA ILE Y 21 -4.60 5.21 -26.25
C ILE Y 21 -3.83 3.96 -26.67
N ASN Y 22 -4.15 2.83 -26.04
CA ASN Y 22 -3.42 1.57 -26.23
C ASN Y 22 -4.30 0.53 -26.94
N CYS Y 23 -3.68 -0.26 -27.83
CA CYS Y 23 -4.33 -1.35 -28.56
C CYS Y 23 -3.53 -2.64 -28.42
N VAL Y 24 -4.23 -3.77 -28.24
CA VAL Y 24 -3.61 -5.07 -28.03
C VAL Y 24 -4.01 -6.03 -29.15
N LEU Y 25 -3.02 -6.67 -29.78
CA LEU Y 25 -3.26 -7.62 -30.87
C LEU Y 25 -3.58 -9.01 -30.32
N ARG Y 26 -4.61 -9.64 -30.91
CA ARG Y 26 -5.02 -10.98 -30.51
C ARG Y 26 -4.76 -12.07 -31.55
N ASP Y 27 -4.57 -11.72 -32.82
CA ASP Y 27 -4.27 -12.67 -33.88
C ASP Y 27 -2.76 -12.82 -34.06
N SER Y 28 -2.26 -14.05 -33.93
CA SER Y 28 -0.83 -14.29 -34.07
C SER Y 28 -0.33 -14.14 -35.51
N HIS Y 29 -1.17 -13.71 -36.44
CA HIS Y 29 -0.76 -13.42 -37.81
C HIS Y 29 -0.50 -11.95 -38.05
N CYS Y 30 -1.02 -11.08 -37.19
CA CYS Y 30 -0.83 -9.63 -37.29
C CYS Y 30 0.47 -9.23 -36.62
N ALA Y 31 1.13 -8.23 -37.21
CA ALA Y 31 2.44 -7.76 -36.78
C ALA Y 31 2.34 -6.35 -36.21
N THR Y 32 3.11 -6.08 -35.15
CA THR Y 32 3.20 -4.73 -34.59
C THR Y 32 4.06 -3.79 -35.43
N SER Y 33 4.55 -4.26 -36.58
CA SER Y 33 5.39 -3.45 -37.45
C SER Y 33 4.58 -2.56 -38.39
N SER Y 34 3.46 -3.04 -38.90
CA SER Y 34 2.63 -2.24 -39.79
C SER Y 34 1.40 -1.73 -39.04
N THR Y 35 1.64 -0.79 -38.14
CA THR Y 35 0.61 -0.21 -37.29
C THR Y 35 0.25 1.18 -37.82
N TYR Y 36 -1.03 1.53 -37.74
CA TYR Y 36 -1.52 2.80 -38.25
C TYR Y 36 -2.59 3.36 -37.32
N TRP Y 37 -2.75 4.68 -37.34
CA TRP Y 37 -3.73 5.36 -36.50
C TRP Y 37 -4.57 6.30 -37.36
N TYR Y 38 -5.87 6.37 -37.02
CA TYR Y 38 -6.86 7.17 -37.75
C TYR Y 38 -7.71 7.98 -36.78
N ARG Y 39 -7.92 9.25 -37.14
CA ARG Y 39 -8.78 10.15 -36.38
C ARG Y 39 -9.94 10.58 -37.28
N LYS Y 40 -11.10 10.78 -36.66
CA LYS Y 40 -12.31 11.25 -37.34
C LYS Y 40 -12.82 12.44 -36.54
N LYS Y 41 -12.62 13.64 -37.07
CA LYS Y 41 -13.01 14.84 -36.34
C LYS Y 41 -14.53 14.93 -36.18
N SER Y 42 -14.96 15.12 -34.94
CA SER Y 42 -16.37 15.27 -34.62
C SER Y 42 -17.02 16.31 -35.50
N GLY Y 43 -18.09 15.93 -36.20
CA GLY Y 43 -18.78 16.84 -37.09
C GLY Y 43 -18.48 16.65 -38.56
N SER Y 44 -17.50 15.81 -38.89
CA SER Y 44 -17.14 15.50 -40.26
C SER Y 44 -17.06 13.99 -40.40
N THR Y 45 -17.10 13.50 -41.65
CA THR Y 45 -17.11 12.07 -41.91
C THR Y 45 -15.76 11.50 -42.34
N ASN Y 46 -14.98 12.22 -43.15
CA ASN Y 46 -13.69 11.72 -43.59
C ASN Y 46 -12.80 11.35 -42.41
N GLU Y 47 -12.33 10.10 -42.41
CA GLU Y 47 -11.35 9.65 -41.43
C GLU Y 47 -9.96 10.00 -41.93
N GLU Y 48 -9.24 10.83 -41.18
CA GLU Y 48 -7.91 11.24 -41.55
C GLU Y 48 -6.88 10.30 -40.93
N SER Y 49 -5.70 10.28 -41.55
CA SER Y 49 -4.63 9.40 -41.15
C SER Y 49 -3.70 10.21 -40.26
N ILE Y 50 -3.55 9.78 -39.01
CA ILE Y 50 -2.71 10.52 -38.08
C ILE Y 50 -1.26 10.31 -38.46
N SER Y 51 -0.50 11.40 -38.52
CA SER Y 51 0.90 11.32 -38.87
C SER Y 51 1.69 11.29 -37.57
N LYS Y 52 2.63 10.37 -37.48
CA LYS Y 52 3.32 10.18 -36.21
C LYS Y 52 4.50 11.14 -36.21
N GLY Y 53 4.37 12.21 -35.45
CA GLY Y 53 5.41 13.20 -35.36
C GLY Y 53 4.90 14.47 -34.72
N GLY Y 54 5.67 14.97 -33.77
CA GLY Y 54 5.32 16.18 -33.06
C GLY Y 54 4.37 15.88 -31.90
N ARG Y 55 3.09 16.18 -32.09
CA ARG Y 55 2.09 15.93 -31.06
C ARG Y 55 1.66 14.47 -30.99
N TYR Y 56 1.83 13.72 -32.07
CA TYR Y 56 1.39 12.33 -32.15
C TYR Y 56 2.61 11.40 -32.07
N VAL Y 57 2.88 10.84 -30.89
CA VAL Y 57 3.98 9.90 -30.71
C VAL Y 57 3.42 8.50 -30.48
N GLU Y 58 4.05 7.50 -31.11
CA GLU Y 58 3.61 6.11 -31.07
C GLU Y 58 4.63 5.22 -30.37
N THR Y 59 4.17 4.46 -29.39
CA THR Y 59 4.99 3.49 -28.67
C THR Y 59 4.56 2.06 -29.01
N VAL Y 60 5.50 1.13 -28.84
CA VAL Y 60 5.29 -0.27 -29.16
C VAL Y 60 5.90 -1.17 -28.07
N ASN Y 61 5.22 -2.27 -27.77
CA ASN Y 61 5.76 -3.32 -26.90
C ASN Y 61 5.58 -4.65 -27.64
N SER Y 62 6.70 -5.21 -28.10
CA SER Y 62 6.70 -6.43 -28.92
C SER Y 62 6.40 -7.71 -28.15
N GLY Y 63 6.66 -7.74 -26.84
CA GLY Y 63 6.44 -8.98 -26.09
C GLY Y 63 4.97 -9.38 -26.07
N SER Y 64 4.10 -8.44 -25.72
CA SER Y 64 2.67 -8.68 -25.70
C SER Y 64 1.97 -8.29 -26.99
N LYS Y 65 2.71 -7.82 -28.00
CA LYS Y 65 2.15 -7.39 -29.28
C LYS Y 65 1.10 -6.29 -29.13
N SER Y 66 1.46 -5.25 -28.39
CA SER Y 66 0.58 -4.11 -28.13
C SER Y 66 1.31 -2.82 -28.51
N PHE Y 67 0.57 -1.86 -29.06
CA PHE Y 67 1.12 -0.53 -29.36
C PHE Y 67 0.19 0.55 -28.84
N SER Y 68 0.75 1.72 -28.52
CA SER Y 68 -0.02 2.84 -28.00
C SER Y 68 0.33 4.11 -28.76
N LEU Y 69 -0.48 5.15 -28.55
CA LEU Y 69 -0.30 6.45 -29.23
C LEU Y 69 -0.56 7.58 -28.23
N ARG Y 70 0.52 8.15 -27.70
CA ARG Y 70 0.42 9.33 -26.84
C ARG Y 70 0.30 10.61 -27.66
N ILE Y 71 -0.69 11.42 -27.33
CA ILE Y 71 -0.91 12.73 -27.95
C ILE Y 71 -0.66 13.77 -26.88
N ASN Y 72 0.29 14.67 -27.12
CA ASN Y 72 0.58 15.74 -26.20
C ASN Y 72 -0.05 17.03 -26.71
N ASP Y 73 0.40 18.16 -26.14
CA ASP Y 73 -0.14 19.50 -26.39
C ASP Y 73 -1.59 19.45 -26.84
N LEU Y 74 -2.51 19.11 -25.95
CA LEU Y 74 -3.91 18.94 -26.35
C LEU Y 74 -4.61 20.28 -26.54
N THR Y 75 -5.30 20.41 -27.66
CA THR Y 75 -6.15 21.55 -27.93
C THR Y 75 -7.62 21.10 -27.82
N VAL Y 76 -8.54 22.01 -28.15
CA VAL Y 76 -9.95 21.68 -28.11
C VAL Y 76 -10.48 21.24 -29.46
N GLU Y 77 -9.68 21.38 -30.53
CA GLU Y 77 -10.08 20.91 -31.85
C GLU Y 77 -9.67 19.46 -32.11
N ASP Y 78 -9.09 18.79 -31.12
CA ASP Y 78 -8.69 17.38 -31.23
C ASP Y 78 -9.69 16.44 -30.59
N SER Y 79 -10.99 16.70 -30.77
CA SER Y 79 -12.06 15.86 -30.27
C SER Y 79 -12.60 15.01 -31.42
N GLY Y 80 -12.53 13.70 -31.28
CA GLY Y 80 -13.00 12.85 -32.35
C GLY Y 80 -12.87 11.39 -32.00
N THR Y 81 -13.28 10.55 -32.94
CA THR Y 81 -13.23 9.11 -32.78
C THR Y 81 -11.90 8.61 -33.36
N TYR Y 82 -11.04 8.07 -32.51
CA TYR Y 82 -9.72 7.60 -32.91
C TYR Y 82 -9.71 6.08 -32.95
N ARG Y 83 -9.20 5.52 -34.05
CA ARG Y 83 -9.06 4.08 -34.22
C ARG Y 83 -7.61 3.71 -34.51
N CYS Y 84 -7.24 2.49 -34.12
CA CYS Y 84 -5.94 1.91 -34.45
C CYS Y 84 -6.13 0.84 -35.51
N ALA Y 85 -5.04 0.51 -36.21
CA ALA Y 85 -5.12 -0.43 -37.31
C ALA Y 85 -3.81 -1.20 -37.40
N SER Y 86 -3.89 -2.39 -37.98
CA SER Y 86 -2.70 -3.22 -38.17
C SER Y 86 -2.90 -4.11 -39.38
N GLU Y 87 -1.79 -4.45 -40.03
CA GLU Y 87 -1.79 -5.27 -41.24
C GLU Y 87 -1.35 -6.69 -40.94
N CYS Y 88 -2.21 -7.66 -41.23
CA CYS Y 88 -1.93 -9.06 -40.99
C CYS Y 88 -1.68 -9.78 -42.32
N GLN Y 89 -0.78 -10.77 -42.28
CA GLN Y 89 -0.42 -11.52 -43.47
C GLN Y 89 0.22 -12.84 -43.05
N TYR Y 90 -0.37 -13.97 -43.48
CA TYR Y 90 0.15 -15.28 -43.16
C TYR Y 90 0.61 -15.98 -44.41
N GLY Y 91 -0.24 -16.74 -45.09
CA GLY Y 91 0.18 -17.42 -46.31
C GLY Y 91 -0.33 -16.70 -47.53
N LEU Y 92 -1.39 -17.24 -48.14
CA LEU Y 92 -2.05 -16.57 -49.25
C LEU Y 92 -3.15 -15.63 -48.75
N ALA Y 93 -2.80 -14.75 -47.80
CA ALA Y 93 -3.80 -13.90 -47.16
C ALA Y 93 -3.19 -12.57 -46.77
N GLU Y 94 -3.94 -11.50 -47.02
CA GLU Y 94 -3.55 -10.17 -46.58
C GLU Y 94 -4.82 -9.44 -46.15
N TYR Y 95 -4.85 -8.97 -44.90
CA TYR Y 95 -6.01 -8.28 -44.38
C TYR Y 95 -5.56 -7.29 -43.33
N ASP Y 96 -6.50 -6.50 -42.81
CA ASP Y 96 -6.21 -5.54 -41.76
C ASP Y 96 -7.33 -5.58 -40.73
N VAL Y 97 -7.05 -5.02 -39.55
CA VAL Y 97 -7.92 -5.13 -38.39
C VAL Y 97 -8.08 -3.77 -37.76
N TYR Y 98 -9.21 -3.56 -37.07
CA TYR Y 98 -9.52 -2.24 -36.53
C TYR Y 98 -10.06 -2.35 -35.11
N GLY Y 99 -10.21 -1.19 -34.47
CA GLY Y 99 -10.74 -1.10 -33.12
C GLY Y 99 -11.74 0.02 -32.92
N GLY Y 100 -11.59 0.77 -31.82
CA GLY Y 100 -12.45 1.91 -31.57
C GLY Y 100 -12.26 2.57 -30.21
N GLY Y 101 -12.35 3.91 -30.18
CA GLY Y 101 -12.19 4.67 -28.95
C GLY Y 101 -12.36 6.17 -29.19
N THR Y 102 -13.21 6.79 -28.39
CA THR Y 102 -13.72 8.13 -28.65
C THR Y 102 -13.11 9.12 -27.67
N VAL Y 103 -12.87 10.35 -28.15
CA VAL Y 103 -12.24 11.39 -27.35
C VAL Y 103 -13.16 12.61 -27.29
N VAL Y 104 -13.27 13.18 -26.10
CA VAL Y 104 -13.93 14.46 -25.89
C VAL Y 104 -12.95 15.28 -25.06
N THR Y 105 -12.58 16.44 -25.57
CA THR Y 105 -11.68 17.32 -24.84
C THR Y 105 -12.46 18.59 -24.55
N VAL Y 106 -12.52 18.94 -23.29
CA VAL Y 106 -13.23 20.13 -22.83
C VAL Y 106 -12.22 21.23 -22.56
N ASN Y 107 -12.68 22.47 -22.70
CA ASN Y 107 -11.82 23.64 -22.65
C ASN Y 107 -11.90 24.28 -21.27
N ALA Y 108 -11.53 25.56 -21.18
CA ALA Y 108 -11.43 26.23 -19.89
C ALA Y 108 -12.38 27.41 -19.78
N ALA Y 109 -11.88 28.52 -19.26
CA ALA Y 109 -12.68 29.71 -18.93
C ALA Y 109 -13.72 29.27 -17.90
N ALA Y 110 -14.99 29.68 -18.06
CA ALA Y 110 -16.02 29.43 -17.05
C ALA Y 110 -15.63 29.95 -15.68
N HIS Y 111 -15.04 31.15 -15.66
CA HIS Y 111 -14.71 31.81 -14.41
C HIS Y 111 -15.98 32.29 -13.73
N HIS Y 112 -16.57 31.46 -12.88
CA HIS Y 112 -17.87 31.73 -12.30
C HIS Y 112 -17.86 33.00 -11.44
N HIS Y 113 -18.46 34.07 -11.94
CA HIS Y 113 -18.61 35.29 -11.17
C HIS Y 113 -20.09 35.66 -11.03
N ALA Z 2 -29.08 -55.82 -49.96
CA ALA Z 2 -29.20 -54.49 -49.37
C ALA Z 2 -28.13 -54.25 -48.32
N ARG Z 3 -26.86 -54.51 -48.68
CA ARG Z 3 -25.76 -54.51 -47.74
C ARG Z 3 -26.08 -55.39 -46.53
N VAL Z 4 -25.82 -56.69 -46.68
CA VAL Z 4 -26.06 -57.74 -45.71
C VAL Z 4 -27.56 -57.97 -45.62
N ASP Z 5 -27.96 -59.24 -45.73
CA ASP Z 5 -29.37 -59.64 -45.74
C ASP Z 5 -29.61 -60.68 -44.67
N GLN Z 6 -30.27 -60.31 -43.57
CA GLN Z 6 -30.66 -61.31 -42.59
C GLN Z 6 -31.85 -62.07 -43.17
N THR Z 7 -31.71 -63.40 -43.27
CA THR Z 7 -32.72 -64.19 -43.97
C THR Z 7 -33.88 -64.52 -43.03
N PRO Z 8 -33.65 -65.14 -41.84
CA PRO Z 8 -34.79 -65.43 -40.96
C PRO Z 8 -35.29 -64.18 -40.28
N GLN Z 9 -36.31 -63.56 -40.88
CA GLN Z 9 -36.83 -62.30 -40.36
C GLN Z 9 -37.57 -62.50 -39.04
N THR Z 10 -38.68 -63.24 -39.07
CA THR Z 10 -39.41 -63.59 -37.86
C THR Z 10 -39.39 -65.10 -37.70
N ILE Z 11 -38.78 -65.59 -36.63
CA ILE Z 11 -38.75 -67.02 -36.34
C ILE Z 11 -39.31 -67.26 -34.95
N THR Z 12 -39.99 -68.38 -34.79
CA THR Z 12 -40.57 -68.79 -33.50
C THR Z 12 -40.27 -70.26 -33.27
N LYS Z 13 -39.35 -70.56 -32.37
CA LYS Z 13 -38.98 -71.93 -32.07
C LYS Z 13 -39.35 -72.22 -30.62
N GLU Z 14 -39.32 -73.49 -30.24
CA GLU Z 14 -39.78 -73.91 -28.92
C GLU Z 14 -38.62 -74.07 -27.95
N THR Z 15 -38.93 -73.91 -26.66
CA THR Z 15 -37.92 -74.04 -25.61
C THR Z 15 -37.26 -75.40 -25.70
N GLY Z 16 -35.94 -75.40 -25.86
CA GLY Z 16 -35.20 -76.63 -26.01
C GLY Z 16 -34.78 -76.94 -27.43
N GLU Z 17 -34.76 -75.93 -28.31
CA GLU Z 17 -34.51 -76.14 -29.72
C GLU Z 17 -33.19 -75.46 -30.11
N SER Z 18 -33.03 -75.18 -31.40
CA SER Z 18 -31.79 -74.57 -31.90
C SER Z 18 -32.13 -73.85 -33.19
N LEU Z 19 -31.97 -72.53 -33.17
CA LEU Z 19 -32.21 -71.69 -34.33
C LEU Z 19 -30.91 -71.20 -34.94
N THR Z 20 -30.84 -71.26 -36.27
CA THR Z 20 -29.73 -70.70 -37.02
C THR Z 20 -30.21 -69.48 -37.80
N ILE Z 21 -29.52 -68.36 -37.62
CA ILE Z 21 -29.80 -67.14 -38.36
C ILE Z 21 -28.62 -66.90 -39.29
N ASN Z 22 -28.88 -66.81 -40.58
CA ASN Z 22 -27.85 -66.64 -41.58
C ASN Z 22 -27.91 -65.26 -42.22
N CYS Z 23 -26.74 -64.68 -42.46
CA CYS Z 23 -26.58 -63.38 -43.10
C CYS Z 23 -25.66 -63.55 -44.29
N VAL Z 24 -26.03 -62.91 -45.40
CA VAL Z 24 -25.28 -63.01 -46.66
C VAL Z 24 -24.75 -61.63 -47.00
N LEU Z 25 -23.46 -61.55 -47.31
CA LEU Z 25 -22.84 -60.29 -47.65
C LEU Z 25 -23.15 -59.94 -49.09
N ARG Z 26 -23.67 -58.73 -49.32
CA ARG Z 26 -23.95 -58.28 -50.66
C ARG Z 26 -23.06 -57.13 -51.11
N ASP Z 27 -22.39 -56.46 -50.19
CA ASP Z 27 -21.41 -55.43 -50.51
C ASP Z 27 -20.06 -56.14 -50.62
N SER Z 28 -19.46 -56.09 -51.80
CA SER Z 28 -18.22 -56.82 -52.02
C SER Z 28 -17.02 -56.20 -51.32
N HIS Z 29 -17.20 -55.17 -50.49
CA HIS Z 29 -16.09 -54.60 -49.73
C HIS Z 29 -15.99 -55.17 -48.33
N CYS Z 30 -17.06 -55.77 -47.84
CA CYS Z 30 -17.09 -56.33 -46.50
C CYS Z 30 -16.47 -57.73 -46.49
N ALA Z 31 -15.80 -58.03 -45.39
CA ALA Z 31 -15.06 -59.28 -45.22
C ALA Z 31 -15.78 -60.15 -44.20
N THR Z 32 -15.77 -61.46 -44.44
CA THR Z 32 -16.34 -62.39 -43.47
C THR Z 32 -15.45 -62.59 -42.26
N SER Z 33 -14.32 -61.88 -42.18
CA SER Z 33 -13.38 -62.06 -41.06
C SER Z 33 -13.73 -61.20 -39.85
N SER Z 34 -14.16 -59.96 -40.05
CA SER Z 34 -14.51 -59.11 -38.91
C SER Z 34 -16.02 -59.04 -38.80
N THR Z 35 -16.60 -60.17 -38.43
CA THR Z 35 -18.05 -60.29 -38.28
C THR Z 35 -18.36 -60.24 -36.79
N TYR Z 36 -19.46 -59.57 -36.45
CA TYR Z 36 -19.84 -59.34 -35.07
C TYR Z 36 -21.36 -59.54 -34.95
N TRP Z 37 -21.80 -59.87 -33.75
CA TRP Z 37 -23.22 -60.12 -33.50
C TRP Z 37 -23.72 -59.33 -32.30
N TYR Z 38 -24.94 -58.81 -32.44
CA TYR Z 38 -25.56 -57.96 -31.42
C TYR Z 38 -27.01 -58.41 -31.26
N ARG Z 39 -27.46 -58.57 -30.01
CA ARG Z 39 -28.86 -58.89 -29.73
C ARG Z 39 -29.48 -57.83 -28.84
N LYS Z 40 -30.80 -57.68 -28.95
CA LYS Z 40 -31.57 -56.71 -28.16
C LYS Z 40 -32.72 -57.47 -27.49
N LYS Z 41 -32.61 -57.74 -26.19
CA LYS Z 41 -33.64 -58.49 -25.49
C LYS Z 41 -34.94 -57.72 -25.41
N SER Z 42 -36.04 -58.42 -25.75
CA SER Z 42 -37.39 -57.85 -25.74
C SER Z 42 -37.66 -57.10 -24.44
N GLY Z 43 -38.04 -55.83 -24.58
CA GLY Z 43 -38.34 -54.99 -23.44
C GLY Z 43 -37.24 -54.03 -23.04
N SER Z 44 -36.03 -54.20 -23.56
CA SER Z 44 -34.93 -53.30 -23.30
C SER Z 44 -34.67 -52.45 -24.53
N THR Z 45 -34.09 -51.27 -24.30
CA THR Z 45 -33.76 -50.35 -25.38
C THR Z 45 -32.27 -50.31 -25.66
N ASN Z 46 -31.54 -51.35 -25.25
CA ASN Z 46 -30.09 -51.46 -25.47
C ASN Z 46 -29.75 -52.70 -26.25
N GLU Z 47 -28.97 -52.56 -27.32
CA GLU Z 47 -28.42 -53.74 -27.99
C GLU Z 47 -27.10 -54.14 -27.33
N GLU Z 48 -27.07 -55.35 -26.79
CA GLU Z 48 -25.89 -55.94 -26.15
C GLU Z 48 -25.13 -56.81 -27.15
N SER Z 49 -23.86 -57.05 -26.85
CA SER Z 49 -22.94 -57.75 -27.75
C SER Z 49 -22.82 -59.23 -27.38
N ILE Z 50 -23.19 -60.10 -28.31
CA ILE Z 50 -23.11 -61.55 -28.12
C ILE Z 50 -21.67 -62.02 -28.24
N SER Z 51 -21.26 -62.92 -27.36
CA SER Z 51 -19.91 -63.47 -27.38
C SER Z 51 -19.91 -64.77 -28.16
N LYS Z 52 -18.80 -65.03 -28.85
CA LYS Z 52 -18.69 -66.20 -29.72
C LYS Z 52 -18.08 -67.36 -28.95
N GLY Z 53 -18.91 -68.28 -28.47
CA GLY Z 53 -18.39 -69.42 -27.77
C GLY Z 53 -19.35 -70.19 -26.90
N GLY Z 54 -19.33 -71.50 -27.01
CA GLY Z 54 -20.19 -72.32 -26.17
C GLY Z 54 -21.59 -72.50 -26.73
N ARG Z 55 -22.55 -71.77 -26.17
CA ARG Z 55 -23.92 -71.84 -26.64
C ARG Z 55 -24.14 -71.07 -27.93
N TYR Z 56 -23.27 -70.10 -28.22
CA TYR Z 56 -23.32 -69.31 -29.45
C TYR Z 56 -22.20 -69.80 -30.37
N VAL Z 57 -22.54 -70.62 -31.36
CA VAL Z 57 -21.56 -71.14 -32.31
C VAL Z 57 -21.74 -70.42 -33.64
N GLU Z 58 -20.63 -70.04 -34.26
CA GLU Z 58 -20.65 -69.28 -35.50
C GLU Z 58 -20.01 -70.10 -36.62
N THR Z 59 -20.75 -70.27 -37.71
CA THR Z 59 -20.26 -70.96 -38.90
C THR Z 59 -20.10 -69.94 -40.03
N VAL Z 60 -18.91 -69.89 -40.62
CA VAL Z 60 -18.60 -68.92 -41.67
C VAL Z 60 -18.18 -69.66 -42.92
N ASN Z 61 -18.69 -69.21 -44.07
CA ASN Z 61 -18.30 -69.71 -45.38
C ASN Z 61 -18.01 -68.51 -46.27
N SER Z 62 -16.73 -68.29 -46.58
CA SER Z 62 -16.33 -67.14 -47.38
C SER Z 62 -16.71 -67.26 -48.85
N GLY Z 63 -16.94 -68.47 -49.36
CA GLY Z 63 -17.24 -68.62 -50.77
C GLY Z 63 -18.49 -67.87 -51.18
N SER Z 64 -19.57 -68.03 -50.42
CA SER Z 64 -20.79 -67.28 -50.64
C SER Z 64 -20.85 -66.00 -49.81
N LYS Z 65 -19.79 -65.70 -49.05
CA LYS Z 65 -19.73 -64.54 -48.16
C LYS Z 65 -20.92 -64.50 -47.21
N SER Z 66 -21.20 -65.64 -46.58
CA SER Z 66 -22.32 -65.77 -45.67
C SER Z 66 -21.82 -66.33 -44.35
N PHE Z 67 -22.38 -65.83 -43.24
CA PHE Z 67 -22.10 -66.36 -41.92
C PHE Z 67 -23.41 -66.58 -41.19
N SER Z 68 -23.39 -67.53 -40.25
CA SER Z 68 -24.59 -67.95 -39.54
C SER Z 68 -24.33 -67.94 -38.05
N LEU Z 69 -25.42 -68.03 -37.27
CA LEU Z 69 -25.36 -68.03 -35.81
C LEU Z 69 -26.34 -69.07 -35.28
N ARG Z 70 -25.84 -70.26 -34.97
CA ARG Z 70 -26.62 -71.30 -34.31
C ARG Z 70 -26.60 -71.09 -32.81
N ILE Z 71 -27.78 -70.98 -32.21
CA ILE Z 71 -27.95 -70.83 -30.77
C ILE Z 71 -28.71 -72.06 -30.26
N ASN Z 72 -28.14 -72.77 -29.30
CA ASN Z 72 -28.77 -73.95 -28.73
C ASN Z 72 -29.42 -73.60 -27.39
N ASP Z 73 -29.75 -74.65 -26.62
CA ASP Z 73 -30.48 -74.61 -25.35
C ASP Z 73 -31.29 -73.34 -25.16
N LEU Z 74 -32.40 -73.24 -25.89
CA LEU Z 74 -33.22 -72.04 -25.90
C LEU Z 74 -34.09 -71.97 -24.64
N THR Z 75 -34.08 -70.82 -23.98
CA THR Z 75 -34.98 -70.53 -22.88
C THR Z 75 -36.02 -69.49 -23.31
N VAL Z 76 -36.78 -68.97 -22.33
CA VAL Z 76 -37.77 -67.94 -22.60
C VAL Z 76 -37.15 -66.56 -22.47
N GLU Z 77 -35.89 -66.50 -22.04
CA GLU Z 77 -35.11 -65.29 -21.90
C GLU Z 77 -34.42 -64.90 -23.21
N ASP Z 78 -34.60 -65.70 -24.25
CA ASP Z 78 -33.94 -65.48 -25.54
C ASP Z 78 -34.85 -64.86 -26.59
N SER Z 79 -35.75 -63.97 -26.18
CA SER Z 79 -36.67 -63.31 -27.11
C SER Z 79 -36.20 -61.88 -27.36
N GLY Z 80 -35.86 -61.58 -28.62
CA GLY Z 80 -35.38 -60.25 -28.93
C GLY Z 80 -35.01 -60.11 -30.39
N THR Z 81 -34.55 -58.91 -30.73
CA THR Z 81 -34.11 -58.59 -32.09
C THR Z 81 -32.62 -58.84 -32.22
N TYR Z 82 -32.25 -59.77 -33.10
CA TYR Z 82 -30.86 -60.11 -33.34
C TYR Z 82 -30.42 -59.47 -34.66
N ARG Z 83 -29.29 -58.77 -34.63
CA ARG Z 83 -28.72 -58.18 -35.84
C ARG Z 83 -27.30 -58.69 -36.03
N CYS Z 84 -26.88 -58.78 -37.29
CA CYS Z 84 -25.52 -59.13 -37.66
C CYS Z 84 -24.80 -57.91 -38.19
N ALA Z 85 -23.47 -57.96 -38.15
CA ALA Z 85 -22.64 -56.81 -38.50
C ALA Z 85 -21.33 -57.30 -39.11
N SER Z 86 -20.70 -56.42 -39.90
CA SER Z 86 -19.44 -56.71 -40.55
C SER Z 86 -18.67 -55.41 -40.79
N GLU Z 87 -17.34 -55.52 -40.82
CA GLU Z 87 -16.46 -54.38 -41.04
C GLU Z 87 -15.99 -54.38 -42.49
N CYS Z 88 -16.35 -53.32 -43.22
CA CYS Z 88 -16.00 -53.18 -44.62
C CYS Z 88 -14.95 -52.09 -44.75
N GLN Z 89 -14.03 -52.24 -45.71
CA GLN Z 89 -12.97 -51.27 -45.88
C GLN Z 89 -12.44 -51.37 -47.30
N TYR Z 90 -12.68 -50.34 -48.11
CA TYR Z 90 -12.12 -50.24 -49.44
C TYR Z 90 -11.38 -48.92 -49.55
N GLY Z 91 -10.08 -49.00 -49.80
CA GLY Z 91 -9.22 -47.84 -49.94
C GLY Z 91 -9.25 -46.83 -48.80
N LEU Z 92 -9.89 -45.68 -49.05
CA LEU Z 92 -10.03 -44.61 -48.07
C LEU Z 92 -11.30 -44.66 -47.22
N ALA Z 93 -12.16 -45.64 -47.42
CA ALA Z 93 -13.45 -45.68 -46.74
C ALA Z 93 -13.46 -46.77 -45.68
N GLU Z 94 -14.07 -46.47 -44.53
CA GLU Z 94 -14.27 -47.47 -43.49
C GLU Z 94 -15.65 -47.29 -42.88
N TYR Z 95 -16.44 -48.36 -42.92
CA TYR Z 95 -17.81 -48.36 -42.44
C TYR Z 95 -18.16 -49.75 -41.97
N ASP Z 96 -19.36 -49.90 -41.42
CA ASP Z 96 -19.89 -51.17 -40.97
C ASP Z 96 -21.35 -51.28 -41.39
N VAL Z 97 -21.89 -52.49 -41.36
CA VAL Z 97 -23.20 -52.79 -41.92
C VAL Z 97 -23.99 -53.63 -40.93
N TYR Z 98 -25.33 -53.55 -41.02
CA TYR Z 98 -26.24 -54.16 -40.06
C TYR Z 98 -27.38 -54.84 -40.81
N GLY Z 99 -28.23 -55.57 -40.05
CA GLY Z 99 -29.39 -56.25 -40.62
C GLY Z 99 -30.66 -56.09 -39.80
N GLY Z 100 -31.37 -57.20 -39.59
CA GLY Z 100 -32.55 -57.23 -38.73
C GLY Z 100 -33.29 -58.55 -38.74
N GLY Z 101 -33.75 -58.99 -37.56
CA GLY Z 101 -34.48 -60.26 -37.41
C GLY Z 101 -34.84 -60.59 -35.97
N THR Z 102 -36.09 -60.96 -35.73
CA THR Z 102 -36.66 -61.08 -34.39
C THR Z 102 -36.94 -62.53 -34.02
N VAL Z 103 -36.74 -62.87 -32.74
CA VAL Z 103 -36.97 -64.21 -32.19
C VAL Z 103 -37.89 -64.10 -30.98
N VAL Z 104 -38.86 -65.01 -30.88
CA VAL Z 104 -39.74 -65.13 -29.72
C VAL Z 104 -39.83 -66.59 -29.30
N THR Z 105 -39.58 -66.87 -28.02
CA THR Z 105 -39.62 -68.23 -27.48
C THR Z 105 -40.69 -68.37 -26.41
N VAL Z 106 -41.57 -69.36 -26.57
CA VAL Z 106 -42.57 -69.70 -25.57
C VAL Z 106 -42.12 -70.93 -24.81
N ASN Z 107 -42.67 -71.11 -23.61
CA ASN Z 107 -42.27 -72.24 -22.76
C ASN Z 107 -43.13 -73.47 -23.08
N ALA Z 108 -42.75 -74.59 -22.49
CA ALA Z 108 -43.46 -75.85 -22.72
C ALA Z 108 -43.74 -76.57 -21.41
N SER AA 3 -17.58 -7.55 43.47
CA SER AA 3 -16.37 -7.18 44.19
C SER AA 3 -15.22 -6.91 43.22
N SER AA 4 -14.19 -6.23 43.69
CA SER AA 4 -13.05 -5.86 42.87
C SER AA 4 -11.75 -6.26 43.56
N ARG AA 5 -10.66 -6.19 42.81
CA ARG AA 5 -9.33 -6.45 43.38
C ARG AA 5 -8.39 -5.30 43.08
N THR AA 6 -7.15 -5.62 42.68
CA THR AA 6 -6.12 -4.61 42.52
C THR AA 6 -6.59 -3.51 41.55
N PRO AA 7 -6.24 -2.24 41.79
CA PRO AA 7 -6.90 -1.14 41.08
C PRO AA 7 -6.66 -1.09 39.57
N SER AA 8 -5.41 -0.85 39.17
CA SER AA 8 -4.96 -0.73 37.78
C SER AA 8 -5.47 0.56 37.16
N ASP AA 9 -4.75 1.11 36.18
CA ASP AA 9 -5.14 2.41 35.64
C ASP AA 9 -4.81 2.44 34.14
N LYS AA 10 -4.55 3.66 33.61
CA LYS AA 10 -4.34 4.06 32.22
C LYS AA 10 -5.62 3.95 31.39
N PRO AA 11 -5.86 4.89 30.48
CA PRO AA 11 -6.98 4.72 29.54
C PRO AA 11 -6.79 3.44 28.76
N VAL AA 12 -7.85 2.63 28.69
CA VAL AA 12 -7.77 1.32 28.07
C VAL AA 12 -9.08 1.06 27.34
N ALA AA 13 -8.98 0.29 26.27
CA ALA AA 13 -10.15 -0.07 25.49
C ALA AA 13 -9.81 -1.28 24.63
N HIS AA 14 -10.70 -2.28 24.65
CA HIS AA 14 -10.64 -3.43 23.77
C HIS AA 14 -12.10 -3.84 23.55
N VAL AA 15 -12.66 -3.42 22.43
CA VAL AA 15 -14.07 -3.66 22.16
C VAL AA 15 -14.18 -4.77 21.12
N VAL AA 16 -15.27 -5.52 21.20
CA VAL AA 16 -15.50 -6.69 20.37
C VAL AA 16 -16.79 -6.45 19.60
N ALA AA 17 -16.87 -7.01 18.40
CA ALA AA 17 -18.04 -6.77 17.57
C ALA AA 17 -19.27 -7.43 18.18
N ASN AA 18 -20.42 -6.85 17.91
CA ASN AA 18 -21.65 -7.47 18.37
C ASN AA 18 -21.97 -8.63 17.45
N PRO AA 19 -22.03 -9.86 17.96
CA PRO AA 19 -22.36 -10.99 17.07
C PRO AA 19 -23.79 -10.93 16.57
N GLN AA 20 -24.70 -10.36 17.38
CA GLN AA 20 -26.13 -10.27 17.07
C GLN AA 20 -26.47 -9.01 16.27
N ALA AA 21 -25.55 -8.49 15.44
CA ALA AA 21 -25.80 -7.27 14.68
C ALA AA 21 -25.98 -7.51 13.18
N GLU AA 22 -26.20 -8.76 12.76
CA GLU AA 22 -26.37 -9.08 11.33
C GLU AA 22 -25.29 -8.53 10.39
N GLY AA 23 -25.64 -7.48 9.64
CA GLY AA 23 -24.74 -6.82 8.69
C GLY AA 23 -24.03 -5.52 9.04
N GLN AA 24 -23.65 -5.32 10.30
CA GLN AA 24 -23.03 -4.05 10.71
C GLN AA 24 -22.01 -4.30 11.79
N LEU AA 25 -21.14 -3.31 11.98
CA LEU AA 25 -20.05 -3.37 12.95
C LEU AA 25 -20.37 -2.51 14.17
N GLN AA 26 -20.99 -3.13 15.19
CA GLN AA 26 -21.26 -2.46 16.46
C GLN AA 26 -20.24 -2.89 17.51
N TRP AA 27 -19.54 -1.92 18.10
CA TRP AA 27 -18.51 -2.21 19.10
C TRP AA 27 -19.12 -2.33 20.49
N LEU AA 28 -18.73 -3.38 21.22
CA LEU AA 28 -19.25 -3.66 22.56
C LEU AA 28 -18.11 -3.80 23.58
N ASN AA 29 -18.42 -3.51 24.85
CA ASN AA 29 -17.48 -3.71 25.94
C ASN AA 29 -18.00 -4.65 27.01
N ARG AA 30 -19.30 -4.92 27.02
CA ARG AA 30 -19.96 -5.74 28.05
C ARG AA 30 -19.95 -7.23 27.66
N ARG AA 31 -18.73 -7.71 27.45
CA ARG AA 31 -18.46 -9.10 27.15
C ARG AA 31 -17.16 -9.50 27.85
N ALA AA 32 -17.07 -10.78 28.19
CA ALA AA 32 -15.99 -11.37 28.96
C ALA AA 32 -14.63 -10.66 28.85
N ASN AA 33 -13.92 -10.88 27.74
CA ASN AA 33 -12.57 -10.36 27.56
C ASN AA 33 -12.53 -9.04 26.79
N ALA AA 34 -13.38 -8.11 27.18
CA ALA AA 34 -13.39 -6.77 26.61
C ALA AA 34 -13.26 -5.75 27.72
N LEU AA 35 -12.61 -4.64 27.41
CA LEU AA 35 -12.34 -3.61 28.40
C LEU AA 35 -12.71 -2.24 27.84
N LEU AA 36 -13.13 -1.36 28.75
CA LEU AA 36 -13.40 0.03 28.41
C LEU AA 36 -13.45 0.80 29.72
N ALA AA 37 -12.33 1.41 30.11
CA ALA AA 37 -12.24 1.96 31.45
C ALA AA 37 -11.33 3.18 31.49
N ASN AA 38 -11.35 3.85 32.64
CA ASN AA 38 -10.44 4.96 32.95
C ASN AA 38 -10.62 6.16 32.01
N GLY AA 39 -11.85 6.41 31.56
CA GLY AA 39 -12.19 7.62 30.85
C GLY AA 39 -12.50 7.44 29.37
N VAL AA 40 -12.09 6.32 28.77
CA VAL AA 40 -12.33 6.12 27.35
C VAL AA 40 -13.83 6.05 27.09
N GLU AA 41 -14.33 6.89 26.20
CA GLU AA 41 -15.74 6.87 25.84
C GLU AA 41 -15.93 6.33 24.43
N LEU AA 42 -16.96 5.53 24.25
CA LEU AA 42 -17.37 5.01 22.94
C LEU AA 42 -18.66 5.74 22.61
N ARG AA 43 -18.58 6.72 21.72
CA ARG AA 43 -19.74 7.52 21.34
C ARG AA 43 -20.46 6.80 20.22
N ASP AA 44 -20.47 7.38 19.01
CA ASP AA 44 -21.22 6.81 17.90
C ASP AA 44 -20.32 5.81 17.18
N ASN AA 45 -20.10 4.67 17.85
CA ASN AA 45 -19.16 3.65 17.39
C ASN AA 45 -17.76 4.24 17.19
N GLN AA 46 -17.41 5.20 18.05
CA GLN AA 46 -16.15 5.91 17.99
C GLN AA 46 -15.53 6.00 19.37
N LEU AA 47 -14.21 5.84 19.44
CA LEU AA 47 -13.48 5.94 20.70
C LEU AA 47 -12.96 7.36 20.87
N VAL AA 48 -13.22 7.95 22.04
CA VAL AA 48 -12.84 9.33 22.34
C VAL AA 48 -11.72 9.31 23.38
N VAL AA 49 -10.57 9.86 23.01
CA VAL AA 49 -9.39 9.88 23.88
C VAL AA 49 -9.65 10.81 25.05
N PRO AA 50 -9.42 10.38 26.30
CA PRO AA 50 -9.75 11.21 27.46
C PRO AA 50 -8.61 12.13 27.91
N SER AA 51 -7.39 11.86 27.47
CA SER AA 51 -6.25 12.66 27.90
C SER AA 51 -5.18 12.60 26.82
N GLU AA 52 -4.39 13.67 26.72
CA GLU AA 52 -3.36 13.71 25.70
C GLU AA 52 -2.17 12.84 26.10
N GLY AA 53 -1.64 12.12 25.12
CA GLY AA 53 -0.51 11.25 25.34
C GLY AA 53 -0.33 10.32 24.16
N LEU AA 54 0.55 9.34 24.35
CA LEU AA 54 0.84 8.34 23.35
C LEU AA 54 -0.02 7.10 23.55
N TYR AA 55 -0.69 6.66 22.48
CA TYR AA 55 -1.57 5.51 22.51
C TYR AA 55 -1.12 4.45 21.51
N LEU AA 56 -1.50 3.21 21.79
CA LEU AA 56 -1.31 2.08 20.90
C LEU AA 56 -2.66 1.68 20.31
N ILE AA 57 -2.76 1.70 18.99
CA ILE AA 57 -4.01 1.46 18.28
C ILE AA 57 -3.89 0.12 17.55
N TYR AA 58 -4.91 -0.72 17.68
CA TYR AA 58 -4.93 -1.99 16.98
C TYR AA 58 -6.36 -2.38 16.66
N SER AA 59 -6.51 -3.19 15.62
CA SER AA 59 -7.81 -3.74 15.27
C SER AA 59 -7.61 -4.88 14.28
N GLN AA 60 -8.47 -5.88 14.39
CA GLN AA 60 -8.53 -6.98 13.44
C GLN AA 60 -9.96 -7.12 12.94
N VAL AA 61 -10.07 -7.45 11.66
CA VAL AA 61 -11.34 -7.74 11.03
C VAL AA 61 -11.17 -9.04 10.28
N LEU AA 62 -12.17 -9.91 10.37
CA LEU AA 62 -12.14 -11.18 9.65
C LEU AA 62 -13.27 -11.14 8.63
N PHE AA 63 -12.90 -11.31 7.37
CA PHE AA 63 -13.86 -11.33 6.26
C PHE AA 63 -14.05 -12.76 5.78
N LYS AA 64 -15.30 -13.13 5.58
CA LYS AA 64 -15.65 -14.44 5.05
C LYS AA 64 -16.75 -14.29 4.01
N GLY AA 65 -16.62 -15.01 2.91
CA GLY AA 65 -17.67 -15.06 1.91
C GLY AA 65 -17.83 -16.48 1.43
N GLN AA 66 -19.04 -16.80 0.97
CA GLN AA 66 -19.38 -18.16 0.52
C GLN AA 66 -19.35 -18.12 -1.02
N GLY AA 67 -18.16 -18.32 -1.58
CA GLY AA 67 -18.00 -18.24 -3.01
C GLY AA 67 -17.65 -16.83 -3.44
N CYS AA 68 -17.02 -16.74 -4.62
CA CYS AA 68 -16.54 -15.46 -5.12
C CYS AA 68 -17.43 -14.93 -6.23
N PRO AA 69 -18.22 -13.90 -5.99
CA PRO AA 69 -19.07 -13.35 -7.05
C PRO AA 69 -18.31 -12.47 -8.05
N SER AA 70 -17.73 -11.37 -7.57
CA SER AA 70 -17.05 -10.42 -8.45
C SER AA 70 -15.54 -10.62 -8.49
N THR AA 71 -14.97 -10.30 -9.65
CA THR AA 71 -13.52 -10.28 -9.77
C THR AA 71 -12.96 -9.06 -9.04
N HIS AA 72 -13.67 -7.94 -9.13
CA HIS AA 72 -13.24 -6.66 -8.61
C HIS AA 72 -13.78 -6.45 -7.20
N VAL AA 73 -13.53 -7.40 -6.31
CA VAL AA 73 -13.95 -7.29 -4.92
C VAL AA 73 -12.73 -6.87 -4.10
N LEU AA 74 -12.84 -5.72 -3.42
CA LEU AA 74 -11.79 -5.19 -2.58
C LEU AA 74 -12.32 -4.95 -1.16
N LEU AA 75 -11.65 -5.56 -0.19
CA LEU AA 75 -11.99 -5.43 1.22
C LEU AA 75 -11.02 -4.45 1.86
N THR AA 76 -11.56 -3.44 2.55
CA THR AA 76 -10.73 -2.44 3.18
C THR AA 76 -11.01 -2.34 4.68
N HIS AA 77 -10.01 -1.88 5.42
CA HIS AA 77 -10.10 -1.72 6.87
C HIS AA 77 -9.16 -0.61 7.29
N THR AA 78 -9.68 0.44 7.91
CA THR AA 78 -8.91 1.62 8.26
C THR AA 78 -9.30 2.11 9.64
N ILE AA 79 -8.33 2.61 10.39
CA ILE AA 79 -8.57 3.31 11.63
C ILE AA 79 -8.37 4.79 11.34
N SER AA 80 -9.41 5.59 11.56
CA SER AA 80 -9.40 6.98 11.16
C SER AA 80 -9.40 7.87 12.39
N ARG AA 81 -8.97 9.12 12.18
CA ARG AA 81 -8.90 10.10 13.25
C ARG AA 81 -9.35 11.46 12.74
N ILE AA 82 -10.33 12.04 13.41
CA ILE AA 82 -10.72 13.43 13.23
C ILE AA 82 -10.30 14.19 14.48
N ALA AA 83 -9.41 15.15 14.31
CA ALA AA 83 -8.76 15.83 15.42
C ALA AA 83 -9.37 17.21 15.67
N VAL AA 84 -9.15 17.70 16.89
CA VAL AA 84 -9.62 19.04 17.27
C VAL AA 84 -8.81 20.13 16.56
N SER AA 85 -7.53 19.88 16.29
CA SER AA 85 -6.69 20.87 15.61
C SER AA 85 -6.95 20.91 14.11
N TYR AA 86 -7.26 19.75 13.52
CA TYR AA 86 -7.49 19.63 12.07
C TYR AA 86 -8.75 18.79 11.93
N GLN AA 87 -9.87 19.45 11.65
CA GLN AA 87 -11.18 18.80 11.74
C GLN AA 87 -11.52 18.01 10.49
N THR AA 88 -10.57 17.23 9.98
CA THR AA 88 -10.81 16.37 8.82
C THR AA 88 -10.37 14.95 9.19
N LYS AA 89 -11.20 13.99 8.82
CA LYS AA 89 -10.91 12.60 9.13
C LYS AA 89 -9.77 12.10 8.25
N VAL AA 90 -8.68 11.66 8.88
CA VAL AA 90 -7.49 11.17 8.18
C VAL AA 90 -7.20 9.75 8.64
N ASN AA 91 -6.66 8.94 7.73
CA ASN AA 91 -6.34 7.55 8.05
C ASN AA 91 -4.99 7.47 8.77
N LEU AA 92 -4.98 6.75 9.89
CA LEU AA 92 -3.77 6.44 10.62
C LEU AA 92 -3.19 5.10 10.19
N LEU AA 93 -4.05 4.10 10.06
CA LEU AA 93 -3.69 2.76 9.63
C LEU AA 93 -4.69 2.28 8.60
N SER AA 94 -4.20 1.62 7.56
CA SER AA 94 -5.06 1.17 6.48
C SER AA 94 -4.51 -0.10 5.87
N ALA AA 95 -5.41 -0.90 5.30
CA ALA AA 95 -5.01 -2.10 4.57
C ALA AA 95 -6.09 -2.40 3.55
N ILE AA 96 -5.66 -2.93 2.41
CA ILE AA 96 -6.54 -3.31 1.32
C ILE AA 96 -6.23 -4.76 0.98
N LYS AA 97 -7.26 -5.52 0.62
CA LYS AA 97 -7.06 -6.92 0.32
C LYS AA 97 -8.07 -7.35 -0.73
N SER AA 98 -7.58 -8.02 -1.77
CA SER AA 98 -8.46 -8.56 -2.79
C SER AA 98 -8.60 -10.05 -2.54
N PRO AA 99 -9.78 -10.54 -2.13
CA PRO AA 99 -9.88 -11.95 -1.74
C PRO AA 99 -9.96 -12.87 -2.94
N CYS AA 100 -10.39 -12.38 -4.10
CA CYS AA 100 -10.67 -13.19 -5.27
C CYS AA 100 -9.78 -12.80 -6.45
N GLN AA 101 -8.90 -13.71 -6.86
CA GLN AA 101 -8.11 -13.53 -8.09
C GLN AA 101 -8.90 -14.12 -9.25
N ARG AA 102 -9.70 -13.26 -9.90
CA ARG AA 102 -10.62 -13.64 -10.98
C ARG AA 102 -11.62 -14.68 -10.53
N GLU AA 103 -11.27 -15.94 -10.81
CA GLU AA 103 -12.02 -17.15 -10.52
C GLU AA 103 -13.48 -17.05 -10.94
N THR AA 104 -14.33 -16.53 -10.06
CA THR AA 104 -15.77 -16.41 -10.28
C THR AA 104 -16.30 -17.80 -10.60
N PRO AA 105 -16.48 -18.65 -9.59
CA PRO AA 105 -16.81 -20.06 -9.83
C PRO AA 105 -18.07 -20.26 -10.67
N GLU AA 106 -17.89 -20.78 -11.89
CA GLU AA 106 -19.02 -21.12 -12.76
C GLU AA 106 -19.51 -22.53 -12.44
N GLY AA 107 -18.70 -23.53 -12.81
CA GLY AA 107 -19.00 -24.91 -12.46
C GLY AA 107 -18.29 -25.33 -11.20
N ALA AA 108 -18.96 -25.20 -10.06
CA ALA AA 108 -18.37 -25.52 -8.76
C ALA AA 108 -19.48 -25.69 -7.75
N GLU AA 109 -19.12 -25.69 -6.46
CA GLU AA 109 -20.08 -25.90 -5.38
C GLU AA 109 -19.80 -24.96 -4.22
N ALA AA 110 -19.55 -23.68 -4.53
CA ALA AA 110 -19.27 -22.63 -3.54
C ALA AA 110 -17.94 -22.88 -2.83
N LYS AA 111 -17.10 -21.85 -2.77
CA LYS AA 111 -15.77 -21.96 -2.18
C LYS AA 111 -15.63 -20.90 -1.08
N PRO AA 112 -15.89 -21.25 0.19
CA PRO AA 112 -15.82 -20.24 1.25
C PRO AA 112 -14.40 -19.79 1.48
N TRP AA 113 -14.19 -18.48 1.39
CA TRP AA 113 -12.88 -17.87 1.62
C TRP AA 113 -12.87 -17.13 2.95
N TYR AA 114 -11.73 -17.15 3.62
CA TYR AA 114 -11.52 -16.41 4.86
C TYR AA 114 -10.26 -15.58 4.68
N GLU AA 115 -10.36 -14.30 4.97
CA GLU AA 115 -9.21 -13.41 4.91
C GLU AA 115 -9.26 -12.43 6.08
N PRO AA 116 -8.29 -12.47 6.99
CA PRO AA 116 -8.22 -11.50 8.08
C PRO AA 116 -7.30 -10.34 7.72
N ILE AA 117 -7.50 -9.24 8.46
CA ILE AA 117 -6.71 -8.03 8.29
C ILE AA 117 -6.40 -7.47 9.67
N TYR AA 118 -5.13 -7.16 9.93
CA TYR AA 118 -4.71 -6.64 11.22
C TYR AA 118 -3.95 -5.34 11.03
N LEU AA 119 -4.19 -4.38 11.92
CA LEU AA 119 -3.60 -3.06 11.86
C LEU AA 119 -3.11 -2.68 13.25
N GLY AA 120 -1.99 -1.96 13.32
CA GLY AA 120 -1.47 -1.54 14.60
C GLY AA 120 -0.46 -0.42 14.48
N GLY AA 121 -0.45 0.46 15.47
CA GLY AA 121 0.54 1.55 15.48
C GLY AA 121 0.45 2.37 16.75
N VAL AA 122 1.50 3.16 16.97
CA VAL AA 122 1.60 4.05 18.13
C VAL AA 122 1.47 5.48 17.63
N PHE AA 123 0.68 6.29 18.35
CA PHE AA 123 0.41 7.65 17.89
C PHE AA 123 0.27 8.59 19.08
N GLN AA 124 0.46 9.88 18.81
CA GLN AA 124 0.17 10.94 19.77
C GLN AA 124 -1.22 11.47 19.48
N LEU AA 125 -2.11 11.37 20.46
CA LEU AA 125 -3.48 11.83 20.33
C LEU AA 125 -3.74 12.99 21.28
N GLU AA 126 -4.69 13.83 20.91
CA GLU AA 126 -5.09 15.00 21.67
C GLU AA 126 -6.45 14.76 22.30
N LYS AA 127 -6.82 15.66 23.22
CA LYS AA 127 -8.12 15.55 23.88
C LYS AA 127 -9.25 15.75 22.87
N GLY AA 128 -10.24 14.86 22.94
CA GLY AA 128 -11.42 14.95 22.09
C GLY AA 128 -11.29 14.32 20.74
N ASP AA 129 -10.14 13.76 20.39
CA ASP AA 129 -10.00 13.06 19.11
C ASP AA 129 -10.84 11.79 19.10
N ARG AA 130 -11.44 11.50 17.95
CA ARG AA 130 -12.31 10.34 17.78
C ARG AA 130 -11.67 9.34 16.82
N LEU AA 131 -11.37 8.16 17.34
CA LEU AA 131 -10.85 7.07 16.53
C LEU AA 131 -12.01 6.22 16.07
N SER AA 132 -11.94 5.73 14.84
CA SER AA 132 -13.01 4.94 14.27
C SER AA 132 -12.43 3.84 13.41
N ALA AA 133 -12.86 2.61 13.64
CA ALA AA 133 -12.49 1.48 12.81
C ALA AA 133 -13.63 1.21 11.85
N GLU AA 134 -13.33 1.18 10.55
CA GLU AA 134 -14.36 1.08 9.55
C GLU AA 134 -13.90 0.14 8.46
N ILE AA 135 -14.87 -0.44 7.77
CA ILE AA 135 -14.64 -1.34 6.65
C ILE AA 135 -15.61 -0.94 5.55
N ASN AA 136 -15.24 -1.28 4.32
CA ASN AA 136 -16.05 -0.82 3.21
C ASN AA 136 -17.24 -1.75 2.96
N ARG AA 137 -17.07 -3.05 3.21
CA ARG AA 137 -18.10 -4.05 2.98
C ARG AA 137 -18.40 -4.78 4.29
N PRO AA 138 -19.28 -4.24 5.12
CA PRO AA 138 -19.60 -4.92 6.39
C PRO AA 138 -20.53 -6.10 6.17
N ASP AA 139 -20.74 -6.50 4.92
CA ASP AA 139 -21.56 -7.66 4.63
C ASP AA 139 -20.75 -8.95 4.61
N TYR AA 140 -19.42 -8.86 4.67
CA TYR AA 140 -18.54 -10.01 4.72
C TYR AA 140 -17.94 -10.25 6.09
N LEU AA 141 -18.41 -9.54 7.12
CA LEU AA 141 -17.86 -9.72 8.46
C LEU AA 141 -18.21 -11.08 9.01
N ASP AA 142 -17.22 -11.77 9.57
CA ASP AA 142 -17.42 -13.03 10.25
C ASP AA 142 -17.10 -12.85 11.74
N PHE AA 143 -18.10 -12.39 12.49
CA PHE AA 143 -18.03 -12.29 13.95
C PHE AA 143 -18.68 -13.49 14.64
N ALA AA 144 -18.53 -14.70 14.07
CA ALA AA 144 -19.18 -15.90 14.60
C ALA AA 144 -18.61 -16.47 15.91
N GLU AA 145 -17.56 -17.29 15.84
CA GLU AA 145 -17.04 -17.98 17.03
C GLU AA 145 -16.60 -17.06 18.17
N SER AA 146 -15.51 -16.29 17.99
CA SER AA 146 -14.96 -15.58 19.14
C SER AA 146 -14.39 -14.21 18.81
N GLY AA 147 -13.22 -13.93 19.39
CA GLY AA 147 -12.44 -12.73 19.21
C GLY AA 147 -11.84 -12.61 17.82
N GLN AA 148 -12.67 -12.81 16.80
CA GLN AA 148 -12.27 -12.71 15.41
C GLN AA 148 -12.30 -11.29 14.89
N VAL AA 149 -13.11 -10.43 15.49
CA VAL AA 149 -13.12 -9.01 15.17
C VAL AA 149 -13.06 -8.24 16.47
N TYR AA 150 -12.14 -7.28 16.55
CA TYR AA 150 -11.94 -6.50 17.75
C TYR AA 150 -11.19 -5.23 17.36
N PHE AA 151 -11.07 -4.33 18.33
CA PHE AA 151 -10.52 -3.00 18.13
C PHE AA 151 -10.27 -2.37 19.49
N GLY AA 152 -9.09 -1.78 19.66
CA GLY AA 152 -8.74 -1.24 20.96
C GLY AA 152 -7.63 -0.22 20.93
N ILE AA 153 -7.56 0.53 22.03
CA ILE AA 153 -6.48 1.49 22.26
C ILE AA 153 -6.03 1.28 23.70
N ILE AA 154 -4.78 1.65 23.96
CA ILE AA 154 -4.23 1.58 25.31
C ILE AA 154 -3.21 2.69 25.45
N ALA AA 155 -3.30 3.45 26.53
CA ALA AA 155 -2.38 4.55 26.79
C ALA AA 155 -1.06 3.96 27.27
N LEU AA 156 -0.02 4.05 26.43
CA LEU AA 156 1.30 3.57 26.80
C LEU AA 156 2.06 4.64 27.57
N ARG BA 1 -2.98 32.01 17.79
CA ARG BA 1 -3.94 32.53 18.76
C ARG BA 1 -4.51 31.39 19.60
N SER BA 2 -3.62 30.55 20.12
CA SER BA 2 -3.99 29.43 20.98
C SER BA 2 -2.84 29.18 21.96
N SER BA 3 -3.04 28.20 22.84
CA SER BA 3 -2.07 27.91 23.89
C SER BA 3 -1.81 26.42 23.97
N SER BA 4 -0.60 26.07 24.41
CA SER BA 4 -0.18 24.68 24.47
C SER BA 4 0.76 24.48 25.66
N ARG BA 5 0.51 23.44 26.44
CA ARG BA 5 1.31 23.13 27.62
C ARG BA 5 1.34 21.62 27.86
N THR BA 6 1.75 20.85 26.83
CA THR BA 6 1.72 19.40 26.73
C THR BA 6 3.05 18.77 27.15
N PRO BA 7 3.02 17.59 27.79
CA PRO BA 7 4.26 16.98 28.27
C PRO BA 7 4.92 16.03 27.26
N SER BA 8 5.91 15.27 27.71
CA SER BA 8 6.64 14.33 26.86
C SER BA 8 6.78 12.96 27.53
N ASP BA 9 7.57 12.06 26.92
CA ASP BA 9 7.66 10.68 27.37
C ASP BA 9 9.03 10.01 27.26
N LYS BA 10 9.03 8.83 26.63
CA LYS BA 10 10.11 7.87 26.53
C LYS BA 10 10.40 7.57 25.05
N PRO BA 11 11.56 7.00 24.74
CA PRO BA 11 11.92 6.78 23.32
C PRO BA 11 10.82 6.12 22.52
N VAL BA 12 10.44 6.77 21.42
CA VAL BA 12 9.35 6.34 20.56
C VAL BA 12 9.65 6.75 19.13
N ALA BA 13 9.07 6.01 18.18
CA ALA BA 13 9.20 6.32 16.75
C ALA BA 13 8.08 5.62 16.00
N HIS BA 14 7.46 6.35 15.08
CA HIS BA 14 6.46 5.81 14.14
C HIS BA 14 6.65 6.57 12.84
N VAL BA 15 7.36 5.95 11.91
CA VAL BA 15 7.73 6.58 10.66
C VAL BA 15 6.86 6.00 9.55
N VAL BA 16 6.64 6.80 8.50
CA VAL BA 16 5.76 6.43 7.41
C VAL BA 16 6.57 6.47 6.12
N ALA BA 17 6.19 5.62 5.16
CA ALA BA 17 6.91 5.53 3.90
C ALA BA 17 6.77 6.81 3.09
N ASN BA 18 7.79 7.08 2.27
CA ASN BA 18 7.80 8.27 1.42
C ASN BA 18 6.91 8.06 0.21
N PRO BA 19 5.89 8.90 0.00
CA PRO BA 19 5.04 8.72 -1.19
C PRO BA 19 5.72 9.10 -2.49
N GLN BA 20 6.56 10.16 -2.50
CA GLN BA 20 7.25 10.61 -3.70
C GLN BA 20 8.62 9.97 -3.90
N ALA BA 21 8.81 8.74 -3.45
CA ALA BA 21 10.07 8.00 -3.59
C ALA BA 21 9.80 6.90 -4.60
N GLU BA 22 10.18 7.16 -5.85
CA GLU BA 22 9.85 6.28 -6.97
C GLU BA 22 10.38 4.87 -6.77
N GLY BA 23 9.45 3.93 -6.67
CA GLY BA 23 9.77 2.51 -6.54
C GLY BA 23 10.72 2.18 -5.41
N GLN BA 24 10.66 2.92 -4.31
CA GLN BA 24 11.59 2.71 -3.21
C GLN BA 24 10.90 2.99 -1.88
N LEU BA 25 11.46 2.41 -0.81
CA LEU BA 25 10.94 2.52 0.55
C LEU BA 25 11.83 3.43 1.39
N GLN BA 26 11.53 4.73 1.37
CA GLN BA 26 12.25 5.72 2.16
C GLN BA 26 11.40 6.10 3.38
N TRP BA 27 11.98 5.97 4.57
CA TRP BA 27 11.24 6.23 5.80
C TRP BA 27 11.27 7.72 6.12
N LEU BA 28 10.10 8.27 6.47
CA LEU BA 28 9.97 9.68 6.78
C LEU BA 28 9.39 9.88 8.18
N ASN BA 29 9.79 11.00 8.78
CA ASN BA 29 9.32 11.42 10.09
C ASN BA 29 8.71 12.82 10.14
N ARG BA 30 9.00 13.70 9.19
CA ARG BA 30 8.45 15.05 9.20
C ARG BA 30 7.17 15.14 8.36
N ARG BA 31 6.21 14.30 8.72
CA ARG BA 31 4.90 14.29 8.10
C ARG BA 31 3.84 14.02 9.15
N ALA BA 32 2.67 14.64 8.95
CA ALA BA 32 1.51 14.51 9.83
C ALA BA 32 1.35 13.11 10.38
N ASN BA 33 0.96 13.04 11.66
CA ASN BA 33 0.74 11.79 12.39
C ASN BA 33 1.93 10.83 12.27
N ALA BA 34 3.14 11.37 12.36
CA ALA BA 34 4.34 10.55 12.41
C ALA BA 34 5.19 11.04 13.58
N LEU BA 35 5.95 10.12 14.17
CA LEU BA 35 6.73 10.43 15.36
C LEU BA 35 8.16 9.91 15.21
N LEU BA 36 9.07 10.67 15.80
CA LEU BA 36 10.49 10.29 15.91
C LEU BA 36 11.05 11.23 16.98
N ALA BA 37 11.02 10.79 18.23
CA ALA BA 37 11.32 11.69 19.34
C ALA BA 37 11.92 10.90 20.50
N ASN BA 38 12.40 11.65 21.49
CA ASN BA 38 12.97 11.12 22.74
C ASN BA 38 14.18 10.23 22.47
N GLY BA 39 14.94 10.55 21.42
CA GLY BA 39 16.25 9.97 21.21
C GLY BA 39 16.35 9.02 20.03
N VAL BA 40 15.24 8.44 19.57
CA VAL BA 40 15.32 7.54 18.43
C VAL BA 40 15.71 8.35 17.19
N GLU BA 41 16.80 7.94 16.56
CA GLU BA 41 17.33 8.60 15.37
C GLU BA 41 17.19 7.67 14.16
N LEU BA 42 16.94 8.27 12.99
CA LEU BA 42 16.84 7.53 11.72
C LEU BA 42 18.06 7.85 10.87
N ARG BA 43 19.00 6.90 10.78
CA ARG BA 43 20.17 7.11 9.94
C ARG BA 43 19.90 6.67 8.52
N ASP BA 44 20.53 5.57 8.11
CA ASP BA 44 20.47 5.08 6.74
C ASP BA 44 19.25 4.15 6.55
N ASN BA 45 18.07 4.77 6.57
CA ASN BA 45 16.80 4.04 6.56
C ASN BA 45 16.76 3.00 7.68
N GLN BA 46 17.40 3.33 8.80
CA GLN BA 46 17.48 2.45 9.96
C GLN BA 46 17.23 3.26 11.23
N LEU BA 47 16.54 2.63 12.18
CA LEU BA 47 16.27 3.24 13.47
C LEU BA 47 17.36 2.83 14.46
N VAL BA 48 17.90 3.82 15.18
CA VAL BA 48 18.98 3.58 16.13
C VAL BA 48 18.39 3.71 17.54
N VAL BA 49 18.47 2.63 18.30
CA VAL BA 49 17.89 2.62 19.65
C VAL BA 49 18.71 3.53 20.56
N PRO BA 50 18.09 4.45 21.29
CA PRO BA 50 18.87 5.41 22.09
C PRO BA 50 19.20 4.92 23.49
N SER BA 51 18.50 3.90 23.96
CA SER BA 51 18.71 3.40 25.32
C SER BA 51 18.32 1.93 25.40
N GLU BA 52 18.98 1.21 26.29
CA GLU BA 52 18.72 -0.21 26.48
C GLU BA 52 17.39 -0.40 27.22
N GLY BA 53 16.62 -1.41 26.82
CA GLY BA 53 15.37 -1.65 27.49
C GLY BA 53 14.48 -2.57 26.70
N LEU BA 54 13.23 -2.62 27.13
CA LEU BA 54 12.20 -3.45 26.52
C LEU BA 54 11.45 -2.63 25.46
N TYR BA 55 11.44 -3.13 24.22
CA TYR BA 55 10.79 -2.40 23.14
C TYR BA 55 9.73 -3.24 22.45
N LEU BA 56 8.77 -2.54 21.83
CA LEU BA 56 7.77 -3.13 20.96
C LEU BA 56 8.08 -2.71 19.52
N ILE BA 57 8.29 -3.69 18.65
CA ILE BA 57 8.63 -3.43 17.24
C ILE BA 57 7.44 -3.88 16.39
N TYR BA 58 7.05 -3.03 15.45
CA TYR BA 58 5.94 -3.33 14.54
C TYR BA 58 6.21 -2.67 13.19
N SER BA 59 5.62 -3.25 12.15
CA SER BA 59 5.69 -2.68 10.80
C SER BA 59 4.66 -3.35 9.91
N GLN BA 60 4.07 -2.57 9.00
CA GLN BA 60 3.19 -3.06 7.96
C GLN BA 60 3.60 -2.49 6.62
N VAL BA 61 3.46 -3.31 5.57
CA VAL BA 61 3.66 -2.89 4.20
C VAL BA 61 2.48 -3.40 3.39
N LEU BA 62 2.06 -2.60 2.41
CA LEU BA 62 0.99 -2.99 1.49
C LEU BA 62 1.59 -3.22 0.11
N PHE BA 63 1.34 -4.41 -0.43
CA PHE BA 63 1.80 -4.76 -1.76
C PHE BA 63 0.63 -4.69 -2.73
N LYS BA 64 0.87 -4.06 -3.88
CA LYS BA 64 -0.11 -3.96 -4.93
C LYS BA 64 0.58 -4.22 -6.26
N GLY BA 65 -0.07 -5.02 -7.10
CA GLY BA 65 0.41 -5.24 -8.45
C GLY BA 65 -0.77 -5.18 -9.39
N GLN BA 66 -0.49 -4.82 -10.63
CA GLN BA 66 -1.56 -4.63 -11.61
C GLN BA 66 -1.65 -5.82 -12.57
N GLY BA 67 -1.70 -7.01 -11.99
CA GLY BA 67 -1.79 -8.26 -12.73
C GLY BA 67 -0.89 -9.32 -12.12
N CYS BA 68 -1.25 -10.59 -12.33
CA CYS BA 68 -0.50 -11.75 -11.86
C CYS BA 68 0.17 -12.54 -12.98
N PRO BA 69 1.13 -11.97 -13.71
CA PRO BA 69 1.75 -12.72 -14.82
C PRO BA 69 2.80 -13.73 -14.40
N SER BA 70 2.73 -14.25 -13.17
CA SER BA 70 3.74 -15.21 -12.72
C SER BA 70 3.25 -15.93 -11.47
N THR BA 71 2.99 -17.23 -11.60
CA THR BA 71 2.59 -18.06 -10.47
C THR BA 71 3.78 -18.37 -9.53
N HIS BA 72 4.95 -17.76 -9.73
CA HIS BA 72 6.18 -18.03 -8.97
C HIS BA 72 6.80 -16.74 -8.44
N VAL BA 73 5.97 -15.83 -7.90
CA VAL BA 73 6.42 -14.60 -7.28
C VAL BA 73 6.31 -14.72 -5.76
N LEU BA 74 7.34 -14.24 -5.05
CA LEU BA 74 7.39 -14.26 -3.59
C LEU BA 74 7.51 -12.87 -2.99
N LEU BA 75 6.60 -12.51 -2.10
CA LEU BA 75 6.63 -11.27 -1.35
C LEU BA 75 7.05 -11.56 0.09
N THR BA 76 8.12 -10.92 0.56
CA THR BA 76 8.58 -11.10 1.94
C THR BA 76 8.75 -9.74 2.61
N HIS BA 77 8.71 -9.76 3.94
CA HIS BA 77 8.80 -8.54 4.74
C HIS BA 77 9.45 -8.90 6.06
N THR BA 78 10.56 -8.25 6.40
CA THR BA 78 11.32 -8.63 7.58
C THR BA 78 11.81 -7.41 8.35
N ILE BA 79 11.74 -7.51 9.68
CA ILE BA 79 12.39 -6.56 10.57
C ILE BA 79 13.58 -7.29 11.19
N SER BA 80 14.78 -6.79 10.89
CA SER BA 80 16.04 -7.41 11.27
C SER BA 80 16.76 -6.51 12.26
N ARG BA 81 17.76 -7.07 12.94
CA ARG BA 81 18.49 -6.34 13.96
C ARG BA 81 19.98 -6.60 13.80
N ILE BA 82 20.77 -5.54 13.69
CA ILE BA 82 22.21 -5.62 13.80
C ILE BA 82 22.58 -4.96 15.11
N ALA BA 83 23.12 -5.76 16.03
CA ALA BA 83 23.33 -5.35 17.40
C ALA BA 83 24.79 -5.00 17.68
N VAL BA 84 24.98 -4.24 18.76
CA VAL BA 84 26.34 -3.89 19.18
C VAL BA 84 27.09 -5.10 19.71
N SER BA 85 26.40 -6.07 20.30
CA SER BA 85 27.08 -7.25 20.82
C SER BA 85 27.44 -8.22 19.70
N TYR BA 86 26.60 -8.31 18.68
CA TYR BA 86 26.79 -9.23 17.55
C TYR BA 86 26.47 -8.48 16.27
N GLN BA 87 27.51 -8.06 15.54
CA GLN BA 87 27.39 -7.16 14.39
C GLN BA 87 26.98 -7.90 13.13
N THR BA 88 25.95 -8.74 13.24
CA THR BA 88 25.41 -9.50 12.13
C THR BA 88 23.91 -9.27 12.00
N LYS BA 89 23.44 -9.20 10.77
CA LYS BA 89 22.01 -9.05 10.51
C LYS BA 89 21.28 -10.34 10.92
N VAL BA 90 20.40 -10.24 11.89
CA VAL BA 90 19.58 -11.35 12.33
C VAL BA 90 18.11 -10.94 12.22
N ASN BA 91 17.26 -11.87 11.83
CA ASN BA 91 15.84 -11.57 11.69
C ASN BA 91 15.13 -11.66 13.03
N LEU BA 92 14.39 -10.60 13.37
CA LEU BA 92 13.52 -10.64 14.54
C LEU BA 92 12.10 -11.06 14.17
N LEU BA 93 11.56 -10.47 13.11
CA LEU BA 93 10.24 -10.80 12.60
C LEU BA 93 10.32 -10.95 11.09
N SER BA 94 9.63 -11.95 10.57
CA SER BA 94 9.65 -12.24 9.14
C SER BA 94 8.33 -12.87 8.75
N ALA BA 95 7.94 -12.66 7.49
CA ALA BA 95 6.74 -13.26 6.95
C ALA BA 95 6.90 -13.38 5.44
N ILE BA 96 6.29 -14.41 4.88
CA ILE BA 96 6.35 -14.66 3.45
C ILE BA 96 4.90 -14.77 2.96
N LYS BA 97 4.65 -14.28 1.75
CA LYS BA 97 3.33 -14.33 1.17
C LYS BA 97 3.46 -14.46 -0.34
N SER BA 98 2.66 -15.36 -0.90
CA SER BA 98 2.61 -15.56 -2.34
C SER BA 98 1.39 -14.82 -2.86
N PRO BA 99 1.57 -13.75 -3.64
CA PRO BA 99 0.43 -12.91 -3.99
C PRO BA 99 -0.41 -13.49 -5.11
N CYS BA 100 0.22 -14.25 -6.01
CA CYS BA 100 -0.48 -14.72 -7.20
C CYS BA 100 -0.49 -16.24 -7.18
N GLN BA 101 -1.65 -16.81 -6.85
CA GLN BA 101 -1.88 -18.24 -6.89
C GLN BA 101 -2.59 -18.68 -8.17
N ARG BA 102 -3.06 -17.77 -8.99
CA ARG BA 102 -3.83 -18.16 -10.17
C ARG BA 102 -2.93 -18.33 -11.40
N GLU BA 103 -3.57 -18.66 -12.52
CA GLU BA 103 -2.88 -18.93 -13.78
C GLU BA 103 -2.86 -17.73 -14.71
N THR BA 104 -2.32 -16.63 -14.18
CA THR BA 104 -2.07 -15.33 -14.81
C THR BA 104 -3.23 -14.73 -15.60
N PRO BA 105 -3.42 -13.40 -15.56
CA PRO BA 105 -4.49 -12.78 -16.34
C PRO BA 105 -4.26 -12.95 -17.84
N GLU BA 106 -4.55 -14.13 -18.39
CA GLU BA 106 -4.18 -14.41 -19.77
C GLU BA 106 -5.09 -13.71 -20.75
N GLY BA 107 -6.33 -13.44 -20.35
CA GLY BA 107 -7.25 -12.71 -21.19
C GLY BA 107 -7.26 -11.24 -20.85
N ALA BA 108 -8.32 -10.78 -20.19
CA ALA BA 108 -8.38 -9.39 -19.76
C ALA BA 108 -7.46 -9.17 -18.56
N GLU BA 109 -7.12 -7.91 -18.32
CA GLU BA 109 -6.28 -7.56 -17.20
C GLU BA 109 -7.02 -6.66 -16.22
N ALA BA 110 -6.31 -5.69 -15.66
CA ALA BA 110 -6.85 -4.78 -14.65
C ALA BA 110 -7.37 -5.54 -13.43
N LYS BA 111 -6.59 -6.53 -13.00
CA LYS BA 111 -6.95 -7.20 -11.75
C LYS BA 111 -5.89 -6.84 -10.72
N PRO BA 112 -6.04 -5.70 -10.04
CA PRO BA 112 -5.06 -5.32 -9.04
C PRO BA 112 -5.20 -6.18 -7.80
N TRP BA 113 -4.10 -6.79 -7.39
CA TRP BA 113 -4.10 -7.58 -6.18
C TRP BA 113 -3.47 -6.76 -5.08
N TYR BA 114 -4.02 -6.88 -3.88
CA TYR BA 114 -3.51 -6.16 -2.73
C TYR BA 114 -3.26 -7.22 -1.66
N GLU BA 115 -2.05 -7.23 -1.12
CA GLU BA 115 -1.66 -8.18 -0.10
C GLU BA 115 -0.90 -7.41 0.96
N PRO BA 116 -1.42 -7.30 2.17
CA PRO BA 116 -0.67 -6.64 3.24
C PRO BA 116 0.07 -7.64 4.10
N ILE BA 117 1.09 -7.17 4.81
CA ILE BA 117 1.89 -8.00 5.70
C ILE BA 117 2.17 -7.20 6.95
N TYR BA 118 1.94 -7.80 8.12
CA TYR BA 118 2.13 -7.12 9.38
C TYR BA 118 3.05 -7.92 10.27
N LEU BA 119 3.87 -7.21 11.04
CA LEU BA 119 4.87 -7.79 11.92
C LEU BA 119 4.78 -7.11 13.28
N GLY BA 120 4.98 -7.88 14.35
CA GLY BA 120 4.96 -7.29 15.67
C GLY BA 120 5.58 -8.20 16.71
N GLY BA 121 6.28 -7.59 17.66
CA GLY BA 121 6.88 -8.35 18.75
C GLY BA 121 7.57 -7.44 19.74
N VAL BA 122 7.86 -8.02 20.90
CA VAL BA 122 8.57 -7.34 21.98
C VAL BA 122 9.97 -7.95 22.07
N PHE BA 123 10.98 -7.09 22.23
CA PHE BA 123 12.35 -7.54 22.26
C PHE BA 123 13.16 -6.73 23.25
N GLN BA 124 14.28 -7.31 23.66
CA GLN BA 124 15.27 -6.61 24.46
C GLN BA 124 16.32 -6.04 23.52
N LEU BA 125 16.43 -4.72 23.50
CA LEU BA 125 17.40 -4.05 22.65
C LEU BA 125 18.40 -3.29 23.52
N GLU BA 126 19.59 -3.12 22.98
CA GLU BA 126 20.64 -2.40 23.66
C GLU BA 126 20.85 -1.07 22.96
N LYS BA 127 21.63 -0.20 23.61
CA LYS BA 127 21.95 1.09 23.02
C LYS BA 127 22.74 0.88 21.74
N GLY BA 128 22.36 1.58 20.68
CA GLY BA 128 23.07 1.50 19.42
C GLY BA 128 22.63 0.38 18.50
N ASP BA 129 21.66 -0.45 18.90
CA ASP BA 129 21.13 -1.43 17.97
C ASP BA 129 20.42 -0.71 16.84
N ARG BA 130 20.61 -1.20 15.61
CA ARG BA 130 20.03 -0.58 14.43
C ARG BA 130 19.00 -1.53 13.83
N LEU BA 131 17.74 -1.13 13.89
CA LEU BA 131 16.61 -1.90 13.38
C LEU BA 131 16.29 -1.43 11.96
N SER BA 132 15.89 -2.38 11.12
CA SER BA 132 15.60 -2.08 9.72
C SER BA 132 14.42 -2.91 9.23
N ALA BA 133 13.43 -2.24 8.64
CA ALA BA 133 12.30 -2.88 8.01
C ALA BA 133 12.49 -2.84 6.50
N GLU BA 134 12.42 -4.00 5.85
CA GLU BA 134 12.74 -4.12 4.44
C GLU BA 134 11.82 -5.15 3.78
N ILE BA 135 11.71 -5.03 2.45
CA ILE BA 135 10.91 -5.92 1.64
C ILE BA 135 11.76 -6.37 0.46
N ASN BA 136 11.38 -7.51 -0.14
CA ASN BA 136 12.23 -8.06 -1.19
C ASN BA 136 11.96 -7.41 -2.54
N ARG BA 137 10.73 -6.98 -2.79
CA ARG BA 137 10.33 -6.39 -4.06
C ARG BA 137 9.80 -4.98 -3.83
N PRO BA 138 10.66 -3.96 -3.84
CA PRO BA 138 10.19 -2.58 -3.57
C PRO BA 138 9.44 -1.96 -4.74
N ASP BA 139 9.13 -2.75 -5.77
CA ASP BA 139 8.39 -2.28 -6.93
C ASP BA 139 6.88 -2.50 -6.80
N TYR BA 140 6.44 -3.23 -5.77
CA TYR BA 140 5.03 -3.50 -5.54
C TYR BA 140 4.45 -2.68 -4.40
N LEU BA 141 5.17 -1.68 -3.93
CA LEU BA 141 4.70 -0.86 -2.82
C LEU BA 141 3.51 0.00 -3.21
N ASP BA 142 2.51 0.05 -2.34
CA ASP BA 142 1.35 0.92 -2.48
C ASP BA 142 1.42 1.97 -1.38
N PHE BA 143 2.19 3.03 -1.63
CA PHE BA 143 2.25 4.19 -0.76
C PHE BA 143 1.40 5.33 -1.30
N ALA BA 144 0.37 5.03 -2.09
CA ALA BA 144 -0.42 6.09 -2.70
C ALA BA 144 -1.28 6.81 -1.68
N GLU BA 145 -1.86 6.06 -0.74
CA GLU BA 145 -2.67 6.71 0.27
C GLU BA 145 -1.84 6.79 1.55
N SER BA 146 -2.49 7.14 2.66
CA SER BA 146 -1.78 7.45 3.90
C SER BA 146 -1.98 6.36 4.93
N GLY BA 147 -0.89 6.00 5.61
CA GLY BA 147 -0.89 4.95 6.61
C GLY BA 147 -1.07 3.58 6.00
N GLN BA 148 -0.49 3.35 4.83
CA GLN BA 148 -0.49 2.02 4.21
C GLN BA 148 0.80 1.26 4.46
N VAL BA 149 1.90 1.98 4.64
CA VAL BA 149 3.20 1.40 4.95
C VAL BA 149 3.78 2.19 6.11
N TYR BA 150 4.24 1.49 7.14
CA TYR BA 150 4.79 2.17 8.31
C TYR BA 150 5.68 1.20 9.07
N PHE BA 151 6.38 1.76 10.06
CA PHE BA 151 7.41 1.04 10.80
C PHE BA 151 7.74 1.85 12.05
N GLY BA 152 7.77 1.20 13.21
CA GLY BA 152 7.95 1.96 14.43
C GLY BA 152 8.38 1.10 15.59
N ILE BA 153 8.93 1.76 16.60
CA ILE BA 153 9.28 1.13 17.87
C ILE BA 153 8.79 2.03 18.97
N ILE BA 154 8.55 1.44 20.13
CA ILE BA 154 8.11 2.19 21.31
C ILE BA 154 8.71 1.55 22.54
N ALA BA 155 9.31 2.37 23.39
CA ALA BA 155 9.94 1.90 24.61
C ALA BA 155 8.86 1.63 25.65
N LEU BA 156 8.67 0.36 25.98
CA LEU BA 156 7.72 -0.01 27.01
C LEU BA 156 8.39 0.10 28.36
N PRO CA 7 18.04 -2.77 34.73
CA PRO CA 7 17.03 -3.44 35.56
C PRO CA 7 15.62 -3.17 35.07
N SER CA 8 15.11 -4.03 34.20
CA SER CA 8 13.77 -3.89 33.63
C SER CA 8 12.82 -4.84 34.34
N ASP CA 9 11.74 -4.30 34.92
CA ASP CA 9 10.80 -5.17 35.61
C ASP CA 9 9.69 -5.54 34.62
N LYS CA 10 8.44 -5.58 35.08
CA LYS CA 10 7.26 -6.03 34.32
C LYS CA 10 7.43 -7.41 33.69
N PRO CA 11 6.55 -8.34 34.01
CA PRO CA 11 6.57 -9.67 33.35
C PRO CA 11 6.49 -9.57 31.83
N VAL CA 12 7.36 -10.33 31.15
CA VAL CA 12 7.46 -10.33 29.70
C VAL CA 12 7.74 -11.75 29.22
N ALA CA 13 7.38 -12.01 27.97
CA ALA CA 13 7.63 -13.29 27.33
C ALA CA 13 7.57 -13.09 25.83
N HIS CA 14 8.54 -13.67 25.12
CA HIS CA 14 8.52 -13.72 23.66
C HIS CA 14 9.19 -15.02 23.26
N VAL CA 15 8.37 -16.04 22.96
CA VAL CA 15 8.86 -17.37 22.67
C VAL CA 15 8.71 -17.64 21.18
N VAL CA 16 9.63 -18.44 20.63
CA VAL CA 16 9.69 -18.75 19.21
C VAL CA 16 9.67 -20.27 19.05
N ALA CA 17 9.14 -20.73 17.93
CA ALA CA 17 9.00 -22.17 17.71
C ALA CA 17 10.34 -22.87 17.56
N ASN CA 18 10.35 -24.14 17.94
CA ASN CA 18 11.53 -24.99 17.76
C ASN CA 18 11.58 -25.46 16.31
N PRO CA 19 12.63 -25.12 15.56
CA PRO CA 19 12.70 -25.56 14.15
C PRO CA 19 12.92 -27.05 13.98
N GLN CA 20 13.67 -27.69 14.87
CA GLN CA 20 13.94 -29.13 14.77
C GLN CA 20 12.90 -29.96 15.51
N ALA CA 21 11.64 -29.52 15.47
CA ALA CA 21 10.51 -30.21 16.09
C ALA CA 21 9.65 -30.84 15.00
N GLU CA 22 9.52 -32.17 15.06
CA GLU CA 22 8.80 -32.97 14.06
C GLU CA 22 7.31 -32.69 14.09
N GLY CA 23 6.82 -31.97 13.08
CA GLY CA 23 5.38 -31.71 12.97
C GLY CA 23 4.67 -31.16 14.19
N GLN CA 24 5.32 -30.29 14.96
CA GLN CA 24 4.70 -29.77 16.17
C GLN CA 24 5.14 -28.34 16.45
N LEU CA 25 4.32 -27.64 17.25
CA LEU CA 25 4.55 -26.26 17.65
C LEU CA 25 5.02 -26.27 19.10
N GLN CA 26 6.33 -26.42 19.28
CA GLN CA 26 6.95 -26.39 20.60
C GLN CA 26 7.62 -25.05 20.82
N TRP CA 27 7.25 -24.38 21.90
CA TRP CA 27 7.74 -23.05 22.19
C TRP CA 27 9.07 -23.13 22.94
N LEU CA 28 10.02 -22.31 22.52
CA LEU CA 28 11.33 -22.26 23.13
C LEU CA 28 11.59 -20.87 23.69
N ASN CA 29 12.36 -20.82 24.77
CA ASN CA 29 12.74 -19.56 25.39
C ASN CA 29 14.25 -19.36 25.51
N ARG CA 30 15.05 -20.41 25.48
CA ARG CA 30 16.51 -20.28 25.54
C ARG CA 30 17.08 -20.23 24.12
N ARG CA 31 16.65 -19.19 23.41
CA ARG CA 31 17.05 -18.93 22.03
C ARG CA 31 17.40 -17.45 21.92
N ALA CA 32 18.31 -17.15 20.99
CA ALA CA 32 18.89 -15.84 20.75
C ALA CA 32 18.00 -14.66 21.12
N ASN CA 33 16.96 -14.41 20.34
CA ASN CA 33 16.11 -13.24 20.54
C ASN CA 33 14.78 -13.57 21.20
N ALA CA 34 14.81 -14.35 22.28
CA ALA CA 34 13.60 -14.75 22.99
C ALA CA 34 13.69 -14.37 24.46
N LEU CA 35 12.52 -14.12 25.06
CA LEU CA 35 12.42 -13.67 26.44
C LEU CA 35 11.39 -14.49 27.19
N LEU CA 36 11.66 -14.67 28.48
CA LEU CA 36 10.69 -15.29 29.40
C LEU CA 36 11.20 -14.94 30.81
N ALA CA 37 10.71 -13.83 31.37
CA ALA CA 37 11.31 -13.31 32.58
C ALA CA 37 10.29 -12.56 33.41
N ASN CA 38 10.72 -12.21 34.62
CA ASN CA 38 9.94 -11.40 35.57
C ASN CA 38 8.64 -12.10 35.96
N GLY CA 39 8.65 -13.43 35.98
CA GLY CA 39 7.58 -14.23 36.55
C GLY CA 39 6.78 -15.05 35.55
N VAL CA 40 6.74 -14.69 34.25
CA VAL CA 40 6.01 -15.54 33.31
C VAL CA 40 6.79 -16.84 33.15
N GLU CA 41 6.12 -17.96 33.41
CA GLU CA 41 6.70 -19.28 33.26
C GLU CA 41 6.07 -19.97 32.05
N LEU CA 42 6.86 -20.79 31.37
CA LEU CA 42 6.36 -21.60 30.27
C LEU CA 42 6.24 -23.02 30.80
N ARG CA 43 5.02 -23.44 31.11
CA ARG CA 43 4.77 -24.74 31.69
C ARG CA 43 4.54 -25.77 30.58
N ASP CA 44 3.31 -26.28 30.45
CA ASP CA 44 3.04 -27.34 29.48
C ASP CA 44 2.68 -26.70 28.13
N ASN CA 45 3.72 -26.15 27.51
CA ASN CA 45 3.59 -25.38 26.26
C ASN CA 45 2.58 -24.24 26.41
N GLN CA 46 2.51 -23.66 27.61
CA GLN CA 46 1.59 -22.58 27.94
C GLN CA 46 2.31 -21.53 28.78
N LEU CA 47 1.96 -20.27 28.56
CA LEU CA 47 2.51 -19.16 29.34
C LEU CA 47 1.60 -18.91 30.53
N VAL CA 48 2.18 -18.82 31.72
CA VAL CA 48 1.44 -18.64 32.96
C VAL CA 48 1.66 -17.21 33.45
N VAL CA 49 0.58 -16.43 33.49
CA VAL CA 49 0.67 -15.03 33.89
C VAL CA 49 0.96 -14.93 35.39
N PRO CA 50 1.98 -14.18 35.81
CA PRO CA 50 2.36 -14.13 37.23
C PRO CA 50 1.69 -13.06 38.06
N SER CA 51 1.04 -12.06 37.45
CA SER CA 51 0.47 -10.98 38.23
C SER CA 51 -0.73 -10.41 37.49
N GLU CA 52 -1.69 -9.91 38.26
CA GLU CA 52 -2.89 -9.32 37.71
C GLU CA 52 -2.58 -7.94 37.14
N GLY CA 53 -3.12 -7.66 35.98
CA GLY CA 53 -2.90 -6.38 35.34
C GLY CA 53 -3.27 -6.44 33.88
N LEU CA 54 -2.89 -5.38 33.16
CA LEU CA 54 -3.13 -5.29 31.73
C LEU CA 54 -1.92 -5.76 30.95
N TYR CA 55 -2.15 -6.70 30.04
CA TYR CA 55 -1.11 -7.27 29.20
C TYR CA 55 -1.44 -7.06 27.73
N LEU CA 56 -0.38 -7.07 26.92
CA LEU CA 56 -0.49 -7.07 25.47
C LEU CA 56 -0.11 -8.46 24.99
N ILE CA 57 -1.03 -9.13 24.31
CA ILE CA 57 -0.85 -10.50 23.86
C ILE CA 57 -0.76 -10.51 22.35
N TYR CA 58 0.23 -11.21 21.81
CA TYR CA 58 0.39 -11.29 20.37
C TYR CA 58 1.01 -12.63 20.00
N SER CA 59 0.78 -13.05 18.75
CA SER CA 59 1.42 -14.23 18.20
C SER CA 59 1.26 -14.20 16.69
N GLN CA 60 2.27 -14.70 15.98
CA GLN CA 60 2.21 -14.86 14.54
C GLN CA 60 2.62 -16.27 14.17
N VAL CA 61 1.96 -16.83 13.15
CA VAL CA 61 2.27 -18.15 12.63
C VAL CA 61 2.40 -18.04 11.11
N LEU CA 62 3.36 -18.76 10.54
CA LEU CA 62 3.56 -18.76 9.09
C LEU CA 62 3.26 -20.17 8.58
N PHE CA 63 2.34 -20.27 7.63
CA PHE CA 63 1.97 -21.53 7.03
C PHE CA 63 2.55 -21.63 5.62
N LYS CA 64 3.13 -22.79 5.30
CA LYS CA 64 3.65 -23.06 3.97
C LYS CA 64 3.25 -24.46 3.53
N GLY CA 65 2.81 -24.57 2.29
CA GLY CA 65 2.50 -25.86 1.70
C GLY CA 65 3.02 -25.93 0.28
N GLN CA 66 3.27 -27.16 -0.17
CA GLN CA 66 3.81 -27.42 -1.51
C GLN CA 66 2.70 -27.89 -2.45
N GLY CA 67 1.59 -27.18 -2.46
CA GLY CA 67 0.48 -27.58 -3.29
C GLY CA 67 -0.86 -27.51 -2.59
N CYS CA 68 -1.93 -27.44 -3.36
CA CYS CA 68 -3.29 -27.39 -2.84
C CYS CA 68 -3.92 -28.76 -2.96
N PRO CA 69 -4.10 -29.50 -1.88
CA PRO CA 69 -4.62 -30.86 -2.00
C PRO CA 69 -6.10 -30.90 -2.31
N SER CA 70 -6.85 -31.76 -1.63
CA SER CA 70 -8.26 -31.90 -1.95
C SER CA 70 -9.07 -30.97 -1.06
N THR CA 71 -10.17 -30.46 -1.63
CA THR CA 71 -11.07 -29.50 -0.99
C THR CA 71 -10.27 -28.33 -0.44
N HIS CA 72 -10.79 -27.68 0.59
CA HIS CA 72 -10.14 -26.50 1.14
C HIS CA 72 -9.56 -26.82 2.50
N VAL CA 73 -8.40 -26.26 2.76
CA VAL CA 73 -7.76 -26.34 4.06
C VAL CA 73 -8.06 -25.04 4.77
N LEU CA 74 -8.38 -25.12 6.05
CA LEU CA 74 -8.59 -23.92 6.83
C LEU CA 74 -7.44 -23.79 7.79
N LEU CA 75 -6.75 -22.67 7.69
CA LEU CA 75 -5.62 -22.39 8.56
C LEU CA 75 -6.19 -21.50 9.66
N THR CA 76 -6.07 -21.96 10.89
CA THR CA 76 -6.57 -21.18 11.99
C THR CA 76 -5.43 -20.98 12.96
N HIS CA 77 -5.54 -19.89 13.70
CA HIS CA 77 -4.53 -19.42 14.62
C HIS CA 77 -5.28 -18.72 15.73
N THR CA 78 -5.15 -19.24 16.94
CA THR CA 78 -5.96 -18.73 18.03
C THR CA 78 -5.11 -18.66 19.29
N ILE CA 79 -5.31 -17.59 20.05
CA ILE CA 79 -4.73 -17.41 21.37
C ILE CA 79 -5.84 -17.61 22.39
N SER CA 80 -5.65 -18.54 23.30
CA SER CA 80 -6.66 -18.90 24.26
C SER CA 80 -6.23 -18.51 25.66
N ARG CA 81 -7.20 -18.45 26.56
CA ARG CA 81 -6.99 -18.11 27.95
C ARG CA 81 -7.86 -19.04 28.80
N ILE CA 82 -7.24 -19.78 29.70
CA ILE CA 82 -7.94 -20.52 30.73
C ILE CA 82 -7.60 -19.86 32.06
N ALA CA 83 -8.62 -19.30 32.71
CA ALA CA 83 -8.44 -18.49 33.90
C ALA CA 83 -8.81 -19.26 35.15
N VAL CA 84 -8.29 -18.79 36.29
CA VAL CA 84 -8.65 -19.36 37.58
C VAL CA 84 -10.10 -19.05 37.92
N SER CA 85 -10.62 -17.91 37.42
CA SER CA 85 -12.00 -17.53 37.73
C SER CA 85 -13.00 -18.34 36.91
N TYR CA 86 -12.67 -18.64 35.66
CA TYR CA 86 -13.53 -19.43 34.77
C TYR CA 86 -12.61 -20.39 34.03
N GLN CA 87 -12.58 -21.63 34.52
CA GLN CA 87 -11.54 -22.61 34.16
C GLN CA 87 -11.86 -23.40 32.90
N THR CA 88 -12.26 -22.68 31.84
CA THR CA 88 -12.47 -23.28 30.53
C THR CA 88 -11.66 -22.47 29.51
N LYS CA 89 -11.03 -23.14 28.56
CA LYS CA 89 -10.25 -22.44 27.54
C LYS CA 89 -11.18 -21.65 26.64
N VAL CA 90 -11.01 -20.33 26.62
CA VAL CA 90 -11.79 -19.43 25.79
C VAL CA 90 -10.84 -18.65 24.89
N ASN CA 91 -11.28 -18.35 23.68
CA ASN CA 91 -10.45 -17.65 22.73
C ASN CA 91 -10.45 -16.14 23.02
N LEU CA 92 -9.26 -15.56 23.10
CA LEU CA 92 -9.15 -14.11 23.19
C LEU CA 92 -9.01 -13.48 21.82
N LEU CA 93 -8.17 -14.07 20.96
CA LEU CA 93 -7.95 -13.65 19.59
C LEU CA 93 -7.99 -14.87 18.69
N SER CA 94 -8.60 -14.70 17.52
CA SER CA 94 -8.72 -15.81 16.57
C SER CA 94 -8.73 -15.25 15.16
N ALA CA 95 -8.26 -16.07 14.22
CA ALA CA 95 -8.29 -15.72 12.82
C ALA CA 95 -8.27 -16.99 11.99
N ILE CA 96 -8.96 -16.94 10.86
CA ILE CA 96 -9.05 -18.07 9.94
C ILE CA 96 -8.67 -17.58 8.56
N LYS CA 97 -8.03 -18.45 7.78
CA LYS CA 97 -7.58 -18.11 6.45
C LYS CA 97 -7.62 -19.35 5.57
N SER CA 98 -8.17 -19.21 4.38
CA SER CA 98 -8.21 -20.30 3.41
C SER CA 98 -7.10 -20.08 2.40
N PRO CA 99 -6.08 -20.93 2.35
CA PRO CA 99 -4.91 -20.65 1.50
C PRO CA 99 -5.14 -20.99 0.04
N CYS CA 100 -6.06 -21.91 -0.23
CA CYS CA 100 -6.24 -22.48 -1.55
C CYS CA 100 -7.52 -21.91 -2.15
N GLN CA 101 -7.34 -21.15 -3.23
CA GLN CA 101 -8.40 -20.49 -3.96
C GLN CA 101 -8.94 -21.49 -4.98
N ARG CA 102 -9.30 -22.68 -4.49
CA ARG CA 102 -9.72 -23.78 -5.33
C ARG CA 102 -8.50 -24.07 -6.21
N GLU CA 103 -8.72 -24.36 -7.48
CA GLU CA 103 -7.68 -24.67 -8.46
C GLU CA 103 -6.63 -25.63 -7.91
N THR CA 104 -7.12 -26.80 -7.50
CA THR CA 104 -6.21 -27.83 -7.03
C THR CA 104 -5.37 -28.31 -8.22
N PRO CA 105 -4.08 -28.62 -8.00
CA PRO CA 105 -3.20 -28.93 -9.15
C PRO CA 105 -3.73 -30.03 -10.03
N GLU CA 106 -4.12 -29.62 -11.25
CA GLU CA 106 -4.79 -30.49 -12.20
C GLU CA 106 -3.76 -31.29 -13.01
N GLY CA 107 -3.13 -32.24 -12.32
CA GLY CA 107 -2.17 -33.13 -12.94
C GLY CA 107 -0.98 -32.41 -13.52
N ALA CA 108 -0.63 -31.26 -12.96
CA ALA CA 108 0.47 -30.44 -13.45
C ALA CA 108 1.56 -30.41 -12.38
N GLU CA 109 2.20 -29.27 -12.10
CA GLU CA 109 3.21 -29.22 -11.04
C GLU CA 109 2.76 -28.28 -9.92
N ALA CA 110 3.45 -28.36 -8.78
CA ALA CA 110 2.98 -27.65 -7.58
C ALA CA 110 3.23 -26.13 -7.68
N LYS CA 111 2.70 -25.43 -6.69
CA LYS CA 111 2.82 -23.97 -6.59
C LYS CA 111 2.81 -23.67 -5.11
N PRO CA 112 3.99 -23.53 -4.48
CA PRO CA 112 4.04 -23.37 -3.02
C PRO CA 112 3.40 -22.06 -2.59
N TRP CA 113 2.46 -22.17 -1.66
CA TRP CA 113 1.73 -21.04 -1.10
C TRP CA 113 2.25 -20.71 0.30
N TYR CA 114 2.22 -19.43 0.63
CA TYR CA 114 2.57 -18.94 1.96
C TYR CA 114 1.44 -18.07 2.46
N GLU CA 115 0.98 -18.36 3.67
CA GLU CA 115 -0.03 -17.53 4.29
C GLU CA 115 0.32 -17.36 5.77
N PRO CA 116 0.65 -16.14 6.20
CA PRO CA 116 0.86 -15.89 7.64
C PRO CA 116 -0.39 -15.34 8.31
N ILE CA 117 -0.48 -15.44 9.63
CA ILE CA 117 -1.63 -14.93 10.38
C ILE CA 117 -1.13 -14.26 11.64
N TYR CA 118 -1.61 -13.06 11.92
CA TYR CA 118 -1.16 -12.31 13.09
C TYR CA 118 -2.34 -11.88 13.94
N LEU CA 119 -2.18 -11.97 15.26
CA LEU CA 119 -3.20 -11.62 16.24
C LEU CA 119 -2.53 -10.79 17.33
N GLY CA 120 -3.23 -9.77 17.83
CA GLY CA 120 -2.71 -8.95 18.91
C GLY CA 120 -3.77 -8.13 19.61
N GLY CA 121 -3.66 -7.98 20.92
CA GLY CA 121 -4.65 -7.21 21.66
C GLY CA 121 -4.30 -7.07 23.12
N VAL CA 122 -5.05 -6.20 23.80
CA VAL CA 122 -4.86 -5.91 25.21
C VAL CA 122 -5.98 -6.59 25.98
N PHE CA 123 -5.63 -7.22 27.10
CA PHE CA 123 -6.58 -7.95 27.91
C PHE CA 123 -6.23 -7.79 29.38
N GLN CA 124 -7.22 -8.01 30.23
CA GLN CA 124 -6.97 -8.07 31.67
C GLN CA 124 -6.81 -9.51 32.08
N LEU CA 125 -5.64 -9.82 32.63
CA LEU CA 125 -5.31 -11.16 33.09
C LEU CA 125 -5.13 -11.12 34.60
N GLU CA 126 -5.43 -12.23 35.23
CA GLU CA 126 -5.30 -12.41 36.67
C GLU CA 126 -4.15 -13.34 36.96
N LYS CA 127 -3.80 -13.44 38.24
CA LYS CA 127 -2.75 -14.37 38.64
C LYS CA 127 -3.17 -15.79 38.34
N GLY CA 128 -2.27 -16.56 37.73
CA GLY CA 128 -2.52 -17.96 37.43
C GLY CA 128 -3.23 -18.25 36.12
N ASP CA 129 -3.59 -17.23 35.35
CA ASP CA 129 -4.17 -17.47 34.03
C ASP CA 129 -3.15 -18.10 33.10
N ARG CA 130 -3.60 -19.03 32.27
CA ARG CA 130 -2.71 -19.78 31.38
C ARG CA 130 -3.03 -19.45 29.92
N LEU CA 131 -2.10 -18.76 29.26
CA LEU CA 131 -2.25 -18.44 27.84
C LEU CA 131 -1.54 -19.47 26.97
N SER CA 132 -2.13 -19.72 25.80
CA SER CA 132 -1.58 -20.67 24.86
C SER CA 132 -1.87 -20.17 23.45
N ALA CA 133 -0.83 -20.11 22.61
CA ALA CA 133 -0.99 -19.79 21.20
C ALA CA 133 -0.94 -21.09 20.42
N GLU CA 134 -1.95 -21.34 19.60
CA GLU CA 134 -2.10 -22.65 18.99
C GLU CA 134 -2.66 -22.54 17.57
N ILE CA 135 -2.37 -23.56 16.76
CA ILE CA 135 -2.84 -23.65 15.39
C ILE CA 135 -3.32 -25.08 15.15
N ASN CA 136 -4.19 -25.23 14.15
CA ASN CA 136 -4.85 -26.50 13.88
C ASN CA 136 -4.00 -27.44 13.02
N ARG CA 137 -3.17 -26.92 12.12
CA ARG CA 137 -2.38 -27.77 11.23
C ARG CA 137 -0.89 -27.55 11.49
N PRO CA 138 -0.30 -28.27 12.44
CA PRO CA 138 1.14 -28.16 12.68
C PRO CA 138 2.01 -28.83 11.62
N ASP CA 139 1.39 -29.31 10.54
CA ASP CA 139 2.10 -29.88 9.40
C ASP CA 139 2.38 -28.83 8.32
N TYR CA 140 1.79 -27.64 8.44
CA TYR CA 140 2.06 -26.54 7.53
C TYR CA 140 2.92 -25.46 8.18
N LEU CA 141 3.49 -25.71 9.36
CA LEU CA 141 4.34 -24.71 10.00
C LEU CA 141 5.62 -24.52 9.19
N ASP CA 142 6.00 -23.27 8.97
CA ASP CA 142 7.25 -22.94 8.33
C ASP CA 142 8.14 -22.27 9.37
N PHE CA 143 8.85 -23.09 10.13
CA PHE CA 143 9.85 -22.61 11.08
C PHE CA 143 11.26 -22.68 10.50
N ALA CA 144 11.39 -22.53 9.18
CA ALA CA 144 12.69 -22.62 8.55
C ALA CA 144 13.57 -21.42 8.91
N GLU CA 145 13.02 -20.22 8.83
CA GLU CA 145 13.78 -19.05 9.23
C GLU CA 145 13.44 -18.69 10.67
N SER CA 146 13.96 -17.56 11.13
CA SER CA 146 13.84 -17.13 12.51
C SER CA 146 12.90 -15.94 12.57
N GLY CA 147 12.00 -15.99 13.55
CA GLY CA 147 10.98 -14.98 13.74
C GLY CA 147 9.89 -15.04 12.70
N GLN CA 148 9.55 -16.22 12.22
CA GLN CA 148 8.40 -16.37 11.35
C GLN CA 148 7.16 -16.83 12.11
N VAL CA 149 7.38 -17.55 13.22
CA VAL CA 149 6.34 -17.95 14.15
C VAL CA 149 6.85 -17.66 15.55
N TYR CA 150 6.05 -16.96 16.34
CA TYR CA 150 6.45 -16.50 17.65
C TYR CA 150 5.20 -16.18 18.45
N PHE CA 151 5.40 -15.86 19.73
CA PHE CA 151 4.28 -15.70 20.64
C PHE CA 151 4.76 -15.03 21.92
N GLY CA 152 4.08 -13.99 22.37
CA GLY CA 152 4.57 -13.28 23.54
C GLY CA 152 3.53 -12.40 24.22
N ILE CA 153 3.83 -12.06 25.46
CA ILE CA 153 3.04 -11.11 26.24
C ILE CA 153 3.99 -10.16 26.97
N ILE CA 154 3.45 -8.99 27.31
CA ILE CA 154 4.17 -8.01 28.13
C ILE CA 154 3.14 -7.25 28.96
N ALA CA 155 3.41 -7.14 30.26
CA ALA CA 155 2.51 -6.40 31.14
C ALA CA 155 2.76 -4.92 30.90
N LEU CA 156 1.80 -4.26 30.24
CA LEU CA 156 1.89 -2.82 30.05
C LEU CA 156 1.28 -2.10 31.25
N ALA DA 2 -19.64 -23.74 30.64
CA ALA DA 2 -19.82 -22.38 30.14
C ALA DA 2 -20.20 -21.44 31.28
N ARG DA 3 -19.86 -20.16 31.13
N ARG DA 3 -19.86 -20.16 31.13
CA ARG DA 3 -20.30 -19.13 32.06
CA ARG DA 3 -20.28 -19.15 32.09
C ARG DA 3 -21.81 -19.16 32.18
C ARG DA 3 -21.80 -19.16 32.20
N VAL DA 4 -22.28 -19.50 33.40
CA VAL DA 4 -23.67 -19.75 33.73
C VAL DA 4 -24.10 -21.02 32.99
N ASP DA 5 -24.66 -21.97 33.72
CA ASP DA 5 -25.05 -23.27 33.18
C ASP DA 5 -26.53 -23.47 33.49
N GLN DA 6 -27.40 -23.27 32.50
CA GLN DA 6 -28.82 -23.53 32.68
C GLN DA 6 -29.06 -25.02 32.54
N THR DA 7 -29.64 -25.65 33.57
CA THR DA 7 -29.68 -27.11 33.56
C THR DA 7 -30.88 -27.67 32.81
N PRO DA 8 -32.16 -27.33 33.16
CA PRO DA 8 -33.26 -27.93 32.39
C PRO DA 8 -33.44 -27.21 31.07
N GLN DA 9 -32.74 -27.71 30.05
CA GLN DA 9 -32.74 -27.04 28.75
C GLN DA 9 -34.06 -27.23 28.01
N THR DA 10 -34.74 -28.37 28.17
CA THR DA 10 -36.06 -28.54 27.58
C THR DA 10 -37.04 -29.07 28.63
N ILE DA 11 -38.09 -28.31 28.90
CA ILE DA 11 -39.15 -28.74 29.81
C ILE DA 11 -40.46 -28.72 29.04
N THR DA 12 -41.32 -29.71 29.31
CA THR DA 12 -42.64 -29.80 28.68
C THR DA 12 -43.67 -30.13 29.75
N LYS DA 13 -44.46 -29.15 30.15
CA LYS DA 13 -45.46 -29.32 31.19
C LYS DA 13 -46.87 -29.09 30.67
N GLU DA 14 -47.83 -29.47 31.50
CA GLU DA 14 -49.25 -29.37 31.21
C GLU DA 14 -49.80 -28.12 31.88
N THR DA 15 -50.87 -27.57 31.32
CA THR DA 15 -51.46 -26.34 31.84
C THR DA 15 -51.91 -26.52 33.29
N GLY DA 16 -51.40 -25.67 34.17
CA GLY DA 16 -51.74 -25.70 35.58
C GLY DA 16 -50.67 -26.28 36.49
N GLU DA 17 -49.45 -26.43 36.02
CA GLU DA 17 -48.35 -27.03 36.78
C GLU DA 17 -47.20 -26.06 37.02
N SER DA 18 -45.99 -26.57 37.18
CA SER DA 18 -44.89 -25.70 37.58
C SER DA 18 -43.57 -26.22 37.03
N LEU DA 19 -42.88 -25.38 36.26
CA LEU DA 19 -41.56 -25.70 35.74
C LEU DA 19 -40.51 -24.95 36.55
N THR DA 20 -39.43 -25.64 36.91
CA THR DA 20 -38.30 -25.03 37.58
C THR DA 20 -37.09 -25.03 36.64
N ILE DA 21 -36.51 -23.85 36.45
CA ILE DA 21 -35.32 -23.68 35.63
C ILE DA 21 -34.19 -23.23 36.55
N ASN DA 22 -33.07 -23.97 36.54
CA ASN DA 22 -31.95 -23.69 37.43
C ASN DA 22 -30.73 -23.21 36.64
N CYS DA 23 -30.03 -22.22 37.20
CA CYS DA 23 -28.80 -21.70 36.62
C CYS DA 23 -27.69 -21.68 37.66
N VAL DA 24 -26.49 -22.12 37.27
CA VAL DA 24 -25.33 -22.19 38.14
C VAL DA 24 -24.20 -21.36 37.53
N LEU DA 25 -23.59 -20.51 38.33
CA LEU DA 25 -22.47 -19.68 37.87
C LEU DA 25 -21.16 -20.45 37.91
N ARG DA 26 -20.40 -20.35 36.82
CA ARG DA 26 -19.06 -20.91 36.75
C ARG DA 26 -17.99 -19.83 36.76
N ASP DA 27 -18.37 -18.60 36.44
CA ASP DA 27 -17.49 -17.43 36.54
C ASP DA 27 -17.71 -16.79 37.91
N SER DA 28 -16.66 -16.76 38.72
CA SER DA 28 -16.73 -16.26 40.10
C SER DA 28 -16.77 -14.73 40.19
N HIS DA 29 -16.83 -14.00 39.07
CA HIS DA 29 -16.95 -12.56 39.12
C HIS DA 29 -18.38 -12.09 39.01
N CYS DA 30 -19.28 -12.95 38.55
CA CYS DA 30 -20.69 -12.63 38.48
C CYS DA 30 -21.29 -12.79 39.87
N ALA DA 31 -22.26 -11.95 40.20
CA ALA DA 31 -22.78 -11.90 41.56
C ALA DA 31 -24.15 -12.54 41.62
N THR DA 32 -24.41 -13.26 42.71
CA THR DA 32 -25.74 -13.84 42.89
C THR DA 32 -26.77 -12.80 43.28
N SER DA 33 -26.33 -11.55 43.39
CA SER DA 33 -27.15 -10.42 43.79
C SER DA 33 -27.87 -9.78 42.61
N SER DA 34 -27.21 -9.68 41.47
CA SER DA 34 -27.77 -9.05 40.27
C SER DA 34 -28.15 -10.12 39.24
N THR DA 35 -29.23 -10.83 39.51
CA THR DA 35 -29.73 -11.87 38.62
C THR DA 35 -30.92 -11.32 37.85
N TYR DA 36 -31.06 -11.77 36.61
CA TYR DA 36 -32.12 -11.30 35.72
C TYR DA 36 -32.69 -12.50 34.98
N TRP DA 37 -33.96 -12.41 34.60
CA TRP DA 37 -34.61 -13.47 33.84
C TRP DA 37 -35.32 -12.86 32.63
N TYR DA 38 -35.24 -13.54 31.49
CA TYR DA 38 -35.85 -13.04 30.27
C TYR DA 38 -36.60 -14.17 29.57
N ARG DA 39 -37.82 -13.92 29.13
CA ARG DA 39 -38.54 -14.88 28.30
C ARG DA 39 -38.91 -14.21 26.98
N LYS DA 40 -38.93 -15.00 25.91
CA LYS DA 40 -39.32 -14.53 24.58
C LYS DA 40 -40.36 -15.53 24.07
N LYS DA 41 -41.62 -15.12 24.07
CA LYS DA 41 -42.70 -16.01 23.68
C LYS DA 41 -42.60 -16.44 22.22
N SER DA 42 -42.77 -17.74 22.00
CA SER DA 42 -42.67 -18.37 20.69
C SER DA 42 -43.45 -17.59 19.64
N GLY DA 43 -42.75 -17.14 18.60
CA GLY DA 43 -43.35 -16.43 17.49
C GLY DA 43 -43.26 -14.93 17.56
N SER DA 44 -42.89 -14.37 18.70
CA SER DA 44 -42.77 -12.93 18.84
C SER DA 44 -41.30 -12.53 18.85
N THR DA 45 -41.05 -11.26 18.52
CA THR DA 45 -39.70 -10.71 18.47
C THR DA 45 -39.40 -9.85 19.68
N ASN DA 46 -40.11 -10.06 20.78
CA ASN DA 46 -39.91 -9.29 22.00
C ASN DA 46 -39.36 -10.21 23.07
N GLU DA 47 -38.17 -9.89 23.57
CA GLU DA 47 -37.67 -10.58 24.76
C GLU DA 47 -38.16 -9.75 25.93
N GLU DA 48 -39.02 -10.32 26.75
CA GLU DA 48 -39.52 -9.60 27.91
C GLU DA 48 -38.67 -9.95 29.13
N SER DA 49 -38.66 -9.05 30.10
CA SER DA 49 -37.91 -9.24 31.32
C SER DA 49 -38.89 -9.74 32.37
N ILE DA 50 -38.69 -10.96 32.86
CA ILE DA 50 -39.59 -11.50 33.86
C ILE DA 50 -39.31 -10.83 35.19
N SER DA 51 -40.36 -10.38 35.86
CA SER DA 51 -40.25 -9.69 37.12
C SER DA 51 -40.51 -10.67 38.26
N LYS DA 52 -39.83 -10.43 39.38
CA LYS DA 52 -39.87 -11.33 40.53
C LYS DA 52 -40.96 -10.89 41.49
N GLY DA 53 -42.06 -11.64 41.50
CA GLY DA 53 -43.15 -11.39 42.41
C GLY DA 53 -44.40 -12.14 42.03
N GLY DA 54 -44.97 -12.82 43.01
CA GLY DA 54 -46.22 -13.54 42.82
C GLY DA 54 -46.04 -14.91 42.20
N ARG DA 55 -46.33 -14.99 40.91
CA ARG DA 55 -46.25 -16.23 40.16
C ARG DA 55 -44.82 -16.62 39.80
N TYR DA 56 -43.89 -15.65 39.80
CA TYR DA 56 -42.48 -15.87 39.46
C TYR DA 56 -41.65 -15.85 40.75
N VAL DA 57 -41.20 -17.03 41.16
CA VAL DA 57 -40.43 -17.19 42.40
C VAL DA 57 -38.96 -17.39 42.06
N GLU DA 58 -38.08 -16.68 42.77
CA GLU DA 58 -36.64 -16.78 42.58
C GLU DA 58 -35.99 -17.27 43.87
N THR DA 59 -35.21 -18.34 43.78
CA THR DA 59 -34.45 -18.90 44.90
C THR DA 59 -32.96 -18.69 44.64
N VAL DA 60 -32.27 -18.05 45.59
CA VAL DA 60 -30.86 -17.70 45.44
C VAL DA 60 -30.05 -18.30 46.57
N ASN DA 61 -28.86 -18.83 46.24
CA ASN DA 61 -27.87 -19.30 47.19
C ASN DA 61 -26.52 -18.72 46.79
N SER DA 62 -25.98 -17.80 47.59
CA SER DA 62 -24.71 -17.17 47.24
C SER DA 62 -23.54 -18.13 47.39
N GLY DA 63 -23.69 -19.13 48.26
CA GLY DA 63 -22.60 -20.08 48.47
C GLY DA 63 -22.29 -20.89 47.22
N SER DA 64 -23.33 -21.41 46.59
CA SER DA 64 -23.14 -22.20 45.38
C SER DA 64 -23.17 -21.35 44.12
N LYS DA 65 -23.33 -20.04 44.23
CA LYS DA 65 -23.46 -19.18 43.06
C LYS DA 65 -24.54 -19.69 42.11
N SER DA 66 -25.68 -20.09 42.67
CA SER DA 66 -26.78 -20.67 41.91
C SER DA 66 -28.09 -19.98 42.24
N PHE DA 67 -28.91 -19.76 41.22
CA PHE DA 67 -30.26 -19.26 41.37
C PHE DA 67 -31.21 -20.04 40.47
N SER DA 68 -32.48 -20.10 40.86
CA SER DA 68 -33.50 -20.84 40.13
C SER DA 68 -34.73 -19.95 39.94
N LEU DA 69 -35.62 -20.35 39.03
CA LEU DA 69 -36.85 -19.60 38.75
C LEU DA 69 -38.01 -20.57 38.57
N ARG DA 70 -38.80 -20.75 39.62
CA ARG DA 70 -40.00 -21.56 39.53
C ARG DA 70 -41.19 -20.71 39.09
N ILE DA 71 -41.90 -21.17 38.06
CA ILE DA 71 -43.09 -20.50 37.53
C ILE DA 71 -44.29 -21.38 37.82
N ASN DA 72 -45.28 -20.83 38.53
CA ASN DA 72 -46.47 -21.61 38.84
C ASN DA 72 -47.59 -21.24 37.88
N ASP DA 73 -48.81 -21.65 38.24
CA ASP DA 73 -50.04 -21.52 37.45
C ASP DA 73 -49.74 -21.36 35.97
N LEU DA 74 -49.29 -22.44 35.32
CA LEU DA 74 -48.84 -22.37 33.94
C LEU DA 74 -50.03 -22.34 33.00
N THR DA 75 -50.05 -21.39 32.07
CA THR DA 75 -51.05 -21.38 31.03
C THR DA 75 -50.38 -21.74 29.70
N VAL DA 76 -51.12 -21.56 28.60
CA VAL DA 76 -50.60 -21.86 27.27
C VAL DA 76 -49.91 -20.66 26.64
N GLU DA 77 -49.98 -19.50 27.29
CA GLU DA 77 -49.31 -18.30 26.83
C GLU DA 77 -47.88 -18.20 27.34
N ASP DA 78 -47.41 -19.19 28.11
CA ASP DA 78 -46.05 -19.22 28.64
C ASP DA 78 -45.15 -20.14 27.83
N SER DA 79 -45.32 -20.20 26.52
CA SER DA 79 -44.50 -21.04 25.66
C SER DA 79 -43.44 -20.19 24.99
N GLY DA 80 -42.18 -20.46 25.30
CA GLY DA 80 -41.10 -19.63 24.80
C GLY DA 80 -39.76 -20.14 25.27
N THR DA 81 -38.74 -19.30 25.08
CA THR DA 81 -37.36 -19.56 25.48
C THR DA 81 -36.97 -18.70 26.68
N TYR DA 82 -36.56 -19.35 27.78
CA TYR DA 82 -36.17 -18.65 29.00
C TYR DA 82 -34.66 -18.66 29.18
N ARG DA 83 -34.09 -17.48 29.47
CA ARG DA 83 -32.67 -17.30 29.76
C ARG DA 83 -32.48 -16.62 31.11
N CYS DA 84 -31.36 -16.92 31.77
CA CYS DA 84 -30.95 -16.27 33.01
C CYS DA 84 -29.77 -15.34 32.74
N ALA DA 85 -29.54 -14.39 33.64
CA ALA DA 85 -28.50 -13.39 33.42
C ALA DA 85 -27.86 -13.00 34.76
N SER DA 86 -26.63 -12.50 34.68
CA SER DA 86 -25.90 -12.07 35.87
C SER DA 86 -24.90 -10.98 35.48
N GLU DA 87 -24.57 -10.11 36.45
CA GLU DA 87 -23.66 -8.99 36.26
C GLU DA 87 -22.31 -9.35 36.87
N CYS DA 88 -21.26 -9.39 36.04
CA CYS DA 88 -19.92 -9.77 36.47
C CYS DA 88 -18.99 -8.57 36.48
N GLN DA 89 -18.06 -8.54 37.44
CA GLN DA 89 -17.14 -7.41 37.59
C GLN DA 89 -15.93 -7.85 38.39
N TYR DA 90 -14.73 -7.68 37.84
CA TYR DA 90 -13.54 -7.96 38.63
C TYR DA 90 -12.71 -6.70 38.83
N GLY DA 91 -11.93 -6.34 37.82
CA GLY DA 91 -11.08 -5.18 37.87
C GLY DA 91 -11.58 -4.07 36.98
N LEU DA 92 -10.96 -3.92 35.82
CA LEU DA 92 -11.44 -3.00 34.79
C LEU DA 92 -12.47 -3.65 33.88
N ALA DA 93 -12.89 -4.87 34.20
CA ALA DA 93 -13.79 -5.63 33.34
C ALA DA 93 -15.18 -5.63 33.93
N GLU DA 94 -16.18 -5.40 33.07
CA GLU DA 94 -17.59 -5.46 33.40
C GLU DA 94 -18.35 -6.09 32.25
N TYR DA 95 -19.07 -7.18 32.52
CA TYR DA 95 -19.78 -7.92 31.49
C TYR DA 95 -20.98 -8.61 32.14
N ASP DA 96 -21.77 -9.28 31.31
CA ASP DA 96 -22.92 -10.04 31.76
C ASP DA 96 -22.94 -11.39 31.05
N VAL DA 97 -23.70 -12.33 31.62
CA VAL DA 97 -23.64 -13.71 31.15
C VAL DA 97 -25.05 -14.26 31.02
N TYR DA 98 -25.20 -15.23 30.12
CA TYR DA 98 -26.52 -15.77 29.78
C TYR DA 98 -26.43 -17.28 29.63
N GLY DA 99 -27.60 -17.90 29.41
CA GLY DA 99 -27.71 -19.33 29.19
C GLY DA 99 -28.59 -19.67 28.02
N GLY DA 100 -29.46 -20.66 28.20
CA GLY DA 100 -30.43 -21.03 27.19
C GLY DA 100 -31.25 -22.27 27.50
N GLY DA 101 -32.54 -22.23 27.18
CA GLY DA 101 -33.43 -23.34 27.46
C GLY DA 101 -34.88 -23.04 27.11
N THR DA 102 -35.54 -23.99 26.44
CA THR DA 102 -36.84 -23.77 25.82
C THR DA 102 -37.94 -24.46 26.63
N VAL DA 103 -39.10 -23.81 26.69
CA VAL DA 103 -40.28 -24.33 27.39
C VAL DA 103 -41.43 -24.40 26.41
N VAL DA 104 -42.16 -25.51 26.43
CA VAL DA 104 -43.37 -25.71 25.65
C VAL DA 104 -44.43 -26.27 26.58
N THR DA 105 -45.60 -25.65 26.60
CA THR DA 105 -46.70 -26.11 27.45
C THR DA 105 -47.85 -26.57 26.57
N VAL DA 106 -48.27 -27.80 26.79
CA VAL DA 106 -49.38 -28.40 26.08
C VAL DA 106 -50.61 -28.40 26.98
N ASN DA 107 -51.77 -28.18 26.37
CA ASN DA 107 -53.02 -28.09 27.12
C ASN DA 107 -53.74 -29.42 27.10
N ALA EA 2 26.65 -17.31 12.79
CA ALA EA 2 28.02 -16.95 13.13
C ALA EA 2 28.13 -16.35 14.53
N ARG EA 3 27.39 -16.93 15.48
CA ARG EA 3 27.45 -16.48 16.87
C ARG EA 3 28.55 -17.18 17.66
N VAL EA 4 28.81 -18.45 17.36
CA VAL EA 4 30.00 -19.16 17.80
C VAL EA 4 30.60 -19.84 16.57
N ASP EA 5 31.91 -19.78 16.44
CA ASP EA 5 32.59 -20.18 15.20
C ASP EA 5 33.48 -21.39 15.46
N GLN EA 6 32.99 -22.57 15.08
CA GLN EA 6 33.76 -23.79 15.11
C GLN EA 6 34.66 -23.84 13.88
N THR EA 7 35.97 -23.98 14.07
CA THR EA 7 36.92 -23.81 12.99
C THR EA 7 37.14 -25.07 12.15
N PRO EA 8 37.56 -26.22 12.72
CA PRO EA 8 37.80 -27.39 11.88
C PRO EA 8 36.51 -28.06 11.45
N GLN EA 9 36.04 -27.72 10.24
CA GLN EA 9 34.74 -28.20 9.78
C GLN EA 9 34.80 -29.70 9.46
N THR EA 10 35.61 -30.10 8.47
CA THR EA 10 35.79 -31.50 8.15
C THR EA 10 37.25 -31.89 8.33
N ILE EA 11 37.51 -32.85 9.22
CA ILE EA 11 38.85 -33.36 9.43
C ILE EA 11 38.85 -34.86 9.20
N THR EA 12 39.97 -35.37 8.69
CA THR EA 12 40.17 -36.80 8.46
C THR EA 12 41.52 -37.16 9.05
N LYS EA 13 41.50 -37.85 10.19
CA LYS EA 13 42.69 -38.18 10.95
C LYS EA 13 42.88 -39.69 11.00
N GLU EA 14 44.09 -40.10 11.40
CA GLU EA 14 44.42 -41.50 11.51
C GLU EA 14 44.36 -41.94 12.98
N THR EA 15 44.07 -43.23 13.18
CA THR EA 15 43.96 -43.79 14.52
C THR EA 15 45.26 -43.64 15.31
N GLY EA 16 45.15 -43.03 16.48
CA GLY EA 16 46.28 -42.81 17.35
C GLY EA 16 46.78 -41.38 17.39
N GLU EA 17 45.99 -40.42 16.95
CA GLU EA 17 46.44 -39.05 16.85
C GLU EA 17 45.59 -38.17 17.76
N SER EA 18 45.50 -36.88 17.45
CA SER EA 18 44.79 -35.96 18.35
C SER EA 18 44.22 -34.82 17.53
N LEU EA 19 42.89 -34.68 17.59
CA LEU EA 19 42.18 -33.62 16.90
C LEU EA 19 41.80 -32.52 17.89
N THR EA 20 42.01 -31.28 17.50
CA THR EA 20 41.58 -30.14 18.28
C THR EA 20 40.47 -29.41 17.52
N ILE EA 21 39.35 -29.20 18.18
CA ILE EA 21 38.23 -28.45 17.63
C ILE EA 21 38.13 -27.15 18.40
N ASN EA 22 38.18 -26.02 17.70
CA ASN EA 22 38.18 -24.70 18.34
C ASN EA 22 36.87 -23.98 18.06
N CYS EA 23 36.34 -23.31 19.07
CA CYS EA 23 35.14 -22.50 18.95
C CYS EA 23 35.40 -21.11 19.53
N VAL EA 24 34.99 -20.07 18.81
CA VAL EA 24 35.22 -18.69 19.22
C VAL EA 24 33.86 -18.01 19.34
N LEU EA 25 33.63 -17.34 20.48
CA LEU EA 25 32.36 -16.64 20.69
C LEU EA 25 32.40 -15.25 20.06
N ARG EA 26 31.35 -14.92 19.31
CA ARG EA 26 31.19 -13.59 18.74
C ARG EA 26 30.09 -12.76 19.39
N ASP EA 27 29.21 -13.38 20.17
CA ASP EA 27 28.20 -12.65 20.91
C ASP EA 27 28.84 -12.27 22.24
N SER EA 28 28.99 -10.97 22.47
CA SER EA 28 29.69 -10.52 23.68
C SER EA 28 28.87 -10.71 24.95
N HIS EA 29 27.72 -11.37 24.82
CA HIS EA 29 26.89 -11.73 25.96
C HIS EA 29 27.15 -13.15 26.42
N CYS EA 30 27.76 -13.97 25.58
CA CYS EA 30 28.08 -15.34 25.93
C CYS EA 30 29.38 -15.40 26.72
N ALA EA 31 29.45 -16.36 27.64
CA ALA EA 31 30.54 -16.49 28.59
C ALA EA 31 31.39 -17.71 28.24
N THR EA 32 32.70 -17.57 28.38
CA THR EA 32 33.61 -18.69 28.21
C THR EA 32 33.60 -19.63 29.41
N SER EA 33 32.78 -19.34 30.41
CA SER EA 33 32.71 -20.17 31.61
C SER EA 33 31.71 -21.32 31.49
N SER EA 34 30.57 -21.07 30.85
CA SER EA 34 29.53 -22.09 30.72
C SER EA 34 29.55 -22.68 29.31
N THR EA 35 30.60 -23.45 29.04
CA THR EA 35 30.83 -24.09 27.76
C THR EA 35 30.49 -25.57 27.87
N TYR EA 36 29.95 -26.13 26.79
CA TYR EA 36 29.54 -27.53 26.75
C TYR EA 36 29.89 -28.12 25.40
N TRP EA 37 30.09 -29.44 25.38
CA TRP EA 37 30.43 -30.17 24.16
C TRP EA 37 29.51 -31.36 24.01
N TYR EA 38 29.10 -31.62 22.77
CA TYR EA 38 28.15 -32.67 22.42
C TYR EA 38 28.63 -33.42 21.19
N ARG EA 39 28.50 -34.75 21.21
CA ARG EA 39 28.86 -35.57 20.07
C ARG EA 39 27.67 -36.36 19.55
N LYS EA 40 27.71 -36.65 18.25
CA LYS EA 40 26.72 -37.45 17.53
C LYS EA 40 27.51 -38.57 16.84
N LYS EA 41 27.50 -39.77 17.43
CA LYS EA 41 28.25 -40.88 16.84
C LYS EA 41 27.65 -41.31 15.51
N SER EA 42 28.51 -41.45 14.50
CA SER EA 42 28.09 -41.83 13.16
C SER EA 42 27.14 -43.02 13.17
N GLY EA 43 25.94 -42.82 12.60
CA GLY EA 43 24.92 -43.82 12.48
C GLY EA 43 23.84 -43.75 13.53
N SER EA 44 24.11 -43.06 14.64
CA SER EA 44 23.11 -42.82 15.66
C SER EA 44 22.74 -41.35 15.62
N THR EA 45 21.46 -41.05 15.86
CA THR EA 45 20.95 -39.70 15.80
C THR EA 45 20.66 -39.13 17.18
N ASN EA 46 21.39 -39.61 18.20
CA ASN EA 46 21.23 -39.15 19.57
C ASN EA 46 22.46 -38.35 19.97
N GLU EA 47 22.25 -37.14 20.46
CA GLU EA 47 23.37 -36.39 20.98
C GLU EA 47 23.61 -36.79 22.43
N GLU EA 48 24.80 -36.44 22.92
CA GLU EA 48 25.19 -36.77 24.27
C GLU EA 48 26.14 -35.68 24.76
N SER EA 49 26.31 -35.62 26.06
CA SER EA 49 27.17 -34.59 26.65
C SER EA 49 28.56 -35.17 26.80
N ILE EA 50 29.52 -34.57 26.10
CA ILE EA 50 30.90 -35.03 26.20
C ILE EA 50 31.43 -34.63 27.56
N SER EA 51 32.13 -35.54 28.21
CA SER EA 51 32.58 -35.29 29.57
C SER EA 51 33.96 -34.68 29.56
N LYS EA 52 34.19 -33.74 30.47
CA LYS EA 52 35.47 -33.04 30.55
C LYS EA 52 36.35 -33.78 31.55
N GLY EA 53 37.24 -34.62 31.03
CA GLY EA 53 38.15 -35.36 31.88
C GLY EA 53 38.81 -36.51 31.17
N GLY EA 54 40.13 -36.59 31.33
CA GLY EA 54 40.90 -37.69 30.77
C GLY EA 54 41.28 -37.52 29.32
N ARG EA 55 40.59 -38.24 28.44
CA ARG EA 55 40.88 -38.15 27.00
C ARG EA 55 40.24 -36.93 26.36
N TYR EA 56 39.23 -36.32 26.98
CA TYR EA 56 38.59 -35.12 26.46
C TYR EA 56 39.12 -33.97 27.29
N VAL EA 57 40.09 -33.24 26.76
CA VAL EA 57 40.68 -32.10 27.47
C VAL EA 57 40.18 -30.82 26.80
N GLU EA 58 39.82 -29.85 27.64
CA GLU EA 58 39.26 -28.58 27.19
C GLU EA 58 40.19 -27.45 27.59
N THR EA 59 40.57 -26.62 26.63
CA THR EA 59 41.36 -25.42 26.90
C THR EA 59 40.47 -24.21 26.66
N VAL EA 60 40.38 -23.35 27.67
CA VAL EA 60 39.55 -22.15 27.61
C VAL EA 60 40.48 -20.96 27.84
N ASN EA 61 40.29 -19.89 27.06
CA ASN EA 61 41.04 -18.65 27.25
C ASN EA 61 40.04 -17.50 27.22
N SER EA 62 39.86 -16.85 28.38
CA SER EA 62 38.86 -15.79 28.50
C SER EA 62 39.28 -14.52 27.76
N GLY EA 63 40.58 -14.31 27.57
CA GLY EA 63 41.04 -13.12 26.88
C GLY EA 63 40.58 -13.08 25.43
N SER EA 64 40.74 -14.19 24.72
CA SER EA 64 40.39 -14.30 23.31
C SER EA 64 38.97 -14.79 23.05
N LYS EA 65 38.19 -15.05 24.10
CA LYS EA 65 36.81 -15.55 23.97
C LYS EA 65 36.73 -16.80 23.09
N SER EA 66 37.67 -17.71 23.26
CA SER EA 66 37.69 -18.95 22.49
C SER EA 66 37.95 -20.12 23.42
N PHE EA 67 37.28 -21.26 23.16
CA PHE EA 67 37.55 -22.49 23.88
C PHE EA 67 37.69 -23.62 22.87
N SER EA 68 38.51 -24.61 23.20
CA SER EA 68 38.74 -25.73 22.29
C SER EA 68 38.65 -27.04 23.07
N LEU EA 69 38.59 -28.14 22.33
CA LEU EA 69 38.47 -29.49 22.89
C LEU EA 69 39.44 -30.41 22.15
N ARG EA 70 40.60 -30.66 22.74
CA ARG EA 70 41.57 -31.58 22.18
C ARG EA 70 41.24 -33.00 22.64
N ILE EA 71 41.10 -33.92 21.69
CA ILE EA 71 40.84 -35.32 21.98
C ILE EA 71 42.05 -36.11 21.52
N ASN EA 72 42.68 -36.83 22.45
CA ASN EA 72 43.89 -37.59 22.14
C ASN EA 72 43.53 -39.06 21.93
N ASP EA 73 44.57 -39.91 21.96
CA ASP EA 73 44.53 -41.35 21.73
C ASP EA 73 43.30 -41.71 20.89
N LEU EA 74 43.34 -41.36 19.61
CA LEU EA 74 42.17 -41.44 18.75
C LEU EA 74 41.88 -42.87 18.33
N THR EA 75 40.63 -43.30 18.48
CA THR EA 75 40.17 -44.59 18.00
C THR EA 75 39.24 -44.40 16.80
N VAL EA 76 38.64 -45.51 16.35
CA VAL EA 76 37.73 -45.48 15.20
C VAL EA 76 36.26 -45.38 15.61
N GLU EA 77 35.96 -45.46 16.90
CA GLU EA 77 34.60 -45.27 17.39
C GLU EA 77 34.28 -43.80 17.62
N ASP EA 78 35.20 -42.91 17.25
CA ASP EA 78 35.04 -41.48 17.45
C ASP EA 78 34.54 -40.74 16.21
N SER EA 79 34.37 -41.43 15.08
CA SER EA 79 33.87 -40.74 13.89
C SER EA 79 32.45 -40.27 14.12
N GLY EA 80 32.25 -38.95 14.07
CA GLY EA 80 30.93 -38.39 14.27
C GLY EA 80 30.98 -36.89 14.14
N THR EA 81 29.81 -36.28 14.26
CA THR EA 81 29.64 -34.84 14.14
C THR EA 81 29.65 -34.23 15.55
N TYR EA 82 30.63 -33.35 15.80
CA TYR EA 82 30.81 -32.70 17.09
C TYR EA 82 30.31 -31.26 17.06
N ARG EA 83 29.53 -30.87 18.06
CA ARG EA 83 29.11 -29.47 18.21
C ARG EA 83 29.53 -28.96 19.57
N CYS EA 84 29.81 -27.66 19.62
CA CYS EA 84 30.11 -26.94 20.87
C CYS EA 84 28.93 -26.04 21.22
N ALA EA 85 28.87 -25.65 22.48
CA ALA EA 85 27.74 -24.86 22.98
C ALA EA 85 28.22 -23.92 24.07
N SER EA 86 27.46 -22.85 24.28
CA SER EA 86 27.78 -21.88 25.32
C SER EA 86 26.49 -21.24 25.82
N GLU EA 87 26.51 -20.84 27.08
CA GLU EA 87 25.35 -20.24 27.74
C GLU EA 87 25.57 -18.74 27.83
N CYS EA 88 24.69 -17.98 27.19
CA CYS EA 88 24.78 -16.53 27.12
C CYS EA 88 23.71 -15.90 28.01
N GLN EA 89 24.02 -14.75 28.57
CA GLN EA 89 23.10 -14.07 29.47
C GLN EA 89 23.46 -12.59 29.52
N TYR EA 90 22.51 -11.73 29.14
CA TYR EA 90 22.74 -10.30 29.22
C TYR EA 90 21.79 -9.64 30.20
N GLY EA 91 20.57 -9.35 29.75
CA GLY EA 91 19.58 -8.71 30.59
C GLY EA 91 18.53 -9.70 31.07
N LEU EA 92 17.36 -9.62 30.45
CA LEU EA 92 16.26 -10.55 30.68
C LEU EA 92 16.34 -11.77 29.78
N ALA EA 93 17.42 -11.91 29.02
CA ALA EA 93 17.59 -12.96 28.04
C ALA EA 93 18.57 -14.02 28.56
N GLU EA 94 18.24 -15.28 28.31
CA GLU EA 94 19.12 -16.39 28.62
C GLU EA 94 18.97 -17.36 27.47
N TYR EA 95 20.06 -17.67 26.76
CA TYR EA 95 20.00 -18.51 25.58
C TYR EA 95 21.30 -19.27 25.44
N ASP EA 96 21.36 -20.14 24.44
CA ASP EA 96 22.56 -20.91 24.15
C ASP EA 96 22.82 -20.92 22.65
N VAL EA 97 24.05 -21.28 22.29
CA VAL EA 97 24.55 -21.15 20.93
C VAL EA 97 25.27 -22.44 20.57
N TYR EA 98 25.29 -22.76 19.27
CA TYR EA 98 25.88 -24.00 18.79
C TYR EA 98 26.70 -23.75 17.53
N GLY EA 99 27.43 -24.78 17.12
CA GLY EA 99 28.24 -24.71 15.92
C GLY EA 99 28.11 -25.91 15.00
N GLY EA 100 29.25 -26.43 14.53
CA GLY EA 100 29.23 -27.62 13.72
C GLY EA 100 30.56 -28.03 13.15
N GLY EA 101 30.83 -29.34 13.10
CA GLY EA 101 32.06 -29.87 12.55
C GLY EA 101 32.17 -31.38 12.66
N THR EA 102 32.51 -32.02 11.55
CA THR EA 102 32.43 -33.47 11.40
C THR EA 102 33.85 -34.04 11.38
N VAL EA 103 34.02 -35.20 12.01
CA VAL EA 103 35.31 -35.86 12.12
C VAL EA 103 35.18 -37.27 11.56
N VAL EA 104 36.17 -37.71 10.81
CA VAL EA 104 36.25 -39.07 10.31
C VAL EA 104 37.63 -39.62 10.63
N THR EA 105 37.69 -40.75 11.32
CA THR EA 105 38.95 -41.39 11.69
C THR EA 105 39.00 -42.76 11.05
N VAL EA 106 40.05 -43.02 10.27
CA VAL EA 106 40.29 -44.31 9.63
C VAL EA 106 41.41 -45.02 10.37
N ASN EA 107 41.43 -46.34 10.25
CA ASN EA 107 42.48 -47.16 10.84
C ASN EA 107 43.40 -47.71 9.74
N ALA FA 2 -7.52 19.26 3.53
CA ALA FA 2 -6.85 20.54 3.77
C ALA FA 2 -5.36 20.33 4.07
N ARG FA 3 -4.89 20.80 5.23
CA ARG FA 3 -3.46 20.98 5.52
C ARG FA 3 -2.88 22.00 4.57
N VAL FA 4 -3.18 23.28 4.86
CA VAL FA 4 -2.77 24.46 4.09
C VAL FA 4 -3.59 24.45 2.80
N ASP FA 5 -4.20 25.58 2.45
CA ASP FA 5 -5.10 25.65 1.30
C ASP FA 5 -4.67 26.76 0.35
N GLN FA 6 -4.13 26.41 -0.82
CA GLN FA 6 -3.82 27.43 -1.81
C GLN FA 6 -5.11 27.90 -2.49
N THR FA 7 -5.35 29.21 -2.47
CA THR FA 7 -6.62 29.78 -2.93
C THR FA 7 -6.63 29.98 -4.45
N PRO FA 8 -5.68 30.76 -5.04
CA PRO FA 8 -5.70 30.92 -6.50
C PRO FA 8 -5.12 29.68 -7.17
N GLN FA 9 -6.00 28.76 -7.58
CA GLN FA 9 -5.52 27.48 -8.09
C GLN FA 9 -4.85 27.63 -9.44
N THR FA 10 -5.61 28.03 -10.47
CA THR FA 10 -5.06 28.28 -11.80
C THR FA 10 -5.25 29.75 -12.16
N ILE FA 11 -4.14 30.45 -12.42
CA ILE FA 11 -4.15 31.83 -12.84
C ILE FA 11 -3.43 31.94 -14.17
N THR FA 12 -3.90 32.85 -15.03
CA THR FA 12 -3.28 33.12 -16.33
C THR FA 12 -3.19 34.63 -16.53
N LYS FA 13 -1.98 35.17 -16.36
CA LYS FA 13 -1.73 36.60 -16.46
C LYS FA 13 -0.74 36.87 -17.59
N GLU FA 14 -0.64 38.13 -18.00
CA GLU FA 14 0.22 38.54 -19.10
C GLU FA 14 1.51 39.17 -18.56
N THR FA 15 2.56 39.11 -19.38
CA THR FA 15 3.88 39.61 -19.02
C THR FA 15 3.85 41.07 -18.59
N GLY FA 16 4.37 41.34 -17.39
CA GLY FA 16 4.42 42.68 -16.84
C GLY FA 16 3.42 42.97 -15.75
N GLU FA 17 2.85 41.94 -15.14
CA GLU FA 17 1.77 42.11 -14.17
C GLU FA 17 2.17 41.61 -12.78
N SER FA 18 1.19 41.29 -11.94
CA SER FA 18 1.48 40.89 -10.55
C SER FA 18 0.37 40.00 -10.03
N LEU FA 19 0.73 38.77 -9.67
CA LEU FA 19 -0.19 37.78 -9.10
C LEU FA 19 0.06 37.59 -7.60
N THR FA 20 -1.02 37.47 -6.84
CA THR FA 20 -0.95 37.15 -5.41
C THR FA 20 -1.49 35.75 -5.16
N ILE FA 21 -0.72 34.93 -4.44
CA ILE FA 21 -1.10 33.59 -4.05
C ILE FA 21 -1.33 33.55 -2.55
N ASN FA 22 -2.50 33.08 -2.13
CA ASN FA 22 -2.82 32.98 -0.70
C ASN FA 22 -2.85 31.52 -0.26
N CYS FA 23 -2.30 31.28 0.93
CA CYS FA 23 -2.34 29.98 1.58
C CYS FA 23 -2.88 30.20 2.99
N VAL FA 24 -3.82 29.36 3.41
CA VAL FA 24 -4.48 29.51 4.69
C VAL FA 24 -4.22 28.27 5.54
N LEU FA 25 -3.82 28.48 6.79
CA LEU FA 25 -3.56 27.38 7.71
C LEU FA 25 -4.86 26.86 8.30
N ARG FA 26 -5.03 25.54 8.26
CA ARG FA 26 -6.16 24.85 8.86
C ARG FA 26 -5.77 24.04 10.08
N ASP FA 27 -4.48 23.73 10.22
CA ASP FA 27 -3.95 23.03 11.38
C ASP FA 27 -3.51 24.07 12.41
N SER FA 28 -4.13 24.03 13.59
CA SER FA 28 -3.78 25.00 14.62
C SER FA 28 -2.42 24.75 15.24
N HIS FA 29 -1.67 23.76 14.76
CA HIS FA 29 -0.31 23.55 15.23
C HIS FA 29 0.73 24.12 14.28
N CYS FA 30 0.37 24.39 13.03
CA CYS FA 30 1.31 25.01 12.11
C CYS FA 30 1.27 26.52 12.31
N ALA FA 31 2.43 27.15 12.17
CA ALA FA 31 2.59 28.56 12.47
C ALA FA 31 2.80 29.37 11.20
N THR FA 32 2.23 30.58 11.17
CA THR FA 32 2.47 31.47 10.05
C THR FA 32 3.87 32.08 10.06
N SER FA 33 4.70 31.70 11.03
CA SER FA 33 6.06 32.22 11.15
C SER FA 33 7.07 31.42 10.32
N SER FA 34 6.93 30.11 10.25
CA SER FA 34 7.89 29.28 9.50
C SER FA 34 7.27 28.88 8.17
N THR FA 35 7.13 29.86 7.29
CA THR FA 35 6.55 29.68 5.97
C THR FA 35 7.64 29.66 4.92
N TYR FA 36 7.47 28.82 3.90
CA TYR FA 36 8.46 28.62 2.86
C TYR FA 36 7.74 28.52 1.51
N TRP FA 37 8.46 28.87 0.44
CA TRP FA 37 7.88 28.84 -0.90
C TRP FA 37 8.80 28.12 -1.89
N TYR FA 38 8.19 27.36 -2.79
CA TYR FA 38 8.87 26.55 -3.79
C TYR FA 38 8.20 26.72 -5.15
N ARG FA 39 9.01 26.88 -6.20
CA ARG FA 39 8.56 27.02 -7.57
C ARG FA 39 9.09 25.88 -8.43
N LYS FA 40 8.30 25.49 -9.43
CA LYS FA 40 8.66 24.44 -10.39
C LYS FA 40 8.36 24.95 -11.79
N LYS FA 41 9.39 25.30 -12.57
CA LYS FA 41 9.15 25.83 -13.90
C LYS FA 41 8.46 24.81 -14.80
N SER FA 42 7.46 25.28 -15.54
CA SER FA 42 6.63 24.46 -16.42
C SER FA 42 7.46 23.47 -17.24
N GLY FA 43 7.13 22.19 -17.12
CA GLY FA 43 7.83 21.17 -17.88
C GLY FA 43 9.24 20.88 -17.40
N SER FA 44 9.48 20.95 -16.10
CA SER FA 44 10.79 20.65 -15.55
C SER FA 44 10.62 20.31 -14.07
N THR FA 45 11.29 19.26 -13.62
CA THR FA 45 11.15 18.79 -12.23
C THR FA 45 12.35 19.17 -11.38
N ASN FA 46 12.67 20.45 -11.40
CA ASN FA 46 13.76 21.03 -10.62
C ASN FA 46 13.20 22.01 -9.59
N GLU FA 47 12.10 21.63 -8.93
CA GLU FA 47 11.48 22.45 -7.90
C GLU FA 47 12.49 23.11 -6.98
N GLU FA 48 12.62 24.42 -7.13
CA GLU FA 48 13.54 25.29 -6.39
C GLU FA 48 12.81 26.03 -5.28
N SER FA 49 13.59 26.66 -4.41
CA SER FA 49 13.08 27.42 -3.27
C SER FA 49 13.06 28.90 -3.67
N ILE FA 50 11.86 29.49 -3.64
CA ILE FA 50 11.70 30.89 -3.99
C ILE FA 50 12.25 31.72 -2.83
N SER FA 51 13.01 32.76 -3.14
CA SER FA 51 13.62 33.56 -2.09
C SER FA 51 12.73 34.76 -1.80
N LYS FA 52 12.71 35.16 -0.53
CA LYS FA 52 11.84 36.23 -0.08
C LYS FA 52 12.62 37.54 -0.18
N GLY FA 53 12.37 38.27 -1.27
CA GLY FA 53 13.05 39.54 -1.48
C GLY FA 53 12.98 40.06 -2.90
N GLY FA 54 12.67 41.35 -3.02
CA GLY FA 54 12.63 42.01 -4.32
C GLY FA 54 11.33 41.86 -5.07
N ARG FA 55 11.32 40.99 -6.08
CA ARG FA 55 10.11 40.75 -6.85
C ARG FA 55 9.15 39.84 -6.11
N TYR FA 56 9.66 39.05 -5.16
CA TYR FA 56 8.88 38.10 -4.37
C TYR FA 56 8.70 38.67 -2.96
N VAL FA 57 7.52 39.24 -2.68
CA VAL FA 57 7.23 39.79 -1.37
C VAL FA 57 6.24 38.87 -0.67
N GLU FA 58 6.46 38.63 0.62
CA GLU FA 58 5.64 37.72 1.42
C GLU FA 58 4.94 38.49 2.52
N THR FA 59 3.62 38.35 2.59
CA THR FA 59 2.80 38.98 3.62
C THR FA 59 2.24 37.93 4.57
N VAL FA 60 2.37 38.18 5.86
CA VAL FA 60 1.88 37.26 6.89
C VAL FA 60 0.86 38.01 7.74
N ASN FA 61 -0.24 37.35 8.06
CA ASN FA 61 -1.23 37.88 8.99
C ASN FA 61 -1.51 36.78 10.01
N SER FA 62 -1.07 37.01 11.25
CA SER FA 62 -1.19 35.99 12.28
C SER FA 62 -2.63 35.79 12.73
N GLY FA 63 -3.48 36.81 12.58
CA GLY FA 63 -4.86 36.69 13.05
C GLY FA 63 -5.67 35.65 12.29
N SER FA 64 -5.63 35.71 10.96
CA SER FA 64 -6.38 34.78 10.11
C SER FA 64 -5.58 33.54 9.75
N LYS FA 65 -4.38 33.37 10.32
CA LYS FA 65 -3.55 32.19 10.04
C LYS FA 65 -3.28 32.04 8.56
N SER FA 66 -2.96 33.14 7.89
CA SER FA 66 -2.75 33.14 6.44
C SER FA 66 -1.45 33.83 6.08
N PHE FA 67 -0.77 33.29 5.05
CA PHE FA 67 0.36 33.95 4.45
C PHE FA 67 0.17 33.94 2.94
N SER FA 68 0.70 34.97 2.28
CA SER FA 68 0.56 35.11 0.83
C SER FA 68 1.92 35.42 0.23
N LEU FA 69 1.99 35.30 -1.10
CA LEU FA 69 3.22 35.53 -1.84
C LEU FA 69 2.91 36.35 -3.10
N ARG FA 70 3.20 37.64 -3.03
CA ARG FA 70 3.07 38.53 -4.17
C ARG FA 70 4.28 38.41 -5.08
N ILE FA 71 4.03 38.16 -6.36
CA ILE FA 71 5.06 38.08 -7.37
C ILE FA 71 4.86 39.26 -8.31
N ASN FA 72 5.89 40.10 -8.44
CA ASN FA 72 5.77 41.22 -9.34
C ASN FA 72 6.47 40.88 -10.66
N ASP FA 73 6.64 41.90 -11.50
CA ASP FA 73 7.17 41.84 -12.86
C ASP FA 73 7.15 40.44 -13.47
N LEU FA 74 5.97 39.97 -13.87
CA LEU FA 74 5.86 38.63 -14.40
C LEU FA 74 6.49 38.58 -15.79
N THR FA 75 7.34 37.58 -16.02
CA THR FA 75 7.92 37.36 -17.33
C THR FA 75 7.27 36.14 -17.98
N VAL FA 76 7.85 35.69 -19.09
CA VAL FA 76 7.34 34.50 -19.76
C VAL FA 76 8.02 33.26 -19.20
N GLU FA 77 9.10 33.44 -18.46
CA GLU FA 77 9.79 32.39 -17.75
C GLU FA 77 9.29 32.21 -16.32
N ASP FA 78 8.33 33.01 -15.87
CA ASP FA 78 7.78 32.87 -14.52
C ASP FA 78 6.49 32.06 -14.53
N SER FA 79 6.42 31.08 -15.42
CA SER FA 79 5.27 30.19 -15.60
C SER FA 79 5.62 28.81 -15.05
N GLY FA 80 4.83 28.33 -14.08
CA GLY FA 80 5.10 27.03 -13.50
C GLY FA 80 4.08 26.59 -12.47
N THR FA 81 4.54 25.93 -11.41
CA THR FA 81 3.69 25.46 -10.33
C THR FA 81 4.33 25.87 -9.02
N TYR FA 82 3.64 26.71 -8.26
CA TYR FA 82 4.15 27.26 -7.01
C TYR FA 82 3.45 26.59 -5.84
N ARG FA 83 4.22 26.09 -4.87
CA ARG FA 83 3.66 25.47 -3.67
C ARG FA 83 4.16 26.20 -2.43
N CYS FA 84 3.32 26.23 -1.40
CA CYS FA 84 3.65 26.83 -0.11
C CYS FA 84 3.85 25.75 0.95
N ALA FA 85 4.52 26.13 2.04
CA ALA FA 85 4.91 25.20 3.09
C ALA FA 85 4.91 25.88 4.45
N SER FA 86 4.78 25.07 5.50
CA SER FA 86 4.77 25.55 6.87
C SER FA 86 5.29 24.47 7.81
N GLU FA 87 5.88 24.90 8.93
CA GLU FA 87 6.41 23.98 9.94
C GLU FA 87 5.47 23.91 11.13
N CYS FA 88 4.98 22.71 11.43
CA CYS FA 88 4.05 22.45 12.51
C CYS FA 88 4.76 21.70 13.64
N GLN FA 89 4.32 21.95 14.88
CA GLN FA 89 4.91 21.33 16.06
C GLN FA 89 3.92 21.40 17.20
N TYR FA 90 3.56 20.24 17.78
CA TYR FA 90 2.68 20.21 18.93
C TYR FA 90 3.44 19.62 20.10
N GLY FA 91 3.38 18.31 20.33
CA GLY FA 91 4.09 17.71 21.44
C GLY FA 91 5.43 17.12 21.06
N LEU FA 92 5.46 15.79 20.92
CA LEU FA 92 6.65 15.08 20.46
C LEU FA 92 6.71 14.97 18.94
N ALA FA 93 5.75 15.55 18.23
CA ALA FA 93 5.68 15.49 16.77
C ALA FA 93 6.01 16.84 16.17
N GLU FA 94 6.79 16.84 15.09
CA GLU FA 94 7.05 18.06 14.34
C GLU FA 94 7.11 17.68 12.86
N TYR FA 95 6.32 18.35 12.04
CA TYR FA 95 6.16 17.98 10.63
C TYR FA 95 5.93 19.25 9.79
N ASP FA 96 5.79 19.06 8.49
CA ASP FA 96 5.52 20.17 7.57
C ASP FA 96 4.42 19.79 6.59
N VAL FA 97 3.83 20.81 5.96
CA VAL FA 97 2.64 20.67 5.13
C VAL FA 97 2.83 21.48 3.85
N TYR FA 98 2.10 21.10 2.80
CA TYR FA 98 2.29 21.67 1.48
C TYR FA 98 0.93 21.96 0.86
N GLY FA 99 0.94 22.56 -0.34
CA GLY FA 99 -0.29 22.81 -1.07
C GLY FA 99 -0.16 22.41 -2.54
N GLY FA 100 -0.72 23.22 -3.43
CA GLY FA 100 -0.60 22.99 -4.86
C GLY FA 100 -1.45 23.94 -5.68
N GLY FA 101 -0.89 24.45 -6.78
CA GLY FA 101 -1.56 25.44 -7.60
C GLY FA 101 -0.69 25.91 -8.74
N THR FA 102 -1.24 26.01 -9.93
CA THR FA 102 -0.44 26.20 -11.14
C THR FA 102 -0.55 27.64 -11.66
N VAL FA 103 0.54 28.14 -12.21
CA VAL FA 103 0.61 29.48 -12.78
C VAL FA 103 1.06 29.35 -14.23
N VAL FA 104 0.38 30.07 -15.12
CA VAL FA 104 0.76 30.15 -16.52
C VAL FA 104 0.76 31.62 -16.93
N THR FA 105 1.86 32.07 -17.50
CA THR FA 105 1.97 33.46 -17.93
C THR FA 105 2.13 33.47 -19.44
N VAL FA 106 1.28 34.22 -20.11
CA VAL FA 106 1.35 34.38 -21.56
C VAL FA 106 2.05 35.70 -21.82
N ASN FA 107 2.85 35.74 -22.88
CA ASN FA 107 3.65 36.90 -23.20
C ASN FA 107 2.99 37.72 -24.30
N ALA FA 108 3.14 39.03 -24.22
CA ALA FA 108 2.49 39.95 -25.14
C ALA FA 108 3.32 40.17 -26.39
N SER GA 4 57.47 11.13 -33.20
CA SER GA 4 56.10 11.60 -33.08
C SER GA 4 55.28 11.27 -34.31
N ARG GA 5 54.12 10.62 -34.10
CA ARG GA 5 53.29 10.14 -35.19
C ARG GA 5 51.94 10.84 -35.22
N THR GA 6 51.03 10.51 -34.30
CA THR GA 6 49.65 10.97 -34.16
C THR GA 6 49.59 12.18 -33.23
N PRO GA 7 48.85 13.24 -33.61
CA PRO GA 7 48.90 14.49 -32.83
C PRO GA 7 48.40 14.38 -31.40
N SER GA 8 47.08 14.22 -31.22
CA SER GA 8 46.42 14.18 -29.92
C SER GA 8 46.43 15.60 -29.36
N ASP GA 9 45.48 15.94 -28.49
CA ASP GA 9 45.42 17.33 -28.04
C ASP GA 9 44.94 17.36 -26.59
N LYS GA 10 44.40 18.51 -26.19
CA LYS GA 10 43.88 18.98 -24.91
C LYS GA 10 44.98 19.33 -23.92
N PRO GA 11 44.78 20.36 -23.09
CA PRO GA 11 45.72 20.61 -21.99
C PRO GA 11 45.79 19.40 -21.09
N VAL GA 12 47.01 18.92 -20.84
CA VAL GA 12 47.17 17.70 -20.05
C VAL GA 12 48.43 17.83 -19.21
N ALA GA 13 48.43 17.15 -18.07
CA ALA GA 13 49.57 17.11 -17.17
C ALA GA 13 49.42 15.92 -16.24
N HIS GA 14 50.51 15.19 -16.05
CA HIS GA 14 50.60 14.14 -15.03
C HIS GA 14 52.03 14.16 -14.55
N VAL GA 15 52.25 14.86 -13.44
CA VAL GA 15 53.60 15.07 -12.91
C VAL GA 15 53.76 14.23 -11.65
N VAL GA 16 55.00 13.79 -11.44
CA VAL GA 16 55.35 12.88 -10.35
C VAL GA 16 56.45 13.53 -9.53
N ALA GA 17 56.49 13.19 -8.24
CA ALA GA 17 57.45 13.80 -7.34
C ALA GA 17 58.88 13.42 -7.72
N ASN GA 18 59.81 14.30 -7.38
CA ASN GA 18 61.22 14.09 -7.62
C ASN GA 18 61.76 13.12 -6.56
N PRO GA 19 62.30 11.97 -6.96
CA PRO GA 19 62.84 11.03 -5.95
C PRO GA 19 64.08 11.56 -5.26
N GLN GA 20 64.86 12.39 -5.94
CA GLN GA 20 66.11 12.94 -5.43
C GLN GA 20 65.92 14.29 -4.72
N ALA GA 21 64.78 14.53 -4.07
CA ALA GA 21 64.54 15.77 -3.33
C ALA GA 21 64.49 15.58 -1.81
N GLU GA 22 64.29 14.35 -1.35
CA GLU GA 22 64.11 13.97 0.05
C GLU GA 22 63.08 14.79 0.84
N GLY GA 23 63.47 15.91 1.43
CA GLY GA 23 62.52 16.63 2.25
C GLY GA 23 61.66 17.66 1.55
N GLN GA 24 61.35 17.42 0.28
CA GLN GA 24 60.51 18.35 -0.46
C GLN GA 24 59.79 17.62 -1.58
N LEU GA 25 58.67 18.21 -2.00
CA LEU GA 25 57.78 17.69 -3.05
C LEU GA 25 57.96 18.55 -4.28
N GLN GA 26 58.90 18.16 -5.13
CA GLN GA 26 59.14 18.86 -6.39
C GLN GA 26 58.54 18.06 -7.54
N TRP GA 27 57.66 18.69 -8.31
CA TRP GA 27 56.95 18.00 -9.38
C TRP GA 27 57.79 17.98 -10.65
N LEU GA 28 57.86 16.82 -11.29
CA LEU GA 28 58.65 16.60 -12.50
C LEU GA 28 57.77 16.08 -13.64
N ASN GA 29 58.19 16.39 -14.87
CA ASN GA 29 57.50 15.90 -16.06
C ASN GA 29 58.39 15.10 -17.00
N ARG GA 30 59.71 15.27 -16.91
CA ARG GA 30 60.65 14.59 -17.79
C ARG GA 30 61.07 13.25 -17.21
N ARG GA 31 60.12 12.38 -16.87
CA ARG GA 31 60.49 11.09 -16.29
C ARG GA 31 59.52 10.01 -16.76
N ALA GA 32 59.94 9.21 -17.74
CA ALA GA 32 59.06 8.15 -18.26
C ALA GA 32 57.61 8.55 -18.42
N ASN GA 33 56.73 7.67 -17.95
CA ASN GA 33 55.27 7.81 -18.00
C ASN GA 33 54.72 9.06 -17.31
N ALA GA 34 55.30 10.23 -17.55
CA ALA GA 34 54.80 11.48 -17.03
C ALA GA 34 54.54 12.42 -18.20
N LEU GA 35 53.56 13.29 -18.04
CA LEU GA 35 53.11 14.14 -19.13
C LEU GA 35 52.96 15.59 -18.71
N LEU GA 36 53.23 16.49 -19.65
CA LEU GA 36 53.01 17.92 -19.47
C LEU GA 36 53.09 18.65 -20.81
N ALA GA 37 51.95 18.85 -21.47
CA ALA GA 37 51.98 19.38 -22.83
C ALA GA 37 50.70 20.16 -23.12
N ASN GA 38 50.68 20.84 -24.27
CA ASN GA 38 49.51 21.57 -24.76
C ASN GA 38 49.12 22.75 -23.86
N GLY GA 39 50.12 23.42 -23.29
CA GLY GA 39 49.92 24.70 -22.63
C GLY GA 39 50.07 24.70 -21.12
N VAL GA 40 49.97 23.54 -20.47
CA VAL GA 40 50.07 23.50 -19.01
C VAL GA 40 51.48 23.89 -18.59
N GLU GA 41 51.58 24.87 -17.70
CA GLU GA 41 52.86 25.34 -17.19
C GLU GA 41 53.04 24.91 -15.75
N LEU GA 42 54.27 24.52 -15.40
CA LEU GA 42 54.66 24.23 -14.01
C LEU GA 42 55.59 25.34 -13.56
N ARG GA 43 55.07 26.29 -12.78
CA ARG GA 43 55.93 27.34 -12.27
C ARG GA 43 56.53 26.80 -10.98
N ASP GA 44 56.12 27.36 -9.84
CA ASP GA 44 56.69 26.98 -8.54
C ASP GA 44 55.90 25.82 -7.93
N ASN GA 45 56.11 24.63 -8.51
CA ASN GA 45 55.34 23.44 -8.11
C ASN GA 45 53.85 23.72 -8.21
N GLN GA 46 53.47 24.52 -9.20
CA GLN GA 46 52.11 24.98 -9.40
C GLN GA 46 51.76 24.76 -10.86
N LEU GA 47 50.58 24.23 -11.13
CA LEU GA 47 50.11 24.03 -12.48
C LEU GA 47 49.28 25.22 -12.90
N VAL GA 48 49.58 25.77 -14.08
CA VAL GA 48 48.94 26.98 -14.59
C VAL GA 48 48.00 26.59 -15.72
N VAL GA 49 46.72 26.91 -15.55
CA VAL GA 49 45.68 26.60 -16.53
C VAL GA 49 45.88 27.46 -17.77
N PRO GA 50 45.90 26.90 -18.97
CA PRO GA 50 46.14 27.72 -20.17
C PRO GA 50 44.87 28.25 -20.81
N SER GA 51 43.73 27.66 -20.48
CA SER GA 51 42.47 28.04 -21.12
C SER GA 51 41.31 27.71 -20.21
N GLU GA 52 40.23 28.49 -20.35
CA GLU GA 52 39.05 28.27 -19.53
C GLU GA 52 38.29 27.04 -20.02
N GLY GA 53 37.78 26.25 -19.08
CA GLY GA 53 37.02 25.08 -19.43
C GLY GA 53 36.86 24.18 -18.23
N LEU GA 54 36.37 22.97 -18.50
CA LEU GA 54 36.16 21.95 -17.48
C LEU GA 54 37.37 21.03 -17.41
N TYR GA 55 37.91 20.87 -16.20
CA TYR GA 55 39.09 20.07 -15.96
C TYR GA 55 38.81 18.95 -14.97
N LEU GA 56 39.60 17.89 -15.07
CA LEU GA 56 39.63 16.81 -14.11
C LEU GA 56 40.94 16.92 -13.33
N ILE GA 57 40.83 17.09 -12.01
CA ILE GA 57 41.97 17.29 -11.14
C ILE GA 57 42.09 16.09 -10.22
N TYR GA 58 43.30 15.55 -10.09
CA TYR GA 58 43.56 14.40 -9.25
C TYR GA 58 44.97 14.48 -8.69
N SER GA 59 45.18 13.80 -7.56
CA SER GA 59 46.51 13.70 -6.97
C SER GA 59 46.50 12.60 -5.92
N GLN GA 60 47.62 11.88 -5.80
CA GLN GA 60 47.80 10.89 -4.75
C GLN GA 60 49.13 11.15 -4.06
N VAL GA 61 49.14 10.94 -2.74
CA VAL GA 61 50.34 11.09 -1.92
C VAL GA 61 50.48 9.85 -1.04
N LEU GA 62 51.71 9.35 -0.92
CA LEU GA 62 52.01 8.22 -0.04
C LEU GA 62 52.93 8.68 1.07
N PHE GA 63 52.50 8.47 2.31
CA PHE GA 63 53.23 8.83 3.52
C PHE GA 63 53.84 7.61 4.17
N LYS GA 64 55.10 7.73 4.59
CA LYS GA 64 55.76 6.67 5.32
C LYS GA 64 56.54 7.27 6.48
N GLY GA 65 56.39 6.64 7.65
CA GLY GA 65 57.13 7.01 8.83
C GLY GA 65 57.62 5.75 9.53
N GLN GA 66 58.67 5.91 10.32
CA GLN GA 66 59.31 4.77 10.99
C GLN GA 66 58.82 4.71 12.43
N GLY GA 67 57.71 4.00 12.63
CA GLY GA 67 57.11 3.84 13.94
C GLY GA 67 56.76 5.14 14.64
N CYS GA 68 55.71 5.84 14.17
CA CYS GA 68 55.24 7.10 14.70
C CYS GA 68 55.17 7.10 16.22
N PRO GA 69 56.11 7.77 16.91
CA PRO GA 69 56.07 7.79 18.37
C PRO GA 69 55.08 8.78 18.96
N SER GA 70 54.63 9.76 18.18
CA SER GA 70 53.76 10.82 18.64
C SER GA 70 52.30 10.53 18.32
N THR GA 71 51.47 10.38 19.37
CA THR GA 71 50.04 10.31 19.15
C THR GA 71 49.55 11.49 18.32
N HIS GA 72 50.04 12.70 18.61
CA HIS GA 72 49.56 13.92 17.93
C HIS GA 72 50.21 14.03 16.54
N VAL GA 73 49.79 13.15 15.63
CA VAL GA 73 50.23 13.20 14.24
C VAL GA 73 49.04 13.52 13.35
N LEU GA 74 49.20 14.49 12.45
CA LEU GA 74 48.17 14.86 11.50
C LEU GA 74 48.75 14.99 10.09
N LEU GA 75 48.23 14.19 9.17
CA LEU GA 75 48.63 14.21 7.76
C LEU GA 75 47.56 14.86 6.90
N THR GA 76 47.94 15.84 6.08
CA THR GA 76 46.99 16.54 5.22
C THR GA 76 47.44 16.47 3.76
N HIS GA 77 46.46 16.59 2.87
CA HIS GA 77 46.71 16.61 1.42
C HIS GA 77 45.56 17.37 0.79
N THR GA 78 45.87 18.50 0.14
CA THR GA 78 44.85 19.38 -0.40
C THR GA 78 45.32 19.93 -1.74
N ILE GA 79 44.38 20.06 -2.69
CA ILE GA 79 44.62 20.75 -3.95
C ILE GA 79 43.90 22.08 -3.89
N SER GA 80 44.66 23.16 -4.06
CA SER GA 80 44.17 24.52 -3.90
C SER GA 80 44.18 25.25 -5.24
N ARG GA 81 43.42 26.35 -5.28
CA ARG GA 81 43.23 27.17 -6.46
C ARG GA 81 43.32 28.65 -6.09
N ILE GA 82 44.21 29.36 -6.76
CA ILE GA 82 44.25 30.81 -6.71
C ILE GA 82 43.83 31.31 -8.08
N ALA GA 83 42.69 31.97 -8.15
CA ALA GA 83 42.11 32.40 -9.42
C ALA GA 83 42.33 33.89 -9.63
N VAL GA 84 42.27 34.30 -10.90
CA VAL GA 84 42.38 35.71 -11.24
C VAL GA 84 41.16 36.48 -10.75
N SER GA 85 40.00 35.82 -10.66
CA SER GA 85 38.78 36.52 -10.26
C SER GA 85 38.73 36.81 -8.77
N TYR GA 86 39.24 35.88 -7.96
CA TYR GA 86 39.24 35.99 -6.49
C TYR GA 86 40.61 35.53 -6.01
N GLN GA 87 41.45 36.50 -5.64
CA GLN GA 87 42.87 36.29 -5.41
C GLN GA 87 43.20 35.74 -4.03
N THR GA 88 42.46 34.73 -3.59
CA THR GA 88 42.73 34.06 -2.33
C THR GA 88 42.81 32.55 -2.54
N LYS GA 89 43.78 31.90 -1.89
CA LYS GA 89 43.92 30.45 -2.00
C LYS GA 89 42.80 29.72 -1.26
N VAL GA 90 42.03 28.95 -2.02
CA VAL GA 90 40.94 28.13 -1.49
C VAL GA 90 41.19 26.68 -1.88
N ASN GA 91 40.82 25.78 -0.98
CA ASN GA 91 40.96 24.35 -1.22
C ASN GA 91 39.79 23.84 -2.05
N LEU GA 92 40.09 23.12 -3.13
CA LEU GA 92 39.09 22.46 -3.95
C LEU GA 92 38.81 21.05 -3.47
N LEU GA 93 39.86 20.31 -3.16
CA LEU GA 93 39.78 18.96 -2.64
C LEU GA 93 40.71 18.88 -1.44
N SER GA 94 40.27 18.18 -0.40
CA SER GA 94 41.04 18.11 0.83
C SER GA 94 40.83 16.76 1.50
N ALA GA 95 41.85 16.33 2.24
CA ALA GA 95 41.76 15.09 3.00
C ALA GA 95 42.75 15.14 4.15
N ILE GA 96 42.37 14.49 5.26
CA ILE GA 96 43.17 14.39 6.47
C ILE GA 96 43.23 12.92 6.86
N LYS GA 97 44.34 12.53 7.47
CA LYS GA 97 44.48 11.14 7.89
C LYS GA 97 45.32 11.11 9.16
N SER GA 98 44.85 10.34 10.15
CA SER GA 98 45.58 10.18 11.39
C SER GA 98 46.32 8.85 11.34
N PRO GA 99 47.65 8.85 11.25
CA PRO GA 99 48.38 7.60 11.01
C PRO GA 99 48.59 6.76 12.26
N CYS GA 100 48.66 7.41 13.41
CA CYS GA 100 49.01 6.77 14.67
C CYS GA 100 47.82 6.92 15.61
N GLN GA 101 47.17 5.80 15.93
CA GLN GA 101 46.06 5.83 16.87
C GLN GA 101 46.51 5.65 18.32
N ARG GA 102 47.48 6.46 18.75
CA ARG GA 102 48.11 6.46 20.07
C ARG GA 102 49.13 5.34 20.22
N GLU GA 103 48.77 4.14 19.77
CA GLU GA 103 49.60 2.94 19.77
C GLU GA 103 51.04 3.24 19.38
N THR GA 104 51.89 3.56 20.35
CA THR GA 104 53.28 3.94 20.09
C THR GA 104 54.24 2.88 20.57
N PRO GA 105 55.21 2.47 19.74
CA PRO GA 105 56.12 1.39 20.12
C PRO GA 105 56.85 1.70 21.42
N GLU GA 106 56.71 0.80 22.39
CA GLU GA 106 57.28 1.04 23.71
C GLU GA 106 58.54 0.19 23.90
N GLY GA 107 58.39 -1.12 23.99
CA GLY GA 107 59.52 -1.99 24.26
C GLY GA 107 59.99 -2.79 23.06
N ALA GA 108 59.60 -2.37 21.86
CA ALA GA 108 59.91 -3.08 20.63
C ALA GA 108 60.63 -2.13 19.67
N GLU GA 109 60.78 -2.57 18.42
CA GLU GA 109 61.53 -1.83 17.41
C GLU GA 109 60.58 -1.06 16.50
N ALA GA 110 61.14 -0.42 15.49
CA ALA GA 110 60.40 0.45 14.59
C ALA GA 110 59.25 -0.30 13.91
N LYS GA 111 58.27 0.48 13.46
CA LYS GA 111 57.06 -0.06 12.84
C LYS GA 111 56.72 0.78 11.63
N PRO GA 112 57.18 0.39 10.43
CA PRO GA 112 56.94 1.24 9.25
C PRO GA 112 55.47 1.25 8.87
N TRP GA 113 54.88 2.44 8.87
CA TRP GA 113 53.51 2.63 8.44
C TRP GA 113 53.48 3.34 7.09
N TYR GA 114 52.49 2.98 6.28
CA TYR GA 114 52.27 3.58 4.98
C TYR GA 114 50.83 4.06 4.96
N GLU GA 115 50.63 5.30 4.53
CA GLU GA 115 49.29 5.87 4.39
C GLU GA 115 49.16 6.61 3.08
N PRO GA 116 48.33 6.13 2.17
CA PRO GA 116 48.08 6.86 0.92
C PRO GA 116 46.84 7.71 1.05
N ILE GA 117 46.77 8.75 0.23
CA ILE GA 117 45.62 9.64 0.19
C ILE GA 117 45.40 10.01 -1.27
N TYR GA 118 44.17 9.88 -1.75
CA TYR GA 118 43.85 10.17 -3.14
C TYR GA 118 42.73 11.19 -3.19
N LEU GA 119 42.84 12.12 -4.13
CA LEU GA 119 41.90 13.21 -4.34
C LEU GA 119 41.61 13.29 -5.82
N GLY GA 120 40.35 13.58 -6.16
CA GLY GA 120 39.95 13.75 -7.54
C GLY GA 120 38.62 14.45 -7.64
N GLY GA 121 38.47 15.27 -8.67
CA GLY GA 121 37.22 15.97 -8.88
C GLY GA 121 37.26 16.78 -10.16
N VAL GA 122 36.07 17.21 -10.58
CA VAL GA 122 35.88 18.01 -11.78
C VAL GA 122 35.52 19.44 -11.36
N PHE GA 123 36.11 20.42 -12.04
CA PHE GA 123 35.95 21.82 -11.72
C PHE GA 123 35.95 22.64 -13.00
N GLN GA 124 35.36 23.82 -12.92
CA GLN GA 124 35.46 24.80 -13.99
C GLN GA 124 36.61 25.73 -13.64
N LEU GA 125 37.64 25.76 -14.48
CA LEU GA 125 38.80 26.60 -14.24
C LEU GA 125 38.89 27.66 -15.33
N GLU GA 126 39.50 28.79 -14.97
CA GLU GA 126 39.66 29.93 -15.86
C GLU GA 126 41.12 30.07 -16.26
N LYS GA 127 41.37 30.93 -17.24
CA LYS GA 127 42.72 31.17 -17.70
C LYS GA 127 43.56 31.80 -16.60
N GLY GA 128 44.78 31.29 -16.42
CA GLY GA 128 45.70 31.84 -15.44
C GLY GA 128 45.55 31.31 -14.03
N ASP GA 129 44.61 30.39 -13.80
CA ASP GA 129 44.41 29.79 -12.49
C ASP GA 129 45.62 28.95 -12.10
N ARG GA 130 45.99 29.00 -10.81
CA ARG GA 130 47.16 28.32 -10.27
C ARG GA 130 46.70 27.20 -9.34
N LEU GA 131 46.91 25.96 -9.76
CA LEU GA 131 46.59 24.80 -8.94
C LEU GA 131 47.83 24.30 -8.22
N SER GA 132 47.67 23.87 -6.97
CA SER GA 132 48.81 23.38 -6.21
C SER GA 132 48.36 22.27 -5.27
N ALA GA 133 49.06 21.14 -5.32
CA ALA GA 133 48.85 20.05 -4.38
C ALA GA 133 49.97 20.08 -3.36
N GLU GA 134 49.60 20.12 -2.08
CA GLU GA 134 50.57 20.33 -1.01
C GLU GA 134 50.20 19.47 0.19
N ILE GA 135 51.21 19.21 1.01
CA ILE GA 135 51.05 18.43 2.23
C ILE GA 135 51.76 19.15 3.36
N ASN GA 136 51.31 18.89 4.59
CA ASN GA 136 51.88 19.55 5.75
C ASN GA 136 53.15 18.87 6.24
N ARG GA 137 53.31 17.56 5.98
CA ARG GA 137 54.49 16.83 6.42
C ARG GA 137 55.24 16.33 5.19
N PRO GA 138 56.07 17.19 4.57
CA PRO GA 138 56.85 16.75 3.40
C PRO GA 138 58.07 15.94 3.75
N ASP GA 139 58.28 15.64 5.03
CA ASP GA 139 59.39 14.80 5.47
C ASP GA 139 58.97 13.34 5.60
N TYR GA 140 57.68 13.06 5.46
CA TYR GA 140 57.15 11.71 5.48
C TYR GA 140 56.85 11.22 4.08
N LEU GA 141 57.28 11.96 3.07
CA LEU GA 141 57.02 11.57 1.69
C LEU GA 141 57.78 10.32 1.32
N ASP GA 142 57.08 9.37 0.71
CA ASP GA 142 57.68 8.14 0.21
C ASP GA 142 57.57 8.13 -1.30
N PHE GA 143 58.54 8.75 -1.97
CA PHE GA 143 58.67 8.68 -3.43
C PHE GA 143 59.69 7.62 -3.83
N ALA GA 144 59.79 6.52 -3.07
CA ALA GA 144 60.78 5.50 -3.35
C ALA GA 144 60.44 4.83 -4.68
N GLU GA 145 59.37 4.04 -4.69
CA GLU GA 145 58.84 3.38 -5.87
C GLU GA 145 58.48 4.38 -6.96
N SER GA 146 57.54 4.07 -7.85
CA SER GA 146 57.31 4.92 -9.02
C SER GA 146 55.97 5.66 -8.95
N GLY GA 147 54.85 4.97 -9.10
CA GLY GA 147 53.56 5.64 -9.05
C GLY GA 147 52.96 5.80 -7.67
N GLN GA 148 53.76 6.17 -6.69
CA GLN GA 148 53.24 6.36 -5.34
C GLN GA 148 52.80 7.78 -5.03
N VAL GA 149 53.42 8.79 -5.65
CA VAL GA 149 53.01 10.17 -5.45
C VAL GA 149 52.98 10.88 -6.81
N TYR GA 150 51.87 11.57 -7.09
CA TYR GA 150 51.69 12.25 -8.37
C TYR GA 150 50.59 13.28 -8.23
N PHE GA 151 50.38 14.03 -9.32
CA PHE GA 151 49.45 15.16 -9.40
C PHE GA 151 49.25 15.54 -10.86
N GLY GA 152 48.00 15.68 -11.28
CA GLY GA 152 47.74 15.92 -12.70
C GLY GA 152 46.36 16.46 -12.97
N ILE GA 153 46.22 17.04 -14.17
CA ILE GA 153 44.95 17.53 -14.70
C ILE GA 153 44.82 17.13 -16.16
N ILE GA 154 43.57 17.09 -16.63
CA ILE GA 154 43.25 16.79 -18.03
C ILE GA 154 41.99 17.58 -18.39
N ALA GA 155 42.05 18.29 -19.53
CA ALA GA 155 40.96 19.13 -20.01
C ALA GA 155 39.86 18.26 -20.61
N LEU GA 156 38.71 18.24 -19.96
CA LEU GA 156 37.55 17.53 -20.46
C LEU GA 156 36.73 18.39 -21.42
N ARG HA 5 31.46 33.94 -20.86
CA ARG HA 5 32.03 34.29 -22.16
C ARG HA 5 32.30 33.04 -22.98
N THR HA 6 32.71 31.97 -22.31
CA THR HA 6 33.12 30.69 -22.88
C THR HA 6 31.97 29.70 -22.85
N PRO HA 7 31.66 29.05 -23.98
CA PRO HA 7 30.46 28.21 -24.06
C PRO HA 7 30.47 27.06 -23.06
N SER HA 8 29.28 26.70 -22.58
CA SER HA 8 29.09 25.57 -21.69
C SER HA 8 29.60 24.29 -22.34
N ASP HA 9 29.26 23.13 -21.78
CA ASP HA 9 29.88 21.92 -22.31
C ASP HA 9 28.93 20.74 -22.43
N LYS HA 10 28.85 19.95 -21.36
CA LYS HA 10 28.20 18.66 -21.37
C LYS HA 10 27.66 18.39 -19.98
N PRO HA 11 26.80 17.36 -19.82
CA PRO HA 11 26.30 17.06 -18.47
C PRO HA 11 27.43 16.92 -17.46
N VAL HA 12 27.34 17.70 -16.38
CA VAL HA 12 28.39 17.76 -15.37
C VAL HA 12 27.72 18.03 -14.03
N ALA HA 13 28.38 17.59 -12.95
CA ALA HA 13 27.89 17.85 -11.60
C ALA HA 13 29.03 17.65 -10.62
N HIS HA 14 29.16 18.58 -9.68
CA HIS HA 14 30.11 18.45 -8.57
C HIS HA 14 29.43 19.09 -7.37
N VAL HA 15 28.83 18.26 -6.52
CA VAL HA 15 28.06 18.72 -5.38
C VAL HA 15 28.88 18.48 -4.12
N VAL HA 16 28.67 19.34 -3.12
CA VAL HA 16 29.48 19.38 -1.92
C VAL HA 16 28.58 19.22 -0.71
N ALA HA 17 29.13 18.70 0.38
CA ALA HA 17 28.34 18.51 1.59
C ALA HA 17 27.94 19.87 2.16
N ASN HA 18 26.80 19.89 2.83
CA ASN HA 18 26.32 21.10 3.47
C ASN HA 18 27.04 21.32 4.79
N PRO HA 19 27.73 22.45 4.97
CA PRO HA 19 28.44 22.65 6.25
C PRO HA 19 27.52 22.87 7.43
N GLN HA 20 26.42 23.61 7.23
CA GLN HA 20 25.45 23.88 8.30
C GLN HA 20 24.30 22.86 8.31
N ALA HA 21 24.60 21.61 7.95
CA ALA HA 21 23.63 20.51 7.92
C ALA HA 21 23.96 19.60 9.08
N GLU HA 22 23.25 19.81 10.19
CA GLU HA 22 23.52 19.11 11.45
C GLU HA 22 23.42 17.61 11.31
N GLY HA 23 24.57 16.94 11.40
CA GLY HA 23 24.66 15.50 11.36
C GLY HA 23 24.04 14.77 10.19
N GLN HA 24 24.00 15.40 9.02
CA GLN HA 24 23.39 14.77 7.86
C GLN HA 24 24.10 15.22 6.59
N LEU HA 25 23.95 14.42 5.54
CA LEU HA 25 24.60 14.64 4.25
C LEU HA 25 23.62 15.16 3.20
N GLN HA 26 23.48 16.48 3.14
CA GLN HA 26 22.69 17.15 2.11
C GLN HA 26 23.65 17.75 1.08
N TRP HA 27 23.47 17.37 -0.18
CA TRP HA 27 24.38 17.83 -1.23
C TRP HA 27 23.96 19.22 -1.72
N LEU HA 28 24.94 20.08 -1.93
CA LEU HA 28 24.71 21.46 -2.32
C LEU HA 28 25.36 21.74 -3.67
N ASN HA 29 24.77 22.67 -4.43
CA ASN HA 29 25.36 23.06 -5.71
C ASN HA 29 25.65 24.54 -5.86
N ARG HA 30 24.98 25.42 -5.12
CA ARG HA 30 25.18 26.86 -5.28
C ARG HA 30 26.20 27.39 -4.26
N ARG HA 31 27.40 26.82 -4.34
CA ARG HA 31 28.52 27.23 -3.53
C ARG HA 31 29.79 27.18 -4.35
N ALA HA 32 30.69 28.12 -4.06
CA ALA HA 32 31.97 28.29 -4.75
C ALA HA 32 32.59 26.97 -5.19
N ASN HA 33 33.07 26.95 -6.43
CA ASN HA 33 33.72 25.78 -7.05
C ASN HA 33 32.82 24.54 -7.04
N ALA HA 34 31.54 24.72 -7.35
CA ALA HA 34 30.62 23.60 -7.49
C ALA HA 34 29.84 23.76 -8.79
N LEU HA 35 29.44 22.63 -9.39
CA LEU HA 35 28.72 22.67 -10.66
C LEU HA 35 27.50 21.77 -10.63
N LEU HA 36 26.47 22.18 -11.38
CA LEU HA 36 25.28 21.35 -11.63
C LEU HA 36 24.55 21.95 -12.82
N ALA HA 37 24.85 21.47 -14.02
CA ALA HA 37 24.38 22.13 -15.23
C ALA HA 37 24.25 21.12 -16.37
N ASN HA 38 23.68 21.61 -17.48
CA ASN HA 38 23.54 20.83 -18.71
C ASN HA 38 22.63 19.61 -18.52
N GLY HA 39 21.61 19.78 -17.69
CA GLY HA 39 20.50 18.85 -17.60
C GLY HA 39 20.46 18.04 -16.32
N VAL HA 40 21.60 17.90 -15.64
CA VAL HA 40 21.64 17.14 -14.40
C VAL HA 40 20.84 17.88 -13.34
N GLU HA 41 19.86 17.19 -12.75
CA GLU HA 41 19.04 17.73 -11.68
C GLU HA 41 19.37 17.03 -10.37
N LEU HA 42 19.31 17.78 -9.28
CA LEU HA 42 19.48 17.28 -7.93
C LEU HA 42 18.08 17.25 -7.33
N ARG HA 43 17.50 16.06 -7.25
CA ARG HA 43 16.15 15.94 -6.72
C ARG HA 43 16.25 15.79 -5.21
N ASP HA 44 15.85 14.63 -4.70
CA ASP HA 44 15.84 14.39 -3.25
C ASP HA 44 17.16 13.76 -2.85
N ASN HA 45 18.20 14.60 -2.83
CA ASN HA 45 19.58 14.19 -2.58
C ASN HA 45 20.05 13.13 -3.58
N GLN HA 46 19.57 13.21 -4.82
CA GLN HA 46 19.91 12.25 -5.85
C GLN HA 46 20.21 12.96 -7.18
N LEU HA 47 21.19 12.45 -7.90
CA LEU HA 47 21.52 12.98 -9.22
C LEU HA 47 20.80 12.16 -10.29
N VAL HA 48 20.15 12.87 -11.21
CA VAL HA 48 19.36 12.26 -12.27
C VAL HA 48 20.08 12.43 -13.59
N VAL HA 49 20.44 11.32 -14.22
CA VAL HA 49 21.14 11.38 -15.51
C VAL HA 49 20.18 11.86 -16.58
N PRO HA 50 20.52 12.89 -17.34
CA PRO HA 50 19.55 13.46 -18.30
C PRO HA 50 19.60 12.83 -19.69
N SER HA 51 20.70 12.14 -20.00
CA SER HA 51 20.89 11.60 -21.33
C SER HA 51 21.76 10.37 -21.27
N GLU HA 52 21.54 9.47 -22.23
CA GLU HA 52 22.27 8.21 -22.27
C GLU HA 52 23.71 8.41 -22.74
N GLY HA 53 24.62 7.70 -22.09
CA GLY HA 53 26.03 7.78 -22.44
C GLY HA 53 26.88 7.21 -21.32
N LEU HA 54 28.18 7.41 -21.46
CA LEU HA 54 29.15 6.95 -20.48
C LEU HA 54 29.50 8.08 -19.51
N TYR HA 55 29.39 7.81 -18.22
CA TYR HA 55 29.68 8.83 -17.22
C TYR HA 55 30.77 8.35 -16.27
N LEU HA 56 31.48 9.31 -15.69
CA LEU HA 56 32.47 9.06 -14.64
C LEU HA 56 31.91 9.55 -13.32
N ILE HA 57 31.79 8.63 -12.35
CA ILE HA 57 31.19 8.90 -11.06
C ILE HA 57 32.26 8.83 -9.99
N TYR HA 58 32.26 9.81 -9.08
CA TYR HA 58 33.26 9.84 -8.01
C TYR HA 58 32.65 10.49 -6.78
N SER HA 59 33.23 10.18 -5.62
CA SER HA 59 32.84 10.79 -4.36
C SER HA 59 33.92 10.54 -3.32
N GLN HA 60 34.12 11.53 -2.44
CA GLN HA 60 35.00 11.42 -1.30
C GLN HA 60 34.25 11.88 -0.05
N VAL HA 61 34.52 11.20 1.07
CA VAL HA 61 33.98 11.57 2.38
C VAL HA 61 35.13 11.55 3.38
N LEU HA 62 35.11 12.50 4.31
CA LEU HA 62 36.07 12.53 5.41
C LEU HA 62 35.32 12.28 6.71
N PHE HA 63 35.74 11.25 7.44
CA PHE HA 63 35.14 10.91 8.72
C PHE HA 63 36.08 11.36 9.83
N LYS HA 64 35.52 12.00 10.84
CA LYS HA 64 36.31 12.41 11.99
C LYS HA 64 35.53 12.09 13.25
N GLY HA 65 36.22 11.52 14.23
CA GLY HA 65 35.63 11.26 15.52
C GLY HA 65 36.62 11.63 16.59
N GLN HA 66 36.10 11.93 17.78
CA GLN HA 66 36.93 12.40 18.90
C GLN HA 66 37.18 11.29 19.92
N GLY HA 67 37.63 10.13 19.47
CA GLY HA 67 37.89 9.00 20.36
C GLY HA 67 37.44 7.68 19.77
N CYS HA 68 38.04 6.59 20.29
CA CYS HA 68 37.73 5.24 19.85
C CYS HA 68 36.85 4.55 20.88
N PRO HA 69 35.57 4.40 20.61
CA PRO HA 69 34.68 3.70 21.56
C PRO HA 69 34.85 2.19 21.45
N SER HA 70 34.00 1.43 22.15
CA SER HA 70 34.11 -0.03 22.13
C SER HA 70 33.21 -0.69 21.10
N THR HA 71 32.12 -0.02 20.71
CA THR HA 71 31.20 -0.46 19.66
C THR HA 71 31.91 -1.07 18.46
N HIS HA 72 33.10 -0.55 18.12
CA HIS HA 72 33.84 -0.92 16.92
C HIS HA 72 33.03 -0.48 15.72
N VAL HA 73 33.18 0.79 15.39
CA VAL HA 73 32.47 1.40 14.28
C VAL HA 73 33.04 0.93 12.95
N LEU HA 74 32.15 0.66 12.01
CA LEU HA 74 32.51 0.28 10.65
C LEU HA 74 32.02 1.40 9.75
N LEU HA 75 32.93 1.99 9.00
CA LEU HA 75 32.64 3.12 8.13
C LEU HA 75 32.48 2.61 6.70
N THR HA 76 31.33 2.92 6.10
CA THR HA 76 31.03 2.50 4.75
C THR HA 76 30.69 3.72 3.91
N HIS HA 77 30.94 3.60 2.61
CA HIS HA 77 30.67 4.69 1.69
C HIS HA 77 30.43 4.06 0.33
N THR HA 78 29.24 4.24 -0.23
CA THR HA 78 28.87 3.60 -1.48
C THR HA 78 28.10 4.54 -2.39
N ILE HA 79 28.39 4.46 -3.68
CA ILE HA 79 27.61 5.13 -4.72
C ILE HA 79 26.81 4.06 -5.44
N SER HA 80 25.49 4.17 -5.36
CA SER HA 80 24.59 3.15 -5.86
C SER HA 80 23.76 3.72 -7.01
N ARG HA 81 23.14 2.84 -7.78
CA ARG HA 81 22.41 3.24 -8.98
C ARG HA 81 21.07 2.53 -9.09
N ILE HA 82 20.02 3.33 -9.30
CA ILE HA 82 18.68 2.84 -9.62
C ILE HA 82 18.40 3.17 -11.08
N ALA HA 83 18.24 2.14 -11.91
CA ALA HA 83 18.05 2.29 -13.34
C ALA HA 83 16.59 2.07 -13.70
N VAL HA 84 16.20 2.60 -14.86
CA VAL HA 84 14.84 2.39 -15.36
C VAL HA 84 14.64 0.92 -15.73
N SER HA 85 15.72 0.25 -16.13
CA SER HA 85 15.64 -1.16 -16.54
C SER HA 85 15.52 -2.11 -15.35
N TYR HA 86 16.16 -1.78 -14.22
CA TYR HA 86 16.18 -2.66 -13.05
C TYR HA 86 15.94 -1.79 -11.82
N GLN HA 87 14.71 -1.82 -11.30
CA GLN HA 87 14.28 -0.87 -10.26
C GLN HA 87 14.69 -1.32 -8.87
N THR HA 88 15.96 -1.71 -8.72
CA THR HA 88 16.55 -2.07 -7.45
C THR HA 88 17.83 -1.29 -7.24
N LYS HA 89 18.05 -0.83 -6.01
CA LYS HA 89 19.29 -0.14 -5.66
C LYS HA 89 20.43 -1.14 -5.68
N VAL HA 90 21.40 -0.93 -6.56
CA VAL HA 90 22.58 -1.78 -6.67
C VAL HA 90 23.82 -0.90 -6.51
N ASN HA 91 24.85 -1.45 -5.85
CA ASN HA 91 26.06 -0.68 -5.62
C ASN HA 91 26.96 -0.67 -6.86
N LEU HA 92 27.40 0.52 -7.25
CA LEU HA 92 28.41 0.65 -8.29
C LEU HA 92 29.81 0.70 -7.70
N LEU HA 93 29.99 1.48 -6.63
CA LEU HA 93 31.27 1.62 -5.95
C LEU HA 93 31.04 1.52 -4.45
N SER HA 94 31.92 0.83 -3.74
CA SER HA 94 31.77 0.69 -2.30
C SER HA 94 33.14 0.52 -1.66
N ALA HA 95 33.22 0.94 -0.40
CA ALA HA 95 34.44 0.78 0.38
C ALA HA 95 34.06 0.74 1.86
N ILE HA 96 34.85 0.00 2.62
CA ILE HA 96 34.64 -0.17 4.06
C ILE HA 96 35.96 0.18 4.74
N LYS HA 97 35.88 0.80 5.92
CA LYS HA 97 37.09 1.15 6.65
C LYS HA 97 36.78 1.13 8.14
N SER HA 98 37.63 0.45 8.91
CA SER HA 98 37.51 0.37 10.35
C SER HA 98 38.49 1.32 11.01
N PRO HA 99 38.02 2.37 11.69
CA PRO HA 99 38.95 3.41 12.18
C PRO HA 99 39.65 3.05 13.48
N CYS HA 100 39.06 2.20 14.31
CA CYS HA 100 39.56 2.03 15.67
C CYS HA 100 40.06 0.62 15.95
N GLN HA 101 41.38 0.53 16.09
CA GLN HA 101 42.07 -0.64 16.63
C GLN HA 101 42.32 -0.49 18.12
N ARG HA 102 42.22 0.73 18.63
CA ARG HA 102 42.51 1.03 20.02
C ARG HA 102 41.59 0.28 20.97
N GLU HA 103 42.14 -0.07 22.14
CA GLU HA 103 41.40 -0.77 23.19
C GLU HA 103 40.76 0.24 24.14
N THR HA 104 39.97 1.12 23.52
CA THR HA 104 39.26 2.26 24.11
C THR HA 104 40.13 2.99 25.12
N PRO HA 105 40.68 4.15 24.75
CA PRO HA 105 41.63 4.84 25.65
C PRO HA 105 40.99 5.17 27.00
N GLU HA 106 41.54 4.58 28.06
CA GLU HA 106 40.97 4.74 29.39
C GLU HA 106 41.66 5.83 30.21
N GLY HA 107 42.73 6.43 29.70
CA GLY HA 107 43.39 7.52 30.40
C GLY HA 107 43.79 8.64 29.46
N ALA HA 108 44.05 8.29 28.20
CA ALA HA 108 44.46 9.25 27.18
C ALA HA 108 43.26 9.48 26.27
N GLU HA 109 42.33 10.29 26.76
CA GLU HA 109 41.03 10.45 26.11
C GLU HA 109 41.16 11.29 24.84
N ALA HA 110 40.01 11.65 24.28
CA ALA HA 110 39.90 12.46 23.07
C ALA HA 110 40.68 11.85 21.91
N LYS HA 111 41.72 12.55 21.49
CA LYS HA 111 42.63 12.18 20.40
C LYS HA 111 41.81 12.02 19.11
N PRO HA 112 41.65 13.09 18.34
CA PRO HA 112 40.79 13.04 17.14
C PRO HA 112 41.39 12.22 16.01
N TRP HA 113 40.61 11.30 15.46
CA TRP HA 113 41.01 10.47 14.33
C TRP HA 113 40.34 10.95 13.05
N TYR HA 114 41.04 10.77 11.93
CA TYR HA 114 40.55 11.15 10.61
C TYR HA 114 40.68 9.95 9.68
N GLU HA 115 39.59 9.63 8.96
CA GLU HA 115 39.57 8.56 7.97
C GLU HA 115 38.84 8.97 6.70
N PRO HA 116 39.55 9.04 5.56
CA PRO HA 116 38.90 9.31 4.27
C PRO HA 116 38.60 8.07 3.46
N ILE HA 117 37.66 8.20 2.52
CA ILE HA 117 37.32 7.17 1.56
C ILE HA 117 37.05 7.85 0.23
N TYR HA 118 37.67 7.34 -0.84
CA TYR HA 118 37.48 7.89 -2.16
C TYR HA 118 37.01 6.78 -3.08
N LEU HA 119 36.09 7.12 -3.96
CA LEU HA 119 35.49 6.18 -4.89
C LEU HA 119 35.44 6.83 -6.26
N GLY HA 120 35.71 6.05 -7.29
CA GLY HA 120 35.64 6.57 -8.64
C GLY HA 120 35.57 5.48 -9.69
N GLY HA 121 34.82 5.70 -10.76
CA GLY HA 121 34.73 4.69 -11.80
C GLY HA 121 33.92 5.20 -12.98
N VAL HA 122 34.01 4.46 -14.08
CA VAL HA 122 33.31 4.78 -15.31
C VAL HA 122 32.17 3.80 -15.50
N PHE HA 123 31.00 4.30 -15.87
CA PHE HA 123 29.82 3.47 -16.05
C PHE HA 123 28.98 4.01 -17.19
N GLN HA 124 28.15 3.15 -17.76
CA GLN HA 124 27.17 3.53 -18.76
C GLN HA 124 25.83 3.75 -18.07
N LEU HA 125 25.28 4.96 -18.19
CA LEU HA 125 24.02 5.31 -17.56
C LEU HA 125 22.97 5.60 -18.62
N GLU HA 126 21.70 5.40 -18.25
CA GLU HA 126 20.57 5.60 -19.13
C GLU HA 126 19.79 6.83 -18.71
N LYS HA 127 18.87 7.25 -19.57
CA LYS HA 127 18.03 8.40 -19.26
C LYS HA 127 17.15 8.11 -18.06
N GLY HA 128 17.12 9.04 -17.10
CA GLY HA 128 16.29 8.90 -15.93
C GLY HA 128 16.88 8.08 -14.80
N ASP HA 129 18.08 7.53 -14.96
CA ASP HA 129 18.74 6.80 -13.89
C ASP HA 129 19.11 7.73 -12.73
N ARG HA 130 18.94 7.25 -11.50
CA ARG HA 130 19.21 8.05 -10.31
C ARG HA 130 20.39 7.47 -9.54
N LEU HA 131 21.47 8.23 -9.47
CA LEU HA 131 22.66 7.90 -8.70
C LEU HA 131 22.56 8.53 -7.33
N SER HA 132 23.08 7.83 -6.32
CA SER HA 132 23.02 8.34 -4.95
C SER HA 132 24.31 7.99 -4.23
N ALA HA 133 24.94 8.99 -3.63
CA ALA HA 133 26.12 8.78 -2.81
C ALA HA 133 25.68 8.84 -1.35
N GLU HA 134 25.97 7.79 -0.60
CA GLU HA 134 25.46 7.66 0.75
C GLU HA 134 26.51 6.98 1.62
N ILE HA 135 26.36 7.18 2.92
CA ILE HA 135 27.21 6.55 3.93
C ILE HA 135 26.32 6.07 5.07
N ASN HA 136 26.86 5.11 5.83
CA ASN HA 136 26.06 4.49 6.88
C ASN HA 136 26.03 5.31 8.16
N ARG HA 137 27.09 6.08 8.45
CA ARG HA 137 27.16 6.88 9.67
C ARG HA 137 27.35 8.36 9.33
N PRO HA 138 26.25 9.10 9.08
CA PRO HA 138 26.35 10.52 8.73
C PRO HA 138 26.62 11.44 9.91
N ASP HA 139 26.89 10.86 11.08
CA ASP HA 139 27.20 11.62 12.28
C ASP HA 139 28.70 11.83 12.49
N TYR HA 140 29.57 11.21 11.69
CA TYR HA 140 31.01 11.41 11.74
C TYR HA 140 31.53 12.31 10.63
N LEU HA 141 30.66 13.02 9.93
CA LEU HA 141 31.08 13.85 8.80
C LEU HA 141 31.91 15.04 9.25
N ASP HA 142 32.99 15.29 8.52
CA ASP HA 142 33.82 16.47 8.70
C ASP HA 142 33.62 17.35 7.48
N PHE HA 143 32.55 18.13 7.50
CA PHE HA 143 32.27 19.16 6.50
C PHE HA 143 32.67 20.54 7.01
N ALA HA 144 33.68 20.59 7.89
CA ALA HA 144 34.14 21.84 8.46
C ALA HA 144 34.82 22.69 7.39
N GLU HA 145 35.95 22.21 6.87
CA GLU HA 145 36.64 22.93 5.82
C GLU HA 145 36.07 22.58 4.44
N SER HA 146 36.49 23.36 3.45
CA SER HA 146 35.90 23.29 2.12
C SER HA 146 36.49 22.12 1.32
N GLY HA 147 35.62 21.46 0.57
CA GLY HA 147 35.98 20.36 -0.29
C GLY HA 147 36.59 19.16 0.41
N GLN HA 148 36.08 18.80 1.59
CA GLN HA 148 36.50 17.56 2.24
C GLN HA 148 35.54 16.41 1.95
N VAL HA 149 34.30 16.73 1.64
CA VAL HA 149 33.29 15.75 1.25
C VAL HA 149 32.61 16.28 0.00
N TYR HA 150 32.50 15.44 -1.03
CA TYR HA 150 31.93 15.87 -2.30
C TYR HA 150 31.47 14.63 -3.06
N PHE HA 151 30.85 14.87 -4.21
CA PHE HA 151 30.21 13.86 -5.03
C PHE HA 151 29.89 14.45 -6.40
N GLY HA 152 30.23 13.76 -7.47
CA GLY HA 152 30.04 14.34 -8.79
C GLY HA 152 30.05 13.30 -9.87
N ILE HA 153 29.47 13.70 -11.02
CA ILE HA 153 29.47 12.90 -12.23
C ILE HA 153 29.81 13.83 -13.39
N ILE HA 154 30.35 13.25 -14.45
CA ILE HA 154 30.70 14.01 -15.64
C ILE HA 154 30.51 13.12 -16.86
N ALA HA 155 29.84 13.66 -17.87
CA ALA HA 155 29.62 12.91 -19.11
C ALA HA 155 30.91 12.94 -19.92
N LEU HA 156 31.54 11.77 -20.07
CA LEU HA 156 32.75 11.68 -20.86
C LEU HA 156 32.38 11.52 -22.34
N SER IA 3 15.08 -1.66 -26.50
CA SER IA 3 15.11 -0.20 -26.55
C SER IA 3 16.48 0.28 -27.04
N SER IA 4 16.51 1.51 -27.55
CA SER IA 4 17.73 2.05 -28.14
C SER IA 4 17.59 3.57 -28.25
N ARG IA 5 18.63 4.31 -27.86
CA ARG IA 5 18.56 5.75 -27.81
C ARG IA 5 19.73 6.42 -28.52
N THR IA 6 20.95 6.18 -28.05
CA THR IA 6 22.14 6.79 -28.62
C THR IA 6 23.22 5.74 -28.82
N PRO IA 7 24.09 5.90 -29.84
CA PRO IA 7 25.07 4.85 -30.16
C PRO IA 7 26.25 4.73 -29.19
N SER IA 8 26.92 5.85 -28.90
CA SER IA 8 28.06 5.95 -27.99
C SER IA 8 29.32 5.29 -28.54
N ASP IA 9 30.51 5.74 -28.10
CA ASP IA 9 31.77 5.26 -28.66
C ASP IA 9 32.92 5.55 -27.67
N LYS IA 10 34.16 5.27 -28.14
CA LYS IA 10 35.51 5.32 -27.60
C LYS IA 10 35.89 4.12 -26.73
N PRO IA 11 37.17 3.71 -26.76
CA PRO IA 11 37.63 2.57 -25.94
C PRO IA 11 37.38 2.76 -24.45
N VAL IA 12 36.73 1.77 -23.84
CA VAL IA 12 36.40 1.80 -22.42
C VAL IA 12 36.44 0.38 -21.90
N ALA IA 13 36.69 0.26 -20.59
CA ALA IA 13 36.69 -1.03 -19.91
C ALA IA 13 36.51 -0.78 -18.42
N HIS IA 14 35.65 -1.56 -17.79
CA HIS IA 14 35.47 -1.54 -16.34
C HIS IA 14 35.19 -2.97 -15.91
N VAL IA 15 36.21 -3.65 -15.42
CA VAL IA 15 36.13 -5.07 -15.08
C VAL IA 15 36.08 -5.19 -13.56
N VAL IA 16 35.38 -6.23 -13.10
CA VAL IA 16 35.15 -6.42 -11.68
C VAL IA 16 35.65 -7.82 -11.31
N ALA IA 17 36.08 -7.97 -10.06
CA ALA IA 17 36.63 -9.25 -9.64
C ALA IA 17 35.56 -10.34 -9.64
N ASN IA 18 36.00 -11.57 -9.85
CA ASN IA 18 35.11 -12.70 -9.85
C ASN IA 18 34.77 -13.10 -8.41
N PRO IA 19 33.51 -13.09 -8.01
CA PRO IA 19 33.18 -13.48 -6.62
C PRO IA 19 33.39 -14.95 -6.34
N GLN IA 20 33.22 -15.84 -7.33
CA GLN IA 20 33.42 -17.28 -7.10
C GLN IA 20 34.87 -17.70 -7.31
N ALA IA 21 35.81 -16.81 -7.05
CA ALA IA 21 37.23 -17.11 -7.14
C ALA IA 21 37.82 -17.09 -5.73
N GLU IA 22 38.79 -17.99 -5.50
CA GLU IA 22 39.39 -18.17 -4.18
C GLU IA 22 40.89 -17.92 -4.27
N GLY IA 23 41.37 -16.97 -3.46
CA GLY IA 23 42.78 -16.61 -3.44
C GLY IA 23 43.28 -16.09 -4.77
N GLN IA 24 42.42 -15.47 -5.55
CA GLN IA 24 42.80 -14.97 -6.86
C GLN IA 24 41.96 -13.76 -7.23
N LEU IA 25 42.58 -12.86 -8.00
CA LEU IA 25 41.97 -11.64 -8.51
C LEU IA 25 41.77 -11.87 -9.99
N GLN IA 26 40.64 -12.46 -10.35
CA GLN IA 26 40.32 -12.76 -11.73
C GLN IA 26 39.33 -11.71 -12.23
N TRP IA 27 39.71 -11.00 -13.29
CA TRP IA 27 38.90 -9.91 -13.82
C TRP IA 27 37.83 -10.47 -14.74
N LEU IA 28 36.61 -9.98 -14.58
CA LEU IA 28 35.47 -10.40 -15.39
C LEU IA 28 34.89 -9.18 -16.09
N ASN IA 29 34.30 -9.42 -17.25
CA ASN IA 29 33.64 -8.38 -18.03
C ASN IA 29 32.17 -8.66 -18.29
N ARG IA 30 31.74 -9.92 -18.21
CA ARG IA 30 30.37 -10.28 -18.55
C ARG IA 30 29.49 -10.31 -17.30
N ARG IA 31 29.43 -9.16 -16.63
CA ARG IA 31 28.61 -9.01 -15.44
C ARG IA 31 27.93 -7.65 -15.46
N ALA IA 32 26.81 -7.57 -14.73
CA ALA IA 32 25.86 -6.44 -14.72
C ALA IA 32 26.43 -5.10 -15.16
N ASN IA 33 27.06 -4.37 -14.25
CA ASN IA 33 27.56 -3.02 -14.55
C ASN IA 33 29.04 -3.01 -14.91
N ALA IA 34 29.44 -3.89 -15.83
CA ALA IA 34 30.81 -3.95 -16.30
C ALA IA 34 30.83 -3.78 -17.80
N LEU IA 35 31.92 -3.20 -18.31
CA LEU IA 35 32.02 -2.84 -19.72
C LEU IA 35 33.35 -3.30 -20.29
N LEU IA 36 33.32 -3.65 -21.58
CA LEU IA 36 34.54 -3.98 -22.33
C LEU IA 36 34.16 -3.91 -23.81
N ALA IA 37 34.38 -2.75 -24.42
CA ALA IA 37 33.86 -2.49 -25.76
C ALA IA 37 34.78 -1.50 -26.48
N ASN IA 38 34.50 -1.30 -27.76
CA ASN IA 38 35.24 -0.35 -28.61
C ASN IA 38 36.71 -0.72 -28.74
N GLY IA 39 37.03 -2.01 -28.73
CA GLY IA 39 38.32 -2.50 -29.11
C GLY IA 39 39.19 -3.00 -27.98
N VAL IA 40 38.93 -2.58 -26.75
CA VAL IA 40 39.75 -3.01 -25.62
C VAL IA 40 39.57 -4.50 -25.43
N GLU IA 41 40.70 -5.21 -25.38
CA GLU IA 41 40.72 -6.66 -25.23
C GLU IA 41 41.15 -7.04 -23.83
N LEU IA 42 40.56 -8.11 -23.30
CA LEU IA 42 40.96 -8.69 -22.02
C LEU IA 42 41.59 -10.05 -22.30
N ARG IA 43 42.92 -10.09 -22.31
CA ARG IA 43 43.62 -11.35 -22.54
C ARG IA 43 43.95 -12.09 -21.25
N ASP IA 44 45.23 -12.18 -20.89
CA ASP IA 44 45.66 -13.00 -19.75
C ASP IA 44 45.56 -12.17 -18.47
N ASN IA 45 44.31 -11.96 -18.04
CA ASN IA 45 43.97 -11.09 -16.92
C ASN IA 45 44.57 -9.70 -17.11
N GLN IA 46 44.62 -9.28 -18.37
CA GLN IA 46 45.26 -8.05 -18.79
C GLN IA 46 44.39 -7.31 -19.80
N LEU IA 47 44.42 -5.99 -19.74
CA LEU IA 47 43.72 -5.16 -20.72
C LEU IA 47 44.70 -4.78 -21.83
N VAL IA 48 44.28 -4.97 -23.08
CA VAL IA 48 45.11 -4.70 -24.24
C VAL IA 48 44.58 -3.43 -24.90
N VAL IA 49 45.40 -2.39 -24.92
CA VAL IA 49 44.96 -1.12 -25.51
C VAL IA 49 44.88 -1.28 -27.02
N PRO IA 50 43.76 -0.94 -27.67
CA PRO IA 50 43.64 -1.18 -29.11
C PRO IA 50 44.13 -0.03 -29.97
N SER IA 51 44.28 1.16 -29.39
CA SER IA 51 44.66 2.33 -30.17
C SER IA 51 45.36 3.35 -29.27
N GLU IA 52 46.24 4.12 -29.88
CA GLU IA 52 47.02 5.12 -29.16
C GLU IA 52 46.18 6.33 -28.74
N GLY IA 53 46.44 6.83 -27.55
CA GLY IA 53 45.76 8.02 -27.06
C GLY IA 53 45.98 8.20 -25.57
N LEU IA 54 45.26 9.18 -25.03
CA LEU IA 54 45.31 9.46 -23.59
C LEU IA 54 44.18 8.69 -22.92
N TYR IA 55 44.52 7.93 -21.90
CA TYR IA 55 43.54 7.13 -21.19
C TYR IA 55 43.49 7.52 -19.73
N LEU IA 56 42.34 7.25 -19.11
CA LEU IA 56 42.17 7.40 -17.68
C LEU IA 56 42.18 6.01 -17.05
N ILE IA 57 43.11 5.78 -16.15
CA ILE IA 57 43.30 4.46 -15.53
C ILE IA 57 42.92 4.56 -14.06
N TYR IA 58 42.14 3.61 -13.58
CA TYR IA 58 41.73 3.57 -12.18
C TYR IA 58 41.57 2.13 -11.73
N SER IA 59 41.66 1.93 -10.42
CA SER IA 59 41.40 0.63 -9.83
C SER IA 59 41.20 0.79 -8.33
N GLN IA 60 40.33 -0.03 -7.76
CA GLN IA 60 40.10 -0.08 -6.33
C GLN IA 60 40.23 -1.51 -5.84
N VAL IA 61 40.81 -1.68 -4.66
CA VAL IA 61 40.91 -3.00 -4.02
C VAL IA 61 40.48 -2.87 -2.58
N LEU IA 62 39.73 -3.87 -2.09
CA LEU IA 62 39.28 -3.91 -0.70
C LEU IA 62 39.91 -5.11 -0.01
N PHE IA 63 40.62 -4.86 1.09
CA PHE IA 63 41.26 -5.90 1.89
C PHE IA 63 40.52 -6.09 3.20
N LYS IA 64 40.27 -7.34 3.58
CA LYS IA 64 39.65 -7.63 4.87
C LYS IA 64 40.27 -8.85 5.52
N GLY IA 65 40.53 -8.75 6.82
CA GLY IA 65 40.93 -9.89 7.61
C GLY IA 65 40.22 -9.84 8.93
N GLN IA 66 39.95 -11.01 9.50
CA GLN IA 66 39.17 -11.13 10.74
C GLN IA 66 40.10 -11.39 11.93
N GLY IA 67 40.89 -10.38 12.22
CA GLY IA 67 41.86 -10.44 13.30
C GLY IA 67 43.15 -9.80 12.84
N CYS IA 68 43.92 -9.37 13.78
CA CYS IA 68 45.17 -8.74 13.39
C CYS IA 68 46.25 -9.79 13.37
N PRO IA 69 46.99 -9.93 12.27
CA PRO IA 69 48.00 -10.99 12.21
C PRO IA 69 49.24 -10.64 13.00
N SER IA 70 50.31 -11.41 12.80
CA SER IA 70 51.54 -11.20 13.52
C SER IA 70 52.47 -10.30 12.71
N THR IA 71 53.32 -9.56 13.42
CA THR IA 71 54.30 -8.63 12.86
C THR IA 71 53.56 -7.69 11.91
N HIS IA 72 54.24 -7.17 10.89
CA HIS IA 72 53.62 -6.21 9.97
C HIS IA 72 53.35 -6.86 8.62
N VAL IA 73 52.12 -6.79 8.18
CA VAL IA 73 51.73 -7.24 6.85
C VAL IA 73 51.57 -5.99 5.98
N LEU IA 74 52.05 -6.06 4.75
CA LEU IA 74 51.99 -4.93 3.82
C LEU IA 74 51.08 -5.26 2.65
N LEU IA 75 50.12 -4.37 2.43
CA LEU IA 75 49.13 -4.49 1.37
C LEU IA 75 49.57 -3.61 0.21
N THR IA 76 49.63 -4.20 -0.98
CA THR IA 76 50.11 -3.50 -2.17
C THR IA 76 49.02 -3.54 -3.24
N HIS IA 77 49.02 -2.51 -4.08
CA HIS IA 77 48.07 -2.37 -5.17
C HIS IA 77 48.73 -1.50 -6.24
N THR IA 78 48.94 -2.07 -7.42
CA THR IA 78 49.69 -1.38 -8.47
C THR IA 78 49.06 -1.66 -9.83
N ILE IA 79 49.03 -0.64 -10.67
CA ILE IA 79 48.66 -0.80 -12.08
C ILE IA 79 49.92 -0.64 -12.91
N SER IA 80 50.25 -1.67 -13.68
CA SER IA 80 51.48 -1.76 -14.44
C SER IA 80 51.19 -1.73 -15.93
N ARG IA 81 52.24 -1.44 -16.71
CA ARG IA 81 52.10 -1.36 -18.16
C ARG IA 81 53.31 -1.97 -18.84
N ILE IA 82 53.08 -2.94 -19.71
CA ILE IA 82 54.08 -3.47 -20.62
C ILE IA 82 53.70 -3.04 -22.03
N ALA IA 83 54.56 -2.24 -22.66
CA ALA IA 83 54.27 -1.65 -23.95
C ALA IA 83 55.03 -2.35 -25.06
N VAL IA 84 54.53 -2.20 -26.28
CA VAL IA 84 55.24 -2.71 -27.45
C VAL IA 84 56.53 -1.94 -27.66
N SER IA 85 56.56 -0.68 -27.20
CA SER IA 85 57.75 0.15 -27.36
C SER IA 85 58.85 -0.28 -26.40
N TYR IA 86 58.47 -0.69 -25.19
CA TYR IA 86 59.42 -1.15 -24.17
C TYR IA 86 58.78 -2.33 -23.44
N GLN IA 87 59.23 -3.55 -23.78
CA GLN IA 87 58.56 -4.77 -23.34
C GLN IA 87 58.92 -5.18 -21.92
N THR IA 88 58.96 -4.23 -20.99
CA THR IA 88 59.16 -4.51 -19.58
C THR IA 88 58.06 -3.84 -18.78
N LYS IA 89 57.55 -4.57 -17.80
CA LYS IA 89 56.49 -4.09 -16.93
C LYS IA 89 57.00 -3.00 -15.99
N VAL IA 90 56.43 -1.81 -16.08
CA VAL IA 90 56.76 -0.69 -15.23
C VAL IA 90 55.50 -0.23 -14.51
N ASN IA 91 55.68 0.25 -13.28
CA ASN IA 91 54.55 0.68 -12.47
C ASN IA 91 54.10 2.08 -12.87
N LEU IA 92 52.81 2.22 -13.15
CA LEU IA 92 52.22 3.54 -13.39
C LEU IA 92 51.66 4.14 -12.11
N LEU IA 93 50.93 3.35 -11.33
CA LEU IA 93 50.36 3.78 -10.06
C LEU IA 93 50.63 2.72 -9.01
N SER IA 94 50.91 3.18 -7.79
CA SER IA 94 51.25 2.30 -6.68
C SER IA 94 50.75 2.89 -5.38
N ALA IA 95 50.47 2.00 -4.42
CA ALA IA 95 50.11 2.38 -3.07
C ALA IA 95 50.42 1.22 -2.14
N ILE IA 96 50.81 1.55 -0.92
CA ILE IA 96 51.11 0.58 0.12
C ILE IA 96 50.32 0.99 1.35
N LYS IA 97 49.88 0.02 2.13
CA LYS IA 97 49.07 0.36 3.28
C LYS IA 97 49.33 -0.65 4.39
N SER IA 98 49.50 -0.14 5.61
CA SER IA 98 49.72 -1.00 6.76
C SER IA 98 48.41 -1.15 7.53
N PRO IA 99 47.76 -2.33 7.50
CA PRO IA 99 46.45 -2.48 8.14
C PRO IA 99 46.54 -2.79 9.62
N CYS IA 100 47.61 -3.46 10.03
CA CYS IA 100 47.77 -3.93 11.41
C CYS IA 100 48.97 -3.18 11.98
N GLN IA 101 48.66 -2.23 12.85
CA GLN IA 101 49.62 -1.40 13.56
C GLN IA 101 49.91 -1.97 14.94
N ARG IA 102 50.99 -2.76 15.03
CA ARG IA 102 51.35 -3.45 16.28
C ARG IA 102 50.11 -4.21 16.71
N GLU IA 103 49.75 -4.22 18.00
CA GLU IA 103 48.54 -4.89 18.48
C GLU IA 103 48.52 -6.36 18.07
N THR IA 104 49.67 -7.01 18.08
CA THR IA 104 49.67 -8.42 17.69
C THR IA 104 48.91 -9.22 18.75
N PRO IA 105 47.71 -9.74 18.44
CA PRO IA 105 46.85 -10.32 19.48
C PRO IA 105 47.50 -11.44 20.27
N GLU IA 106 47.78 -11.16 21.55
CA GLU IA 106 48.39 -12.11 22.48
C GLU IA 106 47.48 -12.17 23.71
N GLY IA 107 46.48 -13.04 23.66
CA GLY IA 107 45.47 -13.08 24.70
C GLY IA 107 44.48 -11.95 24.65
N ALA IA 108 44.11 -11.50 23.44
CA ALA IA 108 43.14 -10.43 23.26
C ALA IA 108 42.21 -10.80 22.11
N GLU IA 109 41.09 -10.08 22.02
CA GLU IA 109 40.07 -10.41 21.04
C GLU IA 109 40.50 -10.02 19.63
N ALA IA 110 40.13 -10.86 18.66
CA ALA IA 110 40.29 -10.50 17.26
C ALA IA 110 39.20 -9.51 16.85
N LYS IA 111 39.43 -8.86 15.71
CA LYS IA 111 38.56 -7.79 15.20
C LYS IA 111 38.82 -7.58 13.71
N PRO IA 112 37.77 -7.60 12.89
CA PRO IA 112 37.92 -7.48 11.44
C PRO IA 112 38.32 -6.08 11.00
N TRP IA 113 39.40 -5.99 10.22
CA TRP IA 113 39.89 -4.75 9.66
C TRP IA 113 39.58 -4.66 8.16
N TYR IA 114 39.33 -3.44 7.69
CA TYR IA 114 39.06 -3.16 6.28
C TYR IA 114 39.97 -2.05 5.78
N GLU IA 115 40.56 -2.25 4.60
CA GLU IA 115 41.38 -1.23 4.00
C GLU IA 115 41.12 -1.10 2.51
N PRO IA 116 40.64 0.05 2.04
CA PRO IA 116 40.52 0.25 0.59
C PRO IA 116 41.74 0.98 0.06
N ILE IA 117 42.00 0.79 -1.23
CA ILE IA 117 43.12 1.46 -1.90
C ILE IA 117 42.66 1.85 -3.30
N TYR IA 118 42.85 3.11 -3.66
CA TYR IA 118 42.41 3.62 -4.95
C TYR IA 118 43.57 4.28 -5.67
N LEU IA 119 43.63 4.08 -6.97
CA LEU IA 119 44.67 4.60 -7.84
C LEU IA 119 44.00 5.20 -9.07
N GLY IA 120 44.53 6.32 -9.54
CA GLY IA 120 43.98 6.94 -10.73
C GLY IA 120 44.90 7.98 -11.33
N GLY IA 121 44.91 8.05 -12.65
CA GLY IA 121 45.74 9.01 -13.35
C GLY IA 121 45.51 8.92 -14.84
N VAL IA 122 46.06 9.91 -15.55
CA VAL IA 122 45.98 9.99 -17.00
C VAL IA 122 47.33 9.60 -17.57
N PHE IA 123 47.30 8.79 -18.63
CA PHE IA 123 48.53 8.30 -19.25
C PHE IA 123 48.33 8.21 -20.75
N GLN IA 124 49.45 8.29 -21.48
CA GLN IA 124 49.47 8.07 -22.92
C GLN IA 124 49.85 6.62 -23.18
N LEU IA 125 48.97 5.90 -23.83
CA LEU IA 125 49.18 4.49 -24.15
C LEU IA 125 49.23 4.31 -25.66
N GLU IA 126 49.92 3.28 -26.10
CA GLU IA 126 50.04 2.96 -27.52
C GLU IA 126 49.24 1.69 -27.82
N LYS IA 127 49.11 1.42 -29.11
CA LYS IA 127 48.44 0.21 -29.57
C LYS IA 127 49.21 -1.01 -29.10
N GLY IA 128 48.51 -1.99 -28.56
CA GLY IA 128 49.10 -3.24 -28.13
C GLY IA 128 49.68 -3.25 -26.74
N ASP IA 129 49.64 -2.12 -26.02
CA ASP IA 129 50.10 -2.11 -24.64
C ASP IA 129 49.18 -2.95 -23.77
N ARG IA 130 49.78 -3.67 -22.82
CA ARG IA 130 49.08 -4.61 -21.95
C ARG IA 130 49.11 -4.07 -20.53
N LEU IA 131 47.96 -3.61 -20.04
CA LEU IA 131 47.82 -3.11 -18.68
C LEU IA 131 47.27 -4.18 -17.73
N SER IA 132 47.77 -4.16 -16.50
CA SER IA 132 47.36 -5.12 -15.48
C SER IA 132 47.38 -4.48 -14.10
N ALA IA 133 46.27 -4.59 -13.37
CA ALA IA 133 46.16 -4.18 -11.97
C ALA IA 133 46.19 -5.41 -11.08
N GLU IA 134 47.09 -5.44 -10.10
CA GLU IA 134 47.31 -6.63 -9.30
C GLU IA 134 47.65 -6.24 -7.87
N ILE IA 135 47.51 -7.20 -6.96
CA ILE IA 135 47.80 -7.01 -5.54
C ILE IA 135 48.70 -8.15 -5.08
N ASN IA 136 49.42 -7.89 -3.97
CA ASN IA 136 50.44 -8.81 -3.47
C ASN IA 136 49.84 -9.94 -2.64
N ARG IA 137 48.74 -9.68 -1.92
CA ARG IA 137 48.09 -10.67 -1.07
C ARG IA 137 46.66 -10.87 -1.58
N PRO IA 138 46.48 -11.74 -2.58
CA PRO IA 138 45.12 -12.01 -3.08
C PRO IA 138 44.28 -12.88 -2.16
N ASP IA 139 44.79 -13.16 -0.97
CA ASP IA 139 44.13 -13.93 0.07
C ASP IA 139 43.36 -13.07 1.06
N TYR IA 140 43.52 -11.76 1.01
CA TYR IA 140 42.77 -10.82 1.83
C TYR IA 140 41.69 -10.08 1.06
N LEU IA 141 41.40 -10.51 -0.18
CA LEU IA 141 40.41 -9.83 -1.00
C LEU IA 141 39.01 -9.99 -0.43
N ASP IA 142 38.28 -8.89 -0.37
CA ASP IA 142 36.87 -8.89 0.02
C ASP IA 142 36.05 -8.46 -1.20
N PHE IA 143 35.77 -9.42 -2.07
CA PHE IA 143 34.81 -9.21 -3.15
C PHE IA 143 33.46 -9.79 -2.80
N ALA IA 144 33.14 -9.85 -1.51
CA ALA IA 144 31.87 -10.41 -1.07
C ALA IA 144 30.70 -9.49 -1.40
N GLU IA 145 30.97 -8.26 -1.82
CA GLU IA 145 29.91 -7.33 -2.16
C GLU IA 145 30.24 -6.72 -3.53
N SER IA 146 29.34 -5.88 -4.03
CA SER IA 146 29.47 -5.44 -5.42
C SER IA 146 30.20 -4.11 -5.51
N GLY IA 147 31.00 -4.00 -6.57
CA GLY IA 147 31.79 -2.80 -6.81
C GLY IA 147 32.72 -2.43 -5.69
N GLN IA 148 33.30 -3.43 -5.01
CA GLN IA 148 34.31 -3.18 -4.00
C GLN IA 148 35.73 -3.36 -4.54
N VAL IA 149 35.88 -4.17 -5.58
CA VAL IA 149 37.14 -4.35 -6.29
C VAL IA 149 36.84 -4.28 -7.78
N TYR IA 150 37.59 -3.44 -8.49
CA TYR IA 150 37.34 -3.21 -9.91
C TYR IA 150 38.61 -2.62 -10.51
N PHE IA 151 38.57 -2.42 -11.83
CA PHE IA 151 39.73 -1.99 -12.59
C PHE IA 151 39.26 -1.53 -13.96
N GLY IA 152 39.68 -0.35 -14.40
CA GLY IA 152 39.14 0.16 -15.66
C GLY IA 152 39.98 1.23 -16.30
N ILE IA 153 39.75 1.40 -17.60
CA ILE IA 153 40.37 2.44 -18.42
C ILE IA 153 39.31 3.04 -19.34
N ILE IA 154 39.54 4.28 -19.76
CA ILE IA 154 38.68 4.95 -20.72
C ILE IA 154 39.52 5.89 -21.57
N ALA IA 155 39.34 5.83 -22.89
CA ALA IA 155 40.06 6.67 -23.82
C ALA IA 155 39.45 8.07 -23.82
N LEU IA 156 40.23 9.04 -23.37
CA LEU IA 156 39.79 10.44 -23.34
C LEU IA 156 40.00 11.12 -24.70
N ALA JA 2 66.42 -2.74 -17.53
CA ALA JA 2 66.38 -2.33 -18.93
C ALA JA 2 66.13 -0.83 -19.06
N ARG JA 3 65.59 -0.42 -20.21
CA ARG JA 3 65.54 1.00 -20.57
C ARG JA 3 66.92 1.62 -20.38
N VAL JA 4 67.82 1.28 -21.32
CA VAL JA 4 69.24 1.64 -21.40
C VAL JA 4 70.01 0.62 -20.58
N ASP JA 5 71.00 -0.04 -21.20
CA ASP JA 5 71.81 -1.06 -20.53
C ASP JA 5 73.28 -0.73 -20.71
N GLN JA 6 73.92 -0.18 -19.67
CA GLN JA 6 75.35 0.01 -19.70
C GLN JA 6 76.02 -1.32 -19.35
N THR JA 7 76.90 -1.81 -20.22
CA THR JA 7 77.37 -3.19 -20.06
C THR JA 7 78.57 -3.32 -19.12
N PRO JA 8 79.73 -2.64 -19.35
CA PRO JA 8 80.85 -2.82 -18.42
C PRO JA 8 80.61 -2.05 -17.13
N GLN JA 9 80.09 -2.74 -16.13
CA GLN JA 9 79.71 -2.08 -14.89
C GLN JA 9 80.96 -1.66 -14.09
N THR JA 10 81.85 -2.59 -13.78
CA THR JA 10 83.10 -2.29 -13.10
C THR JA 10 84.30 -2.56 -13.99
N ILE JA 11 85.12 -1.54 -14.23
CA ILE JA 11 86.36 -1.68 -15.00
C ILE JA 11 87.54 -1.24 -14.14
N THR JA 12 88.66 -1.92 -14.33
CA THR JA 12 89.94 -1.59 -13.68
C THR JA 12 91.03 -1.66 -14.74
N LYS JA 13 91.51 -0.49 -15.17
CA LYS JA 13 92.50 -0.37 -16.24
C LYS JA 13 93.82 0.17 -15.71
N GLU JA 14 94.84 0.02 -16.55
CA GLU JA 14 96.20 0.45 -16.25
C GLU JA 14 96.46 1.76 -17.00
N THR JA 15 97.37 2.57 -16.46
CA THR JA 15 97.69 3.87 -17.06
C THR JA 15 98.19 3.69 -18.49
N GLY JA 16 97.51 4.32 -19.44
CA GLY JA 16 97.89 4.26 -20.84
C GLY JA 16 97.07 3.35 -21.72
N GLU JA 17 95.87 2.94 -21.28
CA GLU JA 17 95.11 1.98 -22.04
C GLU JA 17 93.83 2.64 -22.56
N SER JA 18 92.83 1.83 -22.87
CA SER JA 18 91.59 2.34 -23.47
C SER JA 18 90.46 1.40 -23.15
N LEU JA 19 89.45 1.90 -22.46
CA LEU JA 19 88.23 1.17 -22.15
C LEU JA 19 87.09 1.67 -23.02
N THR JA 20 86.30 0.75 -23.55
CA THR JA 20 85.07 1.07 -24.26
C THR JA 20 83.86 0.64 -23.43
N ILE JA 21 82.92 1.56 -23.25
CA ILE JA 21 81.67 1.34 -22.53
C ILE JA 21 80.55 1.32 -23.55
N ASN JA 22 79.76 0.25 -23.54
CA ASN JA 22 78.68 0.07 -24.51
C ASN JA 22 77.36 0.22 -23.77
N CYS JA 23 76.43 0.95 -24.39
CA CYS JA 23 75.08 1.13 -23.89
C CYS JA 23 74.09 0.75 -24.97
N VAL JA 24 73.05 0.01 -24.59
CA VAL JA 24 72.03 -0.45 -25.53
C VAL JA 24 70.69 0.13 -25.11
N LEU JA 25 70.00 0.75 -26.05
CA LEU JA 25 68.69 1.32 -25.77
C LEU JA 25 67.64 0.21 -25.86
N ARG JA 26 66.77 0.13 -24.86
CA ARG JA 26 65.68 -0.84 -24.90
C ARG JA 26 64.34 -0.21 -25.15
N ASP JA 27 64.23 1.10 -24.96
CA ASP JA 27 63.02 1.84 -25.29
C ASP JA 27 63.18 2.33 -26.73
N SER JA 28 62.30 1.86 -27.62
CA SER JA 28 62.43 2.22 -29.03
C SER JA 28 62.05 3.66 -29.32
N HIS JA 29 61.77 4.45 -28.28
CA HIS JA 29 61.47 5.87 -28.43
C HIS JA 29 62.69 6.76 -28.20
N CYS JA 30 63.76 6.22 -27.63
CA CYS JA 30 64.98 6.97 -27.45
C CYS JA 30 65.81 6.96 -28.74
N ALA JA 31 66.50 8.06 -29.00
CA ALA JA 31 67.22 8.26 -30.24
C ALA JA 31 68.72 8.18 -30.00
N THR JA 32 69.43 7.56 -30.94
CA THR JA 32 70.88 7.50 -30.94
C THR JA 32 71.52 8.80 -31.40
N SER JA 33 70.71 9.82 -31.73
CA SER JA 33 71.23 11.10 -32.18
C SER JA 33 71.49 12.07 -31.03
N SER JA 34 70.61 12.11 -30.03
CA SER JA 34 70.77 13.03 -28.90
C SER JA 34 71.26 12.24 -27.68
N THR JA 35 72.51 11.81 -27.77
CA THR JA 35 73.17 11.01 -26.75
C THR JA 35 74.13 11.90 -25.96
N TYR JA 36 74.27 11.59 -24.68
CA TYR JA 36 75.10 12.38 -23.78
C TYR JA 36 75.89 11.44 -22.90
N TRP JA 37 77.07 11.88 -22.47
CA TRP JA 37 77.91 11.10 -21.60
C TRP JA 37 78.35 11.97 -20.44
N TYR JA 38 78.37 11.39 -19.23
CA TYR JA 38 78.70 12.15 -18.03
C TYR JA 38 79.64 11.34 -17.15
N ARG JA 39 80.70 11.96 -16.66
CA ARG JA 39 81.59 11.34 -15.69
C ARG JA 39 81.63 12.14 -14.40
N LYS JA 40 81.87 11.43 -13.30
CA LYS JA 40 81.96 11.94 -11.94
C LYS JA 40 83.28 11.52 -11.32
N LYS JA 41 84.20 12.47 -11.17
CA LYS JA 41 85.48 12.13 -10.55
C LYS JA 41 85.28 11.69 -9.10
N SER JA 42 85.80 10.50 -8.78
CA SER JA 42 85.73 9.96 -7.42
C SER JA 42 86.21 10.98 -6.39
N GLY JA 43 85.33 11.30 -5.43
CA GLY JA 43 85.64 12.24 -4.38
C GLY JA 43 85.10 13.63 -4.62
N SER JA 44 84.68 13.91 -5.84
CA SER JA 44 84.05 15.17 -6.20
C SER JA 44 82.56 14.91 -6.37
N THR JA 45 81.77 15.95 -6.13
CA THR JA 45 80.31 15.84 -6.23
C THR JA 45 79.78 16.51 -7.49
N ASN JA 46 80.61 16.61 -8.53
CA ASN JA 46 80.20 17.25 -9.78
C ASN JA 46 80.11 16.20 -10.88
N GLU JA 47 78.93 16.06 -11.47
CA GLU JA 47 78.75 15.25 -12.67
C GLU JA 47 78.93 16.18 -13.86
N GLU JA 48 80.02 16.02 -14.58
CA GLU JA 48 80.34 16.84 -15.74
C GLU JA 48 80.03 16.12 -17.05
N SER JA 49 79.90 16.90 -18.12
CA SER JA 49 79.49 16.42 -19.43
C SER JA 49 80.71 16.18 -20.34
N ILE JA 50 80.87 14.93 -20.79
CA ILE JA 50 81.95 14.60 -21.71
C ILE JA 50 81.63 15.16 -23.09
N SER JA 51 82.63 15.77 -23.72
CA SER JA 51 82.46 16.34 -25.04
C SER JA 51 82.89 15.29 -26.06
N LYS JA 52 82.23 15.29 -27.21
CA LYS JA 52 82.45 14.27 -28.22
C LYS JA 52 83.55 14.78 -29.14
N GLY JA 53 84.78 14.32 -28.90
CA GLY JA 53 85.88 14.74 -29.73
C GLY JA 53 87.27 14.53 -29.17
N GLY JA 54 88.17 14.01 -30.01
CA GLY JA 54 89.55 13.84 -29.63
C GLY JA 54 89.83 12.58 -28.85
N ARG JA 55 90.03 12.72 -27.54
CA ARG JA 55 90.27 11.54 -26.70
C ARG JA 55 88.99 10.78 -26.44
N TYR JA 56 87.84 11.44 -26.55
CA TYR JA 56 86.53 10.85 -26.32
C TYR JA 56 85.89 10.60 -27.68
N VAL JA 57 85.92 9.35 -28.13
CA VAL JA 57 85.33 8.98 -29.41
C VAL JA 57 84.04 8.23 -29.13
N GLU JA 58 83.00 8.57 -29.90
CA GLU JA 58 81.67 7.99 -29.74
C GLU JA 58 81.32 7.20 -30.99
N THR JA 59 80.94 5.95 -30.79
CA THR JA 59 80.48 5.04 -31.82
C THR JA 59 78.99 4.79 -31.64
N VAL JA 60 78.24 4.81 -32.74
CA VAL JA 60 76.79 4.65 -32.64
C VAL JA 60 76.28 3.79 -33.80
N ASN JA 61 75.30 2.94 -33.51
CA ASN JA 61 74.58 2.15 -34.50
C ASN JA 61 73.08 2.33 -34.31
N SER JA 62 72.42 3.01 -35.25
CA SER JA 62 71.00 3.23 -35.14
C SER JA 62 70.20 1.95 -35.37
N GLY JA 63 70.78 0.98 -36.08
CA GLY JA 63 70.06 -0.25 -36.35
C GLY JA 63 69.74 -1.01 -35.07
N SER JA 64 70.74 -1.17 -34.20
CA SER JA 64 70.55 -1.81 -32.91
C SER JA 64 70.27 -0.82 -31.79
N LYS JA 65 70.25 0.48 -32.10
CA LYS JA 65 70.05 1.52 -31.07
C LYS JA 65 71.05 1.35 -29.92
N SER JA 66 72.31 1.16 -30.28
CA SER JA 66 73.40 1.00 -29.32
C SER JA 66 74.48 2.01 -29.65
N PHE JA 67 75.04 2.64 -28.62
CA PHE JA 67 76.16 3.56 -28.79
C PHE JA 67 77.21 3.27 -27.72
N SER JA 68 78.47 3.58 -28.05
CA SER JA 68 79.59 3.33 -27.17
C SER JA 68 80.47 4.58 -27.06
N LEU JA 69 81.36 4.56 -26.07
CA LEU JA 69 82.28 5.66 -25.79
C LEU JA 69 83.66 5.09 -25.45
N ARG JA 70 84.55 5.04 -26.44
CA ARG JA 70 85.92 4.62 -26.23
C ARG JA 70 86.74 5.81 -25.75
N ILE JA 71 87.42 5.62 -24.63
CA ILE JA 71 88.29 6.65 -24.05
C ILE JA 71 89.71 6.10 -24.10
N ASN JA 72 90.60 6.83 -24.76
CA ASN JA 72 91.97 6.39 -24.89
C ASN JA 72 92.85 7.14 -23.89
N ASP JA 73 94.17 7.05 -24.11
CA ASP JA 73 95.22 7.58 -23.23
C ASP JA 73 94.75 7.79 -21.79
N LEU JA 74 94.54 6.70 -21.06
CA LEU JA 74 94.01 6.79 -19.71
C LEU JA 74 95.08 7.20 -18.71
N THR JA 75 94.76 8.19 -17.89
CA THR JA 75 95.59 8.57 -16.75
C THR JA 75 94.88 8.12 -15.46
N VAL JA 76 95.42 8.57 -14.31
CA VAL JA 76 94.87 8.16 -13.03
C VAL JA 76 93.82 9.13 -12.50
N GLU JA 77 93.62 10.26 -13.16
CA GLU JA 77 92.61 11.21 -12.78
C GLU JA 77 91.26 10.92 -13.44
N ASP JA 78 91.16 9.86 -14.23
CA ASP JA 78 89.93 9.47 -14.93
C ASP JA 78 89.20 8.34 -14.23
N SER JA 79 89.20 8.35 -12.89
CA SER JA 79 88.53 7.32 -12.10
C SER JA 79 87.21 7.90 -11.58
N GLY JA 80 86.11 7.30 -12.00
CA GLY JA 80 84.81 7.83 -11.58
C GLY JA 80 83.66 7.04 -12.15
N THR JA 81 82.45 7.51 -11.82
CA THR JA 81 81.22 6.86 -12.25
C THR JA 81 80.76 7.48 -13.57
N TYR JA 82 80.71 6.67 -14.61
CA TYR JA 82 80.32 7.09 -15.95
C TYR JA 82 78.90 6.65 -16.26
N ARG JA 83 78.08 7.58 -16.74
CA ARG JA 83 76.71 7.30 -17.15
C ARG JA 83 76.49 7.76 -18.59
N CYS JA 84 75.62 7.03 -19.30
CA CYS JA 84 75.20 7.39 -20.64
C CYS JA 84 73.75 7.90 -20.59
N ALA JA 85 73.36 8.70 -21.57
CA ALA JA 85 72.02 9.30 -21.53
C ALA JA 85 71.47 9.49 -22.92
N SER JA 86 70.14 9.54 -23.00
CA SER JA 86 69.43 9.80 -24.25
C SER JA 86 68.08 10.43 -23.92
N GLU JA 87 67.59 11.28 -24.83
CA GLU JA 87 66.31 11.94 -24.67
C GLU JA 87 65.31 11.31 -25.63
N CYS JA 88 64.23 10.76 -25.08
CA CYS JA 88 63.23 10.00 -25.80
C CYS JA 88 61.94 10.81 -25.94
N GLN JA 89 61.22 10.60 -27.05
CA GLN JA 89 60.01 11.35 -27.35
C GLN JA 89 59.16 10.58 -28.35
N TYR JA 90 57.91 10.24 -27.97
CA TYR JA 90 56.99 9.57 -28.89
C TYR JA 90 55.75 10.41 -29.16
N GLY JA 91 54.88 10.63 -28.18
CA GLY JA 91 53.70 11.42 -28.45
C GLY JA 91 53.74 12.79 -27.82
N LEU JA 92 52.98 12.98 -26.74
CA LEU JA 92 53.03 14.19 -25.95
C LEU JA 92 54.08 14.11 -24.85
N ALA JA 93 54.81 13.01 -24.79
CA ALA JA 93 55.76 12.74 -23.73
C ALA JA 93 57.19 12.90 -24.22
N GLU JA 94 58.03 13.51 -23.38
CA GLU JA 94 59.46 13.60 -23.63
C GLU JA 94 60.19 13.47 -22.31
N TYR JA 95 61.15 12.54 -22.28
CA TYR JA 95 61.86 12.20 -21.06
C TYR JA 95 63.29 11.81 -21.42
N ASP JA 96 64.09 11.47 -20.40
CA ASP JA 96 65.47 11.10 -20.58
C ASP JA 96 65.80 9.86 -19.74
N VAL JA 97 66.90 9.20 -20.09
CA VAL JA 97 67.22 7.89 -19.51
C VAL JA 97 68.70 7.82 -19.17
N TYR JA 98 69.04 6.98 -18.19
CA TYR JA 98 70.39 6.85 -17.69
C TYR JA 98 70.75 5.39 -17.43
N GLY JA 99 72.02 5.17 -17.08
CA GLY JA 99 72.54 3.86 -16.75
C GLY JA 99 73.42 3.83 -15.51
N GLY JA 100 74.59 3.19 -15.59
CA GLY JA 100 75.54 3.19 -14.50
C GLY JA 100 76.76 2.31 -14.71
N GLY JA 101 77.93 2.80 -14.28
CA GLY JA 101 79.18 2.06 -14.41
C GLY JA 101 80.41 2.82 -13.96
N THR JA 102 81.25 2.19 -13.12
CA THR JA 102 82.34 2.86 -12.41
C THR JA 102 83.70 2.43 -12.96
N VAL JA 103 84.64 3.38 -12.95
CA VAL JA 103 85.99 3.19 -13.48
C VAL JA 103 87.03 3.49 -12.41
N VAL JA 104 88.06 2.65 -12.34
CA VAL JA 104 89.23 2.85 -11.49
C VAL JA 104 90.49 2.59 -12.31
N THR JA 105 91.42 3.53 -12.33
CA THR JA 105 92.69 3.41 -13.04
C THR JA 105 93.84 3.47 -12.06
N VAL JA 106 94.72 2.48 -12.12
CA VAL JA 106 95.93 2.42 -11.30
C VAL JA 106 97.12 2.84 -12.16
N ASN JA 107 98.17 3.35 -11.49
CA ASN JA 107 99.27 4.00 -12.16
C ASN JA 107 100.31 2.99 -12.65
N ALA JA 108 101.21 3.46 -13.49
CA ALA JA 108 102.30 2.68 -14.04
C ALA JA 108 103.61 2.82 -13.27
N ALA JA 109 103.72 3.85 -12.42
CA ALA JA 109 104.79 3.96 -11.44
C ALA JA 109 106.13 4.39 -12.06
N ALA JA 110 106.24 4.32 -13.39
CA ALA JA 110 107.50 4.59 -14.08
C ALA JA 110 108.61 3.69 -13.53
N HIS JA 111 108.72 2.49 -14.09
CA HIS JA 111 109.63 1.46 -13.59
C HIS JA 111 111.03 2.01 -13.34
N HIS JA 112 111.53 1.78 -12.13
CA HIS JA 112 112.72 2.45 -11.62
C HIS JA 112 113.92 1.49 -11.60
N HIS JA 113 115.06 2.00 -12.05
CA HIS JA 113 116.30 1.24 -12.04
C HIS JA 113 116.96 1.33 -10.66
N ALA KA 2 15.88 -8.52 -8.70
CA ALA KA 2 16.95 -9.40 -8.25
C ALA KA 2 17.55 -10.18 -9.43
N ARG KA 3 17.50 -9.58 -10.62
CA ARG KA 3 18.11 -10.10 -11.84
C ARG KA 3 17.94 -11.61 -12.00
N VAL KA 4 16.84 -12.02 -12.65
CA VAL KA 4 16.35 -13.39 -12.75
C VAL KA 4 16.23 -14.03 -11.36
N ASP KA 5 15.09 -14.66 -11.12
CA ASP KA 5 14.75 -15.24 -9.83
C ASP KA 5 14.42 -16.72 -10.01
N GLN KA 6 15.35 -17.60 -9.61
CA GLN KA 6 15.04 -19.02 -9.61
C GLN KA 6 14.14 -19.31 -8.42
N THR KA 7 12.97 -19.86 -8.69
CA THR KA 7 11.91 -19.97 -7.69
C THR KA 7 12.01 -21.23 -6.83
N PRO KA 8 12.06 -22.46 -7.39
CA PRO KA 8 12.15 -23.62 -6.51
C PRO KA 8 13.55 -23.81 -5.96
N GLN KA 9 13.79 -23.25 -4.76
CA GLN KA 9 15.14 -23.28 -4.19
C GLN KA 9 15.51 -24.68 -3.72
N THR KA 10 14.78 -25.20 -2.74
CA THR KA 10 15.02 -26.55 -2.25
C THR KA 10 13.83 -27.41 -2.60
N ILE KA 11 14.06 -28.42 -3.44
CA ILE KA 11 13.04 -29.37 -3.84
C ILE KA 11 13.59 -30.77 -3.52
N THR KA 12 12.69 -31.66 -3.15
CA THR KA 12 13.06 -33.03 -2.81
C THR KA 12 12.12 -34.01 -3.50
N LYS KA 13 12.62 -34.69 -4.53
CA LYS KA 13 11.84 -35.67 -5.26
C LYS KA 13 12.44 -37.06 -5.10
N GLU KA 14 11.63 -38.05 -5.44
CA GLU KA 14 11.95 -39.46 -5.37
C GLU KA 14 12.28 -39.99 -6.76
N THR KA 15 13.06 -41.08 -6.81
CA THR KA 15 13.45 -41.66 -8.08
C THR KA 15 12.21 -42.01 -8.89
N GLY KA 16 12.09 -41.40 -10.07
CA GLY KA 16 10.95 -41.60 -10.94
C GLY KA 16 10.01 -40.42 -10.77
N GLU KA 17 10.26 -39.33 -11.48
CA GLU KA 17 9.49 -38.11 -11.27
C GLU KA 17 9.78 -37.12 -12.40
N SER KA 18 9.41 -35.88 -12.15
CA SER KA 18 9.62 -34.76 -13.06
C SER KA 18 9.58 -33.52 -12.19
N LEU KA 19 10.71 -32.83 -12.09
CA LEU KA 19 10.82 -31.59 -11.34
C LEU KA 19 10.94 -30.43 -12.31
N THR KA 20 10.20 -29.35 -12.04
CA THR KA 20 10.27 -28.13 -12.85
C THR KA 20 10.94 -27.02 -12.06
N ILE KA 21 11.96 -26.41 -12.67
CA ILE KA 21 12.68 -25.29 -12.10
C ILE KA 21 12.35 -24.07 -12.95
N ASN KA 22 11.82 -23.02 -12.32
CA ASN KA 22 11.39 -21.82 -13.03
C ASN KA 22 12.26 -20.62 -12.66
N CYS KA 23 12.59 -19.82 -13.67
CA CYS KA 23 13.31 -18.56 -13.51
C CYS KA 23 12.59 -17.45 -14.28
N VAL KA 24 12.41 -16.29 -13.65
CA VAL KA 24 11.73 -15.15 -14.25
C VAL KA 24 12.70 -13.97 -14.28
N LEU KA 25 12.80 -13.30 -15.42
CA LEU KA 25 13.72 -12.18 -15.58
C LEU KA 25 13.15 -10.89 -15.02
N ARG KA 26 13.97 -10.18 -14.24
CA ARG KA 26 13.69 -8.87 -13.69
C ARG KA 26 14.51 -7.76 -14.31
N ASP KA 27 15.59 -8.08 -15.02
CA ASP KA 27 16.40 -7.09 -15.72
C ASP KA 27 15.82 -6.92 -17.12
N SER KA 28 15.36 -5.70 -17.42
CA SER KA 28 14.71 -5.45 -18.71
C SER KA 28 15.68 -5.42 -19.88
N HIS KA 29 16.96 -5.70 -19.65
CA HIS KA 29 17.94 -5.82 -20.72
C HIS KA 29 18.19 -7.26 -21.13
N CYS KA 30 17.87 -8.23 -20.27
CA CYS KA 30 18.12 -9.62 -20.59
C CYS KA 30 17.01 -10.19 -21.46
N ALA KA 31 17.40 -11.06 -22.38
CA ALA KA 31 16.52 -11.65 -23.37
C ALA KA 31 16.31 -13.14 -23.08
N THR KA 32 15.09 -13.60 -23.30
CA THR KA 32 14.75 -15.01 -23.16
C THR KA 32 15.24 -15.87 -24.32
N SER KA 33 16.01 -15.32 -25.26
CA SER KA 33 16.39 -16.11 -26.43
C SER KA 33 17.64 -16.95 -26.19
N SER KA 34 18.66 -16.42 -25.54
CA SER KA 34 19.90 -17.15 -25.27
C SER KA 34 19.92 -17.55 -23.80
N THR KA 35 19.37 -18.72 -23.49
CA THR KA 35 19.30 -19.26 -22.14
C THR KA 35 20.17 -20.50 -22.03
N TYR KA 36 20.80 -20.67 -20.87
CA TYR KA 36 21.68 -21.80 -20.63
C TYR KA 36 21.43 -22.30 -19.21
N TRP KA 37 21.70 -23.58 -19.00
CA TRP KA 37 21.48 -24.20 -17.70
C TRP KA 37 22.75 -24.92 -17.28
N TYR KA 38 23.06 -24.86 -16.00
CA TYR KA 38 24.27 -25.48 -15.47
C TYR KA 38 23.88 -26.29 -14.26
N ARG KA 39 24.34 -27.54 -14.20
CA ARG KA 39 24.13 -28.40 -13.06
C ARG KA 39 25.49 -28.77 -12.50
N LYS KA 40 25.56 -28.92 -11.18
CA LYS KA 40 26.81 -29.26 -10.50
C LYS KA 40 26.53 -30.50 -9.65
N LYS KA 41 27.04 -31.64 -10.09
CA LYS KA 41 26.79 -32.88 -9.38
C LYS KA 41 27.35 -32.85 -7.97
N SER KA 42 26.51 -33.25 -7.01
CA SER KA 42 26.82 -33.25 -5.59
C SER KA 42 28.19 -33.85 -5.29
N GLY KA 43 29.04 -33.04 -4.64
CA GLY KA 43 30.35 -33.42 -4.20
C GLY KA 43 31.48 -32.98 -5.11
N SER KA 44 31.18 -32.71 -6.38
CA SER KA 44 32.16 -32.19 -7.32
C SER KA 44 31.79 -30.76 -7.72
N THR KA 45 32.79 -29.97 -8.10
CA THR KA 45 32.59 -28.59 -8.55
C THR KA 45 32.91 -28.52 -10.04
N ASN KA 46 31.95 -28.92 -10.86
CA ASN KA 46 32.12 -28.92 -12.31
C ASN KA 46 31.18 -27.99 -13.08
N GLU KA 47 29.92 -27.89 -12.65
CA GLU KA 47 28.92 -27.04 -13.29
C GLU KA 47 28.89 -27.24 -14.81
N GLU KA 48 28.75 -28.49 -15.22
CA GLU KA 48 28.64 -28.82 -16.64
C GLU KA 48 27.36 -28.22 -17.21
N SER KA 49 27.31 -28.10 -18.52
CA SER KA 49 26.20 -27.42 -19.19
C SER KA 49 25.14 -28.44 -19.62
N ILE KA 50 23.91 -28.25 -19.13
CA ILE KA 50 22.81 -29.12 -19.52
C ILE KA 50 22.37 -28.80 -20.94
N SER KA 51 22.13 -29.83 -21.73
CA SER KA 51 21.74 -29.67 -23.13
C SER KA 51 20.23 -29.71 -23.27
N LYS KA 52 19.74 -29.01 -24.29
CA LYS KA 52 18.31 -28.87 -24.54
C LYS KA 52 17.88 -30.00 -25.47
N GLY KA 53 17.33 -31.06 -24.89
CA GLY KA 53 16.84 -32.17 -25.69
C GLY KA 53 16.64 -33.47 -24.95
N GLY KA 54 15.48 -34.10 -25.15
CA GLY KA 54 15.23 -35.41 -24.59
C GLY KA 54 14.73 -35.41 -23.16
N ARG KA 55 15.62 -35.75 -22.22
CA ARG KA 55 15.21 -35.78 -20.82
C ARG KA 55 15.12 -34.37 -20.26
N TYR KA 56 15.83 -33.43 -20.87
CA TYR KA 56 15.85 -32.02 -20.50
C TYR KA 56 15.04 -31.26 -21.54
N VAL KA 57 13.81 -30.93 -21.20
CA VAL KA 57 12.95 -30.14 -22.09
C VAL KA 57 12.90 -28.74 -21.50
N GLU KA 58 13.04 -27.73 -22.37
CA GLU KA 58 13.08 -26.35 -21.92
C GLU KA 58 11.88 -25.62 -22.52
N THR KA 59 11.11 -24.98 -21.66
CA THR KA 59 9.94 -24.21 -22.06
C THR KA 59 10.22 -22.74 -21.86
N VAL KA 60 10.01 -21.95 -22.91
CA VAL KA 60 10.29 -20.52 -22.88
C VAL KA 60 8.99 -19.79 -23.20
N ASN KA 61 8.69 -18.74 -22.44
CA ASN KA 61 7.54 -17.87 -22.69
C ASN KA 61 7.98 -16.42 -22.60
N SER KA 62 7.99 -15.72 -23.73
CA SER KA 62 8.44 -14.33 -23.78
C SER KA 62 7.44 -13.36 -23.18
N GLY KA 63 6.16 -13.72 -23.13
CA GLY KA 63 5.16 -12.80 -22.59
C GLY KA 63 5.37 -12.48 -21.12
N SER KA 64 5.54 -13.50 -20.30
CA SER KA 64 5.81 -13.32 -18.89
C SER KA 64 7.31 -13.30 -18.58
N LYS KA 65 8.14 -13.42 -19.63
CA LYS KA 65 9.59 -13.40 -19.51
C LYS KA 65 10.11 -14.45 -18.52
N SER KA 66 9.60 -15.67 -18.65
CA SER KA 66 9.97 -16.78 -17.78
C SER KA 66 10.37 -18.00 -18.60
N PHE KA 67 11.36 -18.74 -18.12
CA PHE KA 67 11.74 -20.01 -18.72
C PHE KA 67 11.89 -21.08 -17.63
N SER KA 68 11.65 -22.32 -18.02
CA SER KA 68 11.72 -23.44 -17.09
C SER KA 68 12.53 -24.57 -17.71
N LEU KA 69 12.90 -25.54 -16.88
CA LEU KA 69 13.67 -26.70 -17.35
C LEU KA 69 13.05 -27.93 -16.67
N ARG KA 70 12.22 -28.64 -17.42
CA ARG KA 70 11.58 -29.85 -16.91
C ARG KA 70 12.52 -31.04 -17.06
N ILE KA 71 12.75 -31.77 -15.98
CA ILE KA 71 13.58 -32.97 -15.99
C ILE KA 71 12.67 -34.14 -15.72
N ASN KA 72 12.59 -35.08 -16.66
CA ASN KA 72 11.72 -36.22 -16.46
C ASN KA 72 12.56 -37.42 -16.03
N ASP KA 73 11.95 -38.62 -16.04
CA ASP KA 73 12.55 -39.86 -15.58
C ASP KA 73 13.71 -39.62 -14.62
N LEU KA 74 13.41 -39.16 -13.41
CA LEU KA 74 14.44 -38.76 -12.48
C LEU KA 74 15.13 -39.98 -11.89
N THR KA 75 16.45 -39.97 -11.88
CA THR KA 75 17.21 -40.98 -11.19
C THR KA 75 17.84 -40.36 -9.93
N VAL KA 76 18.72 -41.12 -9.29
CA VAL KA 76 19.42 -40.60 -8.12
C VAL KA 76 20.74 -39.96 -8.51
N GLU KA 77 21.12 -40.07 -9.79
CA GLU KA 77 22.31 -39.44 -10.31
C GLU KA 77 22.02 -38.03 -10.79
N ASP KA 78 20.76 -37.58 -10.70
CA ASP KA 78 20.36 -36.23 -11.09
C ASP KA 78 20.14 -35.33 -9.89
N SER KA 79 20.92 -35.50 -8.82
CA SER KA 79 20.82 -34.69 -7.60
C SER KA 79 21.98 -33.70 -7.53
N GLY KA 80 21.67 -32.41 -7.54
CA GLY KA 80 22.72 -31.41 -7.51
C GLY KA 80 22.14 -30.02 -7.48
N THR KA 81 23.05 -29.04 -7.49
CA THR KA 81 22.65 -27.63 -7.47
C THR KA 81 22.54 -27.15 -8.92
N TYR KA 82 21.34 -26.75 -9.29
CA TYR KA 82 21.02 -26.29 -10.65
C TYR KA 82 20.90 -24.77 -10.71
N ARG KA 83 21.51 -24.18 -11.73
CA ARG KA 83 21.46 -22.74 -11.98
C ARG KA 83 20.86 -22.49 -13.35
N CYS KA 84 20.16 -21.37 -13.48
CA CYS KA 84 19.67 -20.88 -14.77
C CYS KA 84 20.48 -19.66 -15.16
N ALA KA 85 20.48 -19.36 -16.46
CA ALA KA 85 21.30 -18.27 -16.96
C ALA KA 85 20.61 -17.61 -18.15
N SER KA 86 20.96 -16.35 -18.38
CA SER KA 86 20.41 -15.58 -19.48
C SER KA 86 21.43 -14.55 -19.93
N GLU KA 87 21.36 -14.19 -21.21
CA GLU KA 87 22.32 -13.29 -21.84
C GLU KA 87 21.70 -11.90 -22.03
N CYS KA 88 22.29 -10.89 -21.39
CA CYS KA 88 21.81 -9.52 -21.40
C CYS KA 88 22.72 -8.62 -22.23
N GLN KA 89 22.11 -7.62 -22.87
CA GLN KA 89 22.85 -6.69 -23.74
C GLN KA 89 22.03 -5.43 -23.99
N TYR KA 90 22.58 -4.26 -23.64
CA TYR KA 90 21.95 -2.97 -23.93
C TYR KA 90 22.89 -2.22 -24.82
N GLY KA 91 23.45 -1.09 -24.36
CA GLY KA 91 24.40 -0.32 -25.15
C GLY KA 91 25.71 -0.99 -25.51
N LEU KA 92 26.81 -0.60 -24.85
CA LEU KA 92 28.12 -1.22 -25.03
C LEU KA 92 28.35 -2.36 -24.06
N ALA KA 93 27.35 -2.71 -23.27
CA ALA KA 93 27.50 -3.66 -22.19
C ALA KA 93 26.90 -5.00 -22.60
N GLU KA 94 27.61 -6.07 -22.25
CA GLU KA 94 27.15 -7.42 -22.51
C GLU KA 94 27.53 -8.27 -21.30
N TYR KA 95 26.53 -8.91 -20.72
CA TYR KA 95 26.73 -9.66 -19.48
C TYR KA 95 25.73 -10.81 -19.48
N ASP KA 96 25.83 -11.64 -18.44
CA ASP KA 96 24.90 -12.73 -18.24
C ASP KA 96 24.54 -12.78 -16.76
N VAL KA 97 23.47 -13.51 -16.44
CA VAL KA 97 22.87 -13.47 -15.11
C VAL KA 97 22.62 -14.90 -14.66
N TYR KA 98 22.60 -15.12 -13.34
CA TYR KA 98 22.53 -16.46 -12.78
C TYR KA 98 21.51 -16.54 -11.65
N GLY KA 99 21.26 -17.77 -11.20
CA GLY KA 99 20.32 -18.04 -10.11
C GLY KA 99 20.81 -19.04 -9.08
N GLY KA 100 19.93 -19.97 -8.68
CA GLY KA 100 20.32 -21.04 -7.78
C GLY KA 100 19.19 -21.93 -7.26
N GLY KA 101 19.45 -23.23 -7.14
CA GLY KA 101 18.47 -24.16 -6.60
C GLY KA 101 18.90 -25.62 -6.59
N THR KA 102 18.79 -26.28 -5.44
CA THR KA 102 19.37 -27.60 -5.22
C THR KA 102 18.29 -28.68 -5.13
N VAL KA 103 18.63 -29.87 -5.62
CA VAL KA 103 17.72 -31.01 -5.66
C VAL KA 103 18.36 -32.18 -4.91
N VAL KA 104 17.53 -32.92 -4.16
CA VAL KA 104 17.96 -34.13 -3.49
C VAL KA 104 16.99 -35.23 -3.87
N THR KA 105 17.52 -36.34 -4.37
CA THR KA 105 16.71 -37.47 -4.84
C THR KA 105 17.02 -38.72 -4.03
N VAL KA 106 15.98 -39.32 -3.46
CA VAL KA 106 16.09 -40.58 -2.75
C VAL KA 106 15.56 -41.68 -3.66
N ASN KA 107 15.92 -42.92 -3.36
CA ASN KA 107 15.58 -44.05 -4.22
C ASN KA 107 14.20 -44.59 -3.86
N ALA KA 108 13.91 -45.83 -4.23
CA ALA KA 108 12.60 -46.42 -4.01
C ALA KA 108 12.62 -47.66 -3.13
N ALA KA 109 13.77 -48.01 -2.55
CA ALA KA 109 13.98 -49.10 -1.60
C ALA KA 109 13.96 -50.49 -2.24
N ALA KA 110 13.41 -50.61 -3.45
CA ALA KA 110 13.44 -51.84 -4.24
C ALA KA 110 12.99 -53.06 -3.44
N HIS KA 111 11.68 -53.20 -3.26
CA HIS KA 111 11.12 -54.30 -2.48
C HIS KA 111 11.41 -55.66 -3.12
N HIS KA 112 12.22 -56.47 -2.45
CA HIS KA 112 12.59 -57.78 -2.96
C HIS KA 112 11.57 -58.83 -2.52
N HIS KA 113 11.05 -59.57 -3.48
CA HIS KA 113 10.03 -60.59 -3.25
C HIS KA 113 10.41 -61.59 -2.18
N ALA LA 2 37.92 38.64 1.56
CA ALA LA 2 37.68 37.22 1.79
C ALA LA 2 36.30 36.81 1.31
N ARG LA 3 36.03 37.04 0.03
CA ARG LA 3 34.75 36.70 -0.59
C ARG LA 3 33.60 37.37 0.18
N VAL LA 4 33.37 38.63 -0.18
CA VAL LA 4 32.46 39.58 0.48
C VAL LA 4 33.04 39.88 1.86
N ASP LA 5 33.17 41.17 2.19
CA ASP LA 5 33.77 41.61 3.45
C ASP LA 5 32.79 42.50 4.21
N GLN LA 6 32.15 41.95 5.23
CA GLN LA 6 31.31 42.75 6.11
C GLN LA 6 32.20 43.47 7.12
N THR LA 7 32.12 44.81 7.16
CA THR LA 7 33.08 45.61 7.93
C THR LA 7 32.67 45.78 9.39
N PRO LA 8 31.44 46.25 9.74
CA PRO LA 8 31.14 46.47 11.16
C PRO LA 8 30.89 45.18 11.93
N GLN LA 9 31.93 44.65 12.57
CA GLN LA 9 31.82 43.36 13.26
C GLN LA 9 31.04 43.47 14.56
N THR LA 10 31.53 44.27 15.51
CA THR LA 10 30.87 44.48 16.80
C THR LA 10 30.38 45.91 16.92
N ILE LA 11 29.07 46.08 17.10
CA ILE LA 11 28.45 47.39 17.27
C ILE LA 11 27.66 47.42 18.57
N THR LA 12 27.69 48.59 19.24
CA THR LA 12 26.88 48.88 20.42
C THR LA 12 26.29 50.27 20.27
N LYS LA 13 25.00 50.34 19.95
CA LYS LA 13 24.29 51.58 19.72
C LYS LA 13 23.18 51.75 20.76
N GLU LA 14 22.63 52.96 20.79
CA GLU LA 14 21.60 53.34 21.74
C GLU LA 14 20.23 53.25 21.07
N THR LA 15 19.20 52.97 21.87
CA THR LA 15 17.84 52.94 21.35
C THR LA 15 17.50 54.31 20.78
N GLY LA 16 17.13 54.34 19.50
CA GLY LA 16 16.85 55.59 18.82
C GLY LA 16 17.90 56.03 17.85
N GLU LA 17 18.76 55.13 17.37
CA GLU LA 17 19.90 55.46 16.52
C GLU LA 17 19.72 54.89 15.11
N SER LA 18 20.83 54.76 14.40
CA SER LA 18 20.81 54.27 13.02
C SER LA 18 22.18 53.69 12.71
N LEU LA 19 22.23 52.39 12.42
CA LEU LA 19 23.48 51.75 12.03
C LEU LA 19 23.49 51.44 10.54
N THR LA 20 24.60 51.75 9.88
CA THR LA 20 24.84 51.38 8.49
C THR LA 20 25.96 50.34 8.43
N ILE LA 21 25.68 49.22 7.77
CA ILE LA 21 26.62 48.12 7.58
C ILE LA 21 26.98 48.02 6.10
N ASN LA 22 28.27 47.96 5.79
CA ASN LA 22 28.78 47.90 4.43
C ASN LA 22 29.36 46.53 4.13
N CYS LA 23 29.12 46.04 2.91
CA CYS LA 23 29.70 44.80 2.40
C CYS LA 23 30.35 45.09 1.06
N VAL LA 24 31.56 44.56 0.86
CA VAL LA 24 32.35 44.80 -0.34
C VAL LA 24 32.60 43.46 -1.03
N LEU LA 25 32.33 43.39 -2.33
CA LEU LA 25 32.55 42.16 -3.09
C LEU LA 25 34.01 42.06 -3.50
N ARG LA 26 34.61 40.89 -3.27
CA ARG LA 26 35.96 40.63 -3.72
C ARG LA 26 36.01 39.58 -4.84
N ASP LA 27 34.94 38.83 -5.04
CA ASP LA 27 34.84 37.89 -6.16
C ASP LA 27 34.24 38.65 -7.34
N SER LA 28 35.01 38.77 -8.42
CA SER LA 28 34.59 39.55 -9.58
C SER LA 28 33.49 38.87 -10.40
N HIS LA 29 32.95 37.74 -9.95
CA HIS LA 29 31.81 37.12 -10.64
C HIS LA 29 30.48 37.47 -10.00
N CYS LA 30 30.48 37.92 -8.75
CA CYS LA 30 29.26 38.27 -8.05
C CYS LA 30 28.81 39.68 -8.40
N ALA LA 31 27.49 39.87 -8.45
CA ALA LA 31 26.86 41.12 -8.86
C ALA LA 31 26.21 41.81 -7.67
N THR LA 32 26.29 43.14 -7.66
CA THR LA 32 25.63 43.94 -6.64
C THR LA 32 24.12 44.04 -6.83
N SER LA 33 23.57 43.39 -7.85
CA SER LA 33 22.13 43.50 -8.13
C SER LA 33 21.29 42.48 -7.36
N SER LA 34 21.75 41.25 -7.22
CA SER LA 34 20.99 40.21 -6.55
C SER LA 34 21.53 40.02 -5.13
N THR LA 35 21.24 41.03 -4.31
CA THR LA 35 21.70 41.12 -2.93
C THR LA 35 20.56 40.79 -1.97
N TYR LA 36 20.92 40.18 -0.85
CA TYR LA 36 20.00 39.72 0.18
C TYR LA 36 20.59 40.04 1.54
N TRP LA 37 19.71 40.22 2.53
CA TRP LA 37 20.10 40.48 3.90
C TRP LA 37 19.33 39.56 4.84
N TYR LA 38 20.02 39.05 5.86
CA TYR LA 38 19.45 38.09 6.79
C TYR LA 38 19.86 38.49 8.20
N ARG LA 39 18.91 38.47 9.14
CA ARG LA 39 19.25 38.74 10.53
C ARG LA 39 18.83 37.55 11.40
N LYS LA 40 19.53 37.38 12.52
CA LYS LA 40 19.25 36.33 13.51
C LYS LA 40 19.08 37.03 14.85
N LYS LA 41 17.83 37.17 15.29
CA LYS LA 41 17.54 37.87 16.55
C LYS LA 41 18.12 37.14 17.74
N SER LA 42 18.79 37.89 18.62
CA SER LA 42 19.42 37.37 19.82
C SER LA 42 18.51 36.43 20.59
N GLY LA 43 18.97 35.20 20.78
CA GLY LA 43 18.25 34.18 21.51
C GLY LA 43 17.50 33.18 20.65
N SER LA 44 17.31 33.48 19.38
CA SER LA 44 16.65 32.59 18.45
C SER LA 44 17.67 32.02 17.47
N THR LA 45 17.37 30.83 16.95
CA THR LA 45 18.23 30.14 15.99
C THR LA 45 17.62 30.13 14.58
N ASN LA 46 16.78 31.11 14.27
CA ASN LA 46 16.15 31.19 12.96
C ASN LA 46 16.71 32.39 12.21
N GLU LA 47 17.20 32.15 10.99
CA GLU LA 47 17.65 33.22 10.12
C GLU LA 47 16.43 33.71 9.36
N GLU LA 48 16.04 34.95 9.62
CA GLU LA 48 14.90 35.57 8.97
C GLU LA 48 15.36 36.42 7.81
N SER LA 49 14.45 36.66 6.88
CA SER LA 49 14.75 37.40 5.66
C SER LA 49 14.32 38.85 5.84
N ILE LA 50 15.30 39.75 5.81
CA ILE LA 50 15.03 41.17 5.97
C ILE LA 50 14.42 41.72 4.69
N SER LA 51 13.42 42.58 4.86
CA SER LA 51 12.65 43.09 3.74
C SER LA 51 13.22 44.41 3.23
N LYS LA 52 13.06 44.62 1.93
CA LYS LA 52 13.60 45.79 1.25
C LYS LA 52 12.52 46.87 1.25
N GLY LA 53 12.57 47.78 2.23
CA GLY LA 53 11.60 48.86 2.25
C GLY LA 53 11.39 49.59 3.57
N GLY LA 54 11.38 50.92 3.52
CA GLY LA 54 11.06 51.74 4.68
C GLY LA 54 12.18 52.01 5.66
N ARG LA 55 12.15 51.30 6.78
CA ARG LA 55 13.15 51.46 7.83
C ARG LA 55 14.48 50.84 7.46
N TYR LA 56 14.47 49.86 6.57
CA TYR LA 56 15.69 49.22 6.07
C TYR LA 56 15.92 49.73 4.65
N VAL LA 57 16.82 50.69 4.48
CA VAL LA 57 17.15 51.28 3.19
C VAL LA 57 18.52 50.79 2.75
N GLU LA 58 18.64 50.44 1.48
CA GLU LA 58 19.87 49.88 0.93
C GLU LA 58 20.45 50.80 -0.14
N THR LA 59 21.72 51.16 0.01
CA THR LA 59 22.44 51.99 -0.96
C THR LA 59 23.48 51.14 -1.68
N VAL LA 60 23.43 51.13 -3.01
CA VAL LA 60 24.32 50.32 -3.82
C VAL LA 60 25.09 51.21 -4.78
N ASN LA 61 26.37 50.89 -4.98
CA ASN LA 61 27.21 51.50 -6.01
C ASN LA 61 27.90 50.38 -6.76
N SER LA 62 27.53 50.20 -8.04
CA SER LA 62 28.06 49.11 -8.84
C SER LA 62 29.52 49.32 -9.23
N GLY LA 63 30.00 50.56 -9.22
CA GLY LA 63 31.38 50.80 -9.63
C GLY LA 63 32.40 50.13 -8.73
N SER LA 64 32.24 50.28 -7.40
CA SER LA 64 33.16 49.70 -6.44
C SER LA 64 32.74 48.32 -5.95
N LYS LA 65 31.65 47.76 -6.48
CA LYS LA 65 31.12 46.46 -6.07
C LYS LA 65 30.89 46.37 -4.56
N SER LA 66 30.28 47.42 -4.01
CA SER LA 66 29.95 47.47 -2.59
C SER LA 66 28.50 47.90 -2.43
N PHE LA 67 27.81 47.29 -1.47
CA PHE LA 67 26.45 47.69 -1.12
C PHE LA 67 26.34 47.82 0.39
N SER LA 68 25.43 48.69 0.83
CA SER LA 68 25.25 49.00 2.25
C SER LA 68 23.79 48.91 2.64
N LEU LA 69 23.55 48.86 3.95
CA LEU LA 69 22.20 48.73 4.51
C LEU LA 69 22.06 49.61 5.76
N ARG LA 70 21.44 50.79 5.58
CA ARG LA 70 21.13 51.70 6.67
C ARG LA 70 19.82 51.30 7.35
N ILE LA 71 19.87 51.15 8.67
CA ILE LA 71 18.71 50.81 9.49
C ILE LA 71 18.43 51.96 10.43
N ASN LA 72 17.21 52.50 10.40
CA ASN LA 72 16.84 53.58 11.29
C ASN LA 72 16.01 53.02 12.46
N ASP LA 73 15.33 53.94 13.17
CA ASP LA 73 14.56 53.70 14.40
C ASP LA 73 14.97 52.43 15.15
N LEU LA 74 16.14 52.46 15.78
CA LEU LA 74 16.64 51.28 16.49
C LEU LA 74 15.96 51.15 17.84
N THR LA 75 15.43 49.96 18.13
CA THR LA 75 14.94 49.61 19.45
C THR LA 75 15.85 48.54 20.07
N VAL LA 76 15.40 47.94 21.17
CA VAL LA 76 16.19 46.92 21.85
C VAL LA 76 15.85 45.52 21.37
N GLU LA 77 14.81 45.37 20.54
CA GLU LA 77 14.49 44.07 19.96
C GLU LA 77 15.23 43.84 18.64
N ASP LA 78 16.04 44.80 18.19
CA ASP LA 78 16.79 44.67 16.94
C ASP LA 78 18.24 44.29 17.19
N SER LA 79 18.47 43.43 18.18
CA SER LA 79 19.81 42.96 18.51
C SER LA 79 19.97 41.55 17.94
N GLY LA 80 20.91 41.39 17.02
CA GLY LA 80 21.07 40.09 16.40
C GLY LA 80 22.21 40.11 15.39
N THR LA 81 22.41 38.96 14.76
CA THR LA 81 23.49 38.79 13.80
C THR LA 81 22.98 39.06 12.38
N TYR LA 82 23.53 40.07 11.74
CA TYR LA 82 23.12 40.44 10.39
C TYR LA 82 24.18 39.99 9.37
N ARG LA 83 23.73 39.31 8.32
CA ARG LA 83 24.61 38.87 7.24
C ARG LA 83 24.12 39.41 5.90
N CYS LA 84 25.08 39.63 4.99
CA CYS LA 84 24.81 40.06 3.62
C CYS LA 84 25.06 38.91 2.63
N ALA LA 85 24.49 39.03 1.43
CA ALA LA 85 24.53 37.97 0.43
C ALA LA 85 24.56 38.55 -0.98
N SER LA 86 25.03 37.73 -1.92
CA SER LA 86 25.11 38.09 -3.33
C SER LA 86 25.03 36.85 -4.20
N GLU LA 87 24.53 37.02 -5.43
CA GLU LA 87 24.40 35.94 -6.41
C GLU LA 87 25.50 36.05 -7.47
N CYS LA 88 26.33 35.03 -7.58
CA CYS LA 88 27.44 34.97 -8.52
C CYS LA 88 27.14 33.99 -9.64
N GLN LA 89 27.68 34.26 -10.83
CA GLN LA 89 27.44 33.42 -12.00
C GLN LA 89 28.53 33.67 -13.03
N TYR LA 90 29.27 32.62 -13.40
CA TYR LA 90 30.28 32.76 -14.46
C TYR LA 90 29.99 31.85 -15.65
N GLY LA 91 30.47 30.61 -15.62
CA GLY LA 91 30.24 29.70 -16.72
C GLY LA 91 29.00 28.84 -16.51
N LEU LA 92 29.21 27.58 -16.16
CA LEU LA 92 28.15 26.68 -15.75
C LEU LA 92 27.89 26.78 -14.25
N ALA LA 93 28.53 27.76 -13.60
CA ALA LA 93 28.53 27.88 -12.15
C ALA LA 93 27.57 28.97 -11.70
N GLU LA 94 26.85 28.68 -10.63
CA GLU LA 94 25.96 29.62 -9.96
C GLU LA 94 26.12 29.38 -8.47
N TYR LA 95 26.48 30.42 -7.72
CA TYR LA 95 26.70 30.27 -6.29
C TYR LA 95 26.35 31.60 -5.61
N ASP LA 96 26.40 31.59 -4.27
CA ASP LA 96 26.11 32.77 -3.48
C ASP LA 96 27.11 32.88 -2.33
N VAL LA 97 27.15 34.06 -1.69
CA VAL LA 97 28.16 34.42 -0.71
C VAL LA 97 27.51 35.02 0.53
N TYR LA 98 28.22 34.94 1.67
CA TYR LA 98 27.69 35.34 2.96
C TYR LA 98 28.77 36.13 3.73
N GLY LA 99 28.37 36.66 4.89
CA GLY LA 99 29.26 37.42 5.76
C GLY LA 99 29.18 37.10 7.24
N GLY LA 100 29.15 38.14 8.10
CA GLY LA 100 28.97 37.96 9.53
C GLY LA 100 29.11 39.24 10.34
N GLY LA 101 28.26 39.42 11.37
CA GLY LA 101 28.30 40.63 12.19
C GLY LA 101 27.23 40.76 13.27
N THR LA 102 27.62 41.11 14.49
CA THR LA 102 26.74 41.07 15.66
C THR LA 102 26.36 42.48 16.10
N VAL LA 103 25.13 42.64 16.60
CA VAL LA 103 24.59 43.91 17.05
C VAL LA 103 24.11 43.77 18.49
N VAL LA 104 24.41 44.77 19.31
CA VAL LA 104 23.92 44.85 20.70
C VAL LA 104 23.35 46.24 20.92
N THR LA 105 22.09 46.30 21.40
CA THR LA 105 21.40 47.56 21.64
C THR LA 105 21.04 47.72 23.11
N VAL LA 106 21.41 48.85 23.70
CA VAL LA 106 21.09 49.17 25.09
C VAL LA 106 19.94 50.17 25.14
N ASN LA 107 19.47 50.49 26.35
CA ASN LA 107 18.26 51.28 26.57
C ASN LA 107 18.61 52.61 27.25
N ALA LA 108 17.59 53.47 27.37
CA ALA LA 108 17.77 54.84 27.84
C ALA LA 108 17.24 55.09 29.25
N ALA LA 109 16.60 54.10 29.88
CA ALA LA 109 16.20 54.11 31.29
C ALA LA 109 14.89 54.85 31.57
N ALA LA 110 14.50 55.77 30.67
CA ALA LA 110 13.24 56.51 30.80
C ALA LA 110 13.09 57.16 32.17
N HIS LA 111 13.76 58.30 32.35
CA HIS LA 111 13.83 58.96 33.64
C HIS LA 111 12.44 59.33 34.15
N HIS LA 112 12.10 58.82 35.33
CA HIS LA 112 10.86 59.17 36.01
C HIS LA 112 11.14 60.26 37.04
N HIS LA 113 10.33 61.32 37.02
CA HIS LA 113 10.55 62.47 37.89
C HIS LA 113 10.54 62.10 39.37
N SER MA 4 68.23 57.26 -40.30
CA SER MA 4 67.58 57.64 -41.56
C SER MA 4 68.43 57.24 -42.75
N ARG MA 5 67.81 56.58 -43.73
CA ARG MA 5 68.50 56.17 -44.94
C ARG MA 5 67.70 56.51 -46.20
N THR MA 6 66.74 57.43 -46.10
CA THR MA 6 65.87 57.75 -47.21
C THR MA 6 65.34 59.17 -47.05
N PRO MA 7 65.27 59.94 -48.13
CA PRO MA 7 64.66 61.27 -48.04
C PRO MA 7 63.16 61.22 -47.77
N SER MA 8 62.41 60.92 -48.83
CA SER MA 8 60.95 60.85 -48.88
C SER MA 8 60.35 62.23 -48.65
N ASP MA 9 59.19 62.50 -49.24
CA ASP MA 9 58.63 63.84 -49.14
C ASP MA 9 57.11 63.79 -49.06
N LYS MA 10 56.43 64.82 -49.59
CA LYS MA 10 55.00 65.07 -49.54
C LYS MA 10 54.41 65.11 -48.12
N PRO MA 11 53.44 65.97 -47.87
CA PRO MA 11 52.73 65.93 -46.58
C PRO MA 11 52.05 64.58 -46.37
N VAL MA 12 52.27 63.98 -45.21
CA VAL MA 12 51.69 62.67 -44.94
C VAL MA 12 51.34 62.60 -43.47
N ALA MA 13 50.31 61.81 -43.16
CA ALA MA 13 49.85 61.61 -41.80
C ALA MA 13 49.00 60.34 -41.77
N HIS MA 14 49.25 59.52 -40.75
CA HIS MA 14 48.45 58.34 -40.46
C HIS MA 14 48.45 58.23 -38.94
N VAL MA 15 47.40 58.72 -38.30
CA VAL MA 15 47.34 58.79 -36.85
C VAL MA 15 46.37 57.73 -36.35
N VAL MA 16 46.65 57.18 -35.17
CA VAL MA 16 45.89 56.10 -34.60
C VAL MA 16 45.43 56.54 -33.21
N ALA MA 17 44.28 56.03 -32.79
CA ALA MA 17 43.71 56.42 -31.51
C ALA MA 17 44.59 55.94 -30.36
N ASN MA 18 44.50 56.68 -29.25
CA ASN MA 18 45.23 56.31 -28.05
C ASN MA 18 44.50 55.16 -27.36
N PRO MA 19 45.14 54.00 -27.16
CA PRO MA 19 44.43 52.90 -26.49
C PRO MA 19 44.12 53.18 -25.03
N GLN MA 20 44.98 53.94 -24.35
CA GLN MA 20 44.78 54.29 -22.94
C GLN MA 20 44.03 55.62 -22.78
N ALA MA 21 43.09 55.88 -23.69
CA ALA MA 21 42.20 57.04 -23.68
C ALA MA 21 40.84 56.47 -23.30
N GLU MA 22 40.55 56.48 -22.00
CA GLU MA 22 39.46 55.67 -21.45
C GLU MA 22 38.11 56.01 -22.08
N GLY MA 23 37.78 57.29 -22.22
CA GLY MA 23 36.49 57.55 -22.80
C GLY MA 23 36.46 58.53 -23.95
N GLN MA 24 37.53 58.58 -24.73
CA GLN MA 24 37.63 59.55 -25.83
C GLN MA 24 38.52 59.03 -26.95
N LEU MA 25 38.40 59.68 -28.10
CA LEU MA 25 39.20 59.39 -29.30
C LEU MA 25 40.25 60.50 -29.45
N GLN MA 26 41.45 60.19 -28.95
CA GLN MA 26 42.62 61.06 -29.05
C GLN MA 26 43.55 60.52 -30.14
N TRP MA 27 43.89 61.36 -31.12
CA TRP MA 27 44.74 60.92 -32.23
C TRP MA 27 46.21 61.05 -31.84
N LEU MA 28 46.98 60.00 -32.13
CA LEU MA 28 48.39 59.91 -31.78
C LEU MA 28 49.25 59.68 -33.02
N ASN MA 29 50.52 60.11 -32.94
CA ASN MA 29 51.49 59.92 -34.00
C ASN MA 29 52.76 59.18 -33.60
N ARG MA 30 53.08 59.09 -32.30
CA ARG MA 30 54.30 58.44 -31.82
C ARG MA 30 54.07 56.96 -31.50
N ARG MA 31 53.67 56.21 -32.52
CA ARG MA 31 53.44 54.78 -32.39
C ARG MA 31 53.99 54.04 -33.60
N ALA MA 32 54.36 52.79 -33.38
CA ALA MA 32 55.02 51.90 -34.34
C ALA MA 32 54.72 52.18 -35.81
N ASN MA 33 53.46 52.06 -36.20
CA ASN MA 33 53.11 52.21 -37.61
C ASN MA 33 52.21 53.41 -37.87
N ALA MA 34 52.59 54.55 -37.32
CA ALA MA 34 51.88 55.80 -37.53
C ALA MA 34 52.87 56.85 -38.00
N LEU MA 35 52.39 57.78 -38.82
CA LEU MA 35 53.26 58.80 -39.41
C LEU MA 35 52.61 60.18 -39.26
N LEU MA 36 53.47 61.20 -39.15
CA LEU MA 36 53.01 62.60 -39.14
C LEU MA 36 54.22 63.48 -39.41
N ALA MA 37 54.41 63.85 -40.68
CA ALA MA 37 55.65 64.51 -41.08
C ALA MA 37 55.39 65.44 -42.26
N ASN MA 38 56.41 66.22 -42.60
CA ASN MA 38 56.41 67.14 -43.74
C ASN MA 38 55.39 68.25 -43.61
N GLY MA 39 55.16 68.72 -42.39
CA GLY MA 39 54.48 69.97 -42.17
C GLY MA 39 53.08 69.88 -41.58
N VAL MA 40 52.42 68.74 -41.69
CA VAL MA 40 51.06 68.60 -41.17
C VAL MA 40 51.07 68.74 -39.66
N GLU MA 41 50.19 69.60 -39.14
CA GLU MA 41 50.06 69.80 -37.70
C GLU MA 41 48.77 69.12 -37.25
N LEU MA 42 48.83 68.49 -36.08
CA LEU MA 42 47.65 67.94 -35.43
C LEU MA 42 47.43 68.81 -34.20
N ARG MA 43 46.47 69.72 -34.27
CA ARG MA 43 46.25 70.57 -33.12
C ARG MA 43 45.28 69.90 -32.17
N ASP MA 44 44.13 70.52 -31.90
CA ASP MA 44 43.21 69.99 -30.88
C ASP MA 44 42.27 68.98 -31.54
N ASN MA 45 42.81 67.78 -31.77
CA ASN MA 45 42.14 66.69 -32.49
C ASN MA 45 41.75 67.06 -33.91
N GLN MA 46 42.57 67.88 -34.56
CA GLN MA 46 42.32 68.31 -35.93
C GLN MA 46 43.63 68.29 -36.71
N LEU MA 47 43.56 67.86 -37.97
CA LEU MA 47 44.71 67.88 -38.85
C LEU MA 47 44.71 69.17 -39.66
N VAL MA 48 45.84 69.86 -39.70
CA VAL MA 48 45.99 71.15 -40.35
C VAL MA 48 46.82 70.97 -41.62
N VAL MA 49 46.23 71.31 -42.75
CA VAL MA 49 46.89 71.16 -44.06
C VAL MA 49 48.03 72.17 -44.16
N PRO MA 50 49.26 71.76 -44.52
CA PRO MA 50 50.37 72.70 -44.58
C PRO MA 50 50.54 73.36 -45.95
N SER MA 51 49.93 72.80 -46.99
CA SER MA 51 50.11 73.32 -48.34
C SER MA 51 48.88 72.99 -49.18
N GLU MA 52 48.59 73.86 -50.13
CA GLU MA 52 47.43 73.68 -51.00
C GLU MA 52 47.71 72.62 -52.05
N GLY MA 53 46.72 71.78 -52.29
CA GLY MA 53 46.82 70.72 -53.27
C GLY MA 53 45.71 69.70 -53.04
N LEU MA 54 45.80 68.59 -53.77
CA LEU MA 54 44.84 67.50 -53.66
C LEU MA 54 45.36 66.43 -52.71
N TYR MA 55 44.55 66.06 -51.73
CA TYR MA 55 44.91 65.06 -50.73
C TYR MA 55 43.91 63.92 -50.75
N LEU MA 56 44.35 62.75 -50.27
CA LEU MA 56 43.49 61.59 -50.08
C LEU MA 56 43.23 61.41 -48.58
N ILE MA 57 41.96 61.43 -48.19
CA ILE MA 57 41.55 61.39 -46.79
C ILE MA 57 40.88 60.06 -46.51
N TYR MA 58 41.24 59.42 -45.40
CA TYR MA 58 40.65 58.16 -44.99
C TYR MA 58 40.62 58.06 -43.48
N SER MA 59 39.70 57.23 -42.97
CA SER MA 59 39.60 56.96 -41.54
C SER MA 59 38.73 55.73 -41.33
N GLN MA 60 39.04 54.96 -40.28
CA GLN MA 60 38.22 53.83 -39.86
C GLN MA 60 37.94 53.96 -38.37
N VAL MA 61 36.72 53.60 -37.98
CA VAL MA 61 36.30 53.57 -36.59
C VAL MA 61 35.58 52.24 -36.34
N LEU MA 62 35.91 51.61 -35.22
CA LEU MA 62 35.31 50.34 -34.82
C LEU MA 62 34.54 50.53 -33.51
N PHE MA 63 33.27 50.14 -33.53
CA PHE MA 63 32.36 50.22 -32.40
C PHE MA 63 32.12 48.82 -31.83
N LYS MA 64 32.21 48.70 -30.49
CA LYS MA 64 31.94 47.46 -29.79
C LYS MA 64 31.09 47.76 -28.57
N GLY MA 65 30.08 46.92 -28.35
CA GLY MA 65 29.26 47.01 -27.17
C GLY MA 65 28.98 45.63 -26.62
N GLN MA 66 28.71 45.56 -25.31
CA GLN MA 66 28.47 44.28 -24.63
C GLN MA 66 26.98 44.06 -24.41
N GLY MA 67 26.20 44.45 -25.40
CA GLY MA 67 24.76 44.31 -25.39
C GLY MA 67 24.22 45.67 -25.76
N CYS MA 68 23.06 45.67 -26.42
CA CYS MA 68 22.41 46.91 -26.83
C CYS MA 68 21.08 47.07 -26.08
N PRO MA 69 20.99 47.96 -25.07
CA PRO MA 69 19.74 48.10 -24.32
C PRO MA 69 18.67 48.90 -25.06
N SER MA 70 19.05 49.97 -25.73
CA SER MA 70 18.10 50.83 -26.44
C SER MA 70 18.01 50.46 -27.90
N THR MA 71 16.78 50.30 -28.39
CA THR MA 71 16.53 50.06 -29.81
C THR MA 71 16.78 51.31 -30.66
N HIS MA 72 17.21 52.41 -30.04
CA HIS MA 72 17.34 53.66 -30.77
C HIS MA 72 18.74 54.23 -30.66
N VAL MA 73 19.75 53.40 -30.89
CA VAL MA 73 21.15 53.84 -30.86
C VAL MA 73 21.64 54.02 -32.29
N LEU MA 74 22.32 55.14 -32.53
CA LEU MA 74 22.87 55.50 -33.83
C LEU MA 74 24.38 55.68 -33.74
N LEU MA 75 25.12 54.93 -34.55
CA LEU MA 75 26.57 55.07 -34.60
C LEU MA 75 26.94 55.85 -35.87
N THR MA 76 27.67 56.94 -35.69
CA THR MA 76 28.06 57.79 -36.81
C THR MA 76 29.57 58.00 -36.83
N HIS MA 77 30.09 58.29 -38.02
CA HIS MA 77 31.52 58.52 -38.26
C HIS MA 77 31.64 59.44 -39.46
N THR MA 78 32.21 60.62 -39.26
CA THR MA 78 32.25 61.64 -40.30
C THR MA 78 33.60 62.34 -40.30
N ILE MA 79 34.09 62.67 -41.50
CA ILE MA 79 35.27 63.49 -41.69
C ILE MA 79 34.83 64.86 -42.15
N SER MA 80 35.25 65.90 -41.43
CA SER MA 80 34.79 67.27 -41.65
C SER MA 80 35.94 68.16 -42.14
N ARG MA 81 35.54 69.30 -42.71
CA ARG MA 81 36.48 70.29 -43.24
C ARG MA 81 36.01 71.68 -42.88
N ILE MA 82 36.87 72.42 -42.18
CA ILE MA 82 36.70 73.86 -41.98
C ILE MA 82 37.83 74.57 -42.73
N ALA MA 83 37.45 75.34 -43.74
CA ALA MA 83 38.40 76.00 -44.62
C ALA MA 83 38.47 77.49 -44.29
N VAL MA 84 39.59 78.09 -44.68
CA VAL MA 84 39.75 79.53 -44.50
C VAL MA 84 38.81 80.30 -45.43
N SER MA 85 38.45 79.72 -46.56
CA SER MA 85 37.60 80.43 -47.52
C SER MA 85 36.15 80.48 -47.05
N TYR MA 86 35.69 79.42 -46.39
CA TYR MA 86 34.33 79.31 -45.88
C TYR MA 86 34.40 78.72 -44.48
N GLN MA 87 34.25 79.59 -43.48
CA GLN MA 87 34.57 79.25 -42.09
C GLN MA 87 33.46 78.49 -41.37
N THR MA 88 32.88 77.48 -42.01
CA THR MA 88 31.90 76.61 -41.36
C THR MA 88 32.31 75.15 -41.59
N LYS MA 89 32.17 74.35 -40.54
CA LYS MA 89 32.51 72.92 -40.62
C LYS MA 89 31.46 72.18 -41.45
N VAL MA 90 31.91 71.60 -42.56
CA VAL MA 90 31.04 70.82 -43.45
C VAL MA 90 31.59 69.41 -43.57
N ASN MA 91 30.67 68.46 -43.73
CA ASN MA 91 31.06 67.05 -43.83
C ASN MA 91 31.54 66.76 -45.25
N LEU MA 92 32.72 66.14 -45.34
CA LEU MA 92 33.27 65.65 -46.60
C LEU MA 92 32.85 64.21 -46.86
N LEU MA 93 32.95 63.37 -45.82
CA LEU MA 93 32.57 61.97 -45.85
C LEU MA 93 31.76 61.69 -44.61
N SER MA 94 30.71 60.88 -44.73
CA SER MA 94 29.86 60.58 -43.60
C SER MA 94 29.33 59.16 -43.74
N ALA MA 95 29.06 58.54 -42.59
CA ALA MA 95 28.49 57.20 -42.58
C ALA MA 95 27.72 56.99 -41.28
N ILE MA 96 26.65 56.23 -41.37
CA ILE MA 96 25.78 55.92 -40.23
C ILE MA 96 25.56 54.41 -40.17
N LYS MA 97 25.43 53.88 -38.95
CA LYS MA 97 25.20 52.44 -38.80
C LYS MA 97 24.38 52.19 -37.54
N SER MA 98 23.36 51.35 -37.66
CA SER MA 98 22.52 51.00 -36.51
C SER MA 98 22.90 49.62 -35.98
N PRO MA 99 23.41 49.51 -34.75
CA PRO MA 99 23.94 48.22 -34.29
C PRO MA 99 22.88 47.25 -33.80
N CYS MA 100 21.75 47.73 -33.32
CA CYS MA 100 20.78 46.89 -32.61
C CYS MA 100 19.45 46.87 -33.34
N GLN MA 101 19.09 45.72 -33.92
CA GLN MA 101 17.77 45.54 -34.53
C GLN MA 101 16.86 44.92 -33.47
N ARG MA 102 16.32 45.81 -32.64
CA ARG MA 102 15.47 45.53 -31.48
C ARG MA 102 15.91 44.33 -30.63
N GLU MA 103 14.91 43.63 -30.06
CA GLU MA 103 15.05 42.47 -29.19
C GLU MA 103 15.40 42.84 -27.75
N THR MA 104 16.37 43.73 -27.57
CA THR MA 104 16.91 44.16 -26.28
C THR MA 104 17.23 42.92 -25.44
N PRO MA 105 18.49 42.54 -25.34
CA PRO MA 105 18.83 41.24 -24.72
C PRO MA 105 18.33 41.08 -23.29
N GLU MA 106 17.27 40.27 -23.14
CA GLU MA 106 16.70 39.94 -21.83
C GLU MA 106 17.15 38.58 -21.33
N GLY MA 107 17.14 37.56 -22.19
CA GLY MA 107 17.64 36.25 -21.83
C GLY MA 107 19.04 36.03 -22.35
N ALA MA 108 19.40 36.78 -23.40
CA ALA MA 108 20.74 36.72 -23.95
C ALA MA 108 21.72 37.33 -22.95
N GLU MA 109 22.66 36.51 -22.46
CA GLU MA 109 23.59 36.91 -21.40
C GLU MA 109 24.75 37.68 -22.01
N ALA MA 110 24.54 38.99 -22.19
CA ALA MA 110 25.48 39.91 -22.80
C ALA MA 110 26.12 39.33 -24.06
N LYS MA 111 25.68 39.79 -25.23
CA LYS MA 111 26.19 39.27 -26.49
C LYS MA 111 26.94 40.36 -27.23
N PRO MA 112 28.28 40.36 -27.18
CA PRO MA 112 29.05 41.46 -27.75
C PRO MA 112 28.94 41.57 -29.26
N TRP MA 113 28.58 42.76 -29.73
CA TRP MA 113 28.52 43.08 -31.15
C TRP MA 113 29.71 43.96 -31.54
N TYR MA 114 30.17 43.78 -32.78
CA TYR MA 114 31.27 44.55 -33.36
C TYR MA 114 30.81 45.15 -34.67
N GLU MA 115 31.06 46.46 -34.85
CA GLU MA 115 30.69 47.11 -36.11
C GLU MA 115 31.77 48.09 -36.58
N PRO MA 116 32.41 47.83 -37.73
CA PRO MA 116 33.38 48.79 -38.26
C PRO MA 116 32.82 49.72 -39.32
N ILE MA 117 33.47 50.86 -39.54
CA ILE MA 117 33.08 51.84 -40.54
C ILE MA 117 34.32 52.43 -41.17
N TYR MA 118 34.37 52.50 -42.51
CA TYR MA 118 35.52 53.02 -43.24
C TYR MA 118 35.10 54.13 -44.18
N LEU MA 119 35.96 55.15 -44.31
CA LEU MA 119 35.73 56.32 -45.14
C LEU MA 119 36.98 56.64 -45.95
N GLY MA 120 36.77 57.09 -47.19
CA GLY MA 120 37.88 57.48 -48.05
C GLY MA 120 37.49 58.30 -49.26
N GLY MA 121 38.32 59.26 -49.65
CA GLY MA 121 38.03 60.06 -50.82
C GLY MA 121 39.16 61.03 -51.11
N VAL MA 122 39.10 61.61 -52.31
CA VAL MA 122 40.09 62.58 -52.77
C VAL MA 122 39.46 63.97 -52.77
N PHE MA 123 40.18 64.97 -52.25
CA PHE MA 123 39.68 66.33 -52.15
C PHE MA 123 40.81 67.31 -52.40
N GLN MA 124 40.44 68.53 -52.79
CA GLN MA 124 41.37 69.64 -52.90
C GLN MA 124 41.34 70.46 -51.61
N LEU MA 125 42.49 70.56 -50.94
CA LEU MA 125 42.62 71.29 -49.69
C LEU MA 125 43.55 72.48 -49.89
N GLU MA 126 43.33 73.53 -49.10
CA GLU MA 126 44.13 74.74 -49.15
C GLU MA 126 44.99 74.86 -47.90
N LYS MA 127 45.92 75.82 -47.94
CA LYS MA 127 46.78 76.05 -46.78
C LYS MA 127 45.94 76.53 -45.61
N GLY MA 128 46.16 75.93 -44.44
CA GLY MA 128 45.47 76.30 -43.22
C GLY MA 128 44.12 75.64 -43.00
N ASP MA 129 43.67 74.79 -43.92
CA ASP MA 129 42.43 74.05 -43.73
C ASP MA 129 42.59 73.04 -42.60
N ARG MA 130 41.53 72.88 -41.81
CA ARG MA 130 41.53 72.00 -40.65
C ARG MA 130 40.55 70.86 -40.87
N LEU MA 131 41.08 69.64 -41.00
CA LEU MA 131 40.29 68.42 -41.13
C LEU MA 131 40.10 67.78 -39.76
N SER MA 132 38.95 67.15 -39.57
CA SER MA 132 38.63 66.55 -38.27
C SER MA 132 37.88 65.25 -38.48
N ALA MA 133 38.35 64.19 -37.82
CA ALA MA 133 37.66 62.91 -37.80
C ALA MA 133 36.91 62.79 -36.48
N GLU MA 134 35.62 62.52 -36.55
CA GLU MA 134 34.77 62.58 -35.38
C GLU MA 134 33.74 61.46 -35.40
N ILE MA 135 33.29 61.08 -34.22
CA ILE MA 135 32.23 60.10 -34.06
C ILE MA 135 31.29 60.61 -32.98
N ASN MA 136 30.04 60.17 -33.03
CA ASN MA 136 29.02 60.69 -32.12
C ASN MA 136 29.01 59.97 -30.77
N ARG MA 137 29.34 58.69 -30.74
CA ARG MA 137 29.29 57.88 -29.52
C ARG MA 137 30.69 57.39 -29.22
N PRO MA 138 31.50 58.19 -28.53
CA PRO MA 138 32.87 57.77 -28.20
C PRO MA 138 32.98 56.76 -27.06
N ASP MA 139 31.86 56.23 -26.57
CA ASP MA 139 31.89 55.22 -25.52
C ASP MA 139 31.91 53.80 -26.05
N TYR MA 140 31.75 53.62 -27.37
CA TYR MA 140 31.75 52.31 -27.99
C TYR MA 140 33.05 52.00 -28.73
N LEU MA 141 34.08 52.82 -28.57
CA LEU MA 141 35.34 52.57 -29.28
C LEU MA 141 36.04 51.32 -28.75
N ASP MA 142 36.50 50.48 -29.68
CA ASP MA 142 37.29 49.29 -29.37
C ASP MA 142 38.69 49.49 -29.91
N PHE MA 143 39.52 50.21 -29.14
CA PHE MA 143 40.94 50.38 -29.45
C PHE MA 143 41.82 49.43 -28.64
N ALA MA 144 41.30 48.23 -28.32
CA ALA MA 144 42.05 47.28 -27.51
C ALA MA 144 43.23 46.72 -28.31
N GLU MA 145 42.97 45.81 -29.25
CA GLU MA 145 44.04 45.27 -30.09
C GLU MA 145 44.73 46.33 -30.94
N SER MA 146 45.24 45.92 -32.10
CA SER MA 146 46.07 46.75 -32.97
C SER MA 146 45.28 47.84 -33.69
N GLY MA 147 45.95 48.57 -34.57
CA GLY MA 147 45.39 49.40 -35.64
C GLY MA 147 43.95 49.25 -36.08
N GLN MA 148 42.98 49.24 -35.15
CA GLN MA 148 41.57 49.07 -35.51
C GLN MA 148 40.85 50.39 -35.73
N VAL MA 149 41.34 51.49 -35.16
CA VAL MA 149 40.77 52.81 -35.39
C VAL MA 149 41.91 53.75 -35.74
N TYR MA 150 41.76 54.47 -36.85
CA TYR MA 150 42.82 55.33 -37.35
C TYR MA 150 42.22 56.36 -38.29
N PHE MA 151 43.07 57.27 -38.76
CA PHE MA 151 42.67 58.41 -39.57
C PHE MA 151 43.93 59.00 -40.19
N GLY MA 152 43.92 59.25 -41.48
CA GLY MA 152 45.13 59.71 -42.13
C GLY MA 152 44.85 60.39 -43.45
N ILE MA 153 45.81 61.22 -43.85
CA ILE MA 153 45.79 61.93 -45.12
C ILE MA 153 47.17 61.84 -45.76
N ILE MA 154 47.21 61.94 -47.08
CA ILE MA 154 48.49 61.96 -47.78
C ILE MA 154 48.33 62.75 -49.08
N ALA MA 155 49.27 63.66 -49.33
CA ALA MA 155 49.29 64.44 -50.56
C ALA MA 155 49.81 63.56 -51.68
N LEU MA 156 48.95 63.22 -52.65
CA LEU MA 156 49.35 62.39 -53.77
C LEU MA 156 49.99 63.22 -54.88
N ARG NA 1 34.52 88.60 -57.73
CA ARG NA 1 35.54 88.78 -56.71
C ARG NA 1 35.96 87.42 -56.17
N SER NA 2 37.05 86.89 -56.74
CA SER NA 2 37.68 85.65 -56.28
C SER NA 2 38.99 85.48 -57.04
N SER NA 3 39.70 84.41 -56.74
CA SER NA 3 40.96 84.11 -57.40
C SER NA 3 41.25 82.62 -57.31
N SER NA 4 42.30 82.21 -58.02
CA SER NA 4 42.75 80.82 -58.02
C SER NA 4 44.26 80.77 -57.96
N ARG NA 5 44.79 79.81 -57.20
CA ARG NA 5 46.22 79.59 -57.08
C ARG NA 5 46.61 78.33 -57.84
N THR NA 6 47.88 77.93 -57.69
CA THR NA 6 48.53 76.95 -58.55
C THR NA 6 47.86 75.56 -58.52
N PRO NA 7 47.20 75.15 -59.62
CA PRO NA 7 46.66 73.78 -59.69
C PRO NA 7 47.77 72.76 -59.84
N SER NA 8 48.33 72.66 -61.05
CA SER NA 8 49.45 71.78 -61.38
C SER NA 8 49.19 70.33 -60.95
N ASP NA 9 48.29 69.66 -61.66
CA ASP NA 9 47.94 68.34 -61.15
C ASP NA 9 47.74 67.28 -62.25
N LYS NA 10 46.70 66.47 -62.14
CA LYS NA 10 46.51 65.31 -62.99
C LYS NA 10 45.04 64.88 -62.92
N PRO NA 11 44.62 63.95 -63.78
CA PRO NA 11 43.22 63.50 -63.77
C PRO NA 11 42.70 63.12 -62.39
N VAL NA 12 41.55 63.69 -62.04
CA VAL NA 12 40.90 63.48 -60.75
C VAL NA 12 39.39 63.54 -60.97
N ALA NA 13 38.64 62.87 -60.10
CA ALA NA 13 37.18 62.92 -60.15
C ALA NA 13 36.63 62.49 -58.80
N HIS NA 14 35.66 63.25 -58.29
CA HIS NA 14 34.94 62.89 -57.07
C HIS NA 14 33.51 63.46 -57.19
N VAL NA 15 32.55 62.62 -57.57
CA VAL NA 15 31.19 63.06 -57.80
C VAL NA 15 30.29 62.62 -56.66
N VAL NA 16 29.25 63.40 -56.38
CA VAL NA 16 28.37 63.19 -55.25
C VAL NA 16 26.93 63.06 -55.73
N ALA NA 17 26.13 62.30 -54.99
CA ALA NA 17 24.75 62.06 -55.37
C ALA NA 17 23.93 63.34 -55.29
N ASN NA 18 22.86 63.39 -56.11
CA ASN NA 18 21.97 64.54 -56.11
C ASN NA 18 21.08 64.47 -54.87
N PRO NA 19 21.14 65.45 -53.96
CA PRO NA 19 20.30 65.36 -52.76
C PRO NA 19 18.83 65.59 -53.02
N GLN NA 20 18.48 66.52 -53.91
CA GLN NA 20 17.09 66.82 -54.22
C GLN NA 20 16.55 66.02 -55.38
N ALA NA 21 17.07 64.82 -55.59
CA ALA NA 21 16.59 63.93 -56.64
C ALA NA 21 15.91 62.72 -56.03
N GLU NA 22 14.88 62.22 -56.72
CA GLU NA 22 14.13 61.07 -56.27
C GLU NA 22 14.98 59.81 -56.33
N GLY NA 23 14.35 58.63 -56.27
CA GLY NA 23 15.10 57.39 -56.28
C GLY NA 23 15.93 57.08 -57.51
N GLN NA 24 17.11 57.70 -57.60
CA GLN NA 24 18.05 57.49 -58.70
C GLN NA 24 19.46 57.80 -58.23
N LEU NA 25 20.45 57.24 -58.93
CA LEU NA 25 21.86 57.46 -58.63
C LEU NA 25 22.40 58.40 -59.71
N GLN NA 26 22.20 59.69 -59.51
CA GLN NA 26 22.66 60.71 -60.44
C GLN NA 26 23.88 61.43 -59.85
N TRP NA 27 25.00 61.36 -60.56
CA TRP NA 27 26.25 61.94 -60.08
C TRP NA 27 26.37 63.41 -60.47
N LEU NA 28 26.81 64.23 -59.51
CA LEU NA 28 27.03 65.65 -59.74
C LEU NA 28 28.47 66.00 -59.44
N ASN NA 29 29.00 66.96 -60.18
CA ASN NA 29 30.34 67.47 -59.94
C ASN NA 29 30.39 68.96 -59.70
N ARG NA 30 29.36 69.70 -60.10
CA ARG NA 30 29.34 71.15 -59.91
C ARG NA 30 28.70 71.47 -58.56
N ARG NA 31 29.26 70.87 -57.52
CA ARG NA 31 28.80 71.10 -56.17
C ARG NA 31 30.00 71.11 -55.23
N ALA NA 32 29.89 71.92 -54.17
CA ALA NA 32 30.92 72.06 -53.14
C ALA NA 32 31.64 70.75 -52.85
N ASN NA 33 32.96 70.85 -52.68
CA ASN NA 33 33.85 69.72 -52.37
C ASN NA 33 33.69 68.55 -53.34
N ALA NA 34 33.54 68.86 -54.63
CA ALA NA 34 33.47 67.83 -55.66
C ALA NA 34 34.42 68.21 -56.79
N LEU NA 35 34.95 67.19 -57.47
CA LEU NA 35 35.94 67.43 -58.51
C LEU NA 35 35.62 66.61 -59.76
N LEU NA 36 35.97 67.19 -60.91
CA LEU NA 36 35.91 66.49 -62.19
C LEU NA 36 36.74 67.35 -63.16
N ALA NA 37 38.03 67.02 -63.29
CA ALA NA 37 38.94 67.89 -64.02
C ALA NA 37 40.05 67.08 -64.64
N ASN NA 38 40.84 67.77 -65.48
CA ASN NA 38 42.02 67.21 -66.14
C ASN NA 38 41.67 66.05 -67.07
N GLY NA 39 40.50 66.11 -67.70
CA GLY NA 39 40.14 65.22 -68.78
C GLY NA 39 39.07 64.21 -68.43
N VAL NA 40 38.88 63.89 -67.14
CA VAL NA 40 37.86 62.94 -66.76
C VAL NA 40 36.49 63.55 -67.07
N GLU NA 41 35.70 62.85 -67.87
CA GLU NA 41 34.36 63.29 -68.24
C GLU NA 41 33.31 62.38 -67.60
N LEU NA 42 32.18 62.98 -67.23
CA LEU NA 42 31.02 62.25 -66.75
C LEU NA 42 30.01 62.31 -67.90
N ARG NA 43 29.87 61.21 -68.64
CA ARG NA 43 28.93 61.18 -69.76
C ARG NA 43 27.55 60.77 -69.27
N ASP NA 44 27.38 59.49 -68.95
CA ASP NA 44 26.07 58.94 -68.59
C ASP NA 44 26.22 58.13 -67.30
N ASN NA 45 26.41 58.84 -66.19
CA ASN NA 45 26.72 58.23 -64.89
C ASN NA 45 27.95 57.33 -65.00
N GLN NA 46 28.87 57.70 -65.89
CA GLN NA 46 30.07 56.92 -66.13
C GLN NA 46 31.27 57.87 -66.25
N LEU NA 47 32.40 57.43 -65.70
CA LEU NA 47 33.64 58.19 -65.76
C LEU NA 47 34.44 57.74 -66.97
N VAL NA 48 34.96 58.71 -67.73
CA VAL NA 48 35.69 58.44 -68.95
C VAL NA 48 37.17 58.65 -68.68
N VAL NA 49 37.95 57.59 -68.81
CA VAL NA 49 39.40 57.67 -68.54
C VAL NA 49 40.05 58.46 -69.67
N PRO NA 50 40.83 59.50 -69.37
CA PRO NA 50 41.35 60.34 -70.45
C PRO NA 50 42.70 59.88 -70.97
N SER NA 51 43.38 59.03 -70.20
CA SER NA 51 44.73 58.61 -70.58
C SER NA 51 45.04 57.27 -69.93
N GLU NA 52 45.87 56.47 -70.60
CA GLU NA 52 46.19 55.15 -70.09
C GLU NA 52 47.13 55.25 -68.89
N GLY NA 53 46.84 54.45 -67.87
CA GLY NA 53 47.65 54.45 -66.67
C GLY NA 53 46.92 53.75 -65.54
N LEU NA 54 47.50 53.87 -64.35
CA LEU NA 54 46.95 53.24 -63.14
C LEU NA 54 46.08 54.23 -62.37
N TYR NA 55 44.86 53.81 -62.07
CA TYR NA 55 43.90 54.63 -61.35
C TYR NA 55 43.48 53.95 -60.06
N LEU NA 56 43.06 54.75 -59.09
CA LEU NA 56 42.45 54.26 -57.86
C LEU NA 56 40.97 54.59 -57.87
N ILE NA 57 40.14 53.58 -57.69
CA ILE NA 57 38.69 53.70 -57.80
C ILE NA 57 38.08 53.53 -56.42
N TYR NA 58 37.14 54.42 -56.05
CA TYR NA 58 36.48 54.30 -54.76
C TYR NA 58 35.04 54.78 -54.89
N SER NA 59 34.18 54.28 -53.99
CA SER NA 59 32.78 54.68 -53.91
C SER NA 59 32.20 54.21 -52.58
N GLN NA 60 31.27 55.00 -52.05
CA GLN NA 60 30.51 54.63 -50.86
C GLN NA 60 29.03 54.83 -51.13
N VAL NA 61 28.21 53.92 -50.61
CA VAL NA 61 26.76 54.01 -50.67
C VAL NA 61 26.20 53.75 -49.28
N LEU NA 62 25.20 54.54 -48.89
CA LEU NA 62 24.52 54.39 -47.61
C LEU NA 62 23.07 54.04 -47.85
N PHE NA 63 22.64 52.92 -47.29
CA PHE NA 63 21.27 52.45 -47.40
C PHE NA 63 20.56 52.67 -46.07
N LYS NA 64 19.36 53.25 -46.11
CA LYS NA 64 18.55 53.47 -44.93
C LYS NA 64 17.11 53.12 -45.24
N GLY NA 65 16.47 52.42 -44.31
CA GLY NA 65 15.05 52.14 -44.42
C GLY NA 65 14.38 52.30 -43.06
N GLN NA 66 13.08 52.60 -43.10
CA GLN NA 66 12.29 52.79 -41.89
C GLN NA 66 11.38 51.59 -41.65
N GLY NA 67 12.00 50.41 -41.71
CA GLY NA 67 11.35 49.12 -41.51
C GLY NA 67 11.83 48.05 -42.46
N CYS NA 68 11.80 46.81 -41.97
CA CYS NA 68 12.26 45.64 -42.73
C CYS NA 68 11.11 44.72 -43.10
N PRO NA 69 10.67 44.70 -44.35
CA PRO NA 69 9.64 43.76 -44.76
C PRO NA 69 10.26 42.39 -44.94
N SER NA 70 9.40 41.37 -44.98
CA SER NA 70 9.89 40.00 -45.13
C SER NA 70 9.85 39.68 -46.63
N THR NA 71 11.04 39.61 -47.23
CA THR NA 71 11.16 39.32 -48.65
C THR NA 71 12.59 38.97 -49.02
N HIS NA 72 13.44 38.68 -48.02
CA HIS NA 72 14.86 38.41 -48.25
C HIS NA 72 15.51 39.48 -49.13
N VAL NA 73 15.99 40.55 -48.51
CA VAL NA 73 16.61 41.65 -49.23
C VAL NA 73 18.13 41.51 -49.20
N LEU NA 74 18.75 41.68 -50.37
CA LEU NA 74 20.20 41.69 -50.53
C LEU NA 74 20.59 43.03 -51.11
N LEU NA 75 21.48 43.74 -50.43
CA LEU NA 75 21.98 45.04 -50.88
C LEU NA 75 23.31 44.84 -51.56
N THR NA 76 23.44 45.33 -52.78
CA THR NA 76 24.64 45.13 -53.56
C THR NA 76 25.24 46.46 -53.99
N HIS NA 77 26.54 46.45 -54.25
CA HIS NA 77 27.26 47.66 -54.64
C HIS NA 77 28.47 47.23 -55.47
N THR NA 78 28.53 47.67 -56.73
CA THR NA 78 29.57 47.20 -57.65
C THR NA 78 30.10 48.35 -58.50
N ILE NA 79 31.42 48.35 -58.71
CA ILE NA 79 32.07 49.24 -59.68
C ILE NA 79 32.55 48.40 -60.85
N SER NA 80 32.08 48.72 -62.05
CA SER NA 80 32.34 47.95 -63.25
C SER NA 80 33.13 48.76 -64.27
N ARG NA 81 33.70 48.06 -65.25
CA ARG NA 81 34.51 48.68 -66.28
C ARG NA 81 34.15 48.07 -67.63
N ILE NA 82 33.82 48.93 -68.60
CA ILE NA 82 33.67 48.55 -69.99
C ILE NA 82 34.84 49.13 -70.78
N ALA NA 83 35.66 48.27 -71.34
CA ALA NA 83 36.90 48.67 -72.00
C ALA NA 83 36.76 48.62 -73.52
N VAL NA 84 37.63 49.37 -74.19
CA VAL NA 84 37.67 49.35 -75.64
C VAL NA 84 38.17 48.02 -76.17
N SER NA 85 39.07 47.36 -75.41
CA SER NA 85 39.65 46.09 -75.82
C SER NA 85 38.72 44.90 -75.58
N TYR NA 86 37.97 44.92 -74.49
CA TYR NA 86 37.04 43.85 -74.13
C TYR NA 86 35.74 44.51 -73.72
N GLN NA 87 34.81 44.56 -74.66
CA GLN NA 87 33.61 45.38 -74.49
C GLN NA 87 32.51 44.64 -73.72
N THR NA 88 32.88 44.01 -72.61
CA THR NA 88 31.91 43.37 -71.73
C THR NA 88 32.11 43.94 -70.34
N LYS NA 89 31.01 44.27 -69.68
CA LYS NA 89 31.06 44.85 -68.36
C LYS NA 89 31.45 43.79 -67.33
N VAL NA 90 32.58 44.00 -66.67
CA VAL NA 90 33.12 43.09 -65.66
C VAL NA 90 33.30 43.84 -64.35
N ASN NA 91 33.07 43.15 -63.23
CA ASN NA 91 33.22 43.76 -61.92
C ASN NA 91 34.67 43.78 -61.47
N LEU NA 92 35.15 44.96 -61.08
CA LEU NA 92 36.46 45.11 -60.46
C LEU NA 92 36.36 45.08 -58.94
N LEU NA 93 35.33 45.74 -58.39
CA LEU NA 93 35.07 45.80 -56.97
C LEU NA 93 33.60 45.52 -56.74
N SER NA 94 33.31 44.70 -55.73
CA SER NA 94 31.93 44.33 -55.43
C SER NA 94 31.79 44.03 -53.95
N ALA NA 95 30.58 44.23 -53.42
CA ALA NA 95 30.27 43.91 -52.05
C ALA NA 95 28.78 43.64 -51.93
N ILE NA 96 28.42 42.74 -51.02
CA ILE NA 96 27.03 42.38 -50.75
C ILE NA 96 26.80 42.49 -49.25
N LYS NA 97 25.59 42.89 -48.88
CA LYS NA 97 25.22 43.02 -47.48
C LYS NA 97 23.74 42.73 -47.31
N SER NA 98 23.43 41.96 -46.27
CA SER NA 98 22.07 41.64 -45.89
C SER NA 98 21.67 42.59 -44.78
N PRO NA 99 20.69 43.47 -45.00
CA PRO NA 99 20.46 44.57 -44.05
C PRO NA 99 19.76 44.12 -42.78
N CYS NA 100 18.95 43.06 -42.85
CA CYS NA 100 18.17 42.65 -41.70
C CYS NA 100 17.68 41.22 -41.88
N GLN NA 101 18.18 40.32 -41.03
CA GLN NA 101 17.73 38.94 -41.00
C GLN NA 101 16.55 38.79 -40.05
N ARG NA 102 16.19 39.86 -39.35
CA ARG NA 102 15.17 39.81 -38.33
C ARG NA 102 13.77 39.64 -38.91
N GLU NA 103 13.03 38.68 -38.37
CA GLU NA 103 11.64 38.46 -38.73
C GLU NA 103 10.88 39.78 -38.82
N THR NA 104 10.15 39.95 -39.94
CA THR NA 104 9.32 41.11 -40.22
C THR NA 104 8.72 41.71 -38.96
N PRO NA 105 9.19 42.89 -38.52
CA PRO NA 105 8.73 43.44 -37.24
C PRO NA 105 7.23 43.65 -37.15
N GLU NA 106 6.54 42.80 -36.39
CA GLU NA 106 5.11 42.98 -36.18
C GLU NA 106 4.80 44.27 -35.43
N GLY NA 107 5.79 44.85 -34.76
CA GLY NA 107 5.62 46.11 -34.07
C GLY NA 107 6.90 46.62 -33.46
N ALA NA 108 7.43 47.72 -34.01
CA ALA NA 108 8.66 48.29 -33.46
C ALA NA 108 8.75 49.80 -33.68
N GLU NA 109 7.65 50.46 -34.05
CA GLU NA 109 7.68 51.86 -34.50
C GLU NA 109 8.71 52.04 -35.59
N ALA NA 110 8.64 51.16 -36.59
CA ALA NA 110 9.36 51.22 -37.86
C ALA NA 110 10.78 50.70 -37.79
N LYS NA 111 11.49 50.91 -36.68
CA LYS NA 111 12.89 50.51 -36.54
C LYS NA 111 13.72 51.04 -37.71
N PRO NA 112 14.18 52.29 -37.68
CA PRO NA 112 15.00 52.79 -38.80
C PRO NA 112 16.39 52.19 -38.77
N TRP NA 113 16.78 51.53 -39.86
CA TRP NA 113 18.08 50.88 -39.99
C TRP NA 113 18.97 51.65 -40.95
N TYR NA 114 20.28 51.60 -40.69
CA TYR NA 114 21.28 52.23 -41.54
C TYR NA 114 22.35 51.19 -41.88
N GLU NA 115 22.67 51.05 -43.17
CA GLU NA 115 23.75 50.14 -43.58
C GLU NA 115 24.61 50.75 -44.69
N PRO NA 116 25.91 51.00 -44.41
CA PRO NA 116 26.82 51.53 -45.45
C PRO NA 116 27.67 50.46 -46.13
N ILE NA 117 28.18 50.79 -47.32
CA ILE NA 117 29.06 49.92 -48.09
C ILE NA 117 30.15 50.77 -48.76
N TYR NA 118 31.41 50.33 -48.64
CA TYR NA 118 32.55 51.04 -49.22
C TYR NA 118 33.35 50.07 -50.10
N LEU NA 119 33.85 50.60 -51.22
CA LEU NA 119 34.62 49.85 -52.19
C LEU NA 119 35.84 50.66 -52.60
N GLY NA 120 36.97 49.99 -52.81
CA GLY NA 120 38.17 50.68 -53.25
C GLY NA 120 39.22 49.75 -53.78
N GLY NA 121 39.95 50.20 -54.80
CA GLY NA 121 41.02 49.40 -55.35
C GLY NA 121 41.78 50.15 -56.43
N VAL NA 122 42.95 49.60 -56.77
CA VAL NA 122 43.83 50.15 -57.81
C VAL NA 122 43.78 49.21 -59.01
N PHE NA 123 43.68 49.79 -60.21
CA PHE NA 123 43.55 49.02 -61.43
C PHE NA 123 44.29 49.71 -62.56
N GLN NA 124 44.60 48.92 -63.59
CA GLN NA 124 45.20 49.43 -64.83
C GLN NA 124 44.08 49.69 -65.84
N LEU NA 125 43.93 50.94 -66.26
CA LEU NA 125 42.90 51.33 -67.20
C LEU NA 125 43.53 51.86 -68.49
N GLU NA 126 42.78 51.72 -69.58
CA GLU NA 126 43.21 52.15 -70.89
C GLU NA 126 42.40 53.36 -71.35
N LYS NA 127 42.85 53.96 -72.45
CA LYS NA 127 42.20 55.13 -73.01
C LYS NA 127 40.78 54.82 -73.44
N GLY NA 128 39.85 55.68 -73.05
CA GLY NA 128 38.47 55.54 -73.45
C GLY NA 128 37.66 54.57 -72.61
N ASP NA 129 38.28 53.95 -71.61
CA ASP NA 129 37.56 53.05 -70.73
C ASP NA 129 36.54 53.83 -69.91
N ARG NA 130 35.36 53.24 -69.74
CA ARG NA 130 34.24 53.87 -69.05
C ARG NA 130 33.92 53.08 -67.77
N LEU NA 131 34.13 53.73 -66.63
CA LEU NA 131 33.86 53.18 -65.32
C LEU NA 131 32.46 53.58 -64.86
N SER NA 132 31.79 52.68 -64.15
CA SER NA 132 30.42 52.93 -63.72
C SER NA 132 30.18 52.35 -62.33
N ALA NA 133 29.65 53.18 -61.43
CA ALA NA 133 29.22 52.79 -60.09
C ALA NA 133 27.70 52.70 -60.03
N GLU NA 134 27.18 51.57 -59.56
CA GLU NA 134 25.73 51.33 -59.53
C GLU NA 134 25.36 50.57 -58.26
N ILE NA 135 24.07 50.66 -57.93
CA ILE NA 135 23.47 49.96 -56.79
C ILE NA 135 22.16 49.31 -57.26
N ASN NA 136 21.74 48.28 -56.52
CA ASN NA 136 20.61 47.47 -56.98
C ASN NA 136 19.26 48.06 -56.56
N ARG NA 137 19.17 48.66 -55.37
CA ARG NA 137 17.91 49.19 -54.86
C ARG NA 137 18.02 50.68 -54.57
N PRO NA 138 17.74 51.54 -55.54
CA PRO NA 138 17.80 52.99 -55.33
C PRO NA 138 16.68 53.57 -54.49
N ASP NA 139 15.85 52.75 -53.85
CA ASP NA 139 14.80 53.28 -52.99
C ASP NA 139 15.25 53.43 -51.54
N TYR NA 140 16.41 52.88 -51.19
CA TYR NA 140 16.94 52.98 -49.84
C TYR NA 140 18.12 53.95 -49.74
N LEU NA 141 18.37 54.72 -50.80
CA LEU NA 141 19.48 55.66 -50.79
C LEU NA 141 19.24 56.77 -49.77
N ASP NA 142 20.27 57.08 -48.99
CA ASP NA 142 20.22 58.17 -48.02
C ASP NA 142 21.18 59.24 -48.54
N PHE NA 143 20.67 60.06 -49.47
CA PHE NA 143 21.36 61.24 -49.97
C PHE NA 143 20.88 62.51 -49.27
N ALA NA 144 20.46 62.39 -48.00
CA ALA NA 144 19.96 63.53 -47.26
C ALA NA 144 21.11 64.48 -47.02
N GLU NA 145 22.04 64.12 -46.14
CA GLU NA 145 23.20 65.00 -45.94
C GLU NA 145 24.20 64.73 -47.05
N SER NA 146 25.47 65.09 -46.85
CA SER NA 146 26.45 64.95 -47.91
C SER NA 146 27.47 63.88 -47.54
N GLY NA 147 28.38 63.62 -48.48
CA GLY NA 147 29.43 62.63 -48.29
C GLY NA 147 28.93 61.25 -47.91
N GLN NA 148 27.63 61.03 -48.00
CA GLN NA 148 27.03 59.74 -47.68
C GLN NA 148 26.99 58.84 -48.90
N VAL NA 149 26.96 59.43 -50.08
CA VAL NA 149 27.08 58.72 -51.34
C VAL NA 149 28.06 59.48 -52.22
N TYR NA 150 29.05 58.78 -52.75
CA TYR NA 150 30.04 59.41 -53.62
C TYR NA 150 30.73 58.34 -54.44
N PHE NA 151 31.56 58.78 -55.38
CA PHE NA 151 32.21 57.92 -56.35
C PHE NA 151 33.31 58.70 -57.04
N GLY NA 152 34.50 58.12 -57.13
CA GLY NA 152 35.62 58.86 -57.67
C GLY NA 152 36.76 57.99 -58.11
N ILE NA 153 37.61 58.58 -58.96
CA ILE NA 153 38.85 57.98 -59.42
C ILE NA 153 39.91 59.07 -59.31
N ILE NA 154 41.16 58.64 -59.20
CA ILE NA 154 42.29 59.56 -59.10
C ILE NA 154 43.47 58.95 -59.82
N ALA NA 155 44.10 59.73 -60.68
CA ALA NA 155 45.24 59.24 -61.46
C ALA NA 155 46.47 59.23 -60.57
N LEU NA 156 46.92 58.04 -60.19
CA LEU NA 156 48.16 57.93 -59.45
C LEU NA 156 49.31 57.76 -60.43
N SER OA 4 51.19 46.75 -76.24
CA SER OA 4 52.02 47.34 -75.21
C SER OA 4 52.50 48.73 -75.62
N ARG OA 5 51.85 49.76 -75.06
CA ARG OA 5 52.18 51.14 -75.41
C ARG OA 5 52.44 51.98 -74.17
N THR OA 6 51.53 51.92 -73.21
CA THR OA 6 51.57 52.82 -72.07
C THR OA 6 52.50 52.27 -70.99
N PRO OA 7 53.59 52.95 -70.65
CA PRO OA 7 54.46 52.45 -69.58
C PRO OA 7 54.01 52.87 -68.19
N SER OA 8 54.89 52.62 -67.21
CA SER OA 8 54.68 52.95 -65.81
C SER OA 8 55.90 52.51 -65.01
N ASP OA 9 56.06 53.00 -63.79
CA ASP OA 9 57.28 52.73 -63.04
C ASP OA 9 57.06 52.43 -61.57
N LYS OA 10 55.95 52.81 -60.97
CA LYS OA 10 55.80 52.64 -59.53
C LYS OA 10 55.42 51.20 -59.19
N PRO OA 11 56.05 50.60 -58.18
CA PRO OA 11 55.67 49.25 -57.74
C PRO OA 11 54.19 49.17 -57.36
N VAL OA 12 53.52 48.14 -57.87
CA VAL OA 12 52.07 47.98 -57.69
C VAL OA 12 51.71 46.51 -57.51
N ALA OA 13 50.57 46.27 -56.87
CA ALA OA 13 50.04 44.93 -56.68
C ALA OA 13 48.55 44.99 -56.37
N HIS OA 14 47.77 44.13 -57.04
CA HIS OA 14 46.35 43.95 -56.74
C HIS OA 14 46.01 42.50 -57.06
N VAL OA 15 45.98 41.66 -56.03
CA VAL OA 15 45.77 40.21 -56.19
C VAL OA 15 44.38 39.83 -55.70
N VAL OA 16 43.83 38.77 -56.31
CA VAL OA 16 42.49 38.28 -56.02
C VAL OA 16 42.57 36.82 -55.65
N ALA OA 17 41.64 36.37 -54.80
CA ALA OA 17 41.61 34.99 -54.32
C ALA OA 17 41.29 34.01 -55.44
N ASN OA 18 41.77 32.77 -55.27
CA ASN OA 18 41.48 31.70 -56.20
C ASN OA 18 40.07 31.16 -55.96
N PRO OA 19 39.19 31.16 -56.96
CA PRO OA 19 37.85 30.59 -56.72
C PRO OA 19 37.88 29.08 -56.52
N GLN OA 20 38.81 28.36 -57.16
CA GLN OA 20 38.94 26.92 -56.94
C GLN OA 20 39.90 26.61 -55.78
N ALA OA 21 39.84 27.43 -54.72
CA ALA OA 21 40.64 27.28 -53.50
C ALA OA 21 39.71 26.77 -52.40
N GLU OA 22 39.64 25.46 -52.24
CA GLU OA 22 38.69 24.83 -51.33
C GLU OA 22 38.91 25.26 -49.88
N GLY OA 23 37.96 26.04 -49.36
CA GLY OA 23 38.01 26.50 -47.97
C GLY OA 23 39.27 27.23 -47.56
N GLN OA 24 39.92 27.93 -48.48
CA GLN OA 24 41.14 28.64 -48.15
C GLN OA 24 41.28 29.86 -49.04
N LEU OA 25 42.10 30.81 -48.57
CA LEU OA 25 42.34 32.10 -49.22
C LEU OA 25 43.72 32.09 -49.87
N GLN OA 26 43.79 31.64 -51.11
CA GLN OA 26 45.03 31.64 -51.87
C GLN OA 26 45.02 32.80 -52.85
N TRP OA 27 46.04 33.65 -52.78
CA TRP OA 27 46.09 34.85 -53.61
C TRP OA 27 46.68 34.51 -54.97
N LEU OA 28 46.05 35.03 -56.03
CA LEU OA 28 46.50 34.80 -57.40
C LEU OA 28 46.80 36.15 -58.05
N ASN OA 29 47.73 36.13 -59.02
CA ASN OA 29 48.10 37.35 -59.73
C ASN OA 29 47.91 37.26 -61.24
N ARG OA 30 47.87 36.07 -61.81
CA ARG OA 30 47.70 35.89 -63.26
C ARG OA 30 46.21 35.70 -63.58
N ARG OA 31 45.45 36.77 -63.29
CA ARG OA 31 44.02 36.81 -63.49
C ARG OA 31 43.63 38.13 -64.14
N ALA OA 32 42.57 38.07 -64.95
CA ALA OA 32 42.06 39.16 -65.79
C ALA OA 32 42.33 40.56 -65.29
N ASN OA 33 41.79 40.90 -64.11
CA ASN OA 33 41.91 42.26 -63.62
C ASN OA 33 42.81 42.33 -62.40
N ALA OA 34 43.99 41.71 -62.48
CA ALA OA 34 44.95 41.72 -61.39
C ALA OA 34 46.30 42.22 -61.89
N LEU OA 35 47.05 42.84 -60.98
CA LEU OA 35 48.34 43.42 -61.32
C LEU OA 35 49.38 42.95 -60.31
N LEU OA 36 50.61 42.76 -60.79
CA LEU OA 36 51.74 42.45 -59.93
C LEU OA 36 53.04 42.68 -60.71
N ALA OA 37 53.58 43.89 -60.63
CA ALA OA 37 54.71 44.29 -61.48
C ALA OA 37 55.55 45.34 -60.76
N ASN OA 38 56.67 45.69 -61.39
CA ASN OA 38 57.57 46.73 -60.87
C ASN OA 38 58.15 46.38 -59.51
N GLY OA 39 58.40 45.09 -59.28
CA GLY OA 39 59.18 44.64 -58.14
C GLY OA 39 58.39 43.87 -57.10
N VAL OA 40 57.07 44.04 -57.04
CA VAL OA 40 56.27 43.33 -56.04
C VAL OA 40 56.28 41.83 -56.34
N GLU OA 41 56.63 41.03 -55.34
CA GLU OA 41 56.65 39.58 -55.44
C GLU OA 41 55.51 38.95 -54.63
N LEU OA 42 54.99 37.84 -55.13
CA LEU OA 42 54.04 37.01 -54.40
C LEU OA 42 54.83 35.77 -53.99
N ARG OA 43 55.26 35.72 -52.74
CA ARG OA 43 56.01 34.56 -52.29
C ARG OA 43 55.04 33.54 -51.67
N ASP OA 44 55.16 33.31 -50.36
CA ASP OA 44 54.34 32.30 -49.68
C ASP OA 44 53.05 32.95 -49.19
N ASN OA 45 52.18 33.25 -50.17
CA ASN OA 45 50.95 34.01 -49.93
C ASN OA 45 51.24 35.34 -49.25
N GLN OA 46 52.41 35.92 -49.58
CA GLN OA 46 52.89 37.15 -48.98
C GLN OA 46 53.46 38.06 -50.07
N LEU OA 47 53.21 39.35 -49.94
CA LEU OA 47 53.76 40.35 -50.84
C LEU OA 47 55.06 40.91 -50.27
N VAL OA 48 56.09 40.98 -51.11
CA VAL OA 48 57.42 41.43 -50.71
C VAL OA 48 57.66 42.80 -51.30
N VAL OA 49 57.82 43.81 -50.44
CA VAL OA 49 58.05 45.19 -50.88
C VAL OA 49 59.45 45.31 -51.47
N PRO OA 50 59.61 45.88 -52.67
CA PRO OA 50 60.93 45.90 -53.30
C PRO OA 50 61.79 47.11 -52.97
N SER OA 51 61.19 48.18 -52.45
CA SER OA 51 61.94 49.40 -52.20
C SER OA 51 61.29 50.19 -51.07
N GLU OA 52 62.11 50.94 -50.35
CA GLU OA 52 61.62 51.72 -49.23
C GLU OA 52 60.86 52.94 -49.71
N GLY OA 53 59.74 53.22 -49.07
CA GLY OA 53 58.91 54.36 -49.44
C GLY OA 53 57.53 54.25 -48.81
N LEU OA 54 56.65 55.14 -49.25
CA LEU OA 54 55.27 55.20 -48.76
C LEU OA 54 54.34 54.44 -49.70
N TYR OA 55 53.55 53.52 -49.14
CA TYR OA 55 52.62 52.71 -49.90
C TYR OA 55 51.22 52.90 -49.35
N LEU OA 56 50.22 52.63 -50.19
CA LEU OA 56 48.83 52.55 -49.78
C LEU OA 56 48.43 51.09 -49.74
N ILE OA 57 48.00 50.63 -48.58
CA ILE OA 57 47.64 49.24 -48.36
C ILE OA 57 46.13 49.16 -48.18
N TYR OA 58 45.49 48.25 -48.90
CA TYR OA 58 44.06 48.05 -48.82
C TYR OA 58 43.74 46.59 -49.08
N SER OA 59 42.59 46.16 -48.56
CA SER OA 59 42.08 44.81 -48.81
C SER OA 59 40.63 44.74 -48.38
N GLN OA 60 39.84 43.95 -49.11
CA GLN OA 60 38.46 43.67 -48.72
C GLN OA 60 38.21 42.17 -48.76
N VAL OA 61 37.40 41.69 -47.81
CA VAL OA 61 36.99 40.30 -47.74
C VAL OA 61 35.47 40.26 -47.56
N LEU OA 62 34.81 39.34 -48.25
CA LEU OA 62 33.36 39.17 -48.14
C LEU OA 62 33.05 37.79 -47.58
N PHE OA 63 32.29 37.75 -46.49
CA PHE OA 63 31.89 36.50 -45.85
C PHE OA 63 30.42 36.20 -46.14
N LYS OA 64 30.13 34.95 -46.47
CA LYS OA 64 28.77 34.48 -46.71
C LYS OA 64 28.54 33.16 -45.98
N GLY OA 65 27.39 33.05 -45.34
CA GLY OA 65 27.01 31.82 -44.69
C GLY OA 65 25.54 31.51 -44.94
N GLN OA 66 25.23 30.22 -44.89
CA GLN OA 66 23.87 29.74 -45.18
C GLN OA 66 23.13 29.34 -43.90
N GLY OA 67 23.08 30.22 -42.93
CA GLY OA 67 22.45 29.93 -41.65
C GLY OA 67 23.24 30.53 -40.50
N CYS OA 68 22.56 30.69 -39.38
CA CYS OA 68 23.12 31.29 -38.17
C CYS OA 68 23.49 30.15 -37.23
N PRO OA 69 24.77 29.87 -37.02
CA PRO OA 69 25.13 28.71 -36.19
C PRO OA 69 24.89 28.95 -34.70
N SER OA 70 25.73 28.42 -33.82
CA SER OA 70 25.43 28.51 -32.39
C SER OA 70 26.09 29.75 -31.81
N THR OA 71 25.28 30.73 -31.49
CA THR OA 71 25.70 31.97 -30.85
C THR OA 71 26.98 32.59 -31.37
N HIS OA 72 27.92 32.87 -30.46
CA HIS OA 72 29.07 33.74 -30.73
C HIS OA 72 30.10 33.30 -31.77
N VAL OA 73 29.88 33.61 -33.04
CA VAL OA 73 30.92 33.46 -34.06
C VAL OA 73 31.48 34.84 -34.37
N LEU OA 74 32.82 34.95 -34.43
CA LEU OA 74 33.50 36.22 -34.65
C LEU OA 74 34.31 36.22 -35.94
N LEU OA 75 34.04 37.18 -36.81
CA LEU OA 75 34.74 37.33 -38.07
C LEU OA 75 35.76 38.46 -37.95
N THR OA 76 37.02 38.17 -38.24
CA THR OA 76 38.08 39.16 -38.17
C THR OA 76 38.83 39.19 -39.50
N HIS OA 77 39.46 40.35 -39.76
CA HIS OA 77 40.19 40.58 -41.01
C HIS OA 77 41.29 41.59 -40.72
N THR OA 78 42.54 41.18 -40.94
CA THR OA 78 43.71 41.98 -40.60
C THR OA 78 44.77 41.86 -41.68
N ILE OA 79 45.46 42.97 -41.93
CA ILE OA 79 46.64 43.02 -42.80
C ILE OA 79 47.86 43.13 -41.89
N SER OA 80 48.80 42.21 -42.05
CA SER OA 80 49.95 42.10 -41.16
C SER OA 80 51.23 42.47 -41.89
N ARG OA 81 52.25 42.84 -41.11
CA ARG OA 81 53.54 43.23 -41.65
C ARG OA 81 54.65 42.71 -40.75
N ILE OA 82 55.57 41.96 -41.32
CA ILE OA 82 56.83 41.61 -40.67
C ILE OA 82 57.95 42.33 -41.41
N ALA OA 83 58.64 43.21 -40.71
CA ALA OA 83 59.64 44.07 -41.33
C ALA OA 83 61.04 43.54 -41.07
N VAL OA 84 61.98 43.95 -41.91
CA VAL OA 84 63.37 43.54 -41.74
C VAL OA 84 63.95 44.15 -40.47
N SER OA 85 63.45 45.31 -40.06
CA SER OA 85 63.95 45.93 -38.85
C SER OA 85 63.41 45.22 -37.61
N TYR OA 86 62.18 44.72 -37.66
CA TYR OA 86 61.57 44.04 -36.52
C TYR OA 86 60.82 42.80 -37.03
N GLN OA 87 61.41 41.62 -36.81
CA GLN OA 87 60.96 40.36 -37.43
C GLN OA 87 59.78 39.69 -36.71
N THR OA 88 58.74 40.45 -36.39
CA THR OA 88 57.52 39.89 -35.85
C THR OA 88 56.34 40.39 -36.67
N LYS OA 89 55.40 39.48 -36.97
CA LYS OA 89 54.21 39.89 -37.73
C LYS OA 89 53.33 40.73 -36.81
N VAL OA 90 53.10 41.98 -37.22
CA VAL OA 90 52.26 42.91 -36.46
C VAL OA 90 51.13 43.38 -37.37
N ASN OA 91 49.98 43.65 -36.75
CA ASN OA 91 48.81 44.07 -37.50
C ASN OA 91 48.90 45.55 -37.84
N LEU OA 92 48.69 45.87 -39.12
CA LEU OA 92 48.65 47.26 -39.57
C LEU OA 92 47.22 47.79 -39.55
N LEU OA 93 46.28 47.00 -40.07
CA LEU OA 93 44.86 47.33 -40.11
C LEU OA 93 44.06 46.10 -39.69
N SER OA 94 43.00 46.33 -38.91
CA SER OA 94 42.18 45.23 -38.43
C SER OA 94 40.75 45.71 -38.24
N ALA OA 95 39.83 44.75 -38.33
CA ALA OA 95 38.42 45.02 -38.10
C ALA OA 95 37.76 43.73 -37.63
N ILE OA 96 36.76 43.87 -36.78
CA ILE OA 96 36.01 42.74 -36.23
C ILE OA 96 34.53 43.02 -36.47
N LYS OA 97 33.77 41.95 -36.72
CA LYS OA 97 32.35 42.09 -36.99
C LYS OA 97 31.62 40.84 -36.50
N SER OA 98 30.48 41.06 -35.84
CA SER OA 98 29.65 39.99 -35.32
C SER OA 98 28.48 39.73 -36.27
N PRO OA 99 28.42 38.57 -36.93
CA PRO OA 99 27.42 38.37 -37.97
C PRO OA 99 26.04 37.95 -37.45
N CYS OA 100 25.97 37.26 -36.32
CA CYS OA 100 24.73 36.70 -35.81
C CYS OA 100 24.42 37.31 -34.45
N GLN OA 101 23.35 38.10 -34.38
CA GLN OA 101 22.89 38.70 -33.13
C GLN OA 101 21.89 37.78 -32.42
N ARG OA 102 22.34 36.56 -32.18
CA ARG OA 102 21.56 35.46 -31.63
C ARG OA 102 20.47 35.13 -32.62
N GLU OA 103 19.28 34.81 -32.10
CA GLU OA 103 18.13 34.42 -32.89
C GLU OA 103 18.48 33.21 -33.75
N THR OA 104 19.11 32.22 -33.13
CA THR OA 104 19.54 31.00 -33.79
C THR OA 104 18.32 30.25 -34.30
N PRO OA 105 18.13 30.16 -35.62
CA PRO OA 105 16.89 29.60 -36.15
C PRO OA 105 16.58 28.21 -35.59
N GLU OA 106 15.48 28.13 -34.86
CA GLU OA 106 15.11 26.94 -34.08
C GLU OA 106 13.99 26.16 -34.77
N GLY OA 107 14.08 26.01 -36.09
CA GLY OA 107 13.05 25.31 -36.85
C GLY OA 107 12.84 25.91 -38.22
N ALA OA 108 13.05 27.22 -38.33
CA ALA OA 108 12.91 27.88 -39.61
C ALA OA 108 14.09 27.55 -40.52
N GLU OA 109 13.88 27.76 -41.82
CA GLU OA 109 14.90 27.40 -42.80
C GLU OA 109 16.05 28.39 -42.76
N ALA OA 110 17.06 28.14 -43.58
CA ALA OA 110 18.26 28.97 -43.58
C ALA OA 110 17.96 30.38 -44.06
N LYS OA 111 18.86 31.30 -43.71
CA LYS OA 111 18.76 32.71 -44.08
C LYS OA 111 20.18 33.13 -44.46
N PRO OA 112 20.54 33.12 -45.74
CA PRO OA 112 21.92 33.41 -46.12
C PRO OA 112 22.29 34.86 -45.81
N TRP OA 113 23.36 35.03 -45.04
CA TRP OA 113 23.89 36.33 -44.64
C TRP OA 113 25.17 36.67 -45.39
N TYR OA 114 25.35 37.97 -45.66
CA TYR OA 114 26.53 38.51 -46.32
C TYR OA 114 27.07 39.67 -45.51
N GLU OA 115 28.39 39.67 -45.25
CA GLU OA 115 29.04 40.76 -44.53
C GLU OA 115 30.38 41.12 -45.16
N PRO OA 116 30.55 42.36 -45.64
CA PRO OA 116 31.87 42.78 -46.15
C PRO OA 116 32.72 43.49 -45.11
N ILE OA 117 34.05 43.50 -45.30
CA ILE OA 117 34.98 44.17 -44.40
C ILE OA 117 36.10 44.78 -45.25
N TYR OA 118 36.41 46.07 -45.02
CA TYR OA 118 37.41 46.76 -45.80
C TYR OA 118 38.44 47.43 -44.89
N LEU OA 119 39.69 47.44 -45.33
CA LEU OA 119 40.82 48.01 -44.60
C LEU OA 119 41.65 48.85 -45.57
N GLY OA 120 42.16 49.99 -45.08
CA GLY OA 120 43.01 50.81 -45.92
C GLY OA 120 43.81 51.85 -45.16
N GLY OA 121 45.05 52.09 -45.57
CA GLY OA 121 45.88 53.09 -44.93
C GLY OA 121 47.22 53.22 -45.61
N VAL OA 122 47.95 54.27 -45.25
CA VAL OA 122 49.26 54.57 -45.80
C VAL OA 122 50.33 54.27 -44.76
N PHE OA 123 51.43 53.67 -45.20
CA PHE OA 123 52.47 53.24 -44.27
C PHE OA 123 53.85 53.40 -44.93
N GLN OA 124 54.88 53.46 -44.08
CA GLN OA 124 56.27 53.46 -44.53
C GLN OA 124 56.79 52.03 -44.49
N LEU OA 125 57.19 51.51 -45.65
CA LEU OA 125 57.68 50.15 -45.78
C LEU OA 125 59.12 50.13 -46.26
N GLU OA 126 59.82 49.07 -45.90
CA GLU OA 126 61.22 48.87 -46.28
C GLU OA 126 61.32 47.71 -47.27
N LYS OA 127 62.50 47.58 -47.86
CA LYS OA 127 62.78 46.49 -48.78
C LYS OA 127 62.71 45.16 -48.05
N GLY OA 128 62.02 44.19 -48.64
CA GLY OA 128 61.94 42.87 -48.06
C GLY OA 128 60.85 42.68 -47.03
N ASP OA 129 60.07 43.71 -46.74
CA ASP OA 129 58.97 43.52 -45.80
C ASP OA 129 57.95 42.55 -46.37
N ARG OA 130 57.40 41.71 -45.49
CA ARG OA 130 56.47 40.66 -45.88
C ARG OA 130 55.10 41.02 -45.33
N LEU OA 131 54.22 41.45 -46.23
CA LEU OA 131 52.85 41.80 -45.89
C LEU OA 131 51.94 40.62 -46.20
N SER OA 132 50.94 40.41 -45.35
CA SER OA 132 50.00 39.31 -45.50
C SER OA 132 48.61 39.75 -45.06
N ALA OA 133 47.62 39.53 -45.90
CA ALA OA 133 46.22 39.76 -45.56
C ALA OA 133 45.60 38.42 -45.22
N GLU OA 134 44.99 38.32 -44.05
CA GLU OA 134 44.53 37.05 -43.52
C GLU OA 134 43.20 37.20 -42.81
N ILE OA 135 42.48 36.08 -42.72
CA ILE OA 135 41.19 36.01 -42.03
C ILE OA 135 41.16 34.74 -41.19
N ASN OA 136 40.30 34.75 -40.16
CA ASN OA 136 40.31 33.67 -39.18
C ASN OA 136 39.46 32.47 -39.62
N ARG OA 137 38.39 32.70 -40.38
CA ARG OA 137 37.48 31.65 -40.80
C ARG OA 137 37.47 31.60 -42.32
N PRO OA 138 38.41 30.86 -42.94
CA PRO OA 138 38.43 30.79 -44.41
C PRO OA 138 37.35 29.87 -44.95
N ASP OA 139 36.46 29.44 -44.06
CA ASP OA 139 35.34 28.58 -44.43
C ASP OA 139 34.07 29.36 -44.77
N TYR OA 140 34.05 30.68 -44.55
CA TYR OA 140 32.93 31.53 -44.92
C TYR OA 140 33.23 32.39 -46.14
N LEU OA 141 34.32 32.10 -46.85
CA LEU OA 141 34.70 32.91 -48.01
C LEU OA 141 33.72 32.74 -49.17
N ASP OA 142 33.32 33.87 -49.75
CA ASP OA 142 32.47 33.89 -50.95
C ASP OA 142 33.29 34.52 -52.07
N PHE OA 143 34.10 33.70 -52.75
CA PHE OA 143 34.85 34.11 -53.93
C PHE OA 143 34.18 33.68 -55.22
N ALA OA 144 32.84 33.56 -55.21
CA ALA OA 144 32.08 33.07 -56.36
C ALA OA 144 32.01 34.09 -57.49
N GLU OA 145 31.19 35.13 -57.33
CA GLU OA 145 30.91 36.08 -58.40
C GLU OA 145 32.13 36.74 -59.03
N SER OA 146 32.74 37.71 -58.33
CA SER OA 146 33.80 38.49 -58.97
C SER OA 146 34.84 39.02 -58.00
N GLY OA 147 35.21 40.29 -58.17
CA GLY OA 147 36.16 40.99 -57.34
C GLY OA 147 35.66 41.29 -55.94
N GLN OA 148 35.17 40.25 -55.26
CA GLN OA 148 34.59 40.38 -53.93
C GLN OA 148 35.63 40.21 -52.83
N VAL OA 149 36.74 39.53 -53.09
CA VAL OA 149 37.84 39.41 -52.15
C VAL OA 149 39.13 39.73 -52.89
N TYR OA 150 39.92 40.64 -52.33
CA TYR OA 150 41.13 41.11 -52.99
C TYR OA 150 42.04 41.78 -51.97
N PHE OA 151 43.25 42.13 -52.42
CA PHE OA 151 44.30 42.61 -51.54
C PHE OA 151 45.42 43.23 -52.37
N GLY OA 152 45.86 44.43 -52.00
CA GLY OA 152 46.87 45.10 -52.82
C GLY OA 152 47.60 46.21 -52.10
N ILE OA 153 48.75 46.57 -52.65
CA ILE OA 153 49.52 47.72 -52.19
C ILE OA 153 49.96 48.48 -53.43
N ILE OA 154 50.22 49.77 -53.26
CA ILE OA 154 50.72 50.60 -54.35
C ILE OA 154 51.61 51.68 -53.75
N ALA OA 155 52.82 51.80 -54.30
CA ALA OA 155 53.74 52.84 -53.85
C ALA OA 155 53.32 54.15 -54.48
N LEU OA 156 52.71 55.03 -53.70
CA LEU OA 156 52.38 56.36 -54.23
C LEU OA 156 53.56 57.28 -53.95
N ALA PA 2 57.94 41.52 -28.72
CA ALA PA 2 59.26 42.08 -28.49
C ALA PA 2 59.26 43.62 -28.60
N ARG PA 3 60.07 44.14 -29.53
CA ARG PA 3 60.31 45.57 -29.73
C ARG PA 3 61.09 46.19 -28.57
N VAL PA 4 61.20 45.43 -27.46
CA VAL PA 4 62.07 45.66 -26.33
C VAL PA 4 61.88 44.45 -25.42
N ASP PA 5 62.97 43.88 -24.93
CA ASP PA 5 62.91 42.67 -24.10
C ASP PA 5 63.54 43.00 -22.76
N GLN PA 6 62.68 43.26 -21.79
CA GLN PA 6 63.10 43.42 -20.41
C GLN PA 6 63.26 42.02 -19.83
N THR PA 7 64.45 41.70 -19.35
CA THR PA 7 64.65 40.29 -19.02
C THR PA 7 64.17 39.95 -17.61
N PRO PA 8 64.66 40.61 -16.53
CA PRO PA 8 64.19 40.22 -15.19
C PRO PA 8 62.81 40.76 -14.88
N GLN PA 9 61.79 39.95 -15.16
CA GLN PA 9 60.42 40.38 -14.96
C GLN PA 9 60.05 40.38 -13.48
N THR PA 10 60.39 39.33 -12.73
CA THR PA 10 60.17 39.27 -11.29
C THR PA 10 61.49 39.15 -10.54
N ILE PA 11 61.81 40.15 -9.69
CA ILE PA 11 63.03 40.13 -8.88
C ILE PA 11 62.69 40.35 -7.41
N THR PA 12 63.46 39.69 -6.52
CA THR PA 12 63.35 39.89 -5.08
C THR PA 12 64.74 39.92 -4.45
N LYS PA 13 65.19 41.10 -4.02
CA LYS PA 13 66.49 41.26 -3.38
C LYS PA 13 66.30 41.73 -1.95
N GLU PA 14 67.36 41.65 -1.16
CA GLU PA 14 67.37 42.00 0.25
C GLU PA 14 67.93 43.42 0.40
N THR PA 15 67.47 44.11 1.44
CA THR PA 15 67.91 45.49 1.64
C THR PA 15 69.42 45.56 1.79
N GLY PA 16 70.05 46.35 0.91
CA GLY PA 16 71.49 46.48 0.89
C GLY PA 16 72.17 45.73 -0.23
N GLU PA 17 71.42 45.31 -1.25
CA GLU PA 17 72.00 44.53 -2.33
C GLU PA 17 71.91 45.37 -3.60
N SER PA 18 71.90 44.71 -4.75
CA SER PA 18 71.96 45.43 -6.02
C SER PA 18 71.34 44.59 -7.12
N LEU PA 19 70.31 45.13 -7.76
CA LEU PA 19 69.63 44.49 -8.89
C LEU PA 19 70.04 45.10 -10.21
N THR PA 20 70.27 44.24 -11.20
CA THR PA 20 70.50 44.64 -12.58
C THR PA 20 69.31 44.25 -13.44
N ILE PA 21 68.76 45.23 -14.16
CA ILE PA 21 67.68 45.02 -15.11
C ILE PA 21 68.25 45.29 -16.50
N ASN PA 22 68.14 44.32 -17.39
CA ASN PA 22 68.67 44.47 -18.74
C ASN PA 22 67.53 44.52 -19.75
N CYS PA 23 67.70 45.36 -20.77
CA CYS PA 23 66.74 45.51 -21.85
C CYS PA 23 67.47 45.30 -23.18
N VAL PA 24 66.84 44.54 -24.07
CA VAL PA 24 67.40 44.25 -25.39
C VAL PA 24 66.46 44.81 -26.45
N LEU PA 25 67.01 45.58 -27.38
CA LEU PA 25 66.22 46.13 -28.47
C LEU PA 25 66.10 45.08 -29.57
N ARG PA 26 64.87 44.87 -30.04
CA ARG PA 26 64.63 44.00 -31.18
C ARG PA 26 64.25 44.79 -32.42
N ASP PA 27 63.87 46.06 -32.26
CA ASP PA 27 63.63 46.97 -33.37
C ASP PA 27 64.94 47.69 -33.68
N SER PA 28 65.46 47.47 -34.89
CA SER PA 28 66.73 48.07 -35.31
C SER PA 28 66.62 49.55 -35.68
N HIS PA 29 65.45 50.16 -35.50
CA HIS PA 29 65.32 51.60 -35.72
C HIS PA 29 65.46 52.40 -34.43
N CYS PA 30 65.31 51.75 -33.28
CA CYS PA 30 65.42 52.43 -32.00
C CYS PA 30 66.88 52.58 -31.63
N ALA PA 31 67.20 53.68 -30.95
CA ALA PA 31 68.57 54.00 -30.64
C ALA PA 31 68.85 53.78 -29.16
N THR PA 32 70.01 53.20 -28.88
CA THR PA 32 70.50 53.00 -27.51
C THR PA 32 71.07 54.27 -26.89
N SER PA 33 71.05 55.39 -27.62
CA SER PA 33 71.57 56.65 -27.12
C SER PA 33 70.53 57.42 -26.31
N SER PA 34 69.27 57.38 -26.74
CA SER PA 34 68.19 58.09 -26.06
C SER PA 34 67.36 57.10 -25.25
N THR PA 35 67.94 56.63 -24.15
CA THR PA 35 67.32 55.64 -23.29
C THR PA 35 66.74 56.33 -22.05
N TYR PA 36 65.63 55.79 -21.55
CA TYR PA 36 64.93 56.38 -20.42
C TYR PA 36 64.50 55.28 -19.47
N TRP PA 37 64.40 55.62 -18.18
CA TRP PA 37 64.00 54.71 -17.14
C TRP PA 37 62.91 55.34 -16.29
N TYR PA 38 61.92 54.52 -15.91
CA TYR PA 38 60.76 54.98 -15.16
C TYR PA 38 60.42 53.99 -14.06
N ARG PA 39 60.13 54.49 -12.86
CA ARG PA 39 59.69 53.65 -11.76
C ARG PA 39 58.29 54.05 -11.31
N LYS PA 40 57.51 53.04 -10.91
CA LYS PA 40 56.14 53.19 -10.40
C LYS PA 40 56.04 52.41 -9.11
N LYS PA 41 56.05 53.11 -7.98
CA LYS PA 41 55.97 52.41 -6.70
C LYS PA 41 54.61 51.76 -6.51
N SER PA 42 54.64 50.50 -6.09
CA SER PA 42 53.47 49.65 -5.89
C SER PA 42 52.34 50.36 -5.16
N GLY PA 43 51.18 50.42 -5.81
CA GLY PA 43 49.97 50.96 -5.23
C GLY PA 43 49.68 52.40 -5.57
N SER PA 44 50.65 53.13 -6.10
CA SER PA 44 50.45 54.50 -6.51
C SER PA 44 50.41 54.55 -8.03
N THR PA 45 49.75 55.57 -8.56
CA THR PA 45 49.49 55.63 -10.00
C THR PA 45 50.37 56.64 -10.74
N ASN PA 46 51.53 57.01 -10.22
CA ASN PA 46 52.40 57.94 -10.93
C ASN PA 46 53.70 57.23 -11.31
N GLU PA 47 54.02 57.25 -12.59
CA GLU PA 47 55.30 56.76 -13.08
C GLU PA 47 56.28 57.91 -13.06
N GLU PA 48 57.30 57.82 -12.21
CA GLU PA 48 58.32 58.86 -12.10
C GLU PA 48 59.55 58.47 -12.93
N SER PA 49 60.34 59.48 -13.29
CA SER PA 49 61.48 59.31 -14.18
C SER PA 49 62.77 59.20 -13.38
N ILE PA 50 63.45 58.06 -13.52
CA ILE PA 50 64.72 57.81 -12.84
C ILE PA 50 65.82 58.58 -13.58
N SER PA 51 66.69 59.22 -12.82
CA SER PA 51 67.76 60.02 -13.40
C SER PA 51 69.02 59.17 -13.49
N LYS PA 52 69.83 59.47 -14.51
CA LYS PA 52 70.99 58.66 -14.84
C LYS PA 52 72.16 59.23 -14.06
N GLY PA 53 72.46 58.66 -12.90
CA GLY PA 53 73.57 59.19 -12.14
C GLY PA 53 73.57 58.81 -10.67
N GLY PA 54 74.75 58.42 -10.16
CA GLY PA 54 74.90 58.11 -8.76
C GLY PA 54 74.54 56.69 -8.39
N ARG PA 55 73.36 56.52 -7.80
CA ARG PA 55 72.90 55.19 -7.42
C ARG PA 55 72.39 54.40 -8.62
N TYR PA 56 71.99 55.09 -9.68
CA TYR PA 56 71.48 54.45 -10.89
C TYR PA 56 72.55 54.52 -11.96
N VAL PA 57 73.21 53.40 -12.22
CA VAL PA 57 74.25 53.32 -13.23
C VAL PA 57 73.70 52.60 -14.45
N GLU PA 58 73.98 53.13 -15.63
CA GLU PA 58 73.46 52.60 -16.88
C GLU PA 58 74.60 52.10 -17.76
N THR PA 59 74.51 50.86 -18.20
CA THR PA 59 75.46 50.24 -19.12
C THR PA 59 74.79 50.04 -20.47
N VAL PA 60 75.35 50.62 -21.53
CA VAL PA 60 74.75 50.57 -22.86
C VAL PA 60 75.78 50.04 -23.87
N ASN PA 61 75.31 49.18 -24.78
CA ASN PA 61 76.07 48.65 -25.91
C ASN PA 61 75.27 48.78 -27.20
N SER PA 62 75.75 49.64 -28.10
CA SER PA 62 75.06 49.86 -29.37
C SER PA 62 75.22 48.70 -30.34
N GLY PA 63 76.27 47.89 -30.19
CA GLY PA 63 76.49 46.81 -31.15
C GLY PA 63 75.38 45.77 -31.15
N SER PA 64 75.04 45.24 -29.98
CA SER PA 64 73.92 44.31 -29.85
C SER PA 64 72.64 45.04 -29.47
N LYS PA 65 72.70 46.37 -29.37
CA LYS PA 65 71.57 47.22 -29.01
C LYS PA 65 70.94 46.77 -27.69
N SER PA 66 71.79 46.58 -26.69
CA SER PA 66 71.35 46.17 -25.36
C SER PA 66 71.87 47.18 -24.35
N PHE PA 67 71.02 47.56 -23.40
CA PHE PA 67 71.40 48.43 -22.30
C PHE PA 67 70.82 47.87 -21.01
N SER PA 68 71.49 48.19 -19.90
CA SER PA 68 71.09 47.73 -18.59
C SER PA 68 71.06 48.89 -17.61
N LEU PA 69 70.42 48.64 -16.46
CA LEU PA 69 70.33 49.62 -15.38
C LEU PA 69 70.53 48.87 -14.06
N ARG PA 70 71.75 48.89 -13.55
CA ARG PA 70 72.04 48.32 -12.25
C ARG PA 70 71.78 49.38 -11.18
N ILE PA 71 71.03 49.00 -10.15
CA ILE PA 71 70.68 49.89 -9.05
C ILE PA 71 71.40 49.38 -7.80
N ASN PA 72 72.16 50.26 -7.16
CA ASN PA 72 72.88 49.89 -5.95
C ASN PA 72 72.04 50.33 -4.74
N ASP PA 73 72.67 50.33 -3.55
CA ASP PA 73 72.07 50.60 -2.25
C ASP PA 73 70.55 50.40 -2.24
N LEU PA 74 70.09 49.16 -2.29
CA LEU PA 74 68.66 48.91 -2.33
C LEU PA 74 68.06 49.09 -0.95
N THR PA 75 66.98 49.85 -0.87
CA THR PA 75 66.22 49.94 0.35
C THR PA 75 64.90 49.20 0.14
N VAL PA 76 63.98 49.37 1.09
CA VAL PA 76 62.67 48.75 0.99
C VAL PA 76 61.70 49.71 0.31
N GLU PA 77 62.14 50.94 0.05
CA GLU PA 77 61.35 51.93 -0.65
C GLU PA 77 61.54 51.91 -2.17
N ASP PA 78 62.40 51.05 -2.70
CA ASP PA 78 62.64 50.96 -4.13
C ASP PA 78 61.91 49.78 -4.77
N SER PA 79 60.73 49.45 -4.27
CA SER PA 79 59.94 48.32 -4.77
C SER PA 79 58.81 48.85 -5.64
N GLY PA 80 58.82 48.47 -6.92
CA GLY PA 80 57.83 48.97 -7.85
C GLY PA 80 58.07 48.36 -9.21
N THR PA 81 57.26 48.81 -10.17
CA THR PA 81 57.36 48.33 -11.54
C THR PA 81 58.31 49.24 -12.30
N TYR PA 82 59.43 48.70 -12.75
CA TYR PA 82 60.43 49.47 -13.50
C TYR PA 82 60.33 49.12 -14.98
N ARG PA 83 60.26 50.14 -15.83
CA ARG PA 83 60.29 49.91 -17.27
C ARG PA 83 61.38 50.75 -17.91
N CYS PA 84 61.90 50.27 -19.04
CA CYS PA 84 62.86 51.02 -19.85
C CYS PA 84 62.14 51.53 -21.09
N ALA PA 85 62.72 52.55 -21.71
CA ALA PA 85 62.11 53.20 -22.87
C ALA PA 85 63.22 53.65 -23.81
N SER PA 86 62.87 53.75 -25.10
CA SER PA 86 63.86 54.14 -26.11
C SER PA 86 63.17 54.86 -27.25
N GLU PA 87 63.92 55.73 -27.92
CA GLU PA 87 63.42 56.56 -29.01
C GLU PA 87 63.85 56.00 -30.35
N CYS PA 88 62.89 55.67 -31.21
CA CYS PA 88 63.13 55.11 -32.53
C CYS PA 88 62.84 56.18 -33.59
N GLN PA 89 63.61 56.15 -34.67
CA GLN PA 89 63.42 57.10 -35.78
C GLN PA 89 64.08 56.54 -37.03
N TYR PA 90 63.27 56.33 -38.07
CA TYR PA 90 63.76 55.90 -39.37
C TYR PA 90 62.83 56.47 -40.44
N GLY PA 91 63.40 57.22 -41.38
CA GLY PA 91 62.60 57.84 -42.42
C GLY PA 91 61.68 58.92 -41.88
N LEU PA 92 60.40 58.81 -42.20
CA LEU PA 92 59.37 59.72 -41.70
C LEU PA 92 58.70 59.26 -40.42
N ALA PA 93 59.10 58.13 -39.85
CA ALA PA 93 58.40 57.58 -38.69
C ALA PA 93 59.26 57.74 -37.44
N GLU PA 94 58.62 58.13 -36.34
CA GLU PA 94 59.30 58.20 -35.06
C GLU PA 94 58.35 57.78 -33.94
N TYR PA 95 58.82 56.82 -33.14
CA TYR PA 95 58.01 56.19 -32.10
C TYR PA 95 58.92 55.81 -30.94
N ASP PA 96 58.32 55.27 -29.88
CA ASP PA 96 59.05 54.86 -28.69
C ASP PA 96 58.53 53.50 -28.20
N VAL PA 97 59.32 52.85 -27.34
CA VAL PA 97 59.06 51.47 -26.95
C VAL PA 97 59.24 51.29 -25.44
N TYR PA 98 58.52 50.30 -24.89
CA TYR PA 98 58.54 50.03 -23.45
C TYR PA 98 58.58 48.52 -23.19
N GLY PA 99 58.72 48.18 -21.90
CA GLY PA 99 58.76 46.80 -21.44
C GLY PA 99 57.93 46.48 -20.21
N GLY PA 100 58.55 45.79 -19.24
CA GLY PA 100 57.94 45.47 -17.97
C GLY PA 100 58.78 44.57 -17.07
N GLY PA 101 58.81 44.86 -15.78
CA GLY PA 101 59.60 44.12 -14.80
C GLY PA 101 59.50 44.69 -13.40
N THR PA 102 59.24 43.82 -12.42
CA THR PA 102 58.80 44.18 -11.08
C THR PA 102 59.88 43.88 -10.05
N VAL PA 103 59.94 44.72 -9.01
CA VAL PA 103 60.89 44.60 -7.92
C VAL PA 103 60.13 44.56 -6.60
N VAL PA 104 60.55 43.63 -5.72
CA VAL PA 104 60.07 43.57 -4.33
C VAL PA 104 61.30 43.39 -3.45
N THR PA 105 61.47 44.29 -2.48
CA THR PA 105 62.59 44.23 -1.54
C THR PA 105 62.07 44.10 -0.12
N VAL PA 106 62.57 43.10 0.60
CA VAL PA 106 62.20 42.88 1.99
C VAL PA 106 63.31 43.39 2.90
N ASN PA 107 63.00 43.52 4.19
CA ASN PA 107 63.88 44.13 5.17
C ASN PA 107 64.69 43.05 5.92
N ALA PA 108 65.61 43.52 6.77
CA ALA PA 108 66.59 42.68 7.43
C ALA PA 108 66.26 42.38 8.89
N ALA PA 109 65.05 42.72 9.34
CA ALA PA 109 64.48 42.21 10.59
C ALA PA 109 65.05 42.85 11.85
N ALA PA 110 66.13 43.63 11.73
CA ALA PA 110 66.72 44.35 12.86
C ALA PA 110 66.87 43.48 14.10
N HIS PA 111 67.94 42.68 14.15
CA HIS PA 111 68.15 41.64 15.16
C HIS PA 111 67.84 42.13 16.57
N HIS PA 112 67.08 41.32 17.31
CA HIS PA 112 66.58 41.69 18.64
C HIS PA 112 67.54 41.15 19.70
N HIS PA 113 68.13 42.06 20.48
CA HIS PA 113 69.07 41.67 21.51
C HIS PA 113 68.38 41.01 22.70
N ALA QA 2 27.19 80.14 -44.65
CA ALA QA 2 26.05 79.32 -45.02
C ALA QA 2 26.00 79.11 -46.53
N ARG QA 3 27.07 79.50 -47.22
CA ARG QA 3 27.15 79.46 -48.67
C ARG QA 3 25.95 80.18 -49.30
N VAL QA 4 25.92 81.50 -49.06
CA VAL QA 4 24.94 82.45 -49.57
C VAL QA 4 23.62 82.35 -48.80
N ASP QA 5 23.12 83.49 -48.33
CA ASP QA 5 21.90 83.59 -47.53
C ASP QA 5 21.04 84.74 -48.03
N GLN QA 6 19.85 84.43 -48.54
CA GLN QA 6 18.88 85.47 -48.89
C GLN QA 6 18.17 85.97 -47.63
N THR QA 7 18.05 87.30 -47.49
CA THR QA 7 17.57 87.88 -46.25
C THR QA 7 16.03 87.84 -46.14
N PRO QA 8 15.23 88.29 -47.12
CA PRO QA 8 13.78 88.26 -46.92
C PRO QA 8 13.22 86.85 -47.11
N GLN QA 9 12.49 86.35 -46.10
CA GLN QA 9 11.91 85.01 -46.15
C GLN QA 9 10.43 85.03 -46.47
N THR QA 10 9.62 85.69 -45.64
CA THR QA 10 8.20 85.85 -45.89
C THR QA 10 7.96 87.32 -46.17
N ILE QA 11 7.45 87.62 -47.35
CA ILE QA 11 7.18 88.99 -47.78
C ILE QA 11 5.70 89.11 -48.07
N THR QA 12 5.13 90.27 -47.74
CA THR QA 12 3.73 90.58 -47.98
C THR QA 12 3.68 91.96 -48.62
N LYS QA 13 3.40 91.99 -49.91
CA LYS QA 13 3.41 93.21 -50.69
C LYS QA 13 2.00 93.53 -51.18
N GLU QA 14 1.87 94.73 -51.72
CA GLU QA 14 0.63 95.30 -52.19
C GLU QA 14 0.51 95.07 -53.69
N THR QA 15 -0.73 95.16 -54.19
CA THR QA 15 -1.05 94.87 -55.58
C THR QA 15 -0.23 95.67 -56.59
N GLY QA 16 0.90 95.12 -57.05
CA GLY QA 16 1.70 95.80 -58.05
C GLY QA 16 2.98 96.46 -57.57
N GLU QA 17 3.55 96.04 -56.43
CA GLU QA 17 4.65 96.79 -55.85
C GLU QA 17 5.99 96.12 -56.11
N SER QA 18 6.99 96.46 -55.30
CA SER QA 18 8.38 96.05 -55.51
C SER QA 18 8.85 95.16 -54.38
N LEU QA 19 9.28 93.95 -54.72
CA LEU QA 19 9.90 93.06 -53.77
C LEU QA 19 11.41 93.07 -53.99
N THR QA 20 12.17 93.19 -52.90
CA THR QA 20 13.63 93.15 -52.97
C THR QA 20 14.16 91.92 -52.27
N ILE QA 21 14.95 91.11 -52.98
CA ILE QA 21 15.60 89.93 -52.43
C ILE QA 21 17.11 90.12 -52.49
N ASN QA 22 17.80 90.01 -51.35
CA ASN QA 22 19.24 90.17 -51.31
C ASN QA 22 19.90 88.83 -50.94
N CYS QA 23 21.01 88.51 -51.62
CA CYS QA 23 21.83 87.34 -51.31
C CYS QA 23 23.27 87.81 -51.13
N VAL QA 24 23.93 87.30 -50.09
CA VAL QA 24 25.27 87.72 -49.72
C VAL QA 24 26.21 86.52 -49.86
N LEU QA 25 27.32 86.72 -50.54
CA LEU QA 25 28.30 85.67 -50.72
C LEU QA 25 29.16 85.55 -49.47
N ARG QA 26 29.25 84.34 -48.92
CA ARG QA 26 30.07 84.06 -47.75
C ARG QA 26 31.29 83.21 -48.07
N ASP QA 27 31.29 82.54 -49.22
CA ASP QA 27 32.43 81.76 -49.69
C ASP QA 27 33.33 82.64 -50.56
N SER QA 28 34.58 82.81 -50.15
CA SER QA 28 35.48 83.64 -50.95
C SER QA 28 35.92 82.97 -52.25
N HIS QA 29 35.36 81.82 -52.61
CA HIS QA 29 35.64 81.21 -53.90
C HIS QA 29 34.64 81.62 -54.96
N CYS QA 30 33.48 82.07 -54.54
CA CYS QA 30 32.44 82.51 -55.46
C CYS QA 30 32.69 83.95 -55.87
N ALA QA 31 32.38 84.25 -57.12
CA ALA QA 31 32.65 85.56 -57.71
C ALA QA 31 31.32 86.28 -57.93
N THR QA 32 31.32 87.59 -57.69
CA THR QA 32 30.13 88.36 -58.00
C THR QA 32 29.97 88.60 -59.49
N SER QA 33 30.93 88.12 -60.29
CA SER QA 33 30.92 88.24 -61.75
C SER QA 33 30.24 87.07 -62.44
N SER QA 34 29.35 86.35 -61.75
CA SER QA 34 28.66 85.20 -62.31
C SER QA 34 27.34 84.98 -61.58
N THR QA 35 26.35 85.84 -61.83
CA THR QA 35 25.09 85.79 -61.10
C THR QA 35 23.99 85.12 -61.92
N TYR QA 36 23.15 84.35 -61.23
CA TYR QA 36 22.01 83.65 -61.80
C TYR QA 36 20.86 83.69 -60.78
N TRP QA 37 19.63 83.66 -61.29
CA TRP QA 37 18.44 83.71 -60.44
C TRP QA 37 17.41 82.68 -60.87
N TYR QA 38 16.73 82.08 -59.88
CA TYR QA 38 15.73 81.05 -60.15
C TYR QA 38 14.51 81.29 -59.27
N ARG QA 39 13.31 81.26 -59.86
CA ARG QA 39 12.06 81.38 -59.11
C ARG QA 39 11.13 80.20 -59.38
N LYS QA 40 10.18 79.99 -58.47
CA LYS QA 40 9.18 78.93 -58.56
C LYS QA 40 7.78 79.54 -58.49
N LYS QA 41 6.80 78.81 -59.02
CA LYS QA 41 5.40 79.20 -59.09
C LYS QA 41 4.56 78.17 -58.36
N SER QA 42 3.46 78.64 -57.75
CA SER QA 42 2.56 77.77 -57.00
C SER QA 42 2.28 76.47 -57.73
N GLY QA 43 2.65 75.35 -57.11
CA GLY QA 43 2.44 74.03 -57.67
C GLY QA 43 3.19 73.69 -58.94
N SER QA 44 3.83 74.69 -59.55
CA SER QA 44 4.57 74.45 -60.79
C SER QA 44 5.91 73.78 -60.50
N THR QA 45 6.39 73.02 -61.48
CA THR QA 45 7.63 72.25 -61.38
C THR QA 45 8.73 72.69 -62.34
N ASN QA 46 8.73 73.93 -62.81
CA ASN QA 46 9.76 74.39 -63.74
C ASN QA 46 10.65 75.43 -63.07
N GLU QA 47 11.96 75.21 -63.12
CA GLU QA 47 12.91 76.21 -62.63
C GLU QA 47 13.15 77.19 -63.77
N GLU QA 48 12.70 78.43 -63.59
CA GLU QA 48 12.84 79.46 -64.61
C GLU QA 48 14.01 80.40 -64.32
N SER QA 49 14.54 80.98 -65.40
CA SER QA 49 15.67 81.89 -65.34
C SER QA 49 15.18 83.33 -65.53
N ILE QA 50 15.37 84.15 -64.51
CA ILE QA 50 14.98 85.55 -64.56
C ILE QA 50 16.03 86.34 -65.34
N SER QA 51 15.58 87.23 -66.21
CA SER QA 51 16.49 88.01 -67.04
C SER QA 51 16.75 89.36 -66.40
N LYS QA 52 17.97 89.87 -66.62
CA LYS QA 52 18.43 91.13 -66.02
C LYS QA 52 18.16 92.27 -66.99
N GLY QA 53 17.07 93.00 -66.77
CA GLY QA 53 16.74 94.14 -67.60
C GLY QA 53 15.31 94.60 -67.49
N GLY QA 54 15.12 95.91 -67.30
CA GLY QA 54 13.78 96.47 -67.25
C GLY QA 54 13.09 96.36 -65.91
N ARG QA 55 12.16 95.41 -65.81
CA ARG QA 55 11.40 95.18 -64.58
C ARG QA 55 12.19 94.41 -63.53
N TYR QA 56 13.19 93.64 -63.95
CA TYR QA 56 14.05 92.86 -63.06
C TYR QA 56 15.40 93.58 -62.99
N VAL QA 57 15.66 94.28 -61.89
CA VAL QA 57 16.90 95.03 -61.73
C VAL QA 57 17.81 94.28 -60.75
N GLU QA 58 19.09 94.13 -61.13
CA GLU QA 58 20.09 93.47 -60.30
C GLU QA 58 21.24 94.43 -60.05
N THR QA 59 21.56 94.65 -58.78
CA THR QA 59 22.68 95.49 -58.36
C THR QA 59 23.78 94.64 -57.75
N VAL QA 60 25.01 94.81 -58.22
CA VAL QA 60 26.14 94.04 -57.71
C VAL QA 60 27.16 95.00 -57.12
N ASN QA 61 27.66 94.67 -55.93
CA ASN QA 61 28.73 95.40 -55.26
C ASN QA 61 29.73 94.36 -54.74
N SER QA 62 30.93 94.37 -55.32
CA SER QA 62 31.94 93.38 -54.96
C SER QA 62 32.51 93.60 -53.55
N GLY QA 63 32.36 94.79 -52.99
CA GLY QA 63 32.92 95.05 -51.66
C GLY QA 63 32.34 94.15 -50.59
N SER QA 64 31.02 94.07 -50.52
CA SER QA 64 30.36 93.17 -49.58
C SER QA 64 29.99 91.84 -50.23
N LYS QA 65 30.30 91.66 -51.51
CA LYS QA 65 29.98 90.43 -52.25
C LYS QA 65 28.49 90.10 -52.14
N SER QA 66 27.66 91.13 -52.30
CA SER QA 66 26.22 90.96 -52.16
C SER QA 66 25.52 91.55 -53.39
N PHE QA 67 24.46 90.87 -53.82
CA PHE QA 67 23.63 91.31 -54.92
C PHE QA 67 22.16 91.21 -54.55
N SER QA 68 21.36 92.04 -55.19
CA SER QA 68 19.94 92.18 -54.91
C SER QA 68 19.13 92.10 -56.20
N LEU QA 69 17.83 91.88 -56.07
CA LEU QA 69 16.92 91.77 -57.22
C LEU QA 69 15.61 92.48 -56.91
N ARG QA 70 15.46 93.73 -57.37
CA ARG QA 70 14.19 94.43 -57.24
C ARG QA 70 13.28 94.08 -58.41
N ILE QA 71 12.08 93.60 -58.11
CA ILE QA 71 11.08 93.24 -59.12
C ILE QA 71 9.86 94.14 -58.93
N ASN QA 72 9.50 94.87 -59.98
CA ASN QA 72 8.35 95.76 -59.93
C ASN QA 72 7.16 95.14 -60.63
N ASP QA 73 6.14 95.95 -60.90
CA ASP QA 73 4.88 95.52 -61.50
C ASP QA 73 4.50 94.15 -60.96
N LEU QA 74 4.07 94.10 -59.70
CA LEU QA 74 3.84 92.83 -59.02
C LEU QA 74 2.54 92.17 -59.43
N THR QA 75 2.63 91.40 -60.51
CA THR QA 75 1.56 90.48 -60.85
C THR QA 75 1.44 89.49 -59.70
N VAL QA 76 0.22 89.00 -59.47
CA VAL QA 76 -0.02 88.06 -58.37
C VAL QA 76 0.18 86.61 -58.81
N GLU QA 77 0.46 86.38 -60.09
CA GLU QA 77 0.76 85.04 -60.56
C GLU QA 77 2.22 84.67 -60.37
N ASP QA 78 3.03 85.58 -59.82
CA ASP QA 78 4.44 85.34 -59.54
C ASP QA 78 4.67 85.00 -58.08
N SER QA 79 3.77 84.24 -57.47
CA SER QA 79 3.87 83.93 -56.05
C SER QA 79 4.54 82.56 -55.93
N GLY QA 80 5.72 82.56 -55.32
CA GLY QA 80 6.49 81.33 -55.24
C GLY QA 80 7.81 81.54 -54.53
N THR QA 81 8.60 80.47 -54.53
CA THR QA 81 9.89 80.42 -53.86
C THR QA 81 11.01 80.81 -54.81
N TYR QA 82 11.75 81.86 -54.44
CA TYR QA 82 12.85 82.40 -55.22
C TYR QA 82 14.19 81.97 -54.62
N ARG QA 83 15.09 81.47 -55.47
CA ARG QA 83 16.45 81.11 -55.08
C ARG QA 83 17.46 81.87 -55.91
N CYS QA 84 18.62 82.15 -55.32
CA CYS QA 84 19.74 82.80 -56.00
C CYS QA 84 20.88 81.82 -56.22
N ALA QA 85 21.77 82.16 -57.16
CA ALA QA 85 22.87 81.28 -57.54
C ALA QA 85 24.08 82.11 -57.96
N SER QA 86 25.25 81.50 -57.85
CA SER QA 86 26.52 82.11 -58.20
C SER QA 86 27.53 81.03 -58.57
N GLU QA 87 28.49 81.39 -59.42
CA GLU QA 87 29.51 80.45 -59.89
C GLU QA 87 30.81 80.65 -59.13
N CYS QA 88 31.25 79.61 -58.42
CA CYS QA 88 32.46 79.59 -57.63
C CYS QA 88 33.48 78.69 -58.32
N GLN QA 89 34.75 79.05 -58.22
CA GLN QA 89 35.81 78.22 -58.82
C GLN QA 89 37.15 78.56 -58.20
N TYR QA 90 37.74 77.59 -57.51
CA TYR QA 90 39.09 77.71 -56.97
C TYR QA 90 39.94 76.54 -57.43
N GLY QA 91 41.08 76.85 -58.04
CA GLY QA 91 42.01 75.81 -58.48
C GLY QA 91 41.51 74.86 -59.55
N LEU QA 92 41.17 73.63 -59.18
CA LEU QA 92 40.62 72.66 -60.12
C LEU QA 92 39.12 72.42 -59.95
N ALA QA 93 38.47 73.08 -59.00
CA ALA QA 93 37.05 72.85 -58.69
C ALA QA 93 36.21 74.05 -59.09
N GLU QA 94 35.01 73.79 -59.59
CA GLU QA 94 34.05 74.84 -59.90
C GLU QA 94 32.64 74.38 -59.52
N TYR QA 95 31.94 75.17 -58.71
CA TYR QA 95 30.65 74.78 -58.19
C TYR QA 95 29.75 76.01 -58.08
N ASP QA 96 28.49 75.78 -57.69
CA ASP QA 96 27.52 76.86 -57.50
C ASP QA 96 26.70 76.61 -56.24
N VAL QA 97 26.01 77.65 -55.76
CA VAL QA 97 25.33 77.65 -54.47
C VAL QA 97 23.94 78.26 -54.63
N TYR QA 98 23.03 77.88 -53.71
CA TYR QA 98 21.61 78.22 -53.80
C TYR QA 98 21.09 78.72 -52.45
N GLY QA 99 19.81 79.15 -52.44
CA GLY QA 99 19.17 79.62 -51.22
C GLY QA 99 17.74 79.13 -51.04
N GLY QA 100 16.86 80.05 -50.63
CA GLY QA 100 15.43 79.77 -50.55
C GLY QA 100 14.62 80.88 -49.89
N GLY QA 101 13.43 81.20 -50.42
CA GLY QA 101 12.60 82.27 -49.88
C GLY QA 101 11.33 82.60 -50.66
N THR QA 102 10.19 82.77 -49.98
CA THR QA 102 8.87 82.84 -50.60
C THR QA 102 8.26 84.24 -50.57
N VAL QA 103 7.43 84.53 -51.59
CA VAL QA 103 6.74 85.81 -51.73
C VAL QA 103 5.23 85.54 -51.84
N VAL QA 104 4.43 86.35 -51.13
CA VAL QA 104 2.97 86.26 -51.21
C VAL QA 104 2.36 87.65 -51.40
N THR QA 105 1.46 87.80 -52.38
CA THR QA 105 0.82 89.08 -52.66
C THR QA 105 -0.63 88.87 -53.10
N VAL QA 106 -1.56 89.57 -52.43
CA VAL QA 106 -2.98 89.55 -52.77
C VAL QA 106 -3.38 90.80 -53.54
N ASN QA 107 -4.67 90.91 -53.90
CA ASN QA 107 -5.17 92.01 -54.73
C ASN QA 107 -5.95 93.02 -53.88
N ALA QA 108 -6.68 93.90 -54.56
CA ALA QA 108 -7.38 95.00 -53.90
C ALA QA 108 -8.85 95.00 -54.32
N ALA QA 109 -9.53 96.13 -54.10
CA ALA QA 109 -10.96 96.26 -54.33
C ALA QA 109 -11.33 96.88 -55.68
N ALA QA 110 -10.45 97.68 -56.28
CA ALA QA 110 -10.59 98.14 -57.65
C ALA QA 110 -11.60 99.27 -57.79
N HIS QA 111 -12.42 99.50 -56.76
CA HIS QA 111 -13.46 100.54 -56.76
C HIS QA 111 -14.32 100.48 -58.02
N HIS QA 112 -14.86 99.31 -58.30
CA HIS QA 112 -15.95 99.20 -59.27
C HIS QA 112 -17.30 99.52 -58.63
N HIS QA 113 -17.29 100.12 -57.44
CA HIS QA 113 -18.47 100.48 -56.65
C HIS QA 113 -19.65 99.52 -56.79
N ALA RA 2 30.49 36.93 -73.19
CA ALA RA 2 31.67 37.26 -72.40
C ALA RA 2 32.94 36.72 -73.05
N ARG RA 3 34.05 36.80 -72.31
CA ARG RA 3 35.34 36.46 -72.87
C ARG RA 3 35.45 34.97 -73.14
N VAL RA 4 36.11 34.64 -74.26
CA VAL RA 4 36.51 33.28 -74.62
C VAL RA 4 35.31 32.37 -74.74
N ASP RA 5 34.94 32.05 -75.97
CA ASP RA 5 33.79 31.20 -76.24
C ASP RA 5 34.32 29.99 -77.01
N GLN RA 6 34.43 28.87 -76.29
CA GLN RA 6 34.85 27.60 -76.85
C GLN RA 6 33.71 27.00 -77.65
N THR RA 7 33.98 26.59 -78.89
CA THR RA 7 32.89 26.24 -79.78
C THR RA 7 32.37 24.85 -79.42
N PRO RA 8 33.19 23.78 -79.43
CA PRO RA 8 32.63 22.49 -78.99
C PRO RA 8 32.55 22.40 -77.48
N GLN RA 9 31.44 22.82 -76.87
CA GLN RA 9 31.36 22.83 -75.41
C GLN RA 9 31.14 21.42 -74.88
N THR RA 10 30.01 20.81 -75.22
CA THR RA 10 29.69 19.44 -74.86
C THR RA 10 29.60 18.62 -76.13
N ILE RA 11 30.43 17.60 -76.23
CA ILE RA 11 30.48 16.75 -77.42
C ILE RA 11 30.20 15.31 -77.03
N THR RA 12 29.53 14.60 -77.93
CA THR RA 12 29.27 13.17 -77.80
C THR RA 12 29.62 12.59 -79.17
N LYS RA 13 30.76 11.92 -79.25
CA LYS RA 13 31.30 11.40 -80.49
C LYS RA 13 31.29 9.88 -80.49
N GLU RA 14 31.54 9.33 -81.67
CA GLU RA 14 31.50 7.90 -81.92
C GLU RA 14 32.90 7.33 -81.83
N THR RA 15 32.99 6.07 -81.40
CA THR RA 15 34.30 5.43 -81.27
C THR RA 15 34.98 5.38 -82.63
N GLY RA 16 36.10 6.07 -82.74
CA GLY RA 16 36.84 6.14 -83.99
C GLY RA 16 36.62 7.40 -84.78
N GLU RA 17 36.05 8.44 -84.19
CA GLU RA 17 35.70 9.65 -84.92
C GLU RA 17 36.48 10.84 -84.36
N SER RA 18 37.26 11.47 -85.23
CA SER RA 18 38.10 12.59 -84.82
C SER RA 18 37.23 13.78 -84.45
N LEU RA 19 37.32 14.23 -83.21
CA LEU RA 19 36.61 15.42 -82.78
C LEU RA 19 37.59 16.58 -82.72
N THR RA 20 37.16 17.72 -83.25
CA THR RA 20 37.96 18.93 -83.31
C THR RA 20 37.46 19.93 -82.28
N ILE RA 21 38.37 20.44 -81.46
CA ILE RA 21 38.03 21.38 -80.41
C ILE RA 21 38.61 22.75 -80.77
N ASN RA 22 37.72 23.73 -80.91
CA ASN RA 22 38.10 25.11 -81.20
C ASN RA 22 37.73 26.01 -80.03
N CYS RA 23 38.59 26.99 -79.77
CA CYS RA 23 38.32 28.02 -78.78
C CYS RA 23 38.44 29.35 -79.51
N VAL RA 24 37.48 30.23 -79.28
CA VAL RA 24 37.44 31.52 -79.95
C VAL RA 24 37.63 32.58 -78.88
N LEU RA 25 38.61 33.45 -79.08
CA LEU RA 25 38.88 34.49 -78.11
C LEU RA 25 37.93 35.66 -78.35
N ARG RA 26 37.31 36.14 -77.29
CA ARG RA 26 36.43 37.30 -77.36
C ARG RA 26 37.06 38.52 -76.71
N ASP RA 27 38.12 38.33 -75.92
CA ASP RA 27 38.91 39.43 -75.38
C ASP RA 27 40.05 39.73 -76.36
N SER RA 28 40.04 40.93 -76.93
CA SER RA 28 41.02 41.34 -77.93
C SER RA 28 42.39 41.71 -77.35
N HIS RA 29 42.79 41.09 -76.25
CA HIS RA 29 44.11 41.31 -75.67
C HIS RA 29 44.99 40.06 -75.59
N CYS RA 30 44.39 38.88 -75.66
CA CYS RA 30 45.13 37.61 -75.62
C CYS RA 30 45.66 37.21 -76.99
N ALA RA 31 46.80 36.51 -76.98
CA ALA RA 31 47.45 36.09 -78.21
C ALA RA 31 47.25 34.59 -78.39
N THR RA 32 46.91 34.18 -79.61
CA THR RA 32 46.76 32.78 -79.96
C THR RA 32 48.08 32.08 -80.24
N SER RA 33 49.21 32.77 -80.08
CA SER RA 33 50.51 32.17 -80.36
C SER RA 33 51.05 31.40 -79.15
N SER RA 34 50.85 31.93 -77.95
CA SER RA 34 51.26 31.23 -76.73
C SER RA 34 50.01 30.63 -76.11
N THR RA 35 49.54 29.57 -76.78
CA THR RA 35 48.31 28.88 -76.44
C THR RA 35 48.65 27.68 -75.57
N TYR RA 36 47.73 27.37 -74.66
CA TYR RA 36 47.90 26.29 -73.72
C TYR RA 36 46.64 25.46 -73.74
N TRP RA 37 46.80 24.17 -73.50
CA TRP RA 37 45.68 23.25 -73.48
C TRP RA 37 45.75 22.41 -72.21
N TYR RA 38 44.59 22.17 -71.64
CA TYR RA 38 44.46 21.44 -70.40
C TYR RA 38 43.37 20.41 -70.59
N ARG RA 39 43.66 19.17 -70.22
CA ARG RA 39 42.67 18.10 -70.22
C ARG RA 39 42.56 17.54 -68.82
N LYS RA 40 41.36 17.13 -68.43
CA LYS RA 40 41.12 16.45 -67.17
C LYS RA 40 40.28 15.24 -67.58
N LYS RA 41 40.89 14.05 -67.61
CA LYS RA 41 40.14 12.90 -68.06
C LYS RA 41 38.98 12.62 -67.11
N SER RA 42 37.79 12.46 -67.69
CA SER RA 42 36.58 12.18 -66.92
C SER RA 42 36.84 11.08 -65.90
N GLY RA 43 36.57 11.38 -64.64
CA GLY RA 43 36.77 10.47 -63.54
C GLY RA 43 38.01 10.75 -62.70
N SER RA 44 38.91 11.61 -63.18
CA SER RA 44 40.05 12.02 -62.38
C SER RA 44 39.84 13.47 -61.95
N THR RA 45 40.41 13.84 -60.80
CA THR RA 45 40.29 15.20 -60.29
C THR RA 45 41.59 15.98 -60.38
N ASN RA 46 42.52 15.54 -61.24
CA ASN RA 46 43.78 16.21 -61.47
C ASN RA 46 43.80 16.68 -62.92
N GLU RA 47 44.12 17.95 -63.13
CA GLU RA 47 44.21 18.51 -64.47
C GLU RA 47 45.59 18.26 -65.07
N GLU RA 48 45.62 17.49 -66.15
CA GLU RA 48 46.81 17.20 -66.93
C GLU RA 48 46.90 18.14 -68.12
N SER RA 49 48.11 18.23 -68.69
CA SER RA 49 48.37 19.09 -69.82
C SER RA 49 48.29 18.26 -71.10
N ILE RA 50 48.37 18.93 -72.25
CA ILE RA 50 48.34 18.25 -73.54
C ILE RA 50 49.65 18.51 -74.25
N SER RA 51 50.27 17.45 -74.73
CA SER RA 51 51.50 17.56 -75.51
C SER RA 51 51.07 17.45 -76.98
N LYS RA 52 51.18 18.54 -77.72
CA LYS RA 52 50.69 18.50 -79.09
C LYS RA 52 51.78 17.91 -79.97
N GLY RA 53 51.66 16.62 -80.24
CA GLY RA 53 52.62 15.90 -81.05
C GLY RA 53 51.98 15.10 -82.16
N GLY RA 54 51.55 15.78 -83.22
CA GLY RA 54 50.99 15.11 -84.37
C GLY RA 54 49.51 14.80 -84.31
N ARG RA 55 49.06 14.06 -83.29
CA ARG RA 55 47.64 13.73 -83.24
C ARG RA 55 46.81 14.93 -82.83
N TYR RA 56 47.40 15.84 -82.08
CA TYR RA 56 46.78 17.09 -81.65
C TYR RA 56 47.43 18.19 -82.45
N VAL RA 57 46.71 18.69 -83.44
CA VAL RA 57 47.20 19.70 -84.38
C VAL RA 57 46.62 21.03 -83.96
N GLU RA 58 47.42 22.08 -84.04
CA GLU RA 58 46.99 23.40 -83.60
C GLU RA 58 46.62 24.20 -84.84
N THR RA 59 45.40 23.96 -85.31
CA THR RA 59 44.82 24.69 -86.44
C THR RA 59 44.35 26.07 -85.97
N VAL RA 60 45.30 26.83 -85.44
CA VAL RA 60 44.99 28.15 -84.94
C VAL RA 60 44.59 29.03 -86.13
N ASN RA 61 43.58 29.84 -85.94
CA ASN RA 61 43.16 30.81 -86.93
C ASN RA 61 43.44 32.17 -86.33
N SER RA 62 44.49 32.83 -86.83
CA SER RA 62 44.89 34.12 -86.30
C SER RA 62 43.93 35.22 -86.70
N GLY RA 63 43.19 35.04 -87.80
CA GLY RA 63 42.23 36.04 -88.23
C GLY RA 63 41.08 36.18 -87.25
N SER RA 64 40.51 35.05 -86.81
CA SER RA 64 39.40 35.05 -85.87
C SER RA 64 39.84 35.00 -84.42
N LYS RA 65 41.14 35.06 -84.15
CA LYS RA 65 41.67 35.01 -82.79
C LYS RA 65 41.19 33.73 -82.10
N SER RA 66 41.22 32.63 -82.85
CA SER RA 66 40.75 31.33 -82.41
C SER RA 66 41.83 30.30 -82.65
N PHE RA 67 41.88 29.28 -81.81
CA PHE RA 67 42.82 28.19 -82.00
C PHE RA 67 42.06 26.87 -81.95
N SER RA 68 42.60 25.87 -82.64
CA SER RA 68 41.93 24.60 -82.78
C SER RA 68 42.86 23.46 -82.40
N LEU RA 69 42.25 22.32 -82.11
CA LEU RA 69 43.00 21.13 -81.75
C LEU RA 69 42.29 19.96 -82.41
N ARG RA 70 43.06 18.93 -82.77
CA ARG RA 70 42.50 17.80 -83.49
C ARG RA 70 42.81 16.51 -82.76
N ILE RA 71 41.86 15.57 -82.78
CA ILE RA 71 42.07 14.23 -82.27
C ILE RA 71 42.00 13.31 -83.49
N ASN RA 72 42.38 12.06 -83.31
CA ASN RA 72 42.30 11.07 -84.37
C ASN RA 72 41.92 9.73 -83.75
N ASP RA 73 41.45 8.82 -84.61
CA ASP RA 73 40.94 7.51 -84.23
C ASP RA 73 40.46 7.47 -82.78
N LEU RA 74 39.34 8.12 -82.50
CA LEU RA 74 38.82 8.21 -81.14
C LEU RA 74 38.83 6.81 -80.52
N THR RA 75 39.30 6.71 -79.28
CA THR RA 75 39.32 5.39 -78.69
C THR RA 75 38.07 5.17 -77.84
N VAL RA 76 38.01 4.02 -77.16
CA VAL RA 76 36.84 3.73 -76.34
C VAL RA 76 37.05 4.17 -74.90
N GLU RA 77 38.29 4.45 -74.52
CA GLU RA 77 38.61 5.00 -73.21
C GLU RA 77 38.64 6.52 -73.25
N ASP RA 78 38.41 7.10 -74.43
CA ASP RA 78 38.44 8.54 -74.63
C ASP RA 78 37.42 9.23 -73.74
N SER RA 79 37.91 9.79 -72.64
CA SER RA 79 37.08 10.49 -71.66
C SER RA 79 37.91 11.64 -71.13
N GLY RA 80 37.44 12.87 -71.33
CA GLY RA 80 38.21 14.01 -70.88
C GLY RA 80 37.56 15.33 -71.14
N THR RA 81 37.75 16.26 -70.22
CA THR RA 81 37.17 17.59 -70.30
C THR RA 81 38.17 18.52 -70.97
N TYR RA 82 37.79 19.11 -72.08
CA TYR RA 82 38.68 20.01 -72.81
C TYR RA 82 38.62 21.39 -72.18
N ARG RA 83 39.78 21.89 -71.76
CA ARG RA 83 39.91 23.23 -71.22
C ARG RA 83 41.01 23.93 -72.00
N CYS RA 84 40.74 25.13 -72.51
CA CYS RA 84 41.77 25.91 -73.16
C CYS RA 84 42.11 27.14 -72.35
N ALA RA 85 43.31 27.67 -72.62
CA ALA RA 85 43.88 28.78 -71.88
C ALA RA 85 44.79 29.55 -72.82
N SER RA 86 45.07 30.80 -72.47
CA SER RA 86 45.94 31.62 -73.27
C SER RA 86 46.70 32.56 -72.33
N GLU RA 87 47.92 32.92 -72.74
CA GLU RA 87 48.77 33.77 -71.91
C GLU RA 87 48.72 35.19 -72.43
N CYS RA 88 47.62 35.86 -72.10
CA CYS RA 88 47.40 37.25 -72.52
C CYS RA 88 48.47 38.15 -71.92
N GLN RA 89 48.78 39.23 -72.63
CA GLN RA 89 49.81 40.14 -72.14
C GLN RA 89 49.60 41.52 -72.73
N TYR RA 90 49.51 42.53 -71.86
CA TYR RA 90 49.46 43.92 -72.31
C TYR RA 90 50.73 44.59 -71.80
N GLY RA 91 50.68 45.87 -71.46
CA GLY RA 91 51.85 46.56 -70.99
C GLY RA 91 52.44 46.01 -69.71
N LEU RA 92 51.76 46.25 -68.58
CA LEU RA 92 52.13 45.74 -67.28
C LEU RA 92 51.48 44.39 -66.95
N ALA RA 93 50.14 44.35 -66.93
CA ALA RA 93 49.37 43.18 -66.51
C ALA RA 93 49.63 41.96 -67.39
N GLU RA 94 49.61 40.79 -66.76
CA GLU RA 94 49.73 39.51 -67.45
C GLU RA 94 48.72 38.57 -66.81
N TYR RA 95 47.83 37.98 -67.62
CA TYR RA 95 46.76 37.16 -67.08
C TYR RA 95 46.45 36.03 -68.07
N ASP RA 96 45.50 35.18 -67.69
CA ASP RA 96 45.05 34.10 -68.55
C ASP RA 96 43.53 34.03 -68.55
N VAL RA 97 42.99 33.33 -69.55
CA VAL RA 97 41.56 33.28 -69.81
C VAL RA 97 41.20 31.82 -70.09
N TYR RA 98 39.94 31.48 -69.84
CA TYR RA 98 39.52 30.09 -69.95
C TYR RA 98 38.19 29.96 -70.67
N GLY RA 99 37.82 28.71 -70.94
CA GLY RA 99 36.62 28.33 -71.65
C GLY RA 99 35.86 27.22 -70.95
N GLY RA 100 35.54 26.15 -71.67
CA GLY RA 100 34.86 25.00 -71.10
C GLY RA 100 34.55 23.92 -72.11
N GLY RA 101 34.62 22.65 -71.70
CA GLY RA 101 34.38 21.57 -72.65
C GLY RA 101 34.47 20.15 -72.13
N THR RA 102 33.46 19.33 -72.45
CA THR RA 102 33.36 17.97 -71.97
C THR RA 102 33.32 17.02 -73.17
N VAL RA 103 33.92 15.83 -73.05
CA VAL RA 103 33.91 14.84 -74.12
C VAL RA 103 33.35 13.52 -73.61
N VAL RA 104 32.49 12.89 -74.40
CA VAL RA 104 31.96 11.56 -74.09
C VAL RA 104 32.05 10.66 -75.32
N THR RA 105 32.68 9.50 -75.16
CA THR RA 105 32.79 8.52 -76.24
C THR RA 105 32.11 7.23 -75.80
N VAL RA 106 31.15 6.77 -76.59
CA VAL RA 106 30.47 5.51 -76.28
C VAL RA 106 30.98 4.39 -77.18
N ARG SA 1 -30.07 40.62 -100.99
CA ARG SA 1 -29.23 41.78 -101.30
C ARG SA 1 -27.90 41.69 -100.57
N SER SA 2 -27.12 40.66 -100.89
CA SER SA 2 -25.84 40.44 -100.25
C SER SA 2 -24.84 39.89 -101.26
N SER SA 3 -23.56 40.04 -100.95
CA SER SA 3 -22.48 39.55 -101.78
C SER SA 3 -21.20 39.52 -100.94
N SER SA 4 -20.12 39.06 -101.58
CA SER SA 4 -18.77 39.11 -101.01
C SER SA 4 -17.82 39.56 -102.11
N ARG SA 5 -16.70 40.17 -101.72
CA ARG SA 5 -15.77 40.69 -102.71
C ARG SA 5 -14.32 40.30 -102.46
N THR SA 6 -13.95 40.12 -101.20
CA THR SA 6 -12.57 39.72 -100.98
C THR SA 6 -12.50 38.27 -100.50
N PRO SA 7 -11.47 37.52 -100.90
CA PRO SA 7 -11.34 36.13 -100.43
C PRO SA 7 -10.87 36.00 -99.00
N SER SA 8 -9.59 36.29 -98.74
CA SER SA 8 -8.94 36.15 -97.43
C SER SA 8 -8.76 34.68 -97.11
N ASP SA 9 -7.80 34.34 -96.25
CA ASP SA 9 -7.50 32.92 -96.06
C ASP SA 9 -7.09 32.52 -94.65
N LYS SA 10 -6.37 33.37 -93.95
CA LYS SA 10 -5.76 33.00 -92.68
C LYS SA 10 -6.84 32.62 -91.66
N PRO SA 11 -6.80 31.43 -91.06
CA PRO SA 11 -7.79 31.14 -90.00
C PRO SA 11 -7.71 32.21 -88.92
N VAL SA 12 -8.86 32.80 -88.59
CA VAL SA 12 -8.91 33.97 -87.71
C VAL SA 12 -10.17 33.92 -86.85
N ALA SA 13 -10.09 34.62 -85.72
CA ALA SA 13 -11.19 34.73 -84.79
C ALA SA 13 -10.96 35.95 -83.91
N HIS SA 14 -12.02 36.73 -83.72
CA HIS SA 14 -12.03 37.85 -82.79
C HIS SA 14 -13.45 37.90 -82.24
N VAL SA 15 -13.65 37.34 -81.06
CA VAL SA 15 -14.97 37.24 -80.44
C VAL SA 15 -15.05 38.23 -79.29
N VAL SA 16 -16.26 38.73 -79.04
CA VAL SA 16 -16.50 39.76 -78.04
C VAL SA 16 -17.54 39.23 -77.06
N ALA SA 17 -17.47 39.69 -75.82
CA ALA SA 17 -18.39 39.20 -74.81
C ALA SA 17 -19.83 39.59 -75.13
N ASN SA 18 -20.76 38.77 -74.64
CA ASN SA 18 -22.18 39.01 -74.86
C ASN SA 18 -22.66 40.12 -73.93
N PRO SA 19 -23.20 41.23 -74.45
CA PRO SA 19 -23.72 42.27 -73.56
C PRO SA 19 -24.95 41.82 -72.79
N GLN SA 20 -25.77 40.96 -73.39
CA GLN SA 20 -26.96 40.42 -72.73
C GLN SA 20 -26.65 39.17 -71.91
N ALA SA 21 -25.42 39.08 -71.38
CA ALA SA 21 -24.93 38.02 -70.51
C ALA SA 21 -24.73 38.69 -69.15
N GLU SA 22 -25.75 38.61 -68.30
CA GLU SA 22 -25.78 39.40 -67.08
C GLU SA 22 -24.60 39.06 -66.17
N GLY SA 23 -24.30 37.78 -66.00
CA GLY SA 23 -23.23 37.45 -65.08
C GLY SA 23 -22.25 36.40 -65.53
N GLN SA 24 -21.94 36.37 -66.83
CA GLN SA 24 -21.04 35.36 -67.36
C GLN SA 24 -20.32 35.90 -68.59
N LEU SA 25 -19.21 35.24 -68.95
CA LEU SA 25 -18.37 35.62 -70.07
C LEU SA 25 -18.63 34.66 -71.23
N GLN SA 26 -19.63 35.00 -72.05
CA GLN SA 26 -19.97 34.23 -73.23
C GLN SA 26 -19.45 34.93 -74.48
N TRP SA 27 -18.64 34.23 -75.27
CA TRP SA 27 -18.01 34.79 -76.45
C TRP SA 27 -18.94 34.71 -77.66
N LEU SA 28 -19.06 35.83 -78.38
CA LEU SA 28 -19.93 35.96 -79.55
C LEU SA 28 -19.15 36.40 -80.78
N ASN SA 29 -19.65 36.00 -81.97
CA ASN SA 29 -19.04 36.40 -83.23
C ASN SA 29 -20.02 37.09 -84.16
N ARG SA 30 -21.33 36.97 -83.92
CA ARG SA 30 -22.33 37.55 -84.82
C ARG SA 30 -22.64 38.99 -84.40
N ARG SA 31 -21.57 39.80 -84.42
CA ARG SA 31 -21.62 41.22 -84.11
C ARG SA 31 -20.72 41.94 -85.09
N ALA SA 32 -21.10 43.19 -85.42
CA ALA SA 32 -20.50 44.03 -86.45
C ALA SA 32 -19.03 43.76 -86.75
N ASN SA 33 -18.14 44.24 -85.89
CA ASN SA 33 -16.69 44.13 -86.10
C ASN SA 33 -16.08 42.95 -85.37
N ALA SA 34 -16.69 41.78 -85.53
CA ALA SA 34 -16.19 40.53 -84.97
C ALA SA 34 -16.01 39.52 -86.08
N LEU SA 35 -15.03 38.62 -85.89
CA LEU SA 35 -14.66 37.66 -86.91
C LEU SA 35 -14.52 36.27 -86.31
N LEU SA 36 -14.84 35.25 -87.11
CA LEU SA 36 -14.60 33.86 -86.77
C LEU SA 36 -14.79 33.01 -88.02
N ALA SA 37 -13.71 32.73 -88.76
CA ALA SA 37 -13.86 32.12 -90.07
C ALA SA 37 -12.66 31.24 -90.40
N ASN SA 38 -12.78 30.56 -91.54
CA ASN SA 38 -11.74 29.70 -92.11
C ASN SA 38 -11.42 28.49 -91.24
N GLY SA 39 -12.42 27.92 -90.56
CA GLY SA 39 -12.30 26.62 -89.93
C GLY SA 39 -12.29 26.63 -88.42
N VAL SA 40 -11.98 27.78 -87.79
CA VAL SA 40 -11.92 27.84 -86.33
C VAL SA 40 -13.28 27.58 -85.71
N GLU SA 41 -13.31 26.70 -84.73
CA GLU SA 41 -14.53 26.36 -84.01
C GLU SA 41 -14.52 27.05 -82.64
N LEU SA 42 -15.71 27.16 -82.05
CA LEU SA 42 -15.83 27.63 -80.67
C LEU SA 42 -16.68 26.60 -79.93
N ARG SA 43 -16.02 25.62 -79.30
CA ARG SA 43 -16.68 24.60 -78.51
C ARG SA 43 -16.69 24.97 -77.04
N ASP SA 44 -17.89 25.04 -76.46
CA ASP SA 44 -18.11 25.42 -75.06
C ASP SA 44 -17.20 26.55 -74.58
N ASN SA 45 -17.40 27.75 -75.11
CA ASN SA 45 -16.56 28.92 -74.78
C ASN SA 45 -15.06 28.66 -74.96
N GLN SA 46 -14.67 27.84 -75.93
CA GLN SA 46 -13.26 27.53 -76.13
C GLN SA 46 -12.95 27.59 -77.62
N LEU SA 47 -11.77 28.11 -77.96
CA LEU SA 47 -11.36 28.18 -79.35
C LEU SA 47 -10.60 26.92 -79.74
N VAL SA 48 -10.98 26.32 -80.85
CA VAL SA 48 -10.40 25.06 -81.32
C VAL SA 48 -9.51 25.37 -82.51
N VAL SA 49 -8.22 25.09 -82.37
CA VAL SA 49 -7.27 25.36 -83.45
C VAL SA 49 -7.53 24.40 -84.61
N PRO SA 50 -7.67 24.89 -85.85
CA PRO SA 50 -8.04 24.01 -86.95
C PRO SA 50 -6.85 23.40 -87.67
N SER SA 51 -5.65 23.95 -87.46
CA SER SA 51 -4.47 23.47 -88.16
C SER SA 51 -3.24 23.79 -87.34
N GLU SA 52 -2.22 22.94 -87.45
CA GLU SA 52 -0.98 23.17 -86.72
C GLU SA 52 -0.20 24.30 -87.38
N GLY SA 53 0.37 25.16 -86.54
CA GLY SA 53 1.13 26.29 -87.04
C GLY SA 53 1.36 27.29 -85.92
N LEU SA 54 1.86 28.47 -86.32
CA LEU SA 54 2.12 29.54 -85.38
C LEU SA 54 0.94 30.50 -85.32
N TYR SA 55 0.44 30.74 -84.10
CA TYR SA 55 -0.72 31.62 -83.91
C TYR SA 55 -0.36 32.77 -82.98
N LEU SA 56 -1.07 33.88 -83.13
CA LEU SA 56 -0.97 35.02 -82.23
C LEU SA 56 -2.26 35.12 -81.41
N ILE SA 57 -2.10 35.11 -80.07
CA ILE SA 57 -3.21 35.10 -79.13
C ILE SA 57 -3.24 36.43 -78.39
N TYR SA 58 -4.43 37.02 -78.28
CA TYR SA 58 -4.61 38.27 -77.57
C TYR SA 58 -6.00 38.27 -76.93
N SER SA 59 -6.14 39.03 -75.85
CA SER SA 59 -7.43 39.17 -75.18
C SER SA 59 -7.36 40.35 -74.22
N GLN SA 60 -8.50 41.05 -74.07
CA GLN SA 60 -8.61 42.13 -73.10
C GLN SA 60 -9.87 41.94 -72.27
N VAL SA 61 -9.76 42.26 -70.97
CA VAL SA 61 -10.89 42.23 -70.06
C VAL SA 61 -10.87 43.52 -69.23
N LEU SA 62 -12.05 44.11 -69.02
CA LEU SA 62 -12.18 45.34 -68.24
C LEU SA 62 -13.03 45.08 -67.00
N PHE SA 63 -12.50 45.43 -65.83
CA PHE SA 63 -13.20 45.26 -64.57
C PHE SA 63 -13.70 46.59 -64.02
N LYS SA 64 -14.94 46.60 -63.55
CA LYS SA 64 -15.55 47.78 -62.93
C LYS SA 64 -16.30 47.38 -61.67
N GLY SA 65 -16.12 48.15 -60.62
CA GLY SA 65 -16.89 47.98 -59.41
C GLY SA 65 -17.30 49.34 -58.88
N GLN SA 66 -18.45 49.37 -58.21
CA GLN SA 66 -19.01 50.63 -57.70
C GLN SA 66 -18.81 50.74 -56.20
N GLY SA 67 -17.59 50.49 -55.75
CA GLY SA 67 -17.24 50.55 -54.35
C GLY SA 67 -16.35 49.36 -54.04
N CYS SA 68 -15.52 49.51 -53.02
CA CYS SA 68 -14.59 48.48 -52.60
C CYS SA 68 -15.10 47.85 -51.31
N PRO SA 69 -15.61 46.63 -51.34
CA PRO SA 69 -16.17 46.06 -50.10
C PRO SA 69 -15.11 45.59 -49.12
N SER SA 70 -14.00 45.05 -49.63
CA SER SA 70 -12.94 44.54 -48.78
C SER SA 70 -11.66 44.55 -49.59
N THR SA 71 -10.59 45.11 -49.00
CA THR SA 71 -9.26 45.15 -49.60
C THR SA 71 -8.91 43.86 -50.34
N HIS SA 72 -9.22 42.71 -49.74
CA HIS SA 72 -8.90 41.41 -50.31
C HIS SA 72 -9.72 41.16 -51.58
N VAL SA 73 -9.25 41.71 -52.70
CA VAL SA 73 -9.85 41.46 -54.00
C VAL SA 73 -8.72 41.28 -54.99
N LEU SA 74 -8.77 40.19 -55.77
CA LEU SA 74 -7.76 39.88 -56.75
C LEU SA 74 -8.41 39.74 -58.12
N LEU SA 75 -7.95 40.50 -59.10
CA LEU SA 75 -8.46 40.40 -60.45
C LEU SA 75 -7.47 39.57 -61.24
N THR SA 76 -7.91 38.44 -61.76
CA THR SA 76 -7.03 37.56 -62.50
C THR SA 76 -7.59 37.31 -63.89
N HIS SA 77 -6.70 37.07 -64.84
CA HIS SA 77 -7.09 36.88 -66.23
C HIS SA 77 -6.01 36.03 -66.89
N THR SA 78 -6.38 34.84 -67.36
CA THR SA 78 -5.39 33.91 -67.89
C THR SA 78 -5.95 33.21 -69.12
N ILE SA 79 -5.10 32.98 -70.11
CA ILE SA 79 -5.42 32.26 -71.32
C ILE SA 79 -4.78 30.88 -71.23
N SER SA 80 -5.60 29.83 -71.40
CA SER SA 80 -5.14 28.47 -71.18
C SER SA 80 -5.07 27.69 -72.49
N ARG SA 81 -4.30 26.60 -72.46
CA ARG SA 81 -4.10 25.72 -73.61
C ARG SA 81 -4.09 24.28 -73.14
N ILE SA 82 -4.97 23.46 -73.70
CA ILE SA 82 -4.92 22.01 -73.53
C ILE SA 82 -4.59 21.38 -74.88
N ALA SA 83 -3.46 20.69 -74.95
CA ALA SA 83 -2.98 20.09 -76.18
C ALA SA 83 -3.27 18.60 -76.16
N VAL SA 84 -3.28 18.00 -77.36
CA VAL SA 84 -3.48 16.56 -77.43
C VAL SA 84 -2.30 15.81 -76.83
N SER SA 85 -1.11 16.41 -76.87
CA SER SA 85 0.08 15.75 -76.35
C SER SA 85 0.14 15.76 -74.82
N TYR SA 86 -0.37 16.81 -74.18
CA TYR SA 86 -0.33 16.92 -72.72
C TYR SA 86 -1.71 17.41 -72.29
N GLN SA 87 -2.54 16.47 -71.80
CA GLN SA 87 -3.97 16.70 -71.60
C GLN SA 87 -4.27 17.38 -70.26
N THR SA 88 -3.49 18.41 -69.91
CA THR SA 88 -3.71 19.19 -68.71
C THR SA 88 -3.70 20.67 -69.06
N LYS SA 89 -4.56 21.43 -68.39
CA LYS SA 89 -4.65 22.86 -68.61
C LYS SA 89 -3.39 23.57 -68.14
N VAL SA 90 -2.71 24.25 -69.06
CA VAL SA 90 -1.53 25.04 -68.76
C VAL SA 90 -1.78 26.47 -69.20
N ASN SA 91 -1.23 27.40 -68.43
CA ASN SA 91 -1.36 28.82 -68.72
C ASN SA 91 -0.33 29.25 -69.76
N LEU SA 92 -0.80 29.91 -70.83
CA LEU SA 92 0.10 30.51 -71.79
C LEU SA 92 0.41 31.96 -71.44
N LEU SA 93 -0.62 32.73 -71.11
CA LEU SA 93 -0.49 34.12 -70.73
C LEU SA 93 -1.36 34.37 -69.51
N SER SA 94 -0.84 35.14 -68.55
CA SER SA 94 -1.60 35.41 -67.34
C SER SA 94 -1.21 36.77 -66.78
N ALA SA 95 -2.15 37.40 -66.08
CA ALA SA 95 -1.90 38.67 -65.41
C ALA SA 95 -2.88 38.81 -64.25
N ILE SA 96 -2.41 39.47 -63.19
CA ILE SA 96 -3.19 39.73 -61.99
C ILE SA 96 -3.09 41.22 -61.68
N LYS SA 97 -4.17 41.76 -61.11
CA LYS SA 97 -4.23 43.18 -60.78
C LYS SA 97 -5.08 43.37 -59.54
N SER SA 98 -4.58 44.21 -58.62
CA SER SA 98 -5.31 44.54 -57.40
C SER SA 98 -5.95 45.92 -57.56
N PRO SA 99 -7.28 46.01 -57.60
CA PRO SA 99 -7.91 47.30 -57.90
C PRO SA 99 -8.02 48.18 -56.66
N CYS SA 100 -8.09 47.54 -55.49
CA CYS SA 100 -8.38 48.20 -54.22
C CYS SA 100 -7.21 48.04 -53.26
N GLN SA 101 -6.52 49.14 -53.00
CA GLN SA 101 -5.41 49.22 -52.06
C GLN SA 101 -5.93 49.72 -50.71
N ARG SA 102 -6.37 48.80 -49.85
CA ARG SA 102 -7.00 49.17 -48.56
C ARG SA 102 -8.17 50.08 -48.88
N GLU SA 103 -8.30 51.22 -48.21
CA GLU SA 103 -9.36 52.19 -48.44
C GLU SA 103 -10.68 51.62 -47.92
N THR SA 104 -11.46 50.98 -48.80
CA THR SA 104 -12.77 50.41 -48.48
C THR SA 104 -13.56 51.51 -47.79
N PRO SA 105 -14.46 52.20 -48.51
CA PRO SA 105 -15.06 53.47 -48.05
C PRO SA 105 -14.94 53.79 -46.55
N GLU SA 106 -13.72 54.16 -46.14
CA GLU SA 106 -13.44 54.61 -44.79
C GLU SA 106 -13.61 56.11 -44.65
N GLY SA 107 -13.50 56.85 -45.76
CA GLY SA 107 -13.79 58.26 -45.79
C GLY SA 107 -14.30 58.70 -47.15
N ALA SA 108 -14.81 57.75 -47.94
CA ALA SA 108 -15.30 58.04 -49.28
C ALA SA 108 -16.69 57.46 -49.50
N GLU SA 109 -17.18 57.52 -50.74
CA GLU SA 109 -18.50 57.00 -51.08
C GLU SA 109 -18.35 55.85 -52.06
N ALA SA 110 -19.37 55.58 -52.87
CA ALA SA 110 -19.24 54.57 -53.92
C ALA SA 110 -18.40 55.20 -55.02
N LYS SA 111 -17.12 54.87 -54.98
CA LYS SA 111 -16.09 55.39 -55.88
C LYS SA 111 -15.90 54.40 -57.01
N PRO SA 112 -16.51 54.62 -58.17
CA PRO SA 112 -16.42 53.61 -59.25
C PRO SA 112 -14.99 53.49 -59.75
N TRP SA 113 -14.45 52.28 -59.67
CA TRP SA 113 -13.12 51.98 -60.16
C TRP SA 113 -13.20 51.16 -61.44
N TYR SA 114 -12.26 51.41 -62.35
CA TYR SA 114 -12.16 50.69 -63.61
C TYR SA 114 -10.73 50.18 -63.76
N GLU SA 115 -10.57 48.91 -64.08
CA GLU SA 115 -9.25 48.35 -64.28
C GLU SA 115 -9.22 47.43 -65.50
N PRO SA 116 -8.46 47.76 -66.54
CA PRO SA 116 -8.34 46.86 -67.69
C PRO SA 116 -7.12 45.95 -67.59
N ILE SA 117 -7.15 44.82 -68.29
CA ILE SA 117 -6.04 43.86 -68.32
C ILE SA 117 -5.94 43.32 -69.74
N TYR SA 118 -4.71 43.30 -70.28
CA TYR SA 118 -4.48 42.84 -71.64
C TYR SA 118 -3.43 41.73 -71.62
N LEU SA 119 -3.61 40.75 -72.51
CA LEU SA 119 -2.75 39.59 -72.59
C LEU SA 119 -2.38 39.35 -74.05
N GLY SA 120 -1.13 38.97 -74.30
CA GLY SA 120 -0.73 38.67 -75.66
C GLY SA 120 0.56 37.91 -75.82
N GLY SA 121 0.61 37.01 -76.81
CA GLY SA 121 1.81 36.26 -77.08
C GLY SA 121 1.63 35.37 -78.29
N VAL SA 122 2.75 34.87 -78.80
CA VAL SA 122 2.79 33.98 -79.96
C VAL SA 122 3.13 32.58 -79.48
N PHE SA 123 2.44 31.58 -80.03
CA PHE SA 123 2.63 30.20 -79.62
C PHE SA 123 2.50 29.28 -80.82
N GLN SA 124 3.12 28.12 -80.71
CA GLN SA 124 2.96 27.07 -81.71
C GLN SA 124 1.87 26.13 -81.21
N LEU SA 125 0.78 26.04 -81.95
CA LEU SA 125 -0.34 25.19 -81.58
C LEU SA 125 -0.50 24.09 -82.62
N GLU SA 126 -1.00 22.95 -82.18
CA GLU SA 126 -1.21 21.82 -83.08
C GLU SA 126 -2.70 21.65 -83.30
N LYS SA 127 -3.04 20.75 -84.22
CA LYS SA 127 -4.43 20.49 -84.53
C LYS SA 127 -5.19 19.99 -83.31
N GLY SA 128 -6.37 20.55 -83.08
CA GLY SA 128 -7.23 20.13 -82.00
C GLY SA 128 -6.98 20.78 -80.65
N ASP SA 129 -6.00 21.68 -80.57
CA ASP SA 129 -5.75 22.37 -79.31
C ASP SA 129 -6.93 23.24 -78.93
N ARG SA 130 -7.27 23.24 -77.64
CA ARG SA 130 -8.42 23.98 -77.13
C ARG SA 130 -7.91 25.12 -76.24
N LEU SA 131 -8.03 26.33 -76.74
CA LEU SA 131 -7.67 27.51 -75.98
C LEU SA 131 -8.89 28.10 -75.32
N SER SA 132 -8.70 28.63 -74.12
CA SER SA 132 -9.81 29.17 -73.35
C SER SA 132 -9.35 30.40 -72.60
N ALA SA 133 -10.11 31.48 -72.73
CA ALA SA 133 -9.87 32.69 -71.97
C ALA SA 133 -10.86 32.73 -70.83
N GLU SA 134 -10.35 32.87 -69.60
CA GLU SA 134 -11.19 32.81 -68.41
C GLU SA 134 -10.73 33.85 -67.41
N ILE SA 135 -11.66 34.21 -66.52
CA ILE SA 135 -11.43 35.16 -65.45
C ILE SA 135 -12.05 34.59 -64.18
N ASN SA 136 -11.56 35.06 -63.04
CA ASN SA 136 -11.97 34.53 -61.75
C ASN SA 136 -13.26 35.17 -61.22
N ARG SA 137 -13.49 36.44 -61.53
CA ARG SA 137 -14.64 37.19 -61.02
C ARG SA 137 -15.51 37.67 -62.17
N PRO SA 138 -16.48 36.87 -62.61
CA PRO SA 138 -17.33 37.28 -63.74
C PRO SA 138 -18.39 38.31 -63.39
N ASP SA 139 -18.42 38.82 -62.17
CA ASP SA 139 -19.38 39.83 -61.75
C ASP SA 139 -18.86 41.27 -61.82
N TYR SA 140 -17.56 41.47 -62.10
CA TYR SA 140 -17.01 42.81 -62.25
C TYR SA 140 -16.78 43.20 -63.70
N LEU SA 141 -17.30 42.42 -64.63
CA LEU SA 141 -17.13 42.69 -66.06
C LEU SA 141 -17.92 43.91 -66.51
N ASP SA 142 -17.28 44.78 -67.30
CA ASP SA 142 -17.93 45.95 -67.91
C ASP SA 142 -17.96 45.83 -69.43
N PHE SA 143 -18.96 45.12 -69.97
CA PHE SA 143 -19.21 45.04 -71.40
C PHE SA 143 -20.38 45.92 -71.86
N ALA SA 144 -20.69 47.00 -71.13
CA ALA SA 144 -21.91 47.75 -71.40
C ALA SA 144 -21.82 48.60 -72.67
N GLU SA 145 -20.63 49.08 -73.05
CA GLU SA 145 -20.55 49.96 -74.20
C GLU SA 145 -20.10 49.26 -75.49
N SER SA 146 -18.82 48.96 -75.62
CA SER SA 146 -18.32 48.46 -76.90
C SER SA 146 -17.20 47.43 -76.78
N GLY SA 147 -16.16 47.60 -77.60
CA GLY SA 147 -14.99 46.73 -77.64
C GLY SA 147 -14.10 46.79 -76.42
N GLN SA 148 -14.69 46.67 -75.23
CA GLN SA 148 -13.92 46.72 -74.00
C GLN SA 148 -13.45 45.35 -73.53
N VAL SA 149 -14.12 44.27 -73.93
CA VAL SA 149 -13.71 42.91 -73.60
C VAL SA 149 -13.76 42.08 -74.88
N TYR SA 150 -12.69 41.35 -75.16
CA TYR SA 150 -12.58 40.58 -76.39
C TYR SA 150 -11.51 39.51 -76.22
N PHE SA 151 -11.39 38.66 -77.24
CA PHE SA 151 -10.50 37.51 -77.23
C PHE SA 151 -10.40 37.01 -78.66
N GLY SA 152 -9.18 36.77 -79.13
CA GLY SA 152 -9.01 36.40 -80.52
C GLY SA 152 -7.67 35.75 -80.80
N ILE SA 153 -7.61 35.06 -81.95
CA ILE SA 153 -6.40 34.44 -82.47
C ILE SA 153 -6.30 34.72 -83.96
N ILE SA 154 -5.07 34.67 -84.47
CA ILE SA 154 -4.83 34.84 -85.90
C ILE SA 154 -3.60 34.02 -86.30
N ALA SA 155 -3.72 33.24 -87.37
CA ALA SA 155 -2.62 32.44 -87.89
C ALA SA 155 -1.70 33.34 -88.71
N LEU SA 156 -0.45 33.51 -88.25
CA LEU SA 156 0.52 34.33 -88.97
C LEU SA 156 1.23 33.57 -90.09
N SER TA 4 6.43 14.32 -86.23
CA SER TA 4 6.41 15.64 -86.86
C SER TA 4 5.68 15.61 -88.20
N ARG TA 5 4.81 16.60 -88.41
CA ARG TA 5 3.96 16.68 -89.60
C ARG TA 5 3.92 18.05 -90.24
N THR TA 6 4.44 19.10 -89.59
CA THR TA 6 4.26 20.48 -90.02
C THR TA 6 5.56 21.08 -90.54
N PRO TA 7 5.49 22.08 -91.42
CA PRO TA 7 6.71 22.75 -91.88
C PRO TA 7 7.12 23.93 -91.01
N SER TA 8 8.25 24.53 -91.35
CA SER TA 8 8.85 25.67 -90.67
C SER TA 8 8.44 26.96 -91.37
N ASP TA 9 8.76 28.09 -90.73
CA ASP TA 9 8.33 29.39 -91.26
C ASP TA 9 9.42 30.45 -91.17
N LYS TA 10 9.06 31.62 -90.68
CA LYS TA 10 9.82 32.87 -90.61
C LYS TA 10 10.33 33.11 -89.20
N PRO TA 11 11.34 33.97 -89.03
CA PRO TA 11 11.91 34.20 -87.70
C PRO TA 11 10.88 34.47 -86.61
N VAL TA 12 11.00 33.75 -85.50
CA VAL TA 12 10.06 33.82 -84.41
C VAL TA 12 10.81 33.61 -83.09
N ALA TA 13 10.28 34.19 -82.01
CA ALA TA 13 10.84 34.03 -80.68
C ALA TA 13 9.79 34.41 -79.64
N HIS TA 14 9.67 33.58 -78.60
CA HIS TA 14 8.81 33.87 -77.46
C HIS TA 14 9.47 33.28 -76.22
N VAL TA 15 10.17 34.12 -75.46
CA VAL TA 15 10.94 33.69 -74.30
C VAL TA 15 10.24 34.15 -73.02
N VAL TA 16 10.40 33.37 -71.96
CA VAL TA 16 9.71 33.58 -70.68
C VAL TA 16 10.74 33.66 -69.56
N ALA TA 17 10.39 34.39 -68.49
CA ALA TA 17 11.29 34.60 -67.37
C ALA TA 17 11.56 33.30 -66.62
N ASN TA 18 12.74 33.24 -66.00
CA ASN TA 18 13.14 32.08 -65.21
C ASN TA 18 12.45 32.12 -63.85
N PRO TA 19 11.65 31.10 -63.49
CA PRO TA 19 10.99 31.13 -62.17
C PRO TA 19 11.95 30.93 -61.01
N GLN TA 20 12.96 30.08 -61.16
CA GLN TA 20 13.89 29.82 -60.08
C GLN TA 20 15.12 30.74 -60.10
N ALA TA 21 14.99 31.94 -60.66
CA ALA TA 21 16.06 32.92 -60.63
C ALA TA 21 15.61 34.16 -59.86
N GLU TA 22 15.19 33.99 -58.60
CA GLU TA 22 14.65 35.12 -57.86
C GLU TA 22 15.70 36.20 -57.61
N GLY TA 23 15.51 37.34 -58.25
CA GLY TA 23 16.42 38.46 -58.10
C GLY TA 23 16.90 39.04 -59.41
N GLN TA 24 16.62 38.33 -60.52
CA GLN TA 24 17.06 38.75 -61.83
C GLN TA 24 16.07 38.29 -62.89
N LEU TA 25 16.16 38.93 -64.06
CA LEU TA 25 15.31 38.69 -65.22
C LEU TA 25 16.10 37.92 -66.27
N GLN TA 26 16.08 36.59 -66.19
CA GLN TA 26 16.74 35.74 -67.17
C GLN TA 26 15.72 35.18 -68.15
N TRP TA 27 15.94 35.41 -69.44
CA TRP TA 27 15.02 34.94 -70.46
C TRP TA 27 15.35 33.50 -70.82
N LEU TA 28 14.32 32.66 -70.91
CA LEU TA 28 14.50 31.25 -71.21
C LEU TA 28 13.74 30.92 -72.49
N ASN TA 29 14.29 29.99 -73.28
CA ASN TA 29 13.60 29.51 -74.46
C ASN TA 29 13.38 28.02 -74.46
N ARG TA 30 14.14 27.28 -73.67
CA ARG TA 30 14.01 25.83 -73.58
C ARG TA 30 13.07 25.45 -72.44
N ARG TA 31 11.87 26.00 -72.52
CA ARG TA 31 10.83 25.70 -71.55
C ARG TA 31 9.49 25.61 -72.26
N ALA TA 32 8.65 24.70 -71.76
CA ALA TA 32 7.30 24.44 -72.29
C ALA TA 32 6.61 25.70 -72.80
N ASN TA 33 6.08 25.63 -74.02
CA ASN TA 33 5.40 26.73 -74.71
C ASN TA 33 6.28 27.98 -74.85
N ALA TA 34 7.53 27.78 -75.21
CA ALA TA 34 8.42 28.88 -75.54
C ALA TA 34 9.10 28.59 -76.87
N LEU TA 35 9.44 29.64 -77.60
CA LEU TA 35 10.04 29.45 -78.91
C LEU TA 35 11.25 30.37 -79.08
N LEU TA 36 12.24 29.87 -79.84
CA LEU TA 36 13.39 30.66 -80.28
C LEU TA 36 14.06 29.94 -81.44
N ALA TA 37 13.69 30.29 -82.67
CA ALA TA 37 14.11 29.53 -83.83
C ALA TA 37 14.14 30.42 -85.06
N ASN TA 38 14.63 29.83 -86.15
CA ASN TA 38 14.63 30.48 -87.47
C ASN TA 38 15.50 31.73 -87.51
N GLY TA 39 16.59 31.72 -86.76
CA GLY TA 39 17.64 32.70 -86.86
C GLY TA 39 17.76 33.64 -85.68
N VAL TA 40 16.70 33.81 -84.90
CA VAL TA 40 16.78 34.67 -83.73
C VAL TA 40 17.71 34.02 -82.71
N GLU TA 41 18.71 34.78 -82.27
CA GLU TA 41 19.69 34.32 -81.32
C GLU TA 41 19.48 34.99 -79.96
N LEU TA 42 19.76 34.23 -78.92
CA LEU TA 42 19.75 34.76 -77.56
C LEU TA 42 21.22 34.83 -77.14
N ARG TA 43 21.79 36.03 -77.20
CA ARG TA 43 23.19 36.24 -76.85
C ARG TA 43 23.35 36.50 -75.36
N ASP TA 44 23.08 37.73 -74.95
CA ASP TA 44 23.29 38.19 -73.59
C ASP TA 44 21.99 38.83 -73.11
N ASN TA 45 20.99 37.97 -72.85
CA ASN TA 45 19.63 38.40 -72.54
C ASN TA 45 19.10 39.32 -73.64
N GLN TA 46 19.53 39.06 -74.88
CA GLN TA 46 19.19 39.88 -76.04
C GLN TA 46 18.87 39.00 -77.23
N LEU TA 47 17.88 39.43 -78.01
CA LEU TA 47 17.49 38.75 -79.25
C LEU TA 47 18.20 39.40 -80.43
N VAL TA 48 18.76 38.56 -81.32
CA VAL TA 48 19.53 39.02 -82.47
C VAL TA 48 18.69 38.83 -83.72
N VAL TA 49 18.42 39.92 -84.42
CA VAL TA 49 17.58 39.88 -85.64
C VAL TA 49 18.35 39.16 -86.74
N PRO TA 50 17.77 38.16 -87.38
CA PRO TA 50 18.52 37.38 -88.38
C PRO TA 50 18.41 37.92 -89.79
N SER TA 51 17.42 38.77 -90.05
CA SER TA 51 17.22 39.27 -91.41
C SER TA 51 16.49 40.61 -91.34
N GLU TA 52 16.72 41.44 -92.36
CA GLU TA 52 16.07 42.73 -92.42
C GLU TA 52 14.60 42.55 -92.78
N GLY TA 53 13.72 43.30 -92.11
CA GLY TA 53 12.30 43.20 -92.38
C GLY TA 53 11.49 43.84 -91.26
N LEU TA 54 10.18 43.62 -91.32
CA LEU TA 54 9.24 44.15 -90.32
C LEU TA 54 8.94 43.11 -89.25
N TYR TA 55 9.10 43.50 -87.98
CA TYR TA 55 8.87 42.59 -86.86
C TYR TA 55 7.85 43.18 -85.89
N LEU TA 56 7.19 42.30 -85.13
CA LEU TA 56 6.30 42.69 -84.03
C LEU TA 56 6.94 42.29 -82.70
N ILE TA 57 7.12 43.28 -81.82
CA ILE TA 57 7.77 43.10 -80.52
C ILE TA 57 6.75 43.34 -79.43
N TYR TA 58 6.76 42.47 -78.41
CA TYR TA 58 5.84 42.57 -77.27
C TYR TA 58 6.52 42.06 -76.02
N SER TA 59 6.04 42.51 -74.86
CA SER TA 59 6.53 42.04 -73.58
C SER TA 59 5.56 42.44 -72.48
N GLN TA 60 5.40 41.55 -71.49
CA GLN TA 60 4.61 41.81 -70.29
C GLN TA 60 5.41 41.47 -69.05
N VAL TA 61 5.25 42.27 -68.01
CA VAL TA 61 5.83 42.00 -66.70
C VAL TA 61 4.74 42.24 -65.66
N LEU TA 62 4.69 41.38 -64.64
CA LEU TA 62 3.72 41.50 -63.56
C LEU TA 62 4.48 41.82 -62.28
N PHE TA 63 4.09 42.92 -61.62
CA PHE TA 63 4.73 43.36 -60.39
C PHE TA 63 3.85 43.06 -59.19
N LYS TA 64 4.45 42.50 -58.14
CA LYS TA 64 3.76 42.24 -56.90
C LYS TA 64 4.66 42.63 -55.74
N GLY TA 65 4.07 43.32 -54.76
CA GLY TA 65 4.77 43.66 -53.54
C GLY TA 65 3.89 43.46 -52.34
N GLN TA 66 4.51 43.29 -51.18
CA GLN TA 66 3.81 43.08 -49.93
C GLN TA 66 3.74 44.40 -49.18
N GLY TA 67 2.55 44.96 -49.07
CA GLY TA 67 2.37 46.24 -48.43
C GLY TA 67 2.91 47.38 -49.26
N CYS TA 68 2.37 48.58 -49.08
CA CYS TA 68 2.81 49.74 -49.84
C CYS TA 68 3.65 50.66 -48.97
N PRO TA 69 4.96 50.67 -49.13
CA PRO TA 69 5.80 51.54 -48.31
C PRO TA 69 5.71 52.99 -48.77
N SER TA 70 6.26 53.88 -47.95
CA SER TA 70 6.21 55.31 -48.20
C SER TA 70 7.44 55.83 -48.95
N THR TA 71 8.08 54.95 -49.71
CA THR TA 71 9.23 55.32 -50.52
C THR TA 71 8.83 56.06 -51.79
N HIS TA 72 7.63 55.78 -52.33
CA HIS TA 72 7.16 56.34 -53.60
C HIS TA 72 8.04 55.85 -54.72
N VAL TA 73 7.74 54.65 -55.23
CA VAL TA 73 8.48 54.01 -56.29
C VAL TA 73 7.75 54.16 -57.62
N LEU TA 74 8.53 54.27 -58.70
CA LEU TA 74 8.01 54.36 -60.06
C LEU TA 74 8.40 53.08 -60.79
N LEU TA 75 7.42 52.37 -61.31
CA LEU TA 75 7.64 51.10 -62.00
C LEU TA 75 7.64 51.36 -63.50
N THR TA 76 8.73 50.96 -64.17
CA THR TA 76 8.88 51.19 -65.60
C THR TA 76 9.19 49.88 -66.32
N HIS TA 77 8.90 49.86 -67.61
CA HIS TA 77 9.10 48.68 -68.45
C HIS TA 77 9.34 49.17 -69.88
N THR TA 78 10.49 48.81 -70.47
CA THR TA 78 10.89 49.35 -71.76
C THR TA 78 11.50 48.27 -72.66
N ILE TA 79 11.19 48.35 -73.95
CA ILE TA 79 11.82 47.55 -75.00
C ILE TA 79 12.72 48.46 -75.84
N SER TA 80 14.00 48.12 -75.93
CA SER TA 80 15.01 48.94 -76.59
C SER TA 80 15.60 48.23 -77.81
N ARG TA 81 16.25 49.00 -78.67
CA ARG TA 81 16.91 48.47 -79.85
C ARG TA 81 18.24 49.19 -80.03
N ILE TA 82 19.34 48.42 -80.09
CA ILE TA 82 20.65 48.93 -80.47
C ILE TA 82 20.99 48.37 -81.84
N ALA TA 83 21.09 49.24 -82.83
CA ALA TA 83 21.27 48.85 -84.22
C ALA TA 83 22.70 49.06 -84.69
N VAL TA 84 23.06 48.35 -85.76
CA VAL TA 84 24.34 48.57 -86.41
C VAL TA 84 24.35 49.94 -87.06
N SER TA 85 23.18 50.44 -87.46
CA SER TA 85 23.08 51.74 -88.11
C SER TA 85 23.23 52.87 -87.09
N TYR TA 86 22.73 52.69 -85.88
CA TYR TA 86 22.83 53.72 -84.85
C TYR TA 86 23.20 53.00 -83.55
N GLN TA 87 24.48 53.10 -83.16
CA GLN TA 87 25.04 52.28 -82.10
C GLN TA 87 24.74 52.87 -80.73
N THR TA 88 23.50 53.31 -80.52
CA THR TA 88 23.05 53.87 -79.25
C THR TA 88 21.75 53.21 -78.80
N LYS TA 89 21.62 53.02 -77.49
CA LYS TA 89 20.40 52.46 -76.93
C LYS TA 89 19.26 53.45 -77.08
N VAL TA 90 18.23 53.07 -77.84
CA VAL TA 90 17.02 53.86 -77.99
C VAL TA 90 15.83 53.00 -77.60
N ASN TA 91 14.88 53.58 -76.86
CA ASN TA 91 13.69 52.86 -76.46
C ASN TA 91 12.64 52.89 -77.57
N LEU TA 92 12.08 51.74 -77.86
CA LEU TA 92 11.00 51.58 -78.83
C LEU TA 92 9.63 51.70 -78.19
N LEU TA 93 9.42 51.03 -77.05
CA LEU TA 93 8.17 51.04 -76.32
C LEU TA 93 8.44 51.22 -74.83
N SER TA 94 7.57 51.97 -74.15
CA SER TA 94 7.76 52.25 -72.73
C SER TA 94 6.40 52.40 -72.06
N ALA TA 95 6.37 52.09 -70.76
CA ALA TA 95 5.19 52.27 -69.93
C ALA TA 95 5.62 52.47 -68.49
N ILE TA 96 4.87 53.30 -67.76
CA ILE TA 96 5.17 53.63 -66.37
C ILE TA 96 3.91 53.50 -65.52
N LYS TA 97 4.09 53.07 -64.27
CA LYS TA 97 2.99 52.95 -63.30
C LYS TA 97 3.50 53.20 -61.89
N SER TA 98 2.76 54.02 -61.14
CA SER TA 98 3.08 54.25 -59.73
C SER TA 98 2.11 53.43 -58.88
N PRO TA 99 2.57 52.38 -58.21
CA PRO TA 99 1.63 51.48 -57.53
C PRO TA 99 1.23 51.92 -56.14
N CYS TA 100 2.13 52.61 -55.42
CA CYS TA 100 1.93 52.87 -54.00
C CYS TA 100 1.86 54.36 -53.70
N GLN TA 101 0.65 54.81 -53.32
CA GLN TA 101 0.40 56.15 -52.80
C GLN TA 101 0.44 56.17 -51.27
N ARG TA 102 -0.43 55.38 -50.65
CA ARG TA 102 -0.59 55.37 -49.20
C ARG TA 102 0.56 54.64 -48.52
N GLU TA 103 0.75 54.96 -47.25
CA GLU TA 103 1.88 54.43 -46.49
C GLU TA 103 1.58 53.01 -46.03
N THR TA 104 2.62 52.32 -45.56
CA THR TA 104 2.50 50.96 -45.07
C THR TA 104 1.48 50.91 -43.92
N PRO TA 105 0.43 50.10 -44.03
CA PRO TA 105 -0.62 50.12 -43.01
C PRO TA 105 -0.06 49.90 -41.62
N GLU TA 106 -0.41 50.81 -40.71
CA GLU TA 106 -0.10 50.66 -39.30
C GLU TA 106 -1.21 49.94 -38.55
N GLY TA 107 -2.31 49.62 -39.24
CA GLY TA 107 -3.37 48.80 -38.72
C GLY TA 107 -3.98 48.01 -39.86
N ALA TA 108 -4.22 46.71 -39.63
CA ALA TA 108 -4.56 45.78 -40.71
C ALA TA 108 -3.48 45.80 -41.77
N GLU TA 109 -2.36 45.11 -41.49
CA GLU TA 109 -1.14 45.23 -42.28
C GLU TA 109 -1.16 44.23 -43.44
N ALA TA 110 0.02 43.99 -44.02
CA ALA TA 110 0.25 43.16 -45.20
C ALA TA 110 -0.82 43.34 -46.26
N LYS TA 111 -0.54 44.14 -47.27
CA LYS TA 111 -1.52 44.42 -48.33
C LYS TA 111 -0.80 44.17 -49.65
N PRO TA 112 -0.87 42.95 -50.17
CA PRO TA 112 -0.17 42.62 -51.43
C PRO TA 112 -0.86 43.33 -52.59
N TRP TA 113 -0.08 44.10 -53.34
CA TRP TA 113 -0.57 44.80 -54.51
C TRP TA 113 -0.06 44.13 -55.77
N TYR TA 114 -0.89 44.14 -56.81
CA TYR TA 114 -0.52 43.57 -58.10
C TYR TA 114 -0.75 44.61 -59.18
N GLU TA 115 0.26 44.86 -60.01
CA GLU TA 115 0.13 45.77 -61.13
C GLU TA 115 0.87 45.19 -62.34
N PRO TA 116 0.17 44.84 -63.42
CA PRO TA 116 0.85 44.37 -64.63
C PRO TA 116 1.10 45.47 -65.64
N ILE TA 117 2.03 45.23 -66.56
CA ILE TA 117 2.39 46.19 -67.59
C ILE TA 117 2.60 45.44 -68.91
N TYR TA 118 1.99 45.94 -69.99
CA TYR TA 118 2.07 45.30 -71.30
C TYR TA 118 2.56 46.30 -72.35
N LEU TA 119 3.37 45.80 -73.29
CA LEU TA 119 3.94 46.61 -74.35
C LEU TA 119 3.82 45.84 -75.67
N GLY TA 120 3.56 46.57 -76.76
CA GLY TA 120 3.51 45.94 -78.07
C GLY TA 120 3.57 46.90 -79.23
N GLY TA 121 4.25 46.52 -80.31
CA GLY TA 121 4.32 47.37 -81.49
C GLY TA 121 5.10 46.69 -82.60
N VAL TA 122 4.96 47.26 -83.80
CA VAL TA 122 5.62 46.78 -85.02
C VAL TA 122 6.68 47.78 -85.43
N PHE TA 123 7.86 47.26 -85.83
CA PHE TA 123 9.00 48.09 -86.20
C PHE TA 123 9.76 47.44 -87.34
N GLN TA 124 10.55 48.26 -88.04
CA GLN TA 124 11.46 47.79 -89.07
C GLN TA 124 12.85 47.61 -88.47
N LEU TA 125 13.38 46.39 -88.53
CA LEU TA 125 14.67 46.02 -87.95
C LEU TA 125 15.63 45.59 -89.04
N GLU TA 126 16.93 45.73 -88.76
CA GLU TA 126 17.99 45.35 -89.68
C GLU TA 126 18.71 44.10 -89.16
N LYS TA 127 19.55 43.53 -90.01
CA LYS TA 127 20.33 42.36 -89.64
C LYS TA 127 21.29 42.67 -88.51
N GLY TA 128 21.31 41.80 -87.51
CA GLY TA 128 22.25 41.93 -86.41
C GLY TA 128 21.82 42.88 -85.32
N ASP TA 129 20.66 43.51 -85.46
CA ASP TA 129 20.17 44.38 -84.39
C ASP TA 129 19.86 43.54 -83.17
N ARG TA 130 20.21 44.05 -81.99
CA ARG TA 130 20.02 43.32 -80.75
C ARG TA 130 18.95 44.03 -79.92
N LEU TA 131 17.82 43.35 -79.76
CA LEU TA 131 16.66 43.82 -79.02
C LEU TA 131 16.72 43.31 -77.57
N SER TA 132 16.25 44.14 -76.63
CA SER TA 132 16.29 43.82 -75.22
C SER TA 132 15.08 44.40 -74.49
N ALA TA 133 14.37 43.57 -73.73
CA ALA TA 133 13.31 44.01 -72.84
C ALA TA 133 13.78 43.97 -71.40
N GLU TA 134 13.66 45.08 -70.68
CA GLU TA 134 14.17 45.19 -69.32
C GLU TA 134 13.24 46.05 -68.48
N ILE TA 135 13.39 45.94 -67.16
CA ILE TA 135 12.66 46.74 -66.19
C ILE TA 135 13.64 47.25 -65.15
N ASN TA 136 13.25 48.32 -64.46
CA ASN TA 136 14.16 49.00 -63.55
C ASN TA 136 14.26 48.34 -62.19
N ARG TA 137 13.18 47.74 -61.68
CA ARG TA 137 13.17 47.13 -60.35
C ARG TA 137 12.81 45.66 -60.47
N PRO TA 138 13.80 44.79 -60.69
CA PRO TA 138 13.52 43.36 -60.82
C PRO TA 138 13.21 42.63 -59.52
N ASP TA 139 12.93 43.35 -58.43
CA ASP TA 139 12.59 42.71 -57.16
C ASP TA 139 11.10 42.48 -56.95
N TYR TA 140 10.23 43.00 -57.81
CA TYR TA 140 8.80 42.78 -57.67
C TYR TA 140 8.27 41.76 -58.68
N LEU TA 141 9.15 41.00 -59.33
CA LEU TA 141 8.73 40.04 -60.34
C LEU TA 141 7.91 38.93 -59.72
N ASP TA 142 6.80 38.58 -60.36
CA ASP TA 142 5.96 37.46 -59.94
C ASP TA 142 6.03 36.39 -61.02
N PHE TA 143 7.09 35.58 -60.97
CA PHE TA 143 7.23 34.41 -61.83
C PHE TA 143 6.84 33.12 -61.13
N ALA TA 144 5.98 33.20 -60.12
CA ALA TA 144 5.52 32.01 -59.42
C ALA TA 144 4.52 31.21 -60.25
N GLU TA 145 3.95 31.82 -61.29
CA GLU TA 145 2.97 31.17 -62.15
C GLU TA 145 3.43 31.28 -63.60
N SER TA 146 2.88 30.39 -64.43
CA SER TA 146 3.36 30.26 -65.80
C SER TA 146 2.89 31.41 -66.67
N GLY TA 147 3.82 32.00 -67.42
CA GLY TA 147 3.53 33.06 -68.37
C GLY TA 147 3.03 34.36 -67.77
N GLN TA 148 3.62 34.80 -66.66
CA GLN TA 148 3.29 36.10 -66.11
C GLN TA 148 4.28 37.17 -66.56
N VAL TA 149 5.49 36.76 -66.93
CA VAL TA 149 6.52 37.64 -67.50
C VAL TA 149 7.07 36.95 -68.74
N TYR TA 150 7.13 37.69 -69.84
CA TYR TA 150 7.56 37.13 -71.12
C TYR TA 150 7.99 38.27 -72.04
N PHE TA 151 8.52 37.88 -73.20
CA PHE TA 151 9.12 38.77 -74.19
C PHE TA 151 9.29 38.01 -75.49
N GLY TA 152 8.88 38.61 -76.61
CA GLY TA 152 8.95 37.90 -77.86
C GLY TA 152 8.87 38.83 -79.06
N ILE TA 153 9.34 38.31 -80.19
CA ILE TA 153 9.24 38.99 -81.47
C ILE TA 153 8.82 37.96 -82.51
N ILE TA 154 8.17 38.43 -83.57
CA ILE TA 154 7.81 37.55 -84.68
C ILE TA 154 7.80 38.39 -85.95
N ALA TA 155 8.47 37.91 -86.99
CA ALA TA 155 8.57 38.63 -88.26
C ALA TA 155 7.28 38.46 -89.06
N LEU TA 156 6.56 39.56 -89.25
CA LEU TA 156 5.35 39.55 -90.08
C LEU TA 156 5.71 39.79 -91.55
N THR UA 6 16.19 44.39 -102.28
CA THR UA 6 15.50 43.51 -101.35
C THR UA 6 14.43 44.29 -100.58
N PRO UA 7 13.22 44.34 -101.13
CA PRO UA 7 12.19 45.22 -100.57
C PRO UA 7 11.23 44.51 -99.61
N SER UA 8 10.35 45.29 -98.99
CA SER UA 8 9.31 44.79 -98.11
C SER UA 8 7.99 45.41 -98.54
N ASP UA 9 6.88 44.74 -98.18
CA ASP UA 9 5.59 45.16 -98.67
C ASP UA 9 4.53 44.95 -97.57
N LYS UA 10 3.27 45.16 -97.96
CA LYS UA 10 1.99 45.17 -97.24
C LYS UA 10 1.81 46.47 -96.45
N PRO UA 11 0.57 46.96 -96.38
CA PRO UA 11 0.29 48.19 -95.60
C PRO UA 11 0.69 48.08 -94.14
N VAL UA 12 1.41 49.10 -93.65
CA VAL UA 12 1.89 49.15 -92.28
C VAL UA 12 1.87 50.61 -91.81
N ALA UA 13 1.73 50.81 -90.50
CA ALA UA 13 1.74 52.15 -89.90
C ALA UA 13 2.00 52.06 -88.41
N HIS UA 14 2.85 52.96 -87.92
CA HIS UA 14 3.09 53.11 -86.48
C HIS UA 14 3.38 54.59 -86.21
N VAL UA 15 2.39 55.31 -85.69
CA VAL UA 15 2.51 56.74 -85.46
C VAL UA 15 2.67 56.98 -83.96
N VAL UA 16 3.43 58.02 -83.63
CA VAL UA 16 3.75 58.35 -82.25
C VAL UA 16 3.34 59.81 -82.01
N ALA UA 17 2.91 60.11 -80.79
CA ALA UA 17 2.47 61.48 -80.53
C ALA UA 17 3.66 62.42 -80.54
N ASN UA 18 3.41 63.65 -80.96
CA ASN UA 18 4.44 64.69 -80.98
C ASN UA 18 4.59 65.25 -79.57
N PRO UA 19 5.79 65.22 -78.97
CA PRO UA 19 5.94 65.79 -77.63
C PRO UA 19 5.68 67.27 -77.59
N GLN UA 20 5.89 67.97 -78.70
CA GLN UA 20 5.67 69.41 -78.80
C GLN UA 20 4.21 69.74 -79.17
N ALA UA 21 3.26 68.91 -78.74
CA ALA UA 21 1.83 69.08 -78.99
C ALA UA 21 1.13 69.47 -77.69
N GLU UA 22 0.89 70.77 -77.51
CA GLU UA 22 0.33 71.30 -76.28
C GLU UA 22 -1.07 70.77 -75.97
N GLY UA 23 -1.17 69.97 -74.92
CA GLY UA 23 -2.43 69.43 -74.46
C GLY UA 23 -3.29 68.75 -75.50
N GLN UA 24 -2.67 68.09 -76.48
CA GLN UA 24 -3.40 67.45 -77.57
C GLN UA 24 -2.65 66.21 -78.02
N LEU UA 25 -3.41 65.31 -78.65
CA LEU UA 25 -2.92 64.01 -79.12
C LEU UA 25 -2.81 64.08 -80.64
N GLN UA 26 -1.67 64.58 -81.11
CA GLN UA 26 -1.37 64.70 -82.53
C GLN UA 26 -0.37 63.64 -82.97
N TRP UA 27 -0.72 62.89 -84.01
CA TRP UA 27 0.08 61.78 -84.49
C TRP UA 27 1.17 62.27 -85.45
N LEU UA 28 2.40 61.77 -85.27
CA LEU UA 28 3.56 62.13 -86.09
C LEU UA 28 4.12 60.89 -86.77
N ASN UA 29 4.70 61.08 -87.96
CA ASN UA 29 5.29 60.00 -88.73
C ASN UA 29 6.76 60.20 -89.12
N ARG UA 30 7.26 61.44 -89.13
CA ARG UA 30 8.63 61.73 -89.55
C ARG UA 30 9.59 61.72 -88.36
N ARG UA 31 9.64 60.57 -87.67
CA ARG UA 31 10.55 60.38 -86.54
C ARG UA 31 11.14 58.99 -86.60
N ALA UA 32 12.37 58.86 -86.10
CA ALA UA 32 13.20 57.66 -86.13
C ALA UA 32 12.44 56.33 -86.16
N ASN UA 33 11.91 55.91 -85.01
CA ASN UA 33 11.24 54.61 -84.90
C ASN UA 33 9.73 54.75 -85.13
N ALA UA 34 9.39 55.12 -86.37
CA ALA UA 34 7.99 55.16 -86.76
C ALA UA 34 7.90 54.94 -88.26
N LEU UA 35 6.80 54.32 -88.69
CA LEU UA 35 6.59 53.97 -90.08
C LEU UA 35 5.16 54.30 -90.50
N LEU UA 36 4.99 54.60 -91.79
CA LEU UA 36 3.66 54.77 -92.38
C LEU UA 36 3.84 54.67 -93.91
N ALA UA 37 3.63 53.46 -94.44
CA ALA UA 37 3.99 53.18 -95.82
C ALA UA 37 3.08 52.11 -96.42
N ASN UA 38 3.27 51.89 -97.73
CA ASN UA 38 2.54 50.86 -98.47
C ASN UA 38 1.04 51.15 -98.53
N GLY UA 39 0.69 52.43 -98.59
CA GLY UA 39 -0.64 52.88 -98.90
C GLY UA 39 -1.39 53.52 -97.76
N VAL UA 40 -0.99 53.25 -96.52
CA VAL UA 40 -1.66 53.84 -95.36
C VAL UA 40 -1.44 55.34 -95.37
N GLU UA 41 -2.53 56.09 -95.29
CA GLU UA 41 -2.51 57.54 -95.29
C GLU UA 41 -2.87 58.03 -93.89
N LEU UA 42 -2.23 59.09 -93.42
CA LEU UA 42 -2.65 59.73 -92.18
C LEU UA 42 -3.24 61.09 -92.56
N ARG UA 43 -4.56 61.17 -92.56
CA ARG UA 43 -5.24 62.41 -92.88
C ARG UA 43 -5.44 63.25 -91.63
N ASP UA 44 -6.69 63.36 -91.19
CA ASP UA 44 -7.07 64.26 -90.10
C ASP UA 44 -6.93 63.53 -88.76
N ASN UA 45 -5.68 63.31 -88.37
CA ASN UA 45 -5.37 62.49 -87.19
C ASN UA 45 -6.04 61.12 -87.30
N GLN UA 46 -6.14 60.63 -88.53
CA GLN UA 46 -6.82 59.39 -88.85
C GLN UA 46 -6.02 58.56 -89.84
N LEU UA 47 -6.04 57.24 -89.65
CA LEU UA 47 -5.40 56.31 -90.57
C LEU UA 47 -6.43 55.81 -91.59
N VAL UA 48 -6.06 55.86 -92.86
CA VAL UA 48 -6.95 55.46 -93.95
C VAL UA 48 -6.44 54.14 -94.53
N VAL UA 49 -7.27 53.10 -94.46
CA VAL UA 49 -6.87 51.79 -94.97
C VAL UA 49 -6.85 51.84 -96.49
N PRO UA 50 -5.75 51.44 -97.14
CA PRO UA 50 -5.67 51.59 -98.60
C PRO UA 50 -6.18 50.39 -99.37
N SER UA 51 -6.31 49.25 -98.69
CA SER UA 51 -6.72 48.03 -99.36
C SER UA 51 -7.43 47.15 -98.35
N GLU UA 52 -8.39 46.38 -98.85
CA GLU UA 52 -9.21 45.52 -98.02
C GLU UA 52 -8.46 44.27 -97.58
N GLY UA 53 -8.67 43.88 -96.33
CA GLY UA 53 -8.06 42.72 -95.76
C GLY UA 53 -8.19 42.75 -94.25
N LEU UA 54 -7.47 41.86 -93.60
CA LEU UA 54 -7.43 41.79 -92.15
C LEU UA 54 -6.23 42.59 -91.66
N TYR UA 55 -6.48 43.52 -90.75
CA TYR UA 55 -5.42 44.36 -90.20
C TYR UA 55 -5.34 44.13 -88.70
N LEU UA 56 -4.16 44.39 -88.16
CA LEU UA 56 -3.91 44.35 -86.73
C LEU UA 56 -3.84 45.78 -86.22
N ILE UA 57 -4.72 46.12 -85.30
CA ILE UA 57 -4.84 47.48 -84.78
C ILE UA 57 -4.35 47.46 -83.34
N TYR UA 58 -3.48 48.41 -82.99
CA TYR UA 58 -2.96 48.49 -81.64
C TYR UA 58 -2.69 49.95 -81.32
N SER UA 59 -2.75 50.28 -80.03
CA SER UA 59 -2.44 51.63 -79.59
C SER UA 59 -2.26 51.63 -78.08
N GLN UA 60 -1.34 52.45 -77.59
CA GLN UA 60 -1.13 52.66 -76.17
C GLN UA 60 -1.10 54.15 -75.89
N VAL UA 61 -1.64 54.55 -74.74
CA VAL UA 61 -1.55 55.92 -74.25
C VAL UA 61 -1.12 55.84 -72.79
N LEU UA 62 -0.23 56.74 -72.39
CA LEU UA 62 0.25 56.81 -71.02
C LEU UA 62 -0.25 58.11 -70.41
N PHE UA 63 -0.94 57.98 -69.29
CA PHE UA 63 -1.51 59.11 -68.57
C PHE UA 63 -0.64 59.45 -67.37
N LYS UA 64 -0.40 60.74 -67.18
CA LYS UA 64 0.38 61.25 -66.06
C LYS UA 64 -0.35 62.43 -65.45
N GLY UA 65 -0.39 62.47 -64.13
CA GLY UA 65 -0.90 63.62 -63.43
C GLY UA 65 0.02 63.96 -62.28
N GLN UA 66 0.06 65.23 -61.94
CA GLN UA 66 0.93 65.74 -60.88
C GLN UA 66 0.14 66.01 -59.61
N GLY UA 67 -0.70 65.05 -59.24
CA GLY UA 67 -1.53 65.19 -58.06
C GLY UA 67 -2.95 64.74 -58.37
N CYS UA 68 -3.69 64.39 -57.32
CA CYS UA 68 -5.08 63.99 -57.46
C CYS UA 68 -5.93 65.25 -57.40
N PRO UA 69 -6.57 65.65 -58.48
CA PRO UA 69 -7.30 66.93 -58.47
C PRO UA 69 -8.56 66.89 -57.64
N SER UA 70 -9.60 66.20 -58.10
CA SER UA 70 -10.84 66.16 -57.34
C SER UA 70 -11.68 64.98 -57.78
N THR UA 71 -12.60 64.59 -56.89
CA THR UA 71 -13.59 63.54 -57.12
C THR UA 71 -12.98 62.31 -57.78
N HIS UA 72 -13.44 62.01 -59.00
CA HIS UA 72 -13.00 60.84 -59.73
C HIS UA 72 -13.00 61.18 -61.21
N VAL UA 73 -11.82 61.17 -61.80
CA VAL UA 73 -11.66 61.39 -63.23
C VAL UA 73 -11.52 60.02 -63.88
N LEU UA 74 -12.20 59.83 -65.00
CA LEU UA 74 -12.20 58.54 -65.69
C LEU UA 74 -11.44 58.69 -66.99
N LEU UA 75 -10.42 57.86 -67.15
CA LEU UA 75 -9.54 57.89 -68.31
C LEU UA 75 -9.96 56.80 -69.27
N THR UA 76 -10.23 57.19 -70.51
CA THR UA 76 -10.62 56.23 -71.54
C THR UA 76 -9.69 56.39 -72.72
N HIS UA 77 -9.58 55.32 -73.50
CA HIS UA 77 -8.75 55.30 -74.69
C HIS UA 77 -9.40 54.32 -75.64
N THR UA 78 -9.78 54.82 -76.82
CA THR UA 78 -10.56 54.06 -77.77
C THR UA 78 -10.03 54.24 -79.18
N ILE UA 79 -10.03 53.16 -79.94
CA ILE UA 79 -9.74 53.17 -81.36
C ILE UA 79 -11.07 52.96 -82.08
N SER UA 80 -11.43 53.92 -82.93
CA SER UA 80 -12.72 53.89 -83.59
C SER UA 80 -12.53 53.71 -85.09
N ARG UA 81 -13.60 53.28 -85.76
CA ARG UA 81 -13.54 53.03 -87.20
C ARG UA 81 -14.83 53.55 -87.83
N ILE UA 82 -14.69 54.43 -88.83
CA ILE UA 82 -15.81 54.81 -89.68
C ILE UA 82 -15.54 54.26 -91.07
N ALA UA 83 -16.43 53.39 -91.53
CA ALA UA 83 -16.23 52.67 -92.78
C ALA UA 83 -17.08 53.29 -93.88
N VAL UA 84 -16.69 52.99 -95.12
CA VAL UA 84 -17.47 53.46 -96.27
C VAL UA 84 -18.83 52.79 -96.32
N SER UA 85 -18.92 51.55 -95.82
CA SER UA 85 -20.18 50.81 -95.84
C SER UA 85 -21.15 51.29 -94.76
N TYR UA 86 -20.63 51.72 -93.61
CA TYR UA 86 -21.45 52.21 -92.49
C TYR UA 86 -20.79 53.49 -91.98
N GLN UA 87 -21.37 54.62 -92.35
CA GLN UA 87 -20.73 55.92 -92.17
C GLN UA 87 -20.90 56.50 -90.77
N THR UA 88 -20.71 55.69 -89.73
CA THR UA 88 -20.74 56.18 -88.36
C THR UA 88 -19.51 55.67 -87.61
N LYS UA 89 -18.95 56.55 -86.78
CA LYS UA 89 -17.80 56.20 -85.95
C LYS UA 89 -18.24 55.20 -84.89
N VAL UA 90 -17.66 54.00 -84.92
CA VAL UA 90 -17.95 52.96 -83.94
C VAL UA 90 -16.65 52.55 -83.26
N ASN UA 91 -16.74 52.24 -81.97
CA ASN UA 91 -15.58 51.87 -81.19
C ASN UA 91 -15.22 50.41 -81.44
N LEU UA 92 -13.97 50.15 -81.79
CA LEU UA 92 -13.51 48.77 -81.95
C LEU UA 92 -12.89 48.25 -80.66
N LEU UA 93 -12.06 49.06 -80.03
CA LEU UA 93 -11.37 48.71 -78.80
C LEU UA 93 -11.48 49.87 -77.83
N SER UA 94 -11.73 49.55 -76.56
CA SER UA 94 -11.91 50.59 -75.55
C SER UA 94 -11.46 50.07 -74.20
N ALA UA 95 -11.06 51.00 -73.34
CA ALA UA 95 -10.67 50.67 -71.98
C ALA UA 95 -10.89 51.90 -71.11
N ILE UA 96 -11.24 51.66 -69.85
CA ILE UA 96 -11.52 52.72 -68.89
C ILE UA 96 -10.66 52.47 -67.67
N LYS UA 97 -10.18 53.56 -67.05
CA LYS UA 97 -9.30 53.45 -65.90
C LYS UA 97 -9.45 54.66 -65.00
N SER UA 98 -9.53 54.42 -63.70
CA SER UA 98 -9.58 55.51 -62.73
C SER UA 98 -8.20 55.68 -62.13
N PRO UA 99 -7.51 56.80 -62.38
CA PRO UA 99 -6.09 56.90 -61.97
C PRO UA 99 -5.94 57.21 -60.49
N CYS UA 100 -6.93 57.89 -59.93
CA CYS UA 100 -6.91 58.31 -58.54
C CYS UA 100 -8.05 57.62 -57.82
N GLN UA 101 -7.71 57.01 -56.69
CA GLN UA 101 -8.63 56.25 -55.86
C GLN UA 101 -9.36 57.18 -54.90
N ARG UA 102 -8.61 58.02 -54.19
CA ARG UA 102 -9.16 58.95 -53.20
C ARG UA 102 -7.99 59.75 -52.62
N GLU UA 103 -8.17 60.30 -51.42
CA GLU UA 103 -7.18 61.11 -50.71
C GLU UA 103 -6.50 62.15 -51.61
N THR UA 104 -7.31 63.08 -52.11
CA THR UA 104 -6.75 64.19 -52.86
C THR UA 104 -5.74 64.92 -51.97
N PRO UA 105 -4.57 65.31 -52.51
CA PRO UA 105 -3.51 65.84 -51.64
C PRO UA 105 -3.96 67.00 -50.77
N GLU UA 106 -3.99 66.75 -49.46
CA GLU UA 106 -4.48 67.69 -48.46
C GLU UA 106 -3.28 68.31 -47.76
N GLY UA 107 -2.75 69.39 -48.34
CA GLY UA 107 -1.62 70.07 -47.74
C GLY UA 107 -0.32 69.42 -48.10
N ALA UA 108 -0.25 68.10 -47.96
CA ALA UA 108 0.95 67.37 -48.30
C ALA UA 108 1.24 67.48 -49.79
N GLU UA 109 2.51 67.35 -50.15
CA GLU UA 109 2.99 67.65 -51.49
C GLU UA 109 2.39 66.69 -52.52
N ALA UA 110 2.62 67.02 -53.78
CA ALA UA 110 2.03 66.27 -54.88
C ALA UA 110 2.74 64.93 -55.07
N LYS UA 111 2.01 63.97 -55.64
CA LYS UA 111 2.49 62.61 -55.86
C LYS UA 111 2.17 62.21 -57.29
N PRO UA 112 3.12 62.33 -58.21
CA PRO UA 112 2.81 62.05 -59.63
C PRO UA 112 2.44 60.60 -59.85
N TRP UA 113 1.27 60.39 -60.43
CA TRP UA 113 0.76 59.07 -60.75
C TRP UA 113 0.87 58.77 -62.24
N TYR UA 114 1.09 57.51 -62.57
CA TYR UA 114 1.19 57.06 -63.95
C TYR UA 114 0.28 55.86 -64.16
N GLU UA 115 -0.53 55.92 -65.21
CA GLU UA 115 -1.39 54.81 -65.58
C GLU UA 115 -1.37 54.62 -67.10
N PRO UA 116 -0.85 53.49 -67.61
CA PRO UA 116 -0.90 53.24 -69.05
C PRO UA 116 -2.09 52.37 -69.45
N ILE UA 117 -2.47 52.43 -70.73
CA ILE UA 117 -3.58 51.63 -71.26
C ILE UA 117 -3.22 51.16 -72.66
N TYR UA 118 -3.43 49.87 -72.94
CA TYR UA 118 -3.08 49.26 -74.22
C TYR UA 118 -4.28 48.57 -74.84
N LEU UA 119 -4.40 48.68 -76.17
CA LEU UA 119 -5.49 48.10 -76.95
C LEU UA 119 -4.88 47.41 -78.17
N GLY UA 120 -5.45 46.25 -78.54
CA GLY UA 120 -4.98 45.54 -79.72
C GLY UA 120 -5.94 44.47 -80.18
N GLY UA 121 -6.05 44.27 -81.50
CA GLY UA 121 -6.93 43.26 -82.01
C GLY UA 121 -6.84 43.16 -83.52
N VAL UA 122 -7.45 42.11 -84.05
CA VAL UA 122 -7.50 41.85 -85.48
C VAL UA 122 -8.91 42.16 -85.97
N PHE UA 123 -8.99 42.87 -87.10
CA PHE UA 123 -10.26 43.32 -87.68
C PHE UA 123 -10.14 43.28 -89.20
N GLN UA 124 -11.30 43.21 -89.85
CA GLN UA 124 -11.39 43.32 -91.30
C GLN UA 124 -11.70 44.76 -91.68
N LEU UA 125 -10.82 45.38 -92.44
CA LEU UA 125 -11.02 46.75 -92.88
C LEU UA 125 -11.13 46.78 -94.40
N GLU UA 126 -11.91 47.72 -94.91
CA GLU UA 126 -12.12 47.86 -96.34
C GLU UA 126 -11.47 49.15 -96.83
N LYS UA 127 -11.45 49.31 -98.14
CA LYS UA 127 -10.87 50.49 -98.75
C LYS UA 127 -11.65 51.73 -98.32
N GLY UA 128 -10.92 52.77 -97.89
CA GLY UA 128 -11.51 54.03 -97.48
C GLY UA 128 -11.93 54.13 -96.02
N ASP UA 129 -11.75 53.08 -95.22
CA ASP UA 129 -12.04 53.16 -93.80
C ASP UA 129 -11.10 54.11 -93.08
N ARG UA 130 -11.64 54.85 -92.11
CA ARG UA 130 -10.91 55.84 -91.31
C ARG UA 130 -10.83 55.40 -89.85
N LEU UA 131 -9.63 55.06 -89.41
CA LEU UA 131 -9.35 54.69 -88.02
C LEU UA 131 -8.78 55.90 -87.27
N SER UA 132 -9.15 56.04 -85.99
CA SER UA 132 -8.67 57.15 -85.18
C SER UA 132 -8.50 56.69 -83.75
N ALA UA 133 -7.34 56.99 -83.16
CA ALA UA 133 -7.10 56.74 -81.75
C ALA UA 133 -7.23 58.06 -80.98
N GLU UA 134 -8.08 58.05 -79.95
CA GLU UA 134 -8.39 59.27 -79.22
C GLU UA 134 -8.53 58.95 -77.75
N ILE UA 135 -8.34 59.99 -76.93
CA ILE UA 135 -8.50 59.90 -75.48
C ILE UA 135 -9.31 61.10 -75.03
N ASN UA 136 -9.94 60.95 -73.86
CA ASN UA 136 -10.88 61.96 -73.37
C ASN UA 136 -10.18 63.11 -72.65
N ARG UA 137 -9.06 62.85 -71.99
CA ARG UA 137 -8.38 63.90 -71.24
C ARG UA 137 -6.98 64.09 -71.83
N PRO UA 138 -6.86 64.89 -72.88
CA PRO UA 138 -5.54 65.18 -73.46
C PRO UA 138 -4.68 66.14 -72.65
N ASP UA 139 -5.12 66.52 -71.45
CA ASP UA 139 -4.37 67.39 -70.56
C ASP UA 139 -3.50 66.61 -69.57
N TYR UA 140 -3.68 65.30 -69.51
CA TYR UA 140 -2.88 64.43 -68.68
C TYR UA 140 -1.91 63.61 -69.52
N LEU UA 141 -1.72 63.97 -70.79
CA LEU UA 141 -0.84 63.24 -71.70
C LEU UA 141 0.62 63.36 -71.29
N ASP UA 142 1.32 62.22 -71.29
CA ASP UA 142 2.76 62.13 -71.04
C ASP UA 142 3.43 61.62 -72.31
N PHE UA 143 3.72 62.53 -73.25
CA PHE UA 143 4.46 62.22 -74.47
C PHE UA 143 5.94 62.60 -74.40
N ALA UA 144 6.53 62.57 -73.21
CA ALA UA 144 7.94 62.94 -73.04
C ALA UA 144 8.86 61.84 -73.55
N GLU UA 145 9.66 62.16 -74.57
CA GLU UA 145 10.71 61.28 -75.14
C GLU UA 145 10.11 59.94 -75.62
N SER UA 146 10.87 58.84 -75.50
CA SER UA 146 10.56 57.53 -76.07
C SER UA 146 9.08 57.18 -76.04
N GLY UA 147 8.61 56.63 -77.16
CA GLY UA 147 7.29 56.05 -77.36
C GLY UA 147 6.52 55.54 -76.15
N GLN UA 148 5.89 56.44 -75.40
CA GLN UA 148 5.02 56.07 -74.29
C GLN UA 148 3.57 55.97 -74.72
N VAL UA 149 3.21 56.68 -75.79
CA VAL UA 149 1.90 56.64 -76.42
C VAL UA 149 2.11 56.45 -77.91
N TYR UA 150 1.34 55.55 -78.51
CA TYR UA 150 1.50 55.21 -79.92
C TYR UA 150 0.21 54.60 -80.43
N PHE UA 151 0.17 54.35 -81.74
CA PHE UA 151 -1.03 53.87 -82.41
C PHE UA 151 -0.62 53.37 -83.80
N GLY UA 152 -1.03 52.16 -84.17
CA GLY UA 152 -0.56 51.60 -85.42
C GLY UA 152 -1.40 50.45 -85.94
N ILE UA 153 -1.25 50.18 -87.23
CA ILE UA 153 -1.89 49.06 -87.91
C ILE UA 153 -0.90 48.37 -88.83
N ILE UA 154 -1.18 47.10 -89.12
CA ILE UA 154 -0.37 46.30 -90.05
C ILE UA 154 -1.28 45.32 -90.78
N ALA UA 155 -1.10 45.25 -92.10
CA ALA UA 155 -1.87 44.34 -92.95
C ALA UA 155 -1.32 42.93 -92.74
N LEU UA 156 -2.13 42.05 -92.17
CA LEU UA 156 -1.72 40.67 -91.94
C LEU UA 156 -1.93 39.83 -93.19
N ALA VA 2 -27.07 54.80 -87.12
CA ALA VA 2 -27.19 53.50 -86.46
C ALA VA 2 -27.50 52.41 -87.47
N ARG VA 3 -26.81 51.29 -87.34
CA ARG VA 3 -27.11 50.10 -88.14
C ARG VA 3 -28.57 49.73 -87.98
N VAL VA 4 -29.33 49.98 -89.05
CA VAL VA 4 -30.77 49.80 -89.16
C VAL VA 4 -31.45 50.84 -88.27
N ASP VA 5 -32.42 51.57 -88.81
CA ASP VA 5 -33.13 52.62 -88.08
C ASP VA 5 -34.63 52.37 -88.17
N GLN VA 6 -35.21 51.88 -87.08
CA GLN VA 6 -36.67 51.73 -86.99
C GLN VA 6 -37.27 53.08 -86.66
N THR VA 7 -38.26 53.51 -87.45
CA THR VA 7 -38.73 54.89 -87.40
C THR VA 7 -39.77 55.14 -86.30
N PRO VA 8 -40.94 54.45 -86.28
CA PRO VA 8 -41.93 54.72 -85.23
C PRO VA 8 -41.57 54.10 -83.88
N GLN VA 9 -40.94 54.89 -83.02
CA GLN VA 9 -40.49 54.40 -81.73
C GLN VA 9 -41.67 54.17 -80.79
N THR VA 10 -42.57 55.15 -80.64
CA THR VA 10 -43.79 55.00 -79.86
C THR VA 10 -45.05 55.16 -80.72
N ILE VA 11 -45.92 54.14 -80.72
CA ILE VA 11 -47.19 54.18 -81.44
C ILE VA 11 -48.34 53.90 -80.46
N THR VA 12 -49.47 54.57 -80.69
CA THR VA 12 -50.70 54.35 -79.90
C THR VA 12 -51.92 54.29 -80.81
N LYS VA 13 -52.50 53.11 -80.97
CA LYS VA 13 -53.68 52.86 -81.81
C LYS VA 13 -54.88 52.41 -80.98
N GLU VA 14 -56.04 52.41 -81.65
CA GLU VA 14 -57.31 51.93 -81.13
C GLU VA 14 -57.55 50.53 -81.67
N THR VA 15 -58.37 49.76 -80.96
CA THR VA 15 -58.69 48.41 -81.41
C THR VA 15 -59.34 48.45 -82.79
N GLY VA 16 -58.74 47.76 -83.76
CA GLY VA 16 -59.28 47.70 -85.11
C GLY VA 16 -58.57 48.52 -86.15
N GLU VA 17 -57.33 48.96 -85.90
CA GLU VA 17 -56.60 49.81 -86.81
C GLU VA 17 -55.41 49.03 -87.39
N SER VA 18 -54.42 49.76 -87.86
CA SER VA 18 -53.26 49.17 -88.52
C SER VA 18 -52.07 50.11 -88.36
N LEU VA 19 -51.03 49.63 -87.71
CA LEU VA 19 -49.79 50.38 -87.53
C LEU VA 19 -48.73 49.83 -88.50
N THR VA 20 -47.98 50.74 -89.10
CA THR VA 20 -46.87 50.37 -89.97
C THR VA 20 -45.55 50.74 -89.32
N ILE VA 21 -44.62 49.78 -89.28
CA ILE VA 21 -43.29 49.95 -88.74
C ILE VA 21 -42.29 49.91 -89.88
N ASN VA 22 -41.47 50.94 -90.04
CA ASN VA 22 -40.48 50.98 -91.09
C ASN VA 22 -39.06 50.95 -90.54
N CYS VA 23 -38.19 50.22 -91.24
CA CYS VA 23 -36.77 50.13 -90.91
C CYS VA 23 -35.96 50.42 -92.16
N VAL VA 24 -34.91 51.22 -92.01
CA VAL VA 24 -34.01 51.60 -93.10
C VAL VA 24 -32.61 51.11 -92.74
N LEU VA 25 -31.98 50.40 -93.67
CA LEU VA 25 -30.63 49.91 -93.44
C LEU VA 25 -29.61 50.99 -93.78
N ARG VA 26 -28.66 51.17 -92.87
CA ARG VA 26 -27.54 52.09 -93.07
C ARG VA 26 -26.23 51.36 -93.31
N ASP VA 27 -26.17 50.06 -93.02
CA ASP VA 27 -25.03 49.21 -93.34
C ASP VA 27 -25.25 48.56 -94.71
N SER VA 28 -24.38 48.87 -95.67
CA SER VA 28 -24.55 48.31 -97.01
C SER VA 28 -24.13 46.84 -97.12
N HIS VA 29 -23.80 46.19 -96.01
CA HIS VA 29 -23.50 44.77 -96.00
C HIS VA 29 -24.69 43.92 -95.57
N CYS VA 30 -25.71 44.54 -94.97
CA CYS VA 30 -26.89 43.80 -94.58
C CYS VA 30 -27.79 43.62 -95.79
N ALA VA 31 -28.48 42.49 -95.84
CA ALA VA 31 -29.22 42.12 -97.03
C ALA VA 31 -30.71 42.31 -96.81
N THR VA 32 -31.37 42.87 -97.82
CA THR VA 32 -32.82 43.04 -97.79
C THR VA 32 -33.57 41.75 -98.08
N SER VA 33 -32.86 40.67 -98.38
CA SER VA 33 -33.47 39.39 -98.71
C SER VA 33 -33.71 38.51 -97.48
N SER VA 34 -32.97 38.73 -96.38
CA SER VA 34 -33.13 37.97 -95.14
C SER VA 34 -33.47 38.90 -93.97
N THR VA 35 -34.69 39.42 -93.96
CA THR VA 35 -35.17 40.33 -92.92
C THR VA 35 -36.08 39.56 -91.98
N TYR VA 36 -36.08 39.95 -90.71
CA TYR VA 36 -36.83 39.24 -89.68
C TYR VA 36 -37.52 40.24 -88.76
N TRP VA 37 -38.63 39.81 -88.17
CA TRP VA 37 -39.40 40.64 -87.27
C TRP VA 37 -39.66 39.87 -85.98
N TYR VA 38 -39.57 40.57 -84.86
CA TYR VA 38 -39.77 39.97 -83.55
C TYR VA 38 -40.62 40.90 -82.70
N ARG VA 39 -41.62 40.34 -82.01
CA ARG VA 39 -42.40 41.11 -81.06
C ARG VA 39 -42.22 40.49 -79.68
N LYS VA 40 -42.23 41.35 -78.67
CA LYS VA 40 -42.10 40.96 -77.28
C LYS VA 40 -43.24 41.65 -76.55
N LYS VA 41 -44.26 40.88 -76.20
CA LYS VA 41 -45.45 41.46 -75.58
C LYS VA 41 -45.12 42.07 -74.21
N SER VA 42 -45.57 43.31 -74.02
CA SER VA 42 -45.33 44.05 -72.79
C SER VA 42 -45.68 43.22 -71.56
N GLY VA 43 -44.69 43.01 -70.69
CA GLY VA 43 -44.87 42.26 -69.46
C GLY VA 43 -44.39 40.82 -69.51
N SER VA 44 -44.16 40.29 -70.70
CA SER VA 44 -43.63 38.95 -70.89
C SER VA 44 -42.19 39.03 -71.38
N THR VA 45 -41.44 37.96 -71.12
CA THR VA 45 -40.04 37.88 -71.49
C THR VA 45 -39.81 36.92 -72.66
N ASN VA 46 -40.81 36.75 -73.53
CA ASN VA 46 -40.65 35.90 -74.70
C ASN VA 46 -40.61 36.82 -75.93
N GLU VA 47 -39.47 36.86 -76.60
CA GLU VA 47 -39.37 37.57 -77.87
C GLU VA 47 -39.69 36.54 -78.94
N GLU VA 48 -40.87 36.64 -79.53
CA GLU VA 48 -41.31 35.71 -80.55
C GLU VA 48 -41.11 36.28 -81.94
N SER VA 49 -41.01 35.37 -82.92
CA SER VA 49 -40.76 35.71 -84.31
C SER VA 49 -42.07 35.72 -85.07
N ILE VA 50 -42.42 36.88 -85.63
CA ILE VA 50 -43.66 37.08 -86.38
C ILE VA 50 -43.55 36.43 -87.75
N SER VA 51 -44.62 35.79 -88.18
CA SER VA 51 -44.62 35.09 -89.46
C SER VA 51 -45.13 36.04 -90.55
N LYS VA 52 -44.57 35.90 -91.74
CA LYS VA 52 -44.87 36.81 -92.83
C LYS VA 52 -46.03 36.19 -93.60
N GLY VA 53 -47.24 36.62 -93.30
CA GLY VA 53 -48.37 36.04 -93.98
C GLY VA 53 -49.69 36.28 -93.28
N GLY VA 54 -50.69 36.70 -94.05
CA GLY VA 54 -52.01 36.93 -93.49
C GLY VA 54 -52.12 38.31 -92.88
N ARG VA 55 -52.08 38.39 -91.56
CA ARG VA 55 -52.18 39.67 -90.87
C ARG VA 55 -50.88 40.46 -90.90
N TYR VA 56 -49.75 39.80 -91.09
CA TYR VA 56 -48.44 40.44 -91.11
C TYR VA 56 -47.95 40.53 -92.55
N VAL VA 57 -48.04 41.72 -93.13
CA VAL VA 57 -47.60 41.97 -94.50
C VAL VA 57 -46.27 42.70 -94.44
N GLU VA 58 -45.31 42.26 -95.24
CA GLU VA 58 -43.98 42.85 -95.25
C GLU VA 58 -43.72 43.43 -96.64
N THR VA 59 -43.36 44.71 -96.66
CA THR VA 59 -43.04 45.43 -97.89
C THR VA 59 -41.54 45.72 -97.91
N VAL VA 60 -40.88 45.30 -99.00
CA VAL VA 60 -39.42 45.39 -99.11
C VAL VA 60 -39.05 46.18 -100.36
N ASN VA 61 -37.97 46.97 -100.25
CA ASN VA 61 -37.37 47.67 -101.38
C ASN VA 61 -35.87 47.43 -101.41
N SER VA 62 -35.40 46.71 -102.43
CA SER VA 62 -33.98 46.41 -102.53
C SER VA 62 -33.16 47.63 -102.95
N GLY VA 63 -33.80 48.57 -103.66
CA GLY VA 63 -33.08 49.74 -104.12
C GLY VA 63 -32.61 50.63 -102.98
N SER VA 64 -33.50 50.96 -102.05
CA SER VA 64 -33.15 51.80 -100.91
C SER VA 64 -32.80 50.98 -99.67
N LYS VA 65 -32.81 49.65 -99.76
CA LYS VA 65 -32.53 48.78 -98.62
C LYS VA 65 -33.42 49.10 -97.42
N SER VA 66 -34.72 49.22 -97.68
CA SER VA 66 -35.71 49.54 -96.66
C SER VA 66 -36.85 48.54 -96.70
N PHE VA 67 -37.32 48.11 -95.53
CA PHE VA 67 -38.49 47.23 -95.44
C PHE VA 67 -39.41 47.73 -94.32
N SER VA 68 -40.70 47.38 -94.45
CA SER VA 68 -41.74 47.78 -93.50
C SER VA 68 -42.57 46.59 -93.09
N LEU VA 69 -43.37 46.77 -92.03
CA LEU VA 69 -44.23 45.73 -91.46
C LEU VA 69 -45.58 46.32 -91.10
N ARG VA 70 -46.58 46.14 -91.95
CA ARG VA 70 -47.93 46.56 -91.62
C ARG VA 70 -48.67 45.46 -90.87
N ILE VA 71 -49.25 45.81 -89.71
CA ILE VA 71 -50.02 44.90 -88.87
C ILE VA 71 -51.45 45.38 -88.87
N ASN VA 72 -52.39 44.52 -89.26
CA ASN VA 72 -53.77 44.90 -89.34
C ASN VA 72 -54.53 44.39 -88.12
N ASP VA 73 -55.87 44.41 -88.22
CA ASP VA 73 -56.82 44.03 -87.19
C ASP VA 73 -56.24 44.02 -85.77
N LEU VA 74 -55.95 45.19 -85.22
CA LEU VA 74 -55.29 45.26 -83.92
C LEU VA 74 -56.31 45.01 -82.80
N THR VA 75 -55.95 44.14 -81.88
CA THR VA 75 -56.73 43.95 -80.67
C THR VA 75 -55.95 44.60 -79.53
N VAL VA 76 -56.39 44.36 -78.29
CA VAL VA 76 -55.69 44.93 -77.15
C VAL VA 76 -54.55 44.02 -76.74
N GLU VA 77 -54.45 42.86 -77.39
CA GLU VA 77 -53.44 41.86 -77.18
C GLU VA 77 -52.19 42.09 -78.04
N ASP VA 78 -52.16 43.14 -78.87
CA ASP VA 78 -51.04 43.42 -79.75
C ASP VA 78 -50.12 44.51 -79.21
N SER VA 79 -49.97 44.58 -77.89
CA SER VA 79 -49.16 45.60 -77.23
C SER VA 79 -47.81 45.01 -76.81
N GLY VA 80 -46.73 45.54 -77.37
CA GLY VA 80 -45.40 45.05 -77.05
C GLY VA 80 -44.34 45.81 -77.80
N THR VA 81 -43.09 45.41 -77.56
CA THR VA 81 -41.94 46.02 -78.20
C THR VA 81 -41.61 45.22 -79.47
N TYR VA 82 -41.70 45.88 -80.62
CA TYR VA 82 -41.43 45.26 -81.91
C TYR VA 82 -40.08 45.71 -82.44
N ARG VA 83 -39.24 44.75 -82.86
CA ARG VA 83 -37.97 45.06 -83.49
C ARG VA 83 -37.85 44.35 -84.84
N CYS VA 84 -37.08 44.96 -85.74
CA CYS VA 84 -36.73 44.39 -87.03
C CYS VA 84 -35.27 43.94 -87.01
N ALA VA 85 -34.93 43.04 -87.93
CA ALA VA 85 -33.59 42.44 -87.96
C ALA VA 85 -33.21 42.10 -89.39
N SER VA 86 -31.90 42.05 -89.63
CA SER VA 86 -31.36 41.66 -90.93
C SER VA 86 -29.97 41.07 -90.73
N GLU VA 87 -29.59 40.16 -91.63
CA GLU VA 87 -28.29 39.49 -91.56
C GLU VA 87 -27.34 40.08 -92.60
N CYS VA 88 -26.19 40.55 -92.13
CA CYS VA 88 -25.18 41.20 -92.93
C CYS VA 88 -24.01 40.26 -93.15
N GLN VA 89 -23.35 40.37 -94.30
CA GLN VA 89 -22.23 39.50 -94.65
C GLN VA 89 -21.39 40.15 -95.73
N TYR VA 90 -20.11 40.37 -95.44
CA TYR VA 90 -19.18 40.88 -96.42
C TYR VA 90 -18.09 39.84 -96.64
N GLY VA 91 -16.85 40.19 -96.35
CA GLY VA 91 -15.75 39.28 -96.52
C GLY VA 91 -15.83 38.03 -95.67
N LEU VA 92 -15.03 37.96 -94.60
CA LEU VA 92 -15.07 36.86 -93.62
C LEU VA 92 -16.02 37.14 -92.47
N ALA VA 93 -16.75 38.24 -92.51
CA ALA VA 93 -17.57 38.69 -91.40
C ALA VA 93 -19.04 38.43 -91.69
N GLU VA 94 -19.76 37.97 -90.66
CA GLU VA 94 -21.19 37.79 -90.70
C GLU VA 94 -21.78 38.18 -89.35
N TYR VA 95 -22.75 39.09 -89.39
CA TYR VA 95 -23.39 39.62 -88.19
C TYR VA 95 -24.83 39.96 -88.55
N ASP VA 96 -25.59 40.40 -87.54
CA ASP VA 96 -26.97 40.80 -87.72
C ASP VA 96 -27.25 42.07 -86.92
N VAL VA 97 -28.37 42.72 -87.24
CA VAL VA 97 -28.65 44.06 -86.73
C VAL VA 97 -30.10 44.14 -86.24
N TYR VA 98 -30.35 45.06 -85.31
CA TYR VA 98 -31.64 45.19 -84.67
C TYR VA 98 -32.04 46.66 -84.54
N GLY VA 99 -33.25 46.89 -84.03
CA GLY VA 99 -33.81 48.22 -83.83
C GLY VA 99 -34.47 48.47 -82.50
N GLY VA 100 -35.68 49.06 -82.51
CA GLY VA 100 -36.46 49.28 -81.30
C GLY VA 100 -37.73 50.07 -81.54
N GLY VA 101 -38.83 49.70 -80.88
CA GLY VA 101 -40.10 50.37 -81.05
C GLY VA 101 -41.28 49.78 -80.27
N THR VA 102 -42.04 50.64 -79.60
CA THR VA 102 -43.06 50.24 -78.63
C THR VA 102 -44.45 50.50 -79.20
N VAL VA 103 -45.40 49.60 -78.89
CA VAL VA 103 -46.78 49.70 -79.35
C VAL VA 103 -47.72 49.64 -78.16
N VAL VA 104 -48.73 50.51 -78.17
CA VAL VA 104 -49.79 50.53 -77.16
C VAL VA 104 -51.14 50.62 -77.87
N THR VA 105 -52.02 49.66 -77.61
CA THR VA 105 -53.36 49.64 -78.19
C THR VA 105 -54.39 49.56 -77.07
N VAL VA 106 -55.37 50.47 -77.11
CA VAL VA 106 -56.45 50.51 -76.12
C VAL VA 106 -57.73 49.90 -76.71
N ASN VA 107 -58.59 49.43 -75.81
CA ASN VA 107 -59.82 48.72 -76.16
C ASN VA 107 -60.94 49.70 -76.52
N ALA VA 108 -61.99 49.16 -77.15
CA ALA VA 108 -63.10 49.97 -77.63
C ALA VA 108 -64.23 50.12 -76.62
N ALA VA 109 -64.29 49.25 -75.61
CA ALA VA 109 -65.21 49.25 -74.47
C ALA VA 109 -66.59 48.68 -74.83
N ALA VA 110 -66.88 48.39 -76.09
CA ALA VA 110 -68.18 47.84 -76.50
C ALA VA 110 -69.34 48.71 -76.03
N ARG WA 3 20.85 61.14 -82.89
CA ARG WA 3 21.98 61.46 -83.75
C ARG WA 3 22.31 62.94 -83.71
N VAL WA 4 22.95 63.42 -84.78
CA VAL WA 4 23.30 64.81 -85.03
C VAL WA 4 24.31 65.31 -84.00
N ASP WA 5 25.40 65.89 -84.48
CA ASP WA 5 26.48 66.39 -83.64
C ASP WA 5 26.73 67.84 -84.05
N GLN WA 6 25.85 68.75 -83.64
CA GLN WA 6 26.03 70.16 -83.98
C GLN WA 6 27.14 70.74 -83.13
N THR WA 7 28.11 71.39 -83.78
CA THR WA 7 29.39 71.81 -83.22
C THR WA 7 29.29 73.03 -82.33
N PRO WA 8 28.59 74.12 -82.73
CA PRO WA 8 28.53 75.28 -81.82
C PRO WA 8 27.63 74.97 -80.65
N GLN WA 9 28.22 74.40 -79.59
CA GLN WA 9 27.43 73.97 -78.45
C GLN WA 9 27.00 75.17 -77.64
N THR WA 10 27.98 75.83 -77.03
CA THR WA 10 27.78 77.08 -76.30
C THR WA 10 28.60 78.17 -76.97
N ILE WA 11 27.94 79.18 -77.52
CA ILE WA 11 28.63 80.32 -78.10
C ILE WA 11 28.10 81.58 -77.45
N THR WA 12 29.00 82.50 -77.12
CA THR WA 12 28.64 83.83 -76.61
C THR WA 12 29.56 84.87 -77.22
N LYS WA 13 29.78 84.77 -78.53
CA LYS WA 13 30.66 85.68 -79.23
C LYS WA 13 30.15 87.12 -79.14
N GLU WA 14 30.98 88.04 -79.58
CA GLU WA 14 30.69 89.47 -79.56
C GLU WA 14 30.17 89.90 -80.92
N THR WA 15 29.43 91.01 -80.93
CA THR WA 15 28.86 91.51 -82.17
C THR WA 15 29.96 91.71 -83.21
N GLY WA 16 29.78 91.09 -84.38
CA GLY WA 16 30.80 91.19 -85.40
C GLY WA 16 31.63 89.95 -85.69
N GLU WA 17 31.11 88.75 -85.44
CA GLU WA 17 31.95 87.60 -85.67
C GLU WA 17 31.41 86.75 -86.84
N SER WA 18 31.85 85.50 -86.89
CA SER WA 18 31.48 84.59 -87.97
C SER WA 18 31.58 83.17 -87.45
N LEU WA 19 30.45 82.49 -87.37
CA LEU WA 19 30.38 81.11 -86.92
C LEU WA 19 30.08 80.18 -88.09
N THR WA 20 30.79 79.04 -88.13
CA THR WA 20 30.50 77.98 -89.09
C THR WA 20 29.89 76.84 -88.28
N ILE WA 21 28.70 76.39 -88.68
CA ILE WA 21 27.92 75.50 -87.85
C ILE WA 21 27.88 74.13 -88.51
N ASN WA 22 28.56 73.14 -87.91
CA ASN WA 22 28.64 71.80 -88.46
C ASN WA 22 27.91 70.81 -87.56
N CYS WA 23 27.18 69.86 -88.16
CA CYS WA 23 26.55 68.79 -87.41
C CYS WA 23 27.02 67.47 -88.02
N VAL WA 24 27.36 66.51 -87.16
CA VAL WA 24 27.94 65.24 -87.60
C VAL WA 24 26.91 64.15 -87.39
N LEU WA 25 26.65 63.39 -88.45
CA LEU WA 25 25.65 62.33 -88.45
C LEU WA 25 26.21 61.05 -87.86
N ARG WA 26 25.43 60.40 -87.00
CA ARG WA 26 25.82 59.13 -86.40
C ARG WA 26 25.06 57.93 -86.95
N ASP WA 27 23.90 58.13 -87.56
CA ASP WA 27 23.13 57.05 -88.15
C ASP WA 27 23.47 56.90 -89.63
N SER WA 28 23.84 55.68 -90.04
CA SER WA 28 24.18 55.44 -91.44
C SER WA 28 22.96 55.53 -92.34
N HIS WA 29 21.82 55.92 -91.80
CA HIS WA 29 20.64 56.18 -92.62
C HIS WA 29 20.50 57.65 -92.98
N CYS WA 30 21.11 58.53 -92.19
CA CYS WA 30 21.06 59.96 -92.45
C CYS WA 30 22.20 60.37 -93.37
N ALA WA 31 21.88 61.25 -94.32
CA ALA WA 31 22.80 61.73 -95.34
C ALA WA 31 23.02 63.23 -95.17
N THR WA 32 24.23 63.69 -95.49
CA THR WA 32 24.53 65.13 -95.46
C THR WA 32 23.89 65.85 -96.65
N SER WA 33 22.86 65.24 -97.26
CA SER WA 33 22.17 65.80 -98.42
C SER WA 33 21.04 66.76 -98.06
N SER WA 34 20.29 66.47 -96.99
CA SER WA 34 19.13 67.25 -96.57
C SER WA 34 19.49 68.14 -95.38
N THR WA 35 20.11 69.27 -95.66
CA THR WA 35 20.59 70.19 -94.64
C THR WA 35 19.58 71.31 -94.44
N TYR WA 36 19.43 71.73 -93.18
CA TYR WA 36 18.48 72.77 -92.81
C TYR WA 36 18.64 73.09 -91.33
N TRP WA 37 18.32 74.33 -90.99
CA TRP WA 37 18.42 74.88 -89.65
C TRP WA 37 17.14 75.62 -89.30
N TYR WA 38 16.82 75.67 -88.00
CA TYR WA 38 15.60 76.29 -87.49
C TYR WA 38 15.98 77.27 -86.41
N ARG WA 39 16.20 78.52 -86.82
CA ARG WA 39 16.51 79.65 -85.95
C ARG WA 39 15.31 79.96 -85.06
N LYS WA 40 15.55 80.77 -84.03
CA LYS WA 40 14.51 81.11 -83.07
C LYS WA 40 14.25 82.60 -82.95
N LYS WA 41 15.11 83.44 -83.50
CA LYS WA 41 14.95 84.90 -83.49
C LYS WA 41 14.73 85.44 -82.07
N SER WA 42 15.82 85.46 -81.30
CA SER WA 42 15.84 85.94 -79.90
C SER WA 42 14.93 85.02 -79.08
N GLY WA 43 14.10 85.53 -78.14
CA GLY WA 43 13.20 84.70 -77.33
C GLY WA 43 11.75 84.78 -77.78
N SER WA 44 11.36 83.84 -78.61
CA SER WA 44 10.03 83.72 -79.17
C SER WA 44 9.33 82.54 -78.51
N THR WA 45 8.01 82.54 -78.60
CA THR WA 45 7.20 81.45 -78.08
C THR WA 45 6.79 80.51 -79.20
N ASN WA 46 7.22 80.78 -80.43
CA ASN WA 46 7.01 79.91 -81.58
C ASN WA 46 8.36 79.44 -82.10
N GLU WA 47 8.47 79.30 -83.43
CA GLU WA 47 9.74 78.97 -84.08
C GLU WA 47 9.70 79.50 -85.51
N GLU WA 48 10.88 79.76 -86.05
CA GLU WA 48 11.00 80.22 -87.44
C GLU WA 48 11.95 79.27 -88.20
N SER WA 49 12.54 79.80 -89.25
CA SER WA 49 13.43 79.03 -90.11
C SER WA 49 14.66 79.88 -90.46
N ILE WA 50 15.35 79.49 -91.53
CA ILE WA 50 16.55 80.19 -92.01
C ILE WA 50 16.80 79.74 -93.45
N SER WA 51 17.23 80.66 -94.29
CA SER WA 51 17.38 80.46 -95.73
C SER WA 51 18.79 80.05 -96.15
N LYS WA 52 18.87 79.28 -97.24
CA LYS WA 52 20.09 78.72 -97.79
C LYS WA 52 20.16 79.02 -99.28
N GLY WA 53 21.21 78.53 -99.93
CA GLY WA 53 21.36 78.67 -101.37
C GLY WA 53 22.02 79.94 -101.86
N GLY WA 54 23.24 80.22 -101.41
CA GLY WA 54 23.96 81.38 -101.89
C GLY WA 54 24.92 81.96 -100.86
N ARG WA 55 24.53 83.07 -100.22
CA ARG WA 55 25.39 83.67 -99.21
C ARG WA 55 25.32 82.91 -97.89
N TYR WA 56 24.25 82.17 -97.65
CA TYR WA 56 24.14 81.30 -96.48
C TYR WA 56 24.36 79.86 -96.92
N VAL WA 57 25.58 79.60 -97.37
CA VAL WA 57 25.94 78.30 -97.90
C VAL WA 57 26.76 77.54 -96.87
N GLU WA 58 26.97 76.26 -97.12
CA GLU WA 58 27.66 75.38 -96.20
C GLU WA 58 28.95 74.86 -96.80
N THR WA 59 29.76 74.28 -95.94
CA THR WA 59 30.97 73.58 -96.31
C THR WA 59 30.67 72.12 -96.08
N VAL WA 60 29.57 71.64 -96.69
CA VAL WA 60 29.15 70.27 -96.46
C VAL WA 60 30.30 69.34 -96.81
N ASN WA 61 30.61 68.43 -95.90
CA ASN WA 61 31.64 67.43 -96.13
C ASN WA 61 31.11 66.09 -95.64
N SER WA 62 30.87 65.16 -96.57
CA SER WA 62 30.33 63.86 -96.20
C SER WA 62 31.36 63.01 -95.48
N GLY WA 63 32.65 63.29 -95.65
CA GLY WA 63 33.67 62.50 -94.97
C GLY WA 63 33.56 62.59 -93.46
N SER WA 64 33.43 63.82 -92.95
CA SER WA 64 33.19 64.03 -91.52
C SER WA 64 31.71 64.11 -91.20
N LYS WA 65 30.86 63.93 -92.23
CA LYS WA 65 29.41 64.00 -92.11
C LYS WA 65 28.96 65.29 -91.43
N SER WA 66 29.60 66.40 -91.77
CA SER WA 66 29.29 67.69 -91.20
C SER WA 66 29.11 68.71 -92.32
N PHE WA 67 28.13 69.58 -92.14
CA PHE WA 67 27.88 70.69 -93.05
C PHE WA 67 27.74 71.97 -92.23
N SER WA 68 28.17 73.09 -92.82
CA SER WA 68 28.28 74.35 -92.10
C SER WA 68 27.15 75.32 -92.40
N LEU WA 69 27.18 76.43 -91.70
CA LEU WA 69 26.25 77.54 -91.92
C LEU WA 69 27.07 78.82 -91.80
N ARG WA 70 27.40 79.44 -92.94
CA ARG WA 70 28.14 80.70 -92.88
C ARG WA 70 27.22 81.83 -92.49
N ILE WA 71 27.52 82.45 -91.35
CA ILE WA 71 26.80 83.59 -90.84
C ILE WA 71 27.79 84.73 -90.63
N ASN WA 72 27.60 85.84 -91.33
CA ASN WA 72 28.45 87.01 -91.14
C ASN WA 72 27.65 88.14 -90.45
N ASP WA 73 28.25 89.33 -90.40
CA ASP WA 73 27.78 90.52 -89.68
C ASP WA 73 26.75 90.21 -88.59
N LEU WA 74 27.18 89.55 -87.52
CA LEU WA 74 26.25 89.19 -86.46
C LEU WA 74 26.05 90.39 -85.55
N THR WA 75 24.81 90.86 -85.42
CA THR WA 75 24.50 91.92 -84.45
C THR WA 75 23.60 91.42 -83.32
N VAL WA 76 22.30 91.31 -83.56
CA VAL WA 76 21.37 90.81 -82.55
C VAL WA 76 20.25 90.04 -83.22
N GLU WA 77 20.18 90.12 -84.56
CA GLU WA 77 19.22 89.31 -85.30
C GLU WA 77 19.78 87.96 -85.70
N ASP WA 78 21.08 87.75 -85.49
CA ASP WA 78 21.78 86.50 -85.80
C ASP WA 78 22.10 85.74 -84.53
N SER WA 79 21.20 85.79 -83.55
CA SER WA 79 21.39 85.12 -82.26
C SER WA 79 20.13 84.36 -81.93
N GLY WA 80 20.25 83.04 -81.85
CA GLY WA 80 19.09 82.20 -81.60
C GLY WA 80 19.52 80.76 -81.56
N THR WA 81 18.54 79.88 -81.38
CA THR WA 81 18.83 78.46 -81.32
C THR WA 81 18.72 77.90 -82.73
N TYR WA 82 19.82 77.39 -83.24
CA TYR WA 82 19.91 76.85 -84.60
C TYR WA 82 19.87 75.32 -84.61
N ARG WA 83 18.90 74.69 -83.95
CA ARG WA 83 18.80 73.24 -83.98
C ARG WA 83 19.01 72.74 -85.41
N CYS WA 84 19.70 71.61 -85.57
CA CYS WA 84 20.03 71.10 -86.89
C CYS WA 84 19.15 69.91 -87.23
N ALA WA 85 18.97 69.65 -88.52
CA ALA WA 85 18.05 68.61 -88.93
C ALA WA 85 18.50 67.97 -90.24
N SER WA 86 18.13 66.71 -90.40
CA SER WA 86 18.41 65.93 -91.60
C SER WA 86 17.36 64.84 -91.70
N GLU WA 87 17.05 64.41 -92.91
CA GLU WA 87 16.06 63.36 -93.12
C GLU WA 87 16.78 62.05 -93.44
N CYS WA 88 16.50 61.02 -92.66
CA CYS WA 88 17.14 59.73 -92.80
C CYS WA 88 16.18 58.74 -93.46
N GLN WA 89 16.73 57.80 -94.22
CA GLN WA 89 15.94 56.87 -95.02
C GLN WA 89 16.74 55.62 -95.33
N TYR WA 90 16.22 54.45 -94.95
CA TYR WA 90 16.83 53.16 -95.29
C TYR WA 90 15.90 52.32 -96.17
N GLY WA 91 14.73 51.95 -95.69
CA GLY WA 91 13.83 51.13 -96.48
C GLY WA 91 12.44 51.72 -96.65
N LEU WA 92 11.48 51.19 -95.91
CA LEU WA 92 10.13 51.72 -95.88
C LEU WA 92 9.98 52.85 -94.87
N ALA WA 93 11.09 53.28 -94.27
CA ALA WA 93 11.07 54.29 -93.22
C ALA WA 93 11.51 55.63 -93.79
N GLU WA 94 10.82 56.68 -93.38
CA GLU WA 94 11.16 58.04 -93.77
C GLU WA 94 10.96 58.95 -92.57
N TYR WA 95 12.02 59.60 -92.12
CA TYR WA 95 11.94 60.46 -90.95
C TYR WA 95 12.98 61.55 -91.03
N ASP WA 96 12.98 62.41 -90.01
CA ASP WA 96 13.97 63.45 -89.85
C ASP WA 96 14.41 63.46 -88.39
N VAL WA 97 15.53 64.13 -88.13
CA VAL WA 97 16.17 64.10 -86.81
C VAL WA 97 16.56 65.52 -86.46
N TYR WA 98 16.73 65.79 -85.17
CA TYR WA 98 17.07 67.14 -84.74
C TYR WA 98 18.33 67.08 -83.89
N GLY WA 99 18.91 68.26 -83.66
CA GLY WA 99 20.16 68.42 -82.93
C GLY WA 99 20.16 69.55 -81.94
N GLY WA 100 21.18 70.42 -81.99
CA GLY WA 100 21.21 71.61 -81.17
C GLY WA 100 22.45 72.47 -81.15
N GLY WA 101 22.29 73.79 -81.17
CA GLY WA 101 23.40 74.73 -81.08
C GLY WA 101 23.02 76.20 -81.21
N THR WA 102 23.44 77.01 -80.24
CA THR WA 102 23.05 78.41 -80.13
C THR WA 102 24.26 79.34 -80.28
N VAL WA 103 24.04 80.51 -80.86
CA VAL WA 103 25.04 81.57 -80.98
C VAL WA 103 24.46 82.83 -80.37
N VAL WA 104 25.28 83.56 -79.62
CA VAL WA 104 24.86 84.83 -79.01
C VAL WA 104 25.93 85.88 -79.27
N THR WA 105 25.52 87.02 -79.81
CA THR WA 105 26.41 88.15 -80.05
C THR WA 105 25.94 89.38 -79.29
N VAL WA 106 26.82 89.96 -78.49
CA VAL WA 106 26.49 91.18 -77.76
C VAL WA 106 27.14 92.38 -78.45
N ALA XA 2 2.08 14.90 -64.91
CA ALA XA 2 2.27 16.35 -64.87
C ALA XA 2 3.60 16.75 -65.49
N ARG XA 3 3.73 16.52 -66.81
CA ARG XA 3 4.99 16.61 -67.55
C ARG XA 3 6.16 16.12 -66.69
N VAL XA 4 6.22 14.79 -66.57
CA VAL XA 4 7.23 13.98 -65.89
C VAL XA 4 6.79 13.84 -64.43
N ASP XA 5 6.71 12.59 -63.95
CA ASP XA 5 6.23 12.30 -62.60
C ASP XA 5 7.19 11.36 -61.88
N GLN XA 6 7.91 11.87 -60.89
CA GLN XA 6 8.73 11.01 -60.05
C GLN XA 6 7.86 10.27 -59.05
N THR XA 7 8.02 8.96 -58.99
CA THR XA 7 7.11 8.19 -58.15
C THR XA 7 7.60 8.25 -56.70
N PRO XA 8 8.85 7.83 -56.38
CA PRO XA 8 9.29 7.90 -54.97
C PRO XA 8 9.73 9.28 -54.51
N GLN XA 9 8.82 10.03 -53.90
CA GLN XA 9 9.10 11.38 -53.43
C GLN XA 9 10.00 11.36 -52.18
N THR XA 10 9.55 10.72 -51.11
CA THR XA 10 10.35 10.57 -49.90
C THR XA 10 10.72 9.10 -49.71
N ILE XA 11 12.02 8.80 -49.72
CA ILE XA 11 12.53 7.45 -49.54
C ILE XA 11 13.48 7.42 -48.35
N THR XA 12 13.49 6.29 -47.65
CA THR XA 12 14.43 6.05 -46.56
C THR XA 12 15.00 4.65 -46.70
N LYS XA 13 16.25 4.58 -47.17
CA LYS XA 13 16.96 3.32 -47.33
C LYS XA 13 18.15 3.28 -46.40
N GLU XA 14 18.70 2.09 -46.22
CA GLU XA 14 19.81 1.85 -45.32
C GLU XA 14 21.11 1.77 -46.11
N THR XA 15 22.21 2.13 -45.45
CA THR XA 15 23.50 2.07 -46.12
C THR XA 15 23.76 0.64 -46.57
N GLY XA 16 23.95 0.47 -47.87
CA GLY XA 16 24.15 -0.85 -48.45
C GLY XA 16 22.94 -1.40 -49.18
N GLU XA 17 21.99 -0.55 -49.56
CA GLU XA 17 20.74 -0.97 -50.17
C GLU XA 17 20.65 -0.48 -51.61
N SER XA 18 19.43 -0.41 -52.13
CA SER XA 18 19.20 -0.04 -53.52
C SER XA 18 17.81 0.53 -53.66
N LEU XA 19 17.73 1.80 -54.05
CA LEU XA 19 16.47 2.48 -54.31
C LEU XA 19 16.26 2.68 -55.81
N THR XA 20 15.04 2.45 -56.26
CA THR XA 20 14.63 2.71 -57.64
C THR XA 20 13.67 3.89 -57.69
N ILE XA 21 14.00 4.87 -58.53
CA ILE XA 21 13.18 6.04 -58.79
C ILE XA 21 12.65 5.94 -60.21
N ASN XA 22 11.34 6.03 -60.37
CA ASN XA 22 10.69 5.91 -61.66
C ASN XA 22 10.16 7.27 -62.10
N CYS XA 23 10.32 7.57 -63.38
CA CYS XA 23 9.75 8.77 -63.97
C CYS XA 23 8.95 8.38 -65.20
N VAL XA 24 7.74 8.91 -65.31
CA VAL XA 24 6.82 8.59 -66.40
C VAL XA 24 6.54 9.86 -67.18
N LEU XA 25 6.64 9.77 -68.50
CA LEU XA 25 6.43 10.92 -69.37
C LEU XA 25 4.95 11.14 -69.64
N ARG XA 26 4.52 12.40 -69.54
CA ARG XA 26 3.16 12.77 -69.86
C ARG XA 26 3.03 13.57 -71.15
N ASP XA 27 4.12 14.17 -71.61
CA ASP XA 27 4.12 14.88 -72.90
C ASP XA 27 4.58 13.91 -73.98
N SER XA 28 3.73 13.67 -74.97
CA SER XA 28 4.10 12.73 -76.02
C SER XA 28 5.15 13.29 -76.97
N HIS XA 29 5.69 14.48 -76.69
CA HIS XA 29 6.77 15.04 -77.48
C HIS XA 29 8.14 14.79 -76.89
N CYS XA 30 8.21 14.47 -75.60
CA CYS XA 30 9.48 14.16 -74.97
C CYS XA 30 9.81 12.70 -75.23
N ALA XA 31 11.10 12.42 -75.45
CA ALA XA 31 11.54 11.09 -75.84
C ALA XA 31 12.28 10.41 -74.69
N THR XA 32 12.06 9.10 -74.57
CA THR XA 32 12.75 8.31 -73.56
C THR XA 32 14.21 8.04 -73.90
N SER XA 33 14.72 8.57 -75.01
CA SER XA 33 16.09 8.33 -75.41
C SER XA 33 17.08 9.33 -74.81
N SER XA 34 16.72 10.61 -74.74
CA SER XA 34 17.61 11.64 -74.23
C SER XA 34 17.17 12.06 -72.83
N THR XA 35 17.39 11.18 -71.86
CA THR XA 35 17.03 11.41 -70.47
C THR XA 35 18.28 11.75 -69.66
N TYR XA 36 18.10 12.61 -68.65
CA TYR XA 36 19.20 13.08 -67.83
C TYR XA 36 18.77 13.12 -66.37
N TRP XA 37 19.75 12.99 -65.47
CA TRP XA 37 19.48 12.97 -64.04
C TRP XA 37 20.41 13.95 -63.32
N TYR XA 38 19.87 14.65 -62.33
CA TYR XA 38 20.62 15.66 -61.58
C TYR XA 38 20.34 15.50 -60.09
N ARG XA 39 21.38 15.53 -59.26
CA ARG XA 39 21.24 15.46 -57.81
C ARG XA 39 21.82 16.71 -57.15
N LYS XA 40 21.25 17.05 -55.99
CA LYS XA 40 21.68 18.20 -55.19
C LYS XA 40 21.97 17.69 -53.78
N LYS XA 41 23.25 17.62 -53.44
CA LYS XA 41 23.63 17.10 -52.13
C LYS XA 41 23.12 17.93 -50.97
N SER XA 42 22.50 17.25 -50.00
CA SER XA 42 21.93 17.84 -48.81
C SER XA 42 22.87 18.83 -48.15
N GLY XA 43 22.43 20.08 -48.04
CA GLY XA 43 23.17 21.14 -47.40
C GLY XA 43 23.95 22.03 -48.35
N SER XA 44 24.12 21.59 -49.59
CA SER XA 44 24.80 22.36 -50.61
C SER XA 44 23.78 22.90 -51.60
N THR XA 45 24.17 23.96 -52.30
CA THR XA 45 23.26 24.60 -53.25
C THR XA 45 23.56 24.24 -54.69
N ASN XA 46 24.83 24.05 -55.05
CA ASN XA 46 25.18 23.68 -56.41
C ASN XA 46 24.59 22.31 -56.74
N GLU XA 47 23.83 22.25 -57.83
CA GLU XA 47 23.25 21.01 -58.31
C GLU XA 47 24.22 20.30 -59.25
N GLU XA 48 24.61 19.09 -58.89
CA GLU XA 48 25.52 18.32 -59.72
C GLU XA 48 24.77 17.35 -60.64
N SER XA 49 25.43 16.96 -61.72
CA SER XA 49 24.88 16.11 -62.77
C SER XA 49 25.38 14.67 -62.57
N ILE XA 50 24.42 13.75 -62.43
CA ILE XA 50 24.76 12.34 -62.24
C ILE XA 50 25.26 11.74 -63.56
N SER XA 51 26.33 10.96 -63.46
CA SER XA 51 26.97 10.33 -64.60
C SER XA 51 26.48 8.90 -64.79
N LYS XA 52 26.48 8.45 -66.04
CA LYS XA 52 25.98 7.12 -66.41
C LYS XA 52 27.14 6.13 -66.41
N GLY XA 53 27.25 5.36 -65.33
CA GLY XA 53 28.29 4.34 -65.24
C GLY XA 53 28.54 3.83 -63.83
N GLY XA 54 28.61 2.50 -63.69
CA GLY XA 54 28.93 1.88 -62.41
C GLY XA 54 27.75 1.68 -61.48
N ARG XA 55 27.62 2.58 -60.50
CA ARG XA 55 26.57 2.52 -59.50
C ARG XA 55 25.20 2.90 -60.04
N TYR XA 56 25.17 3.63 -61.16
CA TYR XA 56 23.92 4.13 -61.75
C TYR XA 56 23.54 3.32 -62.99
N VAL XA 57 22.57 2.42 -62.83
CA VAL XA 57 22.06 1.62 -63.93
C VAL XA 57 20.68 2.17 -64.29
N GLU XA 58 20.41 2.28 -65.59
CA GLU XA 58 19.20 2.90 -66.11
C GLU XA 58 18.37 1.91 -66.90
N THR XA 59 17.07 1.83 -66.58
CA THR XA 59 16.11 1.04 -67.34
C THR XA 59 15.18 2.00 -68.07
N VAL XA 60 15.11 1.87 -69.39
CA VAL XA 60 14.25 2.71 -70.22
C VAL XA 60 13.33 1.80 -71.02
N ASN XA 61 12.06 2.17 -71.08
CA ASN XA 61 11.09 1.47 -71.92
C ASN XA 61 10.31 2.53 -72.69
N SER XA 62 10.58 2.61 -74.00
CA SER XA 62 9.93 3.62 -74.82
C SER XA 62 8.45 3.29 -75.06
N GLY XA 63 8.06 2.03 -74.91
CA GLY XA 63 6.67 1.68 -75.12
C GLY XA 63 5.74 2.37 -74.15
N SER XA 64 6.08 2.35 -72.86
CA SER XA 64 5.32 3.04 -71.83
C SER XA 64 5.84 4.45 -71.56
N LYS XA 65 6.89 4.86 -72.26
CA LYS XA 65 7.50 6.19 -72.08
C LYS XA 65 7.88 6.45 -70.63
N SER XA 66 8.52 5.46 -70.00
CA SER XA 66 8.95 5.56 -68.62
C SER XA 66 10.42 5.18 -68.54
N PHE XA 67 11.17 5.91 -67.71
CA PHE XA 67 12.56 5.59 -67.45
C PHE XA 67 12.81 5.60 -65.94
N SER XA 68 13.78 4.79 -65.52
CA SER XA 68 14.10 4.62 -64.11
C SER XA 68 15.60 4.73 -63.88
N LEU XA 69 15.98 4.91 -62.62
CA LEU XA 69 17.39 4.99 -62.23
C LEU XA 69 17.59 4.21 -60.93
N ARG XA 70 18.10 3.00 -61.05
CA ARG XA 70 18.44 2.19 -59.87
C ARG XA 70 19.79 2.59 -59.33
N ILE XA 71 19.84 2.86 -58.02
CA ILE XA 71 21.04 3.28 -57.33
C ILE XA 71 21.46 2.14 -56.40
N ASN XA 72 22.65 1.58 -56.61
CA ASN XA 72 23.14 0.51 -55.77
C ASN XA 72 24.17 1.06 -54.78
N ASP XA 73 24.93 0.15 -54.16
CA ASP XA 73 25.91 0.42 -53.10
C ASP XA 73 25.67 1.77 -52.44
N LEU XA 74 24.59 1.88 -51.67
CA LEU XA 74 24.19 3.15 -51.09
C LEU XA 74 25.03 3.48 -49.86
N THR XA 75 25.51 4.72 -49.80
CA THR XA 75 26.19 5.21 -48.61
C THR XA 75 25.30 6.22 -47.89
N VAL XA 76 25.85 6.83 -46.84
CA VAL XA 76 25.11 7.84 -46.08
C VAL XA 76 25.40 9.25 -46.54
N GLU XA 77 26.41 9.43 -47.39
CA GLU XA 77 26.73 10.73 -47.96
C GLU XA 77 26.05 10.95 -49.31
N ASP XA 78 25.28 9.99 -49.80
CA ASP XA 78 24.57 10.12 -51.07
C ASP XA 78 23.08 10.40 -50.88
N SER XA 79 22.75 11.21 -49.89
CA SER XA 79 21.37 11.58 -49.59
C SER XA 79 21.12 13.00 -50.10
N GLY XA 80 20.16 13.15 -50.99
CA GLY XA 80 19.90 14.44 -51.59
C GLY XA 80 18.70 14.35 -52.50
N THR XA 81 18.39 15.48 -53.14
CA THR XA 81 17.24 15.56 -54.00
C THR XA 81 17.65 15.19 -55.42
N TYR XA 82 17.07 14.11 -55.93
CA TYR XA 82 17.35 13.61 -57.26
C TYR XA 82 16.21 13.99 -58.19
N ARG XA 83 16.53 14.58 -59.33
CA ARG XA 83 15.54 14.92 -60.33
C ARG XA 83 15.87 14.22 -61.64
N CYS XA 84 14.82 13.92 -62.41
CA CYS XA 84 14.95 13.37 -63.75
C CYS XA 84 14.58 14.43 -64.78
N ALA XA 85 15.04 14.20 -66.01
CA ALA XA 85 14.91 15.18 -67.08
C ALA XA 85 14.76 14.47 -68.41
N SER XA 86 14.19 15.18 -69.38
CA SER XA 86 13.99 14.66 -70.72
C SER XA 86 13.99 15.82 -71.71
N GLU XA 87 14.41 15.52 -72.94
CA GLU XA 87 14.50 16.52 -74.00
C GLU XA 87 13.32 16.35 -74.95
N CYS XA 88 12.51 17.40 -75.08
CA CYS XA 88 11.33 17.40 -75.93
C CYS XA 88 11.57 18.28 -77.15
N GLN XA 89 11.01 17.87 -78.29
CA GLN XA 89 11.14 18.61 -79.54
C GLN XA 89 10.06 18.16 -80.50
N TYR XA 90 9.20 19.10 -80.93
CA TYR XA 90 8.20 18.76 -81.93
C TYR XA 90 8.39 19.57 -83.20
N GLY XA 91 7.94 20.82 -83.19
CA GLY XA 91 8.07 21.66 -84.37
C GLY XA 91 9.27 22.58 -84.31
N LEU XA 92 9.03 23.86 -84.07
CA LEU XA 92 10.08 24.84 -83.84
C LEU XA 92 10.47 24.93 -82.38
N ALA XA 93 9.90 24.08 -81.53
CA ALA XA 93 10.06 24.16 -80.09
C ALA XA 93 10.99 23.06 -79.59
N GLU XA 94 11.86 23.42 -78.65
CA GLU XA 94 12.74 22.49 -77.96
C GLU XA 94 12.80 22.94 -76.51
N TYR XA 95 12.46 22.04 -75.59
CA TYR XA 95 12.39 22.37 -74.17
C TYR XA 95 12.74 21.13 -73.37
N ASP XA 96 12.76 21.30 -72.05
CA ASP XA 96 13.05 20.21 -71.14
C ASP XA 96 12.05 20.25 -69.98
N VAL XA 97 11.96 19.13 -69.27
CA VAL XA 97 10.98 18.93 -68.23
C VAL XA 97 11.68 18.31 -67.03
N TYR XA 98 11.13 18.53 -65.84
CA TYR XA 98 11.80 18.16 -64.60
C TYR XA 98 10.84 17.46 -63.64
N GLY XA 99 11.42 16.95 -62.56
CA GLY XA 99 10.63 16.30 -61.53
C GLY XA 99 11.05 16.68 -60.12
N GLY XA 100 11.16 15.69 -59.24
CA GLY XA 100 11.65 15.93 -57.89
C GLY XA 100 11.51 14.72 -56.98
N GLY XA 101 12.50 14.48 -56.12
CA GLY XA 101 12.42 13.37 -55.20
C GLY XA 101 13.64 13.21 -54.32
N THR XA 102 13.43 13.13 -53.02
CA THR XA 102 14.50 13.22 -52.03
C THR XA 102 14.75 11.87 -51.36
N VAL XA 103 16.01 11.62 -51.02
CA VAL XA 103 16.43 10.39 -50.37
C VAL XA 103 17.15 10.74 -49.07
N VAL XA 104 16.88 9.95 -48.03
CA VAL XA 104 17.54 10.08 -46.74
C VAL XA 104 18.09 8.72 -46.37
N THR XA 105 19.38 8.68 -46.05
CA THR XA 105 20.06 7.44 -45.70
C THR XA 105 20.55 7.49 -44.26
N VAL XA 106 20.20 6.46 -43.49
CA VAL XA 106 20.69 6.32 -42.13
C VAL XA 106 21.82 5.31 -42.13
N ASN XA 107 22.68 5.40 -41.13
CA ASN XA 107 23.84 4.52 -41.06
C ASN XA 107 23.52 3.30 -40.21
N ALA XA 108 24.48 2.37 -40.11
CA ALA XA 108 24.27 1.11 -39.43
C ALA XA 108 25.23 0.88 -38.27
N ALA XA 109 25.95 1.92 -37.82
CA ALA XA 109 26.91 1.82 -36.72
C ALA XA 109 27.95 0.75 -36.98
N ALA XA 110 28.67 0.35 -35.94
CA ALA XA 110 29.70 -0.68 -36.06
C ALA XA 110 29.80 -1.38 -34.70
N HIS XA 111 29.26 -2.59 -34.63
CA HIS XA 111 29.23 -3.35 -33.39
C HIS XA 111 30.61 -3.46 -32.78
N HIS XA 112 30.81 -2.82 -31.64
CA HIS XA 112 32.11 -2.72 -31.00
C HIS XA 112 32.25 -3.74 -29.87
N HIS XA 113 32.01 -5.00 -30.22
CA HIS XA 113 32.13 -6.12 -29.28
C HIS XA 113 31.21 -5.94 -28.08
N PRO YA 7 59.28 -30.36 -5.72
CA PRO YA 7 59.61 -28.95 -5.90
C PRO YA 7 60.84 -28.51 -5.09
N SER YA 8 60.68 -28.44 -3.77
CA SER YA 8 61.70 -28.04 -2.81
C SER YA 8 62.05 -26.57 -2.94
N ASP YA 9 62.23 -25.89 -1.81
CA ASP YA 9 62.46 -24.44 -1.80
C ASP YA 9 63.41 -24.11 -0.65
N LYS YA 10 63.64 -22.79 -0.49
CA LYS YA 10 64.51 -22.04 0.43
C LYS YA 10 65.89 -21.80 -0.16
N PRO YA 11 66.52 -20.67 0.16
CA PRO YA 11 67.91 -20.45 -0.27
C PRO YA 11 68.83 -21.55 0.23
N VAL YA 12 69.61 -22.13 -0.68
CA VAL YA 12 70.46 -23.26 -0.34
C VAL YA 12 71.72 -23.18 -1.17
N ALA YA 13 72.80 -23.75 -0.62
CA ALA YA 13 74.08 -23.84 -1.30
C ALA YA 13 74.92 -24.90 -0.60
N HIS YA 14 75.56 -25.77 -1.39
CA HIS YA 14 76.55 -26.73 -0.91
C HIS YA 14 77.55 -26.88 -2.05
N VAL YA 15 78.65 -26.13 -2.00
CA VAL YA 15 79.63 -26.11 -3.08
C VAL YA 15 80.89 -26.84 -2.64
N VAL YA 16 81.58 -27.43 -3.62
CA VAL YA 16 82.76 -28.23 -3.37
C VAL YA 16 83.91 -27.64 -4.16
N ALA YA 17 85.13 -27.82 -3.64
CA ALA YA 17 86.30 -27.25 -4.29
C ALA YA 17 86.54 -27.90 -5.65
N ASN YA 18 87.19 -27.15 -6.53
CA ASN YA 18 87.53 -27.68 -7.85
C ASN YA 18 88.72 -28.62 -7.69
N PRO YA 19 88.59 -29.90 -8.05
CA PRO YA 19 89.73 -30.81 -7.89
C PRO YA 19 90.88 -30.48 -8.82
N GLN YA 20 90.60 -29.98 -10.03
CA GLN YA 20 91.65 -29.61 -10.97
C GLN YA 20 92.08 -28.15 -10.83
N ALA YA 21 91.97 -27.59 -9.62
CA ALA YA 21 92.44 -26.25 -9.27
C ALA YA 21 93.61 -26.51 -8.31
N GLU YA 22 94.80 -26.71 -8.87
CA GLU YA 22 95.92 -27.27 -8.12
C GLU YA 22 96.36 -26.41 -6.95
N GLY YA 23 96.44 -25.09 -7.10
CA GLY YA 23 96.87 -24.32 -5.94
C GLY YA 23 95.89 -23.28 -5.41
N GLN YA 24 94.59 -23.50 -5.58
CA GLN YA 24 93.61 -22.52 -5.12
C GLN YA 24 92.29 -23.19 -4.80
N LEU YA 25 91.48 -22.48 -4.01
CA LEU YA 25 90.19 -22.95 -3.51
C LEU YA 25 89.07 -22.23 -4.27
N GLN YA 26 88.65 -22.81 -5.40
CA GLN YA 26 87.53 -22.27 -6.17
C GLN YA 26 86.30 -23.13 -5.92
N TRP YA 27 85.21 -22.49 -5.49
CA TRP YA 27 83.99 -23.23 -5.16
C TRP YA 27 83.19 -23.51 -6.43
N LEU YA 28 82.73 -24.75 -6.57
CA LEU YA 28 81.98 -25.19 -7.73
C LEU YA 28 80.63 -25.73 -7.30
N ASN YA 29 79.65 -25.62 -8.21
CA ASN YA 29 78.30 -26.13 -7.97
C ASN YA 29 77.87 -27.18 -8.99
N ARG YA 30 78.54 -27.27 -10.14
CA ARG YA 30 78.16 -28.15 -11.23
C ARG YA 30 78.82 -29.53 -11.09
N ARG YA 31 78.48 -30.16 -9.97
CA ARG YA 31 78.95 -31.50 -9.64
C ARG YA 31 77.82 -32.33 -9.04
N ALA YA 32 77.89 -33.63 -9.30
CA ALA YA 32 76.89 -34.65 -8.97
C ALA YA 32 76.10 -34.40 -7.68
N ASN YA 33 76.77 -34.10 -6.57
CA ASN YA 33 76.11 -33.97 -5.28
C ASN YA 33 76.34 -32.60 -4.66
N ALA YA 34 76.22 -31.54 -5.46
CA ALA YA 34 76.38 -30.18 -4.98
C ALA YA 34 75.16 -29.35 -5.39
N LEU YA 35 74.85 -28.35 -4.59
CA LEU YA 35 73.67 -27.54 -4.80
C LEU YA 35 74.05 -26.07 -4.74
N LEU YA 36 73.34 -25.27 -5.54
CA LEU YA 36 73.48 -23.81 -5.50
C LEU YA 36 72.25 -23.28 -6.23
N ALA YA 37 71.18 -23.03 -5.49
CA ALA YA 37 69.91 -22.74 -6.11
C ALA YA 37 69.07 -21.85 -5.21
N ASN YA 38 67.93 -21.41 -5.76
CA ASN YA 38 66.94 -20.61 -5.05
C ASN YA 38 67.49 -19.24 -4.62
N GLY YA 39 68.38 -18.66 -5.41
CA GLY YA 39 68.77 -17.28 -5.27
C GLY YA 39 70.18 -17.03 -4.78
N VAL YA 40 70.80 -18.00 -4.09
CA VAL YA 40 72.15 -17.79 -3.57
C VAL YA 40 73.11 -17.65 -4.74
N GLU YA 41 73.89 -16.58 -4.72
CA GLU YA 41 74.85 -16.29 -5.77
C GLU YA 41 76.25 -16.59 -5.28
N LEU YA 42 77.08 -17.10 -6.18
CA LEU YA 42 78.50 -17.31 -5.93
C LEU YA 42 79.21 -16.28 -6.79
N ARG YA 43 79.67 -15.19 -6.20
CA ARG YA 43 80.30 -14.19 -7.04
C ARG YA 43 81.79 -14.52 -7.15
N ASP YA 44 82.65 -13.64 -6.63
CA ASP YA 44 84.09 -13.84 -6.75
C ASP YA 44 84.56 -14.65 -5.54
N ASN YA 45 84.20 -15.94 -5.59
CA ASN YA 45 84.44 -16.91 -4.53
C ASN YA 45 83.82 -16.47 -3.21
N GLN YA 46 82.66 -15.83 -3.29
CA GLN YA 46 81.90 -15.36 -2.14
C GLN YA 46 80.43 -15.70 -2.35
N LEU YA 47 79.75 -16.11 -1.29
CA LEU YA 47 78.32 -16.40 -1.36
C LEU YA 47 77.53 -15.14 -0.99
N VAL YA 48 76.52 -14.83 -1.80
CA VAL YA 48 75.70 -13.65 -1.63
C VAL YA 48 74.36 -14.09 -1.08
N VAL YA 49 74.03 -13.64 0.13
CA VAL YA 49 72.76 -14.01 0.75
C VAL YA 49 71.64 -13.30 0.00
N PRO YA 50 70.62 -14.02 -0.47
CA PRO YA 50 69.58 -13.38 -1.30
C PRO YA 50 68.41 -12.84 -0.50
N SER YA 51 68.24 -13.29 0.75
CA SER YA 51 67.09 -12.88 1.55
C SER YA 51 67.44 -12.94 3.02
N GLU YA 52 66.83 -12.05 3.80
CA GLU YA 52 67.06 -12.00 5.23
C GLU YA 52 66.29 -13.12 5.93
N GLY YA 53 66.93 -13.71 6.93
CA GLY YA 53 66.32 -14.80 7.67
C GLY YA 53 67.37 -15.51 8.49
N LEU YA 54 67.00 -16.68 9.00
CA LEU YA 54 67.92 -17.50 9.76
C LEU YA 54 68.60 -18.48 8.82
N TYR YA 55 69.93 -18.48 8.81
CA TYR YA 55 70.70 -19.36 7.96
C TYR YA 55 71.59 -20.27 8.81
N LEU YA 56 71.89 -21.43 8.24
CA LEU YA 56 72.85 -22.37 8.80
C LEU YA 56 74.10 -22.35 7.92
N ILE YA 57 75.24 -22.02 8.51
CA ILE YA 57 76.49 -21.87 7.79
C ILE YA 57 77.42 -22.98 8.23
N TYR YA 58 78.05 -23.66 7.26
CA TYR YA 58 78.97 -24.73 7.56
C TYR YA 58 80.03 -24.82 6.48
N SER YA 59 81.18 -25.40 6.85
CA SER YA 59 82.25 -25.66 5.90
C SER YA 59 83.25 -26.62 6.53
N GLN YA 60 83.83 -27.47 5.70
CA GLN YA 60 84.90 -28.36 6.10
C GLN YA 60 86.06 -28.19 5.14
N VAL YA 61 87.27 -28.24 5.68
CA VAL YA 61 88.49 -28.20 4.89
C VAL YA 61 89.40 -29.32 5.36
N LEU YA 62 90.04 -30.01 4.43
CA LEU YA 62 90.97 -31.08 4.75
C LEU YA 62 92.35 -30.65 4.30
N PHE YA 63 93.31 -30.67 5.23
CA PHE YA 63 94.69 -30.29 4.95
C PHE YA 63 95.57 -31.53 4.87
N LYS YA 64 96.40 -31.59 3.83
CA LYS YA 64 97.33 -32.69 3.66
C LYS YA 64 98.67 -32.11 3.21
N GLY YA 65 99.73 -32.58 3.85
CA GLY YA 65 101.08 -32.24 3.46
C GLY YA 65 101.92 -33.50 3.51
N GLN YA 66 103.01 -33.51 2.75
CA GLN YA 66 103.81 -34.72 2.62
C GLN YA 66 105.04 -34.67 3.52
N GLY YA 67 104.86 -34.17 4.73
CA GLY YA 67 105.90 -34.07 5.74
C GLY YA 67 105.86 -32.64 6.23
N CYS YA 68 106.18 -32.44 7.51
CA CYS YA 68 106.21 -31.09 8.05
C CYS YA 68 107.64 -30.69 8.39
N PRO YA 69 108.30 -29.87 7.55
CA PRO YA 69 109.68 -29.47 7.87
C PRO YA 69 109.74 -28.39 8.92
N SER YA 70 108.73 -27.53 8.96
CA SER YA 70 108.63 -26.43 9.91
C SER YA 70 107.76 -26.84 11.10
N THR YA 71 108.30 -26.66 12.31
CA THR YA 71 107.52 -26.92 13.51
C THR YA 71 106.42 -25.89 13.74
N HIS YA 72 106.64 -24.61 13.40
CA HIS YA 72 105.65 -23.57 13.66
C HIS YA 72 104.82 -23.24 12.42
N VAL YA 73 104.04 -24.20 11.93
CA VAL YA 73 103.09 -23.96 10.84
C VAL YA 73 101.70 -23.86 11.45
N LEU YA 74 100.93 -22.85 11.02
CA LEU YA 74 99.60 -22.61 11.55
C LEU YA 74 98.54 -22.74 10.47
N LEU YA 75 97.56 -23.59 10.71
CA LEU YA 75 96.42 -23.78 9.81
C LEU YA 75 95.20 -23.06 10.37
N THR YA 76 94.61 -22.19 9.57
CA THR YA 76 93.41 -21.47 9.98
C THR YA 76 92.31 -21.70 8.95
N HIS YA 77 91.08 -21.57 9.42
CA HIS YA 77 89.90 -21.76 8.57
C HIS YA 77 88.80 -20.91 9.16
N THR YA 78 88.28 -19.97 8.37
CA THR YA 78 87.33 -18.99 8.87
C THR YA 78 86.20 -18.77 7.88
N ILE YA 79 84.98 -18.62 8.39
CA ILE YA 79 83.85 -18.14 7.60
C ILE YA 79 83.58 -16.73 8.07
N SER YA 80 83.70 -15.78 7.14
CA SER YA 80 83.62 -14.36 7.44
C SER YA 80 82.40 -13.74 6.77
N ARG YA 81 82.05 -12.55 7.23
CA ARG YA 81 80.84 -11.85 6.81
C ARG YA 81 81.10 -10.36 6.58
N ILE YA 82 80.76 -9.87 5.40
CA ILE YA 82 80.68 -8.44 5.14
C ILE YA 82 79.21 -8.10 4.94
N ALA YA 83 78.65 -7.31 5.85
CA ALA YA 83 77.22 -7.00 5.86
C ALA YA 83 76.99 -5.60 5.32
N VAL YA 84 75.76 -5.36 4.84
CA VAL YA 84 75.40 -4.04 4.34
C VAL YA 84 75.30 -3.03 5.47
N SER YA 85 74.91 -3.47 6.68
CA SER YA 85 74.75 -2.53 7.79
C SER YA 85 76.09 -2.14 8.41
N TYR YA 86 77.05 -3.06 8.45
CA TYR YA 86 78.36 -2.80 9.05
C TYR YA 86 79.40 -3.35 8.10
N GLN YA 87 80.02 -2.45 7.33
CA GLN YA 87 80.84 -2.81 6.16
C GLN YA 87 82.27 -3.22 6.52
N THR YA 88 82.45 -4.07 7.51
CA THR YA 88 83.77 -4.58 7.84
C THR YA 88 83.72 -6.11 7.90
N LYS YA 89 84.75 -6.74 7.36
CA LYS YA 89 84.82 -8.20 7.38
C LYS YA 89 85.07 -8.66 8.81
N VAL YA 90 84.11 -9.40 9.35
CA VAL YA 90 84.20 -9.96 10.70
C VAL YA 90 84.05 -11.47 10.61
N ASN YA 91 84.77 -12.19 11.47
CA ASN YA 91 84.69 -13.64 11.46
C ASN YA 91 83.46 -14.09 12.23
N LEU YA 92 82.67 -14.96 11.59
CA LEU YA 92 81.51 -15.60 12.20
C LEU YA 92 81.92 -16.93 12.84
N LEU YA 93 82.73 -17.71 12.14
CA LEU YA 93 83.24 -18.98 12.59
C LEU YA 93 84.73 -19.04 12.28
N SER YA 94 85.50 -19.59 13.21
CA SER YA 94 86.94 -19.67 13.03
C SER YA 94 87.47 -20.91 13.74
N ALA YA 95 88.59 -21.43 13.24
CA ALA YA 95 89.27 -22.55 13.87
C ALA YA 95 90.74 -22.49 13.50
N ILE YA 96 91.58 -22.93 14.43
CA ILE YA 96 93.03 -22.97 14.26
C ILE YA 96 93.51 -24.37 14.61
N LYS YA 97 94.53 -24.84 13.89
CA LYS YA 97 95.04 -26.17 14.15
C LYS YA 97 96.52 -26.22 13.81
N SER YA 98 97.32 -26.81 14.70
CA SER YA 98 98.75 -26.97 14.50
C SER YA 98 99.05 -28.39 14.07
N PRO YA 99 99.53 -28.62 12.84
CA PRO YA 99 99.65 -29.99 12.33
C PRO YA 99 100.88 -30.75 12.77
N CYS YA 100 101.96 -30.06 13.13
CA CYS YA 100 103.26 -30.68 13.35
C CYS YA 100 103.67 -30.52 14.82
N GLN YA 101 103.76 -31.64 15.52
CA GLN YA 101 104.16 -31.70 16.92
C GLN YA 101 105.69 -31.77 17.02
N ARG YA 102 106.34 -30.70 16.52
CA ARG YA 102 107.80 -30.59 16.38
C ARG YA 102 108.28 -31.38 15.16
N GLU YA 103 108.63 -32.64 15.36
CA GLU YA 103 109.10 -33.56 14.33
C GLU YA 103 110.29 -33.05 13.52
N THR YA 104 110.04 -32.35 12.41
CA THR YA 104 111.07 -31.87 11.49
C THR YA 104 111.97 -33.06 11.13
N PRO YA 105 111.52 -33.93 10.22
CA PRO YA 105 112.19 -35.21 9.91
C PRO YA 105 113.65 -35.06 9.49
N ALA YA 110 109.68 -39.01 3.91
CA ALA YA 110 108.33 -38.50 3.66
C ALA YA 110 107.31 -39.16 4.58
N LYS YA 111 106.43 -38.35 5.16
CA LYS YA 111 105.41 -38.83 6.09
C LYS YA 111 104.16 -37.97 5.94
N PRO YA 112 103.20 -38.41 5.13
CA PRO YA 112 102.00 -37.58 4.89
C PRO YA 112 101.09 -37.49 6.10
N TRP YA 113 100.77 -36.26 6.49
CA TRP YA 113 99.84 -35.96 7.57
C TRP YA 113 98.54 -35.43 6.99
N TYR YA 114 97.43 -35.71 7.69
CA TYR YA 114 96.11 -35.24 7.31
C TYR YA 114 95.45 -34.55 8.50
N GLU YA 115 94.88 -33.36 8.25
CA GLU YA 115 94.16 -32.63 9.29
C GLU YA 115 92.86 -32.04 8.77
N PRO YA 116 91.71 -32.47 9.28
CA PRO YA 116 90.46 -31.81 8.88
C PRO YA 116 90.03 -30.76 9.88
N ILE YA 117 89.21 -29.82 9.44
CA ILE YA 117 88.67 -28.77 10.30
C ILE YA 117 87.23 -28.53 9.87
N TYR YA 118 86.31 -28.50 10.84
CA TYR YA 118 84.90 -28.34 10.54
C TYR YA 118 84.35 -27.14 11.29
N LEU YA 119 83.45 -26.41 10.62
CA LEU YA 119 82.88 -25.19 11.15
C LEU YA 119 81.37 -25.20 10.91
N GLY YA 120 80.61 -24.70 11.87
CA GLY YA 120 79.17 -24.62 11.68
C GLY YA 120 78.46 -23.73 12.67
N GLY YA 121 77.42 -23.02 12.24
CA GLY YA 121 76.66 -22.18 13.14
C GLY YA 121 75.47 -21.54 12.48
N VAL YA 122 74.57 -21.02 13.30
CA VAL YA 122 73.34 -20.36 12.86
C VAL YA 122 73.49 -18.86 13.07
N PHE YA 123 73.10 -18.08 12.07
CA PHE YA 123 73.26 -16.63 12.10
C PHE YA 123 72.09 -15.99 11.38
N GLN YA 124 71.82 -14.74 11.73
CA GLN YA 124 70.83 -13.94 11.00
C GLN YA 124 71.58 -13.10 9.98
N LEU YA 125 71.25 -13.31 8.71
CA LEU YA 125 71.89 -12.60 7.62
C LEU YA 125 70.86 -11.69 6.95
N GLU YA 126 71.34 -10.60 6.39
CA GLU YA 126 70.49 -9.61 5.74
C GLU YA 126 70.71 -9.67 4.22
N LYS YA 127 69.83 -8.98 3.50
CA LYS YA 127 69.91 -8.99 2.04
C LYS YA 127 71.22 -8.39 1.57
N GLY YA 128 71.89 -9.09 0.66
CA GLY YA 128 73.12 -8.62 0.06
C GLY YA 128 74.37 -8.91 0.85
N ASP YA 129 74.26 -9.53 2.03
CA ASP YA 129 75.46 -9.86 2.79
C ASP YA 129 76.28 -10.91 2.05
N ARG YA 130 77.59 -10.74 2.06
CA ARG YA 130 78.51 -11.62 1.34
C ARG YA 130 79.37 -12.39 2.33
N LEU YA 131 79.13 -13.69 2.42
CA LEU YA 131 79.92 -14.58 3.24
C LEU YA 131 80.99 -15.27 2.41
N SER YA 132 82.14 -15.52 3.02
CA SER YA 132 83.26 -16.13 2.31
C SER YA 132 83.95 -17.11 3.22
N ALA YA 133 84.17 -18.31 2.71
CA ALA YA 133 84.94 -19.32 3.43
C ALA YA 133 86.35 -19.33 2.87
N GLU YA 134 87.33 -19.18 3.75
CA GLU YA 134 88.70 -19.00 3.32
C GLU YA 134 89.64 -19.72 4.28
N ILE YA 135 90.81 -20.07 3.76
CA ILE YA 135 91.87 -20.70 4.52
C ILE YA 135 93.18 -20.03 4.15
N ASN YA 136 94.16 -20.15 5.03
CA ASN YA 136 95.41 -19.42 4.88
C ASN YA 136 96.39 -20.12 3.94
N ARG YA 137 96.32 -21.45 3.83
CA ARG YA 137 97.26 -22.25 3.07
C ARG YA 137 96.54 -22.97 1.93
N PRO YA 138 96.37 -22.31 0.76
CA PRO YA 138 95.68 -22.98 -0.35
C PRO YA 138 96.56 -23.98 -1.07
N ASP YA 139 97.74 -24.23 -0.53
CA ASP YA 139 98.64 -25.25 -1.04
C ASP YA 139 98.51 -26.60 -0.34
N TYR YA 140 97.80 -26.66 0.78
CA TYR YA 140 97.60 -27.92 1.51
C TYR YA 140 96.20 -28.48 1.34
N LEU YA 141 95.41 -27.93 0.43
CA LEU YA 141 94.07 -28.41 0.20
C LEU YA 141 94.13 -29.80 -0.43
N ASP YA 142 93.35 -30.73 0.12
CA ASP YA 142 93.24 -32.07 -0.42
C ASP YA 142 91.81 -32.23 -0.94
N PHE YA 143 91.59 -31.81 -2.17
CA PHE YA 143 90.35 -32.03 -2.91
C PHE YA 143 90.46 -33.20 -3.87
N ALA YA 144 91.27 -34.20 -3.53
CA ALA YA 144 91.52 -35.32 -4.42
C ALA YA 144 90.28 -36.18 -4.62
N GLU YA 145 89.91 -36.98 -3.63
CA GLU YA 145 88.74 -37.85 -3.74
C GLU YA 145 87.51 -37.21 -3.11
N SER YA 146 86.38 -37.31 -3.80
CA SER YA 146 85.08 -37.08 -3.18
C SER YA 146 84.91 -35.67 -2.64
N GLY YA 147 83.95 -35.52 -1.72
CA GLY YA 147 83.73 -34.24 -1.07
C GLY YA 147 84.44 -34.13 0.27
N GLN YA 148 85.73 -33.80 0.23
CA GLN YA 148 86.51 -33.62 1.45
C GLN YA 148 86.56 -32.18 1.92
N VAL YA 149 86.36 -31.24 1.00
CA VAL YA 149 86.28 -29.82 1.31
C VAL YA 149 85.03 -29.27 0.64
N TYR YA 150 84.22 -28.54 1.39
CA TYR YA 150 82.94 -28.06 0.92
C TYR YA 150 82.53 -26.88 1.77
N PHE YA 151 81.42 -26.25 1.39
CA PHE YA 151 81.00 -25.00 2.00
C PHE YA 151 79.56 -24.71 1.61
N GLY YA 152 78.71 -24.35 2.58
CA GLY YA 152 77.30 -24.18 2.24
C GLY YA 152 76.53 -23.40 3.27
N ILE YA 153 75.36 -22.91 2.81
CA ILE YA 153 74.38 -22.24 3.65
C ILE YA 153 73.01 -22.82 3.29
N ILE YA 154 72.09 -22.76 4.25
CA ILE YA 154 70.73 -23.24 4.03
C ILE YA 154 69.78 -22.39 4.88
N ALA YA 155 68.73 -21.88 4.25
CA ALA YA 155 67.75 -21.03 4.91
C ALA YA 155 66.77 -21.87 5.73
N LEU YA 156 66.81 -21.72 7.05
CA LEU YA 156 65.86 -22.38 7.92
C LEU YA 156 64.60 -21.54 8.12
N ARG ZA 5 63.21 -5.22 10.70
CA ARG ZA 5 62.47 -5.26 9.44
C ARG ZA 5 62.51 -6.67 8.84
N THR ZA 6 62.45 -7.69 9.71
CA THR ZA 6 62.37 -9.08 9.29
C THR ZA 6 61.42 -9.83 10.22
N PRO ZA 7 60.59 -10.70 9.64
CA PRO ZA 7 59.56 -11.40 10.42
C PRO ZA 7 60.12 -12.34 11.48
N SER ZA 8 59.34 -12.50 12.54
CA SER ZA 8 59.65 -13.43 13.63
C SER ZA 8 59.68 -14.86 13.12
N ASP ZA 9 60.28 -15.75 13.92
CA ASP ZA 9 60.47 -17.13 13.48
C ASP ZA 9 60.19 -18.14 14.59
N LYS ZA 10 61.11 -19.09 14.76
CA LYS ZA 10 60.99 -20.23 15.66
C LYS ZA 10 62.18 -20.22 16.61
N PRO ZA 11 62.06 -20.89 17.77
CA PRO ZA 11 63.11 -20.79 18.79
C PRO ZA 11 64.52 -21.03 18.28
N VAL ZA 12 65.42 -20.10 18.60
CA VAL ZA 12 66.80 -20.12 18.16
C VAL ZA 12 67.65 -19.49 19.26
N ALA ZA 13 68.92 -19.90 19.32
CA ALA ZA 13 69.88 -19.33 20.26
C ALA ZA 13 71.28 -19.65 19.75
N HIS ZA 14 72.16 -18.64 19.76
CA HIS ZA 14 73.56 -18.83 19.38
C HIS ZA 14 74.40 -17.88 20.24
N VAL ZA 15 75.00 -18.43 21.29
CA VAL ZA 15 75.78 -17.65 22.25
C VAL ZA 15 77.26 -17.94 22.04
N VAL ZA 16 78.09 -16.97 22.41
CA VAL ZA 16 79.53 -17.02 22.20
C VAL ZA 16 80.21 -16.88 23.57
N ALA ZA 17 81.41 -17.44 23.70
CA ALA ZA 17 82.12 -17.37 24.96
C ALA ZA 17 82.47 -15.93 25.29
N ASN ZA 18 82.54 -15.62 26.58
CA ASN ZA 18 82.83 -14.27 27.03
C ASN ZA 18 84.32 -13.98 26.93
N PRO ZA 19 84.75 -12.97 26.18
CA PRO ZA 19 86.19 -12.68 26.10
C PRO ZA 19 86.77 -12.12 27.39
N GLN ZA 20 86.01 -11.32 28.14
CA GLN ZA 20 86.47 -10.75 29.41
C GLN ZA 20 86.10 -11.63 30.61
N ALA ZA 21 86.11 -12.95 30.40
CA ALA ZA 21 85.84 -13.95 31.42
C ALA ZA 21 87.16 -14.66 31.71
N GLU ZA 22 87.93 -14.12 32.66
CA GLU ZA 22 89.26 -14.62 32.96
C GLU ZA 22 89.22 -16.07 33.44
N GLY ZA 23 89.70 -16.98 32.60
CA GLY ZA 23 89.74 -18.39 32.95
C GLY ZA 23 88.39 -19.04 33.12
N GLN ZA 24 87.38 -18.61 32.35
CA GLN ZA 24 86.04 -19.14 32.52
C GLN ZA 24 85.29 -19.19 31.20
N LEU ZA 25 84.30 -20.07 31.15
CA LEU ZA 25 83.41 -20.26 30.00
C LEU ZA 25 82.05 -19.68 30.40
N GLN ZA 26 81.90 -18.38 30.22
CA GLN ZA 26 80.65 -17.68 30.51
C GLN ZA 26 79.93 -17.33 29.22
N TRP ZA 27 78.68 -17.74 29.10
CA TRP ZA 27 77.91 -17.56 27.87
C TRP ZA 27 77.27 -16.18 27.84
N LEU ZA 28 77.38 -15.52 26.70
CA LEU ZA 28 76.83 -14.19 26.50
C LEU ZA 28 75.86 -14.20 25.32
N ASN ZA 29 74.86 -13.33 25.37
CA ASN ZA 29 73.91 -13.19 24.28
C ASN ZA 29 73.84 -11.78 23.72
N ARG ZA 30 74.30 -10.79 24.45
CA ARG ZA 30 74.21 -9.38 24.05
C ARG ZA 30 75.50 -8.93 23.37
N ARG ZA 31 75.89 -9.66 22.33
CA ARG ZA 31 77.06 -9.30 21.52
C ARG ZA 31 76.82 -9.62 20.05
N ALA ZA 32 77.39 -8.76 19.19
CA ALA ZA 32 77.29 -8.88 17.73
C ALA ZA 32 77.35 -10.32 17.24
N ASN ZA 33 76.46 -10.65 16.30
CA ASN ZA 33 76.34 -11.99 15.71
C ASN ZA 33 76.04 -13.07 16.75
N ALA ZA 34 75.19 -12.74 17.72
CA ALA ZA 34 74.70 -13.71 18.69
C ALA ZA 34 73.20 -13.54 18.80
N LEU ZA 35 72.50 -14.65 19.07
CA LEU ZA 35 71.05 -14.63 19.11
C LEU ZA 35 70.55 -15.38 20.34
N LEU ZA 36 69.41 -14.92 20.85
CA LEU ZA 36 68.70 -15.59 21.95
C LEU ZA 36 67.28 -15.02 21.93
N ALA ZA 37 66.38 -15.70 21.21
CA ALA ZA 37 65.07 -15.13 20.93
C ALA ZA 37 64.04 -16.24 20.78
N ASN ZA 38 62.79 -15.81 20.64
CA ASN ZA 38 61.64 -16.69 20.41
C ASN ZA 38 61.41 -17.66 21.57
N GLY ZA 39 61.73 -17.23 22.78
CA GLY ZA 39 61.37 -17.94 23.99
C GLY ZA 39 62.53 -18.55 24.73
N VAL ZA 40 63.66 -18.78 24.06
CA VAL ZA 40 64.82 -19.37 24.70
C VAL ZA 40 65.37 -18.41 25.74
N GLU ZA 41 65.53 -18.90 26.97
CA GLU ZA 41 66.11 -18.13 28.05
C GLU ZA 41 67.52 -18.65 28.33
N LEU ZA 42 68.38 -17.73 28.74
CA LEU ZA 42 69.72 -18.08 29.20
C LEU ZA 42 69.69 -17.89 30.71
N ARG ZA 43 69.57 -19.00 31.45
CA ARG ZA 43 69.55 -18.83 32.90
C ARG ZA 43 70.96 -18.88 33.46
N ASP ZA 44 71.26 -19.87 34.31
CA ASP ZA 44 72.56 -19.88 35.00
C ASP ZA 44 73.55 -20.66 34.14
N ASN ZA 45 74.01 -20.01 33.08
CA ASN ZA 45 74.91 -20.59 32.08
C ASN ZA 45 74.30 -21.83 31.44
N GLN ZA 46 72.97 -21.84 31.28
CA GLN ZA 46 72.24 -22.95 30.71
C GLN ZA 46 71.17 -22.40 29.77
N LEU ZA 47 70.95 -23.08 28.65
CA LEU ZA 47 69.89 -22.70 27.72
C LEU ZA 47 68.63 -23.48 28.07
N VAL ZA 48 67.52 -22.77 28.19
CA VAL ZA 48 66.25 -23.34 28.62
C VAL ZA 48 65.32 -23.43 27.42
N VAL ZA 49 64.91 -24.64 27.08
CA VAL ZA 49 64.04 -24.87 25.92
C VAL ZA 49 62.65 -24.31 26.23
N PRO ZA 50 62.08 -23.48 25.37
CA PRO ZA 50 60.78 -22.85 25.67
C PRO ZA 50 59.60 -23.67 25.18
N SER ZA 51 59.83 -24.62 24.28
CA SER ZA 51 58.76 -25.41 23.70
C SER ZA 51 59.31 -26.76 23.27
N GLU ZA 52 58.46 -27.77 23.35
CA GLU ZA 52 58.86 -29.12 23.00
C GLU ZA 52 58.97 -29.27 21.49
N GLY ZA 53 59.98 -30.01 21.05
CA GLY ZA 53 60.15 -30.24 19.63
C GLY ZA 53 61.52 -30.81 19.33
N LEU ZA 54 61.83 -30.84 18.04
CA LEU ZA 54 63.10 -31.32 17.52
C LEU ZA 54 64.05 -30.15 17.36
N TYR ZA 55 65.22 -30.24 17.98
CA TYR ZA 55 66.21 -29.19 17.93
C TYR ZA 55 67.53 -29.74 17.38
N LEU ZA 56 68.33 -28.86 16.80
CA LEU ZA 56 69.70 -29.19 16.43
C LEU ZA 56 70.62 -28.47 17.41
N ILE ZA 57 71.47 -29.24 18.08
CA ILE ZA 57 72.37 -28.72 19.12
C ILE ZA 57 73.78 -28.80 18.58
N TYR ZA 58 74.54 -27.72 18.73
CA TYR ZA 58 75.92 -27.69 18.27
C TYR ZA 58 76.74 -26.79 19.18
N SER ZA 59 78.04 -27.04 19.20
CA SER ZA 59 78.98 -26.23 19.94
C SER ZA 59 80.39 -26.54 19.46
N GLN ZA 60 81.23 -25.51 19.49
CA GLN ZA 60 82.66 -25.65 19.21
C GLN ZA 60 83.43 -25.00 20.33
N VAL ZA 61 84.56 -25.61 20.69
CA VAL ZA 61 85.46 -25.06 21.69
C VAL ZA 61 86.86 -25.07 21.08
N LEU ZA 62 87.62 -24.02 21.33
CA LEU ZA 62 88.98 -23.91 20.83
C LEU ZA 62 89.96 -23.96 21.99
N PHE ZA 63 90.87 -24.93 21.95
CA PHE ZA 63 91.88 -25.11 22.98
C PHE ZA 63 93.23 -24.64 22.47
N LYS ZA 64 93.93 -23.88 23.31
CA LYS ZA 64 95.28 -23.42 23.00
C LYS ZA 64 96.13 -23.56 24.25
N GLY ZA 65 97.34 -24.05 24.08
CA GLY ZA 65 98.27 -24.14 25.20
C GLY ZA 65 99.65 -23.68 24.79
N GLN ZA 66 100.38 -23.16 25.77
CA GLN ZA 66 101.71 -22.60 25.53
C GLN ZA 66 102.81 -23.54 26.02
N GLY ZA 67 102.71 -24.79 25.63
CA GLY ZA 67 103.67 -25.82 26.03
C GLY ZA 67 103.01 -27.12 26.40
N CYS ZA 68 103.76 -28.20 26.27
CA CYS ZA 68 103.26 -29.55 26.59
C CYS ZA 68 103.86 -30.06 27.88
N PRO ZA 69 103.09 -30.10 28.95
CA PRO ZA 69 103.58 -30.60 30.23
C PRO ZA 69 103.61 -32.13 30.20
N SER ZA 70 104.04 -32.71 31.32
CA SER ZA 70 104.19 -34.15 31.40
C SER ZA 70 102.97 -34.85 31.96
N THR ZA 71 102.14 -34.13 32.73
CA THR ZA 71 100.87 -34.62 33.23
C THR ZA 71 100.11 -35.40 32.16
N HIS ZA 72 100.20 -34.92 30.91
CA HIS ZA 72 99.49 -35.49 29.77
C HIS ZA 72 97.99 -35.26 29.99
N VAL ZA 73 97.53 -34.10 29.61
CA VAL ZA 73 96.14 -33.67 29.80
C VAL ZA 73 95.25 -34.23 28.71
N LEU ZA 74 94.04 -34.61 29.10
CA LEU ZA 74 93.02 -35.11 28.19
C LEU ZA 74 91.91 -34.08 28.16
N LEU ZA 75 91.60 -33.60 26.96
CA LEU ZA 75 90.64 -32.53 26.75
C LEU ZA 75 89.28 -33.10 26.35
N THR ZA 76 88.23 -32.69 27.05
CA THR ZA 76 86.89 -33.18 26.80
C THR ZA 76 85.96 -32.00 26.52
N HIS ZA 77 84.87 -32.30 25.83
CA HIS ZA 77 83.88 -31.31 25.45
C HIS ZA 77 82.55 -32.04 25.34
N THR ZA 78 81.56 -31.62 26.13
CA THR ZA 78 80.29 -32.35 26.20
C THR ZA 78 79.13 -31.37 26.26
N ILE ZA 79 78.07 -31.73 25.54
CA ILE ZA 79 76.77 -31.06 25.62
C ILE ZA 79 75.82 -32.00 26.35
N SER ZA 80 75.26 -31.53 27.45
CA SER ZA 80 74.45 -32.36 28.34
C SER ZA 80 72.99 -31.90 28.34
N ARG ZA 81 72.12 -32.78 28.81
CA ARG ZA 81 70.70 -32.51 28.89
C ARG ZA 81 70.19 -33.04 30.22
N ILE ZA 82 69.60 -32.15 31.01
CA ILE ZA 82 68.84 -32.50 32.20
C ILE ZA 82 67.38 -32.19 31.90
N ALA ZA 83 66.55 -33.23 31.92
CA ALA ZA 83 65.17 -33.09 31.50
C ALA ZA 83 64.25 -33.01 32.72
N VAL ZA 84 63.06 -32.45 32.48
CA VAL ZA 84 62.06 -32.39 33.53
C VAL ZA 84 61.54 -33.79 33.83
N SER ZA 85 61.56 -34.68 32.83
CA SER ZA 85 61.10 -36.05 33.03
C SER ZA 85 62.12 -36.89 33.78
N TYR ZA 86 63.41 -36.64 33.57
CA TYR ZA 86 64.50 -37.37 34.22
C TYR ZA 86 65.51 -36.33 34.67
N GLN ZA 87 65.49 -35.99 35.97
CA GLN ZA 87 66.21 -34.84 36.50
C GLN ZA 87 67.68 -35.13 36.81
N THR ZA 88 68.39 -35.80 35.91
CA THR ZA 88 69.82 -36.02 36.06
C THR ZA 88 70.52 -35.59 34.77
N LYS ZA 89 71.67 -34.93 34.93
CA LYS ZA 89 72.45 -34.45 33.79
C LYS ZA 89 73.09 -35.62 33.04
N VAL ZA 90 72.71 -35.78 31.76
CA VAL ZA 90 73.21 -36.83 30.88
C VAL ZA 90 73.81 -36.19 29.63
N ASN ZA 91 74.86 -36.80 29.09
CA ASN ZA 91 75.51 -36.28 27.90
C ASN ZA 91 74.78 -36.68 26.63
N LEU ZA 92 74.52 -35.71 25.76
CA LEU ZA 92 73.97 -35.92 24.43
C LEU ZA 92 75.07 -36.08 23.38
N LEU ZA 93 76.09 -35.22 23.45
CA LEU ZA 93 77.23 -35.24 22.55
C LEU ZA 93 78.51 -35.14 23.37
N SER ZA 94 79.53 -35.89 22.99
CA SER ZA 94 80.79 -35.87 23.73
C SER ZA 94 81.94 -36.14 22.76
N ALA ZA 95 83.10 -35.56 23.08
CA ALA ZA 95 84.31 -35.75 22.30
C ALA ZA 95 85.51 -35.51 23.18
N ILE ZA 96 86.59 -36.25 22.91
CA ILE ZA 96 87.83 -36.17 23.66
C ILE ZA 96 89.00 -36.02 22.71
N LYS ZA 97 90.04 -35.30 23.15
CA LYS ZA 97 91.21 -35.06 22.32
C LYS ZA 97 92.45 -34.93 23.19
N SER ZA 98 93.54 -35.57 22.74
CA SER ZA 98 94.82 -35.53 23.44
C SER ZA 98 95.73 -34.51 22.76
N PRO ZA 99 96.08 -33.41 23.41
CA PRO ZA 99 96.80 -32.33 22.72
C PRO ZA 99 98.29 -32.57 22.57
N CYS ZA 100 98.90 -33.34 23.47
CA CYS ZA 100 100.36 -33.41 23.53
C CYS ZA 100 100.89 -34.80 23.25
N GLN ZA 101 101.54 -34.94 22.10
CA GLN ZA 101 102.38 -36.08 21.74
C GLN ZA 101 103.82 -35.81 22.13
N ARG ZA 102 104.16 -34.54 22.35
CA ARG ZA 102 105.52 -34.16 22.65
C ARG ZA 102 105.91 -34.67 24.03
N GLU ZA 103 107.12 -35.21 24.12
CA GLU ZA 103 107.65 -35.75 25.37
C GLU ZA 103 108.29 -34.62 26.18
N THR ZA 104 107.46 -33.61 26.46
CA THR ZA 104 107.78 -32.36 27.14
C THR ZA 104 108.93 -31.67 26.41
N PRO ZA 105 108.65 -30.58 25.69
CA PRO ZA 105 109.68 -29.96 24.84
C PRO ZA 105 110.91 -29.55 25.65
N GLU ZA 106 112.06 -30.14 25.30
CA GLU ZA 106 113.29 -29.87 26.01
C GLU ZA 106 114.23 -28.95 25.23
N GLY ZA 107 114.44 -29.22 23.95
CA GLY ZA 107 115.31 -28.40 23.12
C GLY ZA 107 114.85 -26.95 23.07
N ALA ZA 108 113.71 -26.70 22.41
CA ALA ZA 108 113.08 -25.40 22.40
C ALA ZA 108 111.78 -25.49 23.19
N GLU ZA 109 111.63 -24.62 24.19
CA GLU ZA 109 110.45 -24.65 25.03
C GLU ZA 109 109.25 -24.02 24.32
N ALA ZA 110 108.25 -23.57 25.09
CA ALA ZA 110 107.03 -22.98 24.54
C ALA ZA 110 106.32 -23.93 23.59
N LYS ZA 111 106.35 -23.60 22.30
CA LYS ZA 111 105.71 -24.34 21.22
C LYS ZA 111 104.19 -24.30 21.43
N PRO ZA 112 103.51 -23.26 20.95
CA PRO ZA 112 102.06 -23.14 21.15
C PRO ZA 112 101.27 -24.11 20.26
N TRP ZA 113 100.41 -24.91 20.89
CA TRP ZA 113 99.55 -25.86 20.20
C TRP ZA 113 98.09 -25.39 20.19
N TYR ZA 114 97.37 -25.73 19.12
CA TYR ZA 114 95.96 -25.41 18.97
C TYR ZA 114 95.20 -26.68 18.61
N GLU ZA 115 94.09 -26.95 19.32
CA GLU ZA 115 93.23 -28.09 18.99
C GLU ZA 115 91.76 -27.71 19.10
N PRO ZA 116 91.01 -27.76 18.00
CA PRO ZA 116 89.57 -27.46 18.09
C PRO ZA 116 88.73 -28.72 18.21
N ILE ZA 117 87.50 -28.56 18.73
CA ILE ZA 117 86.57 -29.67 18.90
C ILE ZA 117 85.16 -29.18 18.57
N TYR ZA 118 84.43 -29.94 17.75
CA TYR ZA 118 83.09 -29.57 17.33
C TYR ZA 118 82.12 -30.71 17.62
N LEU ZA 119 80.91 -30.36 18.04
CA LEU ZA 119 79.87 -31.31 18.38
C LEU ZA 119 78.58 -30.82 17.73
N GLY ZA 120 77.78 -31.74 17.21
CA GLY ZA 120 76.50 -31.38 16.63
C GLY ZA 120 75.57 -32.55 16.43
N GLY ZA 121 74.27 -32.32 16.64
CA GLY ZA 121 73.30 -33.40 16.47
C GLY ZA 121 71.89 -32.90 16.65
N VAL ZA 122 70.94 -33.76 16.26
CA VAL ZA 122 69.52 -33.47 16.35
C VAL ZA 122 68.94 -34.30 17.49
N PHE ZA 123 68.08 -33.66 18.30
CA PHE ZA 123 67.52 -34.30 19.48
C PHE ZA 123 66.09 -33.83 19.68
N GLN ZA 124 65.33 -34.62 20.41
CA GLN ZA 124 63.99 -34.25 20.85
C GLN ZA 124 64.08 -33.69 22.25
N LEU ZA 125 63.71 -32.43 22.42
CA LEU ZA 125 63.76 -31.75 23.71
C LEU ZA 125 62.36 -31.36 24.14
N GLU ZA 126 62.15 -31.29 25.45
CA GLU ZA 126 60.85 -30.95 26.01
C GLU ZA 126 60.92 -29.56 26.65
N LYS ZA 127 59.73 -29.05 26.98
CA LYS ZA 127 59.65 -27.74 27.60
C LYS ZA 127 60.32 -27.76 28.96
N GLY ZA 128 61.17 -26.77 29.21
CA GLY ZA 128 61.86 -26.64 30.47
C GLY ZA 128 63.15 -27.44 30.59
N ASP ZA 129 63.53 -28.20 29.57
CA ASP ZA 129 64.81 -28.91 29.62
C ASP ZA 129 65.95 -27.89 29.61
N ARG ZA 130 66.99 -28.16 30.38
CA ARG ZA 130 68.11 -27.23 30.49
C ARG ZA 130 69.33 -27.85 29.86
N LEU ZA 131 69.79 -27.25 28.76
CA LEU ZA 131 70.97 -27.69 28.03
C LEU ZA 131 72.20 -26.90 28.46
N SER ZA 132 73.34 -27.56 28.53
CA SER ZA 132 74.58 -26.91 28.96
C SER ZA 132 75.76 -27.49 28.21
N ALA ZA 133 76.59 -26.62 27.64
CA ALA ZA 133 77.83 -27.02 27.00
C ALA ZA 133 79.00 -26.73 27.93
N GLU ZA 134 79.81 -27.73 28.22
CA GLU ZA 134 80.88 -27.61 29.21
C GLU ZA 134 82.10 -28.39 28.75
N ILE ZA 135 83.26 -27.99 29.27
CA ILE ZA 135 84.54 -28.65 29.01
C ILE ZA 135 85.29 -28.81 30.32
N ASN ZA 136 86.27 -29.70 30.32
CA ASN ZA 136 86.94 -30.06 31.57
C ASN ZA 136 88.01 -29.07 32.00
N ARG ZA 137 88.74 -28.43 31.07
CA ARG ZA 137 89.80 -27.50 31.42
C ARG ZA 137 89.50 -26.12 30.84
N PRO ZA 138 88.77 -25.29 31.57
CA PRO ZA 138 88.45 -23.95 31.06
C PRO ZA 138 89.60 -22.96 31.10
N ASP ZA 139 90.82 -23.42 31.37
CA ASP ZA 139 92.00 -22.55 31.33
C ASP ZA 139 92.70 -22.55 29.99
N TYR ZA 140 92.30 -23.42 29.05
CA TYR ZA 140 92.88 -23.47 27.71
C TYR ZA 140 92.00 -22.82 26.67
N LEU ZA 141 90.98 -22.07 27.07
CA LEU ZA 141 90.09 -21.41 26.12
C LEU ZA 141 90.82 -20.32 25.36
N ASP ZA 142 90.63 -20.28 24.05
CA ASP ZA 142 91.14 -19.20 23.21
C ASP ZA 142 89.94 -18.43 22.66
N PHE ZA 143 89.40 -17.52 23.48
CA PHE ZA 143 88.35 -16.62 23.04
C PHE ZA 143 88.89 -15.25 22.68
N ALA ZA 144 90.16 -15.18 22.28
CA ALA ZA 144 90.74 -13.89 21.91
C ALA ZA 144 90.22 -13.39 20.58
N GLU ZA 145 89.68 -14.28 19.76
CA GLU ZA 145 89.15 -13.90 18.45
C GLU ZA 145 87.68 -14.28 18.33
N SER ZA 146 87.02 -13.60 17.40
CA SER ZA 146 85.57 -13.72 17.24
C SER ZA 146 85.17 -15.08 16.70
N GLY ZA 147 84.13 -15.64 17.30
CA GLY ZA 147 83.57 -16.92 16.89
C GLY ZA 147 84.52 -18.09 16.90
N GLN ZA 148 85.36 -18.18 17.94
CA GLN ZA 148 86.20 -19.36 18.11
C GLN ZA 148 85.61 -20.35 19.10
N VAL ZA 149 84.78 -19.88 20.02
CA VAL ZA 149 84.04 -20.71 20.94
C VAL ZA 149 82.60 -20.25 20.94
N TYR ZA 150 81.67 -21.19 20.78
CA TYR ZA 150 80.26 -20.83 20.72
C TYR ZA 150 79.44 -22.09 21.01
N PHE ZA 151 78.13 -21.88 21.10
CA PHE ZA 151 77.19 -22.91 21.55
C PHE ZA 151 75.79 -22.45 21.17
N GLY ZA 152 75.02 -23.30 20.52
CA GLY ZA 152 73.72 -22.86 20.05
C GLY ZA 152 72.79 -24.00 19.73
N ILE ZA 153 71.50 -23.66 19.68
CA ILE ZA 153 70.44 -24.58 19.29
C ILE ZA 153 69.51 -23.84 18.34
N ILE ZA 154 68.82 -24.61 17.50
CA ILE ZA 154 67.86 -24.05 16.55
C ILE ZA 154 66.71 -25.03 16.42
N ALA ZA 155 65.49 -24.54 16.55
CA ALA ZA 155 64.31 -25.39 16.46
C ALA ZA 155 63.98 -25.69 15.00
N LEU ZA 156 64.19 -26.94 14.61
CA LEU ZA 156 63.79 -27.38 13.29
C LEU ZA 156 62.35 -27.87 13.32
N ARG AB 5 52.82 -35.23 23.81
CA ARG AB 5 51.75 -34.25 23.75
C ARG AB 5 51.98 -33.24 22.62
N THR AB 6 53.09 -33.39 21.92
CA THR AB 6 53.41 -32.55 20.76
C THR AB 6 53.69 -33.46 19.58
N PRO AB 7 52.89 -33.42 18.51
CA PRO AB 7 53.02 -34.39 17.41
C PRO AB 7 54.37 -34.40 16.72
N SER AB 8 54.68 -33.30 16.01
CA SER AB 8 55.92 -33.10 15.26
C SER AB 8 55.98 -33.99 14.02
N ASP AB 9 56.77 -33.59 13.02
CA ASP AB 9 56.85 -34.34 11.77
C ASP AB 9 58.29 -34.27 11.24
N LYS AB 10 58.45 -34.10 9.92
CA LYS AB 10 59.75 -34.09 9.23
C LYS AB 10 60.59 -35.34 9.52
N PRO AB 11 60.84 -36.18 8.51
CA PRO AB 11 61.66 -37.40 8.73
C PRO AB 11 63.02 -37.09 9.36
N VAL AB 12 63.35 -37.83 10.42
CA VAL AB 12 64.56 -37.62 11.21
C VAL AB 12 65.11 -38.97 11.67
N ALA AB 13 66.41 -39.00 11.96
CA ALA AB 13 67.09 -40.18 12.47
C ALA AB 13 68.35 -39.72 13.19
N HIS AB 14 68.63 -40.33 14.34
CA HIS AB 14 69.87 -40.08 15.08
C HIS AB 14 70.26 -41.39 15.78
N VAL AB 15 71.17 -42.14 15.17
CA VAL AB 15 71.56 -43.45 15.69
C VAL AB 15 72.97 -43.39 16.27
N VAL AB 16 73.20 -44.20 17.31
CA VAL AB 16 74.44 -44.24 18.07
C VAL AB 16 74.94 -45.68 18.11
N ALA AB 17 76.27 -45.84 18.24
CA ALA AB 17 76.91 -47.15 18.19
C ALA AB 17 76.54 -48.03 19.37
N ASN AB 18 76.59 -49.34 19.12
CA ASN AB 18 76.37 -50.39 20.14
C ASN AB 18 77.63 -50.60 20.96
N PRO AB 19 77.59 -50.44 22.29
CA PRO AB 19 78.81 -50.67 23.08
C PRO AB 19 79.24 -52.12 23.15
N GLN AB 20 78.29 -53.06 23.18
CA GLN AB 20 78.60 -54.49 23.26
C GLN AB 20 78.76 -55.12 21.88
N ALA AB 21 79.26 -54.35 20.91
CA ALA AB 21 79.56 -54.75 19.54
C ALA AB 21 81.08 -54.78 19.43
N GLU AB 22 81.68 -55.95 19.71
CA GLU AB 22 83.13 -56.07 19.82
C GLU AB 22 83.86 -55.70 18.53
N GLY AB 23 84.58 -54.59 18.54
CA GLY AB 23 85.36 -54.19 17.39
C GLY AB 23 84.59 -53.90 16.11
N GLN AB 24 83.37 -53.39 16.21
CA GLN AB 24 82.57 -53.09 15.03
C GLN AB 24 81.61 -51.93 15.30
N LEU AB 25 81.14 -51.32 14.21
CA LEU AB 25 80.23 -50.18 14.24
C LEU AB 25 78.82 -50.63 13.87
N GLN AB 26 78.07 -51.04 14.88
CA GLN AB 26 76.67 -51.38 14.70
C GLN AB 26 75.81 -50.24 15.23
N TRP AB 27 74.96 -49.70 14.36
CA TRP AB 27 74.13 -48.54 14.71
C TRP AB 27 72.86 -48.98 15.43
N LEU AB 28 72.53 -48.28 16.50
CA LEU AB 28 71.35 -48.58 17.32
C LEU AB 28 70.43 -47.37 17.35
N ASN AB 29 69.12 -47.64 17.50
CA ASN AB 29 68.13 -46.58 17.57
C ASN AB 29 67.28 -46.61 18.82
N ARG AB 30 67.20 -47.73 19.53
CA ARG AB 30 66.35 -47.86 20.72
C ARG AB 30 67.14 -47.52 21.99
N ARG AB 31 67.62 -46.28 22.05
CA ARG AB 31 68.34 -45.78 23.21
C ARG AB 31 67.88 -44.37 23.53
N ALA AB 32 68.00 -44.02 24.81
CA ALA AB 32 67.50 -42.79 25.44
C ALA AB 32 67.36 -41.58 24.51
N ASN AB 33 68.48 -41.04 24.03
CA ASN AB 33 68.47 -39.82 23.24
C ASN AB 33 68.74 -40.10 21.76
N ALA AB 34 68.08 -41.11 21.21
CA ALA AB 34 68.20 -41.46 19.80
C ALA AB 34 66.82 -41.51 19.16
N LEU AB 35 66.76 -41.20 17.86
CA LEU AB 35 65.50 -41.10 17.14
C LEU AB 35 65.58 -41.83 15.82
N LEU AB 36 64.43 -42.36 15.38
CA LEU AB 36 64.31 -42.93 14.03
C LEU AB 36 62.80 -43.01 13.78
N ALA AB 37 62.26 -41.96 13.16
CA ALA AB 37 60.82 -41.84 13.02
C ALA AB 37 60.51 -41.07 11.74
N ASN AB 38 59.21 -41.05 11.41
CA ASN AB 38 58.67 -40.37 10.22
C ASN AB 38 59.23 -40.96 8.94
N GLY AB 39 59.51 -42.26 8.93
CA GLY AB 39 59.75 -43.01 7.72
C GLY AB 39 61.19 -43.46 7.51
N VAL AB 40 62.17 -42.81 8.13
CA VAL AB 40 63.54 -43.25 7.90
C VAL AB 40 63.73 -44.64 8.49
N GLU AB 41 64.13 -45.59 7.65
CA GLU AB 41 64.37 -46.96 8.09
C GLU AB 41 65.86 -47.24 8.11
N LEU AB 42 66.27 -48.11 9.02
CA LEU AB 42 67.65 -48.55 9.14
C LEU AB 42 67.76 -49.99 8.64
N ARG AB 43 68.35 -50.20 7.47
CA ARG AB 43 68.49 -51.56 6.97
C ARG AB 43 69.78 -52.20 7.49
N ASP AB 44 70.66 -52.64 6.58
CA ASP AB 44 71.87 -53.37 7.01
C ASP AB 44 72.98 -52.34 7.24
N ASN AB 45 72.89 -51.67 8.40
CA ASN AB 45 73.77 -50.57 8.77
C ASN AB 45 73.67 -49.39 7.80
N GLN AB 46 72.47 -49.18 7.24
CA GLN AB 46 72.22 -48.12 6.27
C GLN AB 46 70.90 -47.43 6.54
N LEU AB 47 70.86 -46.12 6.32
CA LEU AB 47 69.65 -45.32 6.47
C LEU AB 47 68.91 -45.19 5.14
N VAL AB 48 67.59 -45.36 5.19
CA VAL AB 48 66.72 -45.36 4.01
C VAL AB 48 65.93 -44.06 3.99
N VAL AB 49 66.13 -43.26 2.97
CA VAL AB 49 65.42 -41.97 2.83
C VAL AB 49 63.97 -42.25 2.41
N PRO AB 50 62.99 -41.73 3.13
CA PRO AB 50 61.59 -42.04 2.80
C PRO AB 50 60.93 -41.06 1.83
N SER AB 51 61.52 -39.89 1.64
CA SER AB 51 60.91 -38.88 0.77
C SER AB 51 61.98 -37.97 0.20
N GLU AB 52 61.71 -37.48 -1.01
CA GLU AB 52 62.65 -36.58 -1.67
C GLU AB 52 62.61 -35.20 -1.06
N GLY AB 53 63.78 -34.61 -0.90
CA GLY AB 53 63.90 -33.28 -0.34
C GLY AB 53 65.34 -33.03 0.08
N LEU AB 54 65.52 -31.96 0.83
CA LEU AB 54 66.81 -31.58 1.39
C LEU AB 54 66.92 -32.14 2.79
N TYR AB 55 68.01 -32.86 3.04
CA TYR AB 55 68.28 -33.45 4.34
C TYR AB 55 69.59 -32.88 4.85
N LEU AB 56 69.71 -32.84 6.18
CA LEU AB 56 70.96 -32.49 6.83
C LEU AB 56 71.54 -33.76 7.41
N ILE AB 57 72.72 -34.15 6.93
CA ILE AB 57 73.35 -35.41 7.29
C ILE AB 57 74.58 -35.09 8.10
N TYR AB 58 74.74 -35.80 9.22
CA TYR AB 58 75.89 -35.60 10.09
C TYR AB 58 76.25 -36.91 10.76
N SER AB 59 77.50 -37.01 11.19
CA SER AB 59 78.00 -38.16 11.93
C SER AB 59 79.30 -37.76 12.59
N GLN AB 60 79.52 -38.31 13.78
CA GLN AB 60 80.78 -38.13 14.48
C GLN AB 60 81.32 -39.49 14.90
N VAL AB 61 82.64 -39.63 14.81
CA VAL AB 61 83.36 -40.83 15.26
C VAL AB 61 84.51 -40.39 16.15
N LEU AB 62 84.71 -41.11 17.24
CA LEU AB 62 85.80 -40.85 18.16
C LEU AB 62 86.74 -42.04 18.17
N PHE AB 63 88.02 -41.79 17.89
CA PHE AB 63 89.04 -42.82 17.85
C PHE AB 63 89.94 -42.74 19.09
N LYS AB 64 90.21 -43.88 19.69
CA LYS AB 64 91.13 -43.97 20.82
C LYS AB 64 92.03 -45.19 20.63
N GLY AB 65 93.32 -45.01 20.88
CA GLY AB 65 94.26 -46.10 20.80
C GLY AB 65 95.23 -46.05 21.97
N GLN AB 66 95.80 -47.20 22.29
CA GLN AB 66 96.65 -47.31 23.47
C GLN AB 66 98.13 -47.27 23.11
N GLY AB 67 98.51 -46.34 22.25
CA GLY AB 67 99.90 -46.19 21.85
C GLY AB 67 100.02 -46.02 20.35
N CYS AB 68 101.27 -45.89 19.89
CA CYS AB 68 101.59 -45.79 18.48
C CYS AB 68 102.19 -47.13 18.06
N PRO AB 69 101.45 -47.96 17.34
CA PRO AB 69 101.98 -49.29 17.00
C PRO AB 69 103.01 -49.31 15.87
N SER AB 70 102.64 -48.90 14.66
CA SER AB 70 103.60 -48.98 13.55
C SER AB 70 103.31 -47.91 12.50
N THR AB 71 104.23 -46.95 12.39
CA THR AB 71 104.29 -45.89 11.37
C THR AB 71 102.96 -45.42 10.78
N HIS AB 72 102.90 -45.40 9.44
CA HIS AB 72 101.79 -44.83 8.66
C HIS AB 72 100.43 -45.47 8.88
N VAL AB 73 99.70 -45.01 9.90
CA VAL AB 73 98.31 -45.41 10.11
C VAL AB 73 97.41 -44.27 9.65
N LEU AB 74 96.38 -44.59 8.88
CA LEU AB 74 95.43 -43.61 8.36
C LEU AB 74 94.02 -43.94 8.82
N LEU AB 75 93.39 -42.99 9.50
CA LEU AB 75 92.00 -43.13 9.95
C LEU AB 75 91.10 -42.32 9.02
N THR AB 76 90.08 -42.97 8.47
CA THR AB 76 89.17 -42.33 7.53
C THR AB 76 87.74 -42.46 8.03
N HIS AB 77 86.90 -41.53 7.58
CA HIS AB 77 85.49 -41.48 7.98
C HIS AB 77 84.72 -40.83 6.85
N THR AB 78 83.77 -41.56 6.27
CA THR AB 78 83.02 -41.07 5.13
C THR AB 78 81.57 -41.47 5.23
N ILE AB 79 80.69 -40.57 4.81
CA ILE AB 79 79.27 -40.86 4.66
C ILE AB 79 79.00 -41.02 3.16
N SER AB 80 78.46 -42.17 2.78
CA SER AB 80 78.29 -42.53 1.39
C SER AB 80 76.81 -42.57 1.03
N ARG AB 81 76.53 -42.47 -0.27
CA ARG AB 81 75.16 -42.52 -0.75
C ARG AB 81 75.11 -43.35 -2.01
N ILE AB 82 74.26 -44.38 -1.98
CA ILE AB 82 73.90 -45.13 -3.17
C ILE AB 82 72.43 -44.84 -3.44
N ALA AB 83 72.14 -44.19 -4.55
CA ALA AB 83 70.79 -43.75 -4.87
C ALA AB 83 70.19 -44.66 -5.93
N VAL AB 84 68.85 -44.63 -6.01
CA VAL AB 84 68.17 -45.41 -7.03
C VAL AB 84 68.49 -44.86 -8.42
N SER AB 85 68.78 -43.56 -8.52
CA SER AB 85 69.05 -42.95 -9.82
C SER AB 85 70.42 -43.32 -10.36
N TYR AB 86 71.41 -43.47 -9.48
CA TYR AB 86 72.78 -43.84 -9.87
C TYR AB 86 73.26 -44.86 -8.85
N GLN AB 87 73.24 -46.14 -9.23
CA GLN AB 87 73.45 -47.27 -8.32
C GLN AB 87 74.92 -47.55 -8.06
N THR AB 88 75.70 -46.51 -7.76
CA THR AB 88 77.10 -46.66 -7.39
C THR AB 88 77.36 -45.90 -6.10
N LYS AB 89 78.18 -46.49 -5.22
CA LYS AB 89 78.52 -45.83 -3.97
C LYS AB 89 79.42 -44.64 -4.24
N VAL AB 90 78.95 -43.45 -3.88
CA VAL AB 90 79.72 -42.22 -3.99
C VAL AB 90 79.76 -41.58 -2.61
N ASN AB 91 80.89 -40.94 -2.31
CA ASN AB 91 81.08 -40.29 -1.02
C ASN AB 91 80.44 -38.90 -1.04
N LEU AB 92 79.63 -38.60 -0.03
CA LEU AB 92 79.11 -37.26 0.10
C LEU AB 92 80.01 -36.39 0.99
N LEU AB 93 80.43 -36.96 2.12
CA LEU AB 93 81.33 -36.29 3.05
C LEU AB 93 82.43 -37.25 3.45
N SER AB 94 83.65 -36.76 3.53
CA SER AB 94 84.78 -37.62 3.88
C SER AB 94 85.84 -36.81 4.61
N ALA AB 95 86.62 -37.49 5.44
CA ALA AB 95 87.73 -36.86 6.14
C ALA AB 95 88.79 -37.91 6.47
N ILE AB 96 90.04 -37.47 6.46
CA ILE AB 96 91.19 -38.32 6.74
C ILE AB 96 92.01 -37.64 7.83
N LYS AB 97 92.62 -38.45 8.70
CA LYS AB 97 93.38 -37.90 9.80
C LYS AB 97 94.50 -38.86 10.16
N SER AB 98 95.71 -38.31 10.36
CA SER AB 98 96.88 -39.09 10.73
C SER AB 98 97.12 -38.96 12.23
N PRO AB 99 96.96 -40.04 13.02
CA PRO AB 99 97.01 -39.90 14.48
C PRO AB 99 98.42 -39.87 15.06
N CYS AB 100 99.37 -40.57 14.46
CA CYS AB 100 100.72 -40.66 15.02
C CYS AB 100 101.70 -40.12 13.97
N GLN AB 101 102.27 -38.94 14.25
CA GLN AB 101 103.30 -38.36 13.39
C GLN AB 101 104.68 -38.75 13.91
N ARG AB 102 105.03 -40.01 13.65
CA ARG AB 102 106.28 -40.62 14.10
C ARG AB 102 106.29 -40.68 15.62
N GLU AB 103 107.47 -40.74 16.24
CA GLU AB 103 107.61 -40.86 17.69
C GLU AB 103 106.84 -42.07 18.21
N THR AB 104 107.15 -43.24 17.68
CA THR AB 104 106.48 -44.48 18.06
C THR AB 104 107.22 -45.10 19.23
N PRO AB 105 106.62 -45.15 20.43
CA PRO AB 105 107.37 -45.56 21.63
C PRO AB 105 108.08 -46.90 21.50
N GLU AB 106 109.41 -46.87 21.60
CA GLU AB 106 110.24 -48.06 21.53
C GLU AB 106 110.63 -48.57 22.92
N GLY AB 107 109.74 -48.41 23.89
CA GLY AB 107 110.03 -48.79 25.26
C GLY AB 107 109.15 -48.06 26.25
N ALA AB 108 108.91 -46.78 25.98
CA ALA AB 108 107.95 -46.02 26.76
C ALA AB 108 106.60 -46.70 26.72
N GLU AB 109 105.97 -46.86 27.89
CA GLU AB 109 104.77 -47.68 28.02
C GLU AB 109 103.59 -47.04 27.29
N ALA AB 110 102.41 -47.61 27.49
CA ALA AB 110 101.22 -47.14 26.81
C ALA AB 110 100.90 -45.69 27.18
N LYS AB 111 100.28 -44.99 26.23
CA LYS AB 111 99.90 -43.57 26.30
C LYS AB 111 98.70 -43.36 25.38
N PRO AB 112 97.48 -43.44 25.94
CA PRO AB 112 96.27 -43.36 25.11
C PRO AB 112 96.03 -41.98 24.51
N TRP AB 113 95.82 -41.97 23.19
CA TRP AB 113 95.53 -40.79 22.39
C TRP AB 113 94.06 -40.76 21.99
N TYR AB 114 93.52 -39.54 21.83
CA TYR AB 114 92.13 -39.34 21.39
C TYR AB 114 92.11 -38.39 20.21
N GLU AB 115 91.42 -38.78 19.13
CA GLU AB 115 91.21 -37.92 17.98
C GLU AB 115 89.79 -38.10 17.42
N PRO AB 116 88.97 -37.04 17.43
CA PRO AB 116 87.63 -37.13 16.86
C PRO AB 116 87.57 -36.64 15.42
N ILE AB 117 86.52 -37.07 14.73
CA ILE AB 117 86.25 -36.69 13.35
C ILE AB 117 84.76 -36.43 13.21
N TYR AB 118 84.41 -35.30 12.61
CA TYR AB 118 83.02 -34.87 12.44
C TYR AB 118 82.77 -34.55 10.98
N LEU AB 119 81.57 -34.91 10.51
CA LEU AB 119 81.17 -34.66 9.14
C LEU AB 119 79.75 -34.11 9.15
N GLY AB 120 79.48 -33.14 8.29
CA GLY AB 120 78.15 -32.58 8.19
C GLY AB 120 77.95 -31.78 6.92
N GLY AB 121 76.75 -31.85 6.36
CA GLY AB 121 76.48 -31.11 5.14
C GLY AB 121 75.03 -31.29 4.76
N VAL AB 122 74.62 -30.49 3.78
CA VAL AB 122 73.27 -30.50 3.23
C VAL AB 122 73.32 -31.15 1.87
N PHE AB 123 72.34 -32.03 1.59
CA PHE AB 123 72.27 -32.76 0.33
C PHE AB 123 70.81 -32.94 -0.08
N GLN AB 124 70.61 -33.13 -1.38
CA GLN AB 124 69.31 -33.48 -1.93
C GLN AB 124 69.26 -34.98 -2.10
N LEU AB 125 68.34 -35.62 -1.39
CA LEU AB 125 68.16 -37.05 -1.50
C LEU AB 125 66.77 -37.35 -2.04
N GLU AB 126 66.67 -38.49 -2.70
CA GLU AB 126 65.44 -38.95 -3.33
C GLU AB 126 64.90 -40.14 -2.54
N LYS AB 127 63.70 -40.55 -2.91
CA LYS AB 127 63.08 -41.70 -2.27
C LYS AB 127 63.94 -42.94 -2.51
N GLY AB 128 64.22 -43.68 -1.44
CA GLY AB 128 64.98 -44.90 -1.54
C GLY AB 128 66.49 -44.75 -1.49
N ASP AB 129 67.01 -43.53 -1.34
CA ASP AB 129 68.46 -43.37 -1.21
C ASP AB 129 68.96 -44.02 0.07
N ARG AB 130 70.11 -44.66 -0.03
CA ARG AB 130 70.70 -45.40 1.09
C ARG AB 130 71.97 -44.70 1.54
N LEU AB 131 71.93 -44.13 2.73
CA LEU AB 131 73.07 -43.48 3.33
C LEU AB 131 73.80 -44.44 4.24
N SER AB 132 75.12 -44.32 4.27
CA SER AB 132 75.94 -45.19 5.09
C SER AB 132 77.09 -44.40 5.67
N ALA AB 133 77.27 -44.48 6.99
CA ALA AB 133 78.41 -43.88 7.67
C ALA AB 133 79.40 -44.99 7.95
N GLU AB 134 80.64 -44.82 7.51
CA GLU AB 134 81.62 -45.89 7.56
C GLU AB 134 82.99 -45.36 7.92
N ILE AB 135 83.81 -46.24 8.50
CA ILE AB 135 85.21 -45.95 8.83
C ILE AB 135 86.03 -47.17 8.45
N ASN AB 136 87.33 -46.95 8.26
CA ASN AB 136 88.19 -48.03 7.79
C ASN AB 136 88.69 -48.93 8.90
N ARG AB 137 88.89 -48.40 10.11
CA ARG AB 137 89.44 -49.16 11.23
C ARG AB 137 88.45 -49.24 12.39
N PRO AB 138 87.55 -50.21 12.39
CA PRO AB 138 86.61 -50.36 13.50
C PRO AB 138 87.21 -50.96 14.77
N ASP AB 139 88.54 -51.13 14.85
CA ASP AB 139 89.17 -51.63 16.06
C ASP AB 139 89.63 -50.53 17.00
N TYR AB 140 89.61 -49.27 16.55
CA TYR AB 140 89.97 -48.15 17.39
C TYR AB 140 88.76 -47.37 17.86
N LEU AB 141 87.55 -47.90 17.64
CA LEU AB 141 86.34 -47.22 18.07
C LEU AB 141 86.27 -47.15 19.59
N ASP AB 142 85.95 -45.97 20.10
CA ASP AB 142 85.73 -45.73 21.52
C ASP AB 142 84.25 -45.38 21.64
N PHE AB 143 83.40 -46.40 21.75
CA PHE AB 143 81.98 -46.19 21.98
C PHE AB 143 81.63 -46.23 23.45
N ALA AB 144 82.57 -45.87 24.32
CA ALA AB 144 82.32 -45.86 25.75
C ALA AB 144 81.47 -44.64 26.13
N GLU AB 145 80.80 -44.75 27.27
CA GLU AB 145 79.97 -43.68 27.82
C GLU AB 145 78.90 -43.27 26.81
N SER AB 146 78.53 -41.98 26.84
CA SER AB 146 77.41 -41.43 26.09
C SER AB 146 77.76 -41.28 24.61
N GLY AB 147 76.86 -40.64 23.88
CA GLY AB 147 76.98 -40.37 22.45
C GLY AB 147 78.27 -39.74 21.99
N GLN AB 148 79.31 -40.56 21.87
CA GLN AB 148 80.59 -40.17 21.32
C GLN AB 148 80.69 -40.50 19.84
N VAL AB 149 79.87 -41.44 19.38
CA VAL AB 149 79.75 -41.83 17.97
C VAL AB 149 78.28 -41.85 17.63
N TYR AB 150 77.91 -41.18 16.53
CA TYR AB 150 76.52 -41.08 16.14
C TYR AB 150 76.45 -40.73 14.65
N PHE AB 151 75.24 -40.74 14.12
CA PHE AB 151 75.02 -40.55 12.70
C PHE AB 151 73.53 -40.31 12.52
N GLY AB 152 73.16 -39.26 11.80
CA GLY AB 152 71.75 -38.93 11.70
C GLY AB 152 71.46 -38.03 10.52
N ILE AB 153 70.17 -38.00 10.16
CA ILE AB 153 69.68 -37.13 9.10
C ILE AB 153 68.39 -36.48 9.59
N ILE AB 154 68.08 -35.32 9.00
CA ILE AB 154 66.82 -34.65 9.28
C ILE AB 154 66.38 -33.93 8.02
N ALA AB 155 65.14 -34.18 7.59
CA ALA AB 155 64.60 -33.51 6.43
C ALA AB 155 64.19 -32.11 6.88
N LEU AB 156 64.92 -31.10 6.43
CA LEU AB 156 64.59 -29.73 6.79
C LEU AB 156 63.59 -29.17 5.80
N ALA BB 2 81.22 -45.86 -13.96
CA ALA BB 2 80.84 -44.58 -13.38
C ALA BB 2 79.68 -43.94 -14.14
N ARG BB 3 79.44 -42.67 -13.88
CA ARG BB 3 78.41 -41.92 -14.60
C ARG BB 3 78.87 -41.63 -16.02
N VAL BB 4 78.11 -42.14 -16.99
CA VAL BB 4 78.39 -42.11 -18.43
C VAL BB 4 79.52 -43.10 -18.71
N ASP BB 5 79.33 -43.98 -19.69
CA ASP BB 5 80.33 -45.01 -20.00
C ASP BB 5 80.66 -45.02 -21.49
N GLN BB 6 81.85 -44.52 -21.85
CA GLN BB 6 82.31 -44.60 -23.24
C GLN BB 6 82.85 -46.00 -23.52
N THR BB 7 82.33 -46.65 -24.58
CA THR BB 7 82.58 -48.08 -24.82
C THR BB 7 83.85 -48.45 -25.60
N PRO BB 8 84.10 -47.93 -26.81
CA PRO BB 8 85.21 -48.51 -27.59
C PRO BB 8 86.56 -48.33 -26.96
N GLN BB 9 86.76 -47.26 -26.18
CA GLN BB 9 88.01 -46.97 -25.47
C GLN BB 9 89.21 -46.73 -26.37
N THR BB 10 89.69 -47.76 -27.08
CA THR BB 10 90.81 -47.64 -28.01
C THR BB 10 90.42 -48.20 -29.36
N ILE BB 11 90.48 -47.37 -30.41
CA ILE BB 11 90.21 -47.80 -31.77
C ILE BB 11 91.41 -47.50 -32.64
N THR BB 12 91.65 -48.37 -33.62
CA THR BB 12 92.68 -48.15 -34.63
C THR BB 12 92.08 -48.50 -35.99
N LYS BB 13 91.74 -47.48 -36.76
CA LYS BB 13 91.16 -47.63 -38.08
C LYS BB 13 92.09 -47.06 -39.13
N GLU BB 14 91.86 -47.44 -40.38
CA GLU BB 14 92.68 -46.99 -41.50
C GLU BB 14 91.96 -45.90 -42.28
N THR BB 15 92.75 -45.07 -42.96
CA THR BB 15 92.21 -43.94 -43.70
C THR BB 15 91.16 -44.40 -44.70
N GLY BB 16 89.97 -43.85 -44.59
CA GLY BB 16 88.84 -44.22 -45.43
C GLY BB 16 87.81 -45.08 -44.76
N GLU BB 17 87.79 -45.13 -43.43
CA GLU BB 17 86.90 -46.02 -42.70
C GLU BB 17 85.92 -45.21 -41.83
N SER BB 18 85.36 -45.87 -40.81
CA SER BB 18 84.32 -45.28 -39.97
C SER BB 18 84.30 -45.97 -38.62
N LEU BB 19 84.58 -45.22 -37.56
CA LEU BB 19 84.48 -45.71 -36.19
C LEU BB 19 83.27 -45.10 -35.50
N THR BB 20 82.57 -45.91 -34.73
CA THR BB 20 81.46 -45.46 -33.89
C THR BB 20 81.83 -45.53 -32.42
N ILE BB 21 81.59 -44.43 -31.71
CA ILE BB 21 81.80 -44.35 -30.27
C ILE BB 21 80.43 -44.26 -29.60
N ASN BB 22 80.15 -45.19 -28.70
CA ASN BB 22 78.88 -45.22 -27.98
C ASN BB 22 79.09 -44.96 -26.49
N CYS BB 23 78.17 -44.20 -25.91
CA CYS BB 23 78.13 -43.91 -24.48
C CYS BB 23 76.76 -44.22 -23.92
N VAL BB 24 76.73 -44.82 -22.74
CA VAL BB 24 75.49 -45.15 -22.04
C VAL BB 24 75.47 -44.37 -20.74
N LEU BB 25 74.34 -43.71 -20.47
CA LEU BB 25 74.19 -42.89 -19.27
C LEU BB 25 73.92 -43.79 -18.08
N ARG BB 26 74.61 -43.55 -16.97
CA ARG BB 26 74.34 -44.30 -15.75
C ARG BB 26 73.62 -43.50 -14.67
N ASP BB 27 73.64 -42.18 -14.75
CA ASP BB 27 72.82 -41.37 -13.85
C ASP BB 27 71.51 -41.11 -14.58
N SER BB 28 70.41 -41.57 -14.01
CA SER BB 28 69.12 -41.41 -14.67
C SER BB 28 68.61 -39.97 -14.64
N HIS BB 29 69.46 -39.05 -14.17
CA HIS BB 29 69.15 -37.63 -14.15
C HIS BB 29 69.75 -36.90 -15.34
N CYS BB 30 70.72 -37.49 -16.03
CA CYS BB 30 71.34 -36.90 -17.20
C CYS BB 30 70.47 -37.16 -18.43
N ALA BB 31 70.48 -36.19 -19.34
CA ALA BB 31 69.55 -36.20 -20.46
C ALA BB 31 70.24 -36.54 -21.77
N THR BB 32 69.58 -37.36 -22.59
CA THR BB 32 70.04 -37.66 -23.93
C THR BB 32 69.74 -36.53 -24.90
N SER BB 33 69.07 -35.49 -24.43
CA SER BB 33 68.73 -34.33 -25.24
C SER BB 33 69.85 -33.30 -25.24
N SER BB 34 70.54 -33.15 -24.11
CA SER BB 34 71.65 -32.22 -23.99
C SER BB 34 72.97 -32.99 -23.97
N THR BB 35 73.33 -33.55 -25.12
CA THR BB 35 74.56 -34.32 -25.30
C THR BB 35 75.58 -33.47 -26.06
N TYR BB 36 76.86 -33.63 -25.72
CA TYR BB 36 77.92 -32.85 -26.33
C TYR BB 36 79.09 -33.78 -26.61
N TRP BB 37 79.86 -33.46 -27.67
CA TRP BB 37 81.01 -34.26 -28.07
C TRP BB 37 82.22 -33.37 -28.26
N TYR BB 38 83.38 -33.85 -27.78
CA TYR BB 38 84.62 -33.09 -27.75
C TYR BB 38 85.80 -33.94 -28.18
N ARG BB 39 86.66 -33.41 -29.03
CA ARG BB 39 87.90 -34.07 -29.38
C ARG BB 39 89.09 -33.17 -29.09
N LYS BB 40 90.22 -33.78 -28.75
CA LYS BB 40 91.48 -33.11 -28.46
C LYS BB 40 92.53 -33.78 -29.34
N LYS BB 41 92.93 -33.12 -30.42
CA LYS BB 41 93.91 -33.70 -31.33
C LYS BB 41 95.25 -33.88 -30.63
N SER BB 42 95.81 -35.08 -30.75
CA SER BB 42 97.08 -35.42 -30.13
C SER BB 42 98.11 -34.33 -30.38
N GLY BB 43 98.63 -33.75 -29.29
CA GLY BB 43 99.65 -32.74 -29.35
C GLY BB 43 99.17 -31.31 -29.19
N SER BB 44 97.87 -31.07 -29.29
CA SER BB 44 97.31 -29.74 -29.08
C SER BB 44 96.59 -29.69 -27.74
N THR BB 45 96.48 -28.48 -27.19
CA THR BB 45 95.86 -28.26 -25.89
C THR BB 45 94.48 -27.62 -26.01
N ASN BB 46 93.82 -27.83 -27.14
CA ASN BB 46 92.47 -27.31 -27.36
C ASN BB 46 91.51 -28.49 -27.34
N GLU BB 47 90.53 -28.44 -26.43
CA GLU BB 47 89.49 -29.46 -26.41
C GLU BB 47 88.36 -28.98 -27.31
N GLU BB 48 88.57 -29.17 -28.62
CA GLU BB 48 87.58 -28.77 -29.60
C GLU BB 48 86.25 -29.45 -29.36
N SER BB 49 85.18 -28.78 -29.76
CA SER BB 49 83.81 -29.26 -29.65
C SER BB 49 83.35 -29.71 -31.04
N ILE BB 50 82.97 -30.97 -31.16
CA ILE BB 50 82.52 -31.51 -32.44
C ILE BB 50 81.17 -30.93 -32.78
N SER BB 51 80.97 -30.59 -34.06
CA SER BB 51 79.70 -30.04 -34.48
C SER BB 51 78.82 -31.19 -34.92
N LYS BB 52 77.54 -31.08 -34.65
CA LYS BB 52 76.58 -32.15 -34.88
C LYS BB 52 75.94 -31.95 -36.25
N GLY BB 53 76.49 -32.64 -37.26
CA GLY BB 53 75.94 -32.51 -38.59
C GLY BB 53 76.86 -32.94 -39.73
N GLY BB 54 76.33 -33.71 -40.68
CA GLY BB 54 77.10 -34.09 -41.85
C GLY BB 54 77.97 -35.31 -41.69
N ARG BB 55 79.27 -35.10 -41.50
CA ARG BB 55 80.19 -36.22 -41.36
C ARG BB 55 80.06 -36.88 -39.99
N TYR BB 56 79.54 -36.14 -39.02
CA TYR BB 56 79.33 -36.65 -37.66
C TYR BB 56 77.84 -36.90 -37.49
N VAL BB 57 77.41 -38.15 -37.52
CA VAL BB 57 76.00 -38.45 -37.33
C VAL BB 57 75.84 -38.99 -35.91
N GLU BB 58 74.81 -38.52 -35.23
CA GLU BB 58 74.56 -38.84 -33.83
C GLU BB 58 73.27 -39.63 -33.69
N THR BB 59 73.34 -40.77 -33.02
CA THR BB 59 72.19 -41.62 -32.75
C THR BB 59 71.86 -41.58 -31.26
N VAL BB 60 70.61 -41.25 -30.93
CA VAL BB 60 70.17 -41.12 -29.54
C VAL BB 60 68.98 -42.04 -29.30
N ASN BB 61 68.97 -42.72 -28.15
CA ASN BB 61 67.83 -43.52 -27.67
C ASN BB 61 67.58 -43.14 -26.22
N SER BB 62 66.44 -42.47 -25.96
CA SER BB 62 66.15 -42.00 -24.62
C SER BB 62 65.77 -43.14 -23.67
N GLY BB 63 65.27 -44.25 -24.20
CA GLY BB 63 64.86 -45.35 -23.34
C GLY BB 63 66.02 -45.98 -22.59
N SER BB 64 67.09 -46.30 -23.31
CA SER BB 64 68.28 -46.87 -22.69
C SER BB 64 69.25 -45.81 -22.24
N LYS BB 65 68.88 -44.53 -22.45
CA LYS BB 65 69.71 -43.38 -22.07
C LYS BB 65 71.11 -43.52 -22.66
N SER BB 66 71.18 -43.91 -23.93
CA SER BB 66 72.45 -44.13 -24.61
C SER BB 66 72.46 -43.33 -25.91
N PHE BB 67 73.61 -42.74 -26.21
CA PHE BB 67 73.83 -42.01 -27.45
C PHE BB 67 75.17 -42.40 -28.07
N SER BB 68 75.25 -42.29 -29.39
CA SER BB 68 76.42 -42.68 -30.16
C SER BB 68 76.79 -41.57 -31.16
N LEU BB 69 78.01 -41.68 -31.69
CA LEU BB 69 78.55 -40.73 -32.67
C LEU BB 69 79.33 -41.49 -33.72
N ARG BB 70 78.73 -41.69 -34.89
CA ARG BB 70 79.42 -42.31 -36.01
C ARG BB 70 80.19 -41.25 -36.81
N ILE BB 71 81.48 -41.49 -37.05
CA ILE BB 71 82.36 -40.59 -37.80
C ILE BB 71 82.74 -41.30 -39.09
N ASN BB 72 82.46 -40.67 -40.23
CA ASN BB 72 82.76 -41.30 -41.50
C ASN BB 72 84.04 -40.70 -42.10
N ASP BB 73 84.30 -41.05 -43.37
CA ASP BB 73 85.50 -40.68 -44.12
C ASP BB 73 86.68 -40.25 -43.25
N LEU BB 74 87.33 -41.21 -42.58
CA LEU BB 74 88.42 -40.88 -41.66
C LEU BB 74 89.71 -40.59 -42.39
N THR BB 75 90.39 -39.51 -41.99
CA THR BB 75 91.70 -39.14 -42.47
C THR BB 75 92.74 -39.38 -41.36
N VAL BB 76 93.95 -38.84 -41.57
CA VAL BB 76 95.03 -38.98 -40.59
C VAL BB 76 95.05 -37.83 -39.60
N GLU BB 77 94.23 -36.80 -39.83
CA GLU BB 77 94.10 -35.69 -38.91
C GLU BB 77 93.00 -35.89 -37.86
N ASP BB 78 92.32 -37.05 -37.88
CA ASP BB 78 91.25 -37.33 -36.93
C ASP BB 78 91.71 -38.20 -35.77
N SER BB 79 92.95 -38.03 -35.32
CA SER BB 79 93.52 -38.81 -34.24
C SER BB 79 93.55 -37.98 -32.97
N GLY BB 80 92.81 -38.40 -31.95
CA GLY BB 80 92.74 -37.66 -30.71
C GLY BB 80 91.84 -38.35 -29.71
N THR BB 81 91.70 -37.69 -28.56
CA THR BB 81 90.87 -38.21 -27.47
C THR BB 81 89.46 -37.66 -27.62
N TYR BB 82 88.50 -38.56 -27.80
CA TYR BB 82 87.09 -38.21 -27.96
C TYR BB 82 86.40 -38.44 -26.62
N ARG BB 83 85.62 -37.45 -26.19
CA ARG BB 83 84.95 -37.47 -24.91
C ARG BB 83 83.45 -37.35 -25.07
N CYS BB 84 82.72 -37.91 -24.11
CA CYS BB 84 81.26 -37.78 -24.07
C CYS BB 84 80.89 -36.75 -23.00
N ALA BB 85 79.70 -36.18 -23.16
CA ALA BB 85 79.22 -35.17 -22.24
C ALA BB 85 77.71 -35.22 -22.22
N SER BB 86 77.14 -34.86 -21.08
CA SER BB 86 75.70 -34.81 -20.94
C SER BB 86 75.37 -33.84 -19.82
N GLU BB 87 74.21 -33.20 -19.95
CA GLU BB 87 73.77 -32.22 -18.96
C GLU BB 87 72.69 -32.84 -18.10
N CYS BB 88 72.94 -32.93 -16.81
CA CYS BB 88 72.04 -33.56 -15.86
C CYS BB 88 71.34 -32.50 -15.01
N GLN BB 89 70.10 -32.80 -14.63
CA GLN BB 89 69.29 -31.89 -13.81
C GLN BB 89 68.18 -32.67 -13.16
N TYR BB 90 68.15 -32.67 -11.82
CA TYR BB 90 67.01 -33.28 -11.14
C TYR BB 90 66.31 -32.19 -10.35
N GLY BB 91 66.25 -32.33 -9.02
CA GLY BB 91 65.62 -31.34 -8.20
C GLY BB 91 66.25 -29.96 -8.29
N LEU BB 92 67.01 -29.58 -7.25
CA LEU BB 92 67.75 -28.33 -7.20
C LEU BB 92 69.17 -28.49 -7.75
N ALA BB 93 69.51 -29.68 -8.25
CA ALA BB 93 70.84 -30.04 -8.67
C ALA BB 93 70.95 -30.07 -10.19
N GLU BB 94 72.06 -29.55 -10.69
CA GLU BB 94 72.45 -29.61 -12.09
C GLU BB 94 73.96 -29.75 -12.20
N TYR BB 95 74.38 -30.76 -12.96
CA TYR BB 95 75.77 -31.13 -13.11
C TYR BB 95 75.96 -31.68 -14.52
N ASP BB 96 77.21 -32.01 -14.86
CA ASP BB 96 77.54 -32.55 -16.16
C ASP BB 96 78.51 -33.70 -16.00
N VAL BB 97 78.62 -34.52 -17.05
CA VAL BB 97 79.33 -35.79 -16.99
C VAL BB 97 80.21 -35.96 -18.22
N TYR BB 98 81.27 -36.75 -18.08
CA TYR BB 98 82.25 -36.92 -19.15
C TYR BB 98 82.65 -38.38 -19.26
N GLY BB 99 83.46 -38.67 -20.29
CA GLY BB 99 83.96 -40.01 -20.54
C GLY BB 99 85.44 -40.05 -20.86
N GLY BB 100 85.79 -40.83 -21.88
CA GLY BB 100 87.15 -40.92 -22.37
C GLY BB 100 87.36 -42.00 -23.41
N GLY BB 101 88.18 -41.73 -24.44
CA GLY BB 101 88.42 -42.71 -25.49
C GLY BB 101 89.30 -42.25 -26.63
N THR BB 102 90.30 -43.05 -27.00
CA THR BB 102 91.38 -42.65 -27.90
C THR BB 102 91.26 -43.32 -29.26
N VAL BB 103 91.56 -42.55 -30.32
CA VAL BB 103 91.60 -43.02 -31.70
C VAL BB 103 92.94 -42.61 -32.30
N VAL BB 104 93.57 -43.54 -33.03
CA VAL BB 104 94.77 -43.26 -33.79
C VAL BB 104 94.57 -43.84 -35.18
N THR BB 105 94.71 -42.99 -36.20
CA THR BB 105 94.51 -43.42 -37.60
C THR BB 105 95.78 -43.20 -38.39
N VAL BB 106 96.27 -44.27 -39.02
CA VAL BB 106 97.42 -44.19 -39.92
C VAL BB 106 96.92 -44.29 -41.36
N ASN BB 107 97.80 -43.98 -42.31
CA ASN BB 107 97.46 -43.88 -43.71
C ASN BB 107 97.63 -45.22 -44.43
N ALA BB 108 97.21 -45.24 -45.70
CA ALA BB 108 97.33 -46.41 -46.56
C ALA BB 108 98.53 -46.35 -47.49
N ALA BB 109 99.35 -45.29 -47.38
CA ALA BB 109 100.64 -45.16 -48.05
C ALA BB 109 100.52 -44.91 -49.55
N ALA BB 110 99.34 -45.18 -50.14
CA ALA BB 110 99.10 -44.95 -51.56
C ALA BB 110 100.20 -45.52 -52.44
N HIS BB 111 100.12 -46.80 -52.78
CA HIS BB 111 101.20 -47.50 -53.46
C HIS BB 111 101.64 -46.77 -54.73
N HIS BB 112 102.95 -46.62 -54.87
CA HIS BB 112 103.54 -45.94 -56.01
C HIS BB 112 103.88 -46.94 -57.11
N HIS BB 113 103.62 -46.55 -58.36
CA HIS BB 113 103.84 -47.42 -59.51
C HIS BB 113 105.29 -47.85 -59.62
N ALA CB 2 68.92 -43.95 38.45
CA ALA CB 2 69.49 -43.52 37.19
C ALA CB 2 68.83 -44.22 36.01
N ARG CB 3 67.56 -43.88 35.75
CA ARG CB 3 66.72 -44.64 34.83
C ARG CB 3 66.70 -46.10 35.24
N VAL CB 4 65.73 -46.44 36.09
CA VAL CB 4 65.51 -47.77 36.67
C VAL CB 4 66.64 -48.06 37.64
N ASP CB 5 66.27 -48.46 38.87
CA ASP CB 5 67.21 -48.73 39.95
C ASP CB 5 66.93 -50.14 40.47
N GLN CB 6 67.80 -51.09 40.12
CA GLN CB 6 67.69 -52.44 40.63
C GLN CB 6 68.25 -52.49 42.06
N THR CB 7 67.45 -53.01 42.99
CA THR CB 7 67.76 -52.90 44.42
C THR CB 7 68.73 -53.98 44.90
N PRO CB 8 68.44 -55.29 44.74
CA PRO CB 8 69.38 -56.29 45.27
C PRO CB 8 70.60 -56.46 44.39
N GLN CB 9 71.67 -55.72 44.68
CA GLN CB 9 72.86 -55.80 43.83
C GLN CB 9 73.59 -57.12 44.05
N THR CB 10 74.11 -57.36 45.25
CA THR CB 10 74.67 -58.67 45.60
C THR CB 10 73.90 -59.23 46.78
N ILE CB 11 73.25 -60.37 46.56
CA ILE CB 11 72.52 -61.08 47.61
C ILE CB 11 73.08 -62.50 47.67
N THR CB 12 72.98 -63.09 48.86
CA THR CB 12 73.47 -64.45 49.09
C THR CB 12 72.32 -65.27 49.66
N LYS CB 13 71.77 -66.15 48.83
CA LYS CB 13 70.67 -67.01 49.22
C LYS CB 13 71.11 -68.47 49.22
N GLU CB 14 70.32 -69.29 49.89
CA GLU CB 14 70.59 -70.71 50.05
C GLU CB 14 69.72 -71.50 49.07
N THR CB 15 70.23 -72.65 48.64
CA THR CB 15 69.43 -73.50 47.78
C THR CB 15 68.15 -73.84 48.51
N GLY CB 16 67.02 -73.44 47.95
CA GLY CB 16 65.75 -73.63 48.62
C GLY CB 16 65.18 -72.37 49.23
N GLU CB 17 65.65 -71.20 48.83
CA GLU CB 17 65.24 -69.92 49.39
C GLU CB 17 64.43 -69.14 48.34
N SER CB 18 64.30 -67.84 48.56
CA SER CB 18 63.46 -67.04 47.69
C SER CB 18 63.96 -65.62 47.71
N LEU CB 19 64.41 -65.17 46.55
CA LEU CB 19 64.89 -63.81 46.33
C LEU CB 19 63.86 -63.03 45.53
N THR CB 20 63.60 -61.81 45.97
CA THR CB 20 62.81 -60.86 45.20
C THR CB 20 63.76 -59.77 44.71
N ILE CB 21 63.73 -59.52 43.41
CA ILE CB 21 64.56 -58.50 42.79
C ILE CB 21 63.64 -57.36 42.38
N ASN CB 22 63.90 -56.16 42.89
CA ASN CB 22 63.06 -54.99 42.66
C ASN CB 22 63.78 -53.96 41.81
N CYS CB 23 63.05 -53.35 40.88
CA CYS CB 23 63.54 -52.24 40.06
C CYS CB 23 62.54 -51.10 40.15
N VAL CB 24 63.02 -49.88 40.32
CA VAL CB 24 62.17 -48.70 40.41
C VAL CB 24 62.53 -47.75 39.27
N LEU CB 25 61.52 -47.29 38.54
CA LEU CB 25 61.73 -46.40 37.40
C LEU CB 25 61.91 -44.95 37.86
N ARG CB 26 62.91 -44.29 37.27
CA ARG CB 26 63.18 -42.88 37.50
C ARG CB 26 62.82 -41.96 36.35
N ASP CB 27 62.65 -42.47 35.14
CA ASP CB 27 62.21 -41.66 34.00
C ASP CB 27 60.70 -41.70 33.90
N SER CB 28 60.06 -40.53 33.98
CA SER CB 28 58.60 -40.48 33.93
C SER CB 28 58.04 -40.77 32.53
N HIS CB 29 58.87 -41.16 31.56
CA HIS CB 29 58.37 -41.57 30.25
C HIS CB 29 58.25 -43.08 30.10
N CYS CB 30 58.93 -43.84 30.94
CA CYS CB 30 58.89 -45.30 30.88
C CYS CB 30 57.68 -45.84 31.64
N ALA CB 31 57.13 -46.93 31.13
CA ALA CB 31 55.92 -47.55 31.66
C ALA CB 31 56.24 -48.87 32.36
N THR CB 32 55.55 -49.12 33.46
CA THR CB 32 55.66 -50.38 34.19
C THR CB 32 54.92 -51.53 33.52
N SER CB 33 54.36 -51.30 32.33
CA SER CB 33 53.57 -52.31 31.62
C SER CB 33 54.40 -53.27 30.77
N SER CB 34 55.43 -52.78 30.08
CA SER CB 34 56.25 -53.64 29.22
C SER CB 34 57.59 -53.90 29.90
N THR CB 35 57.58 -54.75 30.93
CA THR CB 35 58.76 -55.08 31.70
C THR CB 35 59.32 -56.41 31.22
N TYR CB 36 60.65 -56.51 31.26
CA TYR CB 36 61.36 -57.69 30.78
C TYR CB 36 62.47 -58.04 31.74
N TRP CB 37 62.83 -59.32 31.78
CA TRP CB 37 63.86 -59.83 32.66
C TRP CB 37 64.84 -60.70 31.88
N TYR CB 38 66.12 -60.54 32.20
CA TYR CB 38 67.20 -61.28 31.56
C TYR CB 38 68.16 -61.77 32.63
N ARG CB 39 68.56 -63.03 32.54
CA ARG CB 39 69.61 -63.57 33.39
C ARG CB 39 70.75 -64.04 32.49
N LYS CB 40 71.96 -63.99 33.02
CA LYS CB 40 73.16 -64.44 32.32
C LYS CB 40 73.83 -65.45 33.24
N LYS CB 41 73.66 -66.72 32.91
CA LYS CB 41 74.22 -67.79 33.72
C LYS CB 41 75.74 -67.77 33.71
N SER CB 42 76.33 -67.78 34.91
CA SER CB 42 77.78 -67.83 35.09
C SER CB 42 78.38 -68.95 34.25
N GLY CB 43 79.37 -68.60 33.43
CA GLY CB 43 80.07 -69.54 32.57
C GLY CB 43 79.68 -69.46 31.11
N SER CB 44 78.42 -69.15 30.82
CA SER CB 44 78.01 -68.92 29.44
C SER CB 44 77.79 -67.42 29.31
N THR CB 45 78.11 -66.88 28.14
CA THR CB 45 78.07 -65.44 27.90
C THR CB 45 76.88 -65.01 27.04
N ASN CB 46 75.81 -65.79 27.08
CA ASN CB 46 74.58 -65.48 26.37
C ASN CB 46 73.52 -65.13 27.39
N GLU CB 47 72.91 -63.96 27.23
CA GLU CB 47 71.83 -63.50 28.10
C GLU CB 47 70.51 -64.08 27.61
N GLU CB 48 69.88 -64.87 28.45
CA GLU CB 48 68.62 -65.53 28.16
C GLU CB 48 67.46 -64.70 28.68
N SER CB 49 66.29 -64.93 28.10
CA SER CB 49 65.09 -64.18 28.43
C SER CB 49 64.26 -64.99 29.42
N ILE CB 50 64.07 -64.44 30.62
CA ILE CB 50 63.29 -65.12 31.64
C ILE CB 50 61.82 -65.05 31.29
N SER CB 51 61.11 -66.16 31.45
CA SER CB 51 59.70 -66.23 31.10
C SER CB 51 58.86 -65.94 32.35
N LYS CB 52 57.74 -65.28 32.16
CA LYS CB 52 56.88 -64.91 33.28
C LYS CB 52 55.84 -66.03 33.45
N GLY CB 53 56.12 -66.92 34.39
CA GLY CB 53 55.23 -68.02 34.69
C GLY CB 53 55.90 -69.10 35.51
N GLY CB 54 55.23 -69.53 36.57
CA GLY CB 54 55.74 -70.60 37.41
C GLY CB 54 56.73 -70.19 38.49
N ARG CB 55 58.01 -70.48 38.27
CA ARG CB 55 59.03 -70.14 39.25
C ARG CB 55 59.38 -68.66 39.20
N TYR CB 56 59.16 -68.01 38.06
CA TYR CB 56 59.46 -66.60 37.88
C TYR CB 56 58.14 -65.84 37.89
N VAL CB 57 57.80 -65.27 39.05
CA VAL CB 57 56.58 -64.48 39.21
C VAL CB 57 56.99 -63.02 39.32
N GLU CB 58 56.24 -62.15 38.65
CA GLU CB 58 56.56 -60.73 38.60
C GLU CB 58 55.46 -59.90 39.24
N THR CB 59 55.86 -59.03 40.16
CA THR CB 59 54.97 -58.10 40.86
C THR CB 59 55.21 -56.69 40.33
N VAL CB 60 54.13 -56.03 39.92
CA VAL CB 60 54.22 -54.68 39.39
C VAL CB 60 53.34 -53.80 40.28
N ASN CB 61 53.83 -52.62 40.61
CA ASN CB 61 53.06 -51.64 41.35
C ASN CB 61 53.16 -50.32 40.60
N SER CB 62 52.05 -49.90 39.99
CA SER CB 62 52.04 -48.67 39.21
C SER CB 62 52.15 -47.44 40.09
N GLY CB 63 51.76 -47.55 41.36
CA GLY CB 63 51.85 -46.40 42.25
C GLY CB 63 53.28 -45.98 42.50
N SER CB 64 54.15 -46.92 42.84
CA SER CB 64 55.56 -46.64 43.08
C SER CB 64 56.42 -46.81 41.83
N LYS CB 65 55.83 -47.14 40.69
CA LYS CB 65 56.54 -47.32 39.43
C LYS CB 65 57.68 -48.33 39.57
N SER CB 66 57.39 -49.45 40.22
CA SER CB 66 58.37 -50.50 40.47
C SER CB 66 57.83 -51.86 40.05
N PHE CB 67 58.73 -52.72 39.55
CA PHE CB 67 58.40 -54.11 39.27
C PHE CB 67 59.46 -55.00 39.90
N SER CB 68 59.03 -56.21 40.30
CA SER CB 68 59.88 -57.16 40.99
C SER CB 68 59.74 -58.55 40.39
N LEU CB 69 60.70 -59.43 40.73
CA LEU CB 69 60.71 -60.80 40.23
C LEU CB 69 61.12 -61.75 41.37
N ARG CB 70 60.14 -62.40 41.97
CA ARG CB 70 60.40 -63.37 43.04
C ARG CB 70 60.69 -64.75 42.45
N ILE CB 71 61.79 -65.35 42.90
CA ILE CB 71 62.20 -66.70 42.49
C ILE CB 71 62.04 -67.61 43.70
N ASN CB 72 61.32 -68.72 43.53
CA ASN CB 72 60.90 -69.56 44.65
C ASN CB 72 61.77 -70.80 44.86
N ASP CB 73 61.81 -71.70 43.88
CA ASP CB 73 62.58 -72.95 44.04
C ASP CB 73 63.99 -72.72 43.49
N LEU CB 74 64.80 -72.03 44.30
CA LEU CB 74 66.13 -71.61 43.87
C LEU CB 74 67.10 -72.77 43.91
N THR CB 75 67.84 -72.97 42.81
CA THR CB 75 68.94 -73.91 42.72
C THR CB 75 70.27 -73.16 42.63
N VAL CB 76 71.35 -73.89 42.34
CA VAL CB 76 72.67 -73.28 42.18
C VAL CB 76 72.98 -72.96 40.72
N GLU CB 77 72.14 -73.39 39.78
CA GLU CB 77 72.32 -73.05 38.38
C GLU CB 77 71.64 -71.73 38.04
N ASP CB 78 71.03 -71.09 39.04
CA ASP CB 78 70.38 -69.81 38.85
C ASP CB 78 71.25 -68.64 39.30
N SER CB 79 72.40 -68.93 39.90
CA SER CB 79 73.32 -67.88 40.35
C SER CB 79 73.87 -67.18 39.11
N GLY CB 80 73.58 -65.89 38.98
CA GLY CB 80 73.99 -65.17 37.79
C GLY CB 80 73.58 -63.72 37.89
N THR CB 81 73.85 -62.99 36.81
CA THR CB 81 73.54 -61.57 36.77
C THR CB 81 72.16 -61.40 36.17
N TYR CB 82 71.24 -60.85 36.96
CA TYR CB 82 69.86 -60.61 36.54
C TYR CB 82 69.67 -59.12 36.27
N ARG CB 83 69.09 -58.82 35.12
CA ARG CB 83 68.79 -57.44 34.74
C ARG CB 83 67.30 -57.30 34.43
N CYS CB 84 66.78 -56.11 34.72
CA CYS CB 84 65.40 -55.75 34.40
C CYS CB 84 65.40 -54.77 33.24
N ALA CB 85 64.25 -54.66 32.57
CA ALA CB 85 64.15 -53.83 31.38
C ALA CB 85 62.75 -53.24 31.27
N SER CB 86 62.65 -52.13 30.56
CA SER CB 86 61.39 -51.43 30.34
C SER CB 86 61.45 -50.64 29.04
N GLU CB 87 60.28 -50.47 28.41
CA GLU CB 87 60.14 -49.77 27.14
C GLU CB 87 59.57 -48.36 27.38
N CYS CB 88 60.33 -47.35 26.97
CA CYS CB 88 59.95 -45.95 27.12
C CYS CB 88 59.60 -45.34 25.77
N GLN CB 89 58.66 -44.39 25.77
CA GLN CB 89 58.23 -43.74 24.53
C GLN CB 89 57.55 -42.42 24.87
N TYR CB 90 58.05 -41.32 24.30
CA TYR CB 90 57.43 -40.01 24.46
C TYR CB 90 57.02 -39.58 23.07
N GLY CB 91 57.59 -38.50 22.53
CA GLY CB 91 57.25 -38.06 21.18
C GLY CB 91 57.57 -39.05 20.06
N LEU CB 92 58.64 -38.75 19.30
CA LEU CB 92 59.14 -39.62 18.23
C LEU CB 92 60.17 -40.63 18.71
N ALA CB 93 60.42 -40.70 20.02
CA ALA CB 93 61.48 -41.52 20.58
C ALA CB 93 60.93 -42.78 21.23
N GLU CB 94 61.63 -43.88 21.02
CA GLU CB 94 61.31 -45.15 21.66
C GLU CB 94 62.63 -45.82 22.05
N TYR CB 95 62.75 -46.18 23.33
CA TYR CB 95 64.01 -46.72 23.83
C TYR CB 95 63.70 -47.72 24.95
N ASP CB 96 64.77 -48.31 25.50
CA ASP CB 96 64.68 -49.27 26.57
C ASP CB 96 65.66 -48.91 27.67
N VAL CB 97 65.46 -49.50 28.84
CA VAL CB 97 66.24 -49.17 30.02
C VAL CB 97 66.63 -50.47 30.70
N TYR CB 98 67.76 -50.45 31.42
CA TYR CB 98 68.29 -51.65 32.03
C TYR CB 98 68.79 -51.34 33.42
N GLY CB 99 69.20 -52.39 34.14
CA GLY CB 99 69.75 -52.26 35.47
C GLY CB 99 71.01 -53.05 35.73
N GLY CB 100 71.06 -53.75 36.87
CA GLY CB 100 72.15 -54.65 37.19
C GLY CB 100 72.04 -55.23 38.57
N GLY CB 101 72.33 -56.52 38.72
CA GLY CB 101 72.23 -57.19 40.00
C GLY CB 101 72.49 -58.68 39.97
N THR CB 102 73.36 -59.15 40.86
CA THR CB 102 73.87 -60.52 40.87
C THR CB 102 73.31 -61.29 42.05
N VAL CB 103 73.06 -62.58 41.83
CA VAL CB 103 72.60 -63.51 42.87
C VAL CB 103 73.61 -64.65 42.92
N VAL CB 104 73.98 -65.05 44.13
CA VAL CB 104 74.89 -66.17 44.33
C VAL CB 104 74.31 -67.11 45.38
N THR CB 105 74.23 -68.39 45.05
CA THR CB 105 73.79 -69.44 45.95
C THR CB 105 74.99 -70.35 46.17
N VAL CB 106 75.39 -70.54 47.42
CA VAL CB 106 76.55 -71.34 47.75
C VAL CB 106 76.15 -72.73 48.27
N ASN CB 107 74.90 -73.13 48.08
CA ASN CB 107 74.42 -74.43 48.54
C ASN CB 107 74.57 -74.44 50.08
N ALA CB 108 74.64 -75.63 50.68
CA ALA CB 108 74.73 -75.77 52.12
C ALA CB 108 75.89 -76.68 52.51
N ALA CB 109 75.74 -77.98 52.26
CA ALA CB 109 76.73 -78.94 52.70
C ALA CB 109 77.01 -80.01 51.65
N ALA CB 110 75.95 -80.66 51.16
CA ALA CB 110 76.03 -81.77 50.21
C ALA CB 110 76.79 -82.97 50.76
N HIS CB 111 76.98 -83.02 52.08
CA HIS CB 111 77.65 -84.14 52.74
C HIS CB 111 76.71 -84.79 53.74
N HIS CB 112 77.17 -85.88 54.36
CA HIS CB 112 76.37 -86.60 55.33
C HIS CB 112 77.20 -86.93 56.56
N HIS CB 113 76.86 -88.05 57.22
CA HIS CB 113 77.49 -88.45 58.48
C HIS CB 113 79.02 -88.48 58.41
N ALA DB 2 85.52 -1.49 14.91
CA ALA DB 2 85.18 -0.21 14.30
C ALA DB 2 83.68 0.02 14.29
N ARG DB 3 82.96 -0.67 15.20
CA ARG DB 3 81.51 -0.51 15.25
C ARG DB 3 81.09 0.83 15.85
N VAL DB 4 81.97 1.49 16.57
CA VAL DB 4 81.71 2.83 17.13
C VAL DB 4 83.06 3.50 17.31
N ASP DB 5 83.14 4.78 16.96
CA ASP DB 5 84.42 5.49 16.96
C ASP DB 5 84.39 6.61 18.00
N GLN DB 6 85.07 6.36 19.11
CA GLN DB 6 85.29 7.35 20.15
C GLN DB 6 86.39 8.32 19.74
N THR DB 7 86.14 9.60 19.88
CA THR DB 7 87.02 10.64 19.37
C THR DB 7 88.21 10.85 20.32
N PRO DB 8 87.99 11.11 21.63
CA PRO DB 8 89.14 11.34 22.53
C PRO DB 8 89.89 10.09 22.98
N GLN DB 9 91.02 9.78 22.33
CA GLN DB 9 91.78 8.60 22.75
C GLN DB 9 92.44 8.83 24.10
N THR DB 10 93.32 9.84 24.19
CA THR DB 10 93.91 10.22 25.48
C THR DB 10 94.15 11.71 25.49
N ILE DB 11 93.51 12.42 26.43
CA ILE DB 11 93.63 13.86 26.60
C ILE DB 11 94.03 14.17 28.04
N THR DB 12 94.72 15.30 28.22
CA THR DB 12 95.18 15.75 29.55
C THR DB 12 94.84 17.23 29.76
N LYS DB 13 93.87 17.49 30.63
CA LYS DB 13 93.42 18.84 30.98
C LYS DB 13 93.63 19.13 32.46
N GLU DB 14 93.45 20.40 32.81
CA GLU DB 14 93.62 20.90 34.18
C GLU DB 14 92.26 21.02 34.86
N THR DB 15 92.27 20.95 36.19
CA THR DB 15 91.03 21.01 36.97
C THR DB 15 90.24 22.29 36.69
N GLY DB 16 88.96 22.10 36.36
CA GLY DB 16 88.08 23.22 36.11
C GLY DB 16 87.77 23.49 34.66
N GLU DB 17 88.05 22.55 33.76
CA GLU DB 17 87.84 22.81 32.35
C GLU DB 17 86.80 21.83 31.80
N SER DB 18 86.74 21.73 30.49
CA SER DB 18 85.72 20.94 29.81
C SER DB 18 86.37 19.85 28.97
N LEU DB 19 86.08 18.60 29.29
CA LEU DB 19 86.46 17.49 28.44
C LEU DB 19 85.18 17.02 27.76
N THR DB 20 85.20 16.90 26.45
CA THR DB 20 84.08 16.40 25.69
C THR DB 20 84.46 15.05 25.10
N ILE DB 21 83.64 14.05 25.34
CA ILE DB 21 83.85 12.73 24.79
C ILE DB 21 82.75 12.50 23.77
N ASN DB 22 83.13 12.37 22.49
CA ASN DB 22 82.16 12.22 21.42
C ASN DB 22 82.31 10.83 20.81
N CYS DB 23 81.19 10.18 20.54
CA CYS DB 23 81.19 8.86 19.90
C CYS DB 23 80.24 8.90 18.72
N VAL DB 24 80.68 8.30 17.60
CA VAL DB 24 79.91 8.26 16.36
C VAL DB 24 79.57 6.81 16.06
N LEU DB 25 78.30 6.56 15.74
CA LEU DB 25 77.82 5.21 15.47
C LEU DB 25 78.19 4.75 14.06
N ARG DB 26 78.73 3.53 13.96
CA ARG DB 26 79.04 2.93 12.67
C ARG DB 26 78.15 1.76 12.29
N ASP DB 27 77.47 1.13 13.25
CA ASP DB 27 76.50 0.08 12.97
C ASP DB 27 75.11 0.72 12.84
N SER DB 28 74.47 0.55 11.69
CA SER DB 28 73.16 1.16 11.47
C SER DB 28 72.05 0.46 12.25
N HIS DB 29 72.38 -0.52 13.10
CA HIS DB 29 71.37 -1.17 13.94
C HIS DB 29 71.33 -0.62 15.36
N CYS DB 30 72.37 0.07 15.81
CA CYS DB 30 72.37 0.65 17.14
C CYS DB 30 71.69 2.01 17.11
N ALA DB 31 70.97 2.32 18.20
CA ALA DB 31 70.15 3.52 18.30
C ALA DB 31 70.75 4.50 19.30
N THR DB 32 70.66 5.79 18.98
CA THR DB 32 71.09 6.84 19.90
C THR DB 32 70.14 7.04 21.06
N SER DB 33 69.08 6.22 21.17
CA SER DB 33 68.09 6.43 22.21
C SER DB 33 68.48 5.76 23.53
N SER DB 34 69.01 4.55 23.47
CA SER DB 34 69.42 3.81 24.66
C SER DB 34 70.95 3.76 24.73
N THR DB 35 71.55 4.90 25.06
CA THR DB 35 73.00 5.01 25.17
C THR DB 35 73.36 4.92 26.64
N TYR DB 36 74.52 4.33 26.92
CA TYR DB 36 75.00 4.12 28.27
C TYR DB 36 76.46 4.52 28.32
N TRP DB 37 76.89 4.96 29.50
CA TRP DB 37 78.26 5.40 29.74
C TRP DB 37 78.77 4.66 30.96
N TYR DB 38 80.04 4.28 30.93
CA TYR DB 38 80.67 3.47 31.98
C TYR DB 38 81.98 4.09 32.43
N ARG DB 39 82.22 3.96 33.73
CA ARG DB 39 83.40 4.51 34.38
C ARG DB 39 84.29 3.42 34.96
N LYS DB 40 85.60 3.67 34.98
CA LYS DB 40 86.57 2.83 35.68
C LYS DB 40 87.42 3.79 36.49
N LYS DB 41 87.20 3.87 37.80
CA LYS DB 41 88.01 4.77 38.61
C LYS DB 41 89.45 4.27 38.59
N SER DB 42 90.36 5.17 38.22
CA SER DB 42 91.76 4.83 37.99
C SER DB 42 92.34 3.98 39.10
N GLY DB 43 92.81 2.78 38.72
CA GLY DB 43 93.42 1.84 39.65
C GLY DB 43 92.49 0.76 40.15
N SER DB 44 91.20 0.88 39.92
CA SER DB 44 90.19 -0.09 40.33
C SER DB 44 89.67 -0.86 39.13
N THR DB 45 89.05 -2.02 39.41
CA THR DB 45 88.54 -2.92 38.38
C THR DB 45 87.04 -2.81 38.19
N ASN DB 46 86.29 -2.61 39.27
CA ASN DB 46 84.84 -2.46 39.17
C ASN DB 46 84.49 -1.24 38.32
N GLU DB 47 83.66 -1.46 37.30
CA GLU DB 47 83.16 -0.38 36.47
C GLU DB 47 81.94 0.26 37.11
N GLU DB 48 82.02 1.57 37.35
CA GLU DB 48 80.92 2.33 37.92
C GLU DB 48 80.06 2.88 36.79
N SER DB 49 78.78 3.09 37.07
CA SER DB 49 77.85 3.54 36.05
C SER DB 49 77.61 5.04 36.24
N ILE DB 50 78.11 5.83 35.30
CA ILE DB 50 77.91 7.27 35.34
C ILE DB 50 76.53 7.59 34.79
N SER DB 51 75.75 8.35 35.54
CA SER DB 51 74.39 8.71 35.19
C SER DB 51 74.32 10.12 34.62
N LYS DB 52 73.11 10.53 34.24
CA LYS DB 52 72.87 11.85 33.67
C LYS DB 52 72.46 12.76 34.83
N GLY DB 53 73.41 13.54 35.34
CA GLY DB 53 73.08 14.41 36.44
C GLY DB 53 73.82 15.74 36.48
N GLY DB 54 73.42 16.68 35.64
CA GLY DB 54 74.06 17.99 35.72
C GLY DB 54 75.36 18.06 34.95
N ARG DB 55 76.46 17.84 35.66
CA ARG DB 55 77.79 17.91 35.06
C ARG DB 55 78.06 16.71 34.14
N TYR DB 56 77.32 15.62 34.32
CA TYR DB 56 77.42 14.44 33.44
C TYR DB 56 76.22 14.41 32.50
N VAL DB 57 76.23 15.35 31.57
CA VAL DB 57 75.16 15.53 30.59
C VAL DB 57 75.62 15.06 29.22
N GLU DB 58 74.72 14.40 28.51
CA GLU DB 58 74.98 13.83 27.19
C GLU DB 58 74.17 14.61 26.17
N THR DB 59 74.82 15.06 25.11
CA THR DB 59 74.16 15.77 24.02
C THR DB 59 74.07 14.82 22.85
N VAL DB 60 72.87 14.67 22.30
CA VAL DB 60 72.59 13.68 21.26
C VAL DB 60 72.18 14.41 19.99
N ASN DB 61 72.70 13.95 18.86
CA ASN DB 61 72.31 14.45 17.55
C ASN DB 61 72.00 13.23 16.68
N SER DB 62 70.72 13.01 16.40
CA SER DB 62 70.31 11.86 15.61
C SER DB 62 70.65 12.01 14.14
N GLY DB 63 70.78 13.24 13.64
CA GLY DB 63 71.08 13.44 12.23
C GLY DB 63 72.44 12.87 11.86
N SER DB 64 73.46 13.20 12.64
CA SER DB 64 74.79 12.64 12.44
C SER DB 64 75.00 11.38 13.25
N LYS DB 65 73.98 11.00 14.03
CA LYS DB 65 74.02 9.82 14.90
C LYS DB 65 75.27 9.84 15.78
N SER DB 66 75.53 11.01 16.35
CA SER DB 66 76.69 11.26 17.18
C SER DB 66 76.23 11.85 18.50
N PHE DB 67 76.87 11.44 19.58
CA PHE DB 67 76.60 11.98 20.91
C PHE DB 67 77.90 12.32 21.61
N SER DB 68 77.82 13.30 22.52
CA SER DB 68 78.96 13.80 23.24
C SER DB 68 78.62 13.86 24.74
N LEU DB 69 79.66 13.97 25.56
CA LEU DB 69 79.52 14.01 27.02
C LEU DB 69 80.47 15.05 27.60
N ARG DB 70 79.94 16.23 27.93
CA ARG DB 70 80.74 17.31 28.50
C ARG DB 70 80.88 17.13 30.01
N ILE DB 71 82.12 17.12 30.49
CA ILE DB 71 82.41 17.08 31.93
C ILE DB 71 83.22 18.32 32.28
N ASN DB 72 82.68 19.17 33.16
CA ASN DB 72 83.34 20.41 33.56
C ASN DB 72 83.93 20.41 34.96
N ASP DB 73 83.22 19.89 35.96
CA ASP DB 73 83.69 19.98 37.35
C ASP DB 73 84.49 18.73 37.72
N LEU DB 74 85.66 18.62 37.08
CA LEU DB 74 86.52 17.46 37.28
C LEU DB 74 87.40 17.64 38.51
N THR DB 75 87.84 16.52 39.09
CA THR DB 75 88.85 16.50 40.12
C THR DB 75 90.14 15.93 39.55
N VAL DB 76 91.12 15.66 40.43
CA VAL DB 76 92.38 15.06 39.99
C VAL DB 76 92.37 13.54 40.14
N GLU DB 77 91.37 12.98 40.83
CA GLU DB 77 91.19 11.55 40.99
C GLU DB 77 90.33 10.92 39.91
N ASP DB 78 89.76 11.71 39.01
CA ASP DB 78 88.85 11.22 37.98
C ASP DB 78 89.58 11.05 36.65
N SER DB 79 90.74 10.40 36.75
CA SER DB 79 91.63 10.14 35.62
C SER DB 79 91.44 8.74 35.05
N GLY DB 80 90.27 8.15 35.27
CA GLY DB 80 89.95 6.81 34.81
C GLY DB 80 89.45 6.78 33.38
N THR DB 81 89.02 5.60 32.96
CA THR DB 81 88.54 5.34 31.61
C THR DB 81 87.02 5.51 31.51
N TYR DB 82 86.59 6.39 30.59
CA TYR DB 82 85.19 6.57 30.25
C TYR DB 82 84.95 5.75 28.99
N ARG DB 83 83.89 4.94 28.98
CA ARG DB 83 83.59 4.11 27.82
C ARG DB 83 82.21 4.44 27.27
N CYS DB 84 82.05 4.23 25.96
CA CYS DB 84 80.79 4.45 25.27
C CYS DB 84 80.10 3.12 25.02
N ALA DB 85 78.77 3.15 24.97
CA ALA DB 85 78.01 1.92 24.82
C ALA DB 85 76.66 2.22 24.18
N SER DB 86 76.11 1.21 23.50
CA SER DB 86 74.78 1.31 22.92
C SER DB 86 74.20 -0.09 22.78
N GLU DB 87 72.88 -0.19 22.88
CA GLU DB 87 72.18 -1.47 22.73
C GLU DB 87 71.45 -1.46 21.39
N CYS DB 88 71.78 -2.43 20.55
CA CYS DB 88 71.30 -2.55 19.18
C CYS DB 88 70.28 -3.66 19.05
N GLN DB 89 69.35 -3.50 18.11
CA GLN DB 89 68.28 -4.49 17.90
C GLN DB 89 67.76 -4.34 16.48
N TYR DB 90 67.85 -5.41 15.69
CA TYR DB 90 67.30 -5.42 14.34
C TYR DB 90 66.19 -6.45 14.19
N GLY DB 91 66.54 -7.71 13.90
CA GLY DB 91 65.51 -8.71 13.74
C GLY DB 91 65.22 -9.48 15.01
N LEU DB 92 65.67 -10.72 15.05
CA LEU DB 92 65.62 -11.52 16.27
C LEU DB 92 66.87 -11.31 17.11
N ALA DB 93 67.72 -10.38 16.71
CA ALA DB 93 69.00 -10.15 17.37
C ALA DB 93 68.89 -8.92 18.24
N GLU DB 94 69.44 -9.03 19.44
CA GLU DB 94 69.54 -7.92 20.38
C GLU DB 94 70.90 -8.05 21.03
N TYR DB 95 71.73 -7.02 20.91
CA TYR DB 95 73.08 -7.11 21.42
C TYR DB 95 73.52 -5.72 21.87
N ASP DB 96 74.75 -5.62 22.34
CA ASP DB 96 75.30 -4.37 22.80
C ASP DB 96 76.65 -4.15 22.16
N VAL DB 97 77.09 -2.91 22.16
CA VAL DB 97 78.32 -2.52 21.49
C VAL DB 97 79.03 -1.59 22.46
N TYR DB 98 80.35 -1.57 22.38
CA TYR DB 98 81.11 -0.76 23.32
C TYR DB 98 82.22 -0.04 22.57
N GLY DB 99 82.86 0.88 23.27
CA GLY DB 99 83.92 1.69 22.71
C GLY DB 99 85.12 1.79 23.64
N GLY DB 100 85.58 3.01 23.87
CA GLY DB 100 86.66 3.22 24.82
C GLY DB 100 87.10 4.67 24.87
N GLY DB 101 88.32 4.87 25.34
CA GLY DB 101 88.89 6.20 25.43
C GLY DB 101 89.13 6.68 26.85
N THR DB 102 90.36 7.11 27.11
CA THR DB 102 90.81 7.45 28.46
C THR DB 102 91.15 8.93 28.56
N VAL DB 103 90.91 9.49 29.75
CA VAL DB 103 91.23 10.89 30.05
C VAL DB 103 92.12 10.90 31.29
N VAL DB 104 93.08 11.81 31.32
CA VAL DB 104 93.99 11.96 32.45
C VAL DB 104 93.90 13.41 32.94
N THR DB 105 93.65 13.57 34.23
CA THR DB 105 93.45 14.87 34.85
C THR DB 105 94.53 15.14 35.88
N VAL DB 106 95.22 16.28 35.73
CA VAL DB 106 96.23 16.70 36.69
C VAL DB 106 95.67 17.80 37.60
N ARG EB 1 -29.48 10.43 23.12
CA ARG EB 1 -29.24 9.42 22.09
C ARG EB 1 -30.57 9.04 21.46
N SER EB 2 -31.55 9.93 21.58
CA SER EB 2 -32.87 9.70 20.99
C SER EB 2 -33.61 11.01 20.92
N SER EB 3 -34.66 11.02 20.10
CA SER EB 3 -35.52 12.18 19.94
C SER EB 3 -36.91 11.68 19.54
N SER EB 4 -37.75 12.58 19.03
CA SER EB 4 -39.09 12.23 18.61
C SER EB 4 -39.06 11.53 17.25
N ARG EB 5 -40.06 10.68 17.01
CA ARG EB 5 -40.18 9.99 15.74
C ARG EB 5 -41.56 10.18 15.11
N THR EB 6 -42.40 11.03 15.70
CA THR EB 6 -43.62 11.53 15.09
C THR EB 6 -43.94 12.85 15.76
N PRO EB 7 -44.50 13.82 15.03
CA PRO EB 7 -44.72 15.14 15.63
C PRO EB 7 -45.66 15.12 16.83
N SER EB 8 -46.95 14.89 16.61
CA SER EB 8 -47.99 14.89 17.64
C SER EB 8 -48.22 16.32 18.14
N ASP EB 9 -49.46 16.71 18.35
CA ASP EB 9 -49.74 18.10 18.70
C ASP EB 9 -50.89 18.14 19.71
N LYS EB 10 -51.58 19.28 19.74
CA LYS EB 10 -52.64 19.72 20.64
C LYS EB 10 -52.18 19.74 22.10
N PRO EB 11 -52.69 20.68 22.91
CA PRO EB 11 -52.36 20.67 24.34
C PRO EB 11 -52.72 19.34 24.99
N VAL EB 12 -51.79 18.79 25.77
CA VAL EB 12 -51.97 17.50 26.41
C VAL EB 12 -51.37 17.59 27.80
N ALA EB 13 -51.93 16.82 28.73
CA ALA EB 13 -51.42 16.79 30.08
C ALA EB 13 -51.92 15.52 30.76
N HIS EB 14 -51.01 14.81 31.41
CA HIS EB 14 -51.35 13.69 32.26
C HIS EB 14 -50.30 13.65 33.36
N VAL EB 15 -50.62 14.23 34.50
CA VAL EB 15 -49.66 14.34 35.60
C VAL EB 15 -50.07 13.37 36.71
N VAL EB 16 -49.08 12.86 37.42
CA VAL EB 16 -49.31 11.88 38.46
C VAL EB 16 -48.76 12.46 39.76
N ALA EB 17 -49.37 12.09 40.88
CA ALA EB 17 -49.02 12.66 42.17
C ALA EB 17 -47.60 12.27 42.58
N ASN EB 18 -47.01 13.12 43.42
CA ASN EB 18 -45.66 12.88 43.93
C ASN EB 18 -45.71 11.80 45.01
N PRO EB 19 -45.00 10.69 44.81
CA PRO EB 19 -45.00 9.64 45.85
C PRO EB 19 -44.25 10.01 47.12
N GLN EB 20 -43.19 10.80 47.04
CA GLN EB 20 -42.42 11.18 48.23
C GLN EB 20 -42.95 12.45 48.89
N ALA EB 21 -44.26 12.67 48.81
CA ALA EB 21 -44.95 13.78 49.45
C ALA EB 21 -45.81 13.16 50.54
N GLU EB 22 -45.29 13.15 51.78
CA GLU EB 22 -45.92 12.36 52.84
C GLU EB 22 -47.41 12.68 52.98
N GLY EB 23 -47.76 13.96 53.10
CA GLY EB 23 -49.14 14.31 53.32
C GLY EB 23 -49.74 15.34 52.39
N GLN EB 24 -49.34 15.34 51.12
CA GLN EB 24 -49.82 16.34 50.19
C GLN EB 24 -49.93 15.78 48.79
N LEU EB 25 -50.72 16.47 47.97
CA LEU EB 25 -50.99 16.13 46.57
C LEU EB 25 -50.23 17.11 45.67
N GLN EB 26 -48.98 16.77 45.34
CA GLN EB 26 -48.17 17.58 44.44
C GLN EB 26 -48.12 16.89 43.07
N TRP EB 27 -48.54 17.60 42.02
CA TRP EB 27 -48.64 17.03 40.68
C TRP EB 27 -47.30 17.10 39.96
N LEU EB 28 -46.90 15.98 39.35
CA LEU EB 28 -45.63 15.83 38.65
C LEU EB 28 -45.84 15.36 37.22
N ASN EB 29 -44.94 15.75 36.31
CA ASN EB 29 -44.97 15.26 34.94
C ASN EB 29 -43.65 14.62 34.50
N ARG EB 30 -42.57 14.80 35.26
CA ARG EB 30 -41.25 14.27 34.90
C ARG EB 30 -41.07 12.85 35.44
N ARG EB 31 -41.99 11.99 35.00
CA ARG EB 31 -42.00 10.57 35.37
C ARG EB 31 -42.40 9.74 34.16
N ALA EB 32 -41.96 8.49 34.18
CA ALA EB 32 -42.10 7.50 33.11
C ALA EB 32 -43.28 7.67 32.17
N ASN EB 33 -44.50 7.59 32.71
CA ASN EB 33 -45.71 7.64 31.88
C ASN EB 33 -46.57 8.86 32.16
N ALA EB 34 -45.95 10.03 32.20
CA ALA EB 34 -46.63 11.28 32.44
C ALA EB 34 -46.34 12.24 31.29
N LEU EB 35 -47.29 13.13 31.03
CA LEU EB 35 -47.18 14.08 29.93
C LEU EB 35 -47.49 15.48 30.41
N LEU EB 36 -46.81 16.43 29.78
CA LEU EB 36 -47.06 17.85 29.99
C LEU EB 36 -46.35 18.55 28.84
N ALA EB 37 -47.08 18.83 27.77
CA ALA EB 37 -46.47 19.31 26.54
C ALA EB 37 -47.45 20.18 25.78
N ASN EB 38 -46.94 20.80 24.72
CA ASN EB 38 -47.74 21.59 23.78
C ASN EB 38 -48.40 22.80 24.45
N GLY EB 39 -47.74 23.40 25.44
CA GLY EB 39 -48.14 24.69 25.97
C GLY EB 39 -48.73 24.65 27.36
N VAL EB 40 -49.20 23.49 27.82
CA VAL EB 40 -49.85 23.40 29.12
C VAL EB 40 -48.86 23.74 30.22
N GLU EB 41 -49.25 24.66 31.10
CA GLU EB 41 -48.43 25.03 32.24
C GLU EB 41 -49.03 24.43 33.51
N LEU EB 42 -48.16 24.01 34.41
CA LEU EB 42 -48.54 23.58 35.74
C LEU EB 42 -48.02 24.68 36.66
N ARG EB 43 -48.92 25.56 37.11
CA ARG EB 43 -48.46 26.63 37.97
C ARG EB 43 -48.47 26.17 39.42
N ASP EB 44 -49.28 26.82 40.25
CA ASP EB 44 -49.25 26.54 41.68
C ASP EB 44 -50.23 25.40 41.96
N ASN EB 45 -49.81 24.20 41.55
CA ASN EB 45 -50.63 23.00 41.56
C ASN EB 45 -51.92 23.20 40.77
N GLN EB 46 -51.84 23.98 39.69
CA GLN EB 46 -52.98 24.30 38.85
C GLN EB 46 -52.55 24.18 37.39
N LEU EB 47 -53.43 23.65 36.55
CA LEU EB 47 -53.15 23.54 35.13
C LEU EB 47 -53.70 24.78 34.43
N VAL EB 48 -52.88 25.41 33.60
CA VAL EB 48 -53.24 26.64 32.92
C VAL EB 48 -53.46 26.32 31.45
N VAL EB 49 -54.69 26.51 31.00
CA VAL EB 49 -55.06 26.22 29.61
C VAL EB 49 -54.42 27.26 28.70
N PRO EB 50 -53.71 26.84 27.64
CA PRO EB 50 -52.99 27.81 26.80
C PRO EB 50 -53.80 28.36 25.65
N SER EB 51 -54.93 27.75 25.30
CA SER EB 51 -55.69 28.18 24.14
C SER EB 51 -57.15 27.83 24.34
N GLU EB 52 -58.03 28.62 23.74
CA GLU EB 52 -59.45 28.36 23.85
C GLU EB 52 -59.84 27.16 22.99
N GLY EB 53 -60.70 26.32 23.54
CA GLY EB 53 -61.14 25.15 22.80
C GLY EB 53 -61.82 24.15 23.72
N LEU EB 54 -62.08 22.98 23.15
CA LEU EB 54 -62.73 21.89 23.85
C LEU EB 54 -61.68 20.94 24.42
N TYR EB 55 -61.76 20.68 25.72
CA TYR EB 55 -60.81 19.82 26.41
C TYR EB 55 -61.55 18.67 27.08
N LEU EB 56 -60.84 17.57 27.29
CA LEU EB 56 -61.32 16.45 28.08
C LEU EB 56 -60.57 16.43 29.40
N ILE EB 57 -61.31 16.53 30.50
CA ILE EB 57 -60.76 16.65 31.84
C ILE EB 57 -61.08 15.38 32.61
N TYR EB 58 -60.07 14.81 33.26
CA TYR EB 58 -60.26 13.61 34.06
C TYR EB 58 -59.21 13.59 35.17
N SER EB 59 -59.53 12.85 36.23
CA SER EB 59 -58.61 12.62 37.34
C SER EB 59 -59.14 11.47 38.18
N GLN EB 60 -58.22 10.67 38.73
CA GLN EB 60 -58.57 9.60 39.66
C GLN EB 60 -57.75 9.74 40.92
N VAL EB 61 -58.38 9.45 42.06
CA VAL EB 61 -57.73 9.47 43.37
C VAL EB 61 -58.07 8.19 44.10
N LEU EB 62 -57.09 7.61 44.80
CA LEU EB 62 -57.31 6.41 45.60
C LEU EB 62 -57.06 6.74 47.08
N PHE EB 63 -58.05 6.43 47.91
CA PHE EB 63 -57.97 6.64 49.35
C PHE EB 63 -57.76 5.32 50.09
N LYS EB 64 -56.85 5.31 51.06
CA LYS EB 64 -56.60 4.13 51.87
C LYS EB 64 -56.43 4.54 53.33
N GLY EB 65 -57.05 3.75 54.22
CA GLY EB 65 -56.88 3.95 55.64
C GLY EB 65 -56.71 2.60 56.32
N GLN EB 66 -56.05 2.63 57.49
CA GLN EB 66 -55.77 1.41 58.24
C GLN EB 66 -56.72 1.27 59.42
N GLY EB 67 -57.98 1.58 59.22
CA GLY EB 67 -58.99 1.49 60.26
C GLY EB 67 -59.66 2.85 60.26
N CYS EB 68 -60.90 2.91 60.72
CA CYS EB 68 -61.63 4.17 60.78
C CYS EB 68 -62.51 4.18 62.02
N PRO EB 69 -62.07 4.84 63.09
CA PRO EB 69 -62.90 4.93 64.29
C PRO EB 69 -63.96 6.02 64.20
N SER EB 70 -63.78 6.96 63.28
CA SER EB 70 -64.73 8.06 63.11
C SER EB 70 -65.71 7.70 62.00
N THR EB 71 -66.95 7.39 62.38
CA THR EB 71 -67.99 7.17 61.40
C THR EB 71 -68.08 8.35 60.42
N HIS EB 72 -67.94 9.59 60.94
CA HIS EB 72 -68.07 10.84 60.21
C HIS EB 72 -66.99 11.11 59.15
N VAL EB 73 -66.49 10.11 58.44
CA VAL EB 73 -65.47 10.36 57.44
C VAL EB 73 -66.13 10.42 56.07
N LEU EB 74 -65.94 11.57 55.39
CA LEU EB 74 -66.48 11.82 54.06
C LEU EB 74 -65.32 12.15 53.14
N LEU EB 75 -65.21 11.39 52.06
CA LEU EB 75 -64.15 11.55 51.06
C LEU EB 75 -64.71 12.31 49.86
N THR EB 76 -64.06 13.41 49.49
CA THR EB 76 -64.49 14.16 48.31
C THR EB 76 -63.33 14.33 47.35
N HIS EB 77 -63.68 14.53 46.08
CA HIS EB 77 -62.72 14.68 45.00
C HIS EB 77 -63.39 15.55 43.96
N THR EB 78 -62.80 16.71 43.69
CA THR EB 78 -63.43 17.70 42.84
C THR EB 78 -62.41 18.30 41.89
N ILE EB 79 -62.86 18.56 40.67
CA ILE EB 79 -62.09 19.31 39.70
C ILE EB 79 -62.72 20.69 39.61
N SER EB 80 -61.91 21.73 39.86
CA SER EB 80 -62.41 23.08 39.95
C SER EB 80 -61.91 23.89 38.78
N ARG EB 81 -62.62 24.97 38.46
CA ARG EB 81 -62.27 25.81 37.33
C ARG EB 81 -62.47 27.26 37.70
N ILE EB 82 -61.42 28.06 37.55
CA ILE EB 82 -61.50 29.51 37.60
C ILE EB 82 -61.23 30.05 36.20
N ALA EB 83 -62.23 30.72 35.64
CA ALA EB 83 -62.14 31.22 34.28
C ALA EB 83 -61.83 32.71 34.30
N VAL EB 84 -61.28 33.18 33.18
CA VAL EB 84 -60.98 34.61 33.06
C VAL EB 84 -62.26 35.44 33.00
N SER EB 85 -63.34 34.87 32.49
CA SER EB 85 -64.59 35.62 32.36
C SER EB 85 -65.35 35.72 33.68
N TYR EB 86 -65.28 34.70 34.53
CA TYR EB 86 -65.99 34.67 35.80
C TYR EB 86 -64.99 34.16 36.83
N GLN EB 87 -64.42 35.10 37.60
CA GLN EB 87 -63.25 34.86 38.44
C GLN EB 87 -63.59 34.24 39.79
N THR EB 88 -64.45 33.22 39.78
CA THR EB 88 -64.77 32.47 40.99
C THR EB 88 -64.56 30.99 40.70
N LYS EB 89 -63.96 30.28 41.66
CA LYS EB 89 -63.72 28.86 41.47
C LYS EB 89 -65.03 28.09 41.55
N VAL EB 90 -65.36 27.40 40.46
CA VAL EB 90 -66.58 26.62 40.32
C VAL EB 90 -66.24 25.16 40.03
N ASN EB 91 -67.09 24.27 40.53
CA ASN EB 91 -66.89 22.84 40.33
C ASN EB 91 -67.37 22.42 38.95
N LEU EB 92 -66.49 21.73 38.21
CA LEU EB 92 -66.86 21.09 36.95
C LEU EB 92 -67.24 19.64 37.16
N LEU EB 93 -66.45 18.89 37.92
CA LEU EB 93 -66.72 17.49 38.25
C LEU EB 93 -66.49 17.29 39.74
N SER EB 94 -67.36 16.51 40.39
CA SER EB 94 -67.27 16.28 41.83
C SER EB 94 -67.84 14.92 42.17
N ALA EB 95 -67.36 14.36 43.29
CA ALA EB 95 -67.86 13.09 43.79
C ALA EB 95 -67.63 12.99 45.29
N ILE EB 96 -68.52 12.27 45.98
CA ILE EB 96 -68.45 12.05 47.41
C ILE EB 96 -68.55 10.55 47.66
N LYS EB 97 -67.87 10.08 48.72
CA LYS EB 97 -67.86 8.65 49.04
C LYS EB 97 -67.72 8.44 50.54
N SER EB 98 -68.55 7.55 51.09
CA SER EB 98 -68.49 7.18 52.50
C SER EB 98 -67.80 5.84 52.69
N PRO EB 99 -66.58 5.81 53.24
CA PRO EB 99 -65.82 4.55 53.31
C PRO EB 99 -66.15 3.69 54.52
N CYS EB 100 -66.62 4.32 55.59
CA CYS EB 100 -66.67 3.68 56.91
C CYS EB 100 -68.10 3.48 57.39
N GLN EB 101 -68.51 2.21 57.43
CA GLN EB 101 -69.79 1.79 57.99
C GLN EB 101 -69.42 0.55 58.78
N ARG EB 102 -69.30 0.73 60.10
CA ARG EB 102 -68.70 -0.28 60.95
C ARG EB 102 -69.39 -0.27 62.31
N GLU EB 103 -68.69 -0.77 63.32
CA GLU EB 103 -69.14 -0.77 64.70
C GLU EB 103 -67.85 -0.56 65.48
N THR EB 104 -67.14 0.51 65.10
CA THR EB 104 -65.81 0.93 65.52
C THR EB 104 -64.93 -0.31 65.60
N PRO EB 105 -64.01 -0.53 64.65
CA PRO EB 105 -63.26 -1.80 64.65
C PRO EB 105 -62.54 -2.04 65.96
N GLU EB 106 -63.14 -2.88 66.80
CA GLU EB 106 -62.89 -2.89 68.23
C GLU EB 106 -62.35 -4.23 68.68
N GLY EB 107 -61.48 -4.20 69.67
CA GLY EB 107 -60.90 -5.41 70.23
C GLY EB 107 -59.81 -6.00 69.37
N ALA EB 108 -60.19 -6.45 68.17
CA ALA EB 108 -59.28 -7.17 67.28
C ALA EB 108 -58.24 -6.24 66.66
N GLU EB 109 -57.69 -6.65 65.52
CA GLU EB 109 -56.60 -5.95 64.87
C GLU EB 109 -57.13 -5.09 63.73
N ALA EB 110 -56.23 -4.30 63.15
CA ALA EB 110 -56.61 -3.35 62.12
C ALA EB 110 -57.14 -4.06 60.87
N LYS EB 111 -57.63 -3.26 59.92
CA LYS EB 111 -58.24 -3.68 58.66
C LYS EB 111 -58.24 -2.56 57.63
N PRO EB 112 -57.30 -2.61 56.68
CA PRO EB 112 -57.15 -1.55 55.68
C PRO EB 112 -58.31 -1.47 54.69
N TRP EB 113 -58.86 -0.28 54.53
CA TRP EB 113 -59.89 -0.03 53.55
C TRP EB 113 -59.32 0.76 52.38
N TYR EB 114 -59.82 0.49 51.18
CA TYR EB 114 -59.43 1.21 49.98
C TYR EB 114 -60.68 1.70 49.27
N GLU EB 115 -60.70 2.98 48.89
CA GLU EB 115 -61.83 3.53 48.14
C GLU EB 115 -61.29 4.42 47.03
N PRO EB 116 -61.45 4.07 45.76
CA PRO EB 116 -61.03 4.97 44.68
C PRO EB 116 -62.18 5.82 44.14
N ILE EB 117 -61.85 6.95 43.52
CA ILE EB 117 -62.86 7.86 42.97
C ILE EB 117 -62.32 8.37 41.63
N TYR EB 118 -63.16 8.31 40.60
CA TYR EB 118 -62.77 8.74 39.26
C TYR EB 118 -63.76 9.78 38.74
N LEU EB 119 -63.21 10.77 38.03
CA LEU EB 119 -63.96 11.87 37.44
C LEU EB 119 -63.49 12.08 36.01
N GLY EB 120 -64.42 12.42 35.15
CA GLY EB 120 -64.11 12.71 33.76
C GLY EB 120 -65.24 13.45 33.08
N GLY EB 121 -64.88 14.37 32.19
CA GLY EB 121 -65.88 15.11 31.45
C GLY EB 121 -65.24 16.00 30.41
N VAL EB 122 -66.07 16.46 29.48
CA VAL EB 122 -65.65 17.34 28.40
C VAL EB 122 -66.20 18.73 28.68
N PHE EB 123 -65.36 19.75 28.48
CA PHE EB 123 -65.69 21.13 28.77
C PHE EB 123 -65.06 22.05 27.74
N GLN EB 124 -65.67 23.23 27.61
CA GLN EB 124 -65.10 24.31 26.82
C GLN EB 124 -64.35 25.23 27.76
N LEU EB 125 -63.05 25.36 27.54
CA LEU EB 125 -62.20 26.21 28.34
C LEU EB 125 -61.66 27.33 27.46
N GLU EB 126 -61.34 28.45 28.09
CA GLU EB 126 -60.81 29.61 27.41
C GLU EB 126 -59.34 29.76 27.77
N LYS EB 127 -58.65 30.63 27.04
CA LYS EB 127 -57.24 30.85 27.32
C LYS EB 127 -57.07 31.42 28.72
N GLY EB 128 -56.13 30.84 29.47
CA GLY EB 128 -55.85 31.32 30.81
C GLY EB 128 -56.69 30.73 31.91
N ASP EB 129 -57.64 29.84 31.61
CA ASP EB 129 -58.40 29.20 32.66
C ASP EB 129 -57.47 28.31 33.49
N ARG EB 130 -57.65 28.31 34.81
CA ARG EB 130 -56.82 27.51 35.69
C ARG EB 130 -57.67 26.40 36.29
N LEU EB 131 -57.36 25.16 35.88
CA LEU EB 131 -58.00 23.98 36.39
C LEU EB 131 -57.20 23.42 37.55
N SER EB 132 -57.89 22.89 38.55
CA SER EB 132 -57.24 22.37 39.74
C SER EB 132 -58.00 21.15 40.23
N ALA EB 133 -57.28 20.05 40.43
CA ALA EB 133 -57.84 18.84 41.02
C ALA EB 133 -57.44 18.80 42.48
N GLU EB 134 -58.42 18.69 43.37
CA GLU EB 134 -58.21 18.79 44.80
C GLU EB 134 -59.05 17.75 45.52
N ILE EB 135 -58.61 17.42 46.74
CA ILE EB 135 -59.33 16.51 47.63
C ILE EB 135 -59.34 17.13 49.02
N ASN EB 136 -60.33 16.76 49.82
CA ASN EB 136 -60.49 17.39 51.13
C ASN EB 136 -59.64 16.74 52.22
N ARG EB 137 -59.41 15.42 52.13
CA ARG EB 137 -58.64 14.65 53.09
C ARG EB 137 -57.42 14.08 52.39
N PRO EB 138 -56.36 14.87 52.25
CA PRO EB 138 -55.14 14.41 51.58
C PRO EB 138 -54.25 13.53 52.43
N ASP EB 139 -54.70 13.14 53.62
CA ASP EB 139 -53.94 12.24 54.48
C ASP EB 139 -54.29 10.78 54.22
N TYR EB 140 -55.30 10.52 53.40
CA TYR EB 140 -55.68 9.17 53.02
C TYR EB 140 -55.21 8.82 51.61
N LEU EB 141 -54.37 9.65 50.99
CA LEU EB 141 -53.88 9.37 49.66
C LEU EB 141 -52.95 8.16 49.66
N ASP EB 142 -53.18 7.25 48.72
CA ASP EB 142 -52.35 6.07 48.52
C ASP EB 142 -51.70 6.13 47.14
N PHE EB 143 -50.56 6.83 47.06
CA PHE EB 143 -49.73 6.85 45.86
C PHE EB 143 -48.51 5.94 45.98
N ALA EB 144 -48.65 4.83 46.71
CA ALA EB 144 -47.52 3.96 47.02
C ALA EB 144 -46.96 3.22 45.80
N GLU EB 145 -47.68 2.22 45.31
CA GLU EB 145 -47.18 1.37 44.23
C GLU EB 145 -47.20 2.00 42.84
N SER EB 146 -48.35 2.03 42.20
CA SER EB 146 -48.54 2.35 40.79
C SER EB 146 -49.20 3.71 40.59
N GLY EB 147 -49.48 4.04 39.33
CA GLY EB 147 -50.19 5.25 38.97
C GLY EB 147 -51.63 5.07 39.39
N GLN EB 148 -51.84 5.24 40.69
CA GLN EB 148 -53.11 5.09 41.35
C GLN EB 148 -53.85 6.41 41.49
N VAL EB 149 -53.11 7.53 41.42
CA VAL EB 149 -53.68 8.87 41.48
C VAL EB 149 -53.09 9.70 40.34
N TYR EB 150 -53.96 10.38 39.61
CA TYR EB 150 -53.54 11.16 38.45
C TYR EB 150 -54.61 12.19 38.12
N PHE EB 151 -54.28 13.05 37.16
CA PHE EB 151 -55.12 14.17 36.75
C PHE EB 151 -54.58 14.70 35.43
N GLY EB 152 -55.45 14.85 34.45
CA GLY EB 152 -54.97 15.19 33.12
C GLY EB 152 -56.06 15.74 32.25
N ILE EB 153 -55.62 16.43 31.20
CA ILE EB 153 -56.49 17.02 30.21
C ILE EB 153 -55.91 16.74 28.83
N ILE EB 154 -56.77 16.80 27.82
CA ILE EB 154 -56.30 16.66 26.46
C ILE EB 154 -57.19 17.53 25.56
N ALA EB 155 -56.55 18.34 24.73
CA ALA EB 155 -57.26 19.19 23.78
C ALA EB 155 -57.70 18.30 22.62
N LEU EB 156 -59.00 18.07 22.50
CA LEU EB 156 -59.51 17.21 21.43
C LEU EB 156 -59.67 17.98 20.12
N SER FB 4 -67.28 36.76 20.78
CA SER FB 4 -66.93 35.36 20.51
C SER FB 4 -65.59 35.27 19.80
N ARG FB 5 -64.90 34.15 19.99
CA ARG FB 5 -63.54 34.02 19.49
C ARG FB 5 -63.24 32.65 18.90
N THR FB 6 -63.75 31.59 19.53
CA THR FB 6 -63.43 30.24 19.07
C THR FB 6 -64.09 29.96 17.73
N PRO FB 7 -63.36 29.40 16.76
CA PRO FB 7 -63.98 29.08 15.45
C PRO FB 7 -64.86 27.85 15.45
N SER FB 8 -65.38 27.45 16.62
CA SER FB 8 -66.30 26.32 16.73
C SER FB 8 -65.63 24.99 16.37
N ASP FB 9 -66.32 23.88 16.61
CA ASP FB 9 -65.72 22.55 16.44
C ASP FB 9 -66.64 21.53 15.78
N LYS FB 10 -66.79 20.35 16.42
CA LYS FB 10 -67.43 19.12 15.95
C LYS FB 10 -68.50 18.66 16.93
N PRO FB 11 -69.31 17.64 16.60
CA PRO FB 11 -70.39 17.22 17.51
C PRO FB 11 -69.91 16.96 18.94
N VAL FB 12 -70.57 17.62 19.89
CA VAL FB 12 -70.25 17.51 21.32
C VAL FB 12 -71.51 17.76 22.12
N ALA FB 13 -71.57 17.20 23.33
CA ALA FB 13 -72.66 17.43 24.27
C ALA FB 13 -72.21 17.04 25.67
N HIS FB 14 -72.54 17.89 26.64
CA HIS FB 14 -72.28 17.63 28.05
C HIS FB 14 -73.41 18.25 28.87
N VAL FB 15 -74.36 17.43 29.28
CA VAL FB 15 -75.55 17.88 30.00
C VAL FB 15 -75.44 17.46 31.47
N VAL FB 16 -76.07 18.25 32.33
CA VAL FB 16 -76.02 18.04 33.77
C VAL FB 16 -77.45 17.90 34.29
N ALA FB 17 -77.61 17.19 35.40
CA ALA FB 17 -78.93 16.92 35.94
C ALA FB 17 -79.60 18.19 36.45
N ASN FB 18 -80.93 18.20 36.40
CA ASN FB 18 -81.72 19.32 36.90
C ASN FB 18 -81.81 19.25 38.41
N PRO FB 19 -81.34 20.25 39.15
CA PRO FB 19 -81.45 20.20 40.62
C PRO FB 19 -82.87 20.35 41.13
N GLN FB 20 -83.70 21.15 40.47
CA GLN FB 20 -85.08 21.38 40.87
C GLN FB 20 -86.08 20.41 40.23
N ALA FB 21 -85.70 19.14 40.05
CA ALA FB 21 -86.59 18.11 39.49
C ALA FB 21 -86.97 17.10 40.58
N GLU FB 22 -88.28 16.95 40.82
CA GLU FB 22 -88.75 16.02 41.86
C GLU FB 22 -88.48 14.59 41.45
N GLY FB 23 -87.55 13.92 42.14
CA GLY FB 23 -87.23 12.52 41.89
C GLY FB 23 -87.08 12.10 40.44
N GLN FB 24 -86.60 13.01 39.60
CA GLN FB 24 -86.41 12.74 38.19
C GLN FB 24 -85.01 13.15 37.76
N LEU FB 25 -84.53 12.52 36.70
CA LEU FB 25 -83.24 12.80 36.11
C LEU FB 25 -83.51 13.51 34.80
N GLN FB 26 -83.68 14.82 34.87
CA GLN FB 26 -83.90 15.63 33.68
C GLN FB 26 -82.59 16.31 33.32
N TRP FB 27 -82.13 16.09 32.10
CA TRP FB 27 -80.85 16.60 31.65
C TRP FB 27 -81.05 18.03 31.14
N LEU FB 28 -80.16 18.92 31.56
CA LEU FB 28 -80.19 20.31 31.18
C LEU FB 28 -78.90 20.72 30.48
N ASN FB 29 -79.03 21.69 29.59
CA ASN FB 29 -77.92 22.26 28.86
C ASN FB 29 -77.79 23.77 29.04
N ARG FB 30 -78.83 24.45 29.51
CA ARG FB 30 -78.80 25.90 29.69
C ARG FB 30 -78.30 26.24 31.08
N ARG FB 31 -77.09 25.74 31.35
CA ARG FB 31 -76.37 25.96 32.60
C ARG FB 31 -74.89 26.16 32.33
N ALA FB 32 -74.28 26.99 33.17
CA ALA FB 32 -72.88 27.34 33.02
C ALA FB 32 -72.00 26.09 33.00
N ASN FB 33 -71.05 26.09 32.07
CA ASN FB 33 -70.11 24.99 31.82
C ASN FB 33 -70.81 23.71 31.39
N ALA FB 34 -71.88 23.83 30.60
CA ALA FB 34 -72.58 22.69 30.00
C ALA FB 34 -72.75 22.99 28.53
N LEU FB 35 -72.74 21.94 27.71
CA LEU FB 35 -72.75 22.11 26.27
C LEU FB 35 -73.76 21.19 25.59
N LEU FB 36 -74.27 21.67 24.47
CA LEU FB 36 -75.13 20.90 23.59
C LEU FB 36 -75.10 21.64 22.25
N ALA FB 37 -74.18 21.24 21.36
CA ALA FB 37 -73.92 22.04 20.16
C ALA FB 37 -73.47 21.14 19.02
N ASN FB 38 -73.39 21.76 17.83
CA ASN FB 38 -72.89 21.12 16.59
C ASN FB 38 -73.73 19.92 16.19
N GLY FB 39 -75.03 19.98 16.44
CA GLY FB 39 -75.97 19.01 15.90
C GLY FB 39 -76.57 18.09 16.94
N VAL FB 40 -75.92 17.89 18.09
CA VAL FB 40 -76.49 17.02 19.10
C VAL FB 40 -77.76 17.68 19.64
N GLU FB 41 -78.86 16.95 19.57
CA GLU FB 41 -80.14 17.44 20.05
C GLU FB 41 -80.55 16.68 21.30
N LEU FB 42 -81.20 17.38 22.22
CA LEU FB 42 -81.72 16.80 23.45
C LEU FB 42 -83.23 16.73 23.31
N ARG FB 43 -83.76 15.53 23.04
CA ARG FB 43 -85.19 15.39 22.91
C ARG FB 43 -85.82 15.00 24.23
N ASP FB 44 -86.31 13.76 24.32
CA ASP FB 44 -87.06 13.31 25.49
C ASP FB 44 -86.10 12.72 26.51
N ASN FB 45 -85.32 13.60 27.14
CA ASN FB 45 -84.25 13.22 28.06
C ASN FB 45 -83.27 12.27 27.39
N GLN FB 46 -83.09 12.43 26.08
CA GLN FB 46 -82.24 11.56 25.28
C GLN FB 46 -81.42 12.38 24.30
N LEU FB 47 -80.18 11.92 24.08
CA LEU FB 47 -79.28 12.59 23.15
C LEU FB 47 -79.41 11.95 21.78
N VAL FB 48 -79.55 12.78 20.75
CA VAL FB 48 -79.75 12.33 19.38
C VAL FB 48 -78.48 12.55 18.58
N VAL FB 49 -77.89 11.47 18.10
CA VAL FB 49 -76.63 11.54 17.35
C VAL FB 49 -76.89 12.14 15.98
N PRO FB 50 -76.14 13.16 15.55
CA PRO FB 50 -76.45 13.82 14.27
C PRO FB 50 -75.72 13.24 13.06
N SER FB 51 -74.66 12.48 13.27
CA SER FB 51 -73.87 11.97 12.15
C SER FB 51 -73.15 10.70 12.57
N GLU FB 52 -72.85 9.86 11.58
CA GLU FB 52 -72.17 8.58 11.84
C GLU FB 52 -70.71 8.82 12.21
N GLY FB 53 -70.21 8.05 13.17
CA GLY FB 53 -68.81 8.16 13.54
C GLY FB 53 -68.52 7.49 14.86
N LEU FB 54 -67.30 7.74 15.36
CA LEU FB 54 -66.85 7.20 16.62
C LEU FB 54 -67.10 8.25 17.71
N TYR FB 55 -67.79 7.86 18.77
CA TYR FB 55 -68.08 8.79 19.86
C TYR FB 55 -67.54 8.25 21.17
N LEU FB 56 -67.27 9.17 22.08
CA LEU FB 56 -66.91 8.84 23.46
C LEU FB 56 -68.09 9.20 24.35
N ILE FB 57 -68.61 8.21 25.07
CA ILE FB 57 -69.79 8.39 25.90
C ILE FB 57 -69.37 8.29 27.36
N TYR FB 58 -69.87 9.20 28.17
CA TYR FB 58 -69.58 9.18 29.60
C TYR FB 58 -70.77 9.71 30.39
N SER FB 59 -70.85 9.29 31.65
CA SER FB 59 -71.87 9.78 32.58
C SER FB 59 -71.47 9.39 34.00
N GLN FB 60 -71.75 10.28 34.94
CA GLN FB 60 -71.56 10.01 36.37
C GLN FB 60 -72.83 10.41 37.12
N VAL FB 61 -73.18 9.63 38.14
CA VAL FB 61 -74.30 9.93 39.03
C VAL FB 61 -73.82 9.75 40.46
N LEU FB 62 -74.28 10.62 41.36
CA LEU FB 62 -73.97 10.54 42.79
C LEU FB 62 -75.21 10.16 43.56
N PHE FB 63 -75.11 9.08 44.34
CA PHE FB 63 -76.20 8.59 45.15
C PHE FB 63 -75.97 8.99 46.59
N LYS FB 64 -77.02 9.51 47.23
CA LYS FB 64 -76.97 9.91 48.61
C LYS FB 64 -78.25 9.44 49.31
N GLY FB 65 -78.08 8.91 50.51
CA GLY FB 65 -79.21 8.53 51.33
C GLY FB 65 -78.96 8.99 52.75
N GLN FB 66 -80.05 9.20 53.47
CA GLN FB 66 -79.97 9.71 54.84
C GLN FB 66 -80.17 8.57 55.83
N GLY FB 67 -79.45 7.47 55.57
CA GLY FB 67 -79.56 6.25 56.34
C GLY FB 67 -79.59 5.04 55.43
N CYS FB 68 -79.23 3.88 55.96
CA CYS FB 68 -79.15 2.66 55.16
C CYS FB 68 -80.34 1.76 55.44
N PRO FB 69 -81.29 1.60 54.51
CA PRO FB 69 -82.40 0.69 54.73
C PRO FB 69 -81.96 -0.76 54.56
N SER FB 70 -82.69 -1.67 55.20
CA SER FB 70 -82.33 -3.10 55.21
C SER FB 70 -82.99 -3.89 54.08
N THR FB 71 -83.91 -3.29 53.32
CA THR FB 71 -84.47 -3.89 52.10
C THR FB 71 -83.43 -4.52 51.17
N HIS FB 72 -82.13 -4.26 51.34
CA HIS FB 72 -81.10 -4.72 50.40
C HIS FB 72 -81.40 -4.19 49.01
N VAL FB 73 -80.96 -2.96 48.77
CA VAL FB 73 -81.16 -2.27 47.51
C VAL FB 73 -79.88 -2.35 46.70
N LEU FB 74 -80.05 -2.53 45.39
CA LEU FB 74 -78.96 -2.58 44.46
C LEU FB 74 -79.12 -1.36 43.56
N LEU FB 75 -78.11 -0.51 43.53
CA LEU FB 75 -78.16 0.74 42.79
C LEU FB 75 -77.50 0.55 41.44
N THR FB 76 -78.22 0.88 40.37
CA THR FB 76 -77.74 0.64 39.03
C THR FB 76 -77.69 1.94 38.22
N HIS FB 77 -76.82 1.93 37.22
CA HIS FB 77 -76.60 3.08 36.34
C HIS FB 77 -76.12 2.56 35.00
N THR FB 78 -76.87 2.85 33.94
CA THR FB 78 -76.61 2.30 32.62
C THR FB 78 -76.79 3.35 31.53
N ILE FB 79 -75.91 3.27 30.52
CA ILE FB 79 -76.01 4.06 29.29
C ILE FB 79 -76.46 3.12 28.18
N SER FB 80 -77.58 3.45 27.54
CA SER FB 80 -78.24 2.60 26.57
C SER FB 80 -78.20 3.21 25.17
N ARG FB 81 -78.44 2.37 24.16
CA ARG FB 81 -78.41 2.81 22.76
C ARG FB 81 -79.55 2.17 22.00
N ILE FB 82 -80.35 3.00 21.33
CA ILE FB 82 -81.36 2.56 20.38
C ILE FB 82 -80.91 2.96 18.98
N ALA FB 83 -80.64 1.96 18.15
CA ALA FB 83 -80.09 2.21 16.82
C ALA FB 83 -81.16 2.08 15.74
N VAL FB 84 -80.90 2.74 14.60
CA VAL FB 84 -81.80 2.63 13.45
C VAL FB 84 -81.69 1.24 12.82
N SER FB 85 -80.54 0.59 12.92
CA SER FB 85 -80.35 -0.74 12.35
C SER FB 85 -81.02 -1.82 13.21
N TYR FB 86 -81.02 -1.64 14.53
CA TYR FB 86 -81.66 -2.57 15.47
C TYR FB 86 -82.38 -1.67 16.45
N GLN FB 87 -83.70 -1.53 16.30
CA GLN FB 87 -84.46 -0.50 16.98
C GLN FB 87 -84.80 -0.86 18.43
N THR FB 88 -84.29 -1.96 18.95
CA THR FB 88 -84.48 -2.34 20.34
C THR FB 88 -83.40 -1.74 21.22
N LYS FB 89 -83.80 -1.30 22.42
CA LYS FB 89 -82.86 -0.71 23.38
C LYS FB 89 -81.90 -1.76 23.93
N VAL FB 90 -80.61 -1.48 23.77
CA VAL FB 90 -79.55 -2.33 24.29
C VAL FB 90 -78.66 -1.53 25.23
N ASN FB 91 -78.15 -2.21 26.25
CA ASN FB 91 -77.26 -1.61 27.24
C ASN FB 91 -75.84 -1.57 26.70
N LEU FB 92 -75.21 -0.38 26.72
CA LEU FB 92 -73.80 -0.26 26.36
C LEU FB 92 -72.86 -0.30 27.56
N LEU FB 93 -73.18 0.44 28.62
CA LEU FB 93 -72.37 0.49 29.83
C LEU FB 93 -73.29 0.34 31.02
N SER FB 94 -72.85 -0.42 32.02
CA SER FB 94 -73.67 -0.65 33.20
C SER FB 94 -72.78 -0.87 34.41
N ALA FB 95 -73.32 -0.55 35.59
CA ALA FB 95 -72.63 -0.78 36.83
C ALA FB 95 -73.65 -0.96 37.94
N ILE FB 96 -73.29 -1.80 38.92
CA ILE FB 96 -74.16 -2.12 40.05
C ILE FB 96 -73.36 -1.88 41.32
N LYS FB 97 -74.04 -1.41 42.37
CA LYS FB 97 -73.39 -1.11 43.63
C LYS FB 97 -74.36 -1.36 44.78
N SER FB 98 -73.88 -2.04 45.81
CA SER FB 98 -74.65 -2.34 47.01
C SER FB 98 -74.27 -1.39 48.13
N PRO FB 99 -75.17 -0.54 48.60
CA PRO FB 99 -74.80 0.49 49.57
C PRO FB 99 -74.71 -0.01 51.01
N CYS FB 100 -75.35 -1.12 51.37
CA CYS FB 100 -75.49 -1.50 52.77
C CYS FB 100 -74.74 -2.79 53.09
N GLN FB 101 -73.65 -2.66 53.86
CA GLN FB 101 -72.89 -3.76 54.44
C GLN FB 101 -73.30 -4.08 55.88
N ARG FB 102 -73.56 -3.08 56.71
CA ARG FB 102 -73.83 -3.31 58.11
C ARG FB 102 -75.15 -4.04 58.33
N GLU FB 103 -75.22 -4.76 59.46
CA GLU FB 103 -76.34 -5.60 59.82
C GLU FB 103 -77.46 -4.73 60.35
N THR FB 104 -78.37 -4.35 59.45
CA THR FB 104 -79.53 -3.50 59.72
C THR FB 104 -79.12 -2.33 60.60
N PRO FB 105 -78.53 -1.28 60.03
CA PRO FB 105 -77.96 -0.19 60.84
C PRO FB 105 -78.98 0.42 61.78
N GLU FB 106 -78.72 0.28 63.08
CA GLU FB 106 -79.69 0.60 64.12
C GLU FB 106 -79.58 2.03 64.61
N GLY FB 107 -79.36 2.19 65.92
CA GLY FB 107 -79.58 3.46 66.58
C GLY FB 107 -78.47 4.47 66.40
N ALA FB 108 -77.38 4.11 65.75
CA ALA FB 108 -76.34 5.08 65.43
C ALA FB 108 -76.91 6.08 64.42
N GLU FB 109 -77.04 7.33 64.84
CA GLU FB 109 -77.91 8.27 64.15
C GLU FB 109 -77.30 8.78 62.85
N ALA FB 110 -78.18 9.37 62.02
CA ALA FB 110 -77.83 9.99 60.75
C ALA FB 110 -77.27 8.97 59.76
N LYS FB 111 -75.94 8.88 59.70
CA LYS FB 111 -75.23 8.00 58.78
C LYS FB 111 -75.51 8.31 57.31
N PRO FB 112 -75.34 9.54 56.82
CA PRO FB 112 -75.59 9.79 55.40
C PRO FB 112 -74.52 9.10 54.55
N TRP FB 113 -74.95 8.26 53.62
CA TRP FB 113 -74.04 7.53 52.77
C TRP FB 113 -74.02 8.14 51.36
N TYR FB 114 -72.85 8.09 50.74
CA TYR FB 114 -72.67 8.55 49.36
C TYR FB 114 -71.98 7.46 48.57
N GLU FB 115 -72.53 7.14 47.40
CA GLU FB 115 -71.92 6.18 46.49
C GLU FB 115 -72.01 6.69 45.06
N PRO FB 116 -70.87 7.02 44.41
CA PRO FB 116 -70.91 7.44 43.01
C PRO FB 116 -70.61 6.33 42.02
N ILE FB 117 -71.03 6.51 40.76
CA ILE FB 117 -70.78 5.55 39.69
C ILE FB 117 -70.46 6.29 38.40
N TYR FB 118 -69.37 5.87 37.73
CA TYR FB 118 -68.93 6.48 36.48
C TYR FB 118 -68.78 5.39 35.42
N LEU FB 119 -69.15 5.75 34.19
CA LEU FB 119 -69.20 4.84 33.05
C LEU FB 119 -68.59 5.55 31.84
N GLY FB 120 -67.83 4.83 31.00
CA GLY FB 120 -67.27 5.46 29.81
C GLY FB 120 -66.74 4.48 28.78
N GLY FB 121 -66.92 4.84 27.51
CA GLY FB 121 -66.44 3.99 26.42
C GLY FB 121 -66.65 4.63 25.06
N VAL FB 122 -65.98 4.06 24.06
CA VAL FB 122 -66.01 4.51 22.67
C VAL FB 122 -66.79 3.51 21.82
N PHE FB 123 -67.64 4.03 20.93
CA PHE FB 123 -68.49 3.20 20.10
C PHE FB 123 -68.67 3.82 18.72
N GLN FB 124 -69.11 2.98 17.77
CA GLN FB 124 -69.50 3.41 16.44
C GLN FB 124 -71.01 3.61 16.42
N LEU FB 125 -71.46 4.83 16.15
CA LEU FB 125 -72.87 5.17 16.09
C LEU FB 125 -73.23 5.67 14.71
N GLU FB 126 -74.51 5.51 14.36
CA GLU FB 126 -75.01 5.97 13.07
C GLU FB 126 -75.89 7.19 13.29
N LYS FB 127 -76.27 7.85 12.18
CA LYS FB 127 -77.12 9.03 12.29
C LYS FB 127 -78.47 8.67 12.89
N GLY FB 128 -78.92 9.49 13.83
CA GLY FB 128 -80.24 9.32 14.42
C GLY FB 128 -80.32 8.36 15.58
N ASP FB 129 -79.23 7.73 15.98
CA ASP FB 129 -79.27 6.88 17.15
C ASP FB 129 -79.55 7.71 18.40
N ARG FB 130 -80.36 7.16 19.30
CA ARG FB 130 -80.74 7.86 20.53
C ARG FB 130 -80.11 7.17 21.72
N LEU FB 131 -79.19 7.89 22.37
CA LEU FB 131 -78.50 7.42 23.56
C LEU FB 131 -79.24 7.94 24.79
N SER FB 132 -79.27 7.12 25.84
CA SER FB 132 -80.01 7.48 27.05
C SER FB 132 -79.27 6.97 28.29
N ALA FB 133 -79.12 7.86 29.28
CA ALA FB 133 -78.55 7.51 30.57
C ALA FB 133 -79.67 7.37 31.60
N GLU FB 134 -79.67 6.25 32.33
CA GLU FB 134 -80.77 5.96 33.25
C GLU FB 134 -80.23 5.38 34.55
N ILE FB 135 -81.04 5.49 35.60
CA ILE FB 135 -80.75 4.92 36.90
C ILE FB 135 -82.04 4.28 37.41
N ASN FB 136 -81.89 3.29 38.30
CA ASN FB 136 -83.05 2.54 38.76
C ASN FB 136 -83.78 3.23 39.91
N ARG FB 137 -83.06 3.93 40.79
CA ARG FB 137 -83.68 4.59 41.94
C ARG FB 137 -83.42 6.08 41.91
N PRO FB 138 -84.25 6.87 41.22
CA PRO FB 138 -84.02 8.33 41.17
C PRO FB 138 -84.44 9.03 42.46
N ASP FB 139 -84.75 8.25 43.49
CA ASP FB 139 -85.08 8.83 44.78
C ASP FB 139 -83.85 8.99 45.68
N TYR FB 140 -82.69 8.50 45.26
CA TYR FB 140 -81.42 8.70 45.97
C TYR FB 140 -80.50 9.68 45.26
N LEU FB 141 -80.97 10.38 44.24
CA LEU FB 141 -80.12 11.30 43.50
C LEU FB 141 -79.71 12.50 44.34
N ASP FB 142 -78.42 12.83 44.33
CA ASP FB 142 -77.88 14.03 44.96
C ASP FB 142 -77.36 14.92 43.84
N PHE FB 143 -78.27 15.68 43.23
CA PHE FB 143 -77.95 16.70 42.25
C PHE FB 143 -77.95 18.10 42.87
N ALA FB 144 -77.60 18.20 44.15
CA ALA FB 144 -77.65 19.49 44.82
C ALA FB 144 -76.57 20.41 44.27
N GLU FB 145 -75.31 20.20 44.67
CA GLU FB 145 -74.23 21.03 44.14
C GLU FB 145 -74.04 20.80 42.64
N SER FB 146 -72.86 21.08 42.12
CA SER FB 146 -72.66 21.00 40.67
C SER FB 146 -71.74 19.83 40.34
N GLY FB 147 -71.57 19.62 39.03
CA GLY FB 147 -70.79 18.54 38.46
C GLY FB 147 -70.83 17.23 39.25
N GLN FB 148 -71.97 16.91 39.85
CA GLN FB 148 -72.11 15.63 40.53
C GLN FB 148 -72.84 14.60 39.69
N VAL FB 149 -73.70 15.05 38.79
CA VAL FB 149 -74.38 14.19 37.84
C VAL FB 149 -74.29 14.85 36.47
N TYR FB 150 -73.88 14.09 35.48
CA TYR FB 150 -73.74 14.59 34.12
C TYR FB 150 -73.74 13.42 33.16
N PHE FB 151 -73.77 13.74 31.88
CA PHE FB 151 -73.94 12.77 30.81
C PHE FB 151 -73.59 13.46 29.50
N GLY FB 152 -72.73 12.84 28.71
CA GLY FB 152 -72.26 13.53 27.52
C GLY FB 152 -71.63 12.60 26.52
N ILE FB 153 -71.50 13.13 25.30
CA ILE FB 153 -70.78 12.48 24.23
C ILE FB 153 -69.88 13.50 23.57
N ILE FB 154 -68.84 13.00 22.91
CA ILE FB 154 -67.93 13.83 22.14
C ILE FB 154 -67.50 13.02 20.93
N ALA FB 155 -67.62 13.62 19.75
CA ALA FB 155 -67.26 12.94 18.51
C ALA FB 155 -65.76 12.95 18.37
N LEU FB 156 -65.14 11.79 18.55
CA LEU FB 156 -63.70 11.66 18.36
C LEU FB 156 -63.42 11.37 16.88
N ARG GB 5 -70.75 2.23 4.75
CA ARG GB 5 -69.35 2.35 5.10
C ARG GB 5 -69.10 3.60 5.94
N THR GB 6 -68.95 4.75 5.26
CA THR GB 6 -68.53 6.05 5.80
C THR GB 6 -67.53 5.85 6.95
N PRO GB 7 -66.25 5.61 6.62
CA PRO GB 7 -65.33 5.01 7.60
C PRO GB 7 -64.41 5.99 8.32
N SER GB 8 -64.14 5.73 9.59
CA SER GB 8 -63.21 6.51 10.38
C SER GB 8 -61.80 5.95 10.20
N ASP GB 9 -60.81 6.78 10.51
CA ASP GB 9 -59.40 6.44 10.26
C ASP GB 9 -58.62 6.05 11.50
N LYS GB 10 -58.95 6.57 12.67
CA LYS GB 10 -58.06 6.39 13.82
C LYS GB 10 -58.05 4.95 14.32
N PRO GB 11 -56.90 4.47 14.80
CA PRO GB 11 -56.86 3.15 15.44
C PRO GB 11 -57.79 3.13 16.64
N VAL GB 12 -58.63 2.10 16.70
CA VAL GB 12 -59.64 2.00 17.76
C VAL GB 12 -59.80 0.54 18.16
N ALA GB 13 -60.21 0.35 19.40
CA ALA GB 13 -60.47 -0.98 19.95
C ALA GB 13 -61.36 -0.81 21.17
N HIS GB 14 -62.39 -1.64 21.27
CA HIS GB 14 -63.25 -1.68 22.45
C HIS GB 14 -63.69 -3.13 22.59
N VAL GB 15 -63.00 -3.87 23.47
CA VAL GB 15 -63.24 -5.30 23.63
C VAL GB 15 -63.99 -5.53 24.93
N VAL GB 16 -64.83 -6.56 24.94
CA VAL GB 16 -65.69 -6.88 26.07
C VAL GB 16 -65.43 -8.34 26.47
N ALA GB 17 -65.59 -8.63 27.76
CA ALA GB 17 -65.31 -9.96 28.27
C ALA GB 17 -66.31 -10.98 27.75
N ASN GB 18 -65.86 -12.22 27.68
CA ASN GB 18 -66.67 -13.35 27.23
C ASN GB 18 -67.61 -13.79 28.36
N PRO GB 19 -68.92 -13.80 28.14
CA PRO GB 19 -69.83 -14.25 29.22
C PRO GB 19 -69.70 -15.73 29.54
N GLN GB 20 -69.39 -16.57 28.56
CA GLN GB 20 -69.20 -18.01 28.74
C GLN GB 20 -67.74 -18.36 29.03
N ALA GB 21 -67.04 -17.49 29.75
CA ALA GB 21 -65.64 -17.65 30.16
C ALA GB 21 -65.63 -17.93 31.66
N GLU GB 22 -65.66 -19.22 32.01
CA GLU GB 22 -65.84 -19.65 33.39
C GLU GB 22 -64.69 -19.16 34.28
N GLY GB 23 -65.02 -18.30 35.23
CA GLY GB 23 -64.02 -17.76 36.15
C GLY GB 23 -62.78 -17.18 35.52
N GLN GB 24 -62.89 -16.61 34.31
CA GLN GB 24 -61.73 -16.01 33.66
C GLN GB 24 -62.17 -14.85 32.79
N LEU GB 25 -61.21 -13.96 32.52
CA LEU GB 25 -61.40 -12.72 31.76
C LEU GB 25 -60.78 -12.85 30.37
N GLN GB 26 -61.57 -13.35 29.42
CA GLN GB 26 -61.15 -13.46 28.04
C GLN GB 26 -61.80 -12.33 27.23
N TRP GB 27 -60.97 -11.54 26.57
CA TRP GB 27 -61.46 -10.39 25.80
C TRP GB 27 -61.88 -10.86 24.41
N LEU GB 28 -63.07 -10.44 23.98
CA LEU GB 28 -63.62 -10.80 22.68
C LEU GB 28 -63.88 -9.53 21.88
N ASN GB 29 -63.82 -9.65 20.55
CA ASN GB 29 -64.05 -8.52 19.66
C ASN GB 29 -65.17 -8.68 18.66
N ARG GB 30 -65.58 -9.90 18.31
CA ARG GB 30 -66.61 -10.08 17.31
C ARG GB 30 -67.99 -10.19 17.95
N ARG GB 31 -68.39 -9.10 18.62
CA ARG GB 31 -69.68 -9.01 19.28
C ARG GB 31 -70.32 -7.65 18.99
N ALA GB 32 -71.65 -7.63 19.06
CA ALA GB 32 -72.53 -6.52 18.69
C ALA GB 32 -71.91 -5.12 18.77
N ASN GB 33 -71.69 -4.60 19.98
CA ASN GB 33 -71.17 -3.24 20.15
C ASN GB 33 -69.71 -3.20 20.61
N ALA GB 34 -68.85 -3.97 19.95
CA ALA GB 34 -67.42 -4.00 20.26
C ALA GB 34 -66.62 -3.72 19.00
N LEU GB 35 -65.41 -3.18 19.20
CA LEU GB 35 -64.56 -2.77 18.09
C LEU GB 35 -63.14 -3.30 18.24
N LEU GB 36 -62.53 -3.55 17.08
CA LEU GB 36 -61.09 -3.87 16.99
C LEU GB 36 -60.74 -3.68 15.51
N ALA GB 37 -60.28 -2.48 15.17
CA ALA GB 37 -60.08 -2.13 13.77
C ALA GB 37 -58.95 -1.10 13.66
N ASN GB 38 -58.54 -0.83 12.43
CA ASN GB 38 -57.53 0.20 12.15
C ASN GB 38 -56.17 -0.11 12.78
N GLY GB 39 -55.77 -1.38 12.71
CA GLY GB 39 -54.40 -1.75 13.00
C GLY GB 39 -54.23 -2.43 14.33
N VAL GB 40 -55.17 -2.23 15.24
CA VAL GB 40 -55.10 -2.81 16.56
C VAL GB 40 -55.23 -4.33 16.46
N GLU GB 41 -54.28 -5.03 17.08
CA GLU GB 41 -54.29 -6.49 17.13
C GLU GB 41 -54.62 -6.98 18.54
N LEU GB 42 -55.32 -8.11 18.59
CA LEU GB 42 -55.62 -8.81 19.83
C LEU GB 42 -54.76 -10.08 19.84
N ARG GB 43 -53.65 -10.04 20.59
CA ARG GB 43 -52.76 -11.19 20.67
C ARG GB 43 -53.12 -12.15 21.79
N ASP GB 44 -52.21 -12.29 22.77
CA ASP GB 44 -52.39 -13.24 23.87
C ASP GB 44 -53.11 -12.53 25.01
N ASN GB 45 -54.42 -12.31 24.80
CA ASN GB 45 -55.24 -11.49 25.69
C ASN GB 45 -54.65 -10.09 25.85
N GLN GB 46 -54.07 -9.57 24.78
CA GLN GB 46 -53.38 -8.29 24.80
C GLN GB 46 -53.72 -7.46 23.57
N LEU GB 47 -53.85 -6.15 23.74
CA LEU GB 47 -54.02 -5.23 22.62
C LEU GB 47 -52.67 -4.69 22.19
N VAL GB 48 -52.40 -4.73 20.89
CA VAL GB 48 -51.13 -4.30 20.33
C VAL GB 48 -51.34 -2.97 19.62
N VAL GB 49 -50.66 -1.94 20.10
CA VAL GB 49 -50.79 -0.59 19.53
C VAL GB 49 -50.13 -0.56 18.16
N PRO GB 50 -50.82 -0.08 17.12
CA PRO GB 50 -50.26 -0.12 15.76
C PRO GB 50 -49.43 1.08 15.34
N SER GB 51 -49.50 2.19 16.07
CA SER GB 51 -48.80 3.40 15.63
C SER GB 51 -48.45 4.25 16.83
N GLU GB 52 -47.38 5.03 16.66
CA GLU GB 52 -46.95 5.96 17.69
C GLU GB 52 -47.92 7.13 17.76
N GLY GB 53 -48.25 7.54 18.97
CA GLY GB 53 -49.14 8.67 19.11
C GLY GB 53 -49.76 8.73 20.49
N LEU GB 54 -50.74 9.61 20.61
CA LEU GB 54 -51.47 9.79 21.86
C LEU GB 54 -52.74 8.95 21.84
N TYR GB 55 -52.93 8.13 22.86
CA TYR GB 55 -54.09 7.26 22.96
C TYR GB 55 -54.85 7.52 24.25
N LEU GB 56 -56.14 7.18 24.23
CA LEU GB 56 -56.97 7.17 25.42
C LEU GB 56 -57.30 5.72 25.77
N ILE GB 57 -56.91 5.31 26.97
CA ILE GB 57 -57.07 3.93 27.44
C ILE GB 57 -58.08 3.92 28.58
N TYR GB 58 -59.01 2.97 28.53
CA TYR GB 58 -60.01 2.82 29.59
C TYR GB 58 -60.39 1.36 29.74
N SER GB 59 -60.92 1.02 30.91
CA SER GB 59 -61.39 -0.32 31.19
C SER GB 59 -62.29 -0.30 32.41
N GLN GB 60 -63.29 -1.17 32.42
CA GLN GB 60 -64.14 -1.32 33.58
C GLN GB 60 -64.28 -2.79 33.94
N VAL GB 61 -64.31 -3.07 35.25
CA VAL GB 61 -64.52 -4.41 35.78
C VAL GB 61 -65.56 -4.34 36.89
N LEU GB 62 -66.47 -5.31 36.90
CA LEU GB 62 -67.48 -5.42 37.94
C LEU GB 62 -67.27 -6.70 38.72
N PHE GB 63 -67.18 -6.58 40.03
CA PHE GB 63 -67.01 -7.70 40.94
C PHE GB 63 -68.33 -7.96 41.64
N LYS GB 64 -68.71 -9.24 41.73
CA LYS GB 64 -69.92 -9.67 42.41
C LYS GB 64 -69.57 -10.85 43.28
N GLY GB 65 -70.07 -10.85 44.50
CA GLY GB 65 -69.89 -11.96 45.41
C GLY GB 65 -71.19 -12.29 46.12
N GLN GB 66 -71.32 -13.54 46.51
CA GLN GB 66 -72.53 -14.07 47.15
C GLN GB 66 -72.29 -14.27 48.64
N GLY GB 67 -71.75 -13.24 49.28
CA GLY GB 67 -71.41 -13.34 50.70
C GLY GB 67 -70.03 -12.73 50.93
N CYS GB 68 -69.72 -12.39 52.17
CA CYS GB 68 -68.42 -11.79 52.43
C CYS GB 68 -67.47 -12.81 53.05
N PRO GB 69 -66.57 -13.42 52.25
CA PRO GB 69 -65.61 -14.39 52.80
C PRO GB 69 -64.31 -13.75 53.24
N SER GB 70 -63.41 -14.59 53.76
CA SER GB 70 -62.04 -14.25 54.11
C SER GB 70 -61.87 -13.04 55.04
N THR GB 71 -62.96 -12.48 55.56
CA THR GB 71 -62.95 -11.32 56.44
C THR GB 71 -62.46 -10.05 55.71
N HIS GB 72 -61.49 -10.15 54.80
CA HIS GB 72 -61.00 -8.97 54.10
C HIS GB 72 -60.31 -9.39 52.80
N VAL GB 73 -60.98 -9.19 51.67
CA VAL GB 73 -60.41 -9.42 50.34
C VAL GB 73 -60.09 -8.06 49.72
N LEU GB 74 -59.03 -8.02 48.91
CA LEU GB 74 -58.61 -6.81 48.22
C LEU GB 74 -58.79 -7.03 46.72
N LEU GB 75 -59.57 -6.14 46.10
CA LEU GB 75 -59.90 -6.22 44.69
C LEU GB 75 -59.00 -5.26 43.92
N THR GB 76 -58.28 -5.77 42.94
CA THR GB 76 -57.37 -4.92 42.16
C THR GB 76 -57.70 -5.01 40.69
N HIS GB 77 -57.37 -3.93 39.97
CA HIS GB 77 -57.66 -3.80 38.55
C HIS GB 77 -56.61 -2.87 37.96
N THR GB 78 -55.84 -3.36 36.98
CA THR GB 78 -54.72 -2.62 36.42
C THR GB 78 -54.64 -2.78 34.92
N ILE GB 79 -54.26 -1.68 34.25
CA ILE GB 79 -53.93 -1.67 32.83
C ILE GB 79 -52.41 -1.54 32.74
N SER GB 80 -51.78 -2.51 32.09
CA SER GB 80 -50.33 -2.58 32.04
C SER GB 80 -49.85 -2.33 30.63
N ARG GB 81 -48.57 -1.96 30.51
CA ARG GB 81 -47.95 -1.67 29.23
C ARG GB 81 -46.53 -2.21 29.23
N ILE GB 82 -46.22 -3.07 28.27
CA ILE GB 82 -44.85 -3.44 27.97
C ILE GB 82 -44.52 -2.88 26.60
N ALA GB 83 -43.53 -1.99 26.55
CA ALA GB 83 -43.19 -1.26 25.35
C ALA GB 83 -41.96 -1.86 24.70
N VAL GB 84 -41.80 -1.57 23.40
CA VAL GB 84 -40.62 -2.04 22.68
C VAL GB 84 -39.37 -1.35 23.20
N SER GB 85 -39.50 -0.12 23.70
CA SER GB 85 -38.33 0.59 24.23
C SER GB 85 -37.91 0.06 25.59
N TYR GB 86 -38.87 -0.36 26.41
CA TYR GB 86 -38.59 -0.86 27.77
C TYR GB 86 -39.44 -2.10 27.97
N GLN GB 87 -38.81 -3.28 27.88
CA GLN GB 87 -39.50 -4.56 27.80
C GLN GB 87 -39.89 -5.09 29.18
N THR GB 88 -40.47 -4.23 30.01
CA THR GB 88 -40.96 -4.63 31.32
C THR GB 88 -42.40 -4.16 31.51
N LYS GB 89 -43.22 -5.02 32.11
CA LYS GB 89 -44.61 -4.67 32.39
C LYS GB 89 -44.68 -3.64 33.52
N VAL GB 90 -45.21 -2.46 33.20
CA VAL GB 90 -45.42 -1.40 34.18
C VAL GB 90 -46.90 -1.01 34.14
N ASN GB 91 -47.43 -0.64 35.31
CA ASN GB 91 -48.81 -0.24 35.40
C ASN GB 91 -48.98 1.22 34.96
N LEU GB 92 -49.94 1.45 34.07
CA LEU GB 92 -50.31 2.80 33.69
C LEU GB 92 -51.46 3.31 34.57
N LEU GB 93 -52.49 2.47 34.79
CA LEU GB 93 -53.63 2.79 35.63
C LEU GB 93 -53.92 1.60 36.55
N SER GB 94 -54.22 1.86 37.82
CA SER GB 94 -54.50 0.81 38.79
C SER GB 94 -55.43 1.34 39.88
N ALA GB 95 -56.18 0.42 40.49
CA ALA GB 95 -57.10 0.78 41.57
C ALA GB 95 -57.34 -0.42 42.48
N ILE GB 96 -57.58 -0.15 43.77
CA ILE GB 96 -57.83 -1.18 44.77
C ILE GB 96 -59.12 -0.85 45.51
N LYS GB 97 -59.87 -1.89 45.88
CA LYS GB 97 -61.13 -1.69 46.59
C LYS GB 97 -61.41 -2.89 47.48
N SER GB 98 -61.79 -2.64 48.73
CA SER GB 98 -62.12 -3.71 49.66
C SER GB 98 -63.64 -3.82 49.84
N PRO GB 99 -64.27 -4.90 49.40
CA PRO GB 99 -65.74 -4.96 49.39
C PRO GB 99 -66.34 -5.30 50.75
N CYS GB 100 -65.59 -5.98 51.62
CA CYS GB 100 -66.14 -6.50 52.86
C CYS GB 100 -65.43 -5.78 54.00
N GLN GB 101 -66.16 -4.88 54.67
CA GLN GB 101 -65.63 -4.09 55.76
C GLN GB 101 -65.93 -4.72 57.11
N ARG GB 102 -64.92 -4.76 57.96
CA ARG GB 102 -64.95 -5.32 59.33
C ARG GB 102 -65.48 -6.75 59.31
N GLU GB 103 -66.20 -7.15 60.35
CA GLU GB 103 -66.69 -8.52 60.46
C GLU GB 103 -67.61 -8.86 59.30
N THR GB 104 -67.57 -10.12 58.93
CA THR GB 104 -68.36 -10.69 57.85
C THR GB 104 -69.59 -11.39 58.41
N PRO GB 105 -70.57 -11.73 57.57
CA PRO GB 105 -71.83 -12.29 58.08
C PRO GB 105 -71.60 -13.53 58.92
N GLU GB 106 -71.98 -13.45 60.20
CA GLU GB 106 -71.90 -14.55 61.14
C GLU GB 106 -73.31 -15.00 61.47
N GLY GB 107 -73.66 -16.23 61.11
CA GLY GB 107 -74.99 -16.72 61.37
C GLY GB 107 -76.08 -16.00 60.60
N ALA GB 108 -75.72 -15.20 59.60
CA ALA GB 108 -76.69 -14.48 58.78
C ALA GB 108 -76.62 -14.99 57.35
N GLU GB 109 -77.76 -14.97 56.66
CA GLU GB 109 -77.80 -15.49 55.30
C GLU GB 109 -76.99 -14.60 54.36
N ALA GB 110 -76.88 -15.05 53.12
CA ALA GB 110 -76.04 -14.37 52.16
C ALA GB 110 -76.63 -13.01 51.79
N LYS GB 111 -75.76 -12.16 51.26
CA LYS GB 111 -76.10 -10.80 50.82
C LYS GB 111 -75.21 -10.49 49.63
N PRO GB 112 -75.72 -10.64 48.41
CA PRO GB 112 -74.86 -10.44 47.23
C PRO GB 112 -74.40 -8.99 47.14
N TRP GB 113 -73.09 -8.80 47.09
CA TRP GB 113 -72.47 -7.48 46.96
C TRP GB 113 -71.94 -7.28 45.55
N TYR GB 114 -71.97 -6.02 45.11
CA TYR GB 114 -71.47 -5.61 43.80
C TYR GB 114 -70.50 -4.46 43.96
N GLU GB 115 -69.34 -4.55 43.31
CA GLU GB 115 -68.36 -3.46 43.30
C GLU GB 115 -67.73 -3.26 41.94
N PRO GB 116 -67.93 -2.10 41.30
CA PRO GB 116 -67.31 -1.84 40.00
C PRO GB 116 -66.02 -1.03 40.13
N ILE GB 117 -65.19 -1.07 39.08
CA ILE GB 117 -63.94 -0.32 39.04
C ILE GB 117 -63.75 0.22 37.63
N TYR GB 118 -63.43 1.51 37.51
CA TYR GB 118 -63.22 2.15 36.22
C TYR GB 118 -61.85 2.83 36.19
N LEU GB 119 -61.20 2.72 35.04
CA LEU GB 119 -59.88 3.29 34.78
C LEU GB 119 -59.90 3.99 33.43
N GLY GB 120 -59.20 5.12 33.36
CA GLY GB 120 -59.09 5.87 32.12
C GLY GB 120 -57.98 6.89 32.16
N GLY GB 121 -57.30 7.10 31.04
CA GLY GB 121 -56.24 8.08 31.00
C GLY GB 121 -55.67 8.20 29.61
N VAL GB 122 -54.87 9.25 29.42
CA VAL GB 122 -54.19 9.53 28.17
C VAL GB 122 -52.72 9.19 28.35
N PHE GB 123 -52.14 8.49 27.36
CA PHE GB 123 -50.76 8.08 27.41
C PHE GB 123 -50.18 8.11 26.01
N GLN GB 124 -48.86 8.20 25.94
CA GLN GB 124 -48.19 8.12 24.66
C GLN GB 124 -47.72 6.68 24.45
N LEU GB 125 -48.23 6.04 23.41
CA LEU GB 125 -47.83 4.69 23.09
C LEU GB 125 -47.15 4.69 21.74
N GLU GB 126 -46.21 3.78 21.57
CA GLU GB 126 -45.46 3.61 20.34
C GLU GB 126 -45.86 2.29 19.69
N LYS GB 127 -45.38 2.10 18.46
CA LYS GB 127 -45.70 0.89 17.69
C LYS GB 127 -45.20 -0.34 18.42
N GLY GB 128 -46.07 -1.35 18.51
CA GLY GB 128 -45.72 -2.62 19.14
C GLY GB 128 -45.91 -2.71 20.63
N ASP GB 129 -46.39 -1.65 21.29
CA ASP GB 129 -46.65 -1.75 22.72
C ASP GB 129 -47.78 -2.74 23.00
N ARG GB 130 -47.64 -3.52 24.07
CA ARG GB 130 -48.60 -4.55 24.45
C ARG GB 130 -49.34 -4.08 25.70
N LEU GB 131 -50.62 -3.78 25.53
CA LEU GB 131 -51.49 -3.35 26.61
C LEU GB 131 -52.29 -4.53 27.15
N SER GB 132 -52.49 -4.59 28.46
CA SER GB 132 -53.26 -5.68 29.04
C SER GB 132 -54.01 -5.16 30.25
N ALA GB 133 -55.31 -5.38 30.29
CA ALA GB 133 -56.13 -5.07 31.45
C ALA GB 133 -56.40 -6.37 32.21
N GLU GB 134 -56.11 -6.37 33.50
CA GLU GB 134 -56.14 -7.61 34.27
C GLU GB 134 -56.72 -7.35 35.66
N ILE GB 135 -57.19 -8.42 36.28
CA ILE GB 135 -57.72 -8.37 37.64
C ILE GB 135 -57.11 -9.53 38.42
N ASN GB 136 -57.08 -9.38 39.75
CA ASN GB 136 -56.44 -10.36 40.61
C ASN GB 136 -57.37 -11.52 40.95
N ARG GB 137 -58.68 -11.26 41.01
CA ARG GB 137 -59.69 -12.26 41.36
C ARG GB 137 -60.65 -12.45 40.19
N PRO GB 138 -60.30 -13.29 39.22
CA PRO GB 138 -61.23 -13.59 38.11
C PRO GB 138 -62.35 -14.54 38.48
N ASP GB 139 -62.47 -14.91 39.76
CA ASP GB 139 -63.54 -15.76 40.24
C ASP GB 139 -64.73 -14.96 40.76
N TYR GB 140 -64.57 -13.64 40.89
CA TYR GB 140 -65.66 -12.75 41.27
C TYR GB 140 -66.20 -11.95 40.10
N LEU GB 141 -65.80 -12.29 38.87
CA LEU GB 141 -66.27 -11.54 37.71
C LEU GB 141 -67.77 -11.74 37.50
N ASP GB 142 -68.47 -10.63 37.27
CA ASP GB 142 -69.88 -10.62 36.93
C ASP GB 142 -69.97 -10.11 35.49
N PHE GB 143 -69.82 -11.02 34.54
CA PHE GB 143 -70.00 -10.72 33.12
C PHE GB 143 -71.39 -11.09 32.63
N ALA GB 144 -72.37 -11.12 33.52
CA ALA GB 144 -73.75 -11.40 33.18
C ALA GB 144 -74.38 -10.19 32.50
N GLU GB 145 -75.53 -10.44 31.88
CA GLU GB 145 -76.37 -9.42 31.24
C GLU GB 145 -75.65 -8.63 30.15
N SER GB 146 -75.23 -7.40 30.47
CA SER GB 146 -74.73 -6.44 29.48
C SER GB 146 -73.22 -6.20 29.62
N GLY GB 147 -72.77 -5.08 29.08
CA GLY GB 147 -71.38 -4.67 29.15
C GLY GB 147 -71.02 -4.11 30.51
N GLN GB 148 -70.78 -5.03 31.44
CA GLN GB 148 -70.38 -4.69 32.81
C GLN GB 148 -68.87 -4.70 33.00
N VAL GB 149 -68.15 -5.40 32.15
CA VAL GB 149 -66.69 -5.43 32.15
C VAL GB 149 -66.22 -5.24 30.71
N TYR GB 150 -65.26 -4.33 30.50
CA TYR GB 150 -64.80 -4.01 29.15
C TYR GB 150 -63.43 -3.37 29.22
N PHE GB 151 -62.84 -3.10 28.05
CA PHE GB 151 -61.49 -2.59 27.94
C PHE GB 151 -61.27 -2.04 26.53
N GLY GB 152 -60.75 -0.83 26.38
CA GLY GB 152 -60.62 -0.27 25.05
C GLY GB 152 -59.64 0.87 24.97
N ILE GB 153 -59.17 1.13 23.74
CA ILE GB 153 -58.30 2.26 23.45
C ILE GB 153 -58.75 2.94 22.17
N ILE GB 154 -58.42 4.22 22.03
CA ILE GB 154 -58.71 4.97 20.81
C ILE GB 154 -57.62 6.01 20.61
N ALA GB 155 -57.04 6.06 19.41
CA ALA GB 155 -56.00 7.04 19.12
C ALA GB 155 -56.68 8.37 18.86
N LEU GB 156 -56.57 9.28 19.82
CA LEU GB 156 -57.09 10.62 19.67
C LEU GB 156 -56.03 11.53 19.05
N ALA HB 2 -34.34 -3.09 34.65
CA ALA HB 2 -35.58 -2.37 34.94
C ALA HB 2 -35.31 -0.87 35.11
N ARG HB 3 -35.10 -0.18 33.99
CA ARG HB 3 -34.81 1.24 33.96
C ARG HB 3 -33.62 1.60 34.85
N VAL HB 4 -32.44 1.59 34.24
CA VAL HB 4 -31.15 1.79 34.90
C VAL HB 4 -30.93 0.69 35.92
N ASP HB 5 -29.83 -0.04 35.80
CA ASP HB 5 -29.51 -1.12 36.70
C ASP HB 5 -28.13 -0.83 37.29
N GLN HB 6 -28.11 -0.31 38.51
CA GLN HB 6 -26.85 -0.12 39.22
C GLN HB 6 -26.42 -1.46 39.78
N THR HB 7 -25.23 -1.91 39.40
CA THR HB 7 -24.87 -3.29 39.70
C THR HB 7 -24.20 -3.45 41.07
N PRO HB 8 -23.08 -2.75 41.38
CA PRO HB 8 -22.47 -2.97 42.70
C PRO HB 8 -23.24 -2.29 43.81
N GLN HB 9 -24.16 -3.05 44.38
CA GLN HB 9 -25.10 -2.60 45.41
C GLN HB 9 -24.40 -2.40 46.75
N THR HB 10 -23.68 -3.40 47.27
CA THR HB 10 -22.90 -3.22 48.48
C THR HB 10 -21.40 -3.33 48.16
N ILE HB 11 -20.65 -2.27 48.41
CA ILE HB 11 -19.21 -2.25 48.20
C ILE HB 11 -18.53 -1.90 49.51
N THR HB 12 -17.38 -2.54 49.78
CA THR HB 12 -16.55 -2.23 50.95
C THR HB 12 -15.10 -2.23 50.50
N LYS HB 13 -14.51 -1.05 50.40
CA LYS HB 13 -13.12 -0.91 49.99
C LYS HB 13 -12.28 -0.33 51.13
N GLU HB 14 -10.97 -0.43 50.95
CA GLU HB 14 -10.02 0.00 51.96
C GLU HB 14 -9.54 1.41 51.62
N THR HB 15 -9.17 2.16 52.65
CA THR HB 15 -8.74 3.53 52.46
C THR HB 15 -7.55 3.62 51.51
N GLY HB 16 -7.71 4.38 50.44
CA GLY HB 16 -6.65 4.58 49.46
C GLY HB 16 -6.80 3.79 48.19
N GLU HB 17 -8.00 3.28 47.90
CA GLU HB 17 -8.25 2.37 46.81
C GLU HB 17 -9.18 3.02 45.77
N SER HB 18 -9.86 2.21 44.97
CA SER HB 18 -10.66 2.74 43.87
C SER HB 18 -11.79 1.78 43.52
N LEU HB 19 -13.02 2.25 43.66
CA LEU HB 19 -14.23 1.51 43.33
C LEU HB 19 -14.87 2.02 42.04
N THR HB 20 -15.35 1.09 41.22
CA THR HB 20 -16.15 1.40 40.03
C THR HB 20 -17.59 0.95 40.21
N ILE HB 21 -18.53 1.85 39.92
CA ILE HB 21 -19.96 1.57 39.92
C ILE HB 21 -20.45 1.58 38.48
N ASN HB 22 -21.09 0.50 38.05
CA ASN HB 22 -21.59 0.41 36.69
C ASN HB 22 -23.11 0.48 36.70
N CYS HB 23 -23.65 1.26 35.77
CA CYS HB 23 -25.09 1.40 35.57
C CYS HB 23 -25.40 1.14 34.11
N VAL HB 24 -26.43 0.35 33.87
CA VAL HB 24 -26.83 -0.02 32.51
C VAL HB 24 -28.23 0.50 32.26
N LEU HB 25 -28.42 1.19 31.15
CA LEU HB 25 -29.73 1.71 30.81
C LEU HB 25 -30.57 0.58 30.21
N ARG HB 26 -31.78 0.40 30.73
CA ARG HB 26 -32.71 -0.56 30.20
C ARG HB 26 -33.86 0.09 29.45
N ASP HB 27 -34.07 1.39 29.66
CA ASP HB 27 -35.00 2.19 28.88
C ASP HB 27 -34.22 2.75 27.69
N SER HB 28 -34.59 2.33 26.48
CA SER HB 28 -33.85 2.73 25.28
C SER HB 28 -34.12 4.16 24.84
N HIS HB 29 -34.88 4.94 25.61
CA HIS HB 29 -35.08 6.36 25.32
C HIS HB 29 -34.17 7.29 26.13
N CYS HB 30 -33.55 6.79 27.19
CA CYS HB 30 -32.67 7.62 28.00
C CYS HB 30 -31.31 7.74 27.30
N ALA HB 31 -30.65 8.88 27.51
CA ALA HB 31 -29.42 9.18 26.79
C ALA HB 31 -28.21 9.02 27.70
N THR HB 32 -27.15 8.40 27.15
CA THR HB 32 -25.89 8.27 27.86
C THR HB 32 -25.07 9.54 27.85
N SER HB 33 -25.58 10.59 27.21
CA SER HB 33 -24.93 11.89 27.16
C SER HB 33 -25.31 12.75 28.36
N SER HB 34 -26.53 12.58 28.87
CA SER HB 34 -27.02 13.31 30.03
C SER HB 34 -27.04 12.40 31.25
N THR HB 35 -25.85 12.07 31.76
CA THR HB 35 -25.71 11.21 32.94
C THR HB 35 -25.35 12.07 34.16
N TYR HB 36 -25.86 11.66 35.32
CA TYR HB 36 -25.67 12.38 36.56
C TYR HB 36 -25.35 11.40 37.68
N TRP HB 37 -24.58 11.87 38.66
CA TRP HB 37 -24.18 11.07 39.80
C TRP HB 37 -24.40 11.86 41.09
N TYR HB 38 -24.89 11.15 42.10
CA TYR HB 38 -25.20 11.77 43.39
C TYR HB 38 -24.71 10.86 44.49
N ARG HB 39 -24.04 11.41 45.50
CA ARG HB 39 -23.69 10.62 46.68
C ARG HB 39 -24.32 11.26 47.92
N LYS HB 40 -24.68 10.42 48.89
CA LYS HB 40 -25.27 10.86 50.16
C LYS HB 40 -24.49 10.23 51.30
N LYS HB 41 -23.67 11.03 51.99
CA LYS HB 41 -22.83 10.52 53.06
C LYS HB 41 -23.66 10.00 54.24
N SER HB 42 -23.29 8.81 54.72
CA SER HB 42 -23.97 8.11 55.81
C SER HB 42 -24.27 9.03 56.98
N GLY HB 43 -25.55 9.15 57.31
CA GLY HB 43 -25.97 9.94 58.45
C GLY HB 43 -26.43 11.34 58.15
N SER HB 44 -26.12 11.89 56.98
CA SER HB 44 -26.56 13.23 56.61
C SER HB 44 -27.66 13.15 55.55
N THR HB 45 -28.53 14.15 55.55
CA THR HB 45 -29.66 14.23 54.63
C THR HB 45 -29.46 15.36 53.61
N ASN HB 46 -28.78 15.05 52.52
CA ASN HB 46 -28.60 15.95 51.38
C ASN HB 46 -27.92 15.18 50.27
N GLU HB 47 -28.55 15.12 49.11
CA GLU HB 47 -27.92 14.48 47.97
C GLU HB 47 -27.07 15.50 47.25
N GLU HB 48 -25.76 15.32 47.27
CA GLU HB 48 -24.87 16.21 46.55
C GLU HB 48 -24.57 15.57 45.20
N SER HB 49 -24.28 16.40 44.22
CA SER HB 49 -24.04 15.93 42.86
C SER HB 49 -22.54 15.89 42.60
N ILE HB 50 -22.04 14.68 42.32
CA ILE HB 50 -20.62 14.51 42.04
C ILE HB 50 -20.31 15.11 40.69
N SER HB 51 -19.20 15.85 40.61
CA SER HB 51 -18.84 16.53 39.38
C SER HB 51 -17.89 15.63 38.58
N LYS HB 52 -17.97 15.76 37.27
CA LYS HB 52 -17.23 14.87 36.37
C LYS HB 52 -15.87 15.50 36.10
N GLY HB 53 -14.85 15.04 36.81
CA GLY HB 53 -13.52 15.57 36.59
C GLY HB 53 -12.54 15.28 37.70
N GLY HB 54 -11.34 14.82 37.33
CA GLY HB 54 -10.27 14.58 38.28
C GLY HB 54 -10.35 13.23 38.96
N ARG HB 55 -10.80 13.23 40.22
CA ARG HB 55 -10.93 12.00 40.99
C ARG HB 55 -12.14 11.18 40.56
N TYR HB 56 -13.13 11.82 39.97
CA TYR HB 56 -14.36 11.15 39.52
C TYR HB 56 -14.29 11.00 38.01
N VAL HB 57 -13.98 9.80 37.55
CA VAL HB 57 -13.84 9.48 36.14
C VAL HB 57 -15.07 8.70 35.69
N GLU HB 58 -15.62 9.09 34.54
CA GLU HB 58 -16.84 8.48 34.03
C GLU HB 58 -16.56 7.83 32.67
N THR HB 59 -16.92 6.55 32.54
CA THR HB 59 -16.78 5.79 31.30
C THR HB 59 -18.15 5.50 30.71
N VAL HB 60 -18.37 5.91 29.45
CA VAL HB 60 -19.67 5.76 28.81
C VAL HB 60 -19.52 4.99 27.49
N ASN HB 61 -20.49 4.13 27.22
CA ASN HB 61 -20.62 3.46 25.92
C ASN HB 61 -22.07 3.58 25.48
N SER HB 62 -22.32 4.39 24.45
CA SER HB 62 -23.68 4.56 23.95
C SER HB 62 -24.16 3.34 23.18
N GLY HB 63 -23.24 2.51 22.67
CA GLY HB 63 -23.64 1.36 21.90
C GLY HB 63 -24.47 0.39 22.72
N SER HB 64 -23.99 0.05 23.92
CA SER HB 64 -24.75 -0.76 24.86
C SER HB 64 -25.52 0.08 25.86
N LYS HB 65 -25.43 1.40 25.76
CA LYS HB 65 -26.09 2.33 26.68
C LYS HB 65 -25.74 2.02 28.14
N SER HB 66 -24.43 1.94 28.42
CA SER HB 66 -23.92 1.68 29.76
C SER HB 66 -22.94 2.78 30.12
N PHE HB 67 -23.00 3.24 31.37
CA PHE HB 67 -22.04 4.20 31.89
C PHE HB 67 -21.60 3.78 33.27
N SER HB 68 -20.35 4.14 33.63
CA SER HB 68 -19.77 3.78 34.91
C SER HB 68 -19.08 4.99 35.52
N LEU HB 69 -18.75 4.85 36.82
CA LEU HB 69 -18.10 5.91 37.58
C LEU HB 69 -17.02 5.29 38.44
N ARG HB 70 -15.77 5.36 37.98
CA ARG HB 70 -14.64 4.91 38.78
C ARG HB 70 -14.19 6.06 39.67
N ILE HB 71 -14.07 5.79 40.97
CA ILE HB 71 -13.66 6.77 41.97
C ILE HB 71 -12.33 6.33 42.54
N ASN HB 72 -11.33 7.21 42.50
CA ASN HB 72 -10.02 6.92 43.04
C ASN HB 72 -9.91 7.54 44.44
N ASP HB 73 -8.67 7.62 44.93
CA ASP HB 73 -8.29 8.08 46.27
C ASP HB 73 -9.43 8.02 47.29
N LEU HB 74 -9.78 6.82 47.75
CA LEU HB 74 -10.87 6.69 48.70
C LEU HB 74 -10.41 7.08 50.09
N THR HB 75 -11.18 7.93 50.75
CA THR HB 75 -10.97 8.28 52.14
C THR HB 75 -12.09 7.65 52.97
N VAL HB 76 -12.16 8.01 54.25
CA VAL HB 76 -13.22 7.51 55.11
C VAL HB 76 -14.41 8.44 55.08
N GLU HB 77 -14.25 9.61 54.47
CA GLU HB 77 -15.34 10.55 54.29
C GLU HB 77 -16.13 10.27 53.02
N ASP HB 78 -15.69 9.29 52.22
CA ASP HB 78 -16.38 8.88 51.00
C ASP HB 78 -17.25 7.66 51.22
N SER HB 79 -17.84 7.56 52.40
CA SER HB 79 -18.73 6.45 52.73
C SER HB 79 -20.16 6.97 52.66
N GLY HB 80 -20.94 6.44 51.72
CA GLY HB 80 -22.30 6.90 51.53
C GLY HB 80 -22.97 6.15 50.41
N THR HB 81 -24.23 6.52 50.15
CA THR HB 81 -25.05 5.90 49.12
C THR HB 81 -24.91 6.69 47.83
N TYR HB 82 -24.41 6.05 46.79
CA TYR HB 82 -24.18 6.65 45.49
C TYR HB 82 -25.26 6.18 44.52
N ARG HB 83 -25.90 7.11 43.81
CA ARG HB 83 -26.86 6.75 42.78
C ARG HB 83 -26.48 7.38 41.46
N CYS HB 84 -26.86 6.72 40.37
CA CYS HB 84 -26.70 7.23 39.02
C CYS HB 84 -28.05 7.67 38.46
N ALA HB 85 -28.00 8.53 37.45
CA ALA HB 85 -29.20 9.12 36.87
C ALA HB 85 -28.98 9.36 35.39
N SER HB 86 -30.09 9.43 34.65
CA SER HB 86 -30.03 9.69 33.22
C SER HB 86 -31.31 10.39 32.79
N GLU HB 87 -31.21 11.19 31.72
CA GLU HB 87 -32.31 11.97 31.20
C GLU HB 87 -32.88 11.30 29.97
N CYS HB 88 -34.17 10.97 30.03
CA CYS HB 88 -34.87 10.28 28.96
C CYS HB 88 -35.83 11.24 28.24
N GLN HB 89 -36.00 11.01 26.94
CA GLN HB 89 -36.85 11.86 26.09
C GLN HB 89 -37.27 11.08 24.85
N TYR HB 90 -38.58 10.94 24.64
CA TYR HB 90 -39.04 10.34 23.40
C TYR HB 90 -39.85 11.39 22.63
N GLY HB 91 -41.10 11.07 22.30
CA GLY HB 91 -41.97 11.99 21.60
C GLY HB 91 -42.28 13.25 22.39
N LEU HB 92 -43.49 13.30 22.96
CA LEU HB 92 -43.94 14.37 23.84
C LEU HB 92 -43.60 14.11 25.30
N ALA HB 93 -42.85 13.04 25.58
CA ALA HB 93 -42.55 12.59 26.94
C ALA HB 93 -41.11 12.90 27.32
N GLU HB 94 -40.92 13.35 28.55
CA GLU HB 94 -39.60 13.55 29.13
C GLU HB 94 -39.58 13.19 30.61
N TYR HB 95 -38.63 12.33 30.99
CA TYR HB 95 -38.55 11.80 32.35
C TYR HB 95 -37.09 11.53 32.71
N ASP HB 96 -36.87 11.09 33.94
CA ASP HB 96 -35.53 10.75 34.44
C ASP HB 96 -35.58 9.44 35.24
N VAL HB 97 -34.40 8.83 35.42
CA VAL HB 97 -34.31 7.50 36.01
C VAL HB 97 -33.13 7.44 36.99
N TYR HB 98 -33.23 6.54 37.97
CA TYR HB 98 -32.24 6.41 39.03
C TYR HB 98 -31.95 4.93 39.34
N GLY HB 99 -30.99 4.71 40.24
CA GLY HB 99 -30.61 3.38 40.70
C GLY HB 99 -30.42 3.26 42.21
N GLY HB 100 -29.33 2.61 42.63
CA GLY HB 100 -28.99 2.50 44.04
C GLY HB 100 -27.79 1.62 44.35
N GLY HB 101 -26.95 2.04 45.29
CA GLY HB 101 -25.75 1.29 45.66
C GLY HB 101 -24.90 1.99 46.71
N THR HB 102 -24.49 1.25 47.74
CA THR HB 102 -23.90 1.78 48.96
C THR HB 102 -22.41 1.45 49.05
N VAL HB 103 -21.64 2.40 49.58
CA VAL HB 103 -20.19 2.25 49.77
C VAL HB 103 -19.85 2.53 51.23
N VAL HB 104 -18.97 1.70 51.80
CA VAL HB 104 -18.43 1.89 53.14
C VAL HB 104 -16.91 1.75 53.01
N THR HB 105 -16.17 2.73 53.52
CA THR HB 105 -14.71 2.70 53.45
C THR HB 105 -14.14 2.57 54.85
N VAL HB 106 -13.29 1.57 55.05
CA VAL HB 106 -12.67 1.31 56.35
C VAL HB 106 -11.25 1.83 56.37
N ASN HB 107 -10.82 2.30 57.54
CA ASN HB 107 -9.60 3.08 57.71
C ASN HB 107 -8.36 2.18 57.65
N ALA HB 108 -7.19 2.83 57.61
CA ALA HB 108 -5.91 2.15 57.41
C ALA HB 108 -5.20 1.80 58.72
N ALA HB 109 -5.44 2.56 59.78
CA ALA HB 109 -5.03 2.33 61.16
C ALA HB 109 -3.57 2.74 61.46
N ALA HB 110 -2.78 3.12 60.44
CA ALA HB 110 -1.44 3.69 60.61
C ALA HB 110 -0.59 2.99 61.67
N HIS HB 111 0.14 1.96 61.28
CA HIS HB 111 0.94 1.16 62.20
C HIS HB 111 1.93 2.00 62.99
N HIS HB 112 1.86 1.92 64.32
CA HIS HB 112 2.79 2.61 65.20
C HIS HB 112 3.87 1.65 65.66
N HIS HB 113 5.12 2.07 65.56
CA HIS HB 113 6.26 1.20 65.86
C HIS HB 113 6.35 0.91 67.36
#